data_6EL1
#
_entry.id   6EL1
#
_cell.length_a   1.00
_cell.length_b   1.00
_cell.length_c   1.00
_cell.angle_alpha   90.00
_cell.angle_beta   90.00
_cell.angle_gamma   90.00
#
_symmetry.space_group_name_H-M   'P 1'
#
loop_
_entity.id
_entity.type
_entity.pdbx_description
1 polymer YaxA
2 polymer YaxB
#
loop_
_entity_poly.entity_id
_entity_poly.type
_entity_poly.pdbx_seq_one_letter_code
_entity_poly.pdbx_strand_id
1 'polypeptide(L)'
;TQTQLAIDNVLASAESTIQLNELPKVVLDFITGEQTSVARSGGIFTKEDLINLKLYVRKGLSLPTRQDEVEAYLGYKKID
VAGLEPKDIKLLFDEIHNHALNWNDVEQAVLQQSLDLDIAAKNIISTGNEIINLINQMPITLRVKTLLGDITDKQLENIT
YESADHEVASALKDILDDMKGDINRHQTTTENVRKKVSDYRITLTGGELSSGDKVNGLEPQVKTKYDLMEKSNMRKSIKE
LDEKIKEKRQRIEQLKKDYDKFVGLSFTGAIGGIIAMAITGGIFGAKAENARKEKNALISEVAELESKVSSQRALQTALE
ALSLSFSDIGIRMVDAESALNHLDFMWLSVLNQITESQIQFAMINNALRLTSFVNKFQQVITPWQSVGDSARQLVDIFDE
AIKEYKKVYG
;
E,A,B,C,D,F,G,H,I,J
2 'polypeptide(L)'
;GAEISTFPHSGLSYPDINFKIFSQGVKNISHLAQFKTTGVEVLQEKALRVSLYSQRLDVIVRESLSSLQVKLENTLALTY
FTTLEEIDEALISQDIDEESKSEMRKERINIIKNLSNDITQLKQLFIEKTELLDKSSSDLHNVVIIEGTDKVLQAEQLRQ
KQLTEDIATKELERKEIEKKRDKIIEALDVIREHNLVDAFKDLIPTGENLSELDLAKPEIELLKQSLEITKKLLGQFSEG
LKYIDLTDARKKLDNQIDTASTRLTELNRQLEQSEKLIAGVNAVIKIDQEKSAVVVEAEKLSRAWHIFIHEITALQGTSL
NEVELSKPLIKQQIYLESLIKQLI
;
O,K,L,M,N,P,Q,R,S,T
#
# COMPACT_ATOMS: atom_id res chain seq x y z
N ILE A 44 -40.25 55.59 23.05
CA ILE A 44 -41.12 55.69 24.21
C ILE A 44 -42.36 54.81 24.04
N PHE A 45 -43.43 55.16 24.76
CA PHE A 45 -44.62 54.33 24.78
C PHE A 45 -45.37 54.43 23.46
N THR A 46 -45.94 53.32 23.01
CA THR A 46 -46.65 53.29 21.73
C THR A 46 -48.10 52.89 21.93
N LYS A 47 -48.89 53.13 20.89
CA LYS A 47 -50.31 52.79 20.92
C LYS A 47 -50.57 51.33 20.59
N GLU A 48 -49.62 50.67 19.95
CA GLU A 48 -49.80 49.27 19.60
C GLU A 48 -49.70 48.40 20.82
N ASP A 49 -49.01 48.88 21.85
CA ASP A 49 -49.15 48.38 23.21
C ASP A 49 -50.62 48.30 23.61
N LEU A 50 -51.34 49.41 23.47
CA LEU A 50 -52.75 49.46 23.83
C LEU A 50 -53.59 48.59 22.89
N ILE A 51 -53.14 48.43 21.64
CA ILE A 51 -53.79 47.51 20.73
C ILE A 51 -53.71 46.10 21.25
N ASN A 52 -52.53 45.69 21.69
CA ASN A 52 -52.36 44.36 22.28
C ASN A 52 -53.12 44.25 23.59
N LEU A 53 -53.25 45.36 24.32
CA LEU A 53 -54.06 45.37 25.53
C LEU A 53 -55.51 45.06 25.22
N LYS A 54 -56.04 45.66 24.15
CA LYS A 54 -57.43 45.41 23.80
C LYS A 54 -57.61 44.04 23.19
N LEU A 55 -56.56 43.50 22.56
CA LEU A 55 -56.57 42.09 22.17
C LEU A 55 -56.69 41.19 23.40
N TYR A 56 -55.97 41.53 24.46
CA TYR A 56 -56.08 40.80 25.71
C TYR A 56 -57.44 41.00 26.36
N VAL A 57 -58.04 42.18 26.16
CA VAL A 57 -59.39 42.44 26.67
C VAL A 57 -60.39 41.53 25.99
N ARG A 58 -60.34 41.49 24.65
CA ARG A 58 -61.23 40.62 23.87
C ARG A 58 -60.98 39.16 24.18
N LYS A 59 -59.74 38.80 24.48
CA LYS A 59 -59.43 37.43 24.86
C LYS A 59 -60.04 37.10 26.22
N GLY A 60 -59.87 38.01 27.18
CA GLY A 60 -60.34 37.75 28.54
C GLY A 60 -61.84 37.82 28.67
N LEU A 61 -62.49 38.67 27.88
CA LEU A 61 -63.94 38.69 27.88
C LEU A 61 -64.54 37.51 27.13
N SER A 62 -63.71 36.76 26.39
CA SER A 62 -64.14 35.57 25.69
C SER A 62 -63.91 34.31 26.51
N LEU A 63 -64.04 34.38 27.82
CA LEU A 63 -63.68 33.19 28.58
C LEU A 63 -64.90 32.58 29.26
N PRO A 64 -64.96 31.25 29.34
CA PRO A 64 -66.01 30.61 30.13
C PRO A 64 -65.82 30.86 31.60
N THR A 65 -66.92 31.01 32.31
CA THR A 65 -66.91 31.33 33.74
C THR A 65 -67.50 30.21 34.58
N ARG A 66 -68.66 29.69 34.19
CA ARG A 66 -69.31 28.66 34.98
C ARG A 66 -68.69 27.30 34.69
N GLN A 67 -69.07 26.32 35.51
CA GLN A 67 -68.44 25.00 35.47
C GLN A 67 -68.79 24.28 34.18
N ASP A 68 -70.07 24.27 33.82
CA ASP A 68 -70.50 23.68 32.56
C ASP A 68 -69.92 24.42 31.37
N GLU A 69 -69.75 25.74 31.50
CA GLU A 69 -69.13 26.54 30.44
C GLU A 69 -67.69 26.12 30.23
N VAL A 70 -66.97 25.88 31.30
CA VAL A 70 -65.60 25.40 31.21
C VAL A 70 -65.57 23.99 30.65
N GLU A 71 -66.49 23.13 31.09
CA GLU A 71 -66.50 21.73 30.68
C GLU A 71 -66.83 21.58 29.20
N ALA A 72 -67.76 22.39 28.70
CA ALA A 72 -67.97 22.46 27.27
C ALA A 72 -66.77 23.08 26.56
N TYR A 73 -66.14 24.07 27.19
CA TYR A 73 -64.93 24.65 26.64
C TYR A 73 -63.76 23.69 26.75
N LEU A 74 -63.72 22.86 27.80
CA LEU A 74 -62.77 21.78 27.84
C LEU A 74 -63.12 20.66 26.88
N GLY A 75 -64.41 20.45 26.64
CA GLY A 75 -64.85 19.29 25.89
C GLY A 75 -64.93 18.02 26.70
N TYR A 76 -64.77 18.10 28.02
CA TYR A 76 -64.85 16.92 28.87
C TYR A 76 -65.21 17.35 30.28
N LYS A 77 -65.25 16.37 31.19
CA LYS A 77 -65.54 16.62 32.59
C LYS A 77 -64.55 15.91 33.50
N LYS A 78 -63.68 15.07 32.95
CA LYS A 78 -62.82 14.23 33.77
C LYS A 78 -61.48 14.08 33.06
N ILE A 79 -60.39 14.30 33.82
CA ILE A 79 -59.05 14.23 33.25
C ILE A 79 -58.17 13.23 34.00
N ASP A 80 -58.45 12.99 35.29
CA ASP A 80 -57.64 12.18 36.20
C ASP A 80 -56.18 12.64 36.23
N VAL A 81 -55.99 13.96 36.17
CA VAL A 81 -54.65 14.56 36.20
C VAL A 81 -54.65 15.65 37.27
N ALA A 82 -53.83 15.46 38.30
CA ALA A 82 -53.70 16.45 39.35
C ALA A 82 -53.05 17.72 38.81
N GLY A 83 -53.51 18.87 39.30
CA GLY A 83 -53.07 20.14 38.80
C GLY A 83 -53.74 20.58 37.52
N LEU A 84 -54.43 19.68 36.83
CA LEU A 84 -55.10 19.99 35.57
C LEU A 84 -56.56 19.56 35.60
N GLU A 85 -57.13 19.43 36.80
CA GLU A 85 -58.51 19.01 36.95
C GLU A 85 -59.46 20.06 36.41
N PRO A 86 -60.65 19.64 35.93
CA PRO A 86 -61.59 20.61 35.34
C PRO A 86 -62.04 21.69 36.30
N LYS A 87 -62.17 21.37 37.59
CA LYS A 87 -62.45 22.39 38.59
C LYS A 87 -61.29 23.35 38.73
N ASP A 88 -60.06 22.85 38.60
CA ASP A 88 -58.88 23.71 38.69
C ASP A 88 -58.80 24.65 37.50
N ILE A 89 -59.12 24.14 36.31
CA ILE A 89 -59.10 24.97 35.12
C ILE A 89 -60.25 25.96 35.16
N LYS A 90 -61.37 25.57 35.77
CA LYS A 90 -62.46 26.50 35.98
C LYS A 90 -62.05 27.62 36.92
N LEU A 91 -61.31 27.28 37.98
CA LEU A 91 -60.80 28.30 38.90
C LEU A 91 -59.81 29.21 38.22
N LEU A 92 -58.97 28.64 37.36
CA LEU A 92 -58.04 29.41 36.54
C LEU A 92 -58.78 30.39 35.65
N PHE A 93 -59.84 29.92 35.01
CA PHE A 93 -60.62 30.78 34.13
C PHE A 93 -61.38 31.84 34.90
N ASP A 94 -61.77 31.52 36.14
CA ASP A 94 -62.35 32.53 37.02
C ASP A 94 -61.33 33.62 37.31
N GLU A 95 -60.09 33.23 37.58
CA GLU A 95 -59.01 34.19 37.82
C GLU A 95 -58.79 35.09 36.61
N ILE A 96 -58.68 34.50 35.43
CA ILE A 96 -58.34 35.30 34.26
C ILE A 96 -59.53 36.12 33.79
N HIS A 97 -60.74 35.56 33.88
CA HIS A 97 -61.92 36.29 33.44
C HIS A 97 -62.25 37.43 34.39
N ASN A 98 -62.10 37.21 35.70
CA ASN A 98 -62.24 38.30 36.63
C ASN A 98 -61.09 39.28 36.55
N HIS A 99 -59.93 38.84 36.05
CA HIS A 99 -58.83 39.76 35.80
C HIS A 99 -59.16 40.69 34.64
N ALA A 100 -59.83 40.16 33.61
CA ALA A 100 -60.35 41.01 32.55
C ALA A 100 -61.50 41.89 33.04
N LEU A 101 -62.35 41.35 33.92
CA LEU A 101 -63.42 42.11 34.53
C LEU A 101 -62.91 43.12 35.55
N ASN A 102 -61.66 43.01 35.95
CA ASN A 102 -60.99 44.11 36.61
C ASN A 102 -60.52 45.13 35.59
N TRP A 103 -59.83 44.65 34.55
CA TRP A 103 -59.10 45.53 33.67
C TRP A 103 -59.98 46.39 32.78
N ASN A 104 -61.18 45.94 32.44
CA ASN A 104 -62.10 46.80 31.70
C ASN A 104 -62.42 48.07 32.49
N ASP A 105 -62.67 47.92 33.78
CA ASP A 105 -62.90 49.08 34.65
C ASP A 105 -61.61 49.84 34.92
N VAL A 106 -60.49 49.12 35.09
CA VAL A 106 -59.24 49.79 35.42
C VAL A 106 -58.72 50.56 34.21
N GLU A 107 -58.94 50.04 33.02
CA GLU A 107 -58.62 50.74 31.79
C GLU A 107 -59.60 51.85 31.51
N GLN A 108 -60.83 51.73 31.99
CA GLN A 108 -61.72 52.89 32.00
C GLN A 108 -61.19 53.98 32.92
N ALA A 109 -60.59 53.59 34.04
CA ALA A 109 -59.93 54.56 34.90
C ALA A 109 -58.66 55.10 34.25
N VAL A 110 -58.01 54.29 33.40
CA VAL A 110 -56.89 54.77 32.61
C VAL A 110 -57.36 55.83 31.62
N LEU A 111 -58.53 55.64 31.04
CA LEU A 111 -59.14 56.67 30.20
C LEU A 111 -59.54 57.89 31.02
N GLN A 112 -59.95 57.68 32.26
CA GLN A 112 -60.28 58.81 33.13
C GLN A 112 -59.03 59.62 33.44
N GLN A 113 -57.94 58.97 33.78
CA GLN A 113 -56.69 59.66 34.01
C GLN A 113 -56.06 60.15 32.70
N SER A 114 -56.47 59.57 31.57
CA SER A 114 -56.13 60.15 30.28
C SER A 114 -56.73 61.53 30.14
N LEU A 115 -58.02 61.64 30.48
CA LEU A 115 -58.67 62.94 30.54
C LEU A 115 -58.02 63.85 31.59
N ASP A 116 -57.61 63.26 32.71
CA ASP A 116 -57.05 64.04 33.81
C ASP A 116 -55.69 64.60 33.46
N LEU A 117 -54.83 63.81 32.83
CA LEU A 117 -53.56 64.31 32.35
C LEU A 117 -53.73 65.25 31.18
N ASP A 118 -54.78 65.08 30.38
CA ASP A 118 -55.07 66.03 29.32
C ASP A 118 -55.39 67.40 29.90
N ILE A 119 -56.32 67.44 30.86
CA ILE A 119 -56.67 68.73 31.44
C ILE A 119 -55.57 69.25 32.35
N ALA A 120 -54.74 68.36 32.92
CA ALA A 120 -53.57 68.80 33.67
C ALA A 120 -52.58 69.47 32.74
N ALA A 121 -52.33 68.87 31.58
CA ALA A 121 -51.49 69.48 30.55
C ALA A 121 -52.02 70.83 30.14
N LYS A 122 -53.32 70.92 29.87
CA LYS A 122 -53.92 72.16 29.40
C LYS A 122 -53.83 73.25 30.45
N ASN A 123 -54.26 72.95 31.69
CA ASN A 123 -54.29 73.96 32.74
C ASN A 123 -52.89 74.37 33.16
N ILE A 124 -51.96 73.42 33.28
CA ILE A 124 -50.64 73.75 33.78
C ILE A 124 -49.84 74.48 32.71
N ILE A 125 -49.89 74.00 31.45
CA ILE A 125 -49.23 74.68 30.33
C ILE A 125 -49.74 76.10 30.19
N SER A 126 -51.08 76.27 30.23
CA SER A 126 -51.67 77.60 30.12
C SER A 126 -51.27 78.51 31.27
N THR A 127 -51.68 78.16 32.50
CA THR A 127 -51.49 79.04 33.66
C THR A 127 -50.01 79.24 33.97
N GLY A 128 -49.25 78.14 34.06
CA GLY A 128 -47.83 78.18 34.27
C GLY A 128 -47.06 78.93 33.21
N ASN A 129 -47.21 78.60 31.92
CA ASN A 129 -46.40 79.26 30.90
C ASN A 129 -46.76 80.73 30.75
N GLU A 130 -48.07 81.05 30.81
CA GLU A 130 -48.51 82.45 30.77
C GLU A 130 -48.00 83.28 31.94
N ILE A 131 -48.35 82.91 33.17
CA ILE A 131 -48.03 83.75 34.32
C ILE A 131 -46.55 83.70 34.64
N ILE A 132 -45.91 82.54 34.40
CA ILE A 132 -44.53 82.32 34.79
C ILE A 132 -43.70 82.36 33.50
N ASN A 133 -44.20 83.08 32.50
CA ASN A 133 -43.36 83.65 31.47
C ASN A 133 -43.66 85.12 31.25
N LEU A 134 -44.68 85.65 31.91
CA LEU A 134 -44.84 87.10 32.02
C LEU A 134 -43.70 87.72 32.83
N ILE A 135 -43.10 86.95 33.73
CA ILE A 135 -42.13 87.49 34.67
C ILE A 135 -40.75 87.10 34.14
N ASN A 136 -40.66 86.91 32.82
CA ASN A 136 -39.36 86.93 32.17
C ASN A 136 -38.69 88.29 32.29
N GLN A 137 -39.47 89.36 32.42
CA GLN A 137 -38.94 90.70 32.50
C GLN A 137 -38.24 90.93 33.83
N MET A 138 -36.92 91.03 33.79
CA MET A 138 -36.17 91.58 34.88
C MET A 138 -34.92 92.18 34.26
N PRO A 139 -34.89 93.49 34.07
CA PRO A 139 -33.65 94.14 33.62
C PRO A 139 -32.62 94.22 34.73
N ILE A 140 -31.37 94.51 34.37
CA ILE A 140 -30.27 94.57 35.33
C ILE A 140 -30.41 95.74 36.31
N THR A 141 -31.17 96.78 35.93
CA THR A 141 -31.30 97.97 36.77
C THR A 141 -32.00 97.65 38.08
N LEU A 142 -33.12 96.91 38.00
CA LEU A 142 -33.74 96.42 39.22
C LEU A 142 -32.94 95.27 39.81
N ARG A 143 -32.24 94.52 38.96
CA ARG A 143 -31.56 93.31 39.39
C ARG A 143 -30.25 93.61 40.11
N VAL A 144 -29.84 94.87 40.19
CA VAL A 144 -28.70 95.24 41.03
C VAL A 144 -29.11 95.92 42.32
N LYS A 145 -30.38 96.34 42.47
CA LYS A 145 -30.74 97.21 43.57
C LYS A 145 -31.99 96.83 44.34
N THR A 146 -32.93 96.07 43.76
CA THR A 146 -34.26 96.00 44.34
C THR A 146 -34.31 95.05 45.53
N LEU A 147 -33.59 93.93 45.44
CA LEU A 147 -33.58 92.85 46.42
C LEU A 147 -35.01 92.33 46.66
N LEU A 148 -35.53 91.72 45.59
CA LEU A 148 -36.93 91.34 45.36
C LEU A 148 -37.62 90.64 46.53
N GLY A 149 -36.86 89.95 47.38
CA GLY A 149 -37.40 89.38 48.61
C GLY A 149 -37.99 90.38 49.58
N ASP A 150 -37.67 91.67 49.41
CA ASP A 150 -38.33 92.73 50.16
C ASP A 150 -39.82 92.80 49.83
N ILE A 151 -40.15 92.86 48.55
CA ILE A 151 -41.52 93.14 48.13
C ILE A 151 -42.27 91.85 47.85
N THR A 152 -41.73 90.72 48.28
CA THR A 152 -42.46 89.46 48.24
C THR A 152 -43.58 89.46 49.27
N VAL A 168 -49.15 93.41 44.54
CA VAL A 168 -49.86 93.08 43.31
C VAL A 168 -49.55 91.65 42.90
N ALA A 169 -48.28 91.40 42.59
CA ALA A 169 -47.87 90.07 42.16
C ALA A 169 -47.78 89.08 43.30
N SER A 170 -47.74 89.57 44.55
CA SER A 170 -47.72 88.69 45.71
C SER A 170 -49.01 87.89 45.81
N ALA A 171 -50.15 88.54 45.55
CA ALA A 171 -51.41 87.83 45.45
C ALA A 171 -51.45 86.96 44.19
N LEU A 172 -50.71 87.36 43.15
CA LEU A 172 -50.63 86.53 41.96
C LEU A 172 -49.77 85.30 42.21
N LYS A 173 -48.77 85.41 43.07
CA LYS A 173 -48.01 84.24 43.50
C LYS A 173 -48.84 83.34 44.39
N ASP A 174 -49.84 83.90 45.08
CA ASP A 174 -50.74 83.06 45.86
C ASP A 174 -51.61 82.20 44.95
N ILE A 175 -51.98 82.74 43.78
CA ILE A 175 -52.64 81.94 42.75
C ILE A 175 -51.73 80.80 42.31
N LEU A 176 -50.43 81.09 42.19
CA LEU A 176 -49.47 80.07 41.80
C LEU A 176 -49.30 79.01 42.89
N ASP A 177 -49.44 79.40 44.15
CA ASP A 177 -49.36 78.42 45.23
C ASP A 177 -50.64 77.59 45.33
N ASP A 178 -51.79 78.18 44.96
CA ASP A 178 -53.01 77.41 44.85
C ASP A 178 -52.91 76.39 43.73
N MET A 179 -52.32 76.80 42.60
CA MET A 179 -52.05 75.86 41.52
C MET A 179 -51.00 74.84 41.92
N LYS A 180 -50.09 75.21 42.82
CA LYS A 180 -49.11 74.27 43.35
C LYS A 180 -49.79 73.17 44.18
N GLY A 181 -50.74 73.57 45.01
CA GLY A 181 -51.52 72.58 45.75
C GLY A 181 -52.37 71.72 44.83
N ASP A 182 -52.88 72.33 43.75
CA ASP A 182 -53.60 71.56 42.74
C ASP A 182 -52.68 70.57 42.04
N ILE A 183 -51.43 70.97 41.80
CA ILE A 183 -50.41 70.08 41.24
C ILE A 183 -50.11 68.93 42.19
N ASN A 184 -50.11 69.20 43.49
CA ASN A 184 -49.95 68.14 44.48
C ASN A 184 -51.13 67.19 44.45
N ARG A 185 -52.33 67.73 44.18
CA ARG A 185 -53.49 66.87 43.98
C ARG A 185 -53.36 66.04 42.71
N HIS A 186 -52.78 66.63 41.65
CA HIS A 186 -52.52 65.88 40.44
C HIS A 186 -51.51 64.77 40.69
N GLN A 187 -50.52 65.04 41.54
CA GLN A 187 -49.58 64.02 41.99
C GLN A 187 -50.30 62.88 42.68
N THR A 188 -51.25 63.23 43.55
CA THR A 188 -52.03 62.24 44.27
C THR A 188 -52.81 61.34 43.33
N THR A 189 -53.52 61.96 42.37
CA THR A 189 -54.31 61.20 41.41
C THR A 189 -53.42 60.36 40.50
N THR A 190 -52.31 60.93 40.06
CA THR A 190 -51.41 60.23 39.14
C THR A 190 -50.73 59.06 39.83
N GLU A 191 -50.38 59.23 41.11
CA GLU A 191 -49.82 58.15 41.88
C GLU A 191 -50.86 57.06 42.15
N ASN A 192 -52.12 57.45 42.34
CA ASN A 192 -53.18 56.46 42.50
C ASN A 192 -53.36 55.64 41.24
N VAL A 193 -53.31 56.29 40.08
CA VAL A 193 -53.50 55.56 38.84
C VAL A 193 -52.27 54.73 38.50
N ARG A 194 -51.08 55.24 38.82
CA ARG A 194 -49.86 54.45 38.66
C ARG A 194 -49.87 53.24 39.58
N LYS A 195 -50.42 53.42 40.78
CA LYS A 195 -50.64 52.31 41.69
C LYS A 195 -51.56 51.28 41.08
N LYS A 196 -52.64 51.73 40.46
CA LYS A 196 -53.58 50.82 39.79
C LYS A 196 -52.90 50.05 38.67
N VAL A 197 -52.10 50.75 37.86
CA VAL A 197 -51.44 50.15 36.71
C VAL A 197 -50.38 49.15 37.17
N SER A 198 -49.55 49.56 38.12
CA SER A 198 -48.45 48.70 38.57
C SER A 198 -48.98 47.52 39.35
N ASP A 199 -50.04 47.72 40.14
CA ASP A 199 -50.65 46.59 40.84
C ASP A 199 -51.34 45.65 39.88
N TYR A 200 -51.90 46.18 38.79
CA TYR A 200 -52.45 45.31 37.75
C TYR A 200 -51.35 44.53 37.07
N ARG A 201 -50.19 45.15 36.91
CA ARG A 201 -49.05 44.47 36.31
C ARG A 201 -48.55 43.35 37.20
N ILE A 202 -48.41 43.64 38.50
CA ILE A 202 -48.01 42.63 39.47
C ILE A 202 -49.07 41.54 39.57
N THR A 203 -50.34 41.91 39.39
CA THR A 203 -51.42 40.94 39.30
C THR A 203 -51.23 40.04 38.09
N LEU A 204 -50.67 40.58 37.02
CA LEU A 204 -50.27 39.74 35.91
C LEU A 204 -48.93 39.08 36.17
N THR A 205 -47.92 39.87 36.55
CA THR A 205 -46.55 39.39 36.61
C THR A 205 -46.20 38.73 37.94
N GLY A 206 -46.34 39.45 39.04
CA GLY A 206 -45.99 38.83 40.31
C GLY A 206 -45.16 39.68 41.24
N GLY A 207 -45.40 39.53 42.53
CA GLY A 207 -44.67 40.25 43.55
C GLY A 207 -45.60 40.80 44.60
N GLU A 208 -45.05 41.67 45.43
CA GLU A 208 -45.86 42.29 46.48
C GLU A 208 -46.56 43.51 45.91
N LEU A 209 -47.86 43.58 46.12
CA LEU A 209 -48.61 44.77 45.74
C LEU A 209 -48.23 45.93 46.63
N SER A 210 -48.39 47.15 46.10
CA SER A 210 -48.24 48.35 46.90
C SER A 210 -49.31 48.46 47.98
N SER A 211 -50.46 47.82 47.78
CA SER A 211 -51.44 47.63 48.84
C SER A 211 -50.94 46.70 49.93
N GLY A 212 -49.95 45.85 49.64
CA GLY A 212 -49.39 44.98 50.65
C GLY A 212 -49.81 43.54 50.50
N ASP A 213 -49.84 43.03 49.27
CA ASP A 213 -50.21 41.65 49.02
C ASP A 213 -49.16 41.03 48.10
N LYS A 214 -48.49 40.00 48.60
CA LYS A 214 -47.49 39.27 47.82
C LYS A 214 -48.21 38.28 46.92
N VAL A 215 -48.79 38.78 45.83
CA VAL A 215 -49.47 37.93 44.87
C VAL A 215 -48.41 37.27 43.99
N ASN A 216 -48.82 36.22 43.30
CA ASN A 216 -47.88 35.47 42.48
C ASN A 216 -47.89 35.93 41.03
N GLY A 217 -48.91 36.69 40.62
CA GLY A 217 -49.02 37.08 39.23
C GLY A 217 -49.66 36.00 38.39
N LEU A 218 -50.67 36.37 37.60
CA LEU A 218 -51.41 35.34 36.89
C LEU A 218 -50.65 34.80 35.69
N GLU A 219 -49.78 35.60 35.08
CA GLU A 219 -49.02 35.11 33.95
C GLU A 219 -48.07 33.96 34.28
N PRO A 220 -47.28 33.96 35.37
CA PRO A 220 -46.51 32.75 35.67
C PRO A 220 -47.35 31.58 36.10
N GLN A 221 -48.54 31.82 36.66
CA GLN A 221 -49.42 30.70 36.99
C GLN A 221 -49.95 30.05 35.72
N VAL A 222 -50.34 30.87 34.75
CA VAL A 222 -50.76 30.38 33.45
C VAL A 222 -49.58 29.72 32.74
N LYS A 223 -48.38 30.27 32.93
CA LYS A 223 -47.19 29.68 32.35
C LYS A 223 -46.89 28.33 32.97
N THR A 224 -47.14 28.20 34.27
CA THR A 224 -46.92 26.96 34.98
C THR A 224 -47.91 25.89 34.53
N LYS A 225 -49.18 26.28 34.40
CA LYS A 225 -50.17 25.34 33.90
C LYS A 225 -49.96 25.04 32.42
N TYR A 226 -49.35 25.96 31.68
CA TYR A 226 -48.91 25.66 30.33
C TYR A 226 -47.77 24.66 30.34
N ASP A 227 -46.89 24.74 31.33
CA ASP A 227 -45.83 23.76 31.45
C ASP A 227 -46.40 22.41 31.84
N LEU A 228 -47.48 22.41 32.61
CA LEU A 228 -48.23 21.18 32.85
C LEU A 228 -48.78 20.63 31.55
N MET A 229 -49.56 21.42 30.85
CA MET A 229 -50.10 21.00 29.56
C MET A 229 -49.05 20.82 28.45
N GLU A 230 -47.79 21.13 28.73
CA GLU A 230 -46.68 20.74 27.90
C GLU A 230 -46.08 19.39 28.32
N LYS A 231 -45.91 19.18 29.61
CA LYS A 231 -45.25 17.98 30.12
C LYS A 231 -46.15 17.10 30.97
N SER A 232 -46.83 17.67 31.97
CA SER A 232 -47.75 16.92 32.80
C SER A 232 -49.08 16.69 32.10
N ASN A 233 -49.22 17.20 30.87
CA ASN A 233 -50.26 16.73 29.96
C ASN A 233 -50.17 15.23 29.73
N MET A 234 -48.94 14.70 29.72
CA MET A 234 -48.64 13.27 29.73
C MET A 234 -49.14 12.57 28.48
N ARG A 235 -48.84 13.16 27.31
CA ARG A 235 -49.04 12.49 26.04
C ARG A 235 -48.22 11.21 25.95
N LYS A 236 -47.04 11.20 26.58
CA LYS A 236 -46.27 9.96 26.70
C LYS A 236 -47.03 8.93 27.53
N SER A 237 -47.77 9.37 28.55
CA SER A 237 -48.61 8.43 29.27
C SER A 237 -49.81 8.00 28.46
N ILE A 238 -50.29 8.85 27.55
CA ILE A 238 -51.32 8.42 26.60
C ILE A 238 -50.77 7.31 25.71
N LYS A 239 -49.53 7.48 25.25
CA LYS A 239 -48.83 6.45 24.47
C LYS A 239 -48.68 5.16 25.25
N GLU A 240 -48.20 5.26 26.49
CA GLU A 240 -47.97 4.09 27.32
C GLU A 240 -49.26 3.43 27.76
N LEU A 241 -50.32 4.19 27.94
CA LEU A 241 -51.61 3.60 28.25
C LEU A 241 -52.26 2.96 27.05
N ASP A 242 -52.03 3.49 25.85
CA ASP A 242 -52.46 2.77 24.65
C ASP A 242 -51.63 1.50 24.47
N GLU A 243 -50.36 1.55 24.86
CA GLU A 243 -49.54 0.35 24.89
C GLU A 243 -50.07 -0.65 25.91
N LYS A 244 -50.55 -0.15 27.05
CA LYS A 244 -51.19 -0.99 28.04
C LYS A 244 -52.46 -1.63 27.48
N ILE A 245 -53.24 -0.84 26.74
CA ILE A 245 -54.44 -1.35 26.08
C ILE A 245 -54.08 -2.47 25.12
N LYS A 246 -53.09 -2.25 24.26
CA LYS A 246 -52.80 -3.26 23.26
C LYS A 246 -52.13 -4.49 23.86
N GLU A 247 -51.41 -4.33 24.97
CA GLU A 247 -50.82 -5.49 25.63
C GLU A 247 -51.88 -6.32 26.32
N LYS A 248 -52.77 -5.67 27.07
CA LYS A 248 -53.87 -6.39 27.70
C LYS A 248 -54.81 -6.99 26.66
N ARG A 249 -55.04 -6.27 25.56
CA ARG A 249 -55.90 -6.75 24.50
C ARG A 249 -55.27 -7.94 23.78
N GLN A 250 -53.96 -7.89 23.57
CA GLN A 250 -53.26 -9.01 22.98
C GLN A 250 -53.32 -10.24 23.87
N ARG A 251 -53.13 -10.05 25.18
CA ARG A 251 -53.22 -11.14 26.13
C ARG A 251 -54.61 -11.75 26.15
N ILE A 252 -55.64 -10.90 26.18
CA ILE A 252 -56.99 -11.46 26.27
C ILE A 252 -57.48 -12.00 24.95
N GLU A 253 -56.93 -11.57 23.82
CA GLU A 253 -57.30 -12.23 22.57
C GLU A 253 -56.56 -13.53 22.36
N GLN A 254 -55.34 -13.64 22.90
CA GLN A 254 -54.73 -14.94 23.10
C GLN A 254 -55.62 -15.82 23.96
N LEU A 255 -56.20 -15.23 25.00
CA LEU A 255 -57.15 -15.97 25.85
C LEU A 255 -58.42 -16.31 25.09
N LYS A 256 -58.83 -15.49 24.13
CA LYS A 256 -59.99 -15.81 23.29
C LYS A 256 -59.73 -17.04 22.44
N LYS A 257 -58.59 -17.05 21.74
CA LYS A 257 -58.23 -18.19 20.89
C LYS A 257 -58.02 -19.44 21.73
N ASP A 258 -57.33 -19.28 22.86
CA ASP A 258 -57.20 -20.34 23.84
C ASP A 258 -58.56 -20.84 24.30
N TYR A 259 -59.50 -19.93 24.52
CA TYR A 259 -60.83 -20.31 25.03
C TYR A 259 -61.63 -21.08 24.01
N ASP A 260 -61.51 -20.71 22.73
CA ASP A 260 -62.16 -21.50 21.68
C ASP A 260 -61.57 -22.91 21.64
N LYS A 261 -60.25 -23.00 21.80
CA LYS A 261 -59.64 -24.33 21.89
C LYS A 261 -60.02 -25.03 23.20
N PHE A 262 -60.28 -24.27 24.26
CA PHE A 262 -60.69 -24.82 25.55
C PHE A 262 -62.05 -25.48 25.43
N VAL A 263 -63.01 -24.78 24.82
CA VAL A 263 -64.34 -25.36 24.69
C VAL A 263 -64.32 -26.51 23.70
N GLY A 264 -63.47 -26.44 22.67
CA GLY A 264 -63.32 -27.58 21.77
C GLY A 264 -62.84 -28.83 22.48
N LEU A 265 -61.73 -28.71 23.23
CA LEU A 265 -61.19 -29.87 23.92
C LEU A 265 -62.07 -30.33 25.07
N SER A 266 -62.75 -29.40 25.76
CA SER A 266 -63.68 -29.79 26.81
C SER A 266 -64.87 -30.54 26.24
N PHE A 267 -65.31 -30.17 25.05
CA PHE A 267 -66.45 -30.89 24.46
C PHE A 267 -66.02 -32.25 23.94
N THR A 268 -64.77 -32.37 23.47
CA THR A 268 -64.26 -33.70 23.10
C THR A 268 -64.13 -34.59 24.32
N GLY A 269 -63.61 -34.04 25.42
CA GLY A 269 -63.59 -34.78 26.67
C GLY A 269 -64.96 -35.08 27.22
N ALA A 270 -65.96 -34.28 26.84
CA ALA A 270 -67.34 -34.60 27.19
C ALA A 270 -67.83 -35.81 26.42
N ILE A 271 -67.87 -35.71 25.10
CA ILE A 271 -68.72 -36.59 24.29
C ILE A 271 -68.21 -38.01 24.15
N GLY A 272 -67.10 -38.34 24.82
CA GLY A 272 -66.58 -39.69 24.79
C GLY A 272 -67.47 -40.74 25.43
N GLY A 273 -67.63 -40.69 26.75
CA GLY A 273 -68.40 -41.69 27.45
C GLY A 273 -69.07 -41.11 28.67
N ILE A 274 -69.54 -42.00 29.54
CA ILE A 274 -70.38 -41.61 30.68
C ILE A 274 -69.57 -40.82 31.70
N ILE A 275 -68.51 -41.43 32.24
CA ILE A 275 -67.67 -40.75 33.20
C ILE A 275 -66.84 -39.65 32.55
N ALA A 276 -66.64 -39.73 31.23
CA ALA A 276 -65.98 -38.65 30.49
C ALA A 276 -66.83 -37.38 30.51
N MET A 277 -68.10 -37.52 30.10
CA MET A 277 -69.12 -36.49 30.29
C MET A 277 -69.11 -35.96 31.71
N ALA A 278 -69.09 -36.87 32.70
CA ALA A 278 -69.13 -36.51 34.12
C ALA A 278 -67.98 -35.60 34.51
N ILE A 279 -66.74 -36.07 34.34
CA ILE A 279 -65.59 -35.34 34.86
C ILE A 279 -65.35 -34.06 34.04
N THR A 280 -65.52 -34.12 32.72
CA THR A 280 -65.15 -32.96 31.92
C THR A 280 -66.24 -31.90 31.94
N GLY A 281 -67.52 -32.30 31.87
CA GLY A 281 -68.58 -31.33 32.04
C GLY A 281 -68.69 -30.79 33.45
N GLY A 282 -68.20 -31.53 34.45
CA GLY A 282 -68.12 -30.98 35.78
C GLY A 282 -67.05 -29.92 35.87
N ILE A 283 -65.84 -30.25 35.41
CA ILE A 283 -64.74 -29.31 35.58
C ILE A 283 -64.82 -28.20 34.54
N PHE A 284 -64.65 -28.54 33.27
CA PHE A 284 -64.49 -27.52 32.26
C PHE A 284 -65.82 -27.06 31.68
N GLY A 285 -66.90 -27.80 31.92
CA GLY A 285 -68.22 -27.24 31.66
C GLY A 285 -68.49 -26.01 32.51
N ALA A 286 -68.00 -26.03 33.76
CA ALA A 286 -68.09 -24.84 34.59
C ALA A 286 -66.98 -23.86 34.26
N LYS A 287 -65.77 -24.36 34.01
CA LYS A 287 -64.62 -23.48 33.75
C LYS A 287 -64.76 -22.70 32.45
N ALA A 288 -65.48 -23.25 31.48
CA ALA A 288 -65.74 -22.54 30.24
C ALA A 288 -66.58 -21.30 30.49
N GLU A 289 -67.68 -21.47 31.23
CA GLU A 289 -68.53 -20.35 31.59
C GLU A 289 -67.81 -19.35 32.46
N ASN A 290 -67.01 -19.84 33.42
CA ASN A 290 -66.35 -18.96 34.37
C ASN A 290 -65.24 -18.15 33.70
N ALA A 291 -64.35 -18.84 32.98
CA ALA A 291 -63.28 -18.17 32.25
C ALA A 291 -63.84 -17.31 31.13
N ARG A 292 -64.98 -17.67 30.56
CA ARG A 292 -65.58 -16.86 29.52
C ARG A 292 -66.15 -15.57 30.08
N LYS A 293 -66.81 -15.65 31.24
CA LYS A 293 -67.37 -14.45 31.84
C LYS A 293 -66.27 -13.53 32.35
N GLU A 294 -65.23 -14.11 32.95
CA GLU A 294 -64.07 -13.33 33.38
C GLU A 294 -63.36 -12.71 32.18
N LYS A 295 -63.25 -13.47 31.10
CA LYS A 295 -62.62 -13.01 29.88
C LYS A 295 -63.40 -11.89 29.23
N ASN A 296 -64.72 -11.98 29.22
CA ASN A 296 -65.54 -10.93 28.65
C ASN A 296 -65.58 -9.71 29.56
N ALA A 297 -65.42 -9.92 30.86
CA ALA A 297 -65.20 -8.79 31.75
C ALA A 297 -63.89 -8.09 31.41
N LEU A 298 -62.86 -8.85 31.06
CA LEU A 298 -61.60 -8.26 30.61
C LEU A 298 -61.77 -7.54 29.29
N ILE A 299 -62.59 -8.11 28.39
CA ILE A 299 -62.96 -7.45 27.14
C ILE A 299 -63.59 -6.09 27.43
N SER A 300 -64.53 -6.07 28.38
CA SER A 300 -65.19 -4.83 28.76
C SER A 300 -64.23 -3.84 29.39
N GLU A 301 -63.27 -4.33 30.18
CA GLU A 301 -62.30 -3.45 30.81
C GLU A 301 -61.37 -2.80 29.80
N VAL A 302 -60.87 -3.58 28.85
CA VAL A 302 -59.99 -2.99 27.84
C VAL A 302 -60.79 -2.11 26.89
N ALA A 303 -62.07 -2.45 26.66
CA ALA A 303 -62.94 -1.57 25.89
C ALA A 303 -63.21 -0.26 26.61
N GLU A 304 -63.27 -0.30 27.94
CA GLU A 304 -63.44 0.95 28.69
C GLU A 304 -62.15 1.75 28.73
N LEU A 305 -61.00 1.08 28.73
CA LEU A 305 -59.74 1.80 28.64
C LEU A 305 -59.61 2.48 27.28
N GLU A 306 -60.07 1.81 26.23
CA GLU A 306 -60.22 2.46 24.94
C GLU A 306 -61.19 3.63 25.04
N SER A 307 -62.31 3.41 25.70
CA SER A 307 -63.27 4.45 25.99
C SER A 307 -62.75 5.46 27.01
N LYS A 308 -61.74 5.11 27.77
CA LYS A 308 -61.15 6.17 28.56
C LYS A 308 -59.96 6.80 27.87
N VAL A 309 -58.88 6.06 27.66
CA VAL A 309 -57.62 6.71 27.29
C VAL A 309 -57.31 6.61 25.81
N SER A 310 -57.85 5.65 25.04
CA SER A 310 -57.87 5.86 23.60
C SER A 310 -58.90 6.90 23.21
N SER A 311 -59.90 7.15 24.07
CA SER A 311 -60.68 8.36 23.94
C SER A 311 -59.91 9.57 24.47
N GLN A 312 -59.03 9.36 25.45
CA GLN A 312 -58.19 10.47 25.83
C GLN A 312 -57.04 10.70 24.88
N ARG A 313 -56.90 9.92 23.81
CA ARG A 313 -56.11 10.38 22.67
C ARG A 313 -56.70 11.66 22.10
N ALA A 314 -57.99 11.63 21.77
CA ALA A 314 -58.66 12.82 21.25
C ALA A 314 -58.85 13.87 22.32
N LEU A 315 -59.10 13.45 23.57
CA LEU A 315 -59.18 14.42 24.66
C LEU A 315 -57.83 15.07 24.92
N GLN A 316 -56.75 14.30 24.77
CA GLN A 316 -55.40 14.83 24.85
C GLN A 316 -55.13 15.80 23.73
N THR A 317 -55.65 15.51 22.54
CA THR A 317 -55.52 16.41 21.41
C THR A 317 -56.26 17.72 21.66
N ALA A 318 -57.43 17.62 22.29
CA ALA A 318 -58.16 18.82 22.69
C ALA A 318 -57.40 19.61 23.74
N LEU A 319 -56.73 18.90 24.65
CA LEU A 319 -55.86 19.54 25.62
C LEU A 319 -54.67 20.19 24.96
N GLU A 320 -54.18 19.62 23.87
CA GLU A 320 -53.07 20.19 23.13
C GLU A 320 -53.50 21.46 22.41
N ALA A 321 -54.71 21.47 21.85
CA ALA A 321 -55.25 22.69 21.29
C ALA A 321 -55.53 23.73 22.37
N LEU A 322 -55.91 23.27 23.55
CA LEU A 322 -56.11 24.18 24.67
C LEU A 322 -54.79 24.77 25.13
N SER A 323 -53.74 23.97 25.11
CA SER A 323 -52.41 24.45 25.46
C SER A 323 -51.88 25.39 24.39
N LEU A 324 -52.26 25.15 23.13
CA LEU A 324 -52.00 26.11 22.06
C LEU A 324 -52.67 27.44 22.34
N SER A 325 -53.95 27.40 22.74
CA SER A 325 -54.69 28.60 23.09
C SER A 325 -54.06 29.30 24.28
N PHE A 326 -53.59 28.52 25.24
CA PHE A 326 -52.95 29.08 26.43
C PHE A 326 -51.61 29.70 26.08
N SER A 327 -50.90 29.10 25.12
CA SER A 327 -49.65 29.68 24.67
C SER A 327 -49.89 30.99 23.96
N ASP A 328 -50.98 31.07 23.20
CA ASP A 328 -51.38 32.33 22.58
C ASP A 328 -51.67 33.39 23.63
N ILE A 329 -52.47 33.01 24.64
CA ILE A 329 -52.83 33.92 25.73
C ILE A 329 -51.59 34.38 26.48
N GLY A 330 -50.61 33.49 26.66
CA GLY A 330 -49.38 33.87 27.33
C GLY A 330 -48.51 34.77 26.50
N ILE A 331 -48.50 34.57 25.18
CA ILE A 331 -47.80 35.50 24.28
C ILE A 331 -48.40 36.88 24.40
N ARG A 332 -49.72 36.97 24.41
CA ARG A 332 -50.36 38.29 24.51
C ARG A 332 -50.21 38.86 25.90
N MET A 333 -50.03 38.02 26.92
CA MET A 333 -49.67 38.51 28.24
C MET A 333 -48.27 39.08 28.27
N VAL A 334 -47.34 38.48 27.53
CA VAL A 334 -46.00 39.05 27.40
C VAL A 334 -46.06 40.38 26.67
N ASP A 335 -46.94 40.48 25.69
CA ASP A 335 -47.16 41.73 24.97
C ASP A 335 -47.71 42.80 25.91
N ALA A 336 -48.68 42.43 26.73
CA ALA A 336 -49.22 43.34 27.74
C ALA A 336 -48.18 43.65 28.81
N GLU A 337 -47.24 42.75 29.05
CA GLU A 337 -46.19 42.99 30.02
C GLU A 337 -45.23 44.07 29.53
N SER A 338 -44.84 43.98 28.25
CA SER A 338 -44.04 45.06 27.66
C SER A 338 -44.84 46.36 27.59
N ALA A 339 -46.15 46.24 27.35
CA ALA A 339 -47.03 47.40 27.34
C ALA A 339 -47.02 48.12 28.67
N LEU A 340 -47.23 47.37 29.74
CA LEU A 340 -47.18 47.91 31.08
C LEU A 340 -45.78 48.34 31.48
N ASN A 341 -44.75 47.74 30.89
CA ASN A 341 -43.38 48.18 31.13
C ASN A 341 -43.19 49.61 30.64
N HIS A 342 -43.44 49.84 29.34
CA HIS A 342 -43.30 51.18 28.77
C HIS A 342 -44.29 52.15 29.41
N LEU A 343 -45.49 51.66 29.73
CA LEU A 343 -46.53 52.49 30.33
C LEU A 343 -46.13 52.95 31.72
N ASP A 344 -45.77 52.00 32.59
CA ASP A 344 -45.43 52.32 33.96
C ASP A 344 -44.13 53.11 34.04
N PHE A 345 -43.23 52.92 33.08
CA PHE A 345 -42.05 53.77 33.06
C PHE A 345 -42.41 55.21 32.69
N MET A 346 -43.38 55.38 31.79
CA MET A 346 -43.92 56.71 31.53
C MET A 346 -44.54 57.31 32.78
N TRP A 347 -45.35 56.52 33.50
CA TRP A 347 -46.01 57.02 34.70
C TRP A 347 -44.99 57.40 35.76
N LEU A 348 -43.92 56.61 35.87
CA LEU A 348 -42.83 56.96 36.76
C LEU A 348 -42.18 58.25 36.34
N SER A 349 -41.99 58.47 35.02
CA SER A 349 -41.40 59.71 34.55
C SER A 349 -42.30 60.91 34.87
N VAL A 350 -43.62 60.71 34.79
CA VAL A 350 -44.58 61.75 35.14
C VAL A 350 -44.44 62.12 36.61
N LEU A 351 -44.48 61.11 37.49
CA LEU A 351 -44.34 61.36 38.92
C LEU A 351 -42.97 61.91 39.28
N ASN A 352 -41.94 61.51 38.52
CA ASN A 352 -40.61 62.07 38.65
C ASN A 352 -40.62 63.58 38.45
N GLN A 353 -41.16 64.01 37.31
CA GLN A 353 -41.14 65.43 37.00
C GLN A 353 -42.04 66.23 37.93
N ILE A 354 -43.09 65.60 38.45
CA ILE A 354 -43.90 66.23 39.49
C ILE A 354 -43.06 66.48 40.74
N THR A 355 -42.30 65.46 41.17
CA THR A 355 -41.45 65.64 42.34
C THR A 355 -40.32 66.63 42.08
N GLU A 356 -39.81 66.66 40.85
CA GLU A 356 -38.84 67.66 40.43
C GLU A 356 -39.37 69.07 40.62
N SER A 357 -40.64 69.26 40.26
CA SER A 357 -41.26 70.55 40.53
C SER A 357 -41.44 70.78 42.02
N GLN A 358 -41.90 69.77 42.76
CA GLN A 358 -42.34 69.98 44.14
C GLN A 358 -41.20 70.22 45.12
N ILE A 359 -40.04 69.63 44.87
CA ILE A 359 -38.87 69.88 45.73
C ILE A 359 -38.49 71.35 45.69
N GLN A 360 -38.41 71.90 44.49
CA GLN A 360 -38.12 73.31 44.31
C GLN A 360 -39.32 74.19 44.67
N PHE A 361 -40.52 73.63 44.69
CA PHE A 361 -41.68 74.36 45.19
C PHE A 361 -41.60 74.51 46.70
N ALA A 362 -41.01 73.52 47.38
CA ALA A 362 -40.78 73.63 48.81
C ALA A 362 -39.76 74.70 49.13
N MET A 363 -38.87 75.03 48.21
CA MET A 363 -37.87 76.07 48.38
C MET A 363 -38.47 77.47 48.39
N ILE A 364 -39.71 77.63 47.94
CA ILE A 364 -40.32 78.94 47.74
C ILE A 364 -40.68 79.54 49.10
N ASN A 365 -40.23 80.77 49.32
CA ASN A 365 -40.46 81.49 50.57
C ASN A 365 -40.72 82.97 50.25
N ASN A 366 -40.63 83.81 51.27
CA ASN A 366 -40.69 85.26 51.07
C ASN A 366 -39.32 85.87 50.90
N ALA A 367 -38.27 85.06 50.86
CA ALA A 367 -36.90 85.52 50.61
C ALA A 367 -36.52 85.32 49.15
N LEU A 368 -37.46 85.54 48.25
CA LEU A 368 -37.21 85.38 46.82
C LEU A 368 -36.60 86.68 46.28
N ARG A 369 -35.27 86.73 46.26
CA ARG A 369 -34.54 87.93 45.87
C ARG A 369 -34.49 88.01 44.35
N LEU A 370 -33.61 88.88 43.83
CA LEU A 370 -33.57 89.19 42.40
C LEU A 370 -33.18 87.98 41.55
N THR A 371 -31.92 87.58 41.61
CA THR A 371 -31.53 86.44 40.80
C THR A 371 -31.85 85.13 41.50
N SER A 372 -32.07 85.18 42.81
CA SER A 372 -32.61 84.03 43.52
C SER A 372 -33.99 83.69 42.98
N PHE A 373 -34.82 84.70 42.73
CA PHE A 373 -36.12 84.45 42.16
C PHE A 373 -36.04 84.20 40.66
N VAL A 374 -35.00 84.71 39.99
CA VAL A 374 -34.76 84.29 38.60
C VAL A 374 -34.48 82.80 38.53
N ASN A 375 -33.63 82.32 39.44
CA ASN A 375 -33.31 80.90 39.49
C ASN A 375 -34.53 80.09 39.94
N LYS A 376 -35.34 80.64 40.84
CA LYS A 376 -36.53 79.94 41.31
C LYS A 376 -37.60 79.89 40.21
N PHE A 377 -37.76 81.00 39.50
CA PHE A 377 -38.54 81.09 38.27
C PHE A 377 -38.14 79.99 37.28
N GLN A 378 -36.83 79.80 37.10
CA GLN A 378 -36.34 78.74 36.22
C GLN A 378 -36.65 77.35 36.77
N GLN A 379 -36.49 77.18 38.09
CA GLN A 379 -36.81 75.91 38.75
C GLN A 379 -38.28 75.57 38.59
N VAL A 380 -39.14 76.59 38.60
CA VAL A 380 -40.55 76.37 38.33
C VAL A 380 -40.76 75.93 36.90
N ILE A 381 -40.28 76.74 35.94
CA ILE A 381 -40.64 76.50 34.54
C ILE A 381 -39.94 75.31 33.90
N THR A 382 -38.91 74.78 34.53
CA THR A 382 -38.12 73.75 33.86
C THR A 382 -38.82 72.39 33.71
N PRO A 383 -39.39 71.75 34.75
CA PRO A 383 -39.93 70.39 34.53
C PRO A 383 -41.21 70.38 33.73
N TRP A 384 -41.99 71.46 33.79
CA TRP A 384 -43.32 71.43 33.20
C TRP A 384 -43.29 71.48 31.69
N GLN A 385 -42.17 71.92 31.10
CA GLN A 385 -41.98 71.79 29.66
C GLN A 385 -41.96 70.32 29.26
N SER A 386 -41.16 69.51 29.94
CA SER A 386 -41.11 68.09 29.66
C SER A 386 -42.42 67.39 30.04
N VAL A 387 -43.08 67.89 31.09
CA VAL A 387 -44.41 67.39 31.46
C VAL A 387 -45.39 67.58 30.30
N GLY A 388 -45.44 68.79 29.76
CA GLY A 388 -46.34 69.06 28.65
C GLY A 388 -45.97 68.30 27.39
N ASP A 389 -44.67 68.09 27.15
CA ASP A 389 -44.24 67.34 25.98
C ASP A 389 -44.72 65.89 26.04
N SER A 390 -44.41 65.23 27.17
CA SER A 390 -44.84 63.86 27.37
C SER A 390 -46.36 63.75 27.41
N ALA A 391 -47.04 64.78 27.92
CA ALA A 391 -48.48 64.74 28.02
C ALA A 391 -49.15 64.88 26.67
N ARG A 392 -48.63 65.76 25.80
CA ARG A 392 -49.22 65.90 24.48
C ARG A 392 -48.94 64.68 23.61
N GLN A 393 -47.72 64.13 23.71
CA GLN A 393 -47.43 62.86 23.04
C GLN A 393 -48.33 61.75 23.54
N LEU A 394 -48.64 61.78 24.84
CA LEU A 394 -49.46 60.74 25.42
C LEU A 394 -50.92 60.89 25.00
N VAL A 395 -51.40 62.13 24.89
CA VAL A 395 -52.73 62.41 24.34
C VAL A 395 -52.81 61.94 22.89
N ASP A 396 -51.73 62.08 22.13
CA ASP A 396 -51.70 61.54 20.78
C ASP A 396 -51.79 60.02 20.77
N ILE A 397 -51.09 59.37 21.71
CA ILE A 397 -51.18 57.91 21.87
C ILE A 397 -52.61 57.50 22.19
N PHE A 398 -53.28 58.29 23.04
CA PHE A 398 -54.68 58.07 23.39
C PHE A 398 -55.56 58.20 22.16
N ASP A 399 -55.29 59.21 21.34
CA ASP A 399 -56.21 59.56 20.27
C ASP A 399 -56.11 58.59 19.11
N GLU A 400 -54.88 58.18 18.75
CA GLU A 400 -54.70 57.41 17.53
C GLU A 400 -55.18 55.98 17.66
N ALA A 401 -55.32 55.47 18.89
CA ALA A 401 -55.78 54.10 19.06
C ALA A 401 -57.29 54.00 18.90
N ILE A 402 -57.98 55.14 18.95
CA ILE A 402 -59.44 55.15 18.94
C ILE A 402 -59.98 54.67 17.60
N LYS A 403 -59.32 55.07 16.52
CA LYS A 403 -59.78 54.65 15.20
C LYS A 403 -59.45 53.20 14.90
N GLU A 404 -58.54 52.59 15.68
CA GLU A 404 -58.07 51.25 15.40
C GLU A 404 -59.15 50.21 15.61
N TYR A 405 -60.13 50.49 16.48
CA TYR A 405 -61.17 49.52 16.78
C TYR A 405 -62.10 49.31 15.60
N LYS A 406 -62.58 50.42 15.02
CA LYS A 406 -63.53 50.31 13.93
C LYS A 406 -62.86 49.82 12.66
N LYS A 407 -61.56 50.07 12.53
CA LYS A 407 -60.83 49.55 11.38
C LYS A 407 -60.62 48.05 11.50
N VAL A 408 -60.40 47.55 12.71
CA VAL A 408 -59.96 46.17 12.85
C VAL A 408 -61.01 45.32 13.53
N TYR A 409 -61.43 45.72 14.72
CA TYR A 409 -62.38 44.91 15.50
C TYR A 409 -63.75 45.03 14.86
N LEU B 12 -15.25 57.01 35.03
CA LEU B 12 -14.40 56.40 34.02
C LEU B 12 -15.22 55.74 32.93
N SER B 13 -14.80 54.54 32.53
CA SER B 13 -15.49 53.81 31.48
C SER B 13 -16.84 53.32 31.98
N TYR B 14 -17.79 53.14 31.06
CA TYR B 14 -19.13 52.64 31.36
C TYR B 14 -19.31 51.32 30.64
N PRO B 15 -19.01 50.19 31.30
CA PRO B 15 -19.12 48.90 30.63
C PRO B 15 -20.58 48.50 30.42
N ASP B 16 -20.77 47.52 29.54
CA ASP B 16 -22.11 47.09 29.14
C ASP B 16 -22.77 46.36 30.29
N ILE B 17 -24.06 46.62 30.47
CA ILE B 17 -24.87 45.99 31.51
C ILE B 17 -26.09 45.44 30.78
N ASN B 18 -26.00 44.18 30.35
CA ASN B 18 -26.98 43.65 29.40
C ASN B 18 -28.28 43.32 30.10
N PHE B 19 -29.26 44.23 30.02
CA PHE B 19 -30.56 43.98 30.60
C PHE B 19 -31.39 42.97 29.83
N LYS B 20 -30.95 42.57 28.63
CA LYS B 20 -31.58 41.43 27.99
C LYS B 20 -31.34 40.16 28.79
N ILE B 21 -30.08 39.94 29.19
CA ILE B 21 -29.73 38.82 30.05
C ILE B 21 -30.40 38.96 31.41
N PHE B 22 -30.51 40.19 31.90
CA PHE B 22 -31.13 40.45 33.19
C PHE B 22 -32.61 40.10 33.19
N SER B 23 -33.35 40.63 32.23
CA SER B 23 -34.78 40.34 32.13
C SER B 23 -35.01 38.88 31.79
N GLN B 24 -34.10 38.27 31.04
CA GLN B 24 -34.16 36.84 30.77
C GLN B 24 -34.02 36.03 32.06
N GLY B 25 -33.09 36.44 32.92
CA GLY B 25 -32.90 35.73 34.17
C GLY B 25 -34.06 35.93 35.12
N VAL B 26 -34.63 37.13 35.13
CA VAL B 26 -35.82 37.39 35.94
C VAL B 26 -36.99 36.54 35.47
N LYS B 27 -37.17 36.46 34.15
CA LYS B 27 -38.21 35.61 33.57
C LYS B 27 -37.96 34.14 33.85
N ASN B 28 -36.70 33.73 33.93
CA ASN B 28 -36.40 32.34 34.24
C ASN B 28 -36.66 32.02 35.70
N ILE B 29 -36.33 32.97 36.59
CA ILE B 29 -36.55 32.79 38.02
C ILE B 29 -38.04 32.73 38.31
N SER B 30 -38.79 33.71 37.81
CA SER B 30 -40.25 33.68 37.93
C SER B 30 -40.85 32.50 37.20
N HIS B 31 -40.20 32.04 36.14
CA HIS B 31 -40.59 30.87 35.38
C HIS B 31 -40.30 29.58 36.14
N LEU B 32 -39.18 29.52 36.85
CA LEU B 32 -38.84 28.30 37.55
C LEU B 32 -39.05 28.41 39.05
N ALA B 33 -39.85 29.38 39.48
CA ALA B 33 -40.08 29.57 40.91
C ALA B 33 -40.82 28.38 41.51
N GLN B 34 -42.05 28.15 41.08
CA GLN B 34 -42.88 27.11 41.67
C GLN B 34 -42.70 25.79 40.95
N PHE B 35 -41.46 25.34 40.78
CA PHE B 35 -41.19 24.15 39.99
C PHE B 35 -41.09 22.90 40.84
N LYS B 36 -40.12 22.85 41.74
CA LYS B 36 -39.70 21.59 42.36
C LYS B 36 -40.59 21.28 43.55
N THR B 37 -41.46 20.28 43.39
CA THR B 37 -42.28 19.78 44.48
C THR B 37 -41.86 18.33 44.71
N THR B 38 -40.79 18.13 45.48
CA THR B 38 -40.19 16.81 45.64
C THR B 38 -40.10 16.34 47.10
N GLY B 39 -39.73 17.23 48.01
CA GLY B 39 -39.56 16.82 49.38
C GLY B 39 -38.45 17.51 50.14
N VAL B 40 -37.50 18.11 49.43
CA VAL B 40 -36.51 18.94 50.12
C VAL B 40 -37.12 20.28 50.50
N GLU B 41 -37.49 21.06 49.48
CA GLU B 41 -38.48 22.14 49.50
C GLU B 41 -38.01 23.38 50.26
N VAL B 42 -36.94 23.26 51.03
CA VAL B 42 -36.36 24.43 51.65
C VAL B 42 -35.43 25.09 50.65
N LEU B 43 -34.91 24.30 49.71
CA LEU B 43 -34.28 24.87 48.52
C LEU B 43 -35.29 25.67 47.70
N GLN B 44 -36.52 25.18 47.61
CA GLN B 44 -37.53 25.94 46.89
C GLN B 44 -37.95 27.17 47.69
N GLU B 45 -37.91 27.07 49.02
CA GLU B 45 -38.16 28.22 49.88
C GLU B 45 -37.10 29.29 49.67
N LYS B 46 -35.84 28.88 49.56
CA LYS B 46 -34.76 29.80 49.23
C LYS B 46 -34.93 30.37 47.82
N ALA B 47 -35.44 29.56 46.90
CA ALA B 47 -35.71 30.07 45.56
C ALA B 47 -36.82 31.10 45.58
N LEU B 48 -37.82 30.91 46.45
CA LEU B 48 -38.85 31.91 46.63
C LEU B 48 -38.28 33.19 47.20
N ARG B 49 -37.32 33.06 48.13
CA ARG B 49 -36.61 34.23 48.64
C ARG B 49 -35.88 34.95 47.53
N VAL B 50 -35.19 34.18 46.67
CA VAL B 50 -34.45 34.74 45.55
C VAL B 50 -35.38 35.46 44.59
N SER B 51 -36.54 34.86 44.32
CA SER B 51 -37.52 35.47 43.43
C SER B 51 -38.09 36.75 44.03
N LEU B 52 -38.34 36.73 45.33
CA LEU B 52 -38.84 37.92 46.03
C LEU B 52 -37.83 39.06 45.93
N TYR B 53 -36.58 38.77 46.28
CA TYR B 53 -35.56 39.81 46.18
C TYR B 53 -35.23 40.16 44.74
N SER B 54 -35.50 39.27 43.80
CA SER B 54 -35.23 39.55 42.39
C SER B 54 -36.24 40.52 41.82
N GLN B 55 -37.52 40.26 42.08
CA GLN B 55 -38.55 41.20 41.67
C GLN B 55 -38.43 42.50 42.44
N ARG B 56 -38.04 42.42 43.71
CA ARG B 56 -37.72 43.59 44.51
C ARG B 56 -36.57 44.37 43.90
N LEU B 57 -35.57 43.65 43.38
CA LEU B 57 -34.44 44.28 42.73
C LEU B 57 -34.86 44.94 41.43
N ASP B 58 -35.82 44.34 40.73
CA ASP B 58 -36.35 44.98 39.53
C ASP B 58 -37.08 46.27 39.86
N VAL B 59 -37.83 46.26 40.97
CA VAL B 59 -38.45 47.48 41.48
C VAL B 59 -37.39 48.53 41.79
N ILE B 60 -36.29 48.09 42.38
CA ILE B 60 -35.15 48.96 42.67
C ILE B 60 -34.57 49.52 41.37
N VAL B 61 -34.53 48.71 40.32
CA VAL B 61 -34.01 49.15 39.02
C VAL B 61 -34.91 50.23 38.44
N ARG B 62 -36.23 50.02 38.50
CA ARG B 62 -37.16 50.99 37.94
C ARG B 62 -37.13 52.29 38.73
N GLU B 63 -37.06 52.20 40.05
CA GLU B 63 -36.98 53.38 40.89
C GLU B 63 -35.64 54.09 40.72
N SER B 64 -34.59 53.34 40.42
CA SER B 64 -33.29 53.92 40.14
C SER B 64 -33.36 54.72 38.85
N LEU B 65 -34.00 54.15 37.82
CA LEU B 65 -34.22 54.88 36.57
C LEU B 65 -35.07 56.12 36.79
N SER B 66 -36.02 56.05 37.71
CA SER B 66 -36.86 57.20 38.02
C SER B 66 -36.04 58.33 38.62
N SER B 67 -35.25 58.01 39.65
CA SER B 67 -34.39 59.00 40.29
C SER B 67 -33.31 59.50 39.34
N LEU B 68 -32.85 58.65 38.43
CA LEU B 68 -31.88 59.06 37.42
C LEU B 68 -32.49 60.06 36.45
N GLN B 69 -33.75 59.86 36.06
CA GLN B 69 -34.40 60.83 35.20
C GLN B 69 -34.66 62.13 35.94
N VAL B 70 -35.00 62.03 37.24
CA VAL B 70 -35.11 63.19 38.13
C VAL B 70 -33.84 64.03 38.09
N LYS B 71 -32.71 63.38 38.31
CA LYS B 71 -31.48 64.13 38.43
C LYS B 71 -30.93 64.56 37.08
N LEU B 72 -31.21 63.81 36.02
CA LEU B 72 -30.83 64.26 34.69
C LEU B 72 -31.70 65.41 34.21
N GLU B 73 -32.87 65.60 34.80
CA GLU B 73 -33.60 66.81 34.44
C GLU B 73 -33.32 67.97 35.40
N ASN B 74 -32.87 67.70 36.61
CA ASN B 74 -32.61 68.77 37.57
C ASN B 74 -31.16 69.26 37.52
N THR B 75 -30.21 68.34 37.67
CA THR B 75 -28.81 68.72 37.56
C THR B 75 -28.45 69.09 36.13
N LEU B 76 -28.61 68.14 35.21
CA LEU B 76 -28.17 68.30 33.84
C LEU B 76 -29.02 69.30 33.08
N ALA B 77 -30.34 69.10 33.05
CA ALA B 77 -31.16 69.89 32.15
C ALA B 77 -31.45 71.28 32.69
N LEU B 78 -31.54 71.47 34.00
CA LEU B 78 -31.88 72.80 34.47
C LEU B 78 -30.65 73.69 34.41
N THR B 79 -30.90 74.98 34.22
CA THR B 79 -29.93 75.97 33.77
C THR B 79 -29.43 76.86 34.89
N TYR B 80 -29.11 76.28 36.05
CA TYR B 80 -28.40 76.98 37.11
C TYR B 80 -27.09 77.59 36.62
N PHE B 81 -26.43 76.90 35.68
CA PHE B 81 -25.25 77.38 34.99
C PHE B 81 -25.48 78.73 34.31
N THR B 82 -26.66 78.93 33.72
CA THR B 82 -26.96 80.22 33.10
C THR B 82 -27.19 81.29 34.16
N THR B 83 -27.72 80.93 35.32
CA THR B 83 -27.82 81.90 36.41
C THR B 83 -26.44 82.28 36.94
N LEU B 84 -25.53 81.31 37.01
CA LEU B 84 -24.15 81.59 37.37
C LEU B 84 -23.50 82.54 36.39
N GLU B 85 -23.74 82.31 35.10
CA GLU B 85 -23.27 83.23 34.07
C GLU B 85 -23.93 84.61 34.18
N GLU B 86 -25.19 84.65 34.62
CA GLU B 86 -25.88 85.93 34.75
C GLU B 86 -25.31 86.75 35.90
N ILE B 87 -25.03 86.10 37.03
CA ILE B 87 -24.36 86.80 38.13
C ILE B 87 -22.94 87.20 37.74
N ASP B 88 -22.26 86.37 36.93
CA ASP B 88 -20.95 86.73 36.41
C ASP B 88 -21.02 87.98 35.53
N GLU B 89 -22.04 88.08 34.69
CA GLU B 89 -22.24 89.26 33.87
C GLU B 89 -22.63 90.47 34.71
N ALA B 90 -23.42 90.26 35.75
CA ALA B 90 -23.81 91.37 36.63
C ALA B 90 -22.62 91.87 37.44
N LEU B 91 -21.64 91.01 37.70
CA LEU B 91 -20.42 91.47 38.34
C LEU B 91 -19.51 92.14 37.32
N ILE B 92 -19.54 91.67 36.07
CA ILE B 92 -18.90 92.39 34.97
C ILE B 92 -19.56 93.75 34.79
N SER B 93 -20.86 93.84 35.00
CA SER B 93 -21.56 95.12 35.06
C SER B 93 -21.05 95.93 36.24
N GLN B 94 -20.62 97.17 35.97
CA GLN B 94 -20.12 98.05 37.01
C GLN B 94 -21.24 98.47 37.93
N ASP B 95 -20.93 98.54 39.23
CA ASP B 95 -21.97 98.64 40.23
C ASP B 95 -21.39 99.20 41.52
N ILE B 96 -22.26 99.86 42.29
CA ILE B 96 -21.93 100.17 43.67
C ILE B 96 -21.91 98.87 44.44
N ASP B 97 -20.72 98.45 44.86
CA ASP B 97 -20.50 97.12 45.43
C ASP B 97 -21.05 96.96 46.84
N GLU B 98 -21.59 98.03 47.42
CA GLU B 98 -22.21 97.96 48.74
C GLU B 98 -23.42 97.04 48.71
N GLU B 99 -24.45 97.41 47.96
CA GLU B 99 -25.66 96.61 47.88
C GLU B 99 -25.51 95.48 46.87
N SER B 100 -24.83 95.75 45.75
CA SER B 100 -24.81 94.80 44.65
C SER B 100 -23.91 93.62 44.93
N LYS B 101 -22.60 93.87 45.02
CA LYS B 101 -21.61 92.81 44.98
C LYS B 101 -21.65 91.95 46.23
N SER B 102 -22.06 92.54 47.36
CA SER B 102 -22.33 91.76 48.57
C SER B 102 -23.46 90.77 48.33
N GLU B 103 -24.60 91.26 47.82
CA GLU B 103 -25.71 90.37 47.55
C GLU B 103 -25.46 89.51 46.33
N MET B 104 -24.65 89.98 45.38
CA MET B 104 -24.21 89.11 44.28
C MET B 104 -23.41 87.93 44.81
N ARG B 105 -22.56 88.16 45.80
CA ARG B 105 -21.79 87.08 46.40
C ARG B 105 -22.68 86.16 47.23
N LYS B 106 -23.67 86.74 47.92
CA LYS B 106 -24.61 85.92 48.68
C LYS B 106 -25.44 85.03 47.76
N GLU B 107 -25.81 85.54 46.59
CA GLU B 107 -26.57 84.72 45.67
C GLU B 107 -25.68 83.75 44.90
N ARG B 108 -24.39 84.07 44.76
CA ARG B 108 -23.41 83.05 44.37
C ARG B 108 -23.40 81.90 45.35
N ILE B 109 -23.34 82.21 46.65
CA ILE B 109 -23.41 81.21 47.71
C ILE B 109 -24.71 80.44 47.65
N ASN B 110 -25.80 81.10 47.28
CA ASN B 110 -27.09 80.44 47.18
C ASN B 110 -27.13 79.45 46.01
N ILE B 111 -26.59 79.83 44.86
CA ILE B 111 -26.64 78.91 43.72
C ILE B 111 -25.62 77.79 43.89
N ILE B 112 -24.47 78.08 44.52
CA ILE B 112 -23.53 77.03 44.88
C ILE B 112 -24.15 76.09 45.91
N LYS B 113 -24.98 76.63 46.79
CA LYS B 113 -25.70 75.82 47.75
C LYS B 113 -26.72 74.93 47.05
N ASN B 114 -27.38 75.45 46.02
CA ASN B 114 -28.32 74.66 45.23
C ASN B 114 -27.60 73.55 44.49
N LEU B 115 -26.44 73.85 43.94
CA LEU B 115 -25.62 72.84 43.26
C LEU B 115 -25.15 71.78 44.24
N SER B 116 -24.78 72.19 45.45
CA SER B 116 -24.37 71.23 46.47
C SER B 116 -25.54 70.40 46.93
N ASN B 117 -26.76 70.96 46.91
CA ASN B 117 -27.95 70.18 47.17
C ASN B 117 -28.16 69.13 46.08
N ASP B 118 -27.84 69.49 44.84
CA ASP B 118 -27.96 68.54 43.74
C ASP B 118 -26.95 67.40 43.90
N ILE B 119 -25.71 67.74 44.23
CA ILE B 119 -24.68 66.76 44.55
C ILE B 119 -25.08 65.92 45.75
N THR B 120 -25.77 66.55 46.71
CA THR B 120 -26.23 65.84 47.89
C THR B 120 -27.31 64.83 47.54
N GLN B 121 -28.22 65.20 46.64
CA GLN B 121 -29.21 64.28 46.11
C GLN B 121 -28.53 63.10 45.42
N LEU B 122 -27.54 63.40 44.58
CA LEU B 122 -26.74 62.38 43.90
C LEU B 122 -26.14 61.39 44.88
N LYS B 123 -25.37 61.92 45.84
CA LYS B 123 -24.68 61.12 46.84
C LYS B 123 -25.67 60.29 47.67
N GLN B 124 -26.62 60.96 48.31
CA GLN B 124 -27.56 60.31 49.22
C GLN B 124 -28.36 59.22 48.53
N LEU B 125 -29.08 59.58 47.46
CA LEU B 125 -29.98 58.61 46.86
C LEU B 125 -29.23 57.53 46.12
N PHE B 126 -28.10 57.86 45.48
CA PHE B 126 -27.43 56.85 44.69
C PHE B 126 -26.62 55.90 45.55
N ILE B 127 -25.95 56.42 46.58
CA ILE B 127 -25.28 55.54 47.54
C ILE B 127 -26.31 54.71 48.30
N GLU B 128 -27.49 55.28 48.58
CA GLU B 128 -28.53 54.54 49.27
C GLU B 128 -29.06 53.39 48.43
N LYS B 129 -29.39 53.65 47.17
CA LYS B 129 -29.89 52.59 46.32
C LYS B 129 -28.78 51.63 45.92
N THR B 130 -27.54 52.09 45.90
CA THR B 130 -26.42 51.20 45.63
C THR B 130 -26.21 50.23 46.78
N GLU B 131 -26.32 50.72 48.02
CA GLU B 131 -26.24 49.82 49.15
C GLU B 131 -27.47 48.94 49.25
N LEU B 132 -28.60 49.40 48.74
CA LEU B 132 -29.77 48.53 48.66
C LEU B 132 -29.55 47.43 47.64
N LEU B 133 -28.90 47.76 46.52
CA LEU B 133 -28.45 46.77 45.56
C LEU B 133 -27.47 45.80 46.19
N ASP B 134 -26.63 46.29 47.09
CA ASP B 134 -25.69 45.41 47.78
C ASP B 134 -26.39 44.50 48.77
N LYS B 135 -27.45 45.00 49.39
CA LYS B 135 -28.28 44.15 50.25
C LYS B 135 -28.94 43.05 49.44
N SER B 136 -29.47 43.40 48.28
CA SER B 136 -30.03 42.40 47.38
C SER B 136 -28.95 41.48 46.83
N SER B 137 -27.71 41.98 46.72
CA SER B 137 -26.61 41.16 46.26
C SER B 137 -26.23 40.13 47.31
N SER B 138 -26.23 40.53 48.57
CA SER B 138 -26.01 39.56 49.64
C SER B 138 -27.19 38.62 49.77
N ASP B 139 -28.37 39.07 49.36
CA ASP B 139 -29.48 38.15 49.16
C ASP B 139 -29.20 37.22 48.00
N LEU B 140 -28.46 37.71 47.00
CA LEU B 140 -28.26 36.92 45.78
C LEU B 140 -26.94 36.18 45.82
N HIS B 141 -25.84 36.92 45.88
CA HIS B 141 -24.50 36.33 45.81
C HIS B 141 -24.11 35.67 47.12
N ASN B 142 -24.78 36.00 48.21
CA ASN B 142 -24.38 35.43 49.48
C ASN B 142 -25.44 34.54 50.10
N VAL B 143 -26.49 34.18 49.36
CA VAL B 143 -27.39 33.11 49.76
C VAL B 143 -27.37 32.12 48.59
N VAL B 144 -26.48 31.14 48.66
CA VAL B 144 -26.25 30.21 47.56
C VAL B 144 -26.32 28.80 48.13
N ILE B 145 -26.79 27.85 47.34
CA ILE B 145 -26.70 26.44 47.71
C ILE B 145 -25.97 25.68 46.60
N ILE B 146 -24.94 24.92 46.97
CA ILE B 146 -24.17 24.18 45.99
C ILE B 146 -24.01 22.73 46.42
N GLU B 147 -23.50 22.55 47.64
CA GLU B 147 -22.55 21.48 47.93
C GLU B 147 -23.20 20.11 48.02
N GLY B 148 -24.06 19.89 49.02
CA GLY B 148 -24.66 18.57 49.17
C GLY B 148 -25.69 18.26 48.12
N THR B 149 -26.18 19.30 47.43
CA THR B 149 -27.12 19.15 46.34
C THR B 149 -26.52 18.34 45.20
N ASP B 150 -25.21 18.49 44.97
CA ASP B 150 -24.56 17.79 43.87
C ASP B 150 -24.32 16.34 44.22
N LYS B 151 -24.08 16.07 45.50
CA LYS B 151 -23.98 14.68 45.96
C LYS B 151 -25.32 13.98 45.84
N VAL B 152 -26.39 14.67 46.24
CA VAL B 152 -27.75 14.15 46.08
C VAL B 152 -28.06 13.94 44.61
N LEU B 153 -27.64 14.88 43.77
CA LEU B 153 -27.75 14.80 42.32
C LEU B 153 -27.14 13.51 41.78
N GLN B 154 -25.87 13.31 42.08
CA GLN B 154 -25.15 12.18 41.52
C GLN B 154 -25.66 10.86 42.09
N ALA B 155 -26.02 10.86 43.38
CA ALA B 155 -26.55 9.66 44.01
C ALA B 155 -27.88 9.25 43.40
N GLU B 156 -28.76 10.22 43.17
CA GLU B 156 -30.05 9.90 42.59
C GLU B 156 -29.93 9.58 41.11
N GLN B 157 -28.96 10.16 40.41
CA GLN B 157 -28.73 9.81 39.02
C GLN B 157 -28.25 8.37 38.89
N LEU B 158 -27.29 7.98 39.72
CA LEU B 158 -26.86 6.59 39.75
C LEU B 158 -27.98 5.66 40.18
N ARG B 159 -28.80 6.13 41.13
CA ARG B 159 -29.93 5.37 41.63
C ARG B 159 -30.93 5.08 40.52
N GLN B 160 -31.39 6.11 39.83
CA GLN B 160 -32.36 5.93 38.76
C GLN B 160 -31.74 5.26 37.55
N LYS B 161 -30.42 5.37 37.37
CA LYS B 161 -29.74 4.61 36.33
C LYS B 161 -29.82 3.12 36.62
N GLN B 162 -29.57 2.74 37.87
CA GLN B 162 -29.71 1.34 38.28
C GLN B 162 -31.15 0.89 38.18
N LEU B 163 -32.09 1.78 38.52
CA LEU B 163 -33.51 1.47 38.42
C LEU B 163 -33.92 1.24 36.97
N THR B 164 -33.40 2.06 36.06
CA THR B 164 -33.73 1.95 34.65
C THR B 164 -33.14 0.68 34.05
N GLU B 165 -31.90 0.38 34.43
CA GLU B 165 -31.26 -0.87 34.02
C GLU B 165 -32.01 -2.08 34.53
N ASP B 166 -32.49 -2.00 35.77
CA ASP B 166 -33.23 -3.11 36.36
C ASP B 166 -34.60 -3.27 35.69
N ILE B 167 -35.24 -2.16 35.34
CA ILE B 167 -36.52 -2.21 34.65
C ILE B 167 -36.36 -2.83 33.28
N ALA B 168 -35.32 -2.44 32.55
CA ALA B 168 -35.02 -3.06 31.26
C ALA B 168 -34.70 -4.53 31.41
N THR B 169 -34.03 -4.90 32.50
CA THR B 169 -33.73 -6.30 32.78
C THR B 169 -35.01 -7.10 33.01
N LYS B 170 -35.93 -6.55 33.80
CA LYS B 170 -37.21 -7.21 34.04
C LYS B 170 -38.03 -7.32 32.77
N GLU B 171 -37.92 -6.32 31.88
CA GLU B 171 -38.59 -6.38 30.59
C GLU B 171 -38.02 -7.52 29.74
N LEU B 172 -36.70 -7.69 29.77
CA LEU B 172 -36.08 -8.82 29.10
C LEU B 172 -36.54 -10.13 29.69
N GLU B 173 -36.70 -10.18 31.01
CA GLU B 173 -37.15 -11.38 31.70
C GLU B 173 -38.56 -11.77 31.28
N ARG B 174 -39.47 -10.79 31.27
CA ARG B 174 -40.86 -11.10 30.91
C ARG B 174 -40.98 -11.41 29.42
N LYS B 175 -40.13 -10.80 28.59
CA LYS B 175 -40.11 -11.19 27.18
C LYS B 175 -39.63 -12.62 27.01
N GLU B 176 -38.66 -13.04 27.82
CA GLU B 176 -38.22 -14.43 27.78
C GLU B 176 -39.30 -15.39 28.27
N ILE B 177 -40.08 -14.98 29.26
CA ILE B 177 -41.22 -15.78 29.70
C ILE B 177 -42.25 -15.89 28.57
N GLU B 178 -42.45 -14.80 27.84
CA GLU B 178 -43.32 -14.83 26.67
C GLU B 178 -42.75 -15.69 25.56
N LYS B 179 -41.43 -15.84 25.52
CA LYS B 179 -40.84 -16.81 24.61
C LYS B 179 -41.03 -18.23 25.09
N LYS B 180 -41.12 -18.45 26.40
CA LYS B 180 -41.27 -19.79 26.93
C LYS B 180 -42.62 -20.41 26.59
N ARG B 181 -43.69 -19.61 26.53
CA ARG B 181 -45.03 -20.15 26.29
C ARG B 181 -45.24 -20.60 24.86
N ASP B 182 -44.28 -20.34 23.97
CA ASP B 182 -44.41 -20.73 22.58
C ASP B 182 -44.44 -22.23 22.43
N LYS B 183 -43.62 -22.93 23.22
CA LYS B 183 -43.63 -24.39 23.20
C LYS B 183 -44.96 -24.94 23.70
N ILE B 184 -45.55 -24.27 24.70
CA ILE B 184 -46.80 -24.75 25.29
C ILE B 184 -47.95 -24.56 24.31
N ILE B 185 -48.02 -23.38 23.67
CA ILE B 185 -49.10 -23.14 22.73
C ILE B 185 -48.96 -24.02 21.50
N GLU B 186 -47.72 -24.27 21.03
CA GLU B 186 -47.56 -25.14 19.88
C GLU B 186 -47.84 -26.59 20.22
N ALA B 187 -47.50 -27.02 21.44
CA ALA B 187 -47.82 -28.37 21.87
C ALA B 187 -49.31 -28.59 21.97
N LEU B 188 -50.03 -27.64 22.59
CA LEU B 188 -51.47 -27.84 22.70
C LEU B 188 -52.21 -27.56 21.40
N ASP B 189 -51.55 -26.92 20.43
CA ASP B 189 -52.16 -26.83 19.11
C ASP B 189 -51.98 -28.12 18.32
N VAL B 190 -50.79 -28.72 18.39
CA VAL B 190 -50.59 -29.96 17.64
C VAL B 190 -51.29 -31.12 18.31
N ILE B 191 -51.64 -31.01 19.60
CA ILE B 191 -52.54 -31.98 20.19
C ILE B 191 -53.96 -31.72 19.72
N ARG B 192 -54.31 -30.44 19.54
CA ARG B 192 -55.65 -30.07 19.11
C ARG B 192 -55.85 -30.50 17.66
N GLU B 193 -56.37 -31.70 17.48
CA GLU B 193 -56.61 -32.29 16.17
C GLU B 193 -57.96 -32.99 16.12
N HIS B 194 -58.73 -32.91 17.21
CA HIS B 194 -60.00 -33.60 17.34
C HIS B 194 -61.00 -32.63 17.94
N ASN B 195 -62.15 -32.46 17.29
CA ASN B 195 -63.16 -31.53 17.79
C ASN B 195 -64.53 -31.97 17.33
N LEU B 196 -65.27 -32.66 18.21
CA LEU B 196 -66.73 -32.85 18.17
C LEU B 196 -67.24 -33.77 17.05
N VAL B 197 -66.39 -34.09 16.10
CA VAL B 197 -66.76 -34.89 14.94
C VAL B 197 -65.79 -36.05 14.93
N ASP B 198 -64.52 -35.73 15.19
CA ASP B 198 -63.44 -36.70 15.23
C ASP B 198 -63.62 -37.76 16.31
N ALA B 199 -64.43 -37.49 17.34
CA ALA B 199 -64.85 -38.55 18.24
C ALA B 199 -65.66 -39.61 17.49
N PHE B 200 -66.59 -39.18 16.65
CA PHE B 200 -67.35 -40.12 15.83
C PHE B 200 -66.48 -40.72 14.74
N LYS B 201 -65.53 -39.96 14.23
CA LYS B 201 -64.55 -40.43 13.26
C LYS B 201 -63.49 -41.32 13.87
N ASP B 202 -63.53 -41.51 15.19
CA ASP B 202 -62.86 -42.61 15.86
C ASP B 202 -63.81 -43.75 16.19
N LEU B 203 -65.08 -43.44 16.49
CA LEU B 203 -66.07 -44.48 16.79
C LEU B 203 -66.40 -45.34 15.59
N ILE B 204 -66.29 -44.80 14.39
CA ILE B 204 -66.57 -45.56 13.18
C ILE B 204 -65.42 -46.50 12.77
N PRO B 205 -64.14 -46.08 12.69
CA PRO B 205 -63.11 -47.05 12.29
C PRO B 205 -62.83 -48.12 13.33
N THR B 206 -63.18 -47.91 14.60
CA THR B 206 -63.18 -49.04 15.52
C THR B 206 -64.39 -49.92 15.29
N GLY B 207 -65.45 -49.37 14.69
CA GLY B 207 -66.57 -50.19 14.25
C GLY B 207 -66.29 -50.93 12.96
N GLU B 208 -65.24 -50.55 12.25
CA GLU B 208 -64.83 -51.26 11.03
C GLU B 208 -64.32 -52.65 11.34
N ASN B 209 -64.25 -53.47 10.28
CA ASN B 209 -63.75 -54.83 10.35
C ASN B 209 -63.02 -55.18 9.07
N LEU B 210 -62.35 -56.33 9.09
CA LEU B 210 -61.71 -56.89 7.91
C LEU B 210 -62.25 -58.26 7.55
N SER B 211 -62.26 -59.20 8.49
CA SER B 211 -62.66 -60.57 8.24
C SER B 211 -64.00 -60.85 8.91
N GLU B 212 -64.88 -61.53 8.19
CA GLU B 212 -66.20 -61.90 8.70
C GLU B 212 -66.51 -63.33 8.31
N LEU B 213 -67.24 -64.04 9.17
CA LEU B 213 -67.58 -65.43 8.90
C LEU B 213 -69.00 -65.81 9.34
N ASP B 214 -69.79 -64.85 9.83
CA ASP B 214 -71.24 -64.90 10.05
C ASP B 214 -71.66 -65.78 11.24
N LEU B 215 -70.73 -66.57 11.79
CA LEU B 215 -71.01 -67.39 12.95
C LEU B 215 -69.80 -67.43 13.85
N ALA B 216 -69.99 -67.98 15.05
CA ALA B 216 -68.94 -68.42 15.97
C ALA B 216 -68.10 -67.31 16.58
N LYS B 217 -68.27 -66.07 16.15
CA LYS B 217 -67.76 -64.90 16.84
C LYS B 217 -68.85 -63.83 16.92
N PRO B 218 -69.91 -64.05 17.73
CA PRO B 218 -70.90 -62.97 17.87
C PRO B 218 -70.33 -61.85 18.71
N GLU B 219 -69.61 -62.24 19.77
CA GLU B 219 -69.00 -61.29 20.70
C GLU B 219 -67.49 -61.38 20.72
N ILE B 220 -66.91 -62.44 20.15
CA ILE B 220 -65.46 -62.59 20.11
C ILE B 220 -64.86 -61.54 19.22
N GLU B 221 -65.51 -61.25 18.10
CA GLU B 221 -65.15 -60.08 17.30
C GLU B 221 -65.40 -58.80 18.07
N LEU B 222 -66.44 -58.77 18.92
CA LEU B 222 -66.76 -57.55 19.66
C LEU B 222 -65.79 -57.27 20.78
N LEU B 223 -64.95 -58.24 21.15
CA LEU B 223 -63.91 -58.01 22.15
C LEU B 223 -62.91 -56.98 21.66
N LYS B 224 -62.42 -57.16 20.43
CA LYS B 224 -61.51 -56.20 19.82
C LYS B 224 -62.18 -54.85 19.63
N GLN B 225 -63.47 -54.86 19.29
CA GLN B 225 -64.28 -53.66 19.16
C GLN B 225 -64.26 -52.83 20.43
N SER B 226 -64.68 -53.46 21.54
CA SER B 226 -64.79 -52.76 22.82
C SER B 226 -63.42 -52.35 23.34
N LEU B 227 -62.40 -53.19 23.15
CA LEU B 227 -61.07 -52.84 23.63
C LEU B 227 -60.47 -51.68 22.84
N GLU B 228 -60.70 -51.62 21.54
CA GLU B 228 -60.19 -50.47 20.78
C GLU B 228 -61.00 -49.22 21.05
N ILE B 229 -62.30 -49.37 21.38
CA ILE B 229 -63.08 -48.24 21.88
C ILE B 229 -62.44 -47.66 23.13
N THR B 230 -62.10 -48.53 24.08
CA THR B 230 -61.45 -48.07 25.31
C THR B 230 -60.05 -47.52 25.03
N LYS B 231 -59.37 -48.06 24.02
CA LYS B 231 -58.10 -47.50 23.58
C LYS B 231 -58.25 -46.05 23.13
N LYS B 232 -59.23 -45.78 22.28
CA LYS B 232 -59.41 -44.43 21.75
C LYS B 232 -59.90 -43.48 22.84
N LEU B 233 -60.75 -43.97 23.74
CA LEU B 233 -61.21 -43.18 24.87
C LEU B 233 -60.05 -42.77 25.76
N LEU B 234 -59.26 -43.75 26.21
CA LEU B 234 -58.14 -43.46 27.08
C LEU B 234 -57.02 -42.71 26.36
N GLY B 235 -56.93 -42.82 25.04
CA GLY B 235 -56.06 -41.94 24.29
C GLY B 235 -56.53 -40.51 24.36
N GLN B 236 -57.85 -40.30 24.39
CA GLN B 236 -58.34 -38.95 24.59
C GLN B 236 -58.14 -38.46 26.02
N PHE B 237 -58.16 -39.38 27.01
CA PHE B 237 -58.06 -38.96 28.40
C PHE B 237 -56.68 -38.41 28.74
N SER B 238 -55.64 -39.19 28.47
CA SER B 238 -54.29 -38.84 28.88
C SER B 238 -53.81 -37.58 28.19
N GLU B 239 -54.14 -37.45 26.91
CA GLU B 239 -53.85 -36.22 26.19
C GLU B 239 -54.68 -35.07 26.75
N GLY B 240 -55.90 -35.34 27.20
CA GLY B 240 -56.67 -34.32 27.89
C GLY B 240 -56.04 -33.92 29.20
N LEU B 241 -55.44 -34.88 29.91
CA LEU B 241 -54.76 -34.56 31.16
C LEU B 241 -53.52 -33.72 30.90
N LYS B 242 -52.76 -34.05 29.86
CA LYS B 242 -51.60 -33.25 29.49
C LYS B 242 -52.02 -31.85 29.04
N TYR B 243 -53.19 -31.77 28.40
CA TYR B 243 -53.78 -30.48 28.04
C TYR B 243 -54.07 -29.65 29.28
N ILE B 244 -54.67 -30.28 30.30
CA ILE B 244 -54.93 -29.63 31.58
C ILE B 244 -53.64 -29.13 32.22
N ASP B 245 -52.61 -29.96 32.19
CA ASP B 245 -51.32 -29.63 32.80
C ASP B 245 -50.67 -28.44 32.11
N LEU B 246 -50.72 -28.41 30.78
CA LEU B 246 -50.07 -27.31 30.08
C LEU B 246 -50.91 -26.04 30.15
N THR B 247 -52.23 -26.13 30.30
CA THR B 247 -53.00 -24.93 30.56
C THR B 247 -52.74 -24.39 31.96
N ASP B 248 -52.49 -25.27 32.92
CA ASP B 248 -52.07 -24.79 34.23
C ASP B 248 -50.69 -24.15 34.16
N ALA B 249 -49.82 -24.68 33.31
CA ALA B 249 -48.53 -24.03 33.05
C ALA B 249 -48.71 -22.66 32.40
N ARG B 250 -49.72 -22.54 31.53
CA ARG B 250 -50.07 -21.24 30.96
C ARG B 250 -50.50 -20.26 32.04
N LYS B 251 -51.34 -20.72 32.97
CA LYS B 251 -51.77 -19.87 34.08
C LYS B 251 -50.59 -19.48 34.96
N LYS B 252 -49.63 -20.40 35.12
CA LYS B 252 -48.45 -20.13 35.93
C LYS B 252 -47.57 -19.06 35.30
N LEU B 253 -47.30 -19.19 34.00
CA LEU B 253 -46.49 -18.20 33.32
C LEU B 253 -47.22 -16.87 33.16
N ASP B 254 -48.55 -16.91 33.05
CA ASP B 254 -49.31 -15.67 33.02
C ASP B 254 -49.27 -14.98 34.37
N ASN B 255 -49.27 -15.75 35.46
CA ASN B 255 -49.08 -15.18 36.78
C ASN B 255 -47.70 -14.54 36.89
N GLN B 256 -46.70 -15.19 36.31
CA GLN B 256 -45.35 -14.62 36.25
C GLN B 256 -45.34 -13.29 35.50
N ILE B 257 -46.01 -13.25 34.34
CA ILE B 257 -46.10 -12.03 33.54
C ILE B 257 -46.82 -10.93 34.31
N ASP B 258 -47.85 -11.30 35.05
CA ASP B 258 -48.63 -10.30 35.80
C ASP B 258 -47.82 -9.73 36.96
N THR B 259 -47.13 -10.59 37.70
CA THR B 259 -46.29 -10.11 38.80
C THR B 259 -45.14 -9.25 38.29
N ALA B 260 -44.55 -9.66 37.16
CA ALA B 260 -43.51 -8.85 36.54
C ALA B 260 -44.06 -7.52 36.05
N SER B 261 -45.30 -7.50 35.58
CA SER B 261 -45.91 -6.26 35.12
C SER B 261 -46.21 -5.33 36.29
N THR B 262 -46.59 -5.90 37.43
CA THR B 262 -46.80 -5.08 38.62
C THR B 262 -45.48 -4.51 39.12
N ARG B 263 -44.41 -5.31 39.07
CA ARG B 263 -43.09 -4.80 39.41
C ARG B 263 -42.66 -3.71 38.45
N LEU B 264 -42.95 -3.89 37.17
CA LEU B 264 -42.74 -2.86 36.16
C LEU B 264 -43.48 -1.58 36.49
N THR B 265 -44.74 -1.70 36.88
CA THR B 265 -45.56 -0.52 37.15
C THR B 265 -45.05 0.24 38.38
N GLU B 266 -44.71 -0.51 39.44
CA GLU B 266 -44.24 0.13 40.66
C GLU B 266 -42.87 0.75 40.47
N LEU B 267 -41.96 0.05 39.78
CA LEU B 267 -40.64 0.59 39.55
C LEU B 267 -40.66 1.74 38.56
N ASN B 268 -41.61 1.74 37.62
CA ASN B 268 -41.77 2.89 36.74
C ASN B 268 -42.35 4.09 37.48
N ARG B 269 -43.23 3.84 38.45
CA ARG B 269 -43.72 4.92 39.29
C ARG B 269 -42.61 5.53 40.12
N GLN B 270 -41.76 4.68 40.69
CA GLN B 270 -40.58 5.17 41.40
C GLN B 270 -39.62 5.88 40.46
N LEU B 271 -39.53 5.41 39.22
CA LEU B 271 -38.68 6.05 38.22
C LEU B 271 -39.20 7.43 37.88
N GLU B 272 -40.52 7.59 37.79
CA GLU B 272 -41.10 8.90 37.52
C GLU B 272 -40.96 9.83 38.71
N GLN B 273 -41.03 9.26 39.92
CA GLN B 273 -40.73 10.02 41.12
C GLN B 273 -39.32 10.55 41.09
N SER B 274 -38.37 9.70 40.71
CA SER B 274 -36.98 10.14 40.59
C SER B 274 -36.77 11.07 39.41
N GLU B 275 -37.60 10.97 38.36
CA GLU B 275 -37.60 11.96 37.30
C GLU B 275 -37.96 13.33 37.85
N LYS B 276 -39.01 13.38 38.67
CA LYS B 276 -39.41 14.63 39.32
C LYS B 276 -38.30 15.16 40.20
N LEU B 277 -37.64 14.27 40.95
CA LEU B 277 -36.54 14.63 41.82
C LEU B 277 -35.39 15.25 41.04
N ILE B 278 -34.85 14.48 40.07
CA ILE B 278 -33.69 14.91 39.31
C ILE B 278 -34.03 16.09 38.41
N ALA B 279 -35.28 16.21 37.97
CA ALA B 279 -35.69 17.37 37.19
C ALA B 279 -35.68 18.63 38.04
N GLY B 280 -36.21 18.55 39.27
CA GLY B 280 -36.13 19.71 40.16
C GLY B 280 -34.72 20.04 40.56
N VAL B 281 -33.87 19.03 40.71
CA VAL B 281 -32.46 19.25 41.05
C VAL B 281 -31.74 19.95 39.91
N ASN B 282 -31.93 19.46 38.68
CA ASN B 282 -31.32 20.09 37.51
C ASN B 282 -31.86 21.49 37.31
N ALA B 283 -33.14 21.69 37.63
CA ALA B 283 -33.76 23.00 37.49
C ALA B 283 -33.15 23.99 38.47
N VAL B 284 -32.98 23.59 39.73
CA VAL B 284 -32.43 24.52 40.70
C VAL B 284 -30.94 24.73 40.46
N ILE B 285 -30.25 23.76 39.85
CA ILE B 285 -28.87 23.99 39.43
C ILE B 285 -28.82 25.01 38.30
N LYS B 286 -29.73 24.92 37.34
CA LYS B 286 -29.80 25.90 36.26
C LYS B 286 -30.18 27.28 36.80
N ILE B 287 -31.06 27.30 37.81
CA ILE B 287 -31.37 28.53 38.54
C ILE B 287 -30.13 29.12 39.16
N ASP B 288 -29.34 28.28 39.83
CA ASP B 288 -28.11 28.70 40.49
C ASP B 288 -27.12 29.29 39.50
N GLN B 289 -27.04 28.69 38.31
CA GLN B 289 -26.24 29.27 37.24
C GLN B 289 -26.82 30.61 36.80
N GLU B 290 -28.13 30.68 36.62
CA GLU B 290 -28.76 31.93 36.25
C GLU B 290 -28.70 32.92 37.40
N LYS B 291 -28.74 32.42 38.64
CA LYS B 291 -28.52 33.27 39.79
C LYS B 291 -27.15 33.92 39.77
N SER B 292 -26.11 33.14 39.46
CA SER B 292 -24.78 33.69 39.31
C SER B 292 -24.68 34.65 38.13
N ALA B 293 -25.46 34.40 37.08
CA ALA B 293 -25.53 35.35 35.97
C ALA B 293 -26.12 36.69 36.41
N VAL B 294 -27.16 36.66 37.24
CA VAL B 294 -27.73 37.89 37.73
C VAL B 294 -26.81 38.54 38.76
N VAL B 295 -25.99 37.73 39.46
CA VAL B 295 -24.92 38.27 40.30
C VAL B 295 -23.96 39.09 39.45
N VAL B 296 -23.53 38.52 38.32
CA VAL B 296 -22.65 39.23 37.39
C VAL B 296 -23.32 40.50 36.87
N GLU B 297 -24.62 40.41 36.59
CA GLU B 297 -25.39 41.56 36.13
C GLU B 297 -25.42 42.68 37.15
N ALA B 298 -25.67 42.32 38.42
CA ALA B 298 -25.71 43.30 39.49
C ALA B 298 -24.33 43.88 39.77
N GLU B 299 -23.28 43.10 39.56
CA GLU B 299 -21.94 43.63 39.70
C GLU B 299 -21.61 44.60 38.58
N LYS B 300 -22.09 44.31 37.36
CA LYS B 300 -21.99 45.27 36.26
C LYS B 300 -22.70 46.56 36.59
N LEU B 301 -23.88 46.46 37.21
CA LEU B 301 -24.65 47.65 37.54
C LEU B 301 -23.97 48.45 38.64
N SER B 302 -23.82 47.86 39.83
CA SER B 302 -23.32 48.56 40.99
C SER B 302 -21.85 48.96 40.84
N ARG B 303 -21.10 48.25 40.00
CA ARG B 303 -19.74 48.66 39.70
C ARG B 303 -19.72 50.00 38.99
N ALA B 304 -20.70 50.25 38.12
CA ALA B 304 -20.83 51.55 37.47
C ALA B 304 -21.25 52.61 38.46
N TRP B 305 -21.85 52.22 39.57
CA TRP B 305 -22.15 53.19 40.62
C TRP B 305 -20.96 53.47 41.50
N HIS B 306 -20.02 52.53 41.61
CA HIS B 306 -18.75 52.88 42.24
C HIS B 306 -17.90 53.70 41.29
N ILE B 307 -18.08 53.49 39.97
CA ILE B 307 -17.57 54.43 38.99
C ILE B 307 -18.20 55.79 39.21
N PHE B 308 -19.48 55.82 39.54
CA PHE B 308 -20.14 57.09 39.80
C PHE B 308 -19.65 57.73 41.09
N ILE B 309 -19.37 56.93 42.12
CA ILE B 309 -18.90 57.53 43.36
C ILE B 309 -17.46 57.98 43.21
N HIS B 310 -16.70 57.38 42.28
CA HIS B 310 -15.38 57.91 41.98
C HIS B 310 -15.48 59.16 41.11
N GLU B 311 -16.58 59.30 40.36
CA GLU B 311 -16.83 60.56 39.67
C GLU B 311 -17.13 61.67 40.67
N ILE B 312 -17.99 61.38 41.64
CA ILE B 312 -18.33 62.40 42.63
C ILE B 312 -17.20 62.54 43.65
N THR B 313 -16.27 61.58 43.70
CA THR B 313 -15.01 61.80 44.38
C THR B 313 -14.23 62.95 43.73
N ALA B 314 -14.35 63.09 42.41
CA ALA B 314 -13.71 64.18 41.67
C ALA B 314 -14.57 65.43 41.61
N LEU B 315 -15.53 65.58 42.51
CA LEU B 315 -16.35 66.78 42.58
C LEU B 315 -15.75 67.79 43.55
N GLN B 316 -16.55 68.78 43.96
CA GLN B 316 -16.20 69.91 44.81
C GLN B 316 -15.08 70.75 44.17
N GLY B 317 -15.46 71.34 43.05
CA GLY B 317 -14.77 72.52 42.53
C GLY B 317 -15.63 73.72 42.87
N THR B 318 -15.21 74.49 43.87
CA THR B 318 -16.09 75.41 44.58
C THR B 318 -16.63 76.56 43.74
N SER B 319 -15.78 77.50 43.35
CA SER B 319 -16.23 78.63 42.55
C SER B 319 -15.20 79.06 41.51
N LEU B 320 -14.35 78.15 41.04
CA LEU B 320 -13.19 78.54 40.24
C LEU B 320 -13.61 78.90 38.82
N ASN B 321 -14.14 77.94 38.09
CA ASN B 321 -14.57 78.15 36.72
C ASN B 321 -16.06 77.81 36.58
N GLU B 322 -16.54 77.77 35.35
CA GLU B 322 -17.92 77.35 35.13
C GLU B 322 -18.02 76.30 34.02
N VAL B 323 -17.21 76.41 32.97
CA VAL B 323 -17.32 75.46 31.86
C VAL B 323 -16.40 74.27 32.09
N GLU B 324 -16.81 73.40 33.00
CA GLU B 324 -16.23 72.07 33.09
C GLU B 324 -17.24 71.04 33.54
N LEU B 325 -18.50 71.43 33.72
CA LEU B 325 -19.35 70.78 34.71
C LEU B 325 -19.97 69.49 34.17
N SER B 326 -20.81 69.60 33.16
CA SER B 326 -21.73 68.54 32.83
C SER B 326 -21.17 67.54 31.84
N LYS B 327 -19.84 67.41 31.73
CA LYS B 327 -19.29 66.42 30.82
C LYS B 327 -19.49 64.98 31.30
N PRO B 328 -19.22 64.62 32.57
CA PRO B 328 -19.68 63.29 33.01
C PRO B 328 -21.19 63.19 33.09
N LEU B 329 -21.89 64.31 33.23
CA LEU B 329 -23.35 64.28 33.26
C LEU B 329 -23.92 63.91 31.90
N ILE B 330 -23.37 64.47 30.83
CA ILE B 330 -23.86 64.09 29.51
C ILE B 330 -23.34 62.72 29.12
N LYS B 331 -22.19 62.30 29.67
CA LYS B 331 -21.72 60.94 29.43
C LYS B 331 -22.66 59.91 30.06
N GLN B 332 -23.05 60.15 31.30
CA GLN B 332 -24.02 59.28 31.96
C GLN B 332 -25.41 59.43 31.32
N GLN B 333 -25.71 60.61 30.79
CA GLN B 333 -26.96 60.84 30.08
C GLN B 333 -27.07 59.97 28.84
N ILE B 334 -26.02 59.97 28.02
CA ILE B 334 -26.08 59.18 26.79
C ILE B 334 -25.95 57.69 27.10
N TYR B 335 -25.21 57.33 28.16
CA TYR B 335 -25.12 55.93 28.54
C TYR B 335 -26.44 55.43 29.11
N LEU B 336 -27.18 56.31 29.77
CA LEU B 336 -28.48 55.97 30.31
C LEU B 336 -29.54 55.92 29.24
N GLU B 337 -29.45 56.82 28.26
CA GLU B 337 -30.38 56.79 27.14
C GLU B 337 -30.19 55.53 26.31
N SER B 338 -28.94 55.10 26.16
CA SER B 338 -28.67 53.76 25.64
C SER B 338 -29.26 52.71 26.56
N LEU B 339 -29.13 52.92 27.86
CA LEU B 339 -29.68 51.98 28.84
C LEU B 339 -31.20 52.05 28.91
N ILE B 340 -31.80 53.21 28.60
CA ILE B 340 -33.25 53.27 28.39
C ILE B 340 -33.64 52.40 27.22
N LYS B 341 -32.89 52.51 26.12
CA LYS B 341 -33.09 51.63 24.99
C LYS B 341 -32.64 50.21 25.28
N GLN B 342 -31.81 50.02 26.29
CA GLN B 342 -31.47 48.68 26.80
C GLN B 342 -32.43 48.28 27.90
N LEU B 343 -33.72 48.38 27.60
CA LEU B 343 -34.79 48.11 28.55
C LEU B 343 -36.08 47.90 27.75
N ILE C 44 -41.04 56.63 -19.41
CA ILE C 44 -42.36 57.03 -18.93
C ILE C 44 -43.42 56.04 -19.37
N PHE C 45 -44.67 56.51 -19.42
CA PHE C 45 -45.80 55.63 -19.71
C PHE C 45 -45.80 55.21 -21.17
N THR C 46 -46.18 53.97 -21.43
CA THR C 46 -46.18 53.44 -22.79
C THR C 46 -47.58 53.01 -23.20
N LYS C 47 -47.74 52.80 -24.50
CA LYS C 47 -49.02 52.37 -25.06
C LYS C 47 -49.21 50.87 -24.95
N GLU C 48 -48.13 50.12 -24.77
CA GLU C 48 -48.25 48.67 -24.67
C GLU C 48 -48.85 48.28 -23.34
N ASP C 49 -48.70 49.16 -22.35
CA ASP C 49 -49.52 49.12 -21.15
C ASP C 49 -51.00 49.06 -21.51
N LEU C 50 -51.45 49.98 -22.35
CA LEU C 50 -52.86 50.02 -22.76
C LEU C 50 -53.21 48.82 -23.62
N ILE C 51 -52.24 48.29 -24.36
CA ILE C 51 -52.44 47.05 -25.11
C ILE C 51 -52.76 45.91 -24.16
N ASN C 52 -51.96 45.79 -23.10
CA ASN C 52 -52.23 44.77 -22.08
C ASN C 52 -53.54 45.03 -21.36
N LEU C 53 -53.91 46.31 -21.22
CA LEU C 53 -55.20 46.65 -20.64
C LEU C 53 -56.33 46.14 -21.50
N LYS C 54 -56.22 46.29 -22.81
CA LYS C 54 -57.28 45.81 -23.68
C LYS C 54 -57.28 44.29 -23.79
N LEU C 55 -56.11 43.67 -23.61
CA LEU C 55 -56.06 42.23 -23.44
C LEU C 55 -56.84 41.79 -22.21
N TYR C 56 -56.69 42.53 -21.12
CA TYR C 56 -57.46 42.26 -19.92
C TYR C 56 -58.94 42.55 -20.12
N VAL C 57 -59.26 43.52 -20.98
CA VAL C 57 -60.65 43.82 -21.32
C VAL C 57 -61.28 42.64 -22.03
N ARG C 58 -60.60 42.16 -23.08
CA ARG C 58 -61.07 41.00 -23.83
C ARG C 58 -61.14 39.76 -22.97
N LYS C 59 -60.24 39.63 -22.00
CA LYS C 59 -60.28 38.51 -21.09
C LYS C 59 -61.49 38.62 -20.17
N GLY C 60 -61.74 39.81 -19.62
CA GLY C 60 -62.81 39.98 -18.67
C GLY C 60 -64.18 39.95 -19.31
N LEU C 61 -64.29 40.42 -20.55
CA LEU C 61 -65.55 40.31 -21.27
C LEU C 61 -65.81 38.90 -21.76
N SER C 62 -64.80 38.03 -21.70
CA SER C 62 -64.94 36.63 -22.07
C SER C 62 -65.26 35.74 -20.87
N LEU C 63 -66.00 36.24 -19.90
CA LEU C 63 -66.17 35.43 -18.72
C LEU C 63 -67.61 34.97 -18.55
N PRO C 64 -67.82 33.76 -18.05
CA PRO C 64 -69.18 33.32 -17.72
C PRO C 64 -69.71 34.09 -16.51
N THR C 65 -71.00 34.37 -16.53
CA THR C 65 -71.65 35.14 -15.48
C THR C 65 -72.67 34.33 -14.71
N ARG C 66 -73.54 33.60 -15.41
CA ARG C 66 -74.58 32.85 -14.74
C ARG C 66 -74.03 31.54 -14.20
N GLN C 67 -74.85 30.86 -13.40
CA GLN C 67 -74.39 29.68 -12.69
C GLN C 67 -74.14 28.52 -13.64
N ASP C 68 -75.09 28.27 -14.55
CA ASP C 68 -74.90 27.25 -15.58
C ASP C 68 -73.75 27.60 -16.53
N GLU C 69 -73.55 28.89 -16.77
CA GLU C 69 -72.43 29.35 -17.59
C GLU C 69 -71.10 29.00 -16.93
N VAL C 70 -71.02 29.22 -15.62
CA VAL C 70 -69.83 28.85 -14.87
C VAL C 70 -69.66 27.35 -14.84
N GLU C 71 -70.75 26.61 -14.63
CA GLU C 71 -70.70 25.16 -14.50
C GLU C 71 -70.28 24.49 -15.79
N ALA C 72 -70.77 24.99 -16.93
CA ALA C 72 -70.25 24.54 -18.21
C ALA C 72 -68.81 25.00 -18.40
N TYR C 73 -68.48 26.19 -17.93
CA TYR C 73 -67.11 26.66 -17.97
C TYR C 73 -66.23 25.91 -16.99
N LEU C 74 -66.77 25.49 -15.86
CA LEU C 74 -66.07 24.56 -14.98
C LEU C 74 -66.02 23.17 -15.56
N GLY C 75 -67.03 22.77 -16.30
CA GLY C 75 -67.16 21.40 -16.72
C GLY C 75 -67.73 20.48 -15.68
N TYR C 76 -68.23 21.01 -14.57
CA TYR C 76 -68.82 20.18 -13.51
C TYR C 76 -69.79 21.04 -12.72
N LYS C 77 -70.35 20.43 -11.67
CA LYS C 77 -71.25 21.10 -10.75
C LYS C 77 -70.90 20.84 -9.29
N LYS C 78 -69.95 19.95 -9.04
CA LYS C 78 -69.68 19.51 -7.67
C LYS C 78 -68.19 19.26 -7.54
N ILE C 79 -67.59 19.82 -6.49
CA ILE C 79 -66.16 19.67 -6.26
C ILE C 79 -65.83 19.08 -4.90
N ASP C 80 -66.73 19.27 -3.92
CA ASP C 80 -66.54 18.89 -2.51
C ASP C 80 -65.24 19.47 -1.93
N VAL C 81 -64.92 20.70 -2.32
CA VAL C 81 -63.72 21.38 -1.86
C VAL C 81 -64.14 22.77 -1.37
N ALA C 82 -63.94 23.01 -0.09
CA ALA C 82 -64.25 24.31 0.50
C ALA C 82 -63.30 25.38 -0.05
N GLY C 83 -63.84 26.58 -0.27
CA GLY C 83 -63.09 27.64 -0.90
C GLY C 83 -63.01 27.56 -2.40
N LEU C 84 -63.36 26.42 -2.99
CA LEU C 84 -63.30 26.22 -4.43
C LEU C 84 -64.62 25.69 -4.97
N GLU C 85 -65.73 25.94 -4.24
CA GLU C 85 -67.03 25.45 -4.64
C GLU C 85 -67.50 26.17 -5.89
N PRO C 86 -68.33 25.52 -6.72
CA PRO C 86 -68.79 26.14 -7.98
C PRO C 86 -69.55 27.44 -7.78
N LYS C 87 -70.31 27.56 -6.71
CA LYS C 87 -70.94 28.82 -6.38
C LYS C 87 -69.90 29.89 -6.03
N ASP C 88 -68.82 29.48 -5.37
CA ASP C 88 -67.77 30.42 -5.02
C ASP C 88 -67.03 30.90 -6.25
N ILE C 89 -66.79 29.98 -7.19
CA ILE C 89 -66.11 30.36 -8.43
C ILE C 89 -67.03 31.20 -9.29
N LYS C 90 -68.33 30.94 -9.21
CA LYS C 90 -69.31 31.80 -9.89
C LYS C 90 -69.31 33.20 -9.30
N LEU C 91 -69.21 33.30 -7.98
CA LEU C 91 -69.12 34.61 -7.34
C LEU C 91 -67.83 35.33 -7.72
N LEU C 92 -66.73 34.58 -7.80
CA LEU C 92 -65.46 35.10 -8.28
C LEU C 92 -65.58 35.65 -9.69
N PHE C 93 -66.24 34.90 -10.57
CA PHE C 93 -66.42 35.34 -11.94
C PHE C 93 -67.35 36.52 -12.04
N ASP C 94 -68.32 36.60 -11.12
CA ASP C 94 -69.16 37.80 -11.03
C ASP C 94 -68.31 39.01 -10.69
N GLU C 95 -67.40 38.85 -9.72
CA GLU C 95 -66.48 39.92 -9.34
C GLU C 95 -65.63 40.37 -10.50
N ILE C 96 -65.02 39.43 -11.21
CA ILE C 96 -64.08 39.80 -12.26
C ILE C 96 -64.81 40.32 -13.49
N HIS C 97 -65.95 39.72 -13.82
CA HIS C 97 -66.70 40.13 -14.99
C HIS C 97 -67.34 41.50 -14.77
N ASN C 98 -67.87 41.75 -13.57
CA ASN C 98 -68.34 43.09 -13.25
C ASN C 98 -67.21 44.07 -13.09
N HIS C 99 -66.00 43.59 -12.79
CA HIS C 99 -64.84 44.47 -12.77
C HIS C 99 -64.48 44.91 -14.18
N ALA C 100 -64.62 44.01 -15.16
CA ALA C 100 -64.47 44.39 -16.55
C ALA C 100 -65.63 45.29 -17.00
N LEU C 101 -66.84 45.00 -16.53
CA LEU C 101 -68.01 45.82 -16.81
C LEU C 101 -67.96 47.15 -16.09
N ASN C 102 -67.07 47.31 -15.12
CA ASN C 102 -66.71 48.62 -14.63
C ASN C 102 -65.71 49.26 -15.58
N TRP C 103 -64.66 48.52 -15.91
CA TRP C 103 -63.50 49.12 -16.57
C TRP C 103 -63.77 49.55 -18.00
N ASN C 104 -64.68 48.90 -18.71
CA ASN C 104 -65.05 49.36 -20.05
C ASN C 104 -65.58 50.80 -20.00
N ASP C 105 -66.46 51.08 -19.02
CA ASP C 105 -66.96 52.44 -18.84
C ASP C 105 -65.90 53.35 -18.24
N VAL C 106 -65.09 52.85 -17.32
CA VAL C 106 -64.09 53.69 -16.68
C VAL C 106 -62.98 54.04 -17.66
N GLU C 107 -62.64 53.12 -18.55
CA GLU C 107 -61.70 53.39 -19.62
C GLU C 107 -62.32 54.26 -20.70
N GLN C 108 -63.64 54.20 -20.87
CA GLN C 108 -64.31 55.20 -21.68
C GLN C 108 -64.18 56.58 -21.06
N ALA C 109 -64.25 56.65 -19.73
CA ALA C 109 -63.99 57.92 -19.05
C ALA C 109 -62.52 58.31 -19.14
N VAL C 110 -61.63 57.33 -19.23
CA VAL C 110 -60.22 57.61 -19.49
C VAL C 110 -60.05 58.22 -20.87
N LEU C 111 -60.81 57.74 -21.85
CA LEU C 111 -60.84 58.36 -23.17
C LEU C 111 -61.47 59.74 -23.12
N GLN C 112 -62.45 59.94 -22.25
CA GLN C 112 -63.04 61.26 -22.09
C GLN C 112 -62.04 62.24 -21.51
N GLN C 113 -61.32 61.83 -20.48
CA GLN C 113 -60.27 62.68 -19.93
C GLN C 113 -59.05 62.75 -20.85
N SER C 114 -58.91 61.80 -21.75
CA SER C 114 -57.92 61.91 -22.82
C SER C 114 -58.26 63.11 -23.70
N LEU C 115 -59.54 63.22 -24.08
CA LEU C 115 -60.02 64.39 -24.80
C LEU C 115 -59.88 65.65 -23.95
N ASP C 116 -60.11 65.52 -22.64
CA ASP C 116 -60.09 66.68 -21.75
C ASP C 116 -58.68 67.21 -21.56
N LEU C 117 -57.70 66.33 -21.39
CA LEU C 117 -56.32 66.74 -21.33
C LEU C 117 -55.81 67.22 -22.67
N ASP C 118 -56.35 66.69 -23.77
CA ASP C 118 -56.01 67.19 -25.09
C ASP C 118 -56.44 68.64 -25.24
N ILE C 119 -57.70 68.93 -24.93
CA ILE C 119 -58.18 70.30 -25.07
C ILE C 119 -57.61 71.20 -23.97
N ALA C 120 -57.24 70.63 -22.82
CA ALA C 120 -56.55 71.40 -21.80
C ALA C 120 -55.18 71.81 -22.28
N ALA C 121 -54.45 70.87 -22.90
CA ALA C 121 -53.17 71.17 -23.52
C ALA C 121 -53.31 72.25 -24.57
N LYS C 122 -54.30 72.11 -25.46
CA LYS C 122 -54.48 73.07 -26.54
C LYS C 122 -54.81 74.46 -26.01
N ASN C 123 -55.80 74.55 -25.13
CA ASN C 123 -56.26 75.85 -24.64
C ASN C 123 -55.20 76.51 -23.76
N ILE C 124 -54.55 75.73 -22.89
CA ILE C 124 -53.60 76.33 -21.96
C ILE C 124 -52.32 76.73 -22.69
N ILE C 125 -51.79 75.84 -23.56
CA ILE C 125 -50.62 76.16 -24.37
C ILE C 125 -50.87 77.40 -25.22
N SER C 126 -52.03 77.45 -25.89
CA SER C 126 -52.38 78.60 -26.72
C SER C 126 -52.49 79.89 -25.91
N THR C 127 -53.47 79.93 -25.00
CA THR C 127 -53.80 81.16 -24.27
C THR C 127 -52.64 81.59 -23.37
N GLY C 128 -52.12 80.66 -22.56
CA GLY C 128 -50.99 80.90 -21.71
C GLY C 128 -49.73 81.32 -22.45
N ASN C 129 -49.28 80.56 -23.45
CA ASN C 129 -48.02 80.90 -24.10
C ASN C 129 -48.13 82.19 -24.89
N GLU C 130 -49.26 82.40 -25.59
CA GLU C 130 -49.49 83.64 -26.30
C GLU C 130 -49.53 84.87 -25.39
N ILE C 131 -50.47 84.91 -24.45
CA ILE C 131 -50.67 86.11 -23.66
C ILE C 131 -49.54 86.31 -22.65
N ILE C 132 -48.98 85.20 -22.15
CA ILE C 132 -47.98 85.25 -21.10
C ILE C 132 -46.64 84.92 -21.74
N ASN C 133 -46.52 85.21 -23.03
CA ASN C 133 -45.23 85.47 -23.65
C ASN C 133 -45.26 86.75 -24.47
N LEU C 134 -46.42 87.39 -24.62
CA LEU C 134 -46.46 88.76 -25.10
C LEU C 134 -45.82 89.72 -24.11
N ILE C 135 -45.80 89.35 -22.83
CA ILE C 135 -45.36 90.26 -21.78
C ILE C 135 -43.94 89.85 -21.40
N ASN C 136 -43.24 89.23 -22.36
CA ASN C 136 -41.79 89.14 -22.26
C ASN C 136 -41.14 90.51 -22.29
N GLN C 137 -41.79 91.48 -22.94
CA GLN C 137 -41.24 92.83 -23.07
C GLN C 137 -41.26 93.54 -21.74
N MET C 138 -40.08 93.75 -21.17
CA MET C 138 -39.91 94.70 -20.10
C MET C 138 -38.47 95.17 -20.21
N PRO C 139 -38.22 96.34 -20.78
CA PRO C 139 -36.87 96.89 -20.77
C PRO C 139 -36.50 97.45 -19.40
N ILE C 140 -35.21 97.70 -19.19
CA ILE C 140 -34.71 98.18 -17.90
C ILE C 140 -35.19 99.60 -17.57
N THR C 141 -35.58 100.38 -18.60
CA THR C 141 -35.99 101.77 -18.40
C THR C 141 -37.27 101.84 -17.57
N LEU C 142 -38.26 101.04 -17.92
CA LEU C 142 -39.44 100.93 -17.08
C LEU C 142 -39.14 100.12 -15.82
N ARG C 143 -38.19 99.20 -15.91
CA ARG C 143 -37.92 98.26 -14.83
C ARG C 143 -37.09 98.91 -13.71
N VAL C 144 -36.67 100.17 -13.87
CA VAL C 144 -36.04 100.89 -12.78
C VAL C 144 -36.97 101.94 -12.16
N LYS C 145 -38.10 102.26 -12.80
CA LYS C 145 -38.87 103.42 -12.38
C LYS C 145 -40.37 103.21 -12.24
N THR C 146 -40.97 102.21 -12.90
CA THR C 146 -42.42 102.24 -13.06
C THR C 146 -43.12 101.75 -11.80
N LEU C 147 -42.55 100.73 -11.14
CA LEU C 147 -43.12 100.04 -9.98
C LEU C 147 -44.52 99.52 -10.31
N LEU C 148 -44.52 98.53 -11.21
CA LEU C 148 -45.66 97.98 -11.94
C LEU C 148 -46.90 97.66 -11.11
N GLY C 149 -46.71 97.37 -9.81
CA GLY C 149 -47.82 97.20 -8.89
C GLY C 149 -48.72 98.41 -8.73
N ASP C 150 -48.24 99.59 -9.15
CA ASP C 150 -49.08 100.77 -9.22
C ASP C 150 -50.21 100.60 -10.24
N ILE C 151 -49.87 100.19 -11.46
CA ILE C 151 -50.82 100.19 -12.55
C ILE C 151 -51.47 98.82 -12.72
N THR C 152 -51.30 97.96 -11.71
CA THR C 152 -52.04 96.70 -11.67
C THR C 152 -53.51 96.95 -11.39
N VAL C 168 -55.70 98.53 -19.23
CA VAL C 168 -55.75 97.75 -20.46
C VAL C 168 -55.42 96.29 -20.15
N ALA C 169 -54.19 96.07 -19.70
CA ALA C 169 -53.74 94.72 -19.40
C ALA C 169 -54.30 94.19 -18.09
N SER C 170 -54.84 95.07 -17.24
CA SER C 170 -55.46 94.64 -16.00
C SER C 170 -56.72 93.81 -16.27
N ALA C 171 -57.51 94.23 -17.26
CA ALA C 171 -58.63 93.40 -17.70
C ALA C 171 -58.13 92.17 -18.44
N LEU C 172 -56.96 92.26 -19.06
CA LEU C 172 -56.37 91.08 -19.70
C LEU C 172 -55.86 90.09 -18.67
N LYS C 173 -55.39 90.59 -17.52
CA LYS C 173 -55.05 89.70 -16.41
C LYS C 173 -56.29 89.08 -15.79
N ASP C 174 -57.45 89.75 -15.90
CA ASP C 174 -58.69 89.15 -15.44
C ASP C 174 -59.08 87.97 -16.30
N ILE C 175 -58.78 88.03 -17.59
CA ILE C 175 -58.93 86.87 -18.47
C ILE C 175 -58.03 85.74 -18.00
N LEU C 176 -56.81 86.08 -17.58
CA LEU C 176 -55.89 85.08 -17.07
C LEU C 176 -56.37 84.48 -15.76
N ASP C 177 -57.06 85.26 -14.93
CA ASP C 177 -57.61 84.71 -13.69
C ASP C 177 -58.84 83.86 -13.96
N ASP C 178 -59.60 84.18 -15.00
CA ASP C 178 -60.69 83.31 -15.43
C ASP C 178 -60.14 81.98 -15.94
N MET C 179 -59.06 82.03 -16.70
CA MET C 179 -58.39 80.82 -17.13
C MET C 179 -57.75 80.09 -15.95
N LYS C 180 -57.36 80.82 -14.90
CA LYS C 180 -56.85 80.21 -13.67
C LYS C 180 -57.95 79.40 -12.97
N GLY C 181 -59.15 79.98 -12.88
CA GLY C 181 -60.28 79.23 -12.34
C GLY C 181 -60.65 78.04 -13.21
N ASP C 182 -60.51 78.19 -14.53
CA ASP C 182 -60.73 77.07 -15.42
C ASP C 182 -59.67 75.99 -15.21
N ILE C 183 -58.43 76.39 -14.94
CA ILE C 183 -57.36 75.46 -14.58
C ILE C 183 -57.66 74.74 -13.29
N ASN C 184 -58.26 75.43 -12.33
CA ASN C 184 -58.71 74.78 -11.09
C ASN C 184 -59.81 73.78 -11.37
N ARG C 185 -60.66 74.09 -12.35
CA ARG C 185 -61.66 73.12 -12.79
C ARG C 185 -61.00 71.92 -13.47
N HIS C 186 -59.93 72.15 -14.23
CA HIS C 186 -59.18 71.07 -14.83
C HIS C 186 -58.53 70.20 -13.77
N GLN C 187 -58.06 70.83 -12.69
CA GLN C 187 -57.55 70.11 -11.53
C GLN C 187 -58.62 69.21 -10.93
N THR C 188 -59.83 69.75 -10.81
CA THR C 188 -60.96 69.00 -10.27
C THR C 188 -61.26 67.77 -11.11
N THR C 189 -61.36 67.96 -12.42
CA THR C 189 -61.64 66.86 -13.33
C THR C 189 -60.51 65.83 -13.35
N THR C 190 -59.27 66.32 -13.35
CA THR C 190 -58.11 65.42 -13.42
C THR C 190 -57.97 64.63 -12.14
N GLU C 191 -58.27 65.26 -11.01
CA GLU C 191 -58.25 64.56 -9.73
C GLU C 191 -59.38 63.54 -9.66
N ASN C 192 -60.54 63.85 -10.25
CA ASN C 192 -61.64 62.88 -10.30
C ASN C 192 -61.24 61.67 -11.11
N VAL C 193 -60.59 61.89 -12.25
CA VAL C 193 -60.22 60.77 -13.10
C VAL C 193 -59.05 59.99 -12.49
N ARG C 194 -58.13 60.68 -11.83
CA ARG C 194 -57.06 60.00 -11.11
C ARG C 194 -57.64 59.18 -9.96
N LYS C 195 -58.67 59.71 -9.30
CA LYS C 195 -59.41 58.96 -8.30
C LYS C 195 -60.01 57.70 -8.90
N LYS C 196 -60.62 57.81 -10.08
CA LYS C 196 -61.19 56.65 -10.76
C LYS C 196 -60.12 55.60 -11.06
N VAL C 197 -58.97 56.06 -11.58
CA VAL C 197 -57.89 55.16 -11.97
C VAL C 197 -57.30 54.48 -10.75
N SER C 198 -56.98 55.27 -9.72
CA SER C 198 -56.34 54.71 -8.54
C SER C 198 -57.28 53.82 -7.77
N ASP C 199 -58.56 54.18 -7.70
CA ASP C 199 -59.54 53.31 -7.06
C ASP C 199 -59.76 52.04 -7.86
N TYR C 200 -59.67 52.12 -9.18
CA TYR C 200 -59.73 50.91 -9.98
C TYR C 200 -58.50 50.03 -9.74
N ARG C 201 -57.36 50.67 -9.52
CA ARG C 201 -56.15 49.93 -9.22
C ARG C 201 -56.23 49.24 -7.87
N ILE C 202 -56.72 49.95 -6.86
CA ILE C 202 -56.93 49.37 -5.53
C ILE C 202 -58.01 48.30 -5.60
N THR C 203 -58.99 48.47 -6.49
CA THR C 203 -59.98 47.43 -6.75
C THR C 203 -59.32 46.19 -7.34
N LEU C 204 -58.25 46.39 -8.11
CA LEU C 204 -57.45 45.25 -8.53
C LEU C 204 -56.47 44.85 -7.44
N THR C 205 -55.70 45.81 -6.92
CA THR C 205 -54.58 45.50 -6.04
C THR C 205 -54.98 45.37 -4.57
N GLY C 206 -55.57 46.40 -3.99
CA GLY C 206 -55.94 46.28 -2.59
C GLY C 206 -55.59 47.47 -1.73
N GLY C 207 -56.43 47.75 -0.74
CA GLY C 207 -56.22 48.83 0.18
C GLY C 207 -57.49 49.63 0.38
N GLU C 208 -57.35 50.77 1.04
CA GLU C 208 -58.49 51.63 1.27
C GLU C 208 -58.71 52.52 0.06
N LEU C 209 -59.95 52.54 -0.43
CA LEU C 209 -60.30 53.46 -1.50
C LEU C 209 -60.29 54.88 -1.00
N SER C 210 -60.06 55.82 -1.91
CA SER C 210 -60.21 57.24 -1.60
C SER C 210 -61.66 57.60 -1.28
N SER C 211 -62.62 56.84 -1.79
CA SER C 211 -64.00 56.94 -1.34
C SER C 211 -64.18 56.48 0.09
N GLY C 212 -63.26 55.67 0.63
CA GLY C 212 -63.34 55.25 2.01
C GLY C 212 -63.77 53.81 2.18
N ASP C 213 -63.25 52.92 1.34
CA ASP C 213 -63.56 51.50 1.43
C ASP C 213 -62.27 50.70 1.41
N LYS C 214 -62.02 49.97 2.49
CA LYS C 214 -60.84 49.11 2.58
C LYS C 214 -61.12 47.82 1.85
N VAL C 215 -61.06 47.86 0.52
CA VAL C 215 -61.26 46.68 -0.29
C VAL C 215 -59.98 45.87 -0.26
N ASN C 216 -60.08 44.60 -0.67
CA ASN C 216 -58.94 43.71 -0.62
C ASN C 216 -58.20 43.65 -1.95
N GLY C 217 -58.82 44.13 -3.03
CA GLY C 217 -58.21 44.01 -4.34
C GLY C 217 -58.47 42.66 -4.95
N LEU C 218 -58.92 42.64 -6.21
CA LEU C 218 -59.32 41.37 -6.80
C LEU C 218 -58.13 40.52 -7.20
N GLU C 219 -57.01 41.14 -7.54
CA GLU C 219 -55.83 40.36 -7.93
C GLU C 219 -55.27 39.48 -6.80
N PRO C 220 -55.13 39.94 -5.54
CA PRO C 220 -54.70 38.97 -4.52
C PRO C 220 -55.76 37.95 -4.18
N GLN C 221 -57.04 38.25 -4.39
CA GLN C 221 -58.06 37.24 -4.18
C GLN C 221 -57.98 36.14 -5.23
N VAL C 222 -57.77 36.55 -6.48
CA VAL C 222 -57.54 35.61 -7.56
C VAL C 222 -56.24 34.86 -7.34
N LYS C 223 -55.23 35.54 -6.80
CA LYS C 223 -53.97 34.90 -6.49
C LYS C 223 -54.14 33.88 -5.37
N THR C 224 -54.99 34.18 -4.41
CA THR C 224 -55.26 33.26 -3.31
C THR C 224 -56.01 32.04 -3.79
N LYS C 225 -57.01 32.24 -4.64
CA LYS C 225 -57.72 31.10 -5.21
C LYS C 225 -56.85 30.34 -6.20
N TYR C 226 -55.87 31.00 -6.80
CA TYR C 226 -54.85 30.30 -7.58
C TYR C 226 -53.96 29.47 -6.69
N ASP C 227 -53.68 29.97 -5.49
CA ASP C 227 -52.90 29.19 -4.53
C ASP C 227 -53.70 28.00 -4.04
N LEU C 228 -55.03 28.16 -3.95
CA LEU C 228 -55.91 27.03 -3.70
C LEU C 228 -55.81 26.02 -4.83
N MET C 229 -56.06 26.46 -6.04
CA MET C 229 -55.96 25.57 -7.21
C MET C 229 -54.52 25.12 -7.52
N GLU C 230 -53.53 25.61 -6.79
CA GLU C 230 -52.19 25.06 -6.79
C GLU C 230 -52.00 24.01 -5.71
N LYS C 231 -52.50 24.25 -4.50
CA LYS C 231 -52.29 23.36 -3.37
C LYS C 231 -53.56 22.76 -2.82
N SER C 232 -54.58 23.57 -2.53
CA SER C 232 -55.86 23.07 -2.06
C SER C 232 -56.69 22.49 -3.19
N ASN C 233 -56.18 22.54 -4.43
CA ASN C 233 -56.68 21.69 -5.50
C ASN C 233 -56.63 20.22 -5.14
N MET C 234 -55.61 19.83 -4.37
CA MET C 234 -55.48 18.53 -3.74
C MET C 234 -55.38 17.40 -4.74
N ARG C 235 -54.49 17.58 -5.74
CA ARG C 235 -54.11 16.50 -6.64
C ARG C 235 -53.46 15.35 -5.87
N LYS C 236 -52.75 15.66 -4.79
CA LYS C 236 -52.25 14.62 -3.90
C LYS C 236 -53.41 13.86 -3.25
N SER C 237 -54.50 14.54 -2.94
CA SER C 237 -55.67 13.84 -2.44
C SER C 237 -56.36 13.05 -3.53
N ILE C 238 -56.27 13.49 -4.79
CA ILE C 238 -56.75 12.67 -5.90
C ILE C 238 -55.93 11.38 -5.98
N LYS C 239 -54.60 11.50 -5.80
CA LYS C 239 -53.72 10.34 -5.75
C LYS C 239 -54.09 9.40 -4.61
N GLU C 240 -54.27 9.97 -3.42
CA GLU C 240 -54.57 9.18 -2.24
C GLU C 240 -55.97 8.59 -2.27
N LEU C 241 -56.91 9.27 -2.92
CA LEU C 241 -58.23 8.70 -3.07
C LEU C 241 -58.28 7.63 -4.15
N ASP C 242 -57.45 7.74 -5.18
CA ASP C 242 -57.31 6.62 -6.11
C ASP C 242 -56.62 5.44 -5.43
N GLU C 243 -55.70 5.74 -4.52
CA GLU C 243 -55.11 4.70 -3.69
C GLU C 243 -56.15 4.07 -2.78
N LYS C 244 -57.07 4.89 -2.27
CA LYS C 244 -58.19 4.37 -1.48
C LYS C 244 -59.08 3.48 -2.32
N ILE C 245 -59.33 3.88 -3.58
CA ILE C 245 -60.11 3.08 -4.52
C ILE C 245 -59.43 1.72 -4.74
N LYS C 246 -58.14 1.73 -5.03
CA LYS C 246 -57.48 0.47 -5.36
C LYS C 246 -57.30 -0.41 -4.13
N GLU C 247 -57.21 0.18 -2.93
CA GLU C 247 -57.11 -0.63 -1.72
C GLU C 247 -58.45 -1.28 -1.40
N LYS C 248 -59.54 -0.49 -1.45
CA LYS C 248 -60.86 -1.05 -1.23
C LYS C 248 -61.23 -2.04 -2.31
N ARG C 249 -60.82 -1.76 -3.56
CA ARG C 249 -61.11 -2.66 -4.67
C ARG C 249 -60.32 -3.95 -4.54
N GLN C 250 -59.07 -3.86 -4.09
CA GLN C 250 -58.27 -5.05 -3.85
C GLN C 250 -58.88 -5.90 -2.74
N ARG C 251 -59.33 -5.25 -1.67
CA ARG C 251 -59.96 -5.97 -0.56
C ARG C 251 -61.25 -6.65 -1.02
N ILE C 252 -62.07 -5.94 -1.78
CA ILE C 252 -63.35 -6.55 -2.17
C ILE C 252 -63.18 -7.55 -3.29
N GLU C 253 -62.11 -7.49 -4.08
CA GLU C 253 -61.89 -8.56 -5.05
C GLU C 253 -61.27 -9.78 -4.40
N GLN C 254 -60.48 -9.59 -3.34
CA GLN C 254 -60.16 -10.69 -2.45
C GLN C 254 -61.44 -11.30 -1.89
N LEU C 255 -62.39 -10.45 -1.53
CA LEU C 255 -63.69 -10.93 -1.07
C LEU C 255 -64.46 -11.63 -2.17
N LYS C 256 -64.28 -11.22 -3.43
CA LYS C 256 -64.91 -11.91 -4.56
C LYS C 256 -64.38 -13.32 -4.70
N LYS C 257 -63.06 -13.48 -4.70
CA LYS C 257 -62.44 -14.79 -4.82
C LYS C 257 -62.77 -15.67 -3.63
N ASP C 258 -62.71 -15.07 -2.43
CA ASP C 258 -63.17 -15.72 -1.22
C ASP C 258 -64.62 -16.14 -1.34
N TYR C 259 -65.48 -15.30 -1.93
CA TYR C 259 -66.89 -15.60 -2.02
C TYR C 259 -67.17 -16.75 -2.98
N ASP C 260 -66.41 -16.83 -4.08
CA ASP C 260 -66.55 -17.98 -4.97
C ASP C 260 -66.14 -19.26 -4.24
N LYS C 261 -65.07 -19.18 -3.44
CA LYS C 261 -64.71 -20.33 -2.63
C LYS C 261 -65.74 -20.58 -1.52
N PHE C 262 -66.41 -19.53 -1.05
CA PHE C 262 -67.45 -19.65 -0.02
C PHE C 262 -68.64 -20.42 -0.55
N VAL C 263 -69.10 -20.06 -1.74
CA VAL C 263 -70.26 -20.77 -2.29
C VAL C 263 -69.87 -22.18 -2.70
N GLY C 264 -68.62 -22.39 -3.13
CA GLY C 264 -68.16 -23.75 -3.40
C GLY C 264 -68.19 -24.63 -2.17
N LEU C 265 -67.59 -24.16 -1.07
CA LEU C 265 -67.56 -24.96 0.15
C LEU C 265 -68.93 -25.08 0.80
N SER C 266 -69.77 -24.05 0.71
CA SER C 266 -71.11 -24.14 1.25
C SER C 266 -71.95 -25.14 0.47
N PHE C 267 -71.72 -25.24 -0.84
CA PHE C 267 -72.49 -26.20 -1.61
C PHE C 267 -71.99 -27.62 -1.38
N THR C 268 -70.69 -27.78 -1.10
CA THR C 268 -70.19 -29.11 -0.71
C THR C 268 -70.75 -29.51 0.65
N GLY C 269 -70.78 -28.58 1.60
CA GLY C 269 -71.43 -28.84 2.87
C GLY C 269 -72.92 -29.05 2.75
N ALA C 270 -73.53 -28.54 1.68
CA ALA C 270 -74.93 -28.84 1.41
C ALA C 270 -75.09 -30.27 0.97
N ILE C 271 -74.48 -30.63 -0.16
CA ILE C 271 -74.91 -31.81 -0.93
C ILE C 271 -74.53 -33.15 -0.30
N GLY C 272 -73.92 -33.13 0.88
CA GLY C 272 -73.58 -34.35 1.57
C GLY C 272 -74.76 -35.20 2.01
N GLY C 273 -75.53 -34.71 2.98
CA GLY C 273 -76.62 -35.48 3.51
C GLY C 273 -77.76 -34.58 3.96
N ILE C 274 -78.66 -35.17 4.75
CA ILE C 274 -79.91 -34.49 5.12
C ILE C 274 -79.62 -33.32 6.06
N ILE C 275 -79.03 -33.63 7.23
CA ILE C 275 -78.70 -32.57 8.17
C ILE C 275 -77.56 -31.70 7.67
N ALA C 276 -76.75 -32.20 6.74
CA ALA C 276 -75.72 -31.38 6.10
C ALA C 276 -76.35 -30.27 5.27
N MET C 277 -77.27 -30.65 4.37
CA MET C 277 -78.16 -29.71 3.69
C MET C 277 -78.79 -28.73 4.65
N ALA C 278 -79.32 -29.25 5.77
CA ALA C 278 -80.02 -28.42 6.76
C ALA C 278 -79.12 -27.34 7.34
N ILE C 279 -78.00 -27.73 7.96
CA ILE C 279 -77.19 -26.76 8.68
C ILE C 279 -76.46 -25.82 7.71
N THR C 280 -75.97 -26.34 6.58
CA THR C 280 -75.16 -25.50 5.72
C THR C 280 -76.02 -24.60 4.85
N GLY C 281 -77.14 -25.11 4.31
CA GLY C 281 -78.05 -24.24 3.61
C GLY C 281 -78.79 -23.26 4.50
N GLY C 282 -78.91 -23.57 5.80
CA GLY C 282 -79.44 -22.59 6.72
C GLY C 282 -78.45 -21.48 6.96
N ILE C 283 -77.21 -21.83 7.27
CA ILE C 283 -76.23 -20.80 7.63
C ILE C 283 -75.70 -20.12 6.38
N PHE C 284 -74.98 -20.86 5.56
CA PHE C 284 -74.26 -20.23 4.47
C PHE C 284 -75.08 -20.11 3.21
N GLY C 285 -76.21 -20.82 3.12
CA GLY C 285 -77.18 -20.51 2.08
C GLY C 285 -77.71 -19.10 2.23
N ALA C 286 -77.90 -18.64 3.47
CA ALA C 286 -78.26 -17.26 3.70
C ALA C 286 -77.05 -16.34 3.64
N LYS C 287 -75.92 -16.79 4.19
CA LYS C 287 -74.72 -15.95 4.23
C LYS C 287 -74.14 -15.68 2.85
N ALA C 288 -74.35 -16.60 1.91
CA ALA C 288 -73.89 -16.37 0.54
C ALA C 288 -74.64 -15.20 -0.08
N GLU C 289 -75.97 -15.21 0.05
CA GLU C 289 -76.78 -14.11 -0.47
C GLU C 289 -76.48 -12.81 0.26
N ASN C 290 -76.29 -12.87 1.58
CA ASN C 290 -76.09 -11.66 2.37
C ASN C 290 -74.74 -11.04 2.09
N ALA C 291 -73.67 -11.85 2.17
CA ALA C 291 -72.34 -11.37 1.87
C ALA C 291 -72.19 -10.99 0.42
N ARG C 292 -72.94 -11.64 -0.48
CA ARG C 292 -72.89 -11.28 -1.89
C ARG C 292 -73.54 -9.93 -2.14
N LYS C 293 -74.69 -9.68 -1.51
CA LYS C 293 -75.35 -8.40 -1.70
C LYS C 293 -74.56 -7.27 -1.07
N GLU C 294 -74.00 -7.51 0.12
CA GLU C 294 -73.12 -6.53 0.76
C GLU C 294 -71.87 -6.29 -0.08
N LYS C 295 -71.32 -7.36 -0.63
CA LYS C 295 -70.13 -7.29 -1.46
C LYS C 295 -70.39 -6.53 -2.75
N ASN C 296 -71.56 -6.74 -3.36
CA ASN C 296 -71.88 -6.02 -4.58
C ASN C 296 -72.26 -4.58 -4.28
N ALA C 297 -72.76 -4.31 -3.08
CA ALA C 297 -72.89 -2.93 -2.64
C ALA C 297 -71.53 -2.27 -2.52
N LEU C 298 -70.53 -3.01 -2.04
CA LEU C 298 -69.16 -2.50 -1.99
C LEU C 298 -68.60 -2.28 -3.39
N ILE C 299 -68.93 -3.21 -4.31
CA ILE C 299 -68.60 -3.04 -5.73
C ILE C 299 -69.15 -1.73 -6.26
N SER C 300 -70.43 -1.47 -5.95
CA SER C 300 -71.08 -0.24 -6.38
C SER C 300 -70.45 0.99 -5.76
N GLU C 301 -70.04 0.88 -4.48
CA GLU C 301 -69.43 2.01 -3.80
C GLU C 301 -68.07 2.36 -4.40
N VAL C 302 -67.24 1.35 -4.66
CA VAL C 302 -65.93 1.63 -5.23
C VAL C 302 -66.09 2.07 -6.69
N ALA C 303 -67.11 1.56 -7.38
CA ALA C 303 -67.42 2.03 -8.72
C ALA C 303 -67.89 3.48 -8.72
N GLU C 304 -68.59 3.90 -7.66
CA GLU C 304 -68.98 5.30 -7.55
C GLU C 304 -67.81 6.19 -7.17
N LEU C 305 -66.88 5.66 -6.39
CA LEU C 305 -65.66 6.42 -6.10
C LEU C 305 -64.83 6.60 -7.35
N GLU C 306 -64.78 5.57 -8.20
CA GLU C 306 -64.23 5.73 -9.54
C GLU C 306 -65.01 6.76 -10.32
N SER C 307 -66.33 6.69 -10.26
CA SER C 307 -67.22 7.68 -10.84
C SER C 307 -67.16 9.01 -10.11
N LYS C 308 -66.67 9.04 -8.89
CA LYS C 308 -66.44 10.36 -8.32
C LYS C 308 -65.01 10.82 -8.52
N VAL C 309 -64.04 10.15 -7.91
CA VAL C 309 -62.70 10.74 -7.82
C VAL C 309 -61.73 10.17 -8.84
N SER C 310 -61.92 8.98 -9.38
CA SER C 310 -61.22 8.67 -10.63
C SER C 310 -61.83 9.43 -11.79
N SER C 311 -63.09 9.85 -11.67
CA SER C 311 -63.61 10.88 -12.57
C SER C 311 -63.08 12.26 -12.17
N GLN C 312 -62.81 12.47 -10.90
CA GLN C 312 -62.15 13.72 -10.56
C GLN C 312 -60.67 13.71 -10.83
N ARG C 313 -60.10 12.63 -11.37
CA ARG C 313 -58.83 12.73 -12.06
C ARG C 313 -58.94 13.69 -13.24
N ALA C 314 -59.92 13.44 -14.12
CA ALA C 314 -60.12 14.31 -15.26
C ALA C 314 -60.72 15.65 -14.85
N LEU C 315 -61.58 15.66 -13.83
CA LEU C 315 -62.09 16.93 -13.31
C LEU C 315 -60.98 17.74 -12.68
N GLN C 316 -60.04 17.07 -12.00
CA GLN C 316 -58.85 17.71 -11.46
C GLN C 316 -57.98 18.27 -12.58
N THR C 317 -57.89 17.54 -13.68
CA THR C 317 -57.13 18.02 -14.83
C THR C 317 -57.78 19.26 -15.44
N ALA C 318 -59.12 19.28 -15.47
CA ALA C 318 -59.84 20.47 -15.91
C ALA C 318 -59.61 21.63 -14.95
N LEU C 319 -59.54 21.33 -13.65
CA LEU C 319 -59.19 22.35 -12.67
C LEU C 319 -57.77 22.84 -12.85
N GLU C 320 -56.88 21.96 -13.29
CA GLU C 320 -55.50 22.36 -13.55
C GLU C 320 -55.41 23.26 -14.77
N ALA C 321 -56.19 22.97 -15.80
CA ALA C 321 -56.28 23.87 -16.94
C ALA C 321 -56.93 25.19 -16.55
N LEU C 322 -57.88 25.13 -15.63
CA LEU C 322 -58.52 26.35 -15.14
C LEU C 322 -57.54 27.17 -14.32
N SER C 323 -56.69 26.51 -13.55
CA SER C 323 -55.65 27.19 -12.79
C SER C 323 -54.59 27.75 -13.73
N LEU C 324 -54.33 27.08 -14.84
CA LEU C 324 -53.50 27.63 -15.90
C LEU C 324 -54.10 28.92 -16.45
N SER C 325 -55.41 28.89 -16.73
CA SER C 325 -56.10 30.08 -17.22
C SER C 325 -56.07 31.19 -16.19
N PHE C 326 -56.20 30.83 -14.92
CA PHE C 326 -56.17 31.82 -13.85
C PHE C 326 -54.77 32.40 -13.69
N SER C 327 -53.76 31.57 -13.91
CA SER C 327 -52.39 32.06 -13.87
C SER C 327 -52.13 33.04 -15.00
N ASP C 328 -52.70 32.75 -16.17
CA ASP C 328 -52.64 33.68 -17.28
C ASP C 328 -53.31 35.01 -16.94
N ILE C 329 -54.52 34.93 -16.39
CA ILE C 329 -55.27 36.12 -15.99
C ILE C 329 -54.51 36.92 -14.94
N GLY C 330 -53.85 36.23 -14.03
CA GLY C 330 -53.06 36.92 -13.02
C GLY C 330 -51.81 37.57 -13.57
N ILE C 331 -51.18 36.93 -14.56
CA ILE C 331 -50.06 37.55 -15.26
C ILE C 331 -50.51 38.85 -15.93
N ARG C 332 -51.66 38.81 -16.59
CA ARG C 332 -52.13 40.01 -17.26
C ARG C 332 -52.63 41.04 -16.26
N MET C 333 -53.03 40.60 -15.07
CA MET C 333 -53.33 41.55 -14.00
C MET C 333 -52.07 42.23 -13.49
N VAL C 334 -50.96 41.49 -13.43
CA VAL C 334 -49.68 42.10 -13.07
C VAL C 334 -49.25 43.11 -14.14
N ASP C 335 -49.53 42.77 -15.41
CA ASP C 335 -49.26 43.69 -16.50
C ASP C 335 -50.09 44.96 -16.37
N ALA C 336 -51.38 44.80 -16.06
CA ALA C 336 -52.24 45.94 -15.81
C ALA C 336 -51.83 46.70 -14.56
N GLU C 337 -51.22 46.00 -13.61
CA GLU C 337 -50.74 46.66 -12.40
C GLU C 337 -49.58 47.58 -12.70
N SER C 338 -48.62 47.11 -13.50
CA SER C 338 -47.55 48.00 -13.95
C SER C 338 -48.08 49.11 -14.85
N ALA C 339 -49.11 48.80 -15.63
CA ALA C 339 -49.76 49.81 -16.47
C ALA C 339 -50.34 50.93 -15.62
N LEU C 340 -51.11 50.57 -14.60
CA LEU C 340 -51.67 51.55 -13.69
C LEU C 340 -50.61 52.20 -12.83
N ASN C 341 -49.48 51.54 -12.60
CA ASN C 341 -48.36 52.15 -11.91
C ASN C 341 -47.81 53.34 -12.69
N HIS C 342 -47.40 53.09 -13.93
CA HIS C 342 -46.88 54.16 -14.78
C HIS C 342 -47.95 55.20 -15.06
N LEU C 343 -49.19 54.74 -15.23
CA LEU C 343 -50.31 55.63 -15.54
C LEU C 343 -50.60 56.56 -14.37
N ASP C 344 -50.78 56.01 -13.18
CA ASP C 344 -51.14 56.80 -12.02
C ASP C 344 -49.97 57.68 -11.60
N PHE C 345 -48.73 57.27 -11.86
CA PHE C 345 -47.62 58.17 -11.60
C PHE C 345 -47.62 59.35 -12.55
N MET C 346 -48.01 59.11 -13.82
CA MET C 346 -48.24 60.22 -14.73
C MET C 346 -49.33 61.15 -14.23
N TRP C 347 -50.45 60.59 -13.78
CA TRP C 347 -51.56 61.40 -13.29
C TRP C 347 -51.16 62.22 -12.08
N LEU C 348 -50.35 61.60 -11.20
CA LEU C 348 -49.80 62.33 -10.08
C LEU C 348 -48.90 63.47 -10.54
N SER C 349 -48.09 63.23 -11.57
CA SER C 349 -47.23 64.29 -12.10
C SER C 349 -48.06 65.44 -12.68
N VAL C 350 -49.18 65.10 -13.31
CA VAL C 350 -50.10 66.10 -13.85
C VAL C 350 -50.64 66.97 -12.72
N LEU C 351 -51.20 66.33 -11.70
CA LEU C 351 -51.75 67.05 -10.56
C LEU C 351 -50.69 67.81 -9.80
N ASN C 352 -49.46 67.28 -9.77
CA ASN C 352 -48.31 67.97 -9.21
C ASN C 352 -48.09 69.30 -9.89
N GLN C 353 -47.96 69.28 -11.21
CA GLN C 353 -47.66 70.50 -11.94
C GLN C 353 -48.82 71.48 -11.90
N ILE C 354 -50.05 70.97 -11.77
CA ILE C 354 -51.20 71.84 -11.54
C ILE C 354 -51.05 72.57 -10.20
N THR C 355 -50.69 71.85 -9.15
CA THR C 355 -50.49 72.47 -7.84
C THR C 355 -49.30 73.42 -7.85
N GLU C 356 -48.26 73.08 -8.60
CA GLU C 356 -47.11 73.96 -8.82
C GLU C 356 -47.55 75.29 -9.39
N SER C 357 -48.45 75.25 -10.37
CA SER C 357 -49.01 76.48 -10.89
C SER C 357 -49.86 77.19 -9.84
N GLN C 358 -50.71 76.45 -9.13
CA GLN C 358 -51.75 77.07 -8.31
C GLN C 358 -51.22 77.74 -7.05
N ILE C 359 -50.13 77.21 -6.47
CA ILE C 359 -49.51 77.83 -5.31
C ILE C 359 -49.02 79.23 -5.66
N GLN C 360 -48.33 79.34 -6.78
CA GLN C 360 -47.86 80.64 -7.25
C GLN C 360 -48.98 81.48 -7.84
N PHE C 361 -50.10 80.85 -8.22
CA PHE C 361 -51.27 81.59 -8.62
C PHE C 361 -51.93 82.25 -7.42
N ALA C 362 -51.83 81.61 -6.25
CA ALA C 362 -52.31 82.22 -5.03
C ALA C 362 -51.48 83.43 -4.63
N MET C 363 -50.23 83.49 -5.06
CA MET C 363 -49.36 84.62 -4.78
C MET C 363 -49.74 85.88 -5.55
N ILE C 364 -50.60 85.76 -6.56
CA ILE C 364 -50.91 86.87 -7.46
C ILE C 364 -51.82 87.86 -6.75
N ASN C 365 -51.42 89.14 -6.77
CA ASN C 365 -52.16 90.21 -6.11
C ASN C 365 -52.11 91.46 -7.00
N ASN C 366 -52.44 92.61 -6.42
CA ASN C 366 -52.26 93.88 -7.10
C ASN C 366 -50.92 94.52 -6.79
N ALA C 367 -50.07 93.84 -6.03
CA ALA C 367 -48.72 94.31 -5.73
C ALA C 367 -47.70 93.66 -6.64
N LEU C 368 -48.06 93.48 -7.91
CA LEU C 368 -47.16 92.87 -8.89
C LEU C 368 -46.25 93.95 -9.46
N ARG C 369 -45.09 94.12 -8.85
CA ARG C 369 -44.14 95.17 -9.22
C ARG C 369 -43.35 94.74 -10.45
N LEU C 370 -42.26 95.45 -10.74
CA LEU C 370 -41.51 95.26 -11.97
C LEU C 370 -40.86 93.88 -12.06
N THR C 371 -39.83 93.63 -11.27
CA THR C 371 -39.21 92.32 -11.33
C THR C 371 -39.95 91.31 -10.49
N SER C 372 -40.77 91.78 -9.55
CA SER C 372 -41.70 90.89 -8.86
C SER C 372 -42.67 90.27 -9.85
N PHE C 373 -43.16 91.06 -10.80
CA PHE C 373 -44.05 90.50 -11.80
C PHE C 373 -43.27 89.76 -12.88
N VAL C 374 -41.99 90.11 -13.10
CA VAL C 374 -41.14 89.28 -13.96
C VAL C 374 -41.00 87.88 -13.36
N ASN C 375 -40.77 87.81 -12.06
CA ASN C 375 -40.64 86.53 -11.38
C ASN C 375 -41.98 85.81 -11.34
N LYS C 376 -43.08 86.56 -11.19
CA LYS C 376 -44.40 85.96 -11.17
C LYS C 376 -44.80 85.44 -12.53
N PHE C 377 -44.50 86.22 -13.57
CA PHE C 377 -44.57 85.81 -14.97
C PHE C 377 -43.84 84.50 -15.20
N GLN C 378 -42.63 84.37 -14.64
CA GLN C 378 -41.87 83.13 -14.75
C GLN C 378 -42.55 81.99 -13.99
N GLN C 379 -43.06 82.29 -12.79
CA GLN C 379 -43.78 81.30 -11.99
C GLN C 379 -45.01 80.79 -12.71
N VAL C 380 -45.67 81.66 -13.46
CA VAL C 380 -46.79 81.25 -14.29
C VAL C 380 -46.31 80.33 -15.40
N ILE C 381 -45.36 80.80 -16.21
CA ILE C 381 -45.02 80.07 -17.43
C ILE C 381 -44.21 78.81 -17.21
N THR C 382 -43.66 78.61 -16.02
CA THR C 382 -42.75 77.49 -15.84
C THR C 382 -43.41 76.10 -15.82
N PRO C 383 -44.46 75.81 -15.04
CA PRO C 383 -44.95 74.41 -15.02
C PRO C 383 -45.68 74.02 -16.29
N TRP C 384 -46.29 74.98 -16.99
CA TRP C 384 -47.17 74.63 -18.09
C TRP C 384 -46.40 74.16 -19.31
N GLN C 385 -45.11 74.48 -19.38
CA GLN C 385 -44.26 73.88 -20.41
C GLN C 385 -44.18 72.37 -20.24
N SER C 386 -43.88 71.92 -19.02
CA SER C 386 -43.84 70.50 -18.73
C SER C 386 -45.22 69.85 -18.84
N VAL C 387 -46.26 70.61 -18.47
CA VAL C 387 -47.64 70.15 -18.65
C VAL C 387 -47.92 69.84 -20.12
N GLY C 388 -47.59 70.79 -20.99
CA GLY C 388 -47.81 70.60 -22.41
C GLY C 388 -46.95 69.49 -23.00
N ASP C 389 -45.72 69.32 -22.50
CA ASP C 389 -44.85 68.26 -22.97
C ASP C 389 -45.42 66.89 -22.65
N SER C 390 -45.77 66.68 -21.38
CA SER C 390 -46.37 65.42 -20.96
C SER C 390 -47.71 65.19 -21.63
N ALA C 391 -48.45 66.27 -21.90
CA ALA C 391 -49.77 66.15 -22.49
C ALA C 391 -49.67 65.74 -23.96
N ARG C 392 -48.73 66.32 -24.71
CA ARG C 392 -48.59 65.95 -26.11
C ARG C 392 -48.03 64.54 -26.25
N GLN C 393 -47.07 64.17 -25.39
CA GLN C 393 -46.61 62.78 -25.37
C GLN C 393 -47.74 61.83 -25.01
N LEU C 394 -48.63 62.27 -24.14
CA LEU C 394 -49.73 61.43 -23.71
C LEU C 394 -50.77 61.28 -24.82
N VAL C 395 -51.03 62.37 -25.56
CA VAL C 395 -51.89 62.32 -26.74
C VAL C 395 -51.31 61.38 -27.78
N ASP C 396 -49.99 61.36 -27.91
CA ASP C 396 -49.35 60.39 -28.81
C ASP C 396 -49.57 58.96 -28.34
N ILE C 397 -49.47 58.72 -27.03
CA ILE C 397 -49.77 57.41 -26.45
C ILE C 397 -51.20 57.01 -26.75
N PHE C 398 -52.12 57.98 -26.65
CA PHE C 398 -53.52 57.76 -26.98
C PHE C 398 -53.69 57.39 -28.43
N ASP C 399 -52.96 58.08 -29.31
CA ASP C 399 -53.21 57.96 -30.73
C ASP C 399 -52.64 56.66 -31.29
N GLU C 400 -51.45 56.27 -30.85
CA GLU C 400 -50.77 55.15 -31.49
C GLU C 400 -51.39 53.81 -31.13
N ALA C 401 -52.14 53.74 -30.04
CA ALA C 401 -52.76 52.48 -29.65
C ALA C 401 -54.01 52.19 -30.47
N ILE C 402 -54.52 53.21 -31.16
CA ILE C 402 -55.78 53.09 -31.88
C ILE C 402 -55.64 52.14 -33.05
N LYS C 403 -54.52 52.19 -33.75
CA LYS C 403 -54.32 51.31 -34.88
C LYS C 403 -54.01 49.89 -34.47
N GLU C 404 -53.66 49.67 -33.21
CA GLU C 404 -53.24 48.36 -32.73
C GLU C 404 -54.37 47.35 -32.75
N TYR C 405 -55.61 47.83 -32.61
CA TYR C 405 -56.76 46.93 -32.54
C TYR C 405 -57.01 46.26 -33.87
N LYS C 406 -57.06 47.04 -34.95
CA LYS C 406 -57.36 46.49 -36.26
C LYS C 406 -56.21 45.66 -36.78
N LYS C 407 -54.98 45.96 -36.35
CA LYS C 407 -53.84 45.14 -36.74
C LYS C 407 -53.86 43.79 -36.04
N VAL C 408 -54.30 43.76 -34.79
CA VAL C 408 -54.11 42.56 -33.99
C VAL C 408 -55.43 41.90 -33.66
N TYR C 409 -56.35 42.64 -33.04
CA TYR C 409 -57.62 42.08 -32.60
C TYR C 409 -58.50 41.84 -33.83
N LEU D 12 -24.71 63.93 2.06
CA LEU D 12 -23.52 63.10 1.90
C LEU D 12 -23.75 62.03 0.84
N SER D 13 -23.31 60.81 1.13
CA SER D 13 -23.46 59.70 0.21
C SER D 13 -24.93 59.30 0.09
N TYR D 14 -25.29 58.72 -1.05
CA TYR D 14 -26.65 58.25 -1.32
C TYR D 14 -26.57 56.74 -1.52
N PRO D 15 -26.76 55.95 -0.47
CA PRO D 15 -26.66 54.50 -0.61
C PRO D 15 -27.84 53.92 -1.37
N ASP D 16 -27.67 52.69 -1.84
CA ASP D 16 -28.67 52.02 -2.69
C ASP D 16 -29.88 51.68 -1.85
N ILE D 17 -31.06 51.87 -2.44
CA ILE D 17 -32.33 51.57 -1.80
C ILE D 17 -33.07 50.69 -2.82
N ASN D 18 -32.92 49.37 -2.68
CA ASN D 18 -33.33 48.46 -3.75
C ASN D 18 -34.84 48.28 -3.71
N PHE D 19 -35.53 49.01 -4.59
CA PHE D 19 -36.98 48.86 -4.68
C PHE D 19 -37.41 47.57 -5.37
N LYS D 20 -36.49 46.83 -5.97
CA LYS D 20 -36.81 45.48 -6.41
C LYS D 20 -37.13 44.60 -5.22
N ILE D 21 -36.26 44.64 -4.19
CA ILE D 21 -36.50 43.92 -2.95
C ILE D 21 -37.75 44.46 -2.26
N PHE D 22 -37.97 45.77 -2.34
CA PHE D 22 -39.12 46.40 -1.71
C PHE D 22 -40.43 45.94 -2.32
N SER D 23 -40.53 46.03 -3.65
CA SER D 23 -41.74 45.60 -4.34
C SER D 23 -41.92 44.10 -4.24
N GLN D 24 -40.82 43.35 -4.17
CA GLN D 24 -40.89 41.92 -3.92
C GLN D 24 -41.48 41.63 -2.55
N GLY D 25 -41.06 42.38 -1.54
CA GLY D 25 -41.61 42.17 -0.20
C GLY D 25 -43.06 42.58 -0.10
N VAL D 26 -43.44 43.66 -0.79
CA VAL D 26 -44.83 44.07 -0.83
C VAL D 26 -45.69 43.01 -1.50
N LYS D 27 -45.20 42.45 -2.61
CA LYS D 27 -45.89 41.37 -3.30
C LYS D 27 -45.97 40.11 -2.45
N ASN D 28 -44.96 39.87 -1.62
CA ASN D 28 -44.99 38.70 -0.75
C ASN D 28 -45.98 38.89 0.39
N ILE D 29 -46.04 40.11 0.94
CA ILE D 29 -46.97 40.41 2.03
C ILE D 29 -48.39 40.32 1.54
N SER D 30 -48.69 40.99 0.43
CA SER D 30 -50.01 40.88 -0.19
C SER D 30 -50.29 39.48 -0.67
N HIS D 31 -49.24 38.74 -1.04
CA HIS D 31 -49.31 37.35 -1.43
C HIS D 31 -49.58 36.43 -0.26
N LEU D 32 -48.97 36.72 0.89
CA LEU D 32 -49.15 35.85 2.04
C LEU D 32 -50.06 36.45 3.09
N ALA D 33 -50.87 37.44 2.72
CA ALA D 33 -51.77 38.09 3.65
C ALA D 33 -52.83 37.11 4.18
N GLN D 34 -53.69 36.64 3.29
CA GLN D 34 -54.81 35.78 3.71
C GLN D 34 -54.42 34.31 3.67
N PHE D 35 -53.31 33.96 4.31
CA PHE D 35 -52.82 32.60 4.22
C PHE D 35 -53.27 31.73 5.37
N LYS D 36 -52.89 32.08 6.60
CA LYS D 36 -52.96 31.17 7.72
C LYS D 36 -54.35 31.19 8.34
N THR D 37 -55.12 30.13 8.11
CA THR D 37 -56.43 29.96 8.74
C THR D 37 -56.32 28.72 9.63
N THR D 38 -55.82 28.90 10.85
CA THR D 38 -55.51 27.77 11.72
C THR D 38 -56.20 27.85 13.08
N GLY D 39 -56.24 29.02 13.70
CA GLY D 39 -56.82 29.12 15.01
C GLY D 39 -56.18 30.13 15.94
N VAL D 40 -54.94 30.54 15.65
CA VAL D 40 -54.34 31.63 16.40
C VAL D 40 -54.94 32.96 15.95
N GLU D 41 -54.67 33.31 14.68
CA GLU D 41 -55.42 34.24 13.84
C GLU D 41 -55.27 35.70 14.25
N VAL D 42 -54.75 35.95 15.44
CA VAL D 42 -54.44 37.31 15.82
C VAL D 42 -53.06 37.66 15.27
N LEU D 43 -52.23 36.65 15.04
CA LEU D 43 -51.05 36.82 14.22
C LEU D 43 -51.42 37.20 12.80
N GLN D 44 -52.48 36.60 12.27
CA GLN D 44 -52.92 36.98 10.93
C GLN D 44 -53.56 38.36 10.95
N GLU D 45 -54.19 38.73 12.06
CA GLU D 45 -54.72 40.07 12.22
C GLU D 45 -53.60 41.11 12.22
N LYS D 46 -52.50 40.79 12.90
CA LYS D 46 -51.31 41.64 12.86
C LYS D 46 -50.70 41.67 11.48
N ALA D 47 -50.74 40.55 10.75
CA ALA D 47 -50.27 40.54 9.38
C ALA D 47 -51.14 41.40 8.48
N LEU D 48 -52.44 41.44 8.74
CA LEU D 48 -53.33 42.35 8.04
C LEU D 48 -52.98 43.79 8.34
N ARG D 49 -52.64 44.07 9.60
CA ARG D 49 -52.16 45.41 9.96
C ARG D 49 -50.90 45.76 9.20
N VAL D 50 -49.97 44.82 9.12
CA VAL D 50 -48.71 45.02 8.41
C VAL D 50 -48.96 45.26 6.93
N SER D 51 -49.90 44.52 6.35
CA SER D 51 -50.23 44.70 4.94
C SER D 51 -50.89 46.04 4.69
N LEU D 52 -51.76 46.46 5.61
CA LEU D 52 -52.40 47.76 5.51
C LEU D 52 -51.38 48.88 5.56
N TYR D 53 -50.50 48.84 6.55
CA TYR D 53 -49.48 49.87 6.63
C TYR D 53 -48.43 49.73 5.54
N SER D 54 -48.29 48.56 4.94
CA SER D 54 -47.33 48.35 3.88
C SER D 54 -47.82 48.97 2.58
N GLN D 55 -49.07 48.71 2.23
CA GLN D 55 -49.67 49.35 1.07
C GLN D 55 -49.82 50.84 1.29
N ARG D 56 -50.12 51.23 2.53
CA ARG D 56 -50.11 52.63 2.92
C ARG D 56 -48.75 53.25 2.75
N LEU D 57 -47.71 52.50 3.08
CA LEU D 57 -46.33 52.97 2.92
C LEU D 57 -45.99 53.10 1.44
N ASP D 58 -46.53 52.21 0.61
CA ASP D 58 -46.30 52.34 -0.82
C ASP D 58 -46.98 53.60 -1.36
N VAL D 59 -48.18 53.90 -0.86
CA VAL D 59 -48.84 55.16 -1.18
C VAL D 59 -47.99 56.35 -0.75
N ILE D 60 -47.38 56.24 0.43
CA ILE D 60 -46.44 57.25 0.92
C ILE D 60 -45.25 57.38 -0.02
N VAL D 61 -44.76 56.26 -0.55
CA VAL D 61 -43.63 56.28 -1.48
C VAL D 61 -44.01 57.00 -2.76
N ARG D 62 -45.19 56.70 -3.31
CA ARG D 62 -45.62 57.34 -4.54
C ARG D 62 -45.86 58.83 -4.35
N GLU D 63 -46.46 59.20 -3.22
CA GLU D 63 -46.68 60.62 -2.93
C GLU D 63 -45.39 61.34 -2.63
N SER D 64 -44.41 60.62 -2.08
CA SER D 64 -43.08 61.19 -1.86
C SER D 64 -42.42 61.48 -3.19
N LEU D 65 -42.52 60.55 -4.14
CA LEU D 65 -42.02 60.77 -5.49
C LEU D 65 -42.72 61.93 -6.17
N SER D 66 -44.02 62.09 -5.88
CA SER D 66 -44.78 63.20 -6.44
C SER D 66 -44.26 64.53 -5.94
N SER D 67 -44.12 64.66 -4.62
CA SER D 67 -43.60 65.89 -4.02
C SER D 67 -42.14 66.13 -4.41
N LEU D 68 -41.38 65.06 -4.60
CA LEU D 68 -40.00 65.18 -5.07
C LEU D 68 -39.95 65.73 -6.49
N GLN D 69 -40.84 65.29 -7.35
CA GLN D 69 -40.89 65.84 -8.71
C GLN D 69 -41.35 67.29 -8.68
N VAL D 70 -42.29 67.61 -7.78
CA VAL D 70 -42.72 69.00 -7.53
C VAL D 70 -41.52 69.87 -7.21
N LYS D 71 -40.72 69.45 -6.25
CA LYS D 71 -39.64 70.30 -5.78
C LYS D 71 -38.46 70.29 -6.74
N LEU D 72 -38.24 69.19 -7.46
CA LEU D 72 -37.21 69.19 -8.49
C LEU D 72 -37.60 70.03 -9.69
N GLU D 73 -38.89 70.31 -9.89
CA GLU D 73 -39.22 71.25 -10.93
C GLU D 73 -39.33 72.68 -10.44
N ASN D 74 -39.57 72.89 -9.14
CA ASN D 74 -39.72 74.24 -8.62
C ASN D 74 -38.41 74.81 -8.09
N THR D 75 -37.75 74.09 -7.19
CA THR D 75 -36.45 74.53 -6.72
C THR D 75 -35.39 74.41 -7.79
N LEU D 76 -35.16 73.20 -8.28
CA LEU D 76 -34.08 72.91 -9.21
C LEU D 76 -34.34 73.52 -10.58
N ALA D 77 -35.48 73.19 -11.19
CA ALA D 77 -35.67 73.55 -12.58
C ALA D 77 -36.04 75.02 -12.79
N LEU D 78 -36.75 75.63 -11.84
CA LEU D 78 -37.15 77.00 -12.10
C LEU D 78 -35.97 77.93 -11.84
N THR D 79 -35.96 79.05 -12.55
CA THR D 79 -34.80 79.91 -12.76
C THR D 79 -34.84 81.17 -11.93
N TYR D 80 -35.20 81.04 -10.64
CA TYR D 80 -35.05 82.14 -9.68
C TYR D 80 -33.61 82.65 -9.63
N PHE D 81 -32.65 81.74 -9.80
CA PHE D 81 -31.23 82.07 -9.92
C PHE D 81 -30.96 83.07 -11.04
N THR D 82 -31.67 82.95 -12.17
CA THR D 82 -31.48 83.92 -13.25
C THR D 82 -32.10 85.27 -12.90
N THR D 83 -33.17 85.27 -12.11
CA THR D 83 -33.70 86.55 -11.64
C THR D 83 -32.74 87.21 -10.66
N LEU D 84 -32.09 86.41 -9.80
CA LEU D 84 -31.06 86.92 -8.91
C LEU D 84 -29.91 87.52 -9.70
N GLU D 85 -29.49 86.85 -10.78
CA GLU D 85 -28.48 87.40 -11.66
C GLU D 85 -28.98 88.66 -12.37
N GLU D 86 -30.27 88.74 -12.67
CA GLU D 86 -30.80 89.91 -13.35
C GLU D 86 -30.80 91.13 -12.43
N ILE D 87 -31.19 90.94 -11.16
CA ILE D 87 -31.09 92.03 -10.20
C ILE D 87 -29.62 92.39 -9.93
N ASP D 88 -28.73 91.40 -9.95
CA ASP D 88 -27.29 91.69 -9.83
C ASP D 88 -26.79 92.54 -10.98
N GLU D 89 -27.26 92.25 -12.20
CA GLU D 89 -26.90 93.06 -13.37
C GLU D 89 -27.52 94.43 -13.31
N ALA D 90 -28.74 94.54 -12.80
CA ALA D 90 -29.40 95.83 -12.67
C ALA D 90 -28.75 96.69 -11.60
N LEU D 91 -28.11 96.06 -10.62
CA LEU D 91 -27.33 96.82 -9.65
C LEU D 91 -25.96 97.18 -10.24
N ILE D 92 -25.42 96.31 -11.08
CA ILE D 92 -24.26 96.66 -11.89
C ILE D 92 -24.59 97.81 -12.82
N SER D 93 -25.82 97.85 -13.33
CA SER D 93 -26.30 99.00 -14.07
C SER D 93 -26.38 100.22 -13.16
N GLN D 94 -25.74 101.31 -13.58
CA GLN D 94 -25.74 102.54 -12.80
C GLN D 94 -27.13 103.15 -12.77
N ASP D 95 -27.50 103.69 -11.61
CA ASP D 95 -28.89 104.03 -11.36
C ASP D 95 -28.97 105.05 -10.24
N ILE D 96 -30.05 105.85 -10.28
CA ILE D 96 -30.42 106.66 -9.13
C ILE D 96 -30.92 105.70 -8.05
N ASP D 97 -30.13 105.55 -6.99
CA ASP D 97 -30.37 104.53 -5.97
C ASP D 97 -31.55 104.81 -5.08
N GLU D 98 -32.21 105.96 -5.25
CA GLU D 98 -33.41 106.30 -4.49
C GLU D 98 -34.53 105.32 -4.80
N GLU D 99 -34.99 105.32 -6.05
CA GLU D 99 -36.08 104.43 -6.43
C GLU D 99 -35.56 103.05 -6.78
N SER D 100 -34.39 102.98 -7.41
CA SER D 100 -33.93 101.71 -7.97
C SER D 100 -33.40 100.78 -6.88
N LYS D 101 -32.29 101.17 -6.25
CA LYS D 101 -31.53 100.24 -5.42
C LYS D 101 -32.28 99.87 -4.15
N SER D 102 -33.13 100.78 -3.65
CA SER D 102 -34.04 100.44 -2.57
C SER D 102 -35.00 99.33 -2.99
N GLU D 103 -35.67 99.51 -4.12
CA GLU D 103 -36.59 98.49 -4.60
C GLU D 103 -35.85 97.27 -5.15
N MET D 104 -34.63 97.47 -5.65
CA MET D 104 -33.80 96.32 -6.01
C MET D 104 -33.49 95.47 -4.79
N ARG D 105 -33.22 96.11 -3.66
CA ARG D 105 -32.97 95.36 -2.43
C ARG D 105 -34.24 94.71 -1.90
N LYS D 106 -35.38 95.40 -2.04
CA LYS D 106 -36.66 94.81 -1.63
C LYS D 106 -37.01 93.59 -2.48
N GLU D 107 -36.68 93.63 -3.76
CA GLU D 107 -36.96 92.47 -4.60
C GLU D 107 -35.91 91.38 -4.43
N ARG D 108 -34.69 91.75 -4.00
CA ARG D 108 -33.75 90.76 -3.47
C ARG D 108 -34.36 90.01 -2.29
N ILE D 109 -34.92 90.77 -1.34
CA ILE D 109 -35.60 90.19 -0.19
C ILE D 109 -36.77 89.33 -0.63
N ASN D 110 -37.47 89.73 -1.70
CA ASN D 110 -38.60 88.95 -2.20
C ASN D 110 -38.14 87.63 -2.80
N ILE D 111 -37.06 87.63 -3.59
CA ILE D 111 -36.63 86.38 -4.20
C ILE D 111 -35.95 85.47 -3.17
N ILE D 112 -35.24 86.06 -2.20
CA ILE D 112 -34.72 85.30 -1.08
C ILE D 112 -35.86 84.72 -0.24
N LYS D 113 -36.96 85.46 -0.14
CA LYS D 113 -38.15 84.96 0.54
C LYS D 113 -38.76 83.79 -0.24
N ASN D 114 -38.76 83.87 -1.56
CA ASN D 114 -39.25 82.77 -2.38
C ASN D 114 -38.38 81.53 -2.24
N LEU D 115 -37.07 81.73 -2.20
CA LEU D 115 -36.13 80.64 -1.98
C LEU D 115 -36.32 80.02 -0.61
N SER D 116 -36.56 80.85 0.40
CA SER D 116 -36.82 80.34 1.74
C SER D 116 -38.15 79.62 1.81
N ASN D 117 -39.12 80.03 0.99
CA ASN D 117 -40.36 79.28 0.87
C ASN D 117 -40.10 77.92 0.25
N ASP D 118 -39.18 77.85 -0.69
CA ASP D 118 -38.82 76.57 -1.30
C ASP D 118 -38.15 75.65 -0.29
N ILE D 119 -37.21 76.20 0.48
CA ILE D 119 -36.57 75.48 1.59
C ILE D 119 -37.61 75.07 2.63
N THR D 120 -38.62 75.92 2.83
CA THR D 120 -39.68 75.63 3.78
C THR D 120 -40.53 74.47 3.31
N GLN D 121 -40.82 74.43 2.01
CA GLN D 121 -41.50 73.28 1.41
C GLN D 121 -40.71 72.01 1.60
N LEU D 122 -39.39 72.09 1.31
CA LEU D 122 -38.46 70.98 1.53
C LEU D 122 -38.55 70.44 2.95
N LYS D 123 -38.31 71.33 3.91
CA LYS D 123 -38.30 71.00 5.33
C LYS D 123 -39.63 70.42 5.78
N GLN D 124 -40.71 71.18 5.58
CA GLN D 124 -42.04 70.79 6.07
C GLN D 124 -42.49 69.47 5.48
N LEU D 125 -42.54 69.37 4.15
CA LEU D 125 -43.12 68.18 3.55
C LEU D 125 -42.20 66.98 3.71
N PHE D 126 -40.88 67.17 3.64
CA PHE D 126 -40.02 66.00 3.70
C PHE D 126 -39.83 65.50 5.11
N ILE D 127 -39.72 66.39 6.09
CA ILE D 127 -39.72 65.97 7.48
C ILE D 127 -41.06 65.36 7.86
N GLU D 128 -42.16 65.88 7.30
CA GLU D 128 -43.48 65.34 7.58
C GLU D 128 -43.63 63.92 7.05
N LYS D 129 -43.25 63.71 5.78
CA LYS D 129 -43.38 62.38 5.22
C LYS D 129 -42.32 61.44 5.79
N THR D 130 -41.18 61.98 6.23
CA THR D 130 -40.18 61.14 6.88
C THR D 130 -40.67 60.66 8.23
N GLU D 131 -41.33 61.53 8.99
CA GLU D 131 -41.93 61.09 10.24
C GLU D 131 -43.11 60.18 10.00
N LEU D 132 -43.80 60.34 8.87
CA LEU D 132 -44.84 59.40 8.52
C LEU D 132 -44.26 58.03 8.19
N LEU D 133 -43.11 58.01 7.51
CA LEU D 133 -42.35 56.79 7.32
C LEU D 133 -41.91 56.20 8.64
N ASP D 134 -41.59 57.04 9.61
CA ASP D 134 -41.20 56.55 10.93
C ASP D 134 -42.39 55.97 11.67
N LYS D 135 -43.57 56.56 11.48
CA LYS D 135 -44.80 55.98 12.04
C LYS D 135 -45.07 54.62 11.43
N SER D 136 -44.91 54.50 10.12
CA SER D 136 -45.04 53.20 9.47
C SER D 136 -43.93 52.25 9.88
N SER D 137 -42.77 52.79 10.25
CA SER D 137 -41.67 51.96 10.71
C SER D 137 -41.97 51.39 12.08
N SER D 138 -42.57 52.20 12.96
CA SER D 138 -43.00 51.69 14.25
C SER D 138 -44.17 50.73 14.07
N ASP D 139 -44.95 50.92 13.01
CA ASP D 139 -45.89 49.89 12.61
C ASP D 139 -45.16 48.64 12.14
N LEU D 140 -43.98 48.82 11.54
CA LEU D 140 -43.28 47.69 10.96
C LEU D 140 -42.24 47.12 11.90
N HIS D 141 -41.24 47.93 12.25
CA HIS D 141 -40.11 47.49 13.06
C HIS D 141 -40.50 47.35 14.52
N ASN D 142 -41.59 47.98 14.94
CA ASN D 142 -41.93 47.91 16.35
C ASN D 142 -43.25 47.20 16.61
N VAL D 143 -43.81 46.53 15.62
CA VAL D 143 -44.89 45.57 15.85
C VAL D 143 -44.41 44.25 15.27
N VAL D 144 -43.76 43.44 16.10
CA VAL D 144 -43.11 42.21 15.66
C VAL D 144 -43.59 41.09 16.56
N ILE D 145 -43.70 39.88 16.03
CA ILE D 145 -43.94 38.70 16.83
C ILE D 145 -42.85 37.67 16.57
N ILE D 146 -42.22 37.19 17.65
CA ILE D 146 -41.14 36.22 17.50
C ILE D 146 -41.36 35.03 18.43
N GLU D 147 -41.56 35.33 19.72
CA GLU D 147 -40.98 34.51 20.78
C GLU D 147 -41.73 33.19 21.00
N GLY D 148 -42.99 33.26 21.43
CA GLY D 148 -43.71 32.03 21.71
C GLY D 148 -44.11 31.28 20.46
N THR D 149 -44.08 31.98 19.32
CA THR D 149 -44.36 31.36 18.03
C THR D 149 -43.36 30.28 17.69
N ASP D 150 -42.10 30.46 18.11
CA ASP D 150 -41.07 29.48 17.80
C ASP D 150 -41.19 28.27 18.70
N LYS D 151 -41.64 28.48 19.93
CA LYS D 151 -41.91 27.35 20.81
C LYS D 151 -43.08 26.53 20.29
N VAL D 152 -44.14 27.22 19.83
CA VAL D 152 -45.28 26.56 19.21
C VAL D 152 -44.84 25.83 17.95
N LEU D 153 -43.96 26.46 17.17
CA LEU D 153 -43.34 25.87 15.99
C LEU D 153 -42.68 24.54 16.31
N GLN D 154 -41.74 24.56 17.26
CA GLN D 154 -40.96 23.37 17.55
C GLN D 154 -41.82 22.29 18.20
N ALA D 155 -42.78 22.70 19.05
CA ALA D 155 -43.67 21.75 19.69
C ALA D 155 -44.55 21.05 18.68
N GLU D 156 -45.10 21.79 17.73
CA GLU D 156 -45.95 21.17 16.73
C GLU D 156 -45.14 20.38 15.71
N GLN D 157 -43.89 20.77 15.46
CA GLN D 157 -43.04 19.98 14.58
C GLN D 157 -42.70 18.64 15.20
N LEU D 158 -42.33 18.64 16.48
CA LEU D 158 -42.11 17.39 17.20
C LEU D 158 -43.40 16.58 17.30
N ARG D 159 -44.53 17.27 17.48
CA ARG D 159 -45.83 16.63 17.57
C ARG D 159 -46.15 15.87 16.29
N GLN D 160 -46.10 16.57 15.15
CA GLN D 160 -46.43 15.94 13.88
C GLN D 160 -45.35 14.95 13.45
N LYS D 161 -44.12 15.12 13.93
CA LYS D 161 -43.10 14.10 13.70
C LYS D 161 -43.46 12.80 14.40
N GLN D 162 -43.90 12.90 15.66
CA GLN D 162 -44.37 11.73 16.39
C GLN D 162 -45.61 11.14 15.74
N LEU D 163 -46.49 12.01 15.24
CA LEU D 163 -47.69 11.55 14.55
C LEU D 163 -47.35 10.80 13.28
N THR D 164 -46.36 11.30 12.54
CA THR D 164 -45.96 10.68 11.28
C THR D 164 -45.28 9.35 11.54
N GLU D 165 -44.43 9.30 12.56
CA GLU D 165 -43.79 8.05 12.97
C GLU D 165 -44.83 7.03 13.42
N ASP D 166 -45.86 7.48 14.14
CA ASP D 166 -46.89 6.58 14.61
C ASP D 166 -47.75 6.08 13.46
N ILE D 167 -48.02 6.95 12.47
CA ILE D 167 -48.78 6.54 11.30
C ILE D 167 -48.02 5.50 10.50
N ALA D 168 -46.71 5.71 10.31
CA ALA D 168 -45.88 4.72 9.64
C ALA D 168 -45.83 3.42 10.42
N THR D 169 -45.83 3.52 11.75
CA THR D 169 -45.85 2.33 12.60
C THR D 169 -47.14 1.55 12.42
N LYS D 170 -48.28 2.24 12.40
CA LYS D 170 -49.57 1.59 12.17
C LYS D 170 -49.65 0.99 10.79
N GLU D 171 -49.02 1.63 9.80
CA GLU D 171 -48.95 1.06 8.46
C GLU D 171 -48.15 -0.23 8.45
N LEU D 172 -47.05 -0.27 9.20
CA LEU D 172 -46.29 -1.50 9.36
C LEU D 172 -47.13 -2.57 10.05
N GLU D 173 -47.92 -2.16 11.04
CA GLU D 173 -48.77 -3.11 11.77
C GLU D 173 -49.81 -3.73 10.85
N ARG D 174 -50.50 -2.91 10.06
CA ARG D 174 -51.53 -3.45 9.19
C ARG D 174 -50.93 -4.25 8.05
N LYS D 175 -49.73 -3.90 7.60
CA LYS D 175 -49.04 -4.73 6.62
C LYS D 175 -48.69 -6.09 7.21
N GLU D 176 -48.31 -6.12 8.49
CA GLU D 176 -48.05 -7.40 9.16
C GLU D 176 -49.31 -8.22 9.33
N ILE D 177 -50.45 -7.56 9.58
CA ILE D 177 -51.73 -8.26 9.63
C ILE D 177 -52.05 -8.85 8.27
N GLU D 178 -51.76 -8.10 7.21
CA GLU D 178 -51.93 -8.60 5.84
C GLU D 178 -50.96 -9.75 5.55
N LYS D 179 -49.83 -9.78 6.22
CA LYS D 179 -48.96 -10.94 6.13
C LYS D 179 -49.51 -12.13 6.90
N LYS D 180 -50.27 -11.88 7.96
CA LYS D 180 -50.80 -12.97 8.77
C LYS D 180 -51.85 -13.79 8.03
N ARG D 181 -52.65 -13.15 7.18
CA ARG D 181 -53.74 -13.85 6.50
C ARG D 181 -53.25 -14.80 5.41
N ASP D 182 -51.96 -14.78 5.10
CA ASP D 182 -51.41 -15.62 4.05
C ASP D 182 -51.53 -17.09 4.44
N LYS D 183 -51.28 -17.39 5.71
CA LYS D 183 -51.42 -18.76 6.20
C LYS D 183 -52.87 -19.22 6.12
N ILE D 184 -53.81 -18.32 6.39
CA ILE D 184 -55.21 -18.67 6.39
C ILE D 184 -55.71 -18.92 4.97
N ILE D 185 -55.34 -18.06 4.02
CA ILE D 185 -55.78 -18.25 2.65
C ILE D 185 -55.12 -19.48 2.05
N GLU D 186 -53.86 -19.76 2.39
CA GLU D 186 -53.22 -20.95 1.84
C GLU D 186 -53.78 -22.23 2.47
N ALA D 187 -54.15 -22.17 3.75
CA ALA D 187 -54.77 -23.32 4.40
C ALA D 187 -56.12 -23.62 3.80
N LEU D 188 -56.95 -22.59 3.61
CA LEU D 188 -58.27 -22.87 3.05
C LEU D 188 -58.23 -23.12 1.55
N ASP D 189 -57.12 -22.80 0.89
CA ASP D 189 -56.97 -23.21 -0.50
C ASP D 189 -56.55 -24.67 -0.60
N VAL D 190 -55.62 -25.11 0.26
CA VAL D 190 -55.20 -26.51 0.19
C VAL D 190 -56.26 -27.43 0.77
N ILE D 191 -57.18 -26.91 1.57
CA ILE D 191 -58.36 -27.69 1.93
C ILE D 191 -59.32 -27.73 0.76
N ARG D 192 -59.40 -26.64 0.00
CA ARG D 192 -60.31 -26.57 -1.14
C ARG D 192 -59.79 -27.48 -2.24
N GLU D 193 -60.29 -28.71 -2.25
CA GLU D 193 -59.89 -29.74 -3.20
C GLU D 193 -61.11 -30.52 -3.67
N HIS D 194 -62.29 -30.14 -3.23
CA HIS D 194 -63.52 -30.86 -3.54
C HIS D 194 -64.59 -29.84 -3.88
N ASN D 195 -65.24 -30.01 -5.03
CA ASN D 195 -66.26 -29.05 -5.44
C ASN D 195 -67.25 -29.75 -6.36
N LEU D 196 -68.40 -30.16 -5.79
CA LEU D 196 -69.65 -30.48 -6.48
C LEU D 196 -69.63 -31.77 -7.32
N VAL D 197 -68.46 -32.32 -7.53
CA VAL D 197 -68.28 -33.50 -8.37
C VAL D 197 -67.55 -34.50 -7.50
N ASP D 198 -66.56 -34.00 -6.76
CA ASP D 198 -65.74 -34.80 -5.86
C ASP D 198 -66.55 -35.42 -4.74
N ALA D 199 -67.73 -34.90 -4.41
CA ALA D 199 -68.65 -35.62 -3.54
C ALA D 199 -69.08 -36.94 -4.19
N PHE D 200 -69.42 -36.91 -5.47
CA PHE D 200 -69.75 -38.13 -6.17
C PHE D 200 -68.53 -39.00 -6.41
N LYS D 201 -67.37 -38.37 -6.60
CA LYS D 201 -66.10 -39.07 -6.72
C LYS D 201 -65.57 -39.58 -5.39
N ASP D 202 -66.28 -39.31 -4.31
CA ASP D 202 -66.16 -40.05 -3.07
C ASP D 202 -67.26 -41.09 -2.88
N LEU D 203 -68.46 -40.81 -3.38
CA LEU D 203 -69.57 -41.76 -3.29
C LEU D 203 -69.34 -43.02 -4.11
N ILE D 204 -68.59 -42.90 -5.19
CA ILE D 204 -68.31 -44.06 -6.04
C ILE D 204 -67.21 -44.98 -5.48
N PRO D 205 -66.02 -44.49 -5.04
CA PRO D 205 -65.04 -45.46 -4.51
C PRO D 205 -65.42 -46.06 -3.18
N THR D 206 -66.34 -45.46 -2.41
CA THR D 206 -66.90 -46.20 -1.29
C THR D 206 -67.92 -47.22 -1.78
N GLY D 207 -68.47 -47.01 -2.98
CA GLY D 207 -69.30 -48.02 -3.61
C GLY D 207 -68.50 -49.14 -4.24
N GLU D 208 -67.20 -48.93 -4.41
CA GLU D 208 -66.32 -49.96 -4.95
C GLU D 208 -66.17 -51.13 -3.97
N ASN D 209 -65.66 -52.24 -4.49
CA ASN D 209 -65.40 -53.44 -3.72
C ASN D 209 -64.17 -54.15 -4.25
N LEU D 210 -63.73 -55.15 -3.51
CA LEU D 210 -62.64 -56.02 -3.95
C LEU D 210 -63.06 -57.47 -4.04
N SER D 211 -63.64 -58.03 -2.97
CA SER D 211 -63.99 -59.43 -2.90
C SER D 211 -65.51 -59.59 -2.94
N GLU D 212 -65.98 -60.56 -3.72
CA GLU D 212 -67.40 -60.84 -3.85
C GLU D 212 -67.61 -62.34 -3.83
N LEU D 213 -68.74 -62.77 -3.27
CA LEU D 213 -69.05 -64.20 -3.18
C LEU D 213 -70.52 -64.52 -3.41
N ASP D 214 -71.36 -63.53 -3.75
CA ASP D 214 -72.72 -63.63 -4.27
C ASP D 214 -73.76 -64.08 -3.23
N LEU D 215 -73.31 -64.56 -2.07
CA LEU D 215 -74.22 -64.95 -1.00
C LEU D 215 -73.62 -64.56 0.33
N ALA D 216 -74.44 -64.68 1.38
CA ALA D 216 -74.05 -64.69 2.79
C ALA D 216 -73.50 -63.36 3.32
N LYS D 217 -73.32 -62.36 2.45
CA LYS D 217 -73.10 -60.98 2.87
C LYS D 217 -73.97 -60.05 2.02
N PRO D 218 -75.31 -60.07 2.20
CA PRO D 218 -76.13 -59.11 1.46
C PRO D 218 -75.94 -57.73 2.03
N GLU D 219 -75.89 -57.65 3.36
CA GLU D 219 -75.73 -56.40 4.07
C GLU D 219 -74.45 -56.34 4.89
N ILE D 220 -73.78 -57.48 5.08
CA ILE D 220 -72.53 -57.50 5.84
C ILE D 220 -71.45 -56.76 5.07
N GLU D 221 -71.43 -56.94 3.75
CA GLU D 221 -70.60 -56.09 2.90
C GLU D 221 -71.07 -54.64 2.94
N LEU D 222 -72.38 -54.42 3.09
CA LEU D 222 -72.91 -53.06 3.10
C LEU D 222 -72.59 -52.31 4.39
N LEU D 223 -72.17 -53.03 5.44
CA LEU D 223 -71.75 -52.38 6.67
C LEU D 223 -70.54 -51.49 6.43
N LYS D 224 -69.52 -52.04 5.76
CA LYS D 224 -68.34 -51.27 5.40
C LYS D 224 -68.68 -50.13 4.45
N GLN D 225 -69.62 -50.38 3.55
CA GLN D 225 -70.13 -49.37 2.62
C GLN D 225 -70.67 -48.16 3.37
N SER D 226 -71.65 -48.40 4.25
CA SER D 226 -72.30 -47.31 4.97
C SER D 226 -71.35 -46.62 5.93
N LEU D 227 -70.45 -47.39 6.57
CA LEU D 227 -69.52 -46.78 7.51
C LEU D 227 -68.49 -45.91 6.79
N GLU D 228 -68.03 -46.32 5.61
CA GLU D 228 -67.10 -45.47 4.87
C GLU D 228 -67.81 -44.27 4.25
N ILE D 229 -69.10 -44.41 3.92
CA ILE D 229 -69.92 -43.26 3.54
C ILE D 229 -69.93 -42.23 4.66
N THR D 230 -70.20 -42.68 5.88
CA THR D 230 -70.20 -41.79 7.03
C THR D 230 -68.81 -41.24 7.32
N LYS D 231 -67.76 -42.02 7.04
CA LYS D 231 -66.39 -41.53 7.13
C LYS D 231 -66.16 -40.35 6.21
N LYS D 232 -66.55 -40.48 4.95
CA LYS D 232 -66.30 -39.42 3.97
C LYS D 232 -67.17 -38.19 4.27
N LEU D 233 -68.40 -38.42 4.72
CA LEU D 233 -69.29 -37.34 5.13
C LEU D 233 -68.68 -36.55 6.28
N LEU D 234 -68.33 -37.23 7.37
CA LEU D 234 -67.77 -36.56 8.53
C LEU D 234 -66.37 -36.00 8.26
N GLY D 235 -65.65 -36.57 7.29
CA GLY D 235 -64.43 -35.91 6.83
C GLY D 235 -64.72 -34.59 6.15
N GLN D 236 -65.86 -34.51 5.45
CA GLN D 236 -66.25 -33.22 4.90
C GLN D 236 -66.74 -32.26 5.97
N PHE D 237 -67.33 -32.77 7.06
CA PHE D 237 -67.91 -31.89 8.08
C PHE D 237 -66.83 -31.14 8.85
N SER D 238 -65.88 -31.87 9.42
CA SER D 238 -64.90 -31.28 10.31
C SER D 238 -64.00 -30.30 9.58
N GLU D 239 -63.64 -30.64 8.34
CA GLU D 239 -62.91 -29.71 7.50
C GLU D 239 -63.78 -28.51 7.13
N GLY D 240 -65.08 -28.73 6.97
CA GLY D 240 -65.99 -27.61 6.78
C GLY D 240 -66.06 -26.72 8.00
N LEU D 241 -65.99 -27.32 9.19
CA LEU D 241 -65.99 -26.53 10.42
C LEU D 241 -64.72 -25.72 10.55
N LYS D 242 -63.57 -26.32 10.21
CA LYS D 242 -62.32 -25.60 10.23
C LYS D 242 -62.31 -24.49 9.17
N TYR D 243 -62.99 -24.73 8.05
CA TYR D 243 -63.19 -23.71 7.04
C TYR D 243 -63.97 -22.53 7.61
N ILE D 244 -65.06 -22.82 8.32
CA ILE D 244 -65.87 -21.80 8.98
C ILE D 244 -65.02 -21.00 9.97
N ASP D 245 -64.19 -21.70 10.76
CA ASP D 245 -63.36 -21.05 11.77
C ASP D 245 -62.34 -20.11 11.14
N LEU D 246 -61.71 -20.55 10.05
CA LEU D 246 -60.70 -19.71 9.44
C LEU D 246 -61.31 -18.56 8.64
N THR D 247 -62.54 -18.73 8.13
CA THR D 247 -63.22 -17.58 7.54
C THR D 247 -63.64 -16.57 8.60
N ASP D 248 -63.98 -17.04 9.79
CA ASP D 248 -64.23 -16.11 10.89
C ASP D 248 -62.94 -15.41 11.30
N ALA D 249 -61.82 -16.12 11.23
CA ALA D 249 -60.52 -15.48 11.45
C ALA D 249 -60.22 -14.45 10.38
N ARG D 250 -60.63 -14.71 9.14
CA ARG D 250 -60.52 -13.73 8.07
C ARG D 250 -61.33 -12.48 8.38
N LYS D 251 -62.56 -12.67 8.85
CA LYS D 251 -63.40 -11.54 9.24
C LYS D 251 -62.79 -10.76 10.39
N LYS D 252 -62.14 -11.48 11.31
CA LYS D 252 -61.50 -10.85 12.47
C LYS D 252 -60.31 -9.98 12.03
N LEU D 253 -59.45 -10.52 11.18
CA LEU D 253 -58.30 -9.75 10.71
C LEU D 253 -58.72 -8.64 9.76
N ASP D 254 -59.81 -8.83 9.02
CA ASP D 254 -60.33 -7.75 8.19
C ASP D 254 -60.90 -6.63 9.05
N ASN D 255 -61.53 -6.98 10.18
CA ASN D 255 -61.96 -5.97 11.13
C ASN D 255 -60.77 -5.21 11.69
N GLN D 256 -59.67 -5.94 11.96
CA GLN D 256 -58.43 -5.30 12.38
C GLN D 256 -57.92 -4.31 11.34
N ILE D 257 -57.90 -4.74 10.07
CA ILE D 257 -57.46 -3.88 8.97
C ILE D 257 -58.35 -2.65 8.85
N ASP D 258 -59.66 -2.83 9.05
CA ASP D 258 -60.59 -1.72 8.91
C ASP D 258 -60.42 -0.71 10.04
N THR D 259 -60.28 -1.19 11.28
CA THR D 259 -60.06 -0.29 12.41
C THR D 259 -58.72 0.43 12.28
N ALA D 260 -57.69 -0.27 11.82
CA ALA D 260 -56.41 0.36 11.57
C ALA D 260 -56.50 1.38 10.46
N SER D 261 -57.34 1.13 9.45
CA SER D 261 -57.50 2.07 8.36
C SER D 261 -58.25 3.32 8.83
N THR D 262 -59.21 3.15 9.72
CA THR D 262 -59.90 4.30 10.29
C THR D 262 -58.95 5.12 11.15
N ARG D 263 -58.09 4.46 11.93
CA ARG D 263 -57.07 5.17 12.69
C ARG D 263 -56.11 5.89 11.76
N LEU D 264 -55.74 5.26 10.65
CA LEU D 264 -54.95 5.89 9.60
C LEU D 264 -55.62 7.14 9.08
N THR D 265 -56.92 7.06 8.78
CA THR D 265 -57.64 8.17 8.19
C THR D 265 -57.74 9.35 9.17
N GLU D 266 -58.05 9.05 10.43
CA GLU D 266 -58.18 10.10 11.42
C GLU D 266 -56.85 10.74 11.74
N LEU D 267 -55.79 9.93 11.88
CA LEU D 267 -54.48 10.48 12.18
C LEU D 267 -53.90 11.21 10.99
N ASN D 268 -54.24 10.80 9.76
CA ASN D 268 -53.82 11.56 8.60
C ASN D 268 -54.57 12.88 8.49
N ARG D 269 -55.84 12.90 8.90
CA ARG D 269 -56.57 14.15 8.95
C ARG D 269 -55.97 15.12 9.96
N GLN D 270 -55.59 14.59 11.13
CA GLN D 270 -54.90 15.40 12.12
C GLN D 270 -53.53 15.83 11.61
N LEU D 271 -52.88 14.96 10.83
CA LEU D 271 -51.59 15.30 10.25
C LEU D 271 -51.72 16.43 9.24
N GLU D 272 -52.79 16.42 8.45
CA GLU D 272 -53.03 17.50 7.50
C GLU D 272 -53.42 18.80 8.21
N GLN D 273 -54.13 18.67 9.32
CA GLN D 273 -54.41 19.83 10.17
C GLN D 273 -53.11 20.44 10.67
N SER D 274 -52.19 19.59 11.14
CA SER D 274 -50.89 20.08 11.58
C SER D 274 -50.03 20.57 10.43
N GLU D 275 -50.23 20.03 9.22
CA GLU D 275 -49.61 20.60 8.04
C GLU D 275 -50.05 22.03 7.82
N LYS D 276 -51.36 22.28 7.94
CA LYS D 276 -51.89 23.62 7.82
C LYS D 276 -51.33 24.54 8.91
N LEU D 277 -51.23 24.01 10.13
CA LEU D 277 -50.67 24.76 11.26
C LEU D 277 -49.23 25.15 10.99
N ILE D 278 -48.37 24.17 10.77
CA ILE D 278 -46.95 24.40 10.58
C ILE D 278 -46.67 25.17 9.30
N ALA D 279 -47.50 25.01 8.28
CA ALA D 279 -47.35 25.80 7.06
C ALA D 279 -47.65 27.27 7.32
N GLY D 280 -48.71 27.57 8.05
CA GLY D 280 -48.99 28.96 8.40
C GLY D 280 -47.94 29.53 9.32
N VAL D 281 -47.37 28.71 10.20
CA VAL D 281 -46.32 29.17 11.10
C VAL D 281 -45.05 29.49 10.31
N ASN D 282 -44.65 28.60 9.42
CA ASN D 282 -43.49 28.84 8.57
C ASN D 282 -43.71 30.03 7.66
N ALA D 283 -44.95 30.21 7.20
CA ALA D 283 -45.27 31.33 6.34
C ALA D 283 -45.15 32.65 7.09
N VAL D 284 -45.67 32.73 8.31
CA VAL D 284 -45.58 33.98 9.04
C VAL D 284 -44.16 34.22 9.53
N ILE D 285 -43.36 33.17 9.72
CA ILE D 285 -41.94 33.36 10.00
C ILE D 285 -41.23 33.94 8.78
N LYS D 286 -41.55 33.43 7.59
CA LYS D 286 -40.97 33.98 6.37
C LYS D 286 -41.42 35.41 6.14
N ILE D 287 -42.68 35.71 6.48
CA ILE D 287 -43.19 37.08 6.49
C ILE D 287 -42.37 37.96 7.41
N ASP D 288 -42.10 37.46 8.62
CA ASP D 288 -41.34 38.20 9.63
C ASP D 288 -39.94 38.49 9.13
N GLN D 289 -39.34 37.54 8.43
CA GLN D 289 -38.06 37.78 7.77
C GLN D 289 -38.19 38.83 6.68
N GLU D 290 -39.22 38.71 5.85
CA GLU D 290 -39.46 39.70 4.81
C GLU D 290 -39.89 41.03 5.43
N LYS D 291 -40.59 40.97 6.56
CA LYS D 291 -40.89 42.20 7.30
C LYS D 291 -39.63 42.91 7.75
N SER D 292 -38.65 42.17 8.28
CA SER D 292 -37.37 42.75 8.64
C SER D 292 -36.61 43.26 7.42
N ALA D 293 -36.78 42.59 6.28
CA ALA D 293 -36.19 43.09 5.05
C ALA D 293 -36.78 44.43 4.64
N VAL D 294 -38.10 44.60 4.80
CA VAL D 294 -38.71 45.88 4.48
C VAL D 294 -38.37 46.92 5.54
N VAL D 295 -38.09 46.47 6.77
CA VAL D 295 -37.53 47.37 7.79
C VAL D 295 -36.20 47.92 7.33
N VAL D 296 -35.32 47.05 6.83
CA VAL D 296 -34.03 47.46 6.29
C VAL D 296 -34.22 48.42 5.11
N GLU D 297 -35.22 48.12 4.27
CA GLU D 297 -35.53 48.96 3.12
C GLU D 297 -35.96 50.36 3.54
N ALA D 298 -36.83 50.44 4.55
CA ALA D 298 -37.29 51.72 5.04
C ALA D 298 -36.19 52.48 5.75
N GLU D 299 -35.27 51.76 6.38
CA GLU D 299 -34.12 52.44 6.98
C GLU D 299 -33.19 52.99 5.92
N LYS D 300 -33.02 52.26 4.82
CA LYS D 300 -32.29 52.79 3.66
C LYS D 300 -32.95 54.04 3.14
N LEU D 301 -34.28 54.05 3.07
CA LEU D 301 -34.99 55.21 2.54
C LEU D 301 -34.87 56.39 3.48
N SER D 302 -35.39 56.26 4.70
CA SER D 302 -35.46 57.36 5.64
C SER D 302 -34.10 57.83 6.12
N ARG D 303 -33.10 56.94 6.07
CA ARG D 303 -31.73 57.34 6.38
C ARG D 303 -31.22 58.35 5.36
N ALA D 304 -31.61 58.18 4.09
CA ALA D 304 -31.26 59.17 3.07
C ALA D 304 -32.01 60.47 3.28
N TRP D 305 -33.13 60.44 4.00
CA TRP D 305 -33.80 61.67 4.34
C TRP D 305 -33.19 62.34 5.56
N HIS D 306 -32.53 61.59 6.44
CA HIS D 306 -31.72 62.24 7.44
C HIS D 306 -30.43 62.75 6.84
N ILE D 307 -29.95 62.09 5.78
CA ILE D 307 -28.92 62.68 4.92
C ILE D 307 -29.43 63.97 4.32
N PHE D 308 -30.71 63.99 3.94
CA PHE D 308 -31.27 65.21 3.37
C PHE D 308 -31.43 66.31 4.43
N ILE D 309 -31.79 65.94 5.66
CA ILE D 309 -31.94 66.96 6.68
C ILE D 309 -30.57 67.46 7.13
N HIS D 310 -29.53 66.65 6.98
CA HIS D 310 -28.18 67.16 7.21
C HIS D 310 -27.71 68.02 6.05
N GLU D 311 -28.26 67.79 4.86
CA GLU D 311 -28.01 68.71 3.75
C GLU D 311 -28.65 70.06 4.02
N ILE D 312 -29.91 70.06 4.45
CA ILE D 312 -30.60 71.30 4.73
C ILE D 312 -30.11 71.90 6.05
N THR D 313 -29.44 71.10 6.88
CA THR D 313 -28.67 71.65 7.99
C THR D 313 -27.55 72.57 7.47
N ALA D 314 -26.98 72.24 6.31
CA ALA D 314 -25.97 73.06 5.66
C ALA D 314 -26.55 74.13 4.75
N LEU D 315 -27.81 74.49 4.95
CA LEU D 315 -28.44 75.57 4.18
C LEU D 315 -28.29 76.90 4.92
N GLN D 316 -29.09 77.88 4.49
CA GLN D 316 -29.09 79.27 4.97
C GLN D 316 -27.72 79.94 4.73
N GLY D 317 -27.43 80.08 3.44
CA GLY D 317 -26.46 81.05 2.98
C GLY D 317 -27.25 82.22 2.41
N THR D 318 -27.31 83.32 3.16
CA THR D 318 -28.33 84.35 2.96
C THR D 318 -28.26 85.08 1.63
N SER D 319 -27.24 85.91 1.43
CA SER D 319 -27.11 86.65 0.18
C SER D 319 -25.67 86.78 -0.28
N LEU D 320 -24.79 85.85 0.09
CA LEU D 320 -23.35 86.03 -0.11
C LEU D 320 -22.97 85.86 -1.57
N ASN D 321 -23.15 84.65 -2.10
CA ASN D 321 -22.82 84.33 -3.47
C ASN D 321 -24.07 83.85 -4.20
N GLU D 322 -23.88 83.34 -5.42
CA GLU D 322 -24.99 82.75 -6.14
C GLU D 322 -24.64 81.38 -6.71
N VAL D 323 -23.41 81.19 -7.18
CA VAL D 323 -23.04 79.91 -7.79
C VAL D 323 -22.49 78.96 -6.74
N GLU D 324 -23.37 78.42 -5.93
CA GLU D 324 -23.06 77.25 -5.11
C GLU D 324 -24.26 76.35 -4.92
N LEU D 325 -25.39 76.68 -5.52
CA LEU D 325 -26.68 76.32 -4.96
C LEU D 325 -27.07 74.89 -5.25
N SER D 326 -27.28 74.57 -6.51
CA SER D 326 -28.02 73.37 -6.88
C SER D 326 -27.13 72.15 -7.04
N LYS D 327 -25.96 72.11 -6.42
CA LYS D 327 -25.12 70.91 -6.54
C LYS D 327 -25.68 69.73 -5.76
N PRO D 328 -26.12 69.84 -4.48
CA PRO D 328 -26.88 68.72 -3.91
C PRO D 328 -28.22 68.51 -4.57
N LEU D 329 -28.78 69.55 -5.18
CA LEU D 329 -30.05 69.41 -5.88
C LEU D 329 -29.91 68.53 -7.11
N ILE D 330 -28.85 68.73 -7.89
CA ILE D 330 -28.65 67.88 -9.07
C ILE D 330 -28.14 66.51 -8.64
N LYS D 331 -27.46 66.42 -7.49
CA LYS D 331 -27.08 65.10 -6.98
C LYS D 331 -28.30 64.27 -6.61
N GLN D 332 -29.24 64.89 -5.88
CA GLN D 332 -30.49 64.22 -5.56
C GLN D 332 -31.35 64.01 -6.81
N GLN D 333 -31.22 64.91 -7.79
CA GLN D 333 -31.93 64.77 -9.05
C GLN D 333 -31.49 63.52 -9.79
N ILE D 334 -30.18 63.31 -9.92
CA ILE D 334 -29.70 62.16 -10.66
C ILE D 334 -29.89 60.89 -9.84
N TYR D 335 -29.81 60.98 -8.51
CA TYR D 335 -30.07 59.81 -7.68
C TYR D 335 -31.54 59.42 -7.72
N LEU D 336 -32.42 60.40 -7.87
CA LEU D 336 -33.84 60.16 -7.97
C LEU D 336 -34.23 59.65 -9.34
N GLU D 337 -33.57 60.15 -10.38
CA GLU D 337 -33.82 59.65 -11.73
C GLU D 337 -33.37 58.21 -11.86
N SER D 338 -32.25 57.87 -11.20
CA SER D 338 -31.89 56.47 -11.03
C SER D 338 -32.97 55.74 -10.23
N LEU D 339 -33.49 56.40 -9.20
CA LEU D 339 -34.54 55.82 -8.39
C LEU D 339 -35.88 55.77 -9.11
N ILE D 340 -36.12 56.69 -10.05
CA ILE D 340 -37.26 56.54 -10.95
C ILE D 340 -37.10 55.28 -11.80
N LYS D 341 -35.89 55.09 -12.33
CA LYS D 341 -35.59 53.85 -13.03
C LYS D 341 -35.50 52.67 -12.09
N GLN D 342 -35.31 52.90 -10.80
CA GLN D 342 -35.39 51.87 -9.78
C GLN D 342 -36.81 51.79 -9.24
N LEU D 343 -37.77 51.66 -10.16
CA LEU D 343 -39.19 51.63 -9.85
C LEU D 343 -39.92 51.05 -11.05
N ILE E 44 -21.22 42.71 -54.63
CA ILE E 44 -22.55 43.13 -55.01
C ILE E 44 -23.37 41.96 -55.56
N PHE E 45 -24.38 42.28 -56.35
CA PHE E 45 -25.31 41.26 -56.83
C PHE E 45 -24.65 40.37 -57.87
N THR E 46 -24.98 39.09 -57.85
CA THR E 46 -24.38 38.13 -58.76
C THR E 46 -25.44 37.47 -59.63
N LYS E 47 -24.97 36.82 -60.69
CA LYS E 47 -25.87 36.12 -61.61
C LYS E 47 -26.23 34.73 -61.11
N GLU E 48 -25.45 34.17 -60.19
CA GLU E 48 -25.73 32.85 -59.68
C GLU E 48 -26.92 32.88 -58.76
N ASP E 49 -27.19 34.05 -58.18
CA ASP E 49 -28.48 34.36 -57.60
C ASP E 49 -29.60 34.04 -58.57
N LEU E 50 -29.51 34.59 -59.79
CA LEU E 50 -30.53 34.36 -60.80
C LEU E 50 -30.54 32.91 -61.27
N ILE E 51 -29.38 32.25 -61.22
CA ILE E 51 -29.32 30.83 -61.51
C ILE E 51 -30.16 30.05 -60.51
N ASN E 52 -29.99 30.36 -59.22
CA ASN E 52 -30.81 29.73 -58.19
C ASN E 52 -32.28 30.10 -58.32
N LEU E 53 -32.54 31.32 -58.81
CA LEU E 53 -33.92 31.73 -59.07
C LEU E 53 -34.54 30.86 -60.15
N LYS E 54 -33.80 30.56 -61.20
CA LYS E 54 -34.35 29.72 -62.25
C LYS E 54 -34.43 28.27 -61.83
N LEU E 55 -33.57 27.85 -60.92
CA LEU E 55 -33.73 26.55 -60.27
C LEU E 55 -35.04 26.49 -59.50
N TYR E 56 -35.37 27.57 -58.79
CA TYR E 56 -36.65 27.66 -58.11
C TYR E 56 -37.81 27.73 -59.08
N VAL E 57 -37.59 28.33 -60.26
CA VAL E 57 -38.61 28.38 -61.30
C VAL E 57 -38.93 26.97 -61.78
N ARG E 58 -37.88 26.23 -62.13
CA ARG E 58 -38.03 24.85 -62.58
C ARG E 58 -38.62 23.96 -61.50
N LYS E 59 -38.31 24.26 -60.24
CA LYS E 59 -38.90 23.51 -59.13
C LYS E 59 -40.38 23.82 -59.02
N GLY E 60 -40.75 25.10 -59.09
CA GLY E 60 -42.12 25.50 -58.90
C GLY E 60 -43.01 25.13 -60.07
N LEU E 61 -42.47 25.14 -61.28
CA LEU E 61 -43.23 24.69 -62.42
C LEU E 61 -43.36 23.17 -62.48
N SER E 62 -42.60 22.46 -61.65
CA SER E 62 -42.68 21.01 -61.54
C SER E 62 -43.60 20.56 -60.42
N LEU E 63 -44.67 21.30 -60.17
CA LEU E 63 -45.46 20.93 -59.02
C LEU E 63 -46.84 20.43 -59.43
N PRO E 64 -47.38 19.43 -58.71
CA PRO E 64 -48.77 19.04 -58.95
C PRO E 64 -49.72 20.11 -58.49
N THR E 65 -50.82 20.25 -59.22
CA THR E 65 -51.82 21.29 -58.94
C THR E 65 -53.15 20.69 -58.54
N ARG E 66 -53.65 19.70 -59.27
CA ARG E 66 -54.95 19.13 -58.98
C ARG E 66 -54.84 18.14 -57.84
N GLN E 67 -56.01 17.71 -57.36
CA GLN E 67 -56.07 16.87 -56.16
C GLN E 67 -55.50 15.49 -56.43
N ASP E 68 -55.91 14.87 -57.53
CA ASP E 68 -55.35 13.59 -57.92
C ASP E 68 -53.86 13.69 -58.25
N GLU E 69 -53.45 14.83 -58.79
CA GLU E 69 -52.03 15.07 -59.07
C GLU E 69 -51.23 15.09 -57.78
N VAL E 70 -51.76 15.73 -56.75
CA VAL E 70 -51.11 15.76 -55.45
C VAL E 70 -51.12 14.37 -54.82
N GLU E 71 -52.25 13.66 -54.94
CA GLU E 71 -52.40 12.35 -54.31
C GLU E 71 -51.47 11.31 -54.94
N ALA E 72 -51.32 11.36 -56.26
CA ALA E 72 -50.29 10.55 -56.90
C ALA E 72 -48.90 11.04 -56.51
N TYR E 73 -48.72 12.34 -56.38
CA TYR E 73 -47.46 12.88 -55.91
C TYR E 73 -47.23 12.59 -54.44
N LEU E 74 -48.29 12.53 -53.64
CA LEU E 74 -48.18 12.02 -52.28
C LEU E 74 -47.99 10.53 -52.25
N GLY E 75 -48.56 9.81 -53.21
CA GLY E 75 -48.60 8.38 -53.15
C GLY E 75 -49.69 7.81 -52.27
N TYR E 76 -50.61 8.65 -51.79
CA TYR E 76 -51.70 8.18 -50.94
C TYR E 76 -52.85 9.17 -51.04
N LYS E 77 -53.89 8.91 -50.27
CA LYS E 77 -55.06 9.77 -50.19
C LYS E 77 -55.47 10.06 -48.75
N LYS E 78 -54.85 9.39 -47.78
CA LYS E 78 -55.31 9.46 -46.40
C LYS E 78 -54.11 9.40 -45.48
N ILE E 79 -54.03 10.33 -44.53
CA ILE E 79 -52.90 10.39 -43.62
C ILE E 79 -53.33 10.33 -42.16
N ASP E 80 -54.56 10.76 -41.86
CA ASP E 80 -55.10 10.90 -40.50
C ASP E 80 -54.20 11.75 -39.61
N VAL E 81 -53.61 12.80 -40.19
CA VAL E 81 -52.73 13.70 -39.47
C VAL E 81 -53.19 15.13 -39.73
N ALA E 82 -53.61 15.81 -38.68
CA ALA E 82 -54.04 17.20 -38.81
C ALA E 82 -52.85 18.09 -39.14
N GLY E 83 -53.10 19.09 -39.98
CA GLY E 83 -52.06 19.95 -40.49
C GLY E 83 -51.27 19.36 -41.64
N LEU E 84 -51.40 18.06 -41.90
CA LEU E 84 -50.68 17.39 -42.97
C LEU E 84 -51.63 16.61 -43.87
N GLU E 85 -52.91 16.99 -43.88
CA GLU E 85 -53.90 16.28 -44.67
C GLU E 85 -53.65 16.50 -46.16
N PRO E 86 -54.03 15.53 -47.01
CA PRO E 86 -53.77 15.64 -48.45
C PRO E 86 -54.40 16.86 -49.10
N LYS E 87 -55.57 17.28 -48.63
CA LYS E 87 -56.16 18.52 -49.11
C LYS E 87 -55.33 19.72 -48.68
N ASP E 88 -54.73 19.66 -47.49
CA ASP E 88 -53.90 20.75 -47.01
C ASP E 88 -52.61 20.84 -47.81
N ILE E 89 -52.04 19.69 -48.15
CA ILE E 89 -50.82 19.67 -48.95
C ILE E 89 -51.13 20.10 -50.38
N LYS E 90 -52.34 19.76 -50.86
CA LYS E 90 -52.78 20.24 -52.15
C LYS E 90 -52.92 21.76 -52.15
N LEU E 91 -53.46 22.32 -51.07
CA LEU E 91 -53.57 23.76 -50.95
C LEU E 91 -52.20 24.42 -50.88
N LEU E 92 -51.27 23.78 -50.17
CA LEU E 92 -49.89 24.22 -50.12
C LEU E 92 -49.26 24.25 -51.51
N PHE E 93 -49.49 23.18 -52.28
CA PHE E 93 -48.93 23.12 -53.62
C PHE E 93 -49.59 24.12 -54.55
N ASP E 94 -50.87 24.42 -54.32
CA ASP E 94 -51.53 25.49 -55.04
C ASP E 94 -50.84 26.82 -54.76
N GLU E 95 -50.52 27.08 -53.49
CA GLU E 95 -49.81 28.29 -53.09
C GLU E 95 -48.46 28.39 -53.78
N ILE E 96 -47.68 27.32 -53.74
CA ILE E 96 -46.31 27.39 -54.26
C ILE E 96 -46.32 27.39 -55.79
N HIS E 97 -47.22 26.62 -56.39
CA HIS E 97 -47.27 26.55 -57.85
C HIS E 97 -47.81 27.85 -58.43
N ASN E 98 -48.82 28.45 -57.80
CA ASN E 98 -49.26 29.76 -58.23
C ASN E 98 -48.25 30.84 -57.88
N HIS E 99 -47.39 30.59 -56.89
CA HIS E 99 -46.30 31.52 -56.62
C HIS E 99 -45.28 31.49 -57.74
N ALA E 100 -45.01 30.31 -58.28
CA ALA E 100 -44.18 30.21 -59.47
C ALA E 100 -44.89 30.78 -60.69
N LEU E 101 -46.20 30.57 -60.80
CA LEU E 101 -46.99 31.15 -61.87
C LEU E 101 -47.18 32.65 -61.71
N ASN E 102 -46.86 33.19 -60.55
CA ASN E 102 -46.65 34.62 -60.43
C ASN E 102 -45.28 34.99 -60.93
N TRP E 103 -44.25 34.26 -60.44
CA TRP E 103 -42.88 34.70 -60.62
C TRP E 103 -42.38 34.59 -62.05
N ASN E 104 -42.90 33.67 -62.84
CA ASN E 104 -42.53 33.63 -64.25
C ASN E 104 -42.89 34.93 -64.96
N ASP E 105 -44.10 35.45 -64.69
CA ASP E 105 -44.49 36.74 -65.23
C ASP E 105 -43.77 37.90 -64.55
N VAL E 106 -43.55 37.80 -63.24
CA VAL E 106 -42.91 38.89 -62.53
C VAL E 106 -41.44 38.99 -62.90
N GLU E 107 -40.80 37.86 -63.16
CA GLU E 107 -39.44 37.83 -63.66
C GLU E 107 -39.37 38.22 -65.13
N GLN E 108 -40.45 37.99 -65.87
CA GLN E 108 -40.56 38.59 -67.19
C GLN E 108 -40.62 40.11 -67.09
N ALA E 109 -41.30 40.62 -66.07
CA ALA E 109 -41.29 42.06 -65.82
C ALA E 109 -39.93 42.53 -65.33
N VAL E 110 -39.20 41.65 -64.64
CA VAL E 110 -37.81 41.94 -64.26
C VAL E 110 -36.95 42.07 -65.51
N LEU E 111 -37.19 41.22 -66.49
CA LEU E 111 -36.52 41.35 -67.78
C LEU E 111 -36.97 42.61 -68.52
N GLN E 112 -38.23 43.00 -68.35
CA GLN E 112 -38.69 44.25 -68.96
C GLN E 112 -38.00 45.45 -68.34
N GLN E 113 -37.90 45.47 -67.02
CA GLN E 113 -37.17 46.55 -66.35
C GLN E 113 -35.67 46.40 -66.53
N SER E 114 -35.19 45.21 -66.88
CA SER E 114 -33.82 45.05 -67.31
C SER E 114 -33.57 45.84 -68.58
N LEU E 115 -34.49 45.69 -69.54
CA LEU E 115 -34.45 46.52 -70.75
C LEU E 115 -34.63 48.00 -70.42
N ASP E 116 -35.48 48.30 -69.43
CA ASP E 116 -35.77 49.69 -69.09
C ASP E 116 -34.58 50.36 -68.43
N LEU E 117 -33.90 49.68 -67.54
CA LEU E 117 -32.68 50.21 -66.96
C LEU E 117 -31.55 50.25 -67.96
N ASP E 118 -31.54 49.33 -68.93
CA ASP E 118 -30.56 49.38 -69.99
C ASP E 118 -30.72 50.66 -70.81
N ILE E 119 -31.95 50.91 -71.27
CA ILE E 119 -32.18 52.12 -72.07
C ILE E 119 -32.12 53.37 -71.22
N ALA E 120 -32.40 53.27 -69.92
CA ALA E 120 -32.22 54.39 -69.02
C ALA E 120 -30.74 54.73 -68.88
N ALA E 121 -29.91 53.71 -68.72
CA ALA E 121 -28.46 53.88 -68.71
C ALA E 121 -27.98 54.53 -69.99
N LYS E 122 -28.43 54.01 -71.13
CA LYS E 122 -27.98 54.52 -72.42
C LYS E 122 -28.38 55.98 -72.63
N ASN E 123 -29.66 56.28 -72.42
CA ASN E 123 -30.17 57.62 -72.68
C ASN E 123 -29.60 58.62 -71.68
N ILE E 124 -29.54 58.26 -70.40
CA ILE E 124 -29.09 59.21 -69.39
C ILE E 124 -27.59 59.45 -69.49
N ILE E 125 -26.80 58.37 -69.65
CA ILE E 125 -25.36 58.49 -69.86
C ILE E 125 -25.06 59.34 -71.07
N SER E 126 -25.73 59.07 -72.19
CA SER E 126 -25.53 59.82 -73.42
C SER E 126 -25.91 61.29 -73.25
N THR E 127 -27.19 61.57 -73.01
CA THR E 127 -27.71 62.94 -72.98
C THR E 127 -27.09 63.74 -71.85
N GLY E 128 -27.11 63.20 -70.63
CA GLY E 128 -26.51 63.80 -69.47
C GLY E 128 -25.02 64.05 -69.61
N ASN E 129 -24.21 63.04 -69.94
CA ASN E 129 -22.77 63.24 -69.98
C ASN E 129 -22.37 64.18 -71.10
N GLU E 130 -22.99 64.03 -72.28
CA GLU E 130 -22.74 64.94 -73.40
C GLU E 130 -23.10 66.39 -73.09
N ILE E 131 -24.37 66.67 -72.79
CA ILE E 131 -24.81 68.05 -72.67
C ILE E 131 -24.29 68.67 -71.37
N ILE E 132 -24.14 67.85 -70.32
CA ILE E 132 -23.77 68.35 -69.01
C ILE E 132 -22.32 67.93 -68.76
N ASN E 133 -21.57 67.78 -69.85
CA ASN E 133 -20.13 67.92 -69.82
C ASN E 133 -19.63 68.84 -70.92
N LEU E 134 -20.52 69.28 -71.82
CA LEU E 134 -20.21 70.39 -72.69
C LEU E 134 -20.02 71.69 -71.90
N ILE E 135 -20.66 71.79 -70.74
CA ILE E 135 -20.69 73.03 -69.98
C ILE E 135 -19.66 72.90 -68.86
N ASN E 136 -18.66 72.05 -69.08
CA ASN E 136 -17.45 72.12 -68.28
C ASN E 136 -16.74 73.45 -68.45
N GLN E 137 -16.90 74.09 -69.61
CA GLN E 137 -16.23 75.35 -69.91
C GLN E 137 -16.82 76.48 -69.08
N MET E 138 -16.05 76.97 -68.11
CA MET E 138 -16.32 78.23 -67.50
C MET E 138 -14.97 78.75 -67.05
N PRO E 139 -14.37 79.67 -67.80
CA PRO E 139 -13.14 80.32 -67.31
C PRO E 139 -13.42 81.34 -66.22
N ILE E 140 -12.37 81.76 -65.51
CA ILE E 140 -12.52 82.68 -64.39
C ILE E 140 -12.96 84.08 -64.84
N THR E 141 -12.73 84.43 -66.11
CA THR E 141 -13.06 85.76 -66.62
C THR E 141 -14.57 86.00 -66.59
N LEU E 142 -15.34 85.05 -67.08
CA LEU E 142 -16.79 85.14 -66.93
C LEU E 142 -17.20 84.83 -65.49
N ARG E 143 -16.41 84.01 -64.80
CA ARG E 143 -16.78 83.53 -63.48
C ARG E 143 -16.53 84.58 -62.40
N VAL E 144 -15.97 85.73 -62.74
CA VAL E 144 -15.89 86.84 -61.80
C VAL E 144 -16.88 87.95 -62.11
N LYS E 145 -17.54 87.94 -63.27
CA LYS E 145 -18.30 89.11 -63.69
C LYS E 145 -19.69 88.83 -64.24
N THR E 146 -19.99 87.63 -64.72
CA THR E 146 -21.19 87.46 -65.55
C THR E 146 -22.45 87.38 -64.71
N LEU E 147 -22.36 86.70 -63.56
CA LEU E 147 -23.48 86.40 -62.66
C LEU E 147 -24.59 85.67 -63.42
N LEU E 148 -24.25 84.43 -63.81
CA LEU E 148 -24.95 83.58 -64.77
C LEU E 148 -26.46 83.45 -64.58
N GLY E 149 -26.94 83.64 -63.34
CA GLY E 149 -28.37 83.70 -63.08
C GLY E 149 -29.11 84.81 -63.79
N ASP E 150 -28.38 85.81 -64.30
CA ASP E 150 -28.97 86.83 -65.17
C ASP E 150 -29.48 86.21 -66.46
N ILE E 151 -28.63 85.45 -67.15
CA ILE E 151 -28.96 84.99 -68.49
C ILE E 151 -29.56 83.60 -68.47
N THR E 152 -29.98 83.15 -67.30
CA THR E 152 -30.76 81.92 -67.20
C THR E 152 -32.16 82.12 -67.75
N VAL E 168 -30.15 80.75 -75.69
CA VAL E 168 -29.68 79.60 -76.43
C VAL E 168 -29.68 78.37 -75.55
N ALA E 169 -28.84 78.41 -74.51
CA ALA E 169 -28.72 77.29 -73.60
C ALA E 169 -29.90 77.19 -72.63
N SER E 170 -30.68 78.27 -72.50
CA SER E 170 -31.87 78.23 -71.64
C SER E 170 -32.90 77.24 -72.19
N ALA E 171 -33.09 77.24 -73.51
CA ALA E 171 -33.92 76.22 -74.13
C ALA E 171 -33.25 74.85 -74.07
N LEU E 172 -31.92 74.83 -74.03
CA LEU E 172 -31.23 73.56 -73.88
C LEU E 172 -31.35 73.02 -72.46
N LYS E 173 -31.45 73.92 -71.47
CA LYS E 173 -31.77 73.49 -70.12
C LYS E 173 -33.22 73.03 -69.99
N ASP E 174 -34.09 73.50 -70.87
CA ASP E 174 -35.46 73.00 -70.89
C ASP E 174 -35.50 71.57 -71.37
N ILE E 175 -34.61 71.21 -72.31
CA ILE E 175 -34.43 69.81 -72.69
C ILE E 175 -33.97 68.99 -71.50
N LEU E 176 -33.09 69.57 -70.69
CA LEU E 176 -32.62 68.88 -69.49
C LEU E 176 -33.72 68.71 -68.45
N ASP E 177 -34.65 69.66 -68.39
CA ASP E 177 -35.77 69.53 -67.47
C ASP E 177 -36.80 68.53 -67.98
N ASP E 178 -36.93 68.41 -69.30
CA ASP E 178 -37.76 67.36 -69.88
C ASP E 178 -37.17 65.99 -69.57
N MET E 179 -35.85 65.87 -69.69
CA MET E 179 -35.17 64.65 -69.30
C MET E 179 -35.26 64.42 -67.80
N LYS E 180 -35.35 65.49 -67.01
CA LYS E 180 -35.56 65.39 -65.57
C LYS E 180 -36.91 64.77 -65.25
N GLY E 181 -37.95 65.23 -65.96
CA GLY E 181 -39.26 64.62 -65.80
C GLY E 181 -39.28 63.19 -66.28
N ASP E 182 -38.52 62.89 -67.34
CA ASP E 182 -38.38 61.52 -67.77
C ASP E 182 -37.67 60.67 -66.73
N ILE E 183 -36.68 61.24 -66.05
CA ILE E 183 -35.99 60.58 -64.94
C ILE E 183 -36.96 60.32 -63.79
N ASN E 184 -37.87 61.24 -63.54
CA ASN E 184 -38.90 61.02 -62.54
C ASN E 184 -39.83 59.88 -62.96
N ARG E 185 -40.08 59.77 -64.25
CA ARG E 185 -40.83 58.62 -64.77
C ARG E 185 -40.04 57.32 -64.60
N HIS E 186 -38.72 57.38 -64.78
CA HIS E 186 -37.88 56.22 -64.54
C HIS E 186 -37.91 55.83 -63.07
N GLN E 187 -37.96 56.83 -62.19
CA GLN E 187 -38.14 56.59 -60.76
C GLN E 187 -39.43 55.86 -60.48
N THR E 188 -40.50 56.30 -61.15
CA THR E 188 -41.81 55.68 -61.00
C THR E 188 -41.78 54.22 -61.41
N THR E 189 -41.23 53.95 -62.59
CA THR E 189 -41.14 52.58 -63.09
C THR E 189 -40.25 51.71 -62.21
N THR E 190 -39.11 52.27 -61.78
CA THR E 190 -38.16 51.51 -60.98
C THR E 190 -38.72 51.22 -59.60
N GLU E 191 -39.47 52.16 -59.04
CA GLU E 191 -40.13 51.93 -57.77
C GLU E 191 -41.24 50.91 -57.91
N ASN E 192 -41.94 50.90 -59.05
CA ASN E 192 -42.96 49.89 -59.29
C ASN E 192 -42.35 48.50 -59.35
N VAL E 193 -41.20 48.38 -60.03
CA VAL E 193 -40.59 47.07 -60.16
C VAL E 193 -39.94 46.65 -58.84
N ARG E 194 -39.38 47.60 -58.09
CA ARG E 194 -38.87 47.30 -56.76
C ARG E 194 -39.99 46.88 -55.84
N LYS E 195 -41.15 47.50 -55.99
CA LYS E 195 -42.35 47.08 -55.28
C LYS E 195 -42.70 45.65 -55.62
N LYS E 196 -42.65 45.30 -56.91
CA LYS E 196 -42.93 43.93 -57.33
C LYS E 196 -41.95 42.95 -56.72
N VAL E 197 -40.68 43.29 -56.74
CA VAL E 197 -39.62 42.41 -56.23
C VAL E 197 -39.75 42.24 -54.74
N SER E 198 -39.90 43.35 -54.01
CA SER E 198 -39.95 43.28 -52.56
C SER E 198 -41.24 42.63 -52.08
N ASP E 199 -42.35 42.88 -52.78
CA ASP E 199 -43.59 42.20 -52.42
C ASP E 199 -43.53 40.72 -52.74
N TYR E 200 -42.79 40.35 -53.80
CA TYR E 200 -42.58 38.94 -54.07
C TYR E 200 -41.71 38.31 -52.99
N ARG E 201 -40.75 39.07 -52.48
CA ARG E 201 -39.91 38.59 -51.39
C ARG E 201 -40.71 38.39 -50.13
N ILE E 202 -41.55 39.36 -49.78
CA ILE E 202 -42.42 39.25 -48.61
C ILE E 202 -43.44 38.13 -48.82
N THR E 203 -43.84 37.91 -50.07
CA THR E 203 -44.67 36.76 -50.41
C THR E 203 -43.93 35.46 -50.14
N LEU E 204 -42.62 35.47 -50.33
CA LEU E 204 -41.82 34.33 -49.89
C LEU E 204 -41.52 34.40 -48.40
N THR E 205 -41.01 35.54 -47.94
CA THR E 205 -40.48 35.66 -46.57
C THR E 205 -41.55 35.99 -45.54
N GLY E 206 -42.25 37.11 -45.71
CA GLY E 206 -43.25 37.44 -44.71
C GLY E 206 -43.25 38.88 -44.25
N GLY E 207 -44.43 39.40 -43.95
CA GLY E 207 -44.59 40.75 -43.47
C GLY E 207 -45.72 41.44 -44.17
N GLU E 208 -45.80 42.76 -43.97
CA GLU E 208 -46.82 43.55 -44.62
C GLU E 208 -46.36 43.94 -46.01
N LEU E 209 -47.20 43.70 -47.00
CA LEU E 209 -46.91 44.16 -48.35
C LEU E 209 -47.01 45.67 -48.41
N SER E 210 -46.27 46.26 -49.36
CA SER E 210 -46.43 47.68 -49.66
C SER E 210 -47.81 48.01 -50.22
N SER E 211 -48.47 47.03 -50.84
CA SER E 211 -49.88 47.15 -51.17
C SER E 211 -50.77 47.20 -49.95
N GLY E 212 -50.30 46.71 -48.80
CA GLY E 212 -51.07 46.77 -47.58
C GLY E 212 -51.66 45.44 -47.16
N ASP E 213 -50.88 44.37 -47.28
CA ASP E 213 -51.35 43.05 -46.89
C ASP E 213 -50.28 42.41 -46.02
N LYS E 214 -50.65 42.10 -44.77
CA LYS E 214 -49.75 41.43 -43.83
C LYS E 214 -49.76 39.94 -44.13
N VAL E 215 -49.06 39.54 -45.18
CA VAL E 215 -48.96 38.15 -45.54
C VAL E 215 -47.93 37.49 -44.63
N ASN E 216 -47.95 36.17 -44.58
CA ASN E 216 -47.06 35.45 -43.70
C ASN E 216 -45.78 35.00 -44.39
N GLY E 217 -45.76 35.02 -45.72
CA GLY E 217 -44.61 34.52 -46.45
C GLY E 217 -44.66 33.03 -46.61
N LEU E 218 -44.46 32.55 -47.83
CA LEU E 218 -44.64 31.13 -48.08
C LEU E 218 -43.50 30.29 -47.54
N GLU E 219 -42.28 30.85 -47.49
CA GLU E 219 -41.16 30.10 -46.97
C GLU E 219 -41.28 29.71 -45.50
N PRO E 220 -41.72 30.56 -44.56
CA PRO E 220 -41.94 30.05 -43.20
C PRO E 220 -43.11 29.11 -43.09
N GLN E 221 -44.10 29.22 -43.98
CA GLN E 221 -45.19 28.25 -43.96
C GLN E 221 -44.71 26.88 -44.41
N VAL E 222 -43.90 26.86 -45.46
CA VAL E 222 -43.26 25.62 -45.90
C VAL E 222 -42.30 25.10 -44.84
N LYS E 223 -41.62 26.02 -44.15
CA LYS E 223 -40.72 25.63 -43.07
C LYS E 223 -41.50 25.04 -41.91
N THR E 224 -42.69 25.58 -41.65
CA THR E 224 -43.54 25.07 -40.57
C THR E 224 -44.07 23.69 -40.91
N LYS E 225 -44.52 23.50 -42.14
CA LYS E 225 -44.96 22.18 -42.56
C LYS E 225 -43.81 21.21 -42.68
N TYR E 226 -42.60 21.71 -42.93
CA TYR E 226 -41.41 20.88 -42.84
C TYR E 226 -41.14 20.48 -41.40
N ASP E 227 -41.42 21.37 -40.45
CA ASP E 227 -41.28 21.03 -39.05
C ASP E 227 -42.33 20.02 -38.63
N LEU E 228 -43.50 20.09 -39.25
CA LEU E 228 -44.49 19.04 -39.09
C LEU E 228 -43.97 17.72 -39.63
N MET E 229 -43.57 17.69 -40.88
CA MET E 229 -43.00 16.47 -41.46
C MET E 229 -41.63 16.07 -40.87
N GLU E 230 -41.08 16.86 -39.97
CA GLU E 230 -39.96 16.47 -39.14
C GLU E 230 -40.41 15.86 -37.82
N LYS E 231 -41.40 16.46 -37.17
CA LYS E 231 -41.84 16.02 -35.84
C LYS E 231 -43.28 15.53 -35.80
N SER E 232 -44.22 16.31 -36.34
CA SER E 232 -45.62 15.89 -36.42
C SER E 232 -45.86 14.89 -37.53
N ASN E 233 -44.81 14.56 -38.29
CA ASN E 233 -44.82 13.36 -39.13
C ASN E 233 -45.08 12.10 -38.31
N MET E 234 -44.60 12.09 -37.06
CA MET E 234 -44.90 11.10 -36.05
C MET E 234 -44.43 9.70 -36.43
N ARG E 235 -43.17 9.62 -36.87
CA ARG E 235 -42.52 8.33 -37.05
C ARG E 235 -42.42 7.57 -35.73
N LYS E 236 -42.28 8.29 -34.61
CA LYS E 236 -42.39 7.65 -33.30
C LYS E 236 -43.78 7.07 -33.08
N SER E 237 -44.81 7.72 -33.60
CA SER E 237 -46.14 7.13 -33.52
C SER E 237 -46.29 5.96 -34.47
N ILE E 238 -45.56 5.96 -35.58
CA ILE E 238 -45.52 4.77 -36.43
C ILE E 238 -44.90 3.60 -35.68
N LYS E 239 -43.82 3.89 -34.93
CA LYS E 239 -43.18 2.89 -34.08
C LYS E 239 -44.14 2.38 -33.01
N GLU E 240 -44.80 3.29 -32.32
CA GLU E 240 -45.71 2.92 -31.25
C GLU E 240 -46.96 2.25 -31.75
N LEU E 241 -47.42 2.57 -32.95
CA LEU E 241 -48.54 1.88 -33.53
C LEU E 241 -48.18 0.51 -34.05
N ASP E 242 -46.95 0.33 -34.53
CA ASP E 242 -46.48 -1.02 -34.83
C ASP E 242 -46.31 -1.82 -33.55
N GLU E 243 -45.93 -1.16 -32.47
CA GLU E 243 -45.91 -1.81 -31.17
C GLU E 243 -47.31 -2.18 -30.72
N LYS E 244 -48.29 -1.32 -31.02
CA LYS E 244 -49.68 -1.63 -30.76
C LYS E 244 -50.14 -2.83 -31.57
N ILE E 245 -49.72 -2.90 -32.84
CA ILE E 245 -50.01 -4.05 -33.70
C ILE E 245 -49.46 -5.32 -33.10
N LYS E 246 -48.18 -5.30 -32.71
CA LYS E 246 -47.57 -6.54 -32.23
C LYS E 246 -48.08 -6.93 -30.86
N GLU E 247 -48.52 -5.97 -30.03
CA GLU E 247 -49.10 -6.30 -28.75
C GLU E 247 -50.49 -6.91 -28.90
N LYS E 248 -51.33 -6.28 -29.73
CA LYS E 248 -52.64 -6.84 -30.01
C LYS E 248 -52.53 -8.18 -30.73
N ARG E 249 -51.56 -8.30 -31.63
CA ARG E 249 -51.36 -9.54 -32.37
C ARG E 249 -50.86 -10.65 -31.45
N GLN E 250 -49.97 -10.30 -30.51
CA GLN E 250 -49.51 -11.26 -29.53
C GLN E 250 -50.64 -11.74 -28.64
N ARG E 251 -51.49 -10.81 -28.20
CA ARG E 251 -52.64 -11.16 -27.37
C ARG E 251 -53.60 -12.06 -28.13
N ILE E 252 -53.89 -11.73 -29.39
CA ILE E 252 -54.88 -12.53 -30.10
C ILE E 252 -54.28 -13.84 -30.60
N GLU E 253 -52.97 -13.96 -30.74
CA GLU E 253 -52.42 -15.26 -31.06
C GLU E 253 -52.30 -16.15 -29.83
N GLN E 254 -52.09 -15.54 -28.66
CA GLN E 254 -52.36 -16.24 -27.40
C GLN E 254 -53.79 -16.72 -27.36
N LEU E 255 -54.72 -15.89 -27.82
CA LEU E 255 -56.12 -16.29 -27.90
C LEU E 255 -56.33 -17.39 -28.93
N LYS E 256 -55.52 -17.41 -29.99
CA LYS E 256 -55.60 -18.50 -30.98
C LYS E 256 -55.20 -19.83 -30.37
N LYS E 257 -54.06 -19.85 -29.67
CA LYS E 257 -53.58 -21.08 -29.04
C LYS E 257 -54.54 -21.52 -27.93
N ASP E 258 -55.00 -20.54 -27.13
CA ASP E 258 -56.05 -20.79 -26.16
C ASP E 258 -57.29 -21.34 -26.81
N TYR E 259 -57.67 -20.83 -27.98
CA TYR E 259 -58.89 -21.28 -28.64
C TYR E 259 -58.78 -22.70 -29.16
N ASP E 260 -57.61 -23.08 -29.67
CA ASP E 260 -57.40 -24.47 -30.05
C ASP E 260 -57.51 -25.38 -28.84
N LYS E 261 -56.96 -24.94 -27.71
CA LYS E 261 -57.15 -25.71 -26.49
C LYS E 261 -58.60 -25.66 -26.00
N PHE E 262 -59.31 -24.57 -26.30
CA PHE E 262 -60.71 -24.43 -25.92
C PHE E 262 -61.57 -25.43 -26.66
N VAL E 263 -61.38 -25.55 -27.98
CA VAL E 263 -62.19 -26.49 -28.73
C VAL E 263 -61.79 -27.91 -28.40
N GLY E 264 -60.50 -28.15 -28.08
CA GLY E 264 -60.10 -29.47 -27.62
C GLY E 264 -60.81 -29.89 -26.33
N LEU E 265 -60.76 -29.02 -25.31
CA LEU E 265 -61.39 -29.35 -24.05
C LEU E 265 -62.91 -29.36 -24.13
N SER E 266 -63.50 -28.50 -24.97
CA SER E 266 -64.94 -28.52 -25.15
C SER E 266 -65.39 -29.79 -25.84
N PHE E 267 -64.57 -30.31 -26.75
CA PHE E 267 -64.96 -31.54 -27.42
C PHE E 267 -64.77 -32.74 -26.51
N THR E 268 -63.79 -32.70 -25.62
CA THR E 268 -63.67 -33.75 -24.61
C THR E 268 -64.84 -33.73 -23.64
N GLY E 269 -65.24 -32.53 -23.20
CA GLY E 269 -66.43 -32.39 -22.40
C GLY E 269 -67.70 -32.77 -23.14
N ALA E 270 -67.67 -32.70 -24.46
CA ALA E 270 -68.79 -33.19 -25.27
C ALA E 270 -68.85 -34.71 -25.22
N ILE E 271 -67.82 -35.37 -25.71
CA ILE E 271 -67.93 -36.76 -26.14
C ILE E 271 -68.02 -37.77 -25.00
N GLY E 272 -68.06 -37.30 -23.75
CA GLY E 272 -68.20 -38.19 -22.62
C GLY E 272 -69.53 -38.93 -22.55
N GLY E 273 -70.61 -38.21 -22.31
CA GLY E 273 -71.90 -38.84 -22.14
C GLY E 273 -73.01 -37.95 -22.62
N ILE E 274 -74.25 -38.31 -22.23
CA ILE E 274 -75.44 -37.65 -22.75
C ILE E 274 -75.54 -36.22 -22.25
N ILE E 275 -75.61 -36.05 -20.92
CA ILE E 275 -75.67 -34.71 -20.34
C ILE E 275 -74.36 -33.96 -20.49
N ALA E 276 -73.25 -34.68 -20.69
CA ALA E 276 -71.97 -34.05 -21.00
C ALA E 276 -72.02 -33.34 -22.34
N MET E 277 -72.42 -34.09 -23.39
CA MET E 277 -72.79 -33.52 -24.68
C MET E 277 -73.70 -32.32 -24.53
N ALA E 278 -74.75 -32.47 -23.71
CA ALA E 278 -75.76 -31.43 -23.53
C ALA E 278 -75.15 -30.14 -23.00
N ILE E 279 -74.51 -30.19 -21.82
CA ILE E 279 -74.05 -28.97 -21.17
C ILE E 279 -72.87 -28.36 -21.91
N THR E 280 -71.95 -29.19 -22.43
CA THR E 280 -70.75 -28.62 -23.01
C THR E 280 -70.99 -28.15 -24.44
N GLY E 281 -71.76 -28.90 -25.24
CA GLY E 281 -72.14 -28.41 -26.55
C GLY E 281 -73.11 -27.25 -26.50
N GLY E 282 -73.87 -27.11 -25.40
CA GLY E 282 -74.68 -25.94 -25.24
C GLY E 282 -73.83 -24.72 -24.96
N ILE E 283 -72.93 -24.83 -23.98
CA ILE E 283 -72.16 -23.67 -23.58
C ILE E 283 -71.03 -23.40 -24.56
N PHE E 284 -70.07 -24.31 -24.63
CA PHE E 284 -68.86 -24.03 -25.37
C PHE E 284 -68.97 -24.42 -26.83
N GLY E 285 -69.97 -25.21 -27.20
CA GLY E 285 -70.29 -25.35 -28.61
C GLY E 285 -70.70 -24.03 -29.23
N ALA E 286 -71.41 -23.19 -28.46
CA ALA E 286 -71.71 -21.85 -28.92
C ALA E 286 -70.54 -20.91 -28.70
N LYS E 287 -69.85 -21.05 -27.56
CA LYS E 287 -68.75 -20.15 -27.23
C LYS E 287 -67.56 -20.30 -28.16
N ALA E 288 -67.37 -21.50 -28.71
CA ALA E 288 -66.30 -21.71 -29.68
C ALA E 288 -66.54 -20.90 -30.94
N GLU E 289 -67.76 -20.98 -31.47
CA GLU E 289 -68.12 -20.20 -32.65
C GLU E 289 -68.09 -18.70 -32.35
N ASN E 290 -68.57 -18.31 -31.18
CA ASN E 290 -68.66 -16.88 -30.85
C ASN E 290 -67.28 -16.27 -30.63
N ALA E 291 -66.47 -16.91 -29.78
CA ALA E 291 -65.11 -16.45 -29.54
C ALA E 291 -64.25 -16.58 -30.77
N ARG E 292 -64.53 -17.55 -31.65
CA ARG E 292 -63.78 -17.69 -32.88
C ARG E 292 -64.09 -16.57 -33.85
N LYS E 293 -65.38 -16.21 -33.98
CA LYS E 293 -65.75 -15.14 -34.88
C LYS E 293 -65.25 -13.80 -34.37
N GLU E 294 -65.36 -13.57 -33.06
CA GLU E 294 -64.80 -12.36 -32.45
C GLU E 294 -63.29 -12.31 -32.61
N LYS E 295 -62.64 -13.46 -32.43
CA LYS E 295 -61.20 -13.58 -32.54
C LYS E 295 -60.74 -13.32 -33.97
N ASN E 296 -61.49 -13.83 -34.95
CA ASN E 296 -61.12 -13.59 -36.34
C ASN E 296 -61.45 -12.17 -36.77
N ALA E 297 -62.44 -11.56 -36.13
CA ALA E 297 -62.65 -10.12 -36.30
C ALA E 297 -61.44 -9.35 -35.77
N LEU E 298 -60.88 -9.79 -34.65
CA LEU E 298 -59.65 -9.18 -34.14
C LEU E 298 -58.47 -9.42 -35.06
N ILE E 299 -58.40 -10.61 -35.66
CA ILE E 299 -57.41 -10.91 -36.70
C ILE E 299 -57.53 -9.91 -37.84
N SER E 300 -58.76 -9.67 -38.29
CA SER E 300 -59.00 -8.72 -39.37
C SER E 300 -58.64 -7.30 -38.96
N GLU E 301 -58.91 -6.94 -37.71
CA GLU E 301 -58.60 -5.60 -37.24
C GLU E 301 -57.09 -5.35 -37.19
N VAL E 302 -56.33 -6.31 -36.65
CA VAL E 302 -54.89 -6.13 -36.59
C VAL E 302 -54.30 -6.23 -37.99
N ALA E 303 -54.90 -7.04 -38.88
CA ALA E 303 -54.48 -7.07 -40.26
C ALA E 303 -54.76 -5.75 -40.98
N GLU E 304 -55.83 -5.06 -40.60
CA GLU E 304 -56.09 -3.75 -41.18
C GLU E 304 -55.18 -2.69 -40.61
N LEU E 305 -54.78 -2.84 -39.34
CA LEU E 305 -53.79 -1.93 -38.77
C LEU E 305 -52.44 -2.10 -39.45
N GLU E 306 -52.10 -3.34 -39.77
CA GLU E 306 -50.95 -3.61 -40.63
C GLU E 306 -51.16 -2.98 -42.00
N SER E 307 -52.35 -3.13 -42.56
CA SER E 307 -52.75 -2.48 -43.78
C SER E 307 -52.93 -0.99 -43.61
N LYS E 308 -53.09 -0.50 -42.40
CA LYS E 308 -53.04 0.94 -42.27
C LYS E 308 -51.65 1.43 -41.91
N VAL E 309 -51.16 1.10 -40.72
CA VAL E 309 -49.98 1.80 -40.20
C VAL E 309 -48.70 1.00 -40.36
N SER E 310 -48.72 -0.32 -40.50
CA SER E 310 -47.54 -0.96 -41.06
C SER E 310 -47.44 -0.71 -42.56
N SER E 311 -48.55 -0.38 -43.20
CA SER E 311 -48.47 0.25 -44.53
C SER E 311 -48.08 1.71 -44.43
N GLN E 312 -48.43 2.36 -43.33
CA GLN E 312 -47.91 3.71 -43.16
C GLN E 312 -46.49 3.73 -42.66
N ARG E 313 -45.84 2.58 -42.46
CA ARG E 313 -44.38 2.56 -42.45
C ARG E 313 -43.83 3.05 -43.78
N ALA E 314 -44.27 2.42 -44.87
CA ALA E 314 -43.83 2.84 -46.19
C ALA E 314 -44.41 4.18 -46.59
N LEU E 315 -45.65 4.46 -46.18
CA LEU E 315 -46.23 5.77 -46.43
C LEU E 315 -45.48 6.86 -45.66
N GLN E 316 -45.05 6.54 -44.44
CA GLN E 316 -44.21 7.42 -43.65
C GLN E 316 -42.88 7.64 -44.31
N THR E 317 -42.33 6.59 -44.92
CA THR E 317 -41.07 6.71 -45.65
C THR E 317 -41.23 7.62 -46.87
N ALA E 318 -42.38 7.51 -47.54
CA ALA E 318 -42.69 8.41 -48.65
C ALA E 318 -42.84 9.84 -48.16
N LEU E 319 -43.43 10.01 -46.97
CA LEU E 319 -43.50 11.33 -46.35
C LEU E 319 -42.13 11.85 -45.99
N GLU E 320 -41.21 10.96 -45.61
CA GLU E 320 -39.86 11.36 -45.29
C GLU E 320 -39.10 11.79 -46.53
N ALA E 321 -39.32 11.10 -47.65
CA ALA E 321 -38.76 11.55 -48.91
C ALA E 321 -39.40 12.86 -49.37
N LEU E 322 -40.69 13.04 -49.06
CA LEU E 322 -41.36 14.29 -49.37
C LEU E 322 -40.82 15.43 -48.52
N SER E 323 -40.50 15.14 -47.26
CA SER E 323 -39.90 16.13 -46.39
C SER E 323 -38.48 16.42 -46.82
N LEU E 324 -37.78 15.43 -47.36
CA LEU E 324 -36.49 15.67 -48.01
C LEU E 324 -36.63 16.63 -49.18
N SER E 325 -37.63 16.40 -50.03
CA SER E 325 -37.90 17.28 -51.16
C SER E 325 -38.26 18.68 -50.68
N PHE E 326 -39.02 18.76 -49.60
CA PHE E 326 -39.42 20.05 -49.04
C PHE E 326 -38.22 20.77 -48.45
N SER E 327 -37.29 20.01 -47.85
CA SER E 327 -36.07 20.61 -47.33
C SER E 327 -35.22 21.15 -48.45
N ASP E 328 -35.19 20.44 -49.58
CA ASP E 328 -34.51 20.94 -50.77
C ASP E 328 -35.13 22.24 -51.25
N ILE E 329 -36.46 22.25 -51.37
CA ILE E 329 -37.21 23.43 -51.80
C ILE E 329 -36.96 24.59 -50.86
N GLY E 330 -36.89 24.33 -49.55
CA GLY E 330 -36.62 25.38 -48.60
C GLY E 330 -35.20 25.91 -48.67
N ILE E 331 -34.23 25.03 -48.95
CA ILE E 331 -32.86 25.48 -49.19
C ILE E 331 -32.81 26.42 -50.38
N ARG E 332 -33.51 26.06 -51.45
CA ARG E 332 -33.48 26.92 -52.63
C ARG E 332 -34.30 28.18 -52.41
N MET E 333 -35.27 28.14 -51.50
CA MET E 333 -35.95 29.37 -51.08
C MET E 333 -35.02 30.27 -50.30
N VAL E 334 -34.15 29.70 -49.47
CA VAL E 334 -33.15 30.51 -48.76
C VAL E 334 -32.17 31.12 -49.77
N ASP E 335 -31.85 30.36 -50.81
CA ASP E 335 -30.99 30.86 -51.87
C ASP E 335 -31.66 32.03 -52.60
N ALA E 336 -32.95 31.87 -52.91
CA ALA E 336 -33.71 32.95 -53.52
C ALA E 336 -33.89 34.12 -52.56
N GLU E 337 -33.87 33.85 -51.25
CA GLU E 337 -33.98 34.92 -50.27
C GLU E 337 -32.73 35.78 -50.27
N SER E 338 -31.56 35.15 -50.30
CA SER E 338 -30.32 35.91 -50.44
C SER E 338 -30.25 36.61 -51.79
N ALA E 339 -30.80 35.96 -52.83
CA ALA E 339 -30.88 36.57 -54.16
C ALA E 339 -31.68 37.85 -54.13
N LEU E 340 -32.87 37.80 -53.55
CA LEU E 340 -33.70 38.98 -53.42
C LEU E 340 -33.13 39.98 -52.43
N ASN E 341 -32.31 39.52 -51.47
CA ASN E 341 -31.62 40.43 -50.58
C ASN E 341 -30.66 41.32 -51.35
N HIS E 342 -29.71 40.70 -52.07
CA HIS E 342 -28.76 41.46 -52.86
C HIS E 342 -29.46 42.25 -53.97
N LEU E 343 -30.50 41.66 -54.54
CA LEU E 343 -31.25 42.28 -55.62
C LEU E 343 -31.98 43.53 -55.14
N ASP E 344 -32.77 43.40 -54.08
CA ASP E 344 -33.54 44.51 -53.57
C ASP E 344 -32.66 45.58 -52.98
N PHE E 345 -31.49 45.21 -52.44
CA PHE E 345 -30.56 46.23 -52.00
C PHE E 345 -29.99 47.02 -53.18
N MET E 346 -29.75 46.34 -54.30
CA MET E 346 -29.40 47.03 -55.54
C MET E 346 -30.51 47.99 -55.96
N TRP E 347 -31.75 47.52 -55.94
CA TRP E 347 -32.88 48.35 -56.36
C TRP E 347 -33.04 49.56 -55.46
N LEU E 348 -32.81 49.36 -54.16
CA LEU E 348 -32.80 50.47 -53.22
C LEU E 348 -31.70 51.44 -53.55
N SER E 349 -30.51 50.95 -53.92
CA SER E 349 -29.40 51.83 -54.29
C SER E 349 -29.73 52.64 -55.54
N VAL E 350 -30.45 52.01 -56.48
CA VAL E 350 -30.90 52.69 -57.69
C VAL E 350 -31.83 53.84 -57.34
N LEU E 351 -32.87 53.53 -56.55
CA LEU E 351 -33.84 54.56 -56.15
C LEU E 351 -33.19 55.62 -55.28
N ASN E 352 -32.19 55.23 -54.48
CA ASN E 352 -31.39 56.17 -53.71
C ASN E 352 -30.74 57.20 -54.59
N GLN E 353 -30.00 56.74 -55.61
CA GLN E 353 -29.27 57.66 -56.46
C GLN E 353 -30.21 58.51 -57.31
N ILE E 354 -31.39 57.96 -57.63
CA ILE E 354 -32.42 58.76 -58.28
C ILE E 354 -32.86 59.91 -57.39
N THR E 355 -33.13 59.61 -56.12
CA THR E 355 -33.52 60.67 -55.17
C THR E 355 -32.39 61.65 -54.92
N GLU E 356 -31.15 61.16 -54.92
CA GLU E 356 -29.97 62.01 -54.83
C GLU E 356 -29.95 63.02 -55.96
N SER E 357 -30.28 62.58 -57.16
CA SER E 357 -30.40 63.50 -58.28
C SER E 357 -31.57 64.46 -58.08
N GLN E 358 -32.72 63.93 -57.67
CA GLN E 358 -33.96 64.70 -57.71
C GLN E 358 -34.04 65.80 -56.65
N ILE E 359 -33.42 65.59 -55.49
CA ILE E 359 -33.37 66.62 -54.46
C ILE E 359 -32.66 67.86 -54.98
N GLN E 360 -31.50 67.65 -55.59
CA GLN E 360 -30.74 68.73 -56.18
C GLN E 360 -31.36 69.22 -57.49
N PHE E 361 -32.21 68.41 -58.11
CA PHE E 361 -32.97 68.87 -59.26
C PHE E 361 -34.06 69.84 -58.83
N ALA E 362 -34.59 69.65 -57.62
CA ALA E 362 -35.55 70.59 -57.06
C ALA E 362 -34.90 71.93 -56.75
N MET E 363 -33.60 71.95 -56.52
CA MET E 363 -32.86 73.17 -56.25
C MET E 363 -32.72 74.06 -57.48
N ILE E 364 -32.98 73.54 -58.68
CA ILE E 364 -32.72 74.24 -59.93
C ILE E 364 -33.77 75.33 -60.12
N ASN E 365 -33.29 76.56 -60.37
CA ASN E 365 -34.15 77.72 -60.57
C ASN E 365 -33.55 78.58 -61.67
N ASN E 366 -34.01 79.83 -61.76
CA ASN E 366 -33.41 80.81 -62.65
C ASN E 366 -32.33 81.64 -61.96
N ALA E 367 -32.01 81.33 -60.71
CA ALA E 367 -30.94 81.99 -59.98
C ALA E 367 -29.67 81.15 -60.01
N LEU E 368 -29.39 80.52 -61.14
CA LEU E 368 -28.19 79.70 -61.30
C LEU E 368 -27.03 80.59 -61.69
N ARG E 369 -26.29 81.06 -60.68
CA ARG E 369 -25.19 81.99 -60.89
C ARG E 369 -23.96 81.25 -61.36
N LEU E 370 -22.80 81.91 -61.31
CA LEU E 370 -21.56 81.37 -61.87
C LEU E 370 -21.09 80.11 -61.18
N THR E 371 -20.60 80.23 -59.96
CA THR E 371 -20.14 79.04 -59.27
C THR E 371 -21.28 78.32 -58.60
N SER E 372 -22.41 79.00 -58.39
CA SER E 372 -23.63 78.33 -57.98
C SER E 372 -24.07 77.32 -59.03
N PHE E 373 -23.96 77.70 -60.30
CA PHE E 373 -24.31 76.76 -61.35
C PHE E 373 -23.18 75.77 -61.61
N VAL E 374 -21.93 76.13 -61.28
CA VAL E 374 -20.86 75.13 -61.29
C VAL E 374 -21.15 74.04 -60.27
N ASN E 375 -21.57 74.44 -59.08
CA ASN E 375 -21.91 73.48 -58.04
C ASN E 375 -23.17 72.70 -58.40
N LYS E 376 -24.12 73.36 -59.07
CA LYS E 376 -25.35 72.69 -59.48
C LYS E 376 -25.09 71.70 -60.61
N PHE E 377 -24.26 72.10 -61.57
CA PHE E 377 -23.68 71.25 -62.59
C PHE E 377 -23.07 69.99 -61.98
N GLN E 378 -22.29 70.17 -60.91
CA GLN E 378 -21.69 69.04 -60.21
C GLN E 378 -22.75 68.17 -59.54
N GLN E 379 -23.75 68.81 -58.92
CA GLN E 379 -24.85 68.10 -58.27
C GLN E 379 -25.63 67.27 -59.27
N VAL E 380 -25.75 67.78 -60.51
CA VAL E 380 -26.37 67.01 -61.57
C VAL E 380 -25.51 65.81 -61.92
N ILE E 381 -24.25 66.06 -62.28
CA ILE E 381 -23.44 64.99 -62.86
C ILE E 381 -22.96 63.96 -61.86
N THR E 382 -23.06 64.22 -60.57
CA THR E 382 -22.46 63.31 -59.61
C THR E 382 -23.17 61.96 -59.44
N PRO E 383 -24.50 61.86 -59.23
CA PRO E 383 -25.06 60.51 -58.97
C PRO E 383 -25.13 59.65 -60.21
N TRP E 384 -25.24 60.26 -61.39
CA TRP E 384 -25.50 59.49 -62.60
C TRP E 384 -24.29 58.70 -63.05
N GLN E 385 -23.10 59.08 -62.59
CA GLN E 385 -21.92 58.25 -62.82
C GLN E 385 -22.08 56.90 -62.13
N SER E 386 -22.45 56.92 -60.85
CA SER E 386 -22.68 55.68 -60.12
C SER E 386 -23.89 54.93 -60.65
N VAL E 387 -24.91 55.67 -61.12
CA VAL E 387 -26.07 55.06 -61.77
C VAL E 387 -25.64 54.25 -62.98
N GLY E 388 -24.84 54.87 -63.86
CA GLY E 388 -24.36 54.18 -65.04
C GLY E 388 -23.44 53.02 -64.73
N ASP E 389 -22.62 53.15 -63.68
CA ASP E 389 -21.73 52.07 -63.28
C ASP E 389 -22.52 50.84 -62.83
N SER E 390 -23.45 51.04 -61.90
CA SER E 390 -24.29 49.95 -61.42
C SER E 390 -25.17 49.40 -62.53
N ALA E 391 -25.58 50.25 -63.46
CA ALA E 391 -26.46 49.82 -64.54
C ALA E 391 -25.71 48.96 -65.55
N ARG E 392 -24.47 49.33 -65.89
CA ARG E 392 -23.71 48.51 -66.83
C ARG E 392 -23.29 47.18 -66.21
N GLN E 393 -22.90 47.21 -64.93
CA GLN E 393 -22.64 45.97 -64.22
C GLN E 393 -23.89 45.10 -64.15
N LEU E 394 -25.04 45.73 -64.02
CA LEU E 394 -26.29 44.99 -63.92
C LEU E 394 -26.68 44.39 -65.27
N VAL E 395 -26.43 45.13 -66.35
CA VAL E 395 -26.63 44.62 -67.70
C VAL E 395 -25.71 43.43 -67.96
N ASP E 396 -24.49 43.48 -67.42
CA ASP E 396 -23.60 42.33 -67.51
C ASP E 396 -24.15 41.12 -66.75
N ILE E 397 -24.72 41.36 -65.56
CA ILE E 397 -25.37 40.30 -64.79
C ILE E 397 -26.53 39.70 -65.59
N PHE E 398 -27.28 40.56 -66.29
CA PHE E 398 -28.36 40.13 -67.15
C PHE E 398 -27.84 39.27 -68.29
N ASP E 399 -26.74 39.67 -68.88
CA ASP E 399 -26.27 39.06 -70.11
C ASP E 399 -25.63 37.70 -69.85
N GLU E 400 -24.84 37.59 -68.78
CA GLU E 400 -24.05 36.38 -68.59
C GLU E 400 -24.89 35.20 -68.14
N ALA E 401 -26.08 35.44 -67.60
CA ALA E 401 -26.91 34.33 -67.16
C ALA E 401 -27.63 33.68 -68.33
N ILE E 402 -27.66 34.36 -69.47
CA ILE E 402 -28.42 33.89 -70.63
C ILE E 402 -27.83 32.60 -71.19
N LYS E 403 -26.51 32.53 -71.22
CA LYS E 403 -25.87 31.34 -71.75
C LYS E 403 -25.93 30.16 -70.79
N GLU E 404 -26.26 30.42 -69.52
CA GLU E 404 -26.24 29.38 -68.49
C GLU E 404 -27.32 28.34 -68.71
N TYR E 405 -28.42 28.72 -69.36
CA TYR E 405 -29.53 27.81 -69.55
C TYR E 405 -29.18 26.70 -70.53
N LYS E 406 -28.64 27.07 -71.69
CA LYS E 406 -28.32 26.08 -72.70
C LYS E 406 -27.13 25.22 -72.29
N LYS E 407 -26.25 25.76 -71.45
CA LYS E 407 -25.15 24.96 -70.95
C LYS E 407 -25.63 23.93 -69.93
N VAL E 408 -26.62 24.30 -69.11
CA VAL E 408 -26.95 23.46 -67.97
C VAL E 408 -28.32 22.84 -68.12
N TYR E 409 -29.35 23.66 -68.30
CA TYR E 409 -30.71 23.16 -68.38
C TYR E 409 -30.92 22.47 -69.71
N LEU F 12 -16.61 58.50 -31.72
CA LEU F 12 -15.57 57.77 -31.01
C LEU F 12 -15.37 56.39 -31.63
N SER F 13 -15.25 55.39 -30.76
CA SER F 13 -15.03 54.03 -31.21
C SER F 13 -16.29 53.47 -31.87
N TYR F 14 -16.11 52.52 -32.78
CA TYR F 14 -17.22 51.88 -33.48
C TYR F 14 -17.20 50.39 -33.11
N PRO F 15 -17.94 50.00 -32.07
CA PRO F 15 -17.92 48.59 -31.65
C PRO F 15 -18.65 47.70 -32.64
N ASP F 16 -18.39 46.39 -32.52
CA ASP F 16 -18.91 45.41 -33.46
C ASP F 16 -20.41 45.25 -33.25
N ILE F 17 -21.13 45.13 -34.35
CA ILE F 17 -22.58 44.95 -34.36
C ILE F 17 -22.82 43.73 -35.23
N ASN F 18 -22.88 42.56 -34.60
CA ASN F 18 -22.82 41.31 -35.36
C ASN F 18 -24.17 41.02 -35.99
N PHE F 19 -24.29 41.34 -37.28
CA PHE F 19 -25.51 41.05 -38.00
C PHE F 19 -25.68 39.58 -38.34
N LYS F 20 -24.66 38.76 -38.13
CA LYS F 20 -24.87 37.31 -38.19
C LYS F 20 -25.80 36.86 -37.07
N ILE F 21 -25.52 37.32 -35.85
CA ILE F 21 -26.40 37.05 -34.71
C ILE F 21 -27.76 37.68 -34.93
N PHE F 22 -27.79 38.87 -35.54
CA PHE F 22 -29.04 39.58 -35.80
C PHE F 22 -29.93 38.82 -36.77
N SER F 23 -29.38 38.45 -37.93
CA SER F 23 -30.15 37.71 -38.91
C SER F 23 -30.49 36.32 -38.41
N GLN F 24 -29.63 35.74 -37.57
CA GLN F 24 -29.95 34.48 -36.92
C GLN F 24 -31.14 34.61 -36.01
N GLY F 25 -31.19 35.70 -35.23
CA GLY F 25 -32.33 35.91 -34.34
C GLY F 25 -33.61 36.20 -35.09
N VAL F 26 -33.51 36.95 -36.19
CA VAL F 26 -34.67 37.21 -37.04
C VAL F 26 -35.20 35.91 -37.64
N LYS F 27 -34.28 35.06 -38.10
CA LYS F 27 -34.65 33.76 -38.64
C LYS F 27 -35.25 32.86 -37.56
N ASN F 28 -34.79 32.99 -36.32
CA ASN F 28 -35.35 32.19 -35.25
C ASN F 28 -36.74 32.67 -34.86
N ILE F 29 -36.94 34.00 -34.85
CA ILE F 29 -38.24 34.57 -34.51
C ILE F 29 -39.27 34.20 -35.56
N SER F 30 -38.93 34.42 -36.84
CA SER F 30 -39.79 33.99 -37.93
C SER F 30 -39.94 32.48 -37.98
N HIS F 31 -38.91 31.76 -37.53
CA HIS F 31 -38.92 30.32 -37.41
C HIS F 31 -39.80 29.84 -36.28
N LEU F 32 -39.79 30.54 -35.15
CA LEU F 32 -40.59 30.10 -34.02
C LEU F 32 -41.82 30.94 -33.81
N ALA F 33 -42.25 31.67 -34.83
CA ALA F 33 -43.43 32.53 -34.72
C ALA F 33 -44.70 31.70 -34.48
N GLN F 34 -45.07 30.89 -35.45
CA GLN F 34 -46.32 30.14 -35.36
C GLN F 34 -46.11 28.77 -34.71
N PHE F 35 -45.48 28.75 -33.54
CA PHE F 35 -45.12 27.49 -32.91
C PHE F 35 -46.16 27.03 -31.91
N LYS F 36 -46.38 27.80 -30.86
CA LYS F 36 -47.07 27.32 -29.66
C LYS F 36 -48.57 27.43 -29.84
N THR F 37 -49.23 26.30 -30.04
CA THR F 37 -50.69 26.24 -30.10
C THR F 37 -51.15 25.39 -28.91
N THR F 38 -51.26 26.01 -27.74
CA THR F 38 -51.52 25.28 -26.50
C THR F 38 -52.76 25.75 -25.76
N GLY F 39 -52.98 27.05 -25.68
CA GLY F 39 -54.12 27.55 -24.93
C GLY F 39 -53.90 28.86 -24.20
N VAL F 40 -52.64 29.25 -23.99
CA VAL F 40 -52.38 30.58 -23.45
C VAL F 40 -52.55 31.62 -24.55
N GLU F 41 -51.69 31.53 -25.57
CA GLU F 41 -51.84 32.06 -26.93
C GLU F 41 -51.79 33.58 -27.01
N VAL F 42 -51.86 34.27 -25.88
CA VAL F 42 -51.65 35.69 -25.88
C VAL F 42 -50.15 35.96 -25.78
N LEU F 43 -49.41 34.99 -25.23
CA LEU F 43 -47.96 34.99 -25.38
C LEU F 43 -47.59 34.83 -26.84
N GLN F 44 -48.31 33.99 -27.58
CA GLN F 44 -48.02 33.85 -29.00
C GLN F 44 -48.44 35.10 -29.76
N GLU F 45 -49.50 35.77 -29.29
CA GLU F 45 -49.92 37.04 -29.86
C GLU F 45 -48.83 38.10 -29.68
N LYS F 46 -48.24 38.14 -28.49
CA LYS F 46 -47.10 39.01 -28.24
C LYS F 46 -45.90 38.63 -29.08
N ALA F 47 -45.70 37.32 -29.31
CA ALA F 47 -44.63 36.89 -30.18
C ALA F 47 -44.87 37.32 -31.62
N LEU F 48 -46.13 37.34 -32.05
CA LEU F 48 -46.49 37.87 -33.36
C LEU F 48 -46.20 39.35 -33.43
N ARG F 49 -46.47 40.07 -32.34
CA ARG F 49 -46.11 41.48 -32.26
C ARG F 49 -44.60 41.67 -32.40
N VAL F 50 -43.84 40.84 -31.69
CA VAL F 50 -42.38 40.89 -31.72
C VAL F 50 -41.87 40.61 -33.13
N SER F 51 -42.48 39.63 -33.80
CA SER F 51 -42.08 39.28 -35.16
C SER F 51 -42.41 40.41 -36.14
N LEU F 52 -43.57 41.03 -35.95
CA LEU F 52 -43.97 42.17 -36.77
C LEU F 52 -42.99 43.31 -36.63
N TYR F 53 -42.69 43.70 -35.38
CA TYR F 53 -41.74 44.78 -35.17
C TYR F 53 -40.32 44.36 -35.51
N SER F 54 -40.03 43.07 -35.53
CA SER F 54 -38.69 42.60 -35.86
C SER F 54 -38.44 42.70 -37.36
N GLN F 55 -39.39 42.23 -38.16
CA GLN F 55 -39.30 42.38 -39.60
C GLN F 55 -39.39 43.84 -39.99
N ARG F 56 -40.22 44.61 -39.26
CA ARG F 56 -40.28 46.05 -39.42
C ARG F 56 -38.94 46.69 -39.11
N LEU F 57 -38.25 46.19 -38.08
CA LEU F 57 -36.93 46.67 -37.72
C LEU F 57 -35.92 46.33 -38.78
N ASP F 58 -36.07 45.17 -39.42
CA ASP F 58 -35.18 44.83 -40.53
C ASP F 58 -35.39 45.76 -41.71
N VAL F 59 -36.65 46.12 -41.97
CA VAL F 59 -36.96 47.13 -42.98
C VAL F 59 -36.30 48.46 -42.62
N ILE F 60 -36.34 48.81 -41.34
CA ILE F 60 -35.67 50.01 -40.83
C ILE F 60 -34.17 49.92 -41.06
N VAL F 61 -33.60 48.72 -40.88
CA VAL F 61 -32.16 48.52 -41.10
C VAL F 61 -31.81 48.73 -42.57
N ARG F 62 -32.61 48.18 -43.47
CA ARG F 62 -32.33 48.31 -44.89
C ARG F 62 -32.49 49.76 -45.35
N GLU F 63 -33.53 50.44 -44.86
CA GLU F 63 -33.74 51.83 -45.19
C GLU F 63 -32.67 52.73 -44.57
N SER F 64 -32.15 52.32 -43.41
CA SER F 64 -31.04 53.04 -42.81
C SER F 64 -29.80 52.92 -43.65
N LEU F 65 -29.52 51.72 -44.15
CA LEU F 65 -28.42 51.51 -45.09
C LEU F 65 -28.60 52.31 -46.36
N SER F 66 -29.85 52.44 -46.81
CA SER F 66 -30.14 53.22 -48.00
C SER F 66 -29.80 54.69 -47.80
N SER F 67 -30.30 55.27 -46.70
CA SER F 67 -30.01 56.67 -46.37
C SER F 67 -28.54 56.89 -46.07
N LEU F 68 -27.88 55.89 -45.51
CA LEU F 68 -26.44 55.96 -45.26
C LEU F 68 -25.66 56.00 -46.57
N GLN F 69 -26.08 55.21 -47.55
CA GLN F 69 -25.42 55.27 -48.85
C GLN F 69 -25.70 56.59 -49.54
N VAL F 70 -26.92 57.12 -49.38
CA VAL F 70 -27.27 58.47 -49.85
C VAL F 70 -26.30 59.51 -49.31
N LYS F 71 -26.11 59.49 -47.99
CA LYS F 71 -25.30 60.55 -47.40
C LYS F 71 -23.82 60.30 -47.60
N LEU F 72 -23.38 59.05 -47.70
CA LEU F 72 -22.00 58.80 -48.05
C LEU F 72 -21.68 59.13 -49.49
N GLU F 73 -22.68 59.22 -50.35
CA GLU F 73 -22.38 59.73 -51.69
C GLU F 73 -22.59 61.22 -51.82
N ASN F 74 -23.40 61.83 -50.95
CA ASN F 74 -23.64 63.27 -51.05
C ASN F 74 -22.70 64.09 -50.19
N THR F 75 -22.62 63.78 -48.91
CA THR F 75 -21.68 64.47 -48.04
C THR F 75 -20.25 64.08 -48.37
N LEU F 76 -19.93 62.80 -48.25
CA LEU F 76 -18.57 62.30 -48.37
C LEU F 76 -18.08 62.37 -49.82
N ALA F 77 -18.82 61.77 -50.75
CA ALA F 77 -18.28 61.62 -52.10
C ALA F 77 -18.37 62.89 -52.93
N LEU F 78 -19.38 63.72 -52.72
CA LEU F 78 -19.48 64.90 -53.57
C LEU F 78 -18.48 65.96 -53.10
N THR F 79 -18.03 66.76 -54.05
CA THR F 79 -16.84 67.58 -53.95
C THR F 79 -17.15 69.06 -53.72
N TYR F 80 -18.10 69.34 -52.81
CA TYR F 80 -18.32 70.71 -52.33
C TYR F 80 -17.04 71.32 -51.78
N PHE F 81 -16.20 70.49 -51.15
CA PHE F 81 -14.88 70.87 -50.67
C PHE F 81 -14.02 71.46 -51.79
N THR F 82 -14.10 70.91 -53.00
CA THR F 82 -13.33 71.46 -54.12
C THR F 82 -13.91 72.80 -54.57
N THR F 83 -15.22 72.98 -54.46
CA THR F 83 -15.80 74.29 -54.75
C THR F 83 -15.37 75.32 -53.71
N LEU F 84 -15.27 74.91 -52.45
CA LEU F 84 -14.75 75.78 -51.41
C LEU F 84 -13.32 76.18 -51.69
N GLU F 85 -12.51 75.21 -52.15
CA GLU F 85 -11.15 75.51 -52.56
C GLU F 85 -11.11 76.41 -53.79
N GLU F 86 -12.10 76.28 -54.68
CA GLU F 86 -12.13 77.11 -55.88
C GLU F 86 -12.45 78.56 -55.55
N ILE F 87 -13.41 78.77 -54.65
CA ILE F 87 -13.69 80.13 -54.18
C ILE F 87 -12.50 80.68 -53.38
N ASP F 88 -11.80 79.83 -52.64
CA ASP F 88 -10.59 80.25 -51.95
C ASP F 88 -9.52 80.71 -52.93
N GLU F 89 -9.37 79.98 -54.04
CA GLU F 89 -8.41 80.37 -55.08
C GLU F 89 -8.86 81.64 -55.80
N ALA F 90 -10.16 81.79 -56.01
CA ALA F 90 -10.67 83.00 -56.66
C ALA F 90 -10.53 84.21 -55.76
N LEU F 91 -10.52 84.02 -54.45
CA LEU F 91 -10.22 85.13 -53.55
C LEU F 91 -8.72 85.38 -53.49
N ILE F 92 -7.92 84.32 -53.62
CA ILE F 92 -6.48 84.48 -53.83
C ILE F 92 -6.21 85.22 -55.14
N SER F 93 -7.05 84.97 -56.15
CA SER F 93 -7.00 85.76 -57.38
C SER F 93 -7.40 87.20 -57.08
N GLN F 94 -6.53 88.14 -57.48
CA GLN F 94 -6.79 89.55 -57.25
C GLN F 94 -7.96 90.02 -58.11
N ASP F 95 -8.78 90.88 -57.53
CA ASP F 95 -10.09 91.17 -58.11
C ASP F 95 -10.60 92.50 -57.59
N ILE F 96 -11.44 93.14 -58.40
CA ILE F 96 -12.24 94.25 -57.92
C ILE F 96 -13.27 93.68 -56.97
N ASP F 97 -13.12 93.97 -55.68
CA ASP F 97 -13.90 93.34 -54.62
C ASP F 97 -15.35 93.81 -54.56
N GLU F 98 -15.72 94.77 -55.40
CA GLU F 98 -17.11 95.24 -55.47
C GLU F 98 -18.03 94.11 -55.94
N GLU F 99 -17.84 93.66 -57.17
CA GLU F 99 -18.68 92.60 -57.70
C GLU F 99 -18.19 91.23 -57.27
N SER F 100 -16.88 91.05 -57.20
CA SER F 100 -16.32 89.72 -56.99
C SER F 100 -16.47 89.26 -55.55
N LYS F 101 -15.77 89.93 -54.63
CA LYS F 101 -15.59 89.41 -53.28
C LYS F 101 -16.89 89.42 -52.49
N SER F 102 -17.78 90.37 -52.81
CA SER F 102 -19.13 90.34 -52.25
C SER F 102 -19.86 89.08 -52.67
N GLU F 103 -19.88 88.81 -53.97
CA GLU F 103 -20.56 87.62 -54.46
C GLU F 103 -19.77 86.35 -54.14
N MET F 104 -18.44 86.46 -54.02
CA MET F 104 -17.65 85.34 -53.53
C MET F 104 -18.04 84.97 -52.11
N ARG F 105 -18.30 85.98 -51.28
CA ARG F 105 -18.73 85.73 -49.91
C ARG F 105 -20.15 85.19 -49.88
N LYS F 106 -21.02 85.69 -50.76
CA LYS F 106 -22.38 85.17 -50.85
C LYS F 106 -22.40 83.71 -51.29
N GLU F 107 -21.50 83.34 -52.19
CA GLU F 107 -21.45 81.95 -52.61
C GLU F 107 -20.71 81.08 -51.61
N ARG F 108 -19.82 81.67 -50.79
CA ARG F 108 -19.35 81.00 -49.58
C ARG F 108 -20.51 80.65 -48.68
N ILE F 109 -21.38 81.62 -48.42
CA ILE F 109 -22.58 81.41 -47.62
C ILE F 109 -23.48 80.35 -48.24
N ASN F 110 -23.54 80.31 -49.58
CA ASN F 110 -24.36 79.32 -50.26
C ASN F 110 -23.80 77.91 -50.09
N ILE F 111 -22.48 77.74 -50.21
CA ILE F 111 -21.92 76.40 -50.08
C ILE F 111 -21.90 75.96 -48.61
N ILE F 112 -21.71 76.91 -47.69
CA ILE F 112 -21.85 76.61 -46.26
C ILE F 112 -23.30 76.25 -45.94
N LYS F 113 -24.24 76.88 -46.64
CA LYS F 113 -25.65 76.53 -46.50
C LYS F 113 -25.92 75.14 -47.02
N ASN F 114 -25.28 74.75 -48.12
CA ASN F 114 -25.43 73.41 -48.66
C ASN F 114 -24.85 72.37 -47.70
N LEU F 115 -23.70 72.69 -47.10
CA LEU F 115 -23.09 71.82 -46.11
C LEU F 115 -23.96 71.68 -44.88
N SER F 116 -24.58 72.78 -44.46
CA SER F 116 -25.50 72.75 -43.32
C SER F 116 -26.76 71.97 -43.67
N ASN F 117 -27.17 72.00 -44.92
CA ASN F 117 -28.27 71.14 -45.37
C ASN F 117 -27.88 69.68 -45.30
N ASP F 118 -26.62 69.38 -45.59
CA ASP F 118 -26.14 68.01 -45.49
C ASP F 118 -26.13 67.54 -44.03
N ILE F 119 -25.62 68.41 -43.14
CA ILE F 119 -25.67 68.16 -41.70
C ILE F 119 -27.10 68.03 -41.22
N THR F 120 -28.00 68.82 -41.82
CA THR F 120 -29.41 68.78 -41.46
C THR F 120 -30.04 67.45 -41.85
N GLN F 121 -29.68 66.95 -43.04
CA GLN F 121 -30.09 65.61 -43.46
C GLN F 121 -29.60 64.55 -42.50
N LEU F 122 -28.31 64.64 -42.12
CA LEU F 122 -27.71 63.76 -41.13
C LEU F 122 -28.51 63.73 -39.84
N LYS F 123 -28.68 64.91 -39.25
CA LYS F 123 -29.38 65.08 -37.97
C LYS F 123 -30.82 64.57 -38.06
N GLN F 124 -31.60 65.13 -38.99
CA GLN F 124 -33.02 64.82 -39.11
C GLN F 124 -33.26 63.34 -39.36
N LEU F 125 -32.67 62.80 -40.43
CA LEU F 125 -33.01 61.42 -40.78
C LEU F 125 -32.39 60.43 -39.81
N PHE F 126 -31.19 60.70 -39.29
CA PHE F 126 -30.57 59.70 -38.45
C PHE F 126 -31.14 59.72 -37.04
N ILE F 127 -31.43 60.90 -36.49
CA ILE F 127 -32.13 60.97 -35.22
C ILE F 127 -33.54 60.42 -35.35
N GLU F 128 -34.18 60.63 -36.51
CA GLU F 128 -35.51 60.09 -36.75
C GLU F 128 -35.51 58.58 -36.77
N LYS F 129 -34.61 57.98 -37.54
CA LYS F 129 -34.57 56.53 -37.61
C LYS F 129 -34.01 55.93 -36.33
N THR F 130 -33.18 56.68 -35.60
CA THR F 130 -32.69 56.21 -34.31
C THR F 130 -33.81 56.18 -33.28
N GLU F 131 -34.67 57.19 -33.28
CA GLU F 131 -35.83 57.16 -32.40
C GLU F 131 -36.84 56.12 -32.86
N LEU F 132 -36.87 55.82 -34.15
CA LEU F 132 -37.70 54.73 -34.63
C LEU F 132 -37.17 53.39 -34.15
N LEU F 133 -35.84 53.25 -34.14
CA LEU F 133 -35.20 52.10 -33.53
C LEU F 133 -35.51 52.03 -32.04
N ASP F 134 -35.61 53.18 -31.39
CA ASP F 134 -35.95 53.20 -29.97
C ASP F 134 -37.40 52.80 -29.75
N LYS F 135 -38.28 53.17 -30.66
CA LYS F 135 -39.67 52.73 -30.61
C LYS F 135 -39.75 51.22 -30.76
N SER F 136 -39.00 50.67 -31.72
CA SER F 136 -38.92 49.22 -31.87
C SER F 136 -38.23 48.57 -30.68
N SER F 137 -37.34 49.30 -30.02
CA SER F 137 -36.69 48.78 -28.83
C SER F 137 -37.65 48.69 -27.66
N SER F 138 -38.51 49.69 -27.52
CA SER F 138 -39.57 49.61 -26.52
C SER F 138 -40.60 48.56 -26.89
N ASP F 139 -40.74 48.31 -28.19
CA ASP F 139 -41.47 47.12 -28.61
C ASP F 139 -40.72 45.86 -28.22
N LEU F 140 -39.39 45.92 -28.19
CA LEU F 140 -38.61 44.72 -27.97
C LEU F 140 -38.20 44.60 -26.50
N HIS F 141 -37.42 45.57 -26.02
CA HIS F 141 -36.87 45.51 -24.67
C HIS F 141 -37.92 45.85 -23.63
N ASN F 142 -39.01 46.48 -24.02
CA ASN F 142 -39.98 46.88 -23.02
C ASN F 142 -41.33 46.19 -23.20
N VAL F 143 -41.41 45.17 -24.04
CA VAL F 143 -42.56 44.26 -24.06
C VAL F 143 -41.97 42.87 -23.85
N VAL F 144 -41.89 42.44 -22.59
CA VAL F 144 -41.23 41.20 -22.22
C VAL F 144 -42.18 40.41 -21.35
N ILE F 145 -42.14 39.09 -21.43
CA ILE F 145 -42.84 38.24 -20.49
C ILE F 145 -41.86 37.28 -19.83
N ILE F 146 -41.87 37.25 -18.50
CA ILE F 146 -40.95 36.37 -17.77
C ILE F 146 -41.69 35.55 -16.72
N GLU F 147 -42.45 36.26 -15.87
CA GLU F 147 -42.53 35.90 -14.46
C GLU F 147 -43.42 34.69 -14.21
N GLY F 148 -44.72 34.77 -14.47
CA GLY F 148 -45.60 33.66 -14.18
C GLY F 148 -45.41 32.50 -15.14
N THR F 149 -44.77 32.77 -16.28
CA THR F 149 -44.46 31.73 -17.26
C THR F 149 -43.53 30.68 -16.68
N ASP F 150 -42.62 31.10 -15.80
CA ASP F 150 -41.66 30.17 -15.23
C ASP F 150 -42.31 29.33 -14.14
N LYS F 151 -43.27 29.91 -13.43
CA LYS F 151 -44.03 29.12 -12.48
C LYS F 151 -44.89 28.08 -13.18
N VAL F 152 -45.53 28.48 -14.29
CA VAL F 152 -46.28 27.55 -15.12
C VAL F 152 -45.36 26.47 -15.68
N LEU F 153 -44.17 26.88 -16.11
CA LEU F 153 -43.12 25.99 -16.57
C LEU F 153 -42.81 24.90 -15.54
N GLN F 154 -42.45 25.32 -14.34
CA GLN F 154 -42.02 24.37 -13.32
C GLN F 154 -43.18 23.51 -12.84
N ALA F 155 -44.38 24.10 -12.75
CA ALA F 155 -45.55 23.35 -12.33
C ALA F 155 -45.91 22.27 -13.35
N GLU F 156 -45.86 22.60 -14.63
CA GLU F 156 -46.18 21.61 -15.64
C GLU F 156 -45.07 20.58 -15.80
N GLN F 157 -43.83 20.97 -15.55
CA GLN F 157 -42.73 20.02 -15.58
C GLN F 157 -42.86 18.99 -14.47
N LEU F 158 -43.14 19.46 -13.25
CA LEU F 158 -43.41 18.54 -12.14
C LEU F 158 -44.66 17.71 -12.41
N ARG F 159 -45.66 18.33 -13.03
CA ARG F 159 -46.91 17.64 -13.37
C ARG F 159 -46.65 16.47 -14.31
N GLN F 160 -46.00 16.74 -15.44
CA GLN F 160 -45.73 15.70 -16.41
C GLN F 160 -44.68 14.71 -15.91
N LYS F 161 -43.82 15.14 -14.99
CA LYS F 161 -42.91 14.20 -14.34
C LYS F 161 -43.69 13.19 -13.51
N GLN F 162 -44.66 13.67 -12.74
CA GLN F 162 -45.52 12.78 -11.98
C GLN F 162 -46.36 11.90 -12.90
N LEU F 163 -46.81 12.47 -14.02
CA LEU F 163 -47.58 11.71 -15.00
C LEU F 163 -46.72 10.60 -15.62
N THR F 164 -45.46 10.90 -15.91
CA THR F 164 -44.57 9.93 -16.52
C THR F 164 -44.23 8.82 -15.55
N GLU F 165 -43.97 9.19 -14.29
CA GLU F 165 -43.74 8.22 -13.23
C GLU F 165 -44.95 7.32 -13.03
N ASP F 166 -46.15 7.91 -13.08
CA ASP F 166 -47.36 7.14 -12.89
C ASP F 166 -47.61 6.21 -14.07
N ILE F 167 -47.29 6.66 -15.29
CA ILE F 167 -47.43 5.82 -16.47
C ILE F 167 -46.48 4.63 -16.41
N ALA F 168 -45.23 4.89 -16.00
CA ALA F 168 -44.28 3.80 -15.81
C ALA F 168 -44.73 2.85 -14.71
N THR F 169 -45.36 3.38 -13.66
CA THR F 169 -45.89 2.56 -12.59
C THR F 169 -47.01 1.65 -13.09
N LYS F 170 -47.92 2.21 -13.89
CA LYS F 170 -49.00 1.42 -14.48
C LYS F 170 -48.47 0.37 -15.43
N GLU F 171 -47.39 0.68 -16.15
CA GLU F 171 -46.74 -0.30 -17.01
C GLU F 171 -46.16 -1.44 -16.19
N LEU F 172 -45.56 -1.13 -15.05
CA LEU F 172 -45.09 -2.16 -14.14
C LEU F 172 -46.25 -3.00 -13.62
N GLU F 173 -47.38 -2.35 -13.34
CA GLU F 173 -48.55 -3.06 -12.84
C GLU F 173 -49.09 -4.05 -13.87
N ARG F 174 -49.24 -3.60 -15.12
CA ARG F 174 -49.77 -4.49 -16.13
C ARG F 174 -48.77 -5.58 -16.50
N LYS F 175 -47.47 -5.30 -16.41
CA LYS F 175 -46.48 -6.35 -16.59
C LYS F 175 -46.59 -7.40 -15.48
N GLU F 176 -46.86 -6.97 -14.25
CA GLU F 176 -47.07 -7.90 -13.16
C GLU F 176 -48.34 -8.72 -13.35
N ILE F 177 -49.39 -8.11 -13.91
CA ILE F 177 -50.60 -8.87 -14.25
C ILE F 177 -50.28 -9.91 -15.31
N GLU F 178 -49.45 -9.55 -16.28
CA GLU F 178 -48.99 -10.49 -17.29
C GLU F 178 -48.11 -11.58 -16.70
N LYS F 179 -47.45 -11.28 -15.59
CA LYS F 179 -46.75 -12.33 -14.86
C LYS F 179 -47.71 -13.24 -14.10
N LYS F 180 -48.86 -12.70 -13.68
CA LYS F 180 -49.81 -13.49 -12.91
C LYS F 180 -50.46 -14.59 -13.74
N ARG F 181 -50.70 -14.36 -15.03
CA ARG F 181 -51.39 -15.34 -15.87
C ARG F 181 -50.53 -16.55 -16.20
N ASP F 182 -49.24 -16.53 -15.84
CA ASP F 182 -48.35 -17.63 -16.14
C ASP F 182 -48.76 -18.89 -15.38
N LYS F 183 -49.19 -18.71 -14.14
CA LYS F 183 -49.68 -19.84 -13.35
C LYS F 183 -50.94 -20.43 -13.96
N ILE F 184 -51.81 -19.56 -14.49
CA ILE F 184 -53.08 -20.02 -15.05
C ILE F 184 -52.85 -20.78 -16.35
N ILE F 185 -51.99 -20.25 -17.23
CA ILE F 185 -51.73 -20.93 -18.49
C ILE F 185 -50.98 -22.24 -18.25
N GLU F 186 -50.07 -22.28 -17.27
CA GLU F 186 -49.36 -23.53 -16.99
C GLU F 186 -50.28 -24.55 -16.35
N ALA F 187 -51.20 -24.10 -15.49
CA ALA F 187 -52.17 -25.00 -14.88
C ALA F 187 -53.09 -25.61 -15.92
N LEU F 188 -53.63 -24.78 -16.81
CA LEU F 188 -54.54 -25.35 -17.80
C LEU F 188 -53.80 -26.08 -18.91
N ASP F 189 -52.49 -25.91 -19.03
CA ASP F 189 -51.73 -26.76 -19.94
C ASP F 189 -51.47 -28.12 -19.33
N VAL F 190 -51.10 -28.16 -18.04
CA VAL F 190 -50.83 -29.45 -17.42
C VAL F 190 -52.12 -30.21 -17.15
N ILE F 191 -53.25 -29.53 -17.11
CA ILE F 191 -54.53 -30.25 -17.13
C ILE F 191 -54.81 -30.76 -18.53
N ARG F 192 -54.41 -30.01 -19.55
CA ARG F 192 -54.65 -30.39 -20.94
C ARG F 192 -53.76 -31.58 -21.26
N GLU F 193 -54.31 -32.79 -21.09
CA GLU F 193 -53.60 -34.03 -21.34
C GLU F 193 -54.51 -35.04 -22.04
N HIS F 194 -55.72 -34.62 -22.37
CA HIS F 194 -56.72 -35.51 -22.96
C HIS F 194 -57.39 -34.76 -24.10
N ASN F 195 -57.42 -35.36 -25.28
CA ASN F 195 -58.03 -34.69 -26.44
C ASN F 195 -58.53 -35.75 -27.42
N LEU F 196 -59.83 -36.03 -27.37
CA LEU F 196 -60.63 -36.68 -28.43
C LEU F 196 -60.34 -38.15 -28.66
N VAL F 197 -59.25 -38.65 -28.08
CA VAL F 197 -58.81 -40.02 -28.28
C VAL F 197 -58.68 -40.61 -26.89
N ASP F 198 -58.13 -39.81 -25.98
CA ASP F 198 -57.92 -40.18 -24.60
C ASP F 198 -59.22 -40.46 -23.86
N ALA F 199 -60.35 -39.95 -24.34
CA ALA F 199 -61.64 -40.41 -23.83
C ALA F 199 -61.83 -41.89 -24.12
N PHE F 200 -61.51 -42.33 -25.34
CA PHE F 200 -61.58 -43.74 -25.65
C PHE F 200 -60.48 -44.53 -24.96
N LYS F 201 -59.32 -43.91 -24.77
CA LYS F 201 -58.21 -44.49 -24.02
C LYS F 201 -58.45 -44.48 -22.52
N ASP F 202 -59.55 -43.93 -22.08
CA ASP F 202 -60.11 -44.18 -20.76
C ASP F 202 -61.25 -45.19 -20.79
N LEU F 203 -62.04 -45.20 -21.87
CA LEU F 203 -63.15 -46.15 -22.00
C LEU F 203 -62.67 -47.58 -22.13
N ILE F 204 -61.49 -47.78 -22.69
CA ILE F 204 -60.94 -49.13 -22.85
C ILE F 204 -60.33 -49.71 -21.56
N PRO F 205 -59.46 -49.00 -20.79
CA PRO F 205 -58.95 -49.64 -19.57
C PRO F 205 -59.99 -49.80 -18.47
N THR F 206 -61.08 -49.04 -18.49
CA THR F 206 -62.18 -49.41 -17.61
C THR F 206 -62.93 -50.61 -18.15
N GLY F 207 -62.83 -50.87 -19.46
CA GLY F 207 -63.34 -52.10 -20.02
C GLY F 207 -62.44 -53.30 -19.78
N GLU F 208 -61.20 -53.05 -19.36
CA GLU F 208 -60.28 -54.13 -19.02
C GLU F 208 -60.72 -54.86 -17.77
N ASN F 209 -60.14 -56.05 -17.57
CA ASN F 209 -60.40 -56.89 -16.42
C ASN F 209 -59.13 -57.63 -16.03
N LEU F 210 -59.19 -58.28 -14.87
CA LEU F 210 -58.11 -59.15 -14.41
C LEU F 210 -58.57 -60.58 -14.19
N SER F 211 -59.64 -60.78 -13.42
CA SER F 211 -60.11 -62.10 -13.06
C SER F 211 -61.43 -62.39 -13.76
N GLU F 212 -61.57 -63.60 -14.30
CA GLU F 212 -62.76 -64.04 -14.99
C GLU F 212 -63.10 -65.46 -14.57
N LEU F 213 -64.41 -65.76 -14.51
CA LEU F 213 -64.84 -67.09 -14.11
C LEU F 213 -66.04 -67.60 -14.89
N ASP F 214 -66.53 -66.85 -15.90
CA ASP F 214 -67.48 -67.25 -16.95
C ASP F 214 -68.92 -67.40 -16.45
N LEU F 215 -69.13 -67.41 -15.14
CA LEU F 215 -70.47 -67.50 -14.57
C LEU F 215 -70.54 -66.63 -13.33
N ALA F 216 -71.77 -66.46 -12.84
CA ALA F 216 -72.11 -65.95 -11.51
C ALA F 216 -71.77 -64.48 -11.27
N LYS F 217 -71.09 -63.83 -12.21
CA LYS F 217 -70.97 -62.37 -12.24
C LYS F 217 -71.23 -61.87 -13.65
N PRO F 218 -72.49 -61.93 -14.14
CA PRO F 218 -72.77 -61.35 -15.46
C PRO F 218 -72.75 -59.85 -15.37
N GLU F 219 -73.33 -59.32 -14.29
CA GLU F 219 -73.42 -57.89 -14.06
C GLU F 219 -72.69 -57.45 -12.80
N ILE F 220 -72.29 -58.39 -11.95
CA ILE F 220 -71.57 -58.06 -10.73
C ILE F 220 -70.18 -57.54 -11.08
N GLU F 221 -69.56 -58.14 -12.08
CA GLU F 221 -68.35 -57.57 -12.67
C GLU F 221 -68.64 -56.24 -13.33
N LEU F 222 -69.83 -56.09 -13.91
CA LEU F 222 -70.18 -54.86 -14.62
C LEU F 222 -70.45 -53.70 -13.68
N LEU F 223 -70.64 -53.97 -12.38
CA LEU F 223 -70.80 -52.90 -11.41
C LEU F 223 -69.54 -52.05 -11.32
N LYS F 224 -68.39 -52.71 -11.19
CA LYS F 224 -67.10 -52.01 -11.16
C LYS F 224 -66.86 -51.29 -12.48
N GLN F 225 -67.27 -51.92 -13.59
CA GLN F 225 -67.17 -51.33 -14.93
C GLN F 225 -67.90 -49.98 -14.98
N SER F 226 -69.18 -50.00 -14.66
CA SER F 226 -70.00 -48.78 -14.75
C SER F 226 -69.55 -47.73 -13.74
N LEU F 227 -69.15 -48.16 -12.54
CA LEU F 227 -68.73 -47.19 -11.55
C LEU F 227 -67.41 -46.53 -11.92
N GLU F 228 -66.48 -47.28 -12.52
CA GLU F 228 -65.24 -46.65 -12.96
C GLU F 228 -65.44 -45.80 -14.20
N ILE F 229 -66.43 -46.15 -15.04
CA ILE F 229 -66.85 -45.27 -16.13
C ILE F 229 -67.30 -43.93 -15.58
N THR F 230 -68.16 -43.96 -14.56
CA THR F 230 -68.63 -42.72 -13.94
C THR F 230 -67.50 -41.99 -13.22
N LYS F 231 -66.53 -42.74 -12.68
CA LYS F 231 -65.33 -42.14 -12.11
C LYS F 231 -64.57 -41.31 -13.15
N LYS F 232 -64.32 -41.90 -14.31
CA LYS F 232 -63.55 -41.21 -15.34
C LYS F 232 -64.32 -40.04 -15.93
N LEU F 233 -65.64 -40.21 -16.07
CA LEU F 233 -66.50 -39.12 -16.53
C LEU F 233 -66.45 -37.94 -15.58
N LEU F 234 -66.73 -38.18 -14.30
CA LEU F 234 -66.72 -37.12 -13.31
C LEU F 234 -65.33 -36.57 -13.05
N GLY F 235 -64.28 -37.36 -13.30
CA GLY F 235 -62.94 -36.81 -13.31
C GLY F 235 -62.75 -35.82 -14.44
N GLN F 236 -63.40 -36.08 -15.58
CA GLN F 236 -63.36 -35.10 -16.66
C GLN F 236 -64.21 -33.86 -16.34
N PHE F 237 -65.29 -34.03 -15.58
CA PHE F 237 -66.20 -32.91 -15.32
C PHE F 237 -65.56 -31.85 -14.43
N SER F 238 -65.07 -32.26 -13.26
CA SER F 238 -64.58 -31.32 -12.26
C SER F 238 -63.35 -30.58 -12.77
N GLU F 239 -62.48 -31.29 -13.48
CA GLU F 239 -61.35 -30.64 -14.13
C GLU F 239 -61.83 -29.72 -15.24
N GLY F 240 -62.90 -30.08 -15.93
CA GLY F 240 -63.50 -29.18 -16.89
C GLY F 240 -64.07 -27.94 -16.24
N LEU F 241 -64.63 -28.09 -15.03
CA LEU F 241 -65.14 -26.93 -14.30
C LEU F 241 -64.02 -26.02 -13.86
N LYS F 242 -62.91 -26.60 -13.39
CA LYS F 242 -61.76 -25.81 -13.01
C LYS F 242 -61.15 -25.13 -14.23
N TYR F 243 -61.22 -25.79 -15.38
CA TYR F 243 -60.82 -25.20 -16.64
C TYR F 243 -61.65 -23.97 -16.96
N ILE F 244 -62.98 -24.09 -16.81
CA ILE F 244 -63.91 -22.97 -17.00
C ILE F 244 -63.55 -21.81 -16.06
N ASP F 245 -63.27 -22.13 -14.80
CA ASP F 245 -62.97 -21.11 -13.80
C ASP F 245 -61.70 -20.37 -14.13
N LEU F 246 -60.67 -21.09 -14.56
CA LEU F 246 -59.42 -20.42 -14.86
C LEU F 246 -59.46 -19.67 -16.19
N THR F 247 -60.30 -20.10 -17.13
CA THR F 247 -60.51 -19.27 -18.32
C THR F 247 -61.28 -18.01 -18.01
N ASP F 248 -62.19 -18.08 -17.04
CA ASP F 248 -62.85 -16.86 -16.59
C ASP F 248 -61.86 -15.95 -15.88
N ALA F 249 -60.91 -16.54 -15.15
CA ALA F 249 -59.82 -15.77 -14.57
C ALA F 249 -58.95 -15.13 -15.64
N ARG F 250 -58.74 -15.84 -16.75
CA ARG F 250 -58.04 -15.27 -17.90
C ARG F 250 -58.79 -14.06 -18.45
N LYS F 251 -60.10 -14.18 -18.59
CA LYS F 251 -60.91 -13.06 -19.07
C LYS F 251 -60.86 -11.89 -18.10
N LYS F 252 -60.79 -12.19 -16.80
CA LYS F 252 -60.73 -11.16 -15.77
C LYS F 252 -59.40 -10.39 -15.84
N LEU F 253 -58.29 -11.13 -15.94
CA LEU F 253 -57.00 -10.46 -16.03
C LEU F 253 -56.80 -9.77 -17.38
N ASP F 254 -57.42 -10.30 -18.44
CA ASP F 254 -57.38 -9.60 -19.72
C ASP F 254 -58.17 -8.32 -19.68
N ASN F 255 -59.29 -8.32 -18.95
CA ASN F 255 -60.03 -7.08 -18.72
C ASN F 255 -59.19 -6.08 -17.95
N GLN F 256 -58.43 -6.58 -16.97
CA GLN F 256 -57.49 -5.73 -16.24
C GLN F 256 -56.44 -5.11 -17.16
N ILE F 257 -55.87 -5.94 -18.05
CA ILE F 257 -54.88 -5.48 -19.01
C ILE F 257 -55.48 -4.44 -19.95
N ASP F 258 -56.74 -4.65 -20.36
CA ASP F 258 -57.38 -3.73 -21.29
C ASP F 258 -57.67 -2.39 -20.64
N THR F 259 -58.19 -2.41 -19.40
CA THR F 259 -58.45 -1.17 -18.69
C THR F 259 -57.16 -0.42 -18.39
N ALA F 260 -56.11 -1.15 -18.03
CA ALA F 260 -54.81 -0.54 -17.83
C ALA F 260 -54.25 0.05 -19.12
N SER F 261 -54.52 -0.61 -20.25
CA SER F 261 -54.06 -0.10 -21.53
C SER F 261 -54.82 1.15 -21.94
N THR F 262 -56.11 1.21 -21.60
CA THR F 262 -56.87 2.44 -21.87
C THR F 262 -56.38 3.58 -21.00
N ARG F 263 -56.06 3.28 -19.73
CA ARG F 263 -55.46 4.30 -18.86
C ARG F 263 -54.12 4.75 -19.39
N LEU F 264 -53.32 3.80 -19.90
CA LEU F 264 -52.08 4.11 -20.58
C LEU F 264 -52.29 5.04 -21.76
N THR F 265 -53.29 4.75 -22.59
CA THR F 265 -53.53 5.54 -23.79
C THR F 265 -53.97 6.96 -23.44
N GLU F 266 -54.88 7.08 -22.47
CA GLU F 266 -55.37 8.40 -22.08
C GLU F 266 -54.29 9.22 -21.39
N LEU F 267 -53.52 8.59 -20.50
CA LEU F 267 -52.46 9.32 -19.82
C LEU F 267 -51.31 9.66 -20.75
N ASN F 268 -51.07 8.83 -21.76
CA ASN F 268 -50.08 9.18 -22.77
C ASN F 268 -50.55 10.31 -23.66
N ARG F 269 -51.85 10.36 -23.95
CA ARG F 269 -52.41 11.49 -24.68
C ARG F 269 -52.27 12.79 -23.89
N GLN F 270 -52.55 12.72 -22.59
CA GLN F 270 -52.33 13.87 -21.72
C GLN F 270 -50.86 14.22 -21.62
N LEU F 271 -50.00 13.20 -21.65
CA LEU F 271 -48.56 13.42 -21.62
C LEU F 271 -48.10 14.14 -22.88
N GLU F 272 -48.65 13.77 -24.03
CA GLU F 272 -48.30 14.44 -25.28
C GLU F 272 -48.85 15.86 -25.33
N GLN F 273 -50.03 16.06 -24.73
CA GLN F 273 -50.57 17.40 -24.56
C GLN F 273 -49.61 18.25 -23.73
N SER F 274 -49.11 17.70 -22.63
CA SER F 274 -48.14 18.42 -21.82
C SER F 274 -46.80 18.56 -22.51
N GLU F 275 -46.45 17.64 -23.39
CA GLU F 275 -45.28 17.82 -24.24
C GLU F 275 -45.42 19.04 -25.11
N LYS F 276 -46.60 19.20 -25.73
CA LYS F 276 -46.89 20.39 -26.53
C LYS F 276 -46.83 21.65 -25.69
N LEU F 277 -47.38 21.58 -24.47
CA LEU F 277 -47.35 22.70 -23.54
C LEU F 277 -45.93 23.12 -23.20
N ILE F 278 -45.16 22.18 -22.63
CA ILE F 278 -43.82 22.47 -22.19
C ILE F 278 -42.88 22.77 -23.34
N ALA F 279 -43.15 22.20 -24.53
CA ALA F 279 -42.36 22.54 -25.70
C ALA F 279 -42.59 23.98 -26.13
N GLY F 280 -43.85 24.42 -26.15
CA GLY F 280 -44.13 25.82 -26.46
C GLY F 280 -43.59 26.77 -25.41
N VAL F 281 -43.61 26.34 -24.15
CA VAL F 281 -43.06 27.17 -23.07
C VAL F 281 -41.56 27.30 -23.21
N ASN F 282 -40.86 26.19 -23.44
CA ASN F 282 -39.42 26.24 -23.64
C ASN F 282 -39.06 27.02 -24.89
N ALA F 283 -39.91 26.93 -25.92
CA ALA F 283 -39.67 27.67 -27.15
C ALA F 283 -39.80 29.16 -26.92
N VAL F 284 -40.83 29.60 -26.21
CA VAL F 284 -40.99 31.03 -26.00
C VAL F 284 -39.96 31.55 -25.00
N ILE F 285 -39.45 30.69 -24.11
CA ILE F 285 -38.31 31.09 -23.27
C ILE F 285 -37.06 31.27 -24.11
N LYS F 286 -36.82 30.37 -25.07
CA LYS F 286 -35.68 30.52 -25.96
C LYS F 286 -35.84 31.75 -26.85
N ILE F 287 -37.07 32.03 -27.26
CA ILE F 287 -37.39 33.26 -27.97
C ILE F 287 -37.03 34.47 -27.12
N ASP F 288 -37.42 34.45 -25.85
CA ASP F 288 -37.17 35.54 -24.92
C ASP F 288 -35.68 35.77 -24.74
N GLN F 289 -34.91 34.69 -24.70
CA GLN F 289 -33.45 34.80 -24.69
C GLN F 289 -32.94 35.40 -26.00
N GLU F 290 -33.46 34.92 -27.13
CA GLU F 290 -33.08 35.48 -28.42
C GLU F 290 -33.62 36.89 -28.58
N LYS F 291 -34.78 37.18 -27.97
CA LYS F 291 -35.28 38.53 -27.93
C LYS F 291 -34.33 39.46 -27.20
N SER F 292 -33.81 39.04 -26.05
CA SER F 292 -32.80 39.82 -25.34
C SER F 292 -31.51 39.94 -26.13
N ALA F 293 -31.18 38.91 -26.92
CA ALA F 293 -30.02 39.01 -27.81
C ALA F 293 -30.22 40.09 -28.87
N VAL F 294 -31.42 40.18 -29.43
CA VAL F 294 -31.69 41.22 -30.42
C VAL F 294 -31.80 42.58 -29.74
N VAL F 295 -32.19 42.61 -28.45
CA VAL F 295 -32.11 43.83 -27.66
C VAL F 295 -30.67 44.32 -27.59
N VAL F 296 -29.74 43.40 -27.27
CA VAL F 296 -28.32 43.72 -27.23
C VAL F 296 -27.84 44.18 -28.60
N GLU F 297 -28.33 43.54 -29.66
CA GLU F 297 -27.97 43.91 -31.02
C GLU F 297 -28.42 45.33 -31.35
N ALA F 298 -29.65 45.67 -30.99
CA ALA F 298 -30.17 47.01 -31.25
C ALA F 298 -29.48 48.05 -30.39
N GLU F 299 -29.04 47.67 -29.19
CA GLU F 299 -28.27 48.60 -28.38
C GLU F 299 -26.90 48.84 -28.99
N LYS F 300 -26.29 47.80 -29.55
CA LYS F 300 -25.04 47.96 -30.31
C LYS F 300 -25.24 48.90 -31.49
N LEU F 301 -26.38 48.78 -32.17
CA LEU F 301 -26.64 49.62 -33.33
C LEU F 301 -26.87 51.06 -32.92
N SER F 302 -27.92 51.30 -32.14
CA SER F 302 -28.33 52.65 -31.78
C SER F 302 -27.32 53.35 -30.89
N ARG F 303 -26.50 52.60 -30.15
CA ARG F 303 -25.43 53.19 -29.39
C ARG F 303 -24.40 53.83 -30.30
N ALA F 304 -24.14 53.22 -31.46
CA ALA F 304 -23.27 53.83 -32.45
C ALA F 304 -23.90 55.05 -33.09
N TRP F 305 -25.22 55.17 -33.02
CA TRP F 305 -25.86 56.39 -33.48
C TRP F 305 -25.84 57.48 -32.43
N HIS F 306 -25.76 57.13 -31.16
CA HIS F 306 -25.47 58.14 -30.16
C HIS F 306 -24.00 58.53 -30.21
N ILE F 307 -23.15 57.59 -30.61
CA ILE F 307 -21.79 57.94 -31.00
C ILE F 307 -21.81 58.91 -32.18
N PHE F 308 -22.75 58.69 -33.11
CA PHE F 308 -22.85 59.59 -34.25
C PHE F 308 -23.39 60.96 -33.84
N ILE F 309 -24.32 61.00 -32.88
CA ILE F 309 -24.86 62.29 -32.48
C ILE F 309 -23.83 63.03 -31.63
N HIS F 310 -22.92 62.31 -30.97
CA HIS F 310 -21.81 62.98 -30.31
C HIS F 310 -20.76 63.43 -31.31
N GLU F 311 -20.69 62.77 -32.47
CA GLU F 311 -19.85 63.27 -33.55
C GLU F 311 -20.42 64.57 -34.10
N ILE F 312 -21.72 64.61 -34.35
CA ILE F 312 -22.34 65.82 -34.88
C ILE F 312 -22.49 66.86 -33.77
N THR F 313 -22.37 66.45 -32.50
CA THR F 313 -22.18 67.42 -31.43
C THR F 313 -20.88 68.19 -31.63
N ALA F 314 -19.85 67.54 -32.18
CA ALA F 314 -18.58 68.17 -32.47
C ALA F 314 -18.55 68.82 -33.86
N LEU F 315 -19.71 69.12 -34.43
CA LEU F 315 -19.79 69.80 -35.71
C LEU F 315 -19.89 71.31 -35.50
N GLN F 316 -20.29 72.03 -36.55
CA GLN F 316 -20.39 73.49 -36.64
C GLN F 316 -19.02 74.15 -36.40
N GLY F 317 -18.13 73.87 -37.35
CA GLY F 317 -16.98 74.71 -37.60
C GLY F 317 -17.29 75.54 -38.82
N THR F 318 -17.59 76.82 -38.62
CA THR F 318 -18.30 77.63 -39.60
C THR F 318 -17.52 77.86 -40.90
N SER F 319 -16.46 78.67 -40.85
CA SER F 319 -15.68 78.95 -42.05
C SER F 319 -14.19 79.03 -41.78
N LEU F 320 -13.69 78.35 -40.74
CA LEU F 320 -12.33 78.59 -40.28
C LEU F 320 -11.30 77.96 -41.22
N ASN F 321 -11.32 76.64 -41.33
CA ASN F 321 -10.40 75.90 -42.18
C ASN F 321 -11.19 75.09 -43.20
N GLU F 322 -10.49 74.23 -43.92
CA GLU F 322 -11.18 73.33 -44.84
C GLU F 322 -10.73 71.87 -44.66
N VAL F 323 -9.44 71.65 -44.40
CA VAL F 323 -8.95 70.29 -44.29
C VAL F 323 -9.05 69.79 -42.85
N GLU F 324 -10.27 69.48 -42.44
CA GLU F 324 -10.49 68.70 -41.23
C GLU F 324 -11.72 67.82 -41.35
N LEU F 325 -12.39 67.81 -42.49
CA LEU F 325 -13.83 67.57 -42.53
C LEU F 325 -14.16 66.09 -42.47
N SER F 326 -13.76 65.34 -43.49
CA SER F 326 -14.35 64.03 -43.73
C SER F 326 -13.61 62.91 -43.03
N LYS F 327 -12.89 63.19 -41.95
CA LYS F 327 -12.21 62.10 -41.25
C LYS F 327 -13.19 61.19 -40.47
N PRO F 328 -14.16 61.70 -39.70
CA PRO F 328 -15.20 60.78 -39.21
C PRO F 328 -16.08 60.24 -40.32
N LEU F 329 -16.18 60.97 -41.44
CA LEU F 329 -16.97 60.48 -42.56
C LEU F 329 -16.34 59.25 -43.21
N ILE F 330 -15.02 59.28 -43.40
CA ILE F 330 -14.36 58.10 -43.97
C ILE F 330 -14.25 57.00 -42.92
N LYS F 331 -14.21 57.36 -41.63
CA LYS F 331 -14.25 56.33 -40.58
C LYS F 331 -15.58 55.58 -40.59
N GLN F 332 -16.68 56.33 -40.66
CA GLN F 332 -17.99 55.69 -40.77
C GLN F 332 -18.16 55.00 -42.11
N GLN F 333 -17.50 55.52 -43.15
CA GLN F 333 -17.53 54.90 -44.47
C GLN F 333 -16.90 53.52 -44.45
N ILE F 334 -15.71 53.40 -43.86
CA ILE F 334 -15.05 52.10 -43.83
C ILE F 334 -15.73 51.18 -42.84
N TYR F 335 -16.29 51.72 -41.75
CA TYR F 335 -17.02 50.89 -40.81
C TYR F 335 -18.32 50.38 -41.41
N LEU F 336 -18.93 51.18 -42.28
CA LEU F 336 -20.15 50.79 -42.97
C LEU F 336 -19.88 49.81 -44.08
N GLU F 337 -18.75 49.99 -44.78
CA GLU F 337 -18.38 49.05 -45.82
C GLU F 337 -18.06 47.69 -45.23
N SER F 338 -17.42 47.68 -44.06
CA SER F 338 -17.33 46.46 -43.27
C SER F 338 -18.71 45.96 -42.89
N LEU F 339 -19.61 46.89 -42.53
CA LEU F 339 -20.97 46.52 -42.17
C LEU F 339 -21.79 46.12 -43.39
N ILE F 340 -21.47 46.64 -44.58
CA ILE F 340 -22.04 46.10 -45.81
C ILE F 340 -21.61 44.65 -45.99
N LYS F 341 -20.33 44.39 -45.78
CA LYS F 341 -19.84 43.01 -45.79
C LYS F 341 -20.33 42.23 -44.57
N GLN F 342 -20.75 42.92 -43.52
CA GLN F 342 -21.42 42.27 -42.38
C GLN F 342 -22.93 42.26 -42.61
N LEU F 343 -23.32 41.75 -43.76
CA LEU F 343 -24.71 41.72 -44.19
C LEU F 343 -24.83 40.70 -45.31
N ILE G 44 11.69 19.65 -68.72
CA ILE G 44 10.74 19.81 -69.82
C ILE G 44 10.18 18.46 -70.26
N PHE G 45 9.71 18.39 -71.50
CA PHE G 45 9.04 17.20 -71.98
C PHE G 45 10.03 16.08 -72.21
N THR G 46 9.61 14.84 -71.92
CA THR G 46 10.49 13.70 -72.05
C THR G 46 9.91 12.69 -73.03
N LYS G 47 10.77 11.76 -73.45
CA LYS G 47 10.37 10.71 -74.38
C LYS G 47 9.68 9.55 -73.68
N GLU G 48 9.87 9.41 -72.38
CA GLU G 48 9.26 8.31 -71.65
C GLU G 48 7.78 8.56 -71.48
N ASP G 49 7.37 9.82 -71.54
CA ASP G 49 6.00 10.21 -71.80
C ASP G 49 5.45 9.49 -73.03
N LEU G 50 6.17 9.58 -74.15
CA LEU G 50 5.74 8.94 -75.39
C LEU G 50 5.83 7.43 -75.28
N ILE G 51 6.75 6.92 -74.45
CA ILE G 51 6.81 5.49 -74.18
C ILE G 51 5.52 5.03 -73.51
N ASN G 52 5.07 5.77 -72.48
CA ASN G 52 3.81 5.46 -71.84
C ASN G 52 2.63 5.65 -72.77
N LEU G 53 2.74 6.59 -73.71
CA LEU G 53 1.72 6.77 -74.72
C LEU G 53 1.60 5.54 -75.60
N LYS G 54 2.73 4.96 -76.00
CA LYS G 54 2.67 3.78 -76.83
C LYS G 54 2.26 2.54 -76.04
N LEU G 55 2.54 2.55 -74.73
CA LEU G 55 1.96 1.53 -73.85
C LEU G 55 0.45 1.63 -73.84
N TYR G 56 -0.07 2.85 -73.80
CA TYR G 56 -1.51 3.05 -73.88
C TYR G 56 -2.06 2.69 -75.25
N VAL G 57 -1.24 2.87 -76.29
CA VAL G 57 -1.63 2.47 -77.64
C VAL G 57 -1.80 0.96 -77.72
N ARG G 58 -0.79 0.23 -77.25
CA ARG G 58 -0.84 -1.22 -77.22
C ARG G 58 -1.96 -1.73 -76.33
N LYS G 59 -2.26 -1.00 -75.25
CA LYS G 59 -3.37 -1.38 -74.40
C LYS G 59 -4.69 -1.18 -75.12
N GLY G 60 -4.85 -0.03 -75.79
CA GLY G 60 -6.11 0.27 -76.43
C GLY G 60 -6.36 -0.54 -77.68
N LEU G 61 -5.30 -0.88 -78.41
CA LEU G 61 -5.47 -1.76 -79.55
C LEU G 61 -5.69 -3.21 -79.14
N SER G 62 -5.48 -3.54 -77.85
CA SER G 62 -5.75 -4.86 -77.32
C SER G 62 -7.13 -4.98 -76.71
N LEU G 63 -8.11 -4.29 -77.26
CA LEU G 63 -9.40 -4.32 -76.59
C LEU G 63 -10.45 -5.05 -77.42
N PRO G 64 -11.36 -5.78 -76.76
CA PRO G 64 -12.49 -6.36 -77.48
C PRO G 64 -13.45 -5.28 -77.93
N THR G 65 -14.04 -5.49 -79.10
CA THR G 65 -14.94 -4.52 -79.70
C THR G 65 -16.36 -5.04 -79.82
N ARG G 66 -16.52 -6.26 -80.32
CA ARG G 66 -17.86 -6.81 -80.52
C ARG G 66 -18.41 -7.34 -79.20
N GLN G 67 -19.70 -7.69 -79.23
CA GLN G 67 -20.39 -8.06 -78.01
C GLN G 67 -19.91 -9.40 -77.49
N ASP G 68 -19.78 -10.39 -78.37
CA ASP G 68 -19.23 -11.68 -77.98
C ASP G 68 -17.78 -11.57 -77.57
N GLU G 69 -17.04 -10.65 -78.18
CA GLU G 69 -15.65 -10.39 -77.81
C GLU G 69 -15.57 -9.87 -76.39
N VAL G 70 -16.46 -8.96 -76.03
CA VAL G 70 -16.52 -8.44 -74.67
C VAL G 70 -16.96 -9.53 -73.71
N GLU G 71 -17.95 -10.34 -74.11
CA GLU G 71 -18.51 -11.36 -73.23
C GLU G 71 -17.50 -12.46 -72.94
N ALA G 72 -16.72 -12.86 -73.94
CA ALA G 72 -15.59 -13.74 -73.70
C ALA G 72 -14.52 -13.04 -72.87
N TYR G 73 -14.31 -11.75 -73.12
CA TYR G 73 -13.38 -10.97 -72.32
C TYR G 73 -13.91 -10.74 -70.92
N LEU G 74 -15.24 -10.61 -70.77
CA LEU G 74 -15.84 -10.61 -69.44
C LEU G 74 -15.82 -11.98 -68.82
N GLY G 75 -15.92 -13.03 -69.63
CA GLY G 75 -16.12 -14.36 -69.12
C GLY G 75 -17.54 -14.68 -68.73
N TYR G 76 -18.50 -13.81 -69.07
CA TYR G 76 -19.90 -14.06 -68.76
C TYR G 76 -20.77 -13.26 -69.72
N LYS G 77 -22.08 -13.34 -69.50
CA LYS G 77 -23.05 -12.60 -70.30
C LYS G 77 -24.07 -11.89 -69.43
N LYS G 78 -24.06 -12.13 -68.12
CA LYS G 78 -25.11 -11.63 -67.26
C LYS G 78 -24.51 -11.27 -65.91
N ILE G 79 -24.81 -10.07 -65.42
CA ILE G 79 -24.26 -9.60 -64.15
C ILE G 79 -25.34 -9.21 -63.16
N ASP G 80 -26.52 -8.80 -63.66
CA ASP G 80 -27.63 -8.26 -62.87
C ASP G 80 -27.20 -7.09 -61.99
N VAL G 81 -26.30 -6.25 -62.53
CA VAL G 81 -25.79 -5.08 -61.83
C VAL G 81 -25.94 -3.89 -62.75
N ALA G 82 -26.75 -2.91 -62.34
CA ALA G 82 -26.92 -1.70 -63.10
C ALA G 82 -25.64 -0.88 -63.11
N GLY G 83 -25.37 -0.24 -64.24
CA GLY G 83 -24.13 0.48 -64.44
C GLY G 83 -22.94 -0.39 -64.79
N LEU G 84 -23.05 -1.71 -64.63
CA LEU G 84 -21.98 -2.64 -64.93
C LEU G 84 -22.45 -3.76 -65.84
N GLU G 85 -23.52 -3.52 -66.60
CA GLU G 85 -24.07 -4.54 -67.48
C GLU G 85 -23.11 -4.81 -68.63
N PRO G 86 -23.15 -6.04 -69.17
CA PRO G 86 -22.20 -6.40 -70.25
C PRO G 86 -22.34 -5.54 -71.49
N LYS G 87 -23.54 -5.09 -71.82
CA LYS G 87 -23.72 -4.14 -72.91
C LYS G 87 -23.07 -2.80 -72.56
N ASP G 88 -23.14 -2.40 -71.29
CA ASP G 88 -22.53 -1.14 -70.87
C ASP G 88 -21.02 -1.22 -70.94
N ILE G 89 -20.46 -2.36 -70.54
CA ILE G 89 -19.01 -2.55 -70.60
C ILE G 89 -18.57 -2.66 -72.05
N LYS G 90 -19.41 -3.24 -72.90
CA LYS G 90 -19.13 -3.26 -74.33
C LYS G 90 -19.12 -1.86 -74.90
N LEU G 91 -20.05 -1.01 -74.48
CA LEU G 91 -20.07 0.37 -74.92
C LEU G 91 -18.85 1.13 -74.42
N LEU G 92 -18.44 0.86 -73.18
CA LEU G 92 -17.21 1.41 -72.63
C LEU G 92 -16.00 1.01 -73.46
N PHE G 93 -15.92 -0.27 -73.83
CA PHE G 93 -14.81 -0.74 -74.63
C PHE G 93 -14.85 -0.18 -76.04
N ASP G 94 -16.05 0.07 -76.56
CA ASP G 94 -16.17 0.79 -77.83
C ASP G 94 -15.59 2.18 -77.72
N GLU G 95 -15.89 2.87 -76.63
CA GLU G 95 -15.35 4.20 -76.37
C GLU G 95 -13.83 4.18 -76.32
N ILE G 96 -13.26 3.27 -75.54
CA ILE G 96 -11.81 3.27 -75.34
C ILE G 96 -11.09 2.76 -76.57
N HIS G 97 -11.65 1.75 -77.23
CA HIS G 97 -11.01 1.18 -78.41
C HIS G 97 -11.07 2.15 -79.58
N ASN G 98 -12.20 2.84 -79.75
CA ASN G 98 -12.26 3.89 -80.75
C ASN G 98 -11.45 5.10 -80.35
N HIS G 99 -11.19 5.29 -79.06
CA HIS G 99 -10.29 6.34 -78.62
C HIS G 99 -8.86 6.03 -79.02
N ALA G 100 -8.48 4.75 -78.94
CA ALA G 100 -7.18 4.33 -79.47
C ALA G 100 -7.16 4.38 -80.99
N LEU G 101 -8.28 4.05 -81.63
CA LEU G 101 -8.41 4.15 -83.09
C LEU G 101 -8.50 5.59 -83.55
N ASN G 102 -8.73 6.53 -82.64
CA ASN G 102 -8.48 7.93 -82.92
C ASN G 102 -6.99 8.22 -82.78
N TRP G 103 -6.41 7.80 -81.67
CA TRP G 103 -5.09 8.26 -81.29
C TRP G 103 -3.98 7.71 -82.17
N ASN G 104 -4.13 6.53 -82.74
CA ASN G 104 -3.14 6.04 -83.71
C ASN G 104 -2.99 7.00 -84.89
N ASP G 105 -4.12 7.48 -85.42
CA ASP G 105 -4.09 8.47 -86.48
C ASP G 105 -3.68 9.84 -85.98
N VAL G 106 -4.13 10.21 -84.77
CA VAL G 106 -3.80 11.54 -84.26
C VAL G 106 -2.33 11.63 -83.89
N GLU G 107 -1.76 10.54 -83.40
CA GLU G 107 -0.33 10.45 -83.14
C GLU G 107 0.46 10.32 -84.43
N GLN G 108 -0.14 9.76 -85.48
CA GLN G 108 0.46 9.87 -86.80
C GLN G 108 0.50 11.32 -87.26
N ALA G 109 -0.54 12.09 -86.94
CA ALA G 109 -0.51 13.52 -87.21
C ALA G 109 0.49 14.25 -86.31
N VAL G 110 0.71 13.72 -85.11
CA VAL G 110 1.76 14.24 -84.24
C VAL G 110 3.13 14.01 -84.88
N LEU G 111 3.31 12.85 -85.50
CA LEU G 111 4.52 12.60 -86.27
C LEU G 111 4.61 13.49 -87.51
N GLN G 112 3.47 13.81 -88.10
CA GLN G 112 3.46 14.73 -89.24
C GLN G 112 3.88 16.13 -88.82
N GLN G 113 3.34 16.61 -87.70
CA GLN G 113 3.76 17.89 -87.18
C GLN G 113 5.14 17.83 -86.55
N SER G 114 5.60 16.63 -86.20
CA SER G 114 7.00 16.46 -85.83
C SER G 114 7.89 16.79 -87.01
N LEU G 115 7.55 16.25 -88.18
CA LEU G 115 8.23 16.61 -89.42
C LEU G 115 8.06 18.09 -89.73
N ASP G 116 6.88 18.64 -89.45
CA ASP G 116 6.59 20.04 -89.78
C ASP G 116 7.37 21.00 -88.90
N LEU G 117 7.47 20.72 -87.61
CA LEU G 117 8.31 21.52 -86.74
C LEU G 117 9.78 21.31 -87.02
N ASP G 118 10.16 20.13 -87.49
CA ASP G 118 11.53 19.89 -87.90
C ASP G 118 11.91 20.79 -89.08
N ILE G 119 11.08 20.77 -90.13
CA ILE G 119 11.38 21.60 -91.28
C ILE G 119 11.14 23.08 -90.99
N ALA G 120 10.26 23.39 -90.04
CA ALA G 120 10.10 24.77 -89.60
C ALA G 120 11.34 25.26 -88.89
N ALA G 121 11.90 24.43 -88.01
CA ALA G 121 13.17 24.72 -87.37
C ALA G 121 14.27 24.94 -88.39
N LYS G 122 14.38 24.03 -89.35
CA LYS G 122 15.44 24.10 -90.36
C LYS G 122 15.31 25.36 -91.21
N ASN G 123 14.12 25.60 -91.76
CA ASN G 123 13.93 26.73 -92.67
C ASN G 123 14.03 28.05 -91.93
N ILE G 124 13.45 28.15 -90.73
CA ILE G 124 13.45 29.43 -90.03
C ILE G 124 14.82 29.74 -89.47
N ILE G 125 15.48 28.75 -88.84
CA ILE G 125 16.86 28.91 -88.36
C ILE G 125 17.79 29.33 -89.49
N SER G 126 17.70 28.63 -90.63
CA SER G 126 18.55 28.94 -91.78
C SER G 126 18.27 30.34 -92.32
N THR G 127 17.05 30.57 -92.83
CA THR G 127 16.73 31.81 -93.52
C THR G 127 16.79 33.01 -92.57
N GLY G 128 16.14 32.90 -91.42
CA GLY G 128 16.17 33.93 -90.40
C GLY G 128 17.55 34.23 -89.87
N ASN G 129 18.32 33.25 -89.41
CA ASN G 129 19.62 33.55 -88.81
C ASN G 129 20.61 34.07 -89.85
N GLU G 130 20.60 33.49 -91.05
CA GLU G 130 21.44 33.99 -92.14
C GLU G 130 21.12 35.42 -92.56
N ILE G 131 19.89 35.66 -93.02
CA ILE G 131 19.57 36.97 -93.59
C ILE G 131 19.47 38.02 -92.50
N ILE G 132 19.02 37.64 -91.31
CA ILE G 132 18.76 38.57 -90.23
C ILE G 132 19.86 38.39 -89.21
N ASN G 133 21.02 37.94 -89.66
CA ASN G 133 22.29 38.22 -88.99
C ASN G 133 23.34 38.74 -89.96
N LEU G 134 23.03 38.77 -91.26
CA LEU G 134 23.83 39.55 -92.19
C LEU G 134 23.73 41.03 -91.90
N ILE G 135 22.63 41.48 -91.30
CA ILE G 135 22.35 42.90 -91.13
C ILE G 135 22.69 43.24 -89.67
N ASN G 136 23.60 42.46 -89.09
CA ASN G 136 24.28 42.90 -87.88
C ASN G 136 25.10 44.14 -88.12
N GLN G 137 25.58 44.34 -89.36
CA GLN G 137 26.43 45.47 -89.69
C GLN G 137 25.62 46.76 -89.69
N MET G 138 25.88 47.62 -88.71
CA MET G 138 25.47 48.98 -88.76
C MET G 138 26.48 49.74 -87.92
N PRO G 139 27.44 50.40 -88.55
CA PRO G 139 28.34 51.27 -87.79
C PRO G 139 27.67 52.57 -87.39
N ILE G 140 28.28 53.30 -86.44
CA ILE G 140 27.70 54.54 -85.92
C ILE G 140 27.66 55.65 -86.98
N THR G 141 28.51 55.57 -88.01
CA THR G 141 28.58 56.61 -89.02
C THR G 141 27.28 56.72 -89.81
N LEU G 142 26.76 55.60 -90.26
CA LEU G 142 25.43 55.60 -90.85
C LEU G 142 24.35 55.77 -89.79
N ARG G 143 24.63 55.31 -88.58
CA ARG G 143 23.62 55.28 -87.52
C ARG G 143 23.42 56.65 -86.88
N VAL G 144 24.19 57.65 -87.28
CA VAL G 144 23.91 59.02 -86.85
C VAL G 144 23.29 59.87 -87.95
N LYS G 145 23.28 59.41 -89.20
CA LYS G 145 22.92 60.29 -90.30
C LYS G 145 21.94 59.73 -91.32
N THR G 146 21.80 58.41 -91.45
CA THR G 146 21.14 57.86 -92.64
C THR G 146 19.63 57.97 -92.54
N LEU G 147 19.10 57.72 -91.34
CA LEU G 147 17.66 57.65 -91.05
C LEU G 147 16.99 56.62 -91.96
N LEU G 148 17.36 55.37 -91.69
CA LEU G 148 17.13 54.18 -92.51
C LEU G 148 15.71 53.99 -93.04
N GLY G 149 14.71 54.55 -92.34
CA GLY G 149 13.33 54.56 -92.83
C GLY G 149 13.14 55.30 -94.14
N ASP G 150 14.12 56.13 -94.53
CA ASP G 150 14.11 56.74 -95.86
C ASP G 150 14.23 55.68 -96.95
N ILE G 151 15.22 54.80 -96.85
CA ILE G 151 15.55 53.89 -97.93
C ILE G 151 14.88 52.54 -97.73
N THR G 152 13.91 52.49 -96.83
CA THR G 152 13.07 51.30 -96.71
C THR G 152 12.13 51.18 -97.91
N VAL G 168 17.55 47.37 -102.90
CA VAL G 168 18.21 46.07 -102.89
C VAL G 168 17.68 45.23 -101.75
N ALA G 169 17.92 45.69 -100.52
CA ALA G 169 17.48 44.97 -99.34
C ALA G 169 15.98 45.10 -99.09
N SER G 170 15.33 46.08 -99.72
CA SER G 170 13.89 46.23 -99.59
C SER G 170 13.16 45.04 -100.20
N ALA G 171 13.63 44.58 -101.36
CA ALA G 171 13.10 43.34 -101.92
C ALA G 171 13.53 42.13 -101.08
N LEU G 172 14.67 42.23 -100.41
CA LEU G 172 15.09 41.16 -99.52
C LEU G 172 14.24 41.13 -98.25
N LYS G 173 13.76 42.29 -97.81
CA LYS G 173 12.79 42.33 -96.72
C LYS G 173 11.43 41.80 -97.15
N ASP G 174 11.13 41.88 -98.46
CA ASP G 174 9.90 41.28 -98.95
C ASP G 174 9.96 39.77 -98.87
N ILE G 175 11.15 39.20 -99.09
CA ILE G 175 11.37 37.77 -98.84
C ILE G 175 11.11 37.45 -97.37
N LEU G 176 11.55 38.34 -96.48
CA LEU G 176 11.32 38.14 -95.06
C LEU G 176 9.85 38.24 -94.70
N ASP G 177 9.09 39.08 -95.41
CA ASP G 177 7.66 39.16 -95.16
C ASP G 177 6.91 37.97 -95.74
N ASP G 178 7.42 37.40 -96.83
CA ASP G 178 6.88 36.14 -97.34
C ASP G 178 7.12 35.02 -96.35
N MET G 179 8.32 34.98 -95.77
CA MET G 179 8.60 34.03 -94.70
C MET G 179 7.79 34.31 -93.45
N LYS G 180 7.43 35.58 -93.23
CA LYS G 180 6.55 35.95 -92.12
C LYS G 180 5.16 35.37 -92.31
N GLY G 181 4.64 35.47 -93.54
CA GLY G 181 3.35 34.83 -93.84
C GLY G 181 3.44 33.32 -93.75
N ASP G 182 4.58 32.76 -94.13
CA ASP G 182 4.79 31.33 -93.96
C ASP G 182 4.83 30.95 -92.49
N ILE G 183 5.41 31.80 -91.66
CA ILE G 183 5.41 31.62 -90.21
C ILE G 183 4.01 31.68 -89.65
N ASN G 184 3.17 32.55 -90.20
CA ASN G 184 1.77 32.60 -89.81
C ASN G 184 1.05 31.31 -90.21
N ARG G 185 1.45 30.74 -91.35
CA ARG G 185 0.93 29.43 -91.73
C ARG G 185 1.41 28.34 -90.78
N HIS G 186 2.65 28.45 -90.31
CA HIS G 186 3.17 27.52 -89.31
C HIS G 186 2.40 27.64 -88.01
N GLN G 187 2.03 28.87 -87.66
CA GLN G 187 1.17 29.12 -86.51
C GLN G 187 -0.16 28.42 -86.67
N THR G 188 -0.73 28.51 -87.87
CA THR G 188 -2.00 27.88 -88.17
C THR G 188 -1.92 26.37 -87.99
N THR G 189 -0.90 25.76 -88.58
CA THR G 189 -0.71 24.32 -88.48
C THR G 189 -0.43 23.88 -87.05
N THR G 190 0.40 24.64 -86.34
CA THR G 190 0.78 24.28 -84.98
C THR G 190 -0.40 24.43 -84.03
N GLU G 191 -1.24 25.44 -84.26
CA GLU G 191 -2.44 25.60 -83.47
C GLU G 191 -3.44 24.50 -83.78
N ASN G 192 -3.51 24.05 -85.04
CA ASN G 192 -4.38 22.93 -85.38
C ASN G 192 -3.93 21.66 -84.67
N VAL G 193 -2.64 21.42 -84.62
CA VAL G 193 -2.15 20.20 -83.99
C VAL G 193 -2.26 20.30 -82.48
N ARG G 194 -2.03 21.50 -81.92
CA ARG G 194 -2.25 21.72 -80.49
C ARG G 194 -3.72 21.54 -80.14
N LYS G 195 -4.60 21.97 -81.04
CA LYS G 195 -6.02 21.71 -80.89
C LYS G 195 -6.31 20.22 -80.85
N LYS G 196 -5.68 19.45 -81.75
CA LYS G 196 -5.85 18.01 -81.78
C LYS G 196 -5.38 17.38 -80.48
N VAL G 197 -4.21 17.81 -79.99
CA VAL G 197 -3.63 17.24 -78.78
C VAL G 197 -4.48 17.59 -77.56
N SER G 198 -4.85 18.85 -77.42
CA SER G 198 -5.59 19.29 -76.25
C SER G 198 -7.00 18.73 -76.27
N ASP G 199 -7.62 18.62 -77.45
CA ASP G 199 -8.93 18.00 -77.54
C ASP G 199 -8.86 16.52 -77.26
N TYR G 200 -7.76 15.87 -77.64
CA TYR G 200 -7.57 14.47 -77.27
C TYR G 200 -7.38 14.32 -75.78
N ARG G 201 -6.73 15.30 -75.15
CA ARG G 201 -6.55 15.28 -73.71
C ARG G 201 -7.89 15.46 -72.99
N ILE G 202 -8.68 16.42 -73.45
CA ILE G 202 -10.01 16.63 -72.90
C ILE G 202 -10.91 15.43 -73.17
N THR G 203 -10.69 14.75 -74.30
CA THR G 203 -11.35 13.50 -74.58
C THR G 203 -10.95 12.43 -73.58
N LEU G 204 -9.72 12.49 -73.10
CA LEU G 204 -9.34 11.64 -71.98
C LEU G 204 -9.80 12.24 -70.65
N THR G 205 -9.47 13.51 -70.41
CA THR G 205 -9.64 14.13 -69.09
C THR G 205 -11.04 14.70 -68.89
N GLY G 206 -11.47 15.63 -69.74
CA GLY G 206 -12.79 16.19 -69.52
C GLY G 206 -12.87 17.70 -69.63
N GLY G 207 -13.99 18.18 -70.13
CA GLY G 207 -14.25 19.60 -70.28
C GLY G 207 -14.82 19.91 -71.63
N GLU G 208 -14.87 21.20 -71.94
CA GLU G 208 -15.38 21.64 -73.23
C GLU G 208 -14.27 21.57 -74.26
N LEU G 209 -14.55 20.94 -75.39
CA LEU G 209 -13.60 20.93 -76.49
C LEU G 209 -13.51 22.32 -77.11
N SER G 210 -12.36 22.61 -77.72
CA SER G 210 -12.23 23.82 -78.51
C SER G 210 -13.13 23.82 -79.74
N SER G 211 -13.51 22.64 -80.23
CA SER G 211 -14.56 22.52 -81.22
C SER G 211 -15.93 22.90 -80.67
N GLY G 212 -16.11 22.88 -79.35
CA GLY G 212 -17.36 23.28 -78.75
C GLY G 212 -18.20 22.13 -78.25
N ASP G 213 -17.57 21.15 -77.62
CA ASP G 213 -18.28 20.00 -77.07
C ASP G 213 -17.83 19.79 -75.64
N LYS G 214 -18.77 19.89 -74.70
CA LYS G 214 -18.50 19.66 -73.29
C LYS G 214 -18.51 18.17 -73.03
N VAL G 215 -17.43 17.49 -73.41
CA VAL G 215 -17.30 16.08 -73.19
C VAL G 215 -16.91 15.87 -71.72
N ASN G 216 -17.07 14.63 -71.25
CA ASN G 216 -16.78 14.33 -69.86
C ASN G 216 -15.38 13.79 -69.65
N GLY G 217 -14.71 13.37 -70.72
CA GLY G 217 -13.41 12.76 -70.60
C GLY G 217 -13.52 11.29 -70.26
N LEU G 218 -12.80 10.44 -70.97
CA LEU G 218 -12.97 9.01 -70.79
C LEU G 218 -12.31 8.51 -69.52
N GLU G 219 -11.23 9.16 -69.09
CA GLU G 219 -10.56 8.72 -67.87
C GLU G 219 -11.42 8.84 -66.61
N PRO G 220 -12.17 9.93 -66.35
CA PRO G 220 -13.06 9.89 -65.17
C PRO G 220 -14.22 8.95 -65.33
N GLN G 221 -14.64 8.66 -66.56
CA GLN G 221 -15.70 7.67 -66.74
C GLN G 221 -15.20 6.28 -66.41
N VAL G 222 -13.98 5.96 -66.86
CA VAL G 222 -13.33 4.71 -66.50
C VAL G 222 -13.05 4.68 -65.01
N LYS G 223 -12.70 5.82 -64.43
CA LYS G 223 -12.48 5.90 -63.00
C LYS G 223 -13.77 5.67 -62.23
N THR G 224 -14.89 6.16 -62.76
CA THR G 224 -16.18 5.98 -62.14
C THR G 224 -16.61 4.52 -62.20
N LYS G 225 -16.42 3.90 -63.35
CA LYS G 225 -16.74 2.48 -63.45
C LYS G 225 -15.77 1.62 -62.67
N TYR G 226 -14.55 2.12 -62.46
CA TYR G 226 -13.64 1.47 -61.53
C TYR G 226 -14.13 1.61 -60.10
N ASP G 227 -14.73 2.74 -59.78
CA ASP G 227 -15.31 2.91 -58.45
C ASP G 227 -16.52 2.02 -58.29
N LEU G 228 -17.25 1.76 -59.37
CA LEU G 228 -18.29 0.75 -59.36
C LEU G 228 -17.69 -0.62 -59.09
N MET G 229 -16.75 -1.03 -59.90
CA MET G 229 -16.09 -2.32 -59.70
C MET G 229 -15.22 -2.39 -58.43
N GLU G 230 -15.09 -1.29 -57.69
CA GLU G 230 -14.55 -1.29 -56.35
C GLU G 230 -15.63 -1.45 -55.30
N LYS G 231 -16.76 -0.74 -55.45
CA LYS G 231 -17.81 -0.73 -54.44
C LYS G 231 -19.13 -1.31 -54.94
N SER G 232 -19.63 -0.85 -56.08
CA SER G 232 -20.85 -1.39 -56.68
C SER G 232 -20.62 -2.73 -57.36
N ASN G 233 -19.37 -3.21 -57.35
CA ASN G 233 -19.08 -4.60 -57.64
C ASN G 233 -19.82 -5.52 -56.68
N MET G 234 -20.00 -5.07 -55.43
CA MET G 234 -20.86 -5.68 -54.42
C MET G 234 -20.39 -7.08 -54.04
N ARG G 235 -19.08 -7.21 -53.76
CA ARG G 235 -18.55 -8.41 -53.15
C ARG G 235 -19.17 -8.67 -51.79
N LYS G 236 -19.52 -7.61 -51.05
CA LYS G 236 -20.29 -7.77 -49.82
C LYS G 236 -21.67 -8.36 -50.11
N SER G 237 -22.26 -8.01 -51.25
CA SER G 237 -23.52 -8.65 -51.63
C SER G 237 -23.30 -10.08 -52.07
N ILE G 238 -22.13 -10.40 -52.63
CA ILE G 238 -21.80 -11.80 -52.89
C ILE G 238 -21.72 -12.57 -51.58
N LYS G 239 -21.11 -11.97 -50.56
CA LYS G 239 -21.06 -12.55 -49.22
C LYS G 239 -22.46 -12.76 -48.64
N GLU G 240 -23.29 -11.72 -48.72
CA GLU G 240 -24.62 -11.79 -48.16
C GLU G 240 -25.53 -12.70 -48.94
N LEU G 241 -25.33 -12.84 -50.24
CA LEU G 241 -26.11 -13.78 -51.02
C LEU G 241 -25.66 -15.21 -50.81
N ASP G 242 -24.37 -15.43 -50.53
CA ASP G 242 -23.95 -16.76 -50.10
C ASP G 242 -24.49 -17.06 -48.72
N GLU G 243 -24.61 -16.04 -47.88
CA GLU G 243 -25.28 -16.20 -46.60
C GLU G 243 -26.75 -16.52 -46.80
N LYS G 244 -27.38 -15.90 -47.79
CA LYS G 244 -28.75 -16.23 -48.14
C LYS G 244 -28.87 -17.67 -48.61
N ILE G 245 -27.91 -18.12 -49.42
CA ILE G 245 -27.85 -19.52 -49.87
C ILE G 245 -27.77 -20.46 -48.69
N LYS G 246 -26.85 -20.20 -47.75
CA LYS G 246 -26.65 -21.14 -46.66
C LYS G 246 -27.80 -21.08 -45.67
N GLU G 247 -28.48 -19.94 -45.53
CA GLU G 247 -29.64 -19.87 -44.66
C GLU G 247 -30.83 -20.61 -45.26
N LYS G 248 -31.11 -20.38 -46.54
CA LYS G 248 -32.18 -21.12 -47.21
C LYS G 248 -31.87 -22.60 -47.28
N ARG G 249 -30.59 -22.93 -47.50
CA ARG G 249 -30.19 -24.33 -47.58
C ARG G 249 -30.28 -25.01 -46.22
N GLN G 250 -29.93 -24.29 -45.17
CA GLN G 250 -30.09 -24.82 -43.81
C GLN G 250 -31.55 -25.05 -43.49
N ARG G 251 -32.41 -24.11 -43.85
CA ARG G 251 -33.85 -24.26 -43.62
C ARG G 251 -34.41 -25.44 -44.39
N ILE G 252 -34.02 -25.58 -45.65
CA ILE G 252 -34.61 -26.66 -46.43
C ILE G 252 -33.98 -28.01 -46.11
N GLU G 253 -32.77 -28.05 -45.55
CA GLU G 253 -32.27 -29.34 -45.11
C GLU G 253 -32.83 -29.74 -43.75
N GLN G 254 -33.16 -28.74 -42.91
CA GLN G 254 -34.05 -29.00 -41.79
C GLN G 254 -35.38 -29.56 -42.27
N LEU G 255 -35.89 -29.02 -43.37
CA LEU G 255 -37.10 -29.55 -43.98
C LEU G 255 -36.90 -30.95 -44.55
N LYS G 256 -35.69 -31.26 -45.02
CA LYS G 256 -35.38 -32.62 -45.48
C LYS G 256 -35.46 -33.62 -44.34
N LYS G 257 -34.79 -33.30 -43.23
CA LYS G 257 -34.80 -34.20 -42.06
C LYS G 257 -36.20 -34.32 -41.48
N ASP G 258 -36.89 -33.18 -41.39
CA ASP G 258 -38.30 -33.16 -41.02
C ASP G 258 -39.12 -34.01 -41.95
N TYR G 259 -38.84 -33.96 -43.26
CA TYR G 259 -39.63 -34.70 -44.23
C TYR G 259 -39.42 -36.20 -44.13
N ASP G 260 -38.19 -36.63 -43.84
CA ASP G 260 -37.95 -38.04 -43.58
C ASP G 260 -38.72 -38.49 -42.35
N LYS G 261 -38.74 -37.65 -41.31
CA LYS G 261 -39.56 -37.97 -40.15
C LYS G 261 -41.06 -37.89 -40.48
N PHE G 262 -41.43 -37.02 -41.42
CA PHE G 262 -42.82 -36.88 -41.84
C PHE G 262 -43.31 -38.15 -42.52
N VAL G 263 -42.52 -38.69 -43.46
CA VAL G 263 -42.95 -39.90 -44.13
C VAL G 263 -42.89 -41.09 -43.19
N GLY G 264 -41.96 -41.09 -42.23
CA GLY G 264 -41.96 -42.14 -41.22
C GLY G 264 -43.21 -42.15 -40.38
N LEU G 265 -43.59 -41.00 -39.83
CA LEU G 265 -44.78 -40.93 -39.00
C LEU G 265 -46.06 -41.10 -39.79
N SER G 266 -46.10 -40.61 -41.04
CA SER G 266 -47.27 -40.82 -41.88
C SER G 266 -47.44 -42.29 -42.22
N PHE G 267 -46.35 -43.01 -42.39
CA PHE G 267 -46.48 -44.43 -42.71
C PHE G 267 -46.87 -45.23 -41.47
N THR G 268 -46.42 -44.79 -40.28
CA THR G 268 -46.90 -45.43 -39.06
C THR G 268 -48.39 -45.18 -38.85
N GLY G 269 -48.83 -43.95 -39.09
CA GLY G 269 -50.25 -43.65 -39.06
C GLY G 269 -51.04 -44.36 -40.14
N ALA G 270 -50.37 -44.74 -41.23
CA ALA G 270 -51.00 -45.57 -42.24
C ALA G 270 -51.22 -46.98 -41.73
N ILE G 271 -50.14 -47.68 -41.40
CA ILE G 271 -50.17 -49.15 -41.33
C ILE G 271 -50.89 -49.71 -40.11
N GLY G 272 -51.48 -48.85 -39.29
CA GLY G 272 -52.23 -49.30 -38.14
C GLY G 272 -53.49 -50.09 -38.47
N GLY G 273 -54.49 -49.43 -39.04
CA GLY G 273 -55.75 -50.07 -39.30
C GLY G 273 -56.41 -49.50 -40.53
N ILE G 274 -57.70 -49.81 -40.69
CA ILE G 274 -58.43 -49.47 -41.91
C ILE G 274 -58.63 -47.96 -42.03
N ILE G 275 -59.31 -47.37 -41.05
CA ILE G 275 -59.51 -45.93 -41.07
C ILE G 275 -58.23 -45.15 -40.81
N ALA G 276 -57.23 -45.80 -40.19
CA ALA G 276 -55.91 -45.20 -40.03
C ALA G 276 -55.24 -45.00 -41.38
N MET G 277 -55.16 -46.08 -42.18
CA MET G 277 -54.80 -46.03 -43.59
C MET G 277 -55.56 -44.93 -44.31
N ALA G 278 -56.89 -44.88 -44.10
CA ALA G 278 -57.76 -43.93 -44.78
C ALA G 278 -57.35 -42.48 -44.49
N ILE G 279 -57.37 -42.09 -43.22
CA ILE G 279 -57.17 -40.68 -42.89
C ILE G 279 -55.72 -40.27 -43.12
N THR G 280 -54.76 -41.13 -42.82
CA THR G 280 -53.37 -40.70 -42.91
C THR G 280 -52.85 -40.76 -44.34
N GLY G 281 -53.21 -41.80 -45.10
CA GLY G 281 -52.86 -41.81 -46.50
C GLY G 281 -53.63 -40.79 -47.33
N GLY G 282 -54.80 -40.36 -46.86
CA GLY G 282 -55.48 -39.27 -47.52
C GLY G 282 -54.76 -37.96 -47.28
N ILE G 283 -54.46 -37.66 -46.02
CA ILE G 283 -53.86 -36.37 -45.71
C ILE G 283 -52.38 -36.36 -46.05
N PHE G 284 -51.59 -37.15 -45.34
CA PHE G 284 -50.16 -37.04 -45.47
C PHE G 284 -49.59 -37.91 -46.55
N GLY G 285 -50.36 -38.85 -47.07
CA GLY G 285 -49.98 -39.49 -48.32
C GLY G 285 -49.91 -38.51 -49.46
N ALA G 286 -50.82 -37.53 -49.47
CA ALA G 286 -50.74 -36.44 -50.44
C ALA G 286 -49.74 -35.38 -50.01
N LYS G 287 -49.69 -35.07 -48.71
CA LYS G 287 -48.82 -34.01 -48.22
C LYS G 287 -47.34 -34.38 -48.34
N ALA G 288 -47.02 -35.67 -48.29
CA ALA G 288 -45.64 -36.10 -48.49
C ALA G 288 -45.17 -35.79 -49.90
N GLU G 289 -45.99 -36.15 -50.89
CA GLU G 289 -45.66 -35.85 -52.28
C GLU G 289 -45.64 -34.34 -52.53
N ASN G 290 -46.58 -33.61 -51.94
CA ASN G 290 -46.68 -32.18 -52.20
C ASN G 290 -45.53 -31.42 -51.56
N ALA G 291 -45.29 -31.65 -50.27
CA ALA G 291 -44.18 -31.02 -49.58
C ALA G 291 -42.84 -31.48 -50.13
N ARG G 292 -42.77 -32.72 -50.64
CA ARG G 292 -41.54 -33.21 -51.22
C ARG G 292 -41.24 -32.51 -52.54
N LYS G 293 -42.26 -32.33 -53.37
CA LYS G 293 -42.05 -31.66 -54.65
C LYS G 293 -41.73 -30.18 -54.46
N GLU G 294 -42.44 -29.53 -53.53
CA GLU G 294 -42.13 -28.16 -53.18
C GLU G 294 -40.74 -28.03 -52.58
N LYS G 295 -40.36 -28.99 -51.74
CA LYS G 295 -39.06 -29.01 -51.10
C LYS G 295 -37.95 -29.22 -52.12
N ASN G 296 -38.17 -30.08 -53.11
CA ASN G 296 -37.17 -30.31 -54.13
C ASN G 296 -37.11 -29.15 -55.11
N ALA G 297 -38.23 -28.45 -55.28
CA ALA G 297 -38.18 -27.18 -55.99
C ALA G 297 -37.33 -26.17 -55.25
N LEU G 298 -37.41 -26.16 -53.92
CA LEU G 298 -36.54 -25.30 -53.13
C LEU G 298 -35.08 -25.73 -53.23
N ILE G 299 -34.85 -27.05 -53.28
CA ILE G 299 -33.51 -27.60 -53.54
C ILE G 299 -32.97 -27.06 -54.85
N SER G 300 -33.81 -27.10 -55.89
CA SER G 300 -33.42 -26.59 -57.21
C SER G 300 -33.16 -25.10 -57.18
N GLU G 301 -33.95 -24.35 -56.42
CA GLU G 301 -33.79 -22.90 -56.34
C GLU G 301 -32.48 -22.53 -55.66
N VAL G 302 -32.16 -23.19 -54.53
CA VAL G 302 -30.92 -22.87 -53.85
C VAL G 302 -29.73 -23.40 -54.67
N ALA G 303 -29.91 -24.49 -55.40
CA ALA G 303 -28.88 -24.96 -56.31
C ALA G 303 -28.66 -23.98 -57.46
N GLU G 304 -29.72 -23.31 -57.91
CA GLU G 304 -29.54 -22.30 -58.94
C GLU G 304 -28.92 -21.03 -58.40
N LEU G 305 -29.19 -20.71 -57.14
CA LEU G 305 -28.51 -19.58 -56.51
C LEU G 305 -27.03 -19.86 -56.35
N GLU G 306 -26.70 -21.10 -56.01
CA GLU G 306 -25.31 -21.54 -56.08
C GLU G 306 -24.77 -21.43 -57.50
N SER G 307 -25.56 -21.87 -58.46
CA SER G 307 -25.26 -21.71 -59.87
C SER G 307 -25.35 -20.26 -60.33
N LYS G 308 -26.03 -19.41 -59.59
CA LYS G 308 -25.91 -18.02 -59.94
C LYS G 308 -24.83 -17.32 -59.15
N VAL G 309 -25.00 -17.18 -57.84
CA VAL G 309 -24.16 -16.25 -57.09
C VAL G 309 -23.03 -16.94 -56.33
N SER G 310 -23.11 -18.22 -56.00
CA SER G 310 -21.87 -18.91 -55.67
C SER G 310 -21.04 -19.17 -56.92
N SER G 311 -21.67 -19.18 -58.09
CA SER G 311 -20.91 -19.04 -59.34
C SER G 311 -20.48 -17.60 -59.56
N GLN G 312 -21.25 -16.65 -59.06
CA GLN G 312 -20.76 -15.28 -59.12
C GLN G 312 -19.74 -14.97 -58.05
N ARG G 313 -19.38 -15.92 -57.19
CA ARG G 313 -18.13 -15.81 -56.46
C ARG G 313 -16.96 -15.76 -57.43
N ALA G 314 -16.88 -16.75 -58.32
CA ALA G 314 -15.81 -16.77 -59.32
C ALA G 314 -16.01 -15.71 -60.38
N LEU G 315 -17.27 -15.41 -60.74
CA LEU G 315 -17.52 -14.31 -61.67
C LEU G 315 -17.14 -12.97 -61.04
N GLN G 316 -17.38 -12.82 -59.74
CA GLN G 316 -16.95 -11.65 -58.99
C GLN G 316 -15.43 -11.56 -58.97
N THR G 317 -14.77 -12.70 -58.84
CA THR G 317 -13.31 -12.73 -58.87
C THR G 317 -12.79 -12.30 -60.23
N ALA G 318 -13.47 -12.74 -61.29
CA ALA G 318 -13.13 -12.29 -62.64
C ALA G 318 -13.36 -10.80 -62.80
N LEU G 319 -14.43 -10.29 -62.18
CA LEU G 319 -14.67 -8.85 -62.15
C LEU G 319 -13.59 -8.12 -61.38
N GLU G 320 -13.05 -8.75 -60.34
CA GLU G 320 -11.99 -8.15 -59.56
C GLU G 320 -10.69 -8.09 -60.35
N ALA G 321 -10.41 -9.14 -61.12
CA ALA G 321 -9.28 -9.10 -62.03
C ALA G 321 -9.50 -8.08 -63.14
N LEU G 322 -10.75 -7.92 -63.56
CA LEU G 322 -11.06 -6.91 -64.57
C LEU G 322 -10.90 -5.51 -64.00
N SER G 323 -11.26 -5.33 -62.74
CA SER G 323 -11.05 -4.06 -62.06
C SER G 323 -9.57 -3.79 -61.83
N LEU G 324 -8.80 -4.86 -61.61
CA LEU G 324 -7.35 -4.74 -61.59
C LEU G 324 -6.81 -4.25 -62.93
N SER G 325 -7.30 -4.84 -64.02
CA SER G 325 -6.92 -4.42 -65.35
C SER G 325 -7.32 -2.98 -65.62
N PHE G 326 -8.50 -2.59 -65.14
CA PHE G 326 -8.98 -1.24 -65.31
C PHE G 326 -8.17 -0.26 -64.50
N SER G 327 -7.72 -0.69 -63.32
CA SER G 327 -6.85 0.15 -62.51
C SER G 327 -5.51 0.36 -63.18
N ASP G 328 -5.01 -0.69 -63.84
CA ASP G 328 -3.79 -0.57 -64.64
C ASP G 328 -3.99 0.44 -65.77
N ILE G 329 -5.10 0.29 -66.51
CA ILE G 329 -5.42 1.18 -67.62
C ILE G 329 -5.55 2.62 -67.14
N GLY G 330 -6.14 2.81 -65.96
CA GLY G 330 -6.26 4.15 -65.41
C GLY G 330 -4.95 4.74 -64.96
N ILE G 331 -4.05 3.90 -64.43
CA ILE G 331 -2.69 4.35 -64.10
C ILE G 331 -2.00 4.84 -65.36
N ARG G 332 -2.11 4.07 -66.44
CA ARG G 332 -1.45 4.49 -67.68
C ARG G 332 -2.15 5.67 -68.32
N MET G 333 -3.44 5.86 -68.03
CA MET G 333 -4.12 7.09 -68.44
C MET G 333 -3.60 8.30 -67.66
N VAL G 334 -3.29 8.12 -66.38
CA VAL G 334 -2.68 9.19 -65.60
C VAL G 334 -1.29 9.51 -66.15
N ASP G 335 -0.57 8.47 -66.58
CA ASP G 335 0.73 8.66 -67.20
C ASP G 335 0.60 9.44 -68.50
N ALA G 336 -0.39 9.07 -69.32
CA ALA G 336 -0.66 9.83 -70.54
C ALA G 336 -1.16 11.23 -70.24
N GLU G 337 -1.80 11.41 -69.08
CA GLU G 337 -2.27 12.73 -68.70
C GLU G 337 -1.10 13.66 -68.39
N SER G 338 -0.12 13.16 -67.64
CA SER G 338 1.11 13.93 -67.42
C SER G 338 1.88 14.13 -68.72
N ALA G 339 1.84 13.13 -69.60
CA ALA G 339 2.46 13.23 -70.91
C ALA G 339 1.87 14.38 -71.71
N LEU G 340 0.54 14.42 -71.80
CA LEU G 340 -0.14 15.49 -72.48
C LEU G 340 -0.01 16.81 -71.75
N ASN G 341 0.19 16.78 -70.44
CA ASN G 341 0.45 18.00 -69.69
C ASN G 341 1.75 18.66 -70.15
N HIS G 342 2.85 17.92 -70.07
CA HIS G 342 4.15 18.44 -70.50
C HIS G 342 4.13 18.74 -72.00
N LEU G 343 3.45 17.90 -72.76
CA LEU G 343 3.37 18.06 -74.21
C LEU G 343 2.62 19.32 -74.59
N ASP G 344 1.41 19.50 -74.06
CA ASP G 344 0.59 20.64 -74.41
C ASP G 344 1.18 21.92 -73.85
N PHE G 345 1.91 21.85 -72.74
CA PHE G 345 2.61 23.05 -72.28
C PHE G 345 3.74 23.43 -73.22
N MET G 346 4.43 22.42 -73.79
CA MET G 346 5.39 22.70 -74.85
C MET G 346 4.72 23.35 -76.05
N TRP G 347 3.58 22.81 -76.47
CA TRP G 347 2.87 23.35 -77.64
C TRP G 347 2.41 24.77 -77.39
N LEU G 348 1.97 25.04 -76.17
CA LEU G 348 1.64 26.40 -75.77
C LEU G 348 2.85 27.30 -75.84
N SER G 349 4.01 26.81 -75.38
CA SER G 349 5.24 27.61 -75.47
C SER G 349 5.62 27.91 -76.91
N VAL G 350 5.39 26.94 -77.80
CA VAL G 350 5.65 27.14 -79.23
C VAL G 350 4.77 28.24 -79.78
N LEU G 351 3.45 28.14 -79.54
CA LEU G 351 2.52 29.15 -80.02
C LEU G 351 2.76 30.50 -79.37
N ASN G 352 3.22 30.49 -78.11
CA ASN G 352 3.63 31.70 -77.41
C ASN G 352 4.72 32.41 -78.17
N GLN G 353 5.81 31.71 -78.47
CA GLN G 353 6.94 32.35 -79.12
C GLN G 353 6.60 32.76 -80.55
N ILE G 354 5.68 32.05 -81.19
CA ILE G 354 5.16 32.48 -82.49
C ILE G 354 4.46 33.82 -82.36
N THR G 355 3.59 33.96 -81.36
CA THR G 355 2.90 35.23 -81.15
C THR G 355 3.85 36.34 -80.73
N GLU G 356 4.89 35.99 -79.97
CA GLU G 356 5.96 36.92 -79.61
C GLU G 356 6.61 37.48 -80.85
N SER G 357 6.86 36.63 -81.83
CA SER G 357 7.38 37.10 -83.11
C SER G 357 6.35 37.97 -83.84
N GLN G 358 5.10 37.52 -83.88
CA GLN G 358 4.10 38.12 -84.76
C GLN G 358 3.64 39.49 -84.32
N ILE G 359 3.60 39.74 -83.01
CA ILE G 359 3.24 41.07 -82.51
C ILE G 359 4.23 42.11 -82.99
N GLN G 360 5.51 41.81 -82.85
CA GLN G 360 6.56 42.69 -83.34
C GLN G 360 6.68 42.64 -84.86
N PHE G 361 6.18 41.60 -85.50
CA PHE G 361 6.10 41.58 -86.95
C PHE G 361 5.04 42.55 -87.45
N ALA G 362 3.98 42.72 -86.67
CA ALA G 362 2.96 43.72 -86.99
C ALA G 362 3.50 45.14 -86.88
N MET G 363 4.54 45.34 -86.07
CA MET G 363 5.16 46.64 -85.92
C MET G 363 5.96 47.06 -87.14
N ILE G 364 6.25 46.15 -88.06
CA ILE G 364 7.15 46.41 -89.18
C ILE G 364 6.44 47.27 -90.20
N ASN G 365 7.08 48.36 -90.59
CA ASN G 365 6.53 49.32 -91.56
C ASN G 365 7.66 49.81 -92.46
N ASN G 366 7.43 50.90 -93.17
CA ASN G 366 8.47 51.57 -93.94
C ASN G 366 9.16 52.68 -93.15
N ALA G 367 8.80 52.83 -91.87
CA ALA G 367 9.44 53.79 -90.98
C ALA G 367 10.49 53.11 -90.11
N LEU G 368 11.22 52.16 -90.68
CA LEU G 368 12.26 51.43 -89.96
C LEU G 368 13.55 52.24 -90.02
N ARG G 369 13.76 53.09 -89.00
CA ARG G 369 14.90 53.99 -88.96
C ARG G 369 16.14 53.23 -88.49
N LEU G 370 17.18 53.97 -88.11
CA LEU G 370 18.48 53.39 -87.80
C LEU G 370 18.44 52.47 -86.58
N THR G 371 18.30 53.04 -85.39
CA THR G 371 18.25 52.20 -84.21
C THR G 371 16.87 51.65 -83.97
N SER G 372 15.85 52.27 -84.58
CA SER G 372 14.53 51.67 -84.62
C SER G 372 14.56 50.34 -85.33
N PHE G 373 15.29 50.27 -86.44
CA PHE G 373 15.41 49.00 -87.14
C PHE G 373 16.42 48.09 -86.47
N VAL G 374 17.38 48.64 -85.73
CA VAL G 374 18.22 47.80 -84.88
C VAL G 374 17.39 47.08 -83.82
N ASN G 375 16.48 47.83 -83.20
CA ASN G 375 15.59 47.26 -82.20
C ASN G 375 14.61 46.30 -82.84
N LYS G 376 14.16 46.61 -84.06
CA LYS G 376 13.21 45.74 -84.75
C LYS G 376 13.89 44.46 -85.21
N PHE G 377 15.11 44.58 -85.71
CA PHE G 377 16.02 43.47 -85.98
C PHE G 377 16.16 42.56 -84.76
N GLN G 378 16.34 43.16 -83.59
CA GLN G 378 16.42 42.38 -82.35
C GLN G 378 15.09 41.71 -82.02
N GLN G 379 13.98 42.44 -82.21
CA GLN G 379 12.65 41.89 -81.98
C GLN G 379 12.37 40.70 -82.89
N VAL G 380 12.89 40.75 -84.11
CA VAL G 380 12.79 39.61 -85.01
C VAL G 380 13.60 38.45 -84.48
N ILE G 381 14.89 38.66 -84.25
CA ILE G 381 15.79 37.54 -83.97
C ILE G 381 15.63 36.95 -82.58
N THR G 382 14.93 37.63 -81.68
CA THR G 382 14.91 37.16 -80.29
C THR G 382 14.09 35.89 -80.05
N PRO G 383 12.81 35.75 -80.47
CA PRO G 383 12.09 34.53 -80.09
C PRO G 383 12.53 33.30 -80.84
N TRP G 384 13.06 33.46 -82.05
CA TRP G 384 13.34 32.30 -82.89
C TRP G 384 14.54 31.51 -82.41
N GLN G 385 15.40 32.12 -81.60
CA GLN G 385 16.45 31.38 -80.93
C GLN G 385 15.86 30.33 -79.99
N SER G 386 14.92 30.76 -79.15
CA SER G 386 14.26 29.81 -78.24
C SER G 386 13.38 28.83 -79.01
N VAL G 387 12.79 29.28 -80.12
CA VAL G 387 12.04 28.39 -81.00
C VAL G 387 12.92 27.25 -81.50
N GLY G 388 14.09 27.61 -82.03
CA GLY G 388 15.02 26.60 -82.53
C GLY G 388 15.56 25.70 -81.44
N ASP G 389 15.78 26.25 -80.23
CA ASP G 389 16.26 25.44 -79.12
C ASP G 389 15.25 24.37 -78.73
N SER G 390 14.01 24.80 -78.49
CA SER G 390 12.94 23.86 -78.14
C SER G 390 12.66 22.90 -79.28
N ALA G 391 12.83 23.35 -80.52
CA ALA G 391 12.54 22.50 -81.66
C ALA G 391 13.59 21.42 -81.83
N ARG G 392 14.87 21.76 -81.64
CA ARG G 392 15.91 20.74 -81.76
C ARG G 392 15.85 19.75 -80.60
N GLN G 393 15.58 20.24 -79.38
CA GLN G 393 15.36 19.33 -78.26
C GLN G 393 14.16 18.43 -78.52
N LEU G 394 13.14 18.97 -79.18
CA LEU G 394 11.94 18.20 -79.44
C LEU G 394 12.19 17.16 -80.52
N VAL G 395 12.99 17.50 -81.54
CA VAL G 395 13.43 16.54 -82.55
C VAL G 395 14.24 15.43 -81.91
N ASP G 396 15.04 15.76 -80.91
CA ASP G 396 15.75 14.71 -80.15
C ASP G 396 14.79 13.81 -79.41
N ILE G 397 13.75 14.38 -78.79
CA ILE G 397 12.71 13.59 -78.13
C ILE G 397 12.03 12.65 -79.12
N PHE G 398 11.79 13.16 -80.34
CA PHE G 398 11.22 12.36 -81.42
C PHE G 398 12.14 11.22 -81.80
N ASP G 399 13.43 11.50 -81.88
CA ASP G 399 14.36 10.54 -82.45
C ASP G 399 14.66 9.42 -81.47
N GLU G 400 14.84 9.75 -80.19
CA GLU G 400 15.33 8.75 -79.24
C GLU G 400 14.26 7.71 -78.89
N ALA G 401 12.99 8.03 -79.10
CA ALA G 401 11.94 7.06 -78.77
C ALA G 401 11.81 6.00 -79.85
N ILE G 402 12.42 6.24 -81.02
CA ILE G 402 12.25 5.35 -82.16
C ILE G 402 12.92 4.01 -81.89
N LYS G 403 14.08 4.03 -81.25
CA LYS G 403 14.78 2.79 -80.97
C LYS G 403 14.15 2.01 -79.84
N GLU G 404 13.29 2.65 -79.04
CA GLU G 404 12.71 2.04 -77.86
C GLU G 404 11.78 0.89 -78.20
N TYR G 405 11.16 0.94 -79.39
CA TYR G 405 10.20 -0.08 -79.77
C TYR G 405 10.87 -1.42 -80.01
N LYS G 406 11.93 -1.42 -80.81
CA LYS G 406 12.61 -2.66 -81.15
C LYS G 406 13.36 -3.23 -79.96
N LYS G 407 13.78 -2.36 -79.04
CA LYS G 407 14.43 -2.84 -77.82
C LYS G 407 13.43 -3.50 -76.89
N VAL G 408 12.21 -2.97 -76.83
CA VAL G 408 11.29 -3.40 -75.77
C VAL G 408 10.11 -4.15 -76.34
N TYR G 409 9.38 -3.52 -77.27
CA TYR G 409 8.17 -4.14 -77.82
C TYR G 409 8.57 -5.27 -78.76
N LEU H 12 6.25 42.33 -53.47
CA LEU H 12 6.75 41.97 -52.14
C LEU H 12 7.09 40.49 -52.08
N SER H 13 6.70 39.86 -50.98
CA SER H 13 6.98 38.44 -50.79
C SER H 13 6.13 37.60 -51.74
N TYR H 14 6.63 36.41 -52.08
CA TYR H 14 5.93 35.47 -52.96
C TYR H 14 5.64 34.21 -52.15
N PRO H 15 4.47 34.13 -51.51
CA PRO H 15 4.16 32.95 -50.70
C PRO H 15 3.91 31.72 -51.55
N ASP H 16 3.95 30.56 -50.89
CA ASP H 16 3.85 29.27 -51.57
C ASP H 16 2.43 29.08 -52.06
N ILE H 17 2.31 28.53 -53.26
CA ILE H 17 1.03 28.24 -53.89
C ILE H 17 1.11 26.77 -54.30
N ASN H 18 0.66 25.89 -53.42
CA ASN H 18 0.95 24.46 -53.59
C ASN H 18 0.06 23.86 -54.66
N PHE H 19 0.58 23.72 -55.87
CA PHE H 19 -0.17 23.10 -56.94
C PHE H 19 -0.30 21.60 -56.79
N LYS H 20 0.42 20.97 -55.86
CA LYS H 20 0.14 19.59 -55.52
C LYS H 20 -1.24 19.47 -54.90
N ILE H 21 -1.54 20.33 -53.94
CA ILE H 21 -2.87 20.39 -53.34
C ILE H 21 -3.90 20.79 -54.37
N PHE H 22 -3.52 21.69 -55.29
CA PHE H 22 -4.45 22.17 -56.32
C PHE H 22 -4.84 21.05 -57.28
N SER H 23 -3.84 20.37 -57.84
CA SER H 23 -4.11 19.27 -58.75
C SER H 23 -4.78 18.11 -58.04
N GLN H 24 -4.47 17.92 -56.76
CA GLN H 24 -5.17 16.92 -55.95
C GLN H 24 -6.65 17.27 -55.82
N GLY H 25 -6.96 18.54 -55.58
CA GLY H 25 -8.35 18.94 -55.46
C GLY H 25 -9.08 18.86 -56.78
N VAL H 26 -8.41 19.18 -57.88
CA VAL H 26 -9.00 19.05 -59.21
C VAL H 26 -9.30 17.58 -59.51
N LYS H 27 -8.36 16.70 -59.17
CA LYS H 27 -8.55 15.27 -59.35
C LYS H 27 -9.66 14.75 -58.45
N ASN H 28 -9.84 15.33 -57.27
CA ASN H 28 -10.91 14.89 -56.39
C ASN H 28 -12.27 15.36 -56.90
N ILE H 29 -12.33 16.58 -57.43
CA ILE H 29 -13.57 17.12 -57.97
C ILE H 29 -14.00 16.33 -59.19
N SER H 30 -13.09 16.15 -60.14
CA SER H 30 -13.35 15.30 -61.29
C SER H 30 -13.60 13.85 -60.89
N HIS H 31 -12.99 13.42 -59.80
CA HIS H 31 -13.18 12.10 -59.23
C HIS H 31 -14.53 11.97 -58.55
N LEU H 32 -15.00 13.01 -57.87
CA LEU H 32 -16.27 12.91 -57.18
C LEU H 32 -17.37 13.67 -57.88
N ALA H 33 -17.20 13.96 -59.16
CA ALA H 33 -18.21 14.70 -59.92
C ALA H 33 -19.50 13.91 -60.04
N GLN H 34 -19.45 12.78 -60.73
CA GLN H 34 -20.65 12.00 -61.01
C GLN H 34 -20.89 10.97 -59.92
N PHE H 35 -20.90 11.39 -58.66
CA PHE H 35 -21.01 10.45 -57.56
C PHE H 35 -22.43 10.27 -57.07
N LYS H 36 -23.05 11.33 -56.59
CA LYS H 36 -24.27 11.23 -55.79
C LYS H 36 -25.48 11.15 -56.69
N THR H 37 -26.07 9.96 -56.78
CA THR H 37 -27.33 9.76 -57.50
C THR H 37 -28.37 9.32 -56.46
N THR H 38 -28.97 10.30 -55.77
CA THR H 38 -29.85 10.00 -54.65
C THR H 38 -31.25 10.59 -54.79
N GLY H 39 -31.36 11.83 -55.27
CA GLY H 39 -32.66 12.44 -55.36
C GLY H 39 -32.69 13.94 -55.12
N VAL H 40 -31.66 14.48 -54.47
CA VAL H 40 -31.56 15.93 -54.36
C VAL H 40 -31.09 16.51 -55.68
N GLU H 41 -29.86 16.17 -56.07
CA GLU H 41 -29.31 16.20 -57.43
C GLU H 41 -29.07 17.60 -57.98
N VAL H 42 -29.61 18.61 -57.32
CA VAL H 42 -29.30 19.97 -57.70
C VAL H 42 -28.01 20.37 -57.00
N LEU H 43 -27.71 19.72 -55.87
CA LEU H 43 -26.38 19.78 -55.31
C LEU H 43 -25.36 19.17 -56.26
N GLN H 44 -25.73 18.08 -56.93
CA GLN H 44 -24.81 17.49 -57.89
C GLN H 44 -24.71 18.36 -59.13
N GLU H 45 -25.80 19.06 -59.48
CA GLU H 45 -25.77 20.02 -60.57
C GLU H 45 -24.82 21.17 -60.26
N LYS H 46 -24.85 21.66 -59.02
CA LYS H 46 -23.89 22.66 -58.57
C LYS H 46 -22.48 22.12 -58.55
N ALA H 47 -22.32 20.84 -58.21
CA ALA H 47 -20.99 20.23 -58.27
C ALA H 47 -20.50 20.13 -59.70
N LEU H 48 -21.40 19.89 -60.64
CA LEU H 48 -21.04 19.91 -62.06
C LEU H 48 -20.61 21.31 -62.48
N ARG H 49 -21.30 22.33 -61.96
CA ARG H 49 -20.89 23.70 -62.21
C ARG H 49 -19.49 23.96 -61.66
N VAL H 50 -19.22 23.48 -60.44
CA VAL H 50 -17.93 23.64 -59.80
C VAL H 50 -16.85 22.95 -60.60
N SER H 51 -17.15 21.74 -61.10
CA SER H 51 -16.19 21.00 -61.91
C SER H 51 -15.91 21.69 -63.23
N LEU H 52 -16.96 22.25 -63.84
CA LEU H 52 -16.81 23.00 -65.08
C LEU H 52 -15.92 24.21 -64.89
N TYR H 53 -16.21 25.02 -63.87
CA TYR H 53 -15.38 26.18 -63.59
C TYR H 53 -14.02 25.79 -63.06
N SER H 54 -13.87 24.59 -62.50
CA SER H 54 -12.58 24.16 -61.98
C SER H 54 -11.64 23.77 -63.11
N GLN H 55 -12.15 22.97 -64.05
CA GLN H 55 -11.37 22.64 -65.23
C GLN H 55 -11.13 23.87 -66.09
N ARG H 56 -12.13 24.76 -66.14
CA ARG H 56 -11.97 26.06 -66.78
C ARG H 56 -10.88 26.87 -66.11
N LEU H 57 -10.82 26.80 -64.78
CA LEU H 57 -9.79 27.50 -64.02
C LEU H 57 -8.43 26.91 -64.30
N ASP H 58 -8.36 25.59 -64.50
CA ASP H 58 -7.10 24.97 -64.86
C ASP H 58 -6.64 25.43 -66.23
N VAL H 59 -7.58 25.57 -67.16
CA VAL H 59 -7.27 26.15 -68.47
C VAL H 59 -6.75 27.58 -68.31
N ILE H 60 -7.36 28.33 -67.41
CA ILE H 60 -6.90 29.68 -67.08
C ILE H 60 -5.49 29.65 -66.52
N VAL H 61 -5.18 28.63 -65.70
CA VAL H 61 -3.84 28.49 -65.13
C VAL H 61 -2.82 28.23 -66.22
N ARG H 62 -3.14 27.33 -67.14
CA ARG H 62 -2.21 27.00 -68.22
C ARG H 62 -2.01 28.19 -69.15
N GLU H 63 -3.08 28.90 -69.47
CA GLU H 63 -2.97 30.08 -70.31
C GLU H 63 -2.25 31.21 -69.60
N SER H 64 -2.38 31.27 -68.28
CA SER H 64 -1.64 32.25 -67.49
C SER H 64 -0.15 31.95 -67.55
N LEU H 65 0.21 30.68 -67.42
CA LEU H 65 1.60 30.26 -67.59
C LEU H 65 2.12 30.56 -68.98
N SER H 66 1.25 30.44 -69.99
CA SER H 66 1.63 30.74 -71.36
C SER H 66 1.97 32.22 -71.51
N SER H 67 1.06 33.09 -71.06
CA SER H 67 1.29 34.53 -71.13
C SER H 67 2.46 34.96 -70.26
N LEU H 68 2.68 34.27 -69.14
CA LEU H 68 3.82 34.53 -68.29
C LEU H 68 5.12 34.20 -68.99
N GLN H 69 5.16 33.10 -69.73
CA GLN H 69 6.35 32.77 -70.49
C GLN H 69 6.57 33.76 -71.63
N VAL H 70 5.46 34.20 -72.25
CA VAL H 70 5.50 35.27 -73.25
C VAL H 70 6.19 36.50 -72.70
N LYS H 71 5.74 36.96 -71.54
CA LYS H 71 6.26 38.21 -71.03
C LYS H 71 7.63 38.05 -70.40
N LEU H 72 7.94 36.88 -69.86
CA LEU H 72 9.29 36.63 -69.39
C LEU H 72 10.29 36.49 -70.53
N GLU H 73 9.83 36.19 -71.74
CA GLU H 73 10.77 36.24 -72.84
C GLU H 73 10.79 37.58 -73.56
N ASN H 74 9.73 38.38 -73.44
CA ASN H 74 9.69 39.66 -74.13
C ASN H 74 10.19 40.81 -73.25
N THR H 75 9.61 40.96 -72.06
CA THR H 75 10.09 41.98 -71.14
C THR H 75 11.47 41.63 -70.60
N LEU H 76 11.57 40.49 -69.92
CA LEU H 76 12.78 40.10 -69.21
C LEU H 76 13.90 39.73 -70.18
N ALA H 77 13.64 38.78 -71.08
CA ALA H 77 14.74 38.23 -71.87
C ALA H 77 15.16 39.13 -73.02
N LEU H 78 14.26 39.90 -73.61
CA LEU H 78 14.69 40.70 -74.74
C LEU H 78 15.43 41.93 -74.24
N THR H 79 16.35 42.40 -75.08
CA THR H 79 17.43 43.30 -74.70
C THR H 79 17.18 44.74 -75.16
N TYR H 80 15.94 45.23 -74.96
CA TYR H 80 15.65 46.67 -75.13
C TYR H 80 16.56 47.53 -74.28
N PHE H 81 16.91 47.04 -73.09
CA PHE H 81 17.89 47.67 -72.21
C PHE H 81 19.23 47.92 -72.90
N THR H 82 19.68 46.98 -73.73
CA THR H 82 20.92 47.19 -74.47
C THR H 82 20.76 48.24 -75.56
N THR H 83 19.57 48.34 -76.15
CA THR H 83 19.34 49.41 -77.10
C THR H 83 19.32 50.77 -76.41
N LEU H 84 18.75 50.81 -75.19
CA LEU H 84 18.79 52.03 -74.38
C LEU H 84 20.23 52.43 -74.08
N GLU H 85 21.06 51.44 -73.73
CA GLU H 85 22.48 51.70 -73.52
C GLU H 85 23.17 52.13 -74.82
N GLU H 86 22.72 51.62 -75.96
CA GLU H 86 23.34 51.98 -77.23
C GLU H 86 23.03 53.43 -77.60
N ILE H 87 21.78 53.85 -77.40
CA ILE H 87 21.44 55.26 -77.60
C ILE H 87 22.15 56.15 -76.58
N ASP H 88 22.33 55.66 -75.35
CA ASP H 88 23.11 56.40 -74.35
C ASP H 88 24.56 56.58 -74.80
N GLU H 89 25.16 55.54 -75.38
CA GLU H 89 26.51 55.63 -75.91
C GLU H 89 26.58 56.54 -77.12
N ALA H 90 25.55 56.50 -77.98
CA ALA H 90 25.52 57.36 -79.15
C ALA H 90 25.33 58.82 -78.77
N LEU H 91 24.71 59.09 -77.62
CA LEU H 91 24.64 60.45 -77.12
C LEU H 91 25.95 60.83 -76.44
N ILE H 92 26.62 59.87 -75.81
CA ILE H 92 27.99 60.06 -75.35
C ILE H 92 28.91 60.34 -76.53
N SER H 93 28.65 59.69 -77.67
CA SER H 93 29.33 60.02 -78.91
C SER H 93 28.98 61.45 -79.34
N GLN H 94 30.00 62.25 -79.58
CA GLN H 94 29.80 63.63 -80.00
C GLN H 94 29.23 63.69 -81.40
N ASP H 95 28.32 64.62 -81.61
CA ASP H 95 27.47 64.58 -82.79
C ASP H 95 26.89 65.96 -83.06
N ILE H 96 26.61 66.22 -84.33
CA ILE H 96 25.78 67.35 -84.70
C ILE H 96 24.37 67.05 -84.23
N ASP H 97 23.92 67.78 -83.20
CA ASP H 97 22.68 67.47 -82.50
C ASP H 97 21.43 67.81 -83.30
N GLU H 98 21.58 68.40 -84.48
CA GLU H 98 20.45 68.69 -85.35
C GLU H 98 19.76 67.41 -85.80
N GLU H 99 20.47 66.58 -86.55
CA GLU H 99 19.88 65.34 -87.03
C GLU H 99 19.98 64.25 -85.98
N SER H 100 21.08 64.20 -85.24
CA SER H 100 21.35 63.08 -84.36
C SER H 100 20.50 63.12 -83.11
N LYS H 101 20.73 64.12 -82.26
CA LYS H 101 20.20 64.11 -80.89
C LYS H 101 18.69 64.28 -80.87
N SER H 102 18.14 64.98 -81.87
CA SER H 102 16.70 65.03 -82.05
C SER H 102 16.14 63.64 -82.32
N GLU H 103 16.72 62.95 -83.30
CA GLU H 103 16.25 61.60 -83.61
C GLU H 103 16.67 60.60 -82.56
N MET H 104 17.78 60.85 -81.86
CA MET H 104 18.15 60.02 -80.71
C MET H 104 17.09 60.14 -79.62
N ARG H 105 16.56 61.34 -79.40
CA ARG H 105 15.51 61.52 -78.41
C ARG H 105 14.21 60.91 -78.88
N LYS H 106 13.91 61.01 -80.18
CA LYS H 106 12.71 60.38 -80.72
C LYS H 106 12.77 58.86 -80.59
N GLU H 107 13.95 58.27 -80.77
CA GLU H 107 14.07 56.84 -80.62
C GLU H 107 14.15 56.42 -79.17
N ARG H 108 14.61 57.33 -78.28
CA ARG H 108 14.38 57.15 -76.85
C ARG H 108 12.91 57.02 -76.54
N ILE H 109 12.11 57.96 -77.08
CA ILE H 109 10.65 57.93 -76.93
C ILE H 109 10.08 56.65 -77.51
N ASN H 110 10.65 56.16 -78.61
CA ASN H 110 10.17 54.92 -79.21
C ASN H 110 10.44 53.70 -78.34
N ILE H 111 11.64 53.61 -77.75
CA ILE H 111 11.94 52.46 -76.93
C ILE H 111 11.22 52.54 -75.59
N ILE H 112 11.05 53.76 -75.05
CA ILE H 112 10.22 53.95 -73.86
C ILE H 112 8.77 53.59 -74.17
N LYS H 113 8.33 53.87 -75.40
CA LYS H 113 6.99 53.48 -75.84
C LYS H 113 6.87 51.96 -75.92
N ASN H 114 7.93 51.29 -76.38
CA ASN H 114 7.93 49.84 -76.43
C ASN H 114 7.88 49.24 -75.03
N LEU H 115 8.64 49.83 -74.10
CA LEU H 115 8.62 49.40 -72.71
C LEU H 115 7.25 49.62 -72.09
N SER H 116 6.62 50.75 -72.41
CA SER H 116 5.28 51.01 -71.90
C SER H 116 4.26 50.06 -72.52
N ASN H 117 4.50 49.63 -73.76
CA ASN H 117 3.68 48.59 -74.35
C ASN H 117 3.84 47.27 -73.61
N ASP H 118 5.06 47.00 -73.15
CA ASP H 118 5.30 45.78 -72.37
C ASP H 118 4.58 45.84 -71.03
N ILE H 119 4.68 46.99 -70.35
CA ILE H 119 3.94 47.23 -69.11
C ILE H 119 2.44 47.18 -69.37
N THR H 120 2.00 47.63 -70.55
CA THR H 120 0.60 47.59 -70.92
C THR H 120 0.12 46.16 -71.09
N GLN H 121 0.95 45.32 -71.71
CA GLN H 121 0.67 43.89 -71.81
C GLN H 121 0.54 43.26 -70.43
N LEU H 122 1.49 43.58 -69.54
CA LEU H 122 1.47 43.14 -68.15
C LEU H 122 0.16 43.49 -67.47
N LYS H 123 -0.17 44.78 -67.48
CA LYS H 123 -1.37 45.29 -66.83
C LYS H 123 -2.63 44.68 -67.40
N GLN H 124 -2.82 44.81 -68.72
CA GLN H 124 -4.04 44.37 -69.39
C GLN H 124 -4.27 42.88 -69.22
N LEU H 125 -3.29 42.05 -69.61
CA LEU H 125 -3.54 40.62 -69.60
C LEU H 125 -3.56 40.07 -68.19
N PHE H 126 -2.73 40.60 -67.29
CA PHE H 126 -2.67 40.01 -65.98
C PHE H 126 -3.83 40.45 -65.10
N ILE H 127 -4.24 41.71 -65.19
CA ILE H 127 -5.45 42.15 -64.52
C ILE H 127 -6.67 41.46 -65.10
N GLU H 128 -6.67 41.22 -66.42
CA GLU H 128 -7.78 40.53 -67.06
C GLU H 128 -7.91 39.10 -66.58
N LYS H 129 -6.81 38.36 -66.57
CA LYS H 129 -6.87 36.98 -66.11
C LYS H 129 -7.04 36.89 -64.61
N THR H 130 -6.59 37.92 -63.88
CA THR H 130 -6.81 37.96 -62.44
C THR H 130 -8.29 38.16 -62.12
N GLU H 131 -8.95 39.05 -62.87
CA GLU H 131 -10.38 39.21 -62.70
C GLU H 131 -11.15 38.01 -63.20
N LEU H 132 -10.58 37.29 -64.17
CA LEU H 132 -11.19 36.03 -64.59
C LEU H 132 -11.07 34.98 -63.50
N LEU H 133 -9.92 34.96 -62.81
CA LEU H 133 -9.76 34.16 -61.61
C LEU H 133 -10.74 34.56 -60.53
N ASP H 134 -11.04 35.84 -60.43
CA ASP H 134 -12.00 36.31 -59.44
C ASP H 134 -13.41 35.89 -59.82
N LYS H 135 -13.72 35.87 -61.12
CA LYS H 135 -15.00 35.34 -61.58
C LYS H 135 -15.13 33.87 -61.24
N SER H 136 -14.07 33.11 -61.46
CA SER H 136 -14.07 31.70 -61.07
C SER H 136 -14.08 31.55 -59.56
N SER H 137 -13.56 32.53 -58.84
CA SER H 137 -13.59 32.50 -57.39
C SER H 137 -15.00 32.73 -56.87
N SER H 138 -15.73 33.64 -57.49
CA SER H 138 -17.14 33.82 -57.15
C SER H 138 -17.95 32.62 -57.59
N ASP H 139 -17.49 31.93 -58.64
CA ASP H 139 -18.04 30.62 -58.93
C ASP H 139 -17.68 29.62 -57.83
N LEU H 140 -16.53 29.81 -57.20
CA LEU H 140 -16.06 28.83 -56.24
C LEU H 140 -16.41 29.24 -54.81
N HIS H 141 -15.86 30.37 -54.38
CA HIS H 141 -16.02 30.83 -53.00
C HIS H 141 -17.41 31.40 -52.75
N ASN H 142 -18.12 31.78 -53.81
CA ASN H 142 -19.41 32.40 -53.59
C ASN H 142 -20.57 31.58 -54.15
N VAL H 143 -20.34 30.33 -54.53
CA VAL H 143 -21.41 29.38 -54.78
C VAL H 143 -21.12 28.19 -53.86
N VAL H 144 -21.69 28.22 -52.65
CA VAL H 144 -21.39 27.24 -51.62
C VAL H 144 -22.72 26.72 -51.10
N ILE H 145 -22.77 25.45 -50.70
CA ILE H 145 -23.91 24.91 -49.99
C ILE H 145 -23.44 24.33 -48.66
N ILE H 146 -24.09 24.74 -47.57
CA ILE H 146 -23.70 24.25 -46.25
C ILE H 146 -24.93 23.78 -45.48
N GLU H 147 -25.93 24.65 -45.39
CA GLU H 147 -26.71 24.79 -44.16
C GLU H 147 -27.71 23.66 -43.96
N GLY H 148 -28.72 23.54 -44.83
CA GLY H 148 -29.74 22.52 -44.64
C GLY H 148 -29.22 21.13 -44.93
N THR H 149 -28.10 21.04 -45.65
CA THR H 149 -27.45 19.77 -45.94
C THR H 149 -27.00 19.07 -44.68
N ASP H 150 -26.59 19.83 -43.67
CA ASP H 150 -26.10 19.23 -42.44
C ASP H 150 -27.26 18.76 -41.57
N LYS H 151 -28.39 19.46 -41.65
CA LYS H 151 -29.59 18.98 -40.98
C LYS H 151 -30.09 17.70 -41.60
N VAL H 152 -30.10 17.64 -42.94
CA VAL H 152 -30.44 16.42 -43.67
C VAL H 152 -29.47 15.31 -43.32
N LEU H 153 -28.19 15.64 -43.23
CA LEU H 153 -27.14 14.73 -42.81
C LEU H 153 -27.45 14.09 -41.47
N GLN H 154 -27.67 14.92 -40.45
CA GLN H 154 -27.86 14.41 -39.11
C GLN H 154 -29.19 13.67 -38.98
N ALA H 155 -30.21 14.14 -39.68
CA ALA H 155 -31.51 13.49 -39.64
C ALA H 155 -31.45 12.10 -40.27
N GLU H 156 -30.77 11.98 -41.40
CA GLU H 156 -30.66 10.67 -42.04
C GLU H 156 -29.70 9.76 -41.30
N GLN H 157 -28.70 10.33 -40.63
CA GLN H 157 -27.81 9.51 -39.82
C GLN H 157 -28.55 8.91 -38.63
N LEU H 158 -29.33 9.74 -37.94
CA LEU H 158 -30.18 9.24 -36.86
C LEU H 158 -31.22 8.26 -37.38
N ARG H 159 -31.75 8.54 -38.57
CA ARG H 159 -32.74 7.67 -39.21
C ARG H 159 -32.17 6.28 -39.47
N GLN H 160 -31.04 6.21 -40.16
CA GLN H 160 -30.44 4.92 -40.48
C GLN H 160 -29.85 4.26 -39.24
N LYS H 161 -29.49 5.04 -38.21
CA LYS H 161 -29.09 4.46 -36.94
C LYS H 161 -30.26 3.73 -36.29
N GLN H 162 -31.43 4.35 -36.30
CA GLN H 162 -32.63 3.70 -35.78
C GLN H 162 -33.00 2.50 -36.64
N LEU H 163 -32.81 2.61 -37.95
CA LEU H 163 -33.09 1.50 -38.85
C LEU H 163 -32.16 0.33 -38.58
N THR H 164 -30.88 0.62 -38.33
CA THR H 164 -29.90 -0.42 -38.07
C THR H 164 -30.17 -1.11 -36.74
N GLU H 165 -30.51 -0.31 -35.73
CA GLU H 165 -30.89 -0.84 -34.43
C GLU H 165 -32.13 -1.71 -34.53
N ASP H 166 -33.10 -1.29 -35.34
CA ASP H 166 -34.32 -2.05 -35.50
C ASP H 166 -34.07 -3.34 -36.27
N ILE H 167 -33.17 -3.30 -37.25
CA ILE H 167 -32.81 -4.50 -38.01
C ILE H 167 -32.12 -5.51 -37.10
N ALA H 168 -31.19 -5.03 -36.26
CA ALA H 168 -30.56 -5.91 -35.29
C ALA H 168 -31.56 -6.46 -34.29
N THR H 169 -32.55 -5.66 -33.92
CA THR H 169 -33.61 -6.11 -33.03
C THR H 169 -34.43 -7.23 -33.65
N LYS H 170 -34.80 -7.06 -34.93
CA LYS H 170 -35.53 -8.09 -35.65
C LYS H 170 -34.72 -9.35 -35.82
N GLU H 171 -33.40 -9.20 -36.00
CA GLU H 171 -32.51 -10.36 -36.06
C GLU H 171 -32.50 -11.11 -34.74
N LEU H 172 -32.48 -10.37 -33.63
CA LEU H 172 -32.60 -11.00 -32.32
C LEU H 172 -33.93 -11.71 -32.16
N GLU H 173 -35.00 -11.10 -32.69
CA GLU H 173 -36.34 -11.69 -32.60
C GLU H 173 -36.40 -13.01 -33.36
N ARG H 174 -35.89 -13.03 -34.59
CA ARG H 174 -35.97 -14.24 -35.38
C ARG H 174 -35.02 -15.31 -34.84
N LYS H 175 -33.90 -14.90 -34.24
CA LYS H 175 -33.05 -15.87 -33.56
C LYS H 175 -33.76 -16.48 -32.36
N GLU H 176 -34.54 -15.67 -31.64
CA GLU H 176 -35.33 -16.22 -30.54
C GLU H 176 -36.43 -17.15 -31.02
N ILE H 177 -37.02 -16.86 -32.16
CA ILE H 177 -37.99 -17.78 -32.77
C ILE H 177 -37.30 -19.09 -33.14
N GLU H 178 -36.08 -19.01 -33.65
CA GLU H 178 -35.29 -20.20 -33.94
C GLU H 178 -34.91 -20.94 -32.66
N LYS H 179 -34.82 -20.23 -31.55
CA LYS H 179 -34.64 -20.91 -30.27
C LYS H 179 -35.93 -21.58 -29.81
N LYS H 180 -37.08 -21.04 -30.19
CA LYS H 180 -38.36 -21.60 -29.76
C LYS H 180 -38.63 -22.97 -30.36
N ARG H 181 -38.21 -23.21 -31.60
CA ARG H 181 -38.50 -24.47 -32.28
C ARG H 181 -37.71 -25.64 -31.73
N ASP H 182 -36.75 -25.38 -30.84
CA ASP H 182 -35.93 -26.44 -30.29
C ASP H 182 -36.76 -27.40 -29.45
N LYS H 183 -37.71 -26.86 -28.70
CA LYS H 183 -38.62 -27.69 -27.91
C LYS H 183 -39.49 -28.54 -28.81
N ILE H 184 -39.91 -27.99 -29.95
CA ILE H 184 -40.80 -28.71 -30.84
C ILE H 184 -40.06 -29.84 -31.54
N ILE H 185 -38.84 -29.58 -32.02
CA ILE H 185 -38.07 -30.63 -32.70
C ILE H 185 -37.66 -31.71 -31.71
N GLU H 186 -37.32 -31.33 -30.47
CA GLU H 186 -36.95 -32.36 -29.49
C GLU H 186 -38.16 -33.17 -29.05
N ALA H 187 -39.33 -32.53 -28.95
CA ALA H 187 -40.55 -33.25 -28.60
C ALA H 187 -40.91 -34.25 -29.68
N LEU H 188 -40.89 -33.82 -30.94
CA LEU H 188 -41.26 -34.76 -31.99
C LEU H 188 -40.17 -35.76 -32.30
N ASP H 189 -38.94 -35.54 -31.82
CA ASP H 189 -37.93 -36.57 -31.92
C ASP H 189 -38.10 -37.62 -30.84
N VAL H 190 -38.40 -37.19 -29.60
CA VAL H 190 -38.58 -38.18 -28.54
C VAL H 190 -39.90 -38.91 -28.67
N ILE H 191 -40.86 -38.35 -29.41
CA ILE H 191 -42.02 -39.13 -29.78
C ILE H 191 -41.66 -40.11 -30.89
N ARG H 192 -40.76 -39.71 -31.79
CA ARG H 192 -40.35 -40.57 -32.90
C ARG H 192 -39.52 -41.71 -32.34
N GLU H 193 -40.20 -42.82 -32.06
CA GLU H 193 -39.57 -44.02 -31.50
C GLU H 193 -40.13 -45.27 -32.16
N HIS H 194 -41.00 -45.10 -33.16
CA HIS H 194 -41.66 -46.21 -33.81
C HIS H 194 -41.65 -45.95 -35.31
N ASN H 195 -41.17 -46.92 -36.08
CA ASN H 195 -41.09 -46.74 -37.54
C ASN H 195 -41.16 -48.10 -38.21
N LEU H 196 -42.35 -48.46 -38.70
CA LEU H 196 -42.62 -49.49 -39.72
C LEU H 196 -42.38 -50.92 -39.27
N VAL H 197 -41.75 -51.11 -38.12
CA VAL H 197 -41.39 -52.42 -37.60
C VAL H 197 -42.00 -52.49 -36.22
N ASP H 198 -41.85 -51.39 -35.49
CA ASP H 198 -42.37 -51.25 -34.14
C ASP H 198 -43.88 -51.36 -34.06
N ALA H 199 -44.60 -51.15 -35.16
CA ALA H 199 -46.01 -51.52 -35.21
C ALA H 199 -46.18 -53.03 -35.03
N PHE H 200 -45.37 -53.82 -35.72
CA PHE H 200 -45.42 -55.26 -35.54
C PHE H 200 -44.84 -55.66 -34.19
N LYS H 201 -43.86 -54.93 -33.68
CA LYS H 201 -43.30 -55.12 -32.36
C LYS H 201 -44.21 -54.62 -31.25
N ASP H 202 -45.34 -54.04 -31.60
CA ASP H 202 -46.48 -53.88 -30.71
C ASP H 202 -47.55 -54.94 -30.94
N LEU H 203 -47.74 -55.39 -32.19
CA LEU H 203 -48.73 -56.41 -32.51
C LEU H 203 -48.38 -57.76 -31.91
N ILE H 204 -47.09 -58.03 -31.72
CA ILE H 204 -46.67 -59.31 -31.14
C ILE H 204 -46.80 -59.36 -29.62
N PRO H 205 -46.34 -58.36 -28.81
CA PRO H 205 -46.52 -58.50 -27.35
C PRO H 205 -47.96 -58.37 -26.90
N THR H 206 -48.85 -57.76 -27.70
CA THR H 206 -50.26 -57.90 -27.38
C THR H 206 -50.78 -59.28 -27.77
N GLY H 207 -50.09 -59.94 -28.70
CA GLY H 207 -50.38 -61.33 -28.99
C GLY H 207 -49.82 -62.29 -27.96
N GLU H 208 -48.91 -61.82 -27.12
CA GLU H 208 -48.36 -62.63 -26.04
C GLU H 208 -49.42 -62.95 -24.98
N ASN H 209 -49.11 -63.93 -24.15
CA ASN H 209 -49.96 -64.35 -23.05
C ASN H 209 -49.10 -64.80 -21.87
N LEU H 210 -49.76 -65.03 -20.75
CA LEU H 210 -49.12 -65.60 -19.57
C LEU H 210 -49.75 -66.91 -19.14
N SER H 211 -51.07 -66.92 -18.94
CA SER H 211 -51.78 -68.09 -18.43
C SER H 211 -52.62 -68.70 -19.54
N GLU H 212 -52.60 -70.03 -19.63
CA GLU H 212 -53.36 -70.78 -20.61
C GLU H 212 -53.99 -71.99 -19.95
N LEU H 213 -55.17 -72.36 -20.41
CA LEU H 213 -55.88 -73.51 -19.85
C LEU H 213 -56.61 -74.36 -20.89
N ASP H 214 -56.48 -74.04 -22.19
CA ASP H 214 -56.85 -74.85 -23.36
C ASP H 214 -58.36 -74.94 -23.59
N LEU H 215 -59.18 -74.52 -22.63
CA LEU H 215 -60.63 -74.54 -22.77
C LEU H 215 -61.20 -73.30 -22.09
N ALA H 216 -62.50 -73.09 -22.33
CA ALA H 216 -63.37 -72.18 -21.58
C ALA H 216 -63.05 -70.69 -21.71
N LYS H 217 -61.95 -70.34 -22.38
CA LYS H 217 -61.71 -68.97 -22.83
C LYS H 217 -61.22 -69.01 -24.27
N PRO H 218 -62.09 -69.34 -25.25
CA PRO H 218 -61.65 -69.26 -26.64
C PRO H 218 -61.54 -67.82 -27.08
N GLU H 219 -62.51 -67.01 -26.66
CA GLU H 219 -62.57 -65.60 -26.99
C GLU H 219 -62.47 -64.70 -25.76
N ILE H 220 -62.63 -65.26 -24.57
CA ILE H 220 -62.54 -64.47 -23.34
C ILE H 220 -61.12 -63.99 -23.14
N GLU H 221 -60.14 -64.84 -23.45
CA GLU H 221 -58.76 -64.40 -23.55
C GLU H 221 -58.58 -63.39 -24.68
N LEU H 222 -59.33 -63.56 -25.77
CA LEU H 222 -59.18 -62.67 -26.91
C LEU H 222 -59.76 -61.28 -26.67
N LEU H 223 -60.57 -61.13 -25.61
CA LEU H 223 -61.08 -59.80 -25.26
C LEU H 223 -59.94 -58.87 -24.88
N LYS H 224 -59.05 -59.34 -23.99
CA LYS H 224 -57.87 -58.57 -23.61
C LYS H 224 -56.96 -58.33 -24.80
N GLN H 225 -56.85 -59.32 -25.68
CA GLN H 225 -56.08 -59.20 -26.92
C GLN H 225 -56.56 -58.04 -27.76
N SER H 226 -57.85 -58.05 -28.12
CA SER H 226 -58.41 -57.01 -28.98
C SER H 226 -58.40 -55.65 -28.31
N LEU H 227 -58.66 -55.61 -27.00
CA LEU H 227 -58.67 -54.32 -26.31
C LEU H 227 -57.28 -53.73 -26.21
N GLU H 228 -56.25 -54.54 -26.00
CA GLU H 228 -54.89 -54.00 -25.98
C GLU H 228 -54.40 -53.64 -27.38
N ILE H 229 -54.90 -54.34 -28.40
CA ILE H 229 -54.67 -53.91 -29.78
C ILE H 229 -55.21 -52.51 -30.00
N THR H 230 -56.45 -52.27 -29.57
CA THR H 230 -57.04 -50.94 -29.71
C THR H 230 -56.32 -49.92 -28.83
N LYS H 231 -55.79 -50.35 -27.68
CA LYS H 231 -54.95 -49.49 -26.85
C LYS H 231 -53.74 -49.01 -27.61
N LYS H 232 -53.01 -49.93 -28.24
CA LYS H 232 -51.78 -49.57 -28.93
C LYS H 232 -52.08 -48.73 -30.17
N LEU H 233 -53.18 -49.05 -30.87
CA LEU H 233 -53.61 -48.26 -32.01
C LEU H 233 -53.92 -46.82 -31.61
N LEU H 234 -54.78 -46.65 -30.62
CA LEU H 234 -55.15 -45.31 -30.18
C LEU H 234 -54.00 -44.59 -29.49
N GLY H 235 -53.05 -45.32 -28.93
CA GLY H 235 -51.82 -44.70 -28.48
C GLY H 235 -51.02 -44.14 -29.64
N GLN H 236 -51.07 -44.82 -30.79
CA GLN H 236 -50.43 -44.26 -31.97
C GLN H 236 -51.21 -43.07 -32.55
N PHE H 237 -52.54 -43.05 -32.38
CA PHE H 237 -53.36 -42.00 -32.98
C PHE H 237 -53.12 -40.65 -32.30
N SER H 238 -53.28 -40.60 -30.99
CA SER H 238 -53.23 -39.34 -30.25
C SER H 238 -51.85 -38.71 -30.33
N GLU H 239 -50.81 -39.54 -30.25
CA GLU H 239 -49.47 -39.05 -30.47
C GLU H 239 -49.26 -38.61 -31.90
N GLY H 240 -49.93 -39.28 -32.85
CA GLY H 240 -49.90 -38.80 -34.22
C GLY H 240 -50.60 -37.46 -34.38
N LEU H 241 -51.67 -37.25 -33.62
CA LEU H 241 -52.36 -35.97 -33.66
C LEU H 241 -51.50 -34.86 -33.07
N LYS H 242 -50.81 -35.16 -31.96
CA LYS H 242 -49.90 -34.18 -31.38
C LYS H 242 -48.72 -33.90 -32.30
N TYR H 243 -48.31 -34.92 -33.06
CA TYR H 243 -47.30 -34.76 -34.09
C TYR H 243 -47.77 -33.79 -35.15
N ILE H 244 -49.01 -33.96 -35.62
CA ILE H 244 -49.64 -33.05 -36.58
C ILE H 244 -49.67 -31.62 -36.05
N ASP H 245 -50.05 -31.47 -34.79
CA ASP H 245 -50.17 -30.16 -34.17
C ASP H 245 -48.81 -29.46 -34.08
N LEU H 246 -47.78 -30.20 -33.70
CA LEU H 246 -46.49 -29.56 -33.57
C LEU H 246 -45.83 -29.32 -34.92
N THR H 247 -46.16 -30.11 -35.95
CA THR H 247 -45.69 -29.75 -37.29
C THR H 247 -46.40 -28.53 -37.82
N ASP H 248 -47.68 -28.34 -37.46
CA ASP H 248 -48.34 -27.10 -37.80
C ASP H 248 -47.72 -25.92 -37.07
N ALA H 249 -47.29 -26.15 -35.82
CA ALA H 249 -46.55 -25.14 -35.10
C ALA H 249 -45.22 -24.82 -35.77
N ARG H 250 -44.58 -25.85 -36.33
CA ARG H 250 -43.37 -25.64 -37.12
C ARG H 250 -43.64 -24.77 -38.33
N LYS H 251 -44.74 -25.03 -39.03
CA LYS H 251 -45.12 -24.22 -40.18
C LYS H 251 -45.42 -22.78 -39.76
N LYS H 252 -46.01 -22.62 -38.58
CA LYS H 252 -46.34 -21.30 -38.05
C LYS H 252 -45.08 -20.51 -37.74
N LEU H 253 -44.13 -21.12 -37.04
CA LEU H 253 -42.89 -20.42 -36.73
C LEU H 253 -42.03 -20.21 -37.96
N ASP H 254 -42.11 -21.11 -38.94
CA ASP H 254 -41.40 -20.89 -40.18
C ASP H 254 -42.00 -19.74 -40.97
N ASN H 255 -43.32 -19.58 -40.91
CA ASN H 255 -43.96 -18.42 -41.49
C ASN H 255 -43.51 -17.15 -40.80
N GLN H 256 -43.34 -17.22 -39.47
CA GLN H 256 -42.79 -16.09 -38.71
C GLN H 256 -41.39 -15.75 -39.18
N ILE H 257 -40.54 -16.77 -39.34
CA ILE H 257 -39.17 -16.58 -39.81
C ILE H 257 -39.15 -15.97 -41.21
N ASP H 258 -40.08 -16.42 -42.08
CA ASP H 258 -40.12 -15.93 -43.44
C ASP H 258 -40.57 -14.47 -43.50
N THR H 259 -41.60 -14.11 -42.74
CA THR H 259 -42.05 -12.73 -42.69
C THR H 259 -41.00 -11.82 -42.09
N ALA H 260 -40.31 -12.30 -41.05
CA ALA H 260 -39.21 -11.54 -40.48
C ALA H 260 -38.07 -11.38 -41.47
N SER H 261 -37.82 -12.40 -42.29
CA SER H 261 -36.76 -12.33 -43.28
C SER H 261 -37.11 -11.35 -44.39
N THR H 262 -38.40 -11.28 -44.75
CA THR H 262 -38.83 -10.30 -45.74
C THR H 262 -38.71 -8.88 -45.18
N ARG H 263 -39.06 -8.71 -43.90
CA ARG H 263 -38.85 -7.41 -43.26
C ARG H 263 -37.37 -7.06 -43.20
N LEU H 264 -36.53 -8.05 -42.91
CA LEU H 264 -35.08 -7.88 -42.98
C LEU H 264 -34.62 -7.42 -44.35
N THR H 265 -35.14 -8.06 -45.40
CA THR H 265 -34.72 -7.75 -46.76
C THR H 265 -35.13 -6.34 -47.16
N GLU H 266 -36.37 -5.97 -46.85
CA GLU H 266 -36.87 -4.65 -47.21
C GLU H 266 -36.17 -3.56 -46.41
N LEU H 267 -35.98 -3.77 -45.11
CA LEU H 267 -35.32 -2.78 -44.30
C LEU H 267 -33.83 -2.68 -44.61
N ASN H 268 -33.21 -3.78 -45.05
CA ASN H 268 -31.83 -3.71 -45.52
C ASN H 268 -31.72 -2.98 -46.84
N ARG H 269 -32.72 -3.14 -47.71
CA ARG H 269 -32.75 -2.38 -48.95
C ARG H 269 -32.89 -0.89 -48.68
N GLN H 270 -33.76 -0.53 -47.73
CA GLN H 270 -33.88 0.86 -47.31
C GLN H 270 -32.60 1.34 -46.65
N LEU H 271 -31.93 0.46 -45.92
CA LEU H 271 -30.67 0.79 -45.29
C LEU H 271 -29.59 1.08 -46.33
N GLU H 272 -29.57 0.29 -47.41
CA GLU H 272 -28.60 0.53 -48.48
C GLU H 272 -28.94 1.79 -49.26
N GLN H 273 -30.23 2.09 -49.40
CA GLN H 273 -30.66 3.36 -49.96
C GLN H 273 -30.14 4.52 -49.13
N SER H 274 -30.27 4.42 -47.80
CA SER H 274 -29.74 5.45 -46.93
C SER H 274 -28.23 5.46 -46.89
N GLU H 275 -27.58 4.32 -47.14
CA GLU H 275 -26.14 4.30 -47.34
C GLU H 275 -25.75 5.15 -48.52
N LYS H 276 -26.47 4.98 -49.63
CA LYS H 276 -26.23 5.80 -50.82
C LYS H 276 -26.45 7.27 -50.53
N LEU H 277 -27.52 7.57 -49.79
CA LEU H 277 -27.84 8.94 -49.40
C LEU H 277 -26.72 9.57 -48.57
N ILE H 278 -26.40 8.94 -47.44
CA ILE H 278 -25.40 9.48 -46.53
C ILE H 278 -24.02 9.45 -47.13
N ALA H 279 -23.74 8.50 -48.02
CA ALA H 279 -22.45 8.48 -48.72
C ALA H 279 -22.32 9.67 -49.67
N GLY H 280 -23.39 9.97 -50.43
CA GLY H 280 -23.34 11.15 -51.27
C GLY H 280 -23.29 12.44 -50.49
N VAL H 281 -23.93 12.47 -49.32
CA VAL H 281 -23.89 13.64 -48.47
C VAL H 281 -22.50 13.86 -47.91
N ASN H 282 -21.88 12.80 -47.39
CA ASN H 282 -20.52 12.90 -46.89
C ASN H 282 -19.54 13.24 -48.00
N ALA H 283 -19.80 12.73 -49.21
CA ALA H 283 -18.96 13.03 -50.34
C ALA H 283 -19.03 14.49 -50.72
N VAL H 284 -20.23 15.06 -50.78
CA VAL H 284 -20.33 16.46 -51.16
C VAL H 284 -19.86 17.37 -50.03
N ILE H 285 -19.92 16.91 -48.78
CA ILE H 285 -19.28 17.66 -47.70
C ILE H 285 -17.77 17.65 -47.85
N LYS H 286 -17.19 16.50 -48.20
CA LYS H 286 -15.75 16.43 -48.44
C LYS H 286 -15.35 17.27 -49.64
N ILE H 287 -16.22 17.30 -50.66
CA ILE H 287 -16.04 18.19 -51.81
C ILE H 287 -16.02 19.64 -51.35
N ASP H 288 -16.97 20.02 -50.49
CA ASP H 288 -17.08 21.37 -49.98
C ASP H 288 -15.84 21.78 -49.20
N GLN H 289 -15.29 20.84 -48.44
CA GLN H 289 -14.01 21.07 -47.79
C GLN H 289 -12.89 21.23 -48.81
N GLU H 290 -12.86 20.36 -49.81
CA GLU H 290 -11.86 20.48 -50.86
C GLU H 290 -12.13 21.70 -51.73
N LYS H 291 -13.40 22.07 -51.88
CA LYS H 291 -13.74 23.32 -52.54
C LYS H 291 -13.15 24.52 -51.81
N SER H 292 -13.29 24.54 -50.48
CA SER H 292 -12.68 25.61 -49.70
C SER H 292 -11.15 25.55 -49.76
N ALA H 293 -10.58 24.36 -49.90
CA ALA H 293 -9.15 24.25 -50.11
C ALA H 293 -8.71 24.89 -51.42
N VAL H 294 -9.50 24.67 -52.47
CA VAL H 294 -9.17 25.30 -53.76
C VAL H 294 -9.46 26.80 -53.71
N VAL H 295 -10.40 27.22 -52.87
CA VAL H 295 -10.60 28.64 -52.60
C VAL H 295 -9.32 29.25 -52.01
N VAL H 296 -8.75 28.57 -51.02
CA VAL H 296 -7.49 29.00 -50.41
C VAL H 296 -6.38 29.02 -51.45
N GLU H 297 -6.37 28.02 -52.33
CA GLU H 297 -5.37 27.94 -53.39
C GLU H 297 -5.47 29.12 -54.34
N ALA H 298 -6.70 29.44 -54.76
CA ALA H 298 -6.91 30.57 -55.66
C ALA H 298 -6.61 31.89 -54.98
N GLU H 299 -6.83 31.99 -53.68
CA GLU H 299 -6.45 33.20 -52.96
C GLU H 299 -4.94 33.33 -52.87
N LYS H 300 -4.24 32.21 -52.70
CA LYS H 300 -2.78 32.21 -52.78
C LYS H 300 -2.31 32.69 -54.14
N LEU H 301 -2.98 32.24 -55.20
CA LEU H 301 -2.59 32.62 -56.55
C LEU H 301 -2.85 34.09 -56.81
N SER H 302 -4.12 34.48 -56.75
CA SER H 302 -4.53 35.84 -57.11
C SER H 302 -3.99 36.88 -56.14
N ARG H 303 -3.70 36.49 -54.91
CA ARG H 303 -3.07 37.40 -53.96
C ARG H 303 -1.67 37.78 -54.44
N ALA H 304 -0.96 36.83 -55.05
CA ALA H 304 0.33 37.15 -55.65
C ALA H 304 0.19 38.02 -56.88
N TRP H 305 -0.99 38.04 -57.48
CA TRP H 305 -1.22 38.97 -58.58
C TRP H 305 -1.59 40.35 -58.09
N HIS H 306 -2.15 40.46 -56.89
CA HIS H 306 -2.28 41.78 -56.28
C HIS H 306 -0.94 42.25 -55.75
N ILE H 307 -0.08 41.30 -55.36
CA ILE H 307 1.32 41.61 -55.15
C ILE H 307 1.95 42.12 -56.44
N PHE H 308 1.56 41.52 -57.57
CA PHE H 308 2.08 41.98 -58.84
C PHE H 308 1.54 43.34 -59.23
N ILE H 309 0.27 43.64 -58.92
CA ILE H 309 -0.27 44.94 -59.26
C ILE H 309 0.30 46.00 -58.34
N HIS H 310 0.72 45.62 -57.12
CA HIS H 310 1.44 46.57 -56.29
C HIS H 310 2.87 46.74 -56.76
N GLU H 311 3.42 45.73 -57.44
CA GLU H 311 4.71 45.91 -58.10
C GLU H 311 4.60 46.90 -59.25
N ILE H 312 3.58 46.73 -60.08
CA ILE H 312 3.40 47.64 -61.21
C ILE H 312 2.84 48.98 -60.74
N THR H 313 2.30 49.03 -59.51
CA THR H 313 2.05 50.32 -58.87
C THR H 313 3.35 51.09 -58.67
N ALA H 314 4.46 50.37 -58.41
CA ALA H 314 5.78 50.97 -58.26
C ALA H 314 6.52 51.12 -59.59
N LEU H 315 5.80 51.11 -60.71
CA LEU H 315 6.40 51.31 -62.02
C LEU H 315 6.35 52.78 -62.39
N GLN H 316 6.56 53.07 -63.69
CA GLN H 316 6.65 54.41 -64.29
C GLN H 316 7.79 55.21 -63.67
N GLY H 317 9.00 54.71 -63.93
CA GLY H 317 10.20 55.51 -63.86
C GLY H 317 10.59 55.84 -65.28
N THR H 318 10.35 57.08 -65.69
CA THR H 318 10.27 57.45 -67.10
C THR H 318 11.58 57.30 -67.87
N SER H 319 12.56 58.16 -67.59
CA SER H 319 13.83 58.08 -68.29
C SER H 319 15.03 58.38 -67.39
N LEU H 320 14.91 58.14 -66.08
CA LEU H 320 15.91 58.63 -65.14
C LEU H 320 17.19 57.81 -65.20
N ASN H 321 17.11 56.53 -64.86
CA ASN H 321 18.24 55.63 -64.86
C ASN H 321 17.96 54.46 -65.80
N GLU H 322 18.83 53.46 -65.76
CA GLU H 322 18.59 52.25 -66.53
C GLU H 322 18.77 50.99 -65.68
N VAL H 323 19.75 50.97 -64.79
CA VAL H 323 20.00 49.78 -63.99
C VAL H 323 19.18 49.78 -62.71
N GLU H 324 17.90 49.54 -62.85
CA GLU H 324 17.06 49.19 -61.71
C GLU H 324 15.95 48.23 -62.10
N LEU H 325 15.91 47.77 -63.35
CA LEU H 325 14.65 47.42 -63.98
C LEU H 325 14.18 46.02 -63.58
N SER H 326 14.95 45.01 -63.97
CA SER H 326 14.44 43.65 -64.01
C SER H 326 14.65 42.89 -62.72
N LYS H 327 14.79 43.58 -61.59
CA LYS H 327 14.94 42.86 -60.32
C LYS H 327 13.65 42.19 -59.86
N PRO H 328 12.47 42.84 -59.86
CA PRO H 328 11.25 42.06 -59.65
C PRO H 328 10.95 41.11 -60.79
N LEU H 329 11.47 41.39 -61.99
CA LEU H 329 11.26 40.49 -63.11
C LEU H 329 12.01 39.18 -62.92
N ILE H 330 13.25 39.24 -62.46
CA ILE H 330 13.98 38.01 -62.21
C ILE H 330 13.48 37.34 -60.94
N LYS H 331 12.93 38.12 -60.00
CA LYS H 331 12.31 37.51 -58.81
C LYS H 331 11.09 36.69 -59.19
N GLN H 332 10.22 37.26 -60.03
CA GLN H 332 9.07 36.52 -60.52
C GLN H 332 9.49 35.41 -61.48
N GLN H 333 10.62 35.60 -62.18
CA GLN H 333 11.16 34.58 -63.05
C GLN H 333 11.57 33.33 -62.27
N ILE H 334 12.32 33.53 -61.19
CA ILE H 334 12.77 32.38 -60.42
C ILE H 334 11.61 31.78 -59.62
N TYR H 335 10.66 32.62 -59.18
CA TYR H 335 9.50 32.09 -58.48
C TYR H 335 8.59 31.30 -59.42
N LEU H 336 8.55 31.70 -60.69
CA LEU H 336 7.77 31.01 -61.69
C LEU H 336 8.45 29.74 -62.15
N GLU H 337 9.78 29.76 -62.24
CA GLU H 337 10.52 28.56 -62.59
C GLU H 337 10.39 27.51 -61.49
N SER H 338 10.39 27.96 -60.24
CA SER H 338 9.98 27.09 -59.15
C SER H 338 8.55 26.63 -59.33
N LEU H 339 7.69 27.54 -59.76
CA LEU H 339 6.29 27.20 -60.00
C LEU H 339 6.11 26.35 -61.25
N ILE H 340 7.00 26.46 -62.23
CA ILE H 340 7.03 25.49 -63.33
C ILE H 340 7.36 24.10 -62.79
N LYS H 341 8.36 24.04 -61.91
CA LYS H 341 8.66 22.78 -61.23
C LYS H 341 7.59 22.43 -60.21
N GLN H 342 6.79 23.39 -59.78
CA GLN H 342 5.61 23.11 -58.96
C GLN H 342 4.39 22.90 -59.85
N LEU H 343 4.54 21.99 -60.81
CA LEU H 343 3.53 21.70 -61.81
C LEU H 343 3.85 20.36 -62.43
N ILE I 44 45.00 -3.89 -56.69
CA ILE I 44 44.71 -4.22 -58.08
C ILE I 44 44.31 -5.67 -58.25
N PHE I 45 44.48 -6.19 -59.45
CA PHE I 45 44.01 -7.53 -59.78
C PHE I 45 44.88 -8.58 -59.10
N THR I 46 44.26 -9.67 -58.64
CA THR I 46 44.98 -10.71 -57.94
C THR I 46 44.86 -12.04 -58.67
N LYS I 47 45.72 -12.98 -58.29
CA LYS I 47 45.72 -14.31 -58.88
C LYS I 47 44.67 -15.22 -58.26
N GLU I 48 44.20 -14.89 -57.06
CA GLU I 48 43.21 -15.72 -56.40
C GLU I 48 41.87 -15.57 -57.06
N ASP I 49 41.65 -14.43 -57.72
CA ASP I 49 40.62 -14.28 -58.72
C ASP I 49 40.67 -15.42 -59.73
N LEU I 50 41.84 -15.65 -60.33
CA LEU I 50 42.00 -16.71 -61.32
C LEU I 50 41.89 -18.09 -60.69
N ILE I 51 42.24 -18.20 -59.41
CA ILE I 51 42.02 -19.43 -58.67
C ILE I 51 40.53 -19.76 -58.58
N ASN I 52 39.74 -18.75 -58.23
CA ASN I 52 38.28 -18.93 -58.20
C ASN I 52 37.72 -19.18 -59.59
N LEU I 53 38.36 -18.59 -60.61
CA LEU I 53 37.97 -18.87 -61.99
C LEU I 53 38.17 -20.33 -62.33
N LYS I 54 39.29 -20.90 -61.93
CA LYS I 54 39.53 -22.31 -62.22
C LYS I 54 38.67 -23.22 -61.36
N LEU I 55 38.29 -22.75 -60.17
CA LEU I 55 37.27 -23.46 -59.41
C LEU I 55 35.96 -23.49 -60.15
N TYR I 56 35.59 -22.38 -60.78
CA TYR I 56 34.40 -22.34 -61.61
C TYR I 56 34.55 -23.19 -62.86
N VAL I 57 35.78 -23.31 -63.37
CA VAL I 57 36.05 -24.17 -64.52
C VAL I 57 35.79 -25.62 -64.15
N ARG I 58 36.38 -26.06 -63.04
CA ARG I 58 36.19 -27.41 -62.54
C ARG I 58 34.73 -27.68 -62.19
N LYS I 59 34.03 -26.66 -61.71
CA LYS I 59 32.61 -26.83 -61.43
C LYS I 59 31.82 -27.00 -62.72
N GLY I 60 32.11 -26.16 -63.71
CA GLY I 60 31.35 -26.20 -64.96
C GLY I 60 31.66 -27.40 -65.81
N LEU I 61 32.90 -27.89 -65.76
CA LEU I 61 33.21 -29.11 -66.46
C LEU I 61 32.69 -30.35 -65.76
N SER I 62 32.22 -30.20 -64.52
CA SER I 62 31.61 -31.28 -63.76
C SER I 62 30.10 -31.31 -63.89
N LEU I 63 29.57 -30.94 -65.05
CA LEU I 63 28.13 -30.85 -65.10
C LEU I 63 27.54 -31.89 -66.03
N PRO I 64 26.37 -32.43 -65.70
CA PRO I 64 25.67 -33.32 -66.63
C PRO I 64 25.15 -32.54 -67.82
N THR I 65 25.18 -33.19 -68.98
CA THR I 65 24.77 -32.56 -70.23
C THR I 65 23.54 -33.22 -70.84
N ARG I 66 23.52 -34.54 -70.90
CA ARG I 66 22.40 -35.24 -71.51
C ARG I 66 21.24 -35.33 -70.54
N GLN I 67 20.09 -35.78 -71.07
CA GLN I 67 18.87 -35.78 -70.29
C GLN I 67 18.91 -36.81 -69.18
N ASP I 68 19.35 -38.03 -69.50
CA ASP I 68 19.53 -39.06 -68.48
C ASP I 68 20.61 -38.69 -67.49
N GLU I 69 21.63 -37.96 -67.95
CA GLU I 69 22.69 -37.49 -67.06
C GLU I 69 22.13 -36.50 -66.04
N VAL I 70 21.27 -35.61 -66.50
CA VAL I 70 20.62 -34.67 -65.60
C VAL I 70 19.66 -35.40 -64.66
N GLU I 71 18.91 -36.37 -65.19
CA GLU I 71 17.91 -37.07 -64.40
C GLU I 71 18.55 -37.92 -63.30
N ALA I 72 19.67 -38.56 -63.61
CA ALA I 72 20.45 -39.22 -62.57
C ALA I 72 21.05 -38.18 -61.63
N TYR I 73 21.48 -37.05 -62.17
CA TYR I 73 21.98 -35.98 -61.33
C TYR I 73 20.86 -35.32 -60.53
N LEU I 74 19.66 -35.26 -61.09
CA LEU I 74 18.50 -34.86 -60.31
C LEU I 74 18.07 -35.94 -59.33
N GLY I 75 18.28 -37.19 -59.68
CA GLY I 75 17.73 -38.29 -58.91
C GLY I 75 16.28 -38.58 -59.18
N TYR I 76 15.69 -37.97 -60.20
CA TYR I 76 14.29 -38.21 -60.54
C TYR I 76 14.09 -37.87 -62.01
N LYS I 77 12.83 -37.98 -62.44
CA LYS I 77 12.42 -37.64 -63.79
C LYS I 77 11.19 -36.76 -63.83
N LYS I 78 10.55 -36.54 -62.69
CA LYS I 78 9.25 -35.87 -62.66
C LYS I 78 9.17 -35.03 -61.40
N ILE I 79 8.78 -33.76 -61.55
CA ILE I 79 8.70 -32.85 -60.42
C ILE I 79 7.32 -32.23 -60.27
N ASP I 80 6.57 -32.13 -61.38
CA ASP I 80 5.27 -31.45 -61.46
C ASP I 80 5.34 -30.01 -60.93
N VAL I 81 6.45 -29.34 -61.23
CA VAL I 81 6.68 -27.96 -60.80
C VAL I 81 7.11 -27.16 -62.02
N ALA I 82 6.28 -26.17 -62.40
CA ALA I 82 6.61 -25.31 -63.52
C ALA I 82 7.81 -24.43 -63.18
N GLY I 83 8.66 -24.20 -64.19
CA GLY I 83 9.90 -23.49 -64.00
C GLY I 83 11.02 -24.32 -63.41
N LEU I 84 10.72 -25.51 -62.89
CA LEU I 84 11.72 -26.39 -62.29
C LEU I 84 11.64 -27.80 -62.88
N GLU I 85 11.10 -27.92 -64.09
CA GLU I 85 10.94 -29.21 -64.73
C GLU I 85 12.30 -29.78 -65.11
N PRO I 86 12.42 -31.12 -65.15
CA PRO I 86 13.72 -31.74 -65.45
C PRO I 86 14.29 -31.37 -66.80
N LYS I 87 13.43 -31.16 -67.80
CA LYS I 87 13.89 -30.65 -69.08
C LYS I 87 14.41 -29.23 -68.96
N ASP I 88 13.79 -28.43 -68.09
CA ASP I 88 14.22 -27.05 -67.88
C ASP I 88 15.57 -27.02 -67.18
N ILE I 89 15.76 -27.91 -66.20
CA ILE I 89 17.04 -27.97 -65.49
C ILE I 89 18.11 -28.54 -66.40
N LYS I 90 17.72 -29.44 -67.31
CA LYS I 90 18.65 -29.92 -68.32
C LYS I 90 19.07 -28.81 -69.26
N LEU I 91 18.13 -27.95 -69.64
CA LEU I 91 18.46 -26.80 -70.48
C LEU I 91 19.36 -25.81 -69.75
N LEU I 92 19.09 -25.62 -68.46
CA LEU I 92 19.94 -24.81 -67.60
C LEU I 92 21.37 -25.36 -67.55
N PHE I 93 21.49 -26.67 -67.39
CA PHE I 93 22.80 -27.29 -67.33
C PHE I 93 23.50 -27.24 -68.68
N ASP I 94 22.73 -27.28 -69.77
CA ASP I 94 23.29 -27.06 -71.09
C ASP I 94 23.89 -25.67 -71.19
N GLU I 95 23.15 -24.68 -70.69
CA GLU I 95 23.64 -23.29 -70.68
C GLU I 95 24.93 -23.16 -69.90
N ILE I 96 24.96 -23.71 -68.67
CA ILE I 96 26.13 -23.51 -67.82
C ILE I 96 27.31 -24.35 -68.30
N HIS I 97 27.04 -25.57 -68.76
CA HIS I 97 28.12 -26.44 -69.21
C HIS I 97 28.71 -25.94 -70.51
N ASN I 98 27.88 -25.45 -71.44
CA ASN I 98 28.40 -24.81 -72.63
C ASN I 98 29.04 -23.47 -72.32
N HIS I 99 28.65 -22.84 -71.22
CA HIS I 99 29.33 -21.63 -70.78
C HIS I 99 30.74 -21.93 -70.31
N ALA I 100 30.91 -23.06 -69.63
CA ALA I 100 32.25 -23.53 -69.29
C ALA I 100 33.01 -23.99 -70.54
N LEU I 101 32.31 -24.63 -71.48
CA LEU I 101 32.90 -25.03 -72.75
C LEU I 101 33.18 -23.85 -73.66
N ASN I 102 32.63 -22.68 -73.34
CA ASN I 102 33.12 -21.44 -73.92
C ASN I 102 34.37 -21.00 -73.20
N TRP I 103 34.31 -20.96 -71.87
CA TRP I 103 35.32 -20.28 -71.08
C TRP I 103 36.66 -21.00 -71.07
N ASN I 104 36.70 -22.32 -71.22
CA ASN I 104 37.97 -23.01 -71.35
C ASN I 104 38.75 -22.50 -72.56
N ASP I 105 38.08 -22.33 -73.69
CA ASP I 105 38.71 -21.77 -74.87
C ASP I 105 38.95 -20.27 -74.73
N VAL I 106 38.02 -19.55 -74.10
CA VAL I 106 38.18 -18.11 -73.97
C VAL I 106 39.30 -17.78 -73.00
N GLU I 107 39.46 -18.58 -71.95
CA GLU I 107 40.57 -18.45 -71.04
C GLU I 107 41.87 -18.94 -71.65
N GLN I 108 41.80 -19.87 -72.60
CA GLN I 108 42.96 -20.17 -73.41
C GLN I 108 43.35 -18.96 -74.26
N ALA I 109 42.37 -18.23 -74.76
CA ALA I 109 42.66 -16.97 -75.45
C ALA I 109 43.16 -15.90 -74.48
N VAL I 110 42.73 -15.96 -73.22
CA VAL I 110 43.28 -15.09 -72.19
C VAL I 110 44.74 -15.41 -71.97
N LEU I 111 45.10 -16.69 -72.00
CA LEU I 111 46.50 -17.08 -71.95
C LEU I 111 47.26 -16.66 -73.20
N GLN I 112 46.58 -16.66 -74.34
CA GLN I 112 47.20 -16.19 -75.58
C GLN I 112 47.49 -14.70 -75.50
N GLN I 113 46.53 -13.92 -75.03
CA GLN I 113 46.77 -12.50 -74.84
C GLN I 113 47.67 -12.22 -73.65
N SER I 114 47.79 -13.18 -72.74
CA SER I 114 48.81 -13.10 -71.70
C SER I 114 50.19 -13.12 -72.34
N LEU I 115 50.40 -14.05 -73.27
CA LEU I 115 51.62 -14.06 -74.06
C LEU I 115 51.77 -12.80 -74.90
N ASP I 116 50.65 -12.29 -75.43
CA ASP I 116 50.68 -11.13 -76.30
C ASP I 116 51.05 -9.87 -75.54
N LEU I 117 50.48 -9.69 -74.36
CA LEU I 117 50.87 -8.56 -73.52
C LEU I 117 52.26 -8.72 -72.97
N ASP I 118 52.71 -9.97 -72.76
CA ASP I 118 54.08 -10.19 -72.35
C ASP I 118 55.06 -9.73 -73.42
N ILE I 119 54.83 -10.17 -74.66
CA ILE I 119 55.74 -9.76 -75.73
C ILE I 119 55.52 -8.30 -76.12
N ALA I 120 54.33 -7.75 -75.88
CA ALA I 120 54.10 -6.33 -76.06
C ALA I 120 54.90 -5.53 -75.06
N ALA I 121 54.88 -5.96 -73.80
CA ALA I 121 55.71 -5.35 -72.76
C ALA I 121 57.17 -5.41 -73.13
N LYS I 122 57.65 -6.58 -73.56
CA LYS I 122 59.07 -6.76 -73.88
C LYS I 122 59.48 -5.87 -75.05
N ASN I 123 58.74 -5.94 -76.15
CA ASN I 123 59.10 -5.21 -77.35
C ASN I 123 58.96 -3.70 -77.16
N ILE I 124 57.89 -3.26 -76.50
CA ILE I 124 57.67 -1.83 -76.37
C ILE I 124 58.63 -1.22 -75.35
N ILE I 125 58.82 -1.89 -74.20
CA ILE I 125 59.80 -1.44 -73.20
C ILE I 125 61.19 -1.37 -73.81
N SER I 126 61.60 -2.41 -74.53
CA SER I 126 62.91 -2.44 -75.16
C SER I 126 63.06 -1.33 -76.21
N THR I 127 62.26 -1.39 -77.29
CA THR I 127 62.43 -0.49 -78.42
C THR I 127 62.15 0.96 -78.03
N GLY I 128 61.01 1.19 -77.37
CA GLY I 128 60.64 2.50 -76.87
C GLY I 128 61.63 3.09 -75.89
N ASN I 129 61.98 2.39 -74.81
CA ASN I 129 62.85 2.98 -73.81
C ASN I 129 64.26 3.20 -74.35
N GLU I 130 64.78 2.25 -75.12
CA GLU I 130 66.08 2.41 -75.76
C GLU I 130 66.15 3.59 -76.74
N ILE I 131 65.31 3.56 -77.79
CA ILE I 131 65.43 4.56 -78.85
C ILE I 131 64.92 5.91 -78.36
N ILE I 132 63.91 5.91 -77.49
CA ILE I 132 63.26 7.13 -77.07
C ILE I 132 63.71 7.40 -75.64
N ASN I 133 64.91 6.92 -75.29
CA ASN I 133 65.71 7.51 -74.25
C ASN I 133 67.13 7.77 -74.69
N LEU I 134 67.50 7.33 -75.90
CA LEU I 134 68.71 7.81 -76.54
C LEU I 134 68.63 9.30 -76.85
N ILE I 135 67.42 9.82 -77.05
CA ILE I 135 67.23 11.18 -77.51
C ILE I 135 66.86 12.03 -76.29
N ASN I 136 67.30 11.57 -75.12
CA ASN I 136 67.34 12.45 -73.96
C ASN I 136 68.31 13.61 -74.18
N GLN I 137 69.32 13.41 -75.01
CA GLN I 137 70.33 14.43 -75.27
C GLN I 137 69.75 15.56 -76.09
N MET I 138 69.58 16.72 -75.45
CA MET I 138 69.38 17.95 -76.16
C MET I 138 69.92 19.03 -75.25
N PRO I 139 71.13 19.53 -75.51
CA PRO I 139 71.63 20.68 -74.75
C PRO I 139 70.98 21.98 -75.20
N ILE I 140 71.12 23.03 -74.39
CA ILE I 140 70.48 24.31 -74.66
C ILE I 140 71.06 25.00 -75.90
N THR I 141 72.29 24.64 -76.31
CA THR I 141 72.94 25.29 -77.44
C THR I 141 72.20 25.00 -78.74
N LEU I 142 71.83 23.76 -78.98
CA LEU I 142 70.97 23.45 -80.10
C LEU I 142 69.54 23.86 -79.82
N ARG I 143 69.15 23.87 -78.54
CA ARG I 143 67.77 24.12 -78.16
C ARG I 143 67.41 25.60 -78.21
N VAL I 144 68.36 26.48 -78.50
CA VAL I 144 68.05 27.88 -78.75
C VAL I 144 68.11 28.25 -80.22
N LYS I 145 68.66 27.38 -81.08
CA LYS I 145 68.97 27.81 -82.44
C LYS I 145 68.55 26.85 -83.55
N THR I 146 68.36 25.55 -83.27
CA THR I 146 68.31 24.59 -84.37
C THR I 146 66.95 24.58 -85.06
N LEU I 147 65.88 24.72 -84.26
CA LEU I 147 64.48 24.63 -84.69
C LEU I 147 64.23 23.30 -85.40
N LEU I 148 64.31 22.24 -84.58
CA LEU I 148 64.39 20.83 -84.96
C LEU I 148 63.39 20.35 -86.01
N GLY I 149 62.24 21.02 -86.10
CA GLY I 149 61.27 20.76 -87.17
C GLY I 149 61.80 20.99 -88.57
N ASP I 150 62.92 21.71 -88.71
CA ASP I 150 63.60 21.83 -89.98
C ASP I 150 64.14 20.48 -90.46
N ILE I 151 64.87 19.78 -89.59
CA ILE I 151 65.59 18.59 -90.01
C ILE I 151 64.78 17.33 -89.72
N THR I 152 63.49 17.50 -89.43
CA THR I 152 62.59 16.36 -89.34
C THR I 152 62.34 15.75 -90.71
N VAL I 168 69.11 10.97 -90.86
CA VAL I 168 69.57 9.82 -90.09
C VAL I 168 68.47 9.36 -89.15
N ALA I 169 68.13 10.24 -88.19
CA ALA I 169 67.11 9.91 -87.21
C ALA I 169 65.70 9.99 -87.77
N SER I 170 65.53 10.64 -88.93
CA SER I 170 64.22 10.70 -89.57
C SER I 170 63.77 9.33 -90.01
N ALA I 171 64.68 8.52 -90.57
CA ALA I 171 64.38 7.13 -90.85
C ALA I 171 64.24 6.32 -89.56
N LEU I 172 64.92 6.75 -88.50
CA LEU I 172 64.75 6.08 -87.22
C LEU I 172 63.40 6.40 -86.59
N LYS I 173 62.88 7.60 -86.85
CA LYS I 173 61.52 7.93 -86.46
C LYS I 173 60.50 7.17 -87.28
N ASP I 174 60.86 6.78 -88.50
CA ASP I 174 59.97 5.94 -89.30
C ASP I 174 59.85 4.56 -88.70
N ILE I 175 60.93 4.05 -88.10
CA ILE I 175 60.87 2.82 -87.32
C ILE I 175 59.91 2.99 -86.15
N LEU I 176 59.94 4.17 -85.52
CA LEU I 176 59.05 4.44 -84.41
C LEU I 176 57.60 4.54 -84.85
N ASP I 177 57.36 5.01 -86.08
CA ASP I 177 55.99 5.06 -86.60
C ASP I 177 55.51 3.67 -87.02
N ASP I 178 56.43 2.81 -87.46
CA ASP I 178 56.08 1.42 -87.71
C ASP I 178 55.71 0.72 -86.41
N MET I 179 56.48 0.99 -85.35
CA MET I 179 56.12 0.47 -84.03
C MET I 179 54.84 1.10 -83.52
N LYS I 180 54.53 2.34 -83.93
CA LYS I 180 53.28 2.98 -83.58
C LYS I 180 52.10 2.25 -84.21
N GLY I 181 52.23 1.88 -85.48
CA GLY I 181 51.21 1.08 -86.13
C GLY I 181 51.09 -0.30 -85.52
N ASP I 182 52.22 -0.87 -85.09
CA ASP I 182 52.18 -2.13 -84.36
C ASP I 182 51.48 -1.97 -83.02
N ILE I 183 51.67 -0.84 -82.35
CA ILE I 183 50.96 -0.52 -81.12
C ILE I 183 49.46 -0.40 -81.37
N ASN I 184 49.08 0.16 -82.52
CA ASN I 184 47.67 0.21 -82.89
C ASN I 184 47.13 -1.19 -83.12
N ARG I 185 47.96 -2.07 -83.66
CA ARG I 185 47.58 -3.48 -83.77
C ARG I 185 47.43 -4.13 -82.40
N HIS I 186 48.31 -3.76 -81.46
CA HIS I 186 48.18 -4.26 -80.10
C HIS I 186 46.90 -3.76 -79.46
N GLN I 187 46.52 -2.53 -79.76
CA GLN I 187 45.24 -1.97 -79.32
C GLN I 187 44.10 -2.80 -79.86
N THR I 188 44.18 -3.16 -81.14
CA THR I 188 43.15 -3.98 -81.78
C THR I 188 43.00 -5.32 -81.08
N THR I 189 44.12 -6.01 -80.86
CA THR I 189 44.09 -7.31 -80.21
C THR I 189 43.61 -7.21 -78.77
N THR I 190 44.07 -6.18 -78.05
CA THR I 190 43.72 -6.01 -76.65
C THR I 190 42.24 -5.66 -76.51
N GLU I 191 41.72 -4.86 -77.42
CA GLU I 191 40.31 -4.55 -77.43
C GLU I 191 39.48 -5.77 -77.78
N ASN I 192 39.98 -6.62 -78.68
CA ASN I 192 39.28 -7.86 -78.99
C ASN I 192 39.21 -8.77 -77.77
N VAL I 193 40.30 -8.88 -77.04
CA VAL I 193 40.31 -9.76 -75.88
C VAL I 193 39.50 -9.16 -74.74
N ARG I 194 39.53 -7.83 -74.59
CA ARG I 194 38.68 -7.17 -73.61
C ARG I 194 37.21 -7.34 -73.97
N LYS I 195 36.91 -7.32 -75.26
CA LYS I 195 35.57 -7.63 -75.75
C LYS I 195 35.17 -9.04 -75.36
N LYS I 196 36.08 -10.00 -75.52
CA LYS I 196 35.81 -11.38 -75.13
C LYS I 196 35.53 -11.48 -73.64
N VAL I 197 36.35 -10.82 -72.83
CA VAL I 197 36.24 -10.88 -71.38
C VAL I 197 34.95 -10.23 -70.92
N SER I 198 34.66 -9.03 -71.41
CA SER I 198 33.50 -8.29 -70.97
C SER I 198 32.22 -8.94 -71.47
N ASP I 199 32.24 -9.49 -72.68
CA ASP I 199 31.09 -10.21 -73.18
C ASP I 199 30.88 -11.50 -72.42
N TYR I 200 31.96 -12.14 -71.98
CA TYR I 200 31.82 -13.31 -71.12
C TYR I 200 31.25 -12.93 -69.77
N ARG I 201 31.61 -11.74 -69.28
CA ARG I 201 31.08 -11.25 -68.03
C ARG I 201 29.58 -10.96 -68.14
N ILE I 202 29.18 -10.29 -69.22
CA ILE I 202 27.78 -10.02 -69.48
C ILE I 202 27.02 -11.32 -69.73
N THR I 203 27.69 -12.30 -70.31
CA THR I 203 27.13 -13.64 -70.44
C THR I 203 26.90 -14.26 -69.07
N LEU I 204 27.75 -13.93 -68.10
CA LEU I 204 27.46 -14.32 -66.73
C LEU I 204 26.49 -13.34 -66.09
N THR I 205 26.78 -12.04 -66.16
CA THR I 205 26.05 -11.04 -65.38
C THR I 205 24.79 -10.55 -66.09
N GLY I 206 24.90 -10.00 -67.29
CA GLY I 206 23.70 -9.52 -67.94
C GLY I 206 23.82 -8.16 -68.58
N GLY I 207 23.13 -7.97 -69.69
CA GLY I 207 23.12 -6.72 -70.41
C GLY I 207 23.29 -6.93 -71.89
N GLU I 208 23.52 -5.82 -72.60
CA GLU I 208 23.73 -5.90 -74.03
C GLU I 208 25.19 -6.22 -74.31
N LEU I 209 25.42 -7.22 -75.14
CA LEU I 209 26.78 -7.51 -75.57
C LEU I 209 27.28 -6.42 -76.50
N SER I 210 28.60 -6.25 -76.54
CA SER I 210 29.22 -5.37 -77.52
C SER I 210 29.02 -5.87 -78.94
N SER I 211 28.83 -7.18 -79.13
CA SER I 211 28.37 -7.71 -80.40
C SER I 211 26.94 -7.29 -80.73
N GLY I 212 26.15 -6.89 -79.75
CA GLY I 212 24.81 -6.41 -80.01
C GLY I 212 23.73 -7.39 -79.61
N ASP I 213 23.89 -8.04 -78.46
CA ASP I 213 22.89 -8.98 -77.98
C ASP I 213 22.58 -8.66 -76.53
N LYS I 214 21.32 -8.33 -76.27
CA LYS I 214 20.86 -8.03 -74.91
C LYS I 214 20.58 -9.35 -74.20
N VAL I 215 21.64 -10.02 -73.77
CA VAL I 215 21.51 -11.26 -73.04
C VAL I 215 21.14 -10.93 -71.60
N ASN I 216 20.65 -11.94 -70.88
CA ASN I 216 20.21 -11.72 -69.52
C ASN I 216 21.28 -12.04 -68.49
N GLY I 217 22.34 -12.74 -68.89
CA GLY I 217 23.35 -13.16 -67.96
C GLY I 217 22.95 -14.42 -67.23
N LEU I 218 23.85 -15.40 -67.19
CA LEU I 218 23.48 -16.68 -66.64
C LEU I 218 23.40 -16.67 -65.12
N GLU I 219 24.20 -15.83 -64.47
CA GLU I 219 24.15 -15.76 -63.00
C GLU I 219 22.81 -15.29 -62.45
N PRO I 220 22.13 -14.26 -62.96
CA PRO I 220 20.80 -13.97 -62.43
C PRO I 220 19.76 -15.01 -62.80
N GLN I 221 19.95 -15.73 -63.90
CA GLN I 221 19.03 -16.81 -64.23
C GLN I 221 19.18 -17.96 -63.24
N VAL I 222 20.42 -18.30 -62.92
CA VAL I 222 20.70 -19.30 -61.90
C VAL I 222 20.23 -18.80 -60.54
N LYS I 223 20.36 -17.50 -60.28
CA LYS I 223 19.87 -16.92 -59.04
C LYS I 223 18.37 -16.99 -58.97
N THR I 224 17.70 -16.80 -60.10
CA THR I 224 16.25 -16.87 -60.16
C THR I 224 15.75 -18.28 -59.93
N LYS I 225 16.42 -19.26 -60.56
CA LYS I 225 16.05 -20.64 -60.32
C LYS I 225 16.46 -21.10 -58.93
N TYR I 226 17.46 -20.46 -58.32
CA TYR I 226 17.75 -20.67 -56.92
C TYR I 226 16.65 -20.10 -56.04
N ASP I 227 16.07 -18.98 -56.45
CA ASP I 227 14.94 -18.42 -55.73
C ASP I 227 13.72 -19.31 -55.87
N LEU I 228 13.59 -19.97 -57.01
CA LEU I 228 12.59 -21.01 -57.17
C LEU I 228 12.84 -22.15 -56.20
N MET I 229 14.01 -22.73 -56.26
CA MET I 229 14.38 -23.81 -55.34
C MET I 229 14.52 -23.37 -53.87
N GLU I 230 14.38 -22.08 -53.58
CA GLU I 230 14.20 -21.57 -52.25
C GLU I 230 12.74 -21.46 -51.86
N LYS I 231 11.90 -20.95 -52.76
CA LYS I 231 10.50 -20.70 -52.46
C LYS I 231 9.53 -21.51 -53.30
N SER I 232 9.69 -21.52 -54.61
CA SER I 232 8.86 -22.32 -55.50
C SER I 232 9.26 -23.78 -55.50
N ASN I 233 10.31 -24.12 -54.73
CA ASN I 233 10.56 -25.51 -54.33
C ASN I 233 9.36 -26.10 -53.61
N MET I 234 8.65 -25.28 -52.84
CA MET I 234 7.36 -25.58 -52.23
C MET I 234 7.46 -26.72 -51.22
N ARG I 235 8.45 -26.63 -50.33
CA ARG I 235 8.51 -27.50 -49.16
C ARG I 235 7.30 -27.34 -48.27
N LYS I 236 6.74 -26.12 -48.21
CA LYS I 236 5.46 -25.92 -47.54
C LYS I 236 4.34 -26.69 -48.23
N SER I 237 4.40 -26.80 -49.56
CA SER I 237 3.43 -27.64 -50.25
C SER I 237 3.69 -29.12 -50.02
N ILE I 238 4.95 -29.50 -49.80
CA ILE I 238 5.24 -30.87 -49.38
C ILE I 238 4.60 -31.15 -48.02
N LYS I 239 4.70 -30.17 -47.11
CA LYS I 239 4.05 -30.26 -45.80
C LYS I 239 2.54 -30.38 -45.95
N GLU I 240 1.95 -29.51 -46.75
CA GLU I 240 0.50 -29.49 -46.92
C GLU I 240 0.00 -30.70 -47.69
N LEU I 241 0.78 -31.25 -48.60
CA LEU I 241 0.40 -32.46 -49.27
C LEU I 241 0.56 -33.69 -48.40
N ASP I 242 1.53 -33.70 -47.49
CA ASP I 242 1.56 -34.75 -46.49
C ASP I 242 0.39 -34.62 -45.53
N GLU I 243 -0.01 -33.38 -45.25
CA GLU I 243 -1.23 -33.15 -44.48
C GLU I 243 -2.45 -33.65 -45.24
N LYS I 244 -2.46 -33.46 -46.56
CA LYS I 244 -3.52 -34.01 -47.39
C LYS I 244 -3.54 -35.52 -47.35
N ILE I 245 -2.35 -36.14 -47.38
CA ILE I 245 -2.22 -37.59 -47.25
C ILE I 245 -2.81 -38.06 -45.93
N LYS I 246 -2.42 -37.43 -44.83
CA LYS I 246 -2.87 -37.92 -43.54
C LYS I 246 -4.35 -37.63 -43.30
N GLU I 247 -4.89 -36.58 -43.91
CA GLU I 247 -6.31 -36.31 -43.78
C GLU I 247 -7.13 -37.30 -44.58
N LYS I 248 -6.74 -37.55 -45.84
CA LYS I 248 -7.42 -38.55 -46.64
C LYS I 248 -7.25 -39.94 -46.04
N ARG I 249 -6.06 -40.23 -45.50
CA ARG I 249 -5.80 -41.53 -44.89
C ARG I 249 -6.60 -41.70 -43.62
N GLN I 250 -6.74 -40.65 -42.83
CA GLN I 250 -7.57 -40.69 -41.64
C GLN I 250 -9.02 -40.93 -41.99
N ARG I 251 -9.51 -40.24 -43.03
CA ARG I 251 -10.89 -40.43 -43.47
C ARG I 251 -11.12 -41.85 -43.97
N ILE I 252 -10.19 -42.37 -44.76
CA ILE I 252 -10.44 -43.70 -45.31
C ILE I 252 -10.16 -44.80 -44.30
N GLU I 253 -9.39 -44.54 -43.25
CA GLU I 253 -9.28 -45.56 -42.20
C GLU I 253 -10.46 -45.51 -41.25
N GLN I 254 -11.05 -44.33 -41.06
CA GLN I 254 -12.39 -44.26 -40.49
C GLN I 254 -13.37 -45.08 -41.34
N LEU I 255 -13.23 -44.98 -42.66
CA LEU I 255 -14.06 -45.79 -43.55
C LEU I 255 -13.73 -47.28 -43.45
N LYS I 256 -12.48 -47.62 -43.14
CA LYS I 256 -12.11 -49.02 -42.91
C LYS I 256 -12.83 -49.58 -41.67
N LYS I 257 -12.75 -48.85 -40.56
CA LYS I 257 -13.40 -49.29 -39.32
C LYS I 257 -14.91 -49.32 -39.49
N ASP I 258 -15.46 -48.29 -40.13
CA ASP I 258 -16.85 -48.27 -40.51
C ASP I 258 -17.21 -49.45 -41.38
N TYR I 259 -16.33 -49.82 -42.32
CA TYR I 259 -16.63 -50.91 -43.23
C TYR I 259 -16.63 -52.27 -42.54
N ASP I 260 -15.73 -52.46 -41.57
CA ASP I 260 -15.78 -53.68 -40.77
C ASP I 260 -17.09 -53.75 -39.99
N LYS I 261 -17.53 -52.62 -39.45
CA LYS I 261 -18.83 -52.60 -38.79
C LYS I 261 -19.97 -52.75 -39.80
N PHE I 262 -19.76 -52.29 -41.05
CA PHE I 262 -20.76 -52.43 -42.11
C PHE I 262 -20.98 -53.89 -42.46
N VAL I 263 -19.89 -54.64 -42.65
CA VAL I 263 -20.05 -56.04 -43.01
C VAL I 263 -20.57 -56.82 -41.81
N GLY I 264 -20.20 -56.42 -40.58
CA GLY I 264 -20.79 -57.06 -39.40
C GLY I 264 -22.29 -56.89 -39.33
N LEU I 265 -22.78 -55.66 -39.46
CA LEU I 265 -24.21 -55.42 -39.38
C LEU I 265 -24.97 -55.95 -40.59
N SER I 266 -24.35 -55.93 -41.77
CA SER I 266 -24.99 -56.51 -42.94
C SER I 266 -25.11 -58.01 -42.81
N PHE I 267 -24.14 -58.66 -42.17
CA PHE I 267 -24.24 -60.11 -42.01
C PHE I 267 -25.25 -60.46 -40.93
N THR I 268 -25.39 -59.61 -39.91
CA THR I 268 -26.45 -59.84 -38.93
C THR I 268 -27.82 -59.66 -39.56
N GLY I 269 -27.99 -58.62 -40.38
CA GLY I 269 -29.21 -58.45 -41.14
C GLY I 269 -29.44 -59.56 -42.16
N ALA I 270 -28.37 -60.22 -42.58
CA ALA I 270 -28.51 -61.40 -43.43
C ALA I 270 -29.09 -62.57 -42.65
N ILE I 271 -28.37 -63.02 -41.62
CA ILE I 271 -28.56 -64.37 -41.10
C ILE I 271 -29.82 -64.55 -40.26
N GLY I 272 -30.65 -63.51 -40.17
CA GLY I 272 -31.91 -63.61 -39.44
C GLY I 272 -32.92 -64.57 -40.05
N GLY I 273 -33.46 -64.23 -41.21
CA GLY I 273 -34.49 -65.03 -41.82
C GLY I 273 -34.42 -64.96 -43.33
N ILE I 274 -35.50 -65.42 -43.97
CA ILE I 274 -35.53 -65.58 -45.42
C ILE I 274 -35.49 -64.22 -46.12
N ILE I 275 -36.50 -63.39 -45.86
CA ILE I 275 -36.54 -62.07 -46.46
C ILE I 275 -35.47 -61.15 -45.88
N ALA I 276 -34.96 -61.46 -44.69
CA ALA I 276 -33.82 -60.72 -44.13
C ALA I 276 -32.57 -60.94 -44.97
N MET I 277 -32.22 -62.21 -45.20
CA MET I 277 -31.22 -62.61 -46.19
C MET I 277 -31.44 -61.89 -47.52
N ALA I 278 -32.69 -61.89 -48.00
CA ALA I 278 -33.03 -61.31 -49.30
C ALA I 278 -32.69 -59.83 -49.35
N ILE I 279 -33.27 -59.02 -48.47
CA ILE I 279 -33.12 -57.57 -48.57
C ILE I 279 -31.70 -57.14 -48.21
N THR I 280 -31.09 -57.76 -47.21
CA THR I 280 -29.80 -57.27 -46.76
C THR I 280 -28.67 -57.77 -47.65
N GLY I 281 -28.71 -59.03 -48.08
CA GLY I 281 -27.74 -59.49 -49.05
C GLY I 281 -27.92 -58.89 -50.42
N GLY I 282 -29.12 -58.42 -50.75
CA GLY I 282 -29.29 -57.68 -51.98
C GLY I 282 -28.67 -56.31 -51.88
N ILE I 283 -28.97 -55.57 -50.82
CA ILE I 283 -28.49 -54.20 -50.72
C ILE I 283 -27.02 -54.18 -50.28
N PHE I 284 -26.76 -54.61 -49.07
CA PHE I 284 -25.43 -54.43 -48.51
C PHE I 284 -24.49 -55.56 -48.83
N GLY I 285 -25.01 -56.70 -49.29
CA GLY I 285 -24.13 -57.68 -49.91
C GLY I 285 -23.44 -57.13 -51.14
N ALA I 286 -24.13 -56.30 -51.90
CA ALA I 286 -23.50 -55.61 -53.01
C ALA I 286 -22.72 -54.39 -52.54
N LYS I 287 -23.29 -53.64 -51.58
CA LYS I 287 -22.65 -52.42 -51.11
C LYS I 287 -21.35 -52.68 -50.38
N ALA I 288 -21.21 -53.85 -49.75
CA ALA I 288 -19.95 -54.20 -49.10
C ALA I 288 -18.84 -54.34 -50.12
N GLU I 289 -19.11 -55.07 -51.20
CA GLU I 289 -18.13 -55.24 -52.27
C GLU I 289 -17.84 -53.91 -52.96
N ASN I 290 -18.88 -53.11 -53.19
CA ASN I 290 -18.71 -51.86 -53.93
C ASN I 290 -17.93 -50.83 -53.12
N ALA I 291 -18.37 -50.60 -51.88
CA ALA I 291 -17.68 -49.67 -50.99
C ALA I 291 -16.29 -50.18 -50.64
N ARG I 292 -16.11 -51.50 -50.60
CA ARG I 292 -14.78 -52.05 -50.31
C ARG I 292 -13.83 -51.83 -51.46
N LYS I 293 -14.30 -52.03 -52.70
CA LYS I 293 -13.45 -51.82 -53.85
C LYS I 293 -13.13 -50.34 -54.04
N GLU I 294 -14.12 -49.48 -53.84
CA GLU I 294 -13.90 -48.03 -53.88
C GLU I 294 -12.95 -47.59 -52.77
N LYS I 295 -13.12 -48.17 -51.59
CA LYS I 295 -12.29 -47.87 -50.44
C LYS I 295 -10.85 -48.32 -50.66
N ASN I 296 -10.66 -49.48 -51.26
CA ASN I 296 -9.31 -49.95 -51.54
C ASN I 296 -8.68 -49.20 -52.70
N ALA I 297 -9.51 -48.69 -53.61
CA ALA I 297 -9.01 -47.74 -54.60
C ALA I 297 -8.52 -46.47 -53.92
N LEU I 298 -9.23 -46.02 -52.89
CA LEU I 298 -8.78 -44.87 -52.11
C LEU I 298 -7.50 -45.17 -51.35
N ILE I 299 -7.39 -46.40 -50.83
CA ILE I 299 -6.15 -46.90 -50.22
C ILE I 299 -5.00 -46.79 -51.20
N SER I 300 -5.23 -47.25 -52.43
CA SER I 300 -4.22 -47.19 -53.47
C SER I 300 -3.87 -45.76 -53.83
N GLU I 301 -4.85 -44.87 -53.85
CA GLU I 301 -4.60 -43.48 -54.19
C GLU I 301 -3.75 -42.79 -53.14
N VAL I 302 -4.08 -42.99 -51.87
CA VAL I 302 -3.29 -42.36 -50.81
C VAL I 302 -1.91 -43.01 -50.72
N ALA I 303 -1.83 -44.31 -51.04
CA ALA I 303 -0.54 -44.97 -51.12
C ALA I 303 0.30 -44.43 -52.27
N GLU I 304 -0.34 -44.04 -53.37
CA GLU I 304 0.40 -43.43 -54.47
C GLU I 304 0.80 -42.00 -54.14
N LEU I 305 -0.01 -41.30 -53.37
CA LEU I 305 0.38 -39.96 -52.92
C LEU I 305 1.57 -40.04 -51.98
N GLU I 306 1.59 -41.06 -51.13
CA GLU I 306 2.80 -41.38 -50.37
C GLU I 306 3.96 -41.71 -51.29
N SER I 307 3.69 -42.52 -52.30
CA SER I 307 4.64 -42.82 -53.36
C SER I 307 4.92 -41.63 -54.25
N LYS I 308 4.05 -40.64 -54.27
CA LYS I 308 4.45 -39.44 -54.97
C LYS I 308 5.08 -38.42 -54.05
N VAL I 309 4.32 -37.87 -53.11
CA VAL I 309 4.78 -36.67 -52.41
C VAL I 309 5.33 -36.95 -51.03
N SER I 310 4.98 -38.06 -50.36
CA SER I 310 5.85 -38.48 -49.27
C SER I 310 7.13 -39.08 -49.79
N SER I 311 7.15 -39.54 -51.04
CA SER I 311 8.42 -39.76 -51.73
C SER I 311 9.04 -38.45 -52.18
N GLN I 312 8.22 -37.45 -52.47
CA GLN I 312 8.81 -36.16 -52.74
C GLN I 312 9.20 -35.41 -51.49
N ARG I 313 9.02 -35.98 -50.30
CA ARG I 313 9.78 -35.52 -49.14
C ARG I 313 11.27 -35.71 -49.39
N ALA I 314 11.68 -36.92 -49.74
CA ALA I 314 13.08 -37.20 -50.02
C ALA I 314 13.51 -36.57 -51.34
N LEU I 315 12.61 -36.53 -52.33
CA LEU I 315 12.94 -35.83 -53.58
C LEU I 315 13.10 -34.34 -53.34
N GLN I 316 12.28 -33.77 -52.45
CA GLN I 316 12.42 -32.39 -52.04
C GLN I 316 13.73 -32.15 -51.31
N THR I 317 14.14 -33.13 -50.51
CA THR I 317 15.42 -33.04 -49.81
C THR I 317 16.58 -33.07 -50.81
N ALA I 318 16.45 -33.89 -51.85
CA ALA I 318 17.44 -33.89 -52.93
C ALA I 318 17.45 -32.57 -53.67
N LEU I 319 16.27 -31.97 -53.86
CA LEU I 319 16.18 -30.63 -54.44
C LEU I 319 16.81 -29.59 -53.53
N GLU I 320 16.72 -29.79 -52.22
CA GLU I 320 17.34 -28.87 -51.28
C GLU I 320 18.85 -28.97 -51.31
N ALA I 321 19.37 -30.19 -51.46
CA ALA I 321 20.80 -30.36 -51.65
C ALA I 321 21.23 -29.81 -53.01
N LEU I 322 20.37 -29.90 -54.01
CA LEU I 322 20.66 -29.33 -55.32
C LEU I 322 20.67 -27.81 -55.24
N SER I 323 19.76 -27.25 -54.46
CA SER I 323 19.75 -25.81 -54.24
C SER I 323 20.94 -25.36 -53.44
N LEU I 324 21.42 -26.20 -52.53
CA LEU I 324 22.68 -25.96 -51.85
C LEU I 324 23.84 -25.91 -52.83
N SER I 325 23.87 -26.88 -53.75
CA SER I 325 24.90 -26.90 -54.79
C SER I 325 24.81 -25.68 -55.68
N PHE I 326 23.58 -25.27 -56.00
CA PHE I 326 23.37 -24.09 -56.82
C PHE I 326 23.78 -22.83 -56.09
N SER I 327 23.57 -22.78 -54.79
CA SER I 327 24.01 -21.64 -53.99
C SER I 327 25.52 -21.57 -53.97
N ASP I 328 26.18 -22.73 -53.91
CA ASP I 328 27.63 -22.79 -54.01
C ASP I 328 28.10 -22.26 -55.36
N ILE I 329 27.48 -22.73 -56.44
CA ILE I 329 27.81 -22.30 -57.79
C ILE I 329 27.60 -20.80 -57.95
N GLY I 330 26.54 -20.27 -57.35
CA GLY I 330 26.28 -18.85 -57.41
C GLY I 330 27.28 -18.02 -56.62
N ILE I 331 27.72 -18.55 -55.47
CA ILE I 331 28.80 -17.90 -54.71
C ILE I 331 30.06 -17.81 -55.55
N ARG I 332 30.40 -18.91 -56.23
CA ARG I 332 31.61 -18.88 -57.04
C ARG I 332 31.42 -18.05 -58.30
N MET I 333 30.18 -17.89 -58.75
CA MET I 333 29.89 -16.93 -59.82
C MET I 333 30.08 -15.50 -59.35
N VAL I 334 29.71 -15.20 -58.10
CA VAL I 334 29.98 -13.88 -57.55
C VAL I 334 31.49 -13.64 -57.42
N ASP I 335 32.21 -14.71 -57.08
CA ASP I 335 33.67 -14.63 -57.02
C ASP I 335 34.26 -14.35 -58.39
N ALA I 336 33.75 -15.04 -59.41
CA ALA I 336 34.17 -14.79 -60.78
C ALA I 336 33.72 -13.42 -61.26
N GLU I 337 32.63 -12.90 -60.69
CA GLU I 337 32.16 -11.57 -61.05
C GLU I 337 33.12 -10.50 -60.55
N SER I 338 33.57 -10.64 -59.30
CA SER I 338 34.60 -9.73 -58.80
C SER I 338 35.91 -9.92 -59.54
N ALA I 339 36.20 -11.16 -59.93
CA ALA I 339 37.39 -11.46 -60.73
C ALA I 339 37.36 -10.71 -62.05
N LEU I 340 36.25 -10.81 -62.77
CA LEU I 340 36.09 -10.09 -64.02
C LEU I 340 35.97 -8.60 -63.81
N ASN I 341 35.52 -8.16 -62.63
CA ASN I 341 35.50 -6.74 -62.31
C ASN I 341 36.91 -6.17 -62.29
N HIS I 342 37.78 -6.75 -61.43
CA HIS I 342 39.16 -6.29 -61.35
C HIS I 342 39.90 -6.52 -62.66
N LEU I 343 39.58 -7.63 -63.33
CA LEU I 343 40.22 -7.97 -64.59
C LEU I 343 39.87 -6.98 -65.69
N ASP I 344 38.58 -6.74 -65.90
CA ASP I 344 38.14 -5.86 -66.96
C ASP I 344 38.51 -4.42 -66.66
N PHE I 345 38.60 -4.05 -65.38
CA PHE I 345 39.10 -2.71 -65.08
C PHE I 345 40.58 -2.58 -65.42
N MET I 346 41.35 -3.64 -65.21
CA MET I 346 42.72 -3.67 -65.70
C MET I 346 42.78 -3.53 -67.21
N TRP I 347 41.94 -4.28 -67.93
CA TRP I 347 41.93 -4.23 -69.39
C TRP I 347 41.55 -2.85 -69.88
N LEU I 348 40.60 -2.21 -69.20
CA LEU I 348 40.24 -0.84 -69.51
C LEU I 348 41.41 0.09 -69.27
N SER I 349 42.17 -0.12 -68.19
CA SER I 349 43.35 0.71 -67.93
C SER I 349 44.41 0.53 -69.01
N VAL I 350 44.55 -0.70 -69.51
CA VAL I 350 45.47 -0.98 -70.61
C VAL I 350 45.07 -0.20 -71.85
N LEU I 351 43.80 -0.34 -72.26
CA LEU I 351 43.31 0.37 -73.44
C LEU I 351 43.34 1.88 -73.25
N ASN I 352 43.13 2.33 -72.01
CA ASN I 352 43.27 3.74 -71.66
C ASN I 352 44.65 4.25 -71.99
N GLN I 353 45.67 3.57 -71.47
CA GLN I 353 47.04 4.06 -71.67
C GLN I 353 47.47 3.92 -73.12
N ILE I 354 46.90 2.96 -73.85
CA ILE I 354 47.12 2.88 -75.29
C ILE I 354 46.56 4.13 -75.98
N THR I 355 45.34 4.51 -75.63
CA THR I 355 44.74 5.71 -76.22
C THR I 355 45.48 6.98 -75.80
N GLU I 356 45.99 6.99 -74.56
CA GLU I 356 46.84 8.08 -74.08
C GLU I 356 48.07 8.25 -74.96
N SER I 357 48.66 7.13 -75.34
CA SER I 357 49.78 7.20 -76.28
C SER I 357 49.31 7.66 -77.65
N GLN I 358 48.19 7.11 -78.15
CA GLN I 358 47.81 7.29 -79.55
C GLN I 358 47.31 8.70 -79.87
N ILE I 359 46.68 9.37 -78.91
CA ILE I 359 46.24 10.76 -79.13
C ILE I 359 47.44 11.65 -79.40
N GLN I 360 48.47 11.52 -78.57
CA GLN I 360 49.70 12.27 -78.75
C GLN I 360 50.53 11.73 -79.90
N PHE I 361 50.29 10.49 -80.32
CA PHE I 361 50.92 9.97 -81.51
C PHE I 361 50.33 10.61 -82.76
N ALA I 362 49.04 10.95 -82.69
CA ALA I 362 48.41 11.68 -83.78
C ALA I 362 48.96 13.09 -83.91
N MET I 363 49.49 13.66 -82.83
CA MET I 363 50.09 14.98 -82.84
C MET I 363 51.41 15.04 -83.60
N ILE I 364 52.02 13.89 -83.88
CA ILE I 364 53.36 13.82 -84.44
C ILE I 364 53.31 14.22 -85.91
N ASN I 365 54.17 15.17 -86.29
CA ASN I 365 54.23 15.69 -87.65
C ASN I 365 55.71 15.94 -88.00
N ASN I 366 55.94 16.71 -89.06
CA ASN I 366 57.28 17.16 -89.40
C ASN I 366 57.61 18.52 -88.80
N ALA I 367 56.70 19.08 -88.00
CA ALA I 367 56.92 20.32 -87.28
C ALA I 367 57.36 20.07 -85.85
N LEU I 368 58.18 19.05 -85.64
CA LEU I 368 58.67 18.71 -84.31
C LEU I 368 59.89 19.56 -84.01
N ARG I 369 59.68 20.71 -83.37
CA ARG I 369 60.72 21.67 -83.09
C ARG I 369 61.51 21.23 -81.86
N LEU I 370 62.31 22.13 -81.30
CA LEU I 370 63.23 21.81 -80.23
C LEU I 370 62.53 21.36 -78.95
N THR I 371 61.90 22.29 -78.26
CA THR I 371 61.21 21.90 -77.04
C THR I 371 59.84 21.34 -77.32
N SER I 372 59.30 21.63 -78.51
CA SER I 372 58.10 20.95 -78.98
C SER I 372 58.35 19.45 -79.09
N PHE I 373 59.51 19.07 -79.61
CA PHE I 373 59.83 17.65 -79.69
C PHE I 373 60.30 17.11 -78.35
N VAL I 374 60.83 17.97 -77.48
CA VAL I 374 61.10 17.54 -76.10
C VAL I 374 59.78 17.16 -75.42
N ASN I 375 58.76 18.00 -75.60
CA ASN I 375 57.46 17.73 -75.01
C ASN I 375 56.82 16.52 -75.69
N LYS I 376 57.03 16.35 -77.00
CA LYS I 376 56.46 15.23 -77.72
C LYS I 376 57.15 13.92 -77.33
N PHE I 377 58.47 13.97 -77.19
CA PHE I 377 59.29 12.92 -76.59
C PHE I 377 58.74 12.49 -75.24
N GLN I 378 58.39 13.47 -74.39
CA GLN I 378 57.79 13.16 -73.10
C GLN I 378 56.41 12.53 -73.25
N GLN I 379 55.60 13.06 -74.18
CA GLN I 379 54.28 12.51 -74.45
C GLN I 379 54.36 11.06 -74.92
N VAL I 380 55.41 10.74 -75.67
CA VAL I 380 55.65 9.36 -76.07
C VAL I 380 55.99 8.52 -74.85
N ILE I 381 57.03 8.92 -74.11
CA ILE I 381 57.57 8.03 -73.08
C ILE I 381 56.71 7.93 -71.83
N THR I 382 55.73 8.82 -71.67
CA THR I 382 55.00 8.84 -70.40
C THR I 382 54.06 7.66 -70.17
N PRO I 383 53.13 7.28 -71.07
CA PRO I 383 52.19 6.22 -70.71
C PRO I 383 52.83 4.84 -70.68
N TRP I 384 53.88 4.62 -71.46
CA TRP I 384 54.42 3.28 -71.62
C TRP I 384 55.17 2.81 -70.39
N GLN I 385 55.58 3.73 -69.52
CA GLN I 385 56.11 3.34 -68.22
C GLN I 385 55.04 2.64 -67.39
N SER I 386 53.86 3.23 -67.30
CA SER I 386 52.76 2.61 -66.58
C SER I 386 52.27 1.35 -67.28
N VAL I 387 52.33 1.34 -68.62
CA VAL I 387 52.01 0.15 -69.39
C VAL I 387 52.91 -1.01 -68.99
N GLY I 388 54.23 -0.76 -68.97
CA GLY I 388 55.17 -1.79 -68.59
C GLY I 388 55.04 -2.22 -67.15
N ASP I 389 54.70 -1.28 -66.25
CA ASP I 389 54.52 -1.62 -64.85
C ASP I 389 53.35 -2.57 -64.65
N SER I 390 52.18 -2.20 -65.20
CA SER I 390 51.00 -3.04 -65.13
C SER I 390 51.21 -4.36 -65.84
N ALA I 391 51.99 -4.34 -66.92
CA ALA I 391 52.21 -5.55 -67.71
C ALA I 391 53.11 -6.53 -66.96
N ARG I 392 54.17 -6.04 -66.30
CA ARG I 392 55.04 -6.94 -65.55
C ARG I 392 54.34 -7.49 -64.31
N GLN I 393 53.56 -6.64 -63.63
CA GLN I 393 52.74 -7.12 -62.52
C GLN I 393 51.73 -8.16 -63.00
N LEU I 394 51.21 -7.96 -64.21
CA LEU I 394 50.22 -8.88 -64.75
C LEU I 394 50.86 -10.20 -65.15
N VAL I 395 52.08 -10.15 -65.70
CA VAL I 395 52.85 -11.36 -65.98
C VAL I 395 53.15 -12.11 -64.70
N ASP I 396 53.39 -11.40 -63.61
CA ASP I 396 53.57 -12.06 -62.31
C ASP I 396 52.28 -12.75 -61.86
N ILE I 397 51.14 -12.09 -62.06
CA ILE I 397 49.84 -12.69 -61.76
C ILE I 397 49.63 -13.96 -62.58
N PHE I 398 50.05 -13.91 -63.84
CA PHE I 398 49.99 -15.08 -64.72
C PHE I 398 50.87 -16.20 -64.21
N ASP I 399 52.06 -15.85 -63.74
CA ASP I 399 53.06 -16.86 -63.42
C ASP I 399 52.75 -17.55 -62.11
N GLU I 400 52.32 -16.79 -61.10
CA GLU I 400 52.19 -17.37 -59.77
C GLU I 400 51.00 -18.31 -59.64
N ALA I 401 50.03 -18.20 -60.53
CA ALA I 401 48.86 -19.08 -60.44
C ALA I 401 49.16 -20.45 -61.01
N ILE I 402 50.27 -20.58 -61.76
CA ILE I 402 50.59 -21.82 -62.45
C ILE I 402 50.92 -22.92 -61.47
N LYS I 403 51.63 -22.58 -60.40
CA LYS I 403 51.99 -23.59 -59.42
C LYS I 403 50.83 -23.98 -58.53
N GLU I 404 49.75 -23.20 -58.53
CA GLU I 404 48.63 -23.41 -57.63
C GLU I 404 47.86 -24.68 -57.98
N TYR I 405 47.90 -25.09 -59.25
CA TYR I 405 47.15 -26.26 -59.68
C TYR I 405 47.73 -27.54 -59.11
N LYS I 406 49.04 -27.72 -59.23
CA LYS I 406 49.67 -28.94 -58.77
C LYS I 406 49.70 -29.00 -57.25
N LYS I 407 49.70 -27.85 -56.60
CA LYS I 407 49.64 -27.83 -55.14
C LYS I 407 48.25 -28.21 -54.64
N VAL I 408 47.21 -27.80 -55.35
CA VAL I 408 45.87 -27.92 -54.80
C VAL I 408 45.04 -28.92 -55.58
N TYR I 409 44.91 -28.71 -56.88
CA TYR I 409 44.06 -29.57 -57.70
C TYR I 409 44.75 -30.92 -57.90
N LEU J 12 34.99 22.10 -54.62
CA LEU J 12 34.76 22.26 -53.19
C LEU J 12 34.88 20.92 -52.47
N SER J 13 33.95 20.66 -51.56
CA SER J 13 33.97 19.42 -50.79
C SER J 13 33.62 18.25 -51.68
N TYR J 14 34.10 17.06 -51.31
CA TYR J 14 33.82 15.83 -52.04
C TYR J 14 33.06 14.90 -51.11
N PRO J 15 31.73 14.92 -51.13
CA PRO J 15 30.95 14.08 -50.22
C PRO J 15 31.03 12.61 -50.62
N ASP J 16 30.65 11.76 -49.66
CA ASP J 16 30.77 10.31 -49.83
C ASP J 16 29.73 9.83 -50.84
N ILE J 17 30.16 8.90 -51.69
CA ILE J 17 29.31 8.31 -52.72
C ILE J 17 29.44 6.80 -52.53
N ASN J 18 28.55 6.23 -51.73
CA ASN J 18 28.76 4.87 -51.24
C ASN J 18 28.42 3.87 -52.32
N PHE J 19 29.46 3.37 -53.01
CA PHE J 19 29.25 2.35 -54.03
C PHE J 19 28.93 0.98 -53.46
N LYS J 20 29.05 0.79 -52.16
CA LYS J 20 28.51 -0.42 -51.55
C LYS J 20 27.00 -0.45 -51.68
N ILE J 21 26.36 0.67 -51.33
CA ILE J 21 24.91 0.81 -51.50
C ILE J 21 24.55 0.74 -52.97
N PHE J 22 25.39 1.31 -53.84
CA PHE J 22 25.15 1.32 -55.27
C PHE J 22 25.16 -0.08 -55.86
N SER J 23 26.22 -0.82 -55.60
CA SER J 23 26.33 -2.18 -56.10
C SER J 23 25.29 -3.09 -55.45
N GLN J 24 24.92 -2.81 -54.21
CA GLN J 24 23.83 -3.52 -53.56
C GLN J 24 22.52 -3.29 -54.28
N GLY J 25 22.25 -2.04 -54.67
CA GLY J 25 21.02 -1.75 -55.38
C GLY J 25 21.00 -2.34 -56.77
N VAL J 26 22.15 -2.34 -57.44
CA VAL J 26 22.25 -2.98 -58.76
C VAL J 26 22.00 -4.48 -58.64
N LYS J 27 22.59 -5.10 -57.62
CA LYS J 27 22.37 -6.52 -57.37
C LYS J 27 20.92 -6.81 -57.00
N ASN J 28 20.25 -5.86 -56.33
CA ASN J 28 18.85 -6.06 -55.99
C ASN J 28 17.96 -5.93 -57.21
N ILE J 29 18.27 -4.96 -58.07
CA ILE J 29 17.50 -4.75 -59.29
C ILE J 29 17.63 -5.94 -60.22
N SER J 30 18.87 -6.35 -60.49
CA SER J 30 19.11 -7.56 -61.27
C SER J 30 18.57 -8.80 -60.57
N HIS J 31 18.54 -8.78 -59.25
CA HIS J 31 17.97 -9.83 -58.43
C HIS J 31 16.45 -9.86 -58.50
N LEU J 32 15.82 -8.68 -58.52
CA LEU J 32 14.37 -8.65 -58.53
C LEU J 32 13.81 -8.27 -59.89
N ALA J 33 14.60 -8.42 -60.95
CA ALA J 33 14.15 -8.07 -62.29
C ALA J 33 13.02 -8.97 -62.75
N GLN J 34 13.28 -10.26 -62.90
CA GLN J 34 12.30 -11.18 -63.43
C GLN J 34 11.47 -11.81 -62.32
N PHE J 35 10.89 -10.98 -61.45
CA PHE J 35 10.19 -11.49 -60.29
C PHE J 35 8.70 -11.63 -60.53
N LYS J 36 8.02 -10.51 -60.79
CA LYS J 36 6.57 -10.45 -60.69
C LYS J 36 5.93 -10.94 -61.98
N THR J 37 5.34 -12.13 -61.93
CA THR J 37 4.58 -12.67 -63.06
C THR J 37 3.13 -12.82 -62.57
N THR J 38 2.37 -11.73 -62.63
CA THR J 38 1.04 -11.69 -62.04
C THR J 38 -0.06 -11.31 -63.04
N GLY J 39 0.19 -10.32 -63.89
CA GLY J 39 -0.85 -9.89 -64.80
C GLY J 39 -0.85 -8.40 -65.11
N VAL J 40 -0.21 -7.59 -64.28
CA VAL J 40 -0.04 -6.19 -64.64
C VAL J 40 1.06 -6.04 -65.67
N GLU J 41 2.29 -6.39 -65.28
CA GLU J 41 3.42 -6.79 -66.12
C GLU J 41 4.02 -5.65 -66.93
N VAL J 42 3.34 -4.52 -67.00
CA VAL J 42 3.91 -3.34 -67.62
C VAL J 42 4.74 -2.62 -66.56
N LEU J 43 4.39 -2.81 -65.29
CA LEU J 43 5.30 -2.46 -64.21
C LEU J 43 6.58 -3.26 -64.28
N GLN J 44 6.48 -4.55 -64.62
CA GLN J 44 7.69 -5.34 -64.78
C GLN J 44 8.46 -4.94 -66.03
N GLU J 45 7.74 -4.50 -67.06
CA GLU J 45 8.37 -3.96 -68.26
C GLU J 45 9.16 -2.69 -67.93
N LYS J 46 8.59 -1.82 -67.12
CA LYS J 46 9.30 -0.65 -66.63
C LYS J 46 10.48 -1.03 -65.75
N ALA J 47 10.33 -2.09 -64.96
CA ALA J 47 11.45 -2.58 -64.16
C ALA J 47 12.56 -3.12 -65.04
N LEU J 48 12.21 -3.74 -66.16
CA LEU J 48 13.20 -4.15 -67.14
C LEU J 48 13.92 -2.96 -67.74
N ARG J 49 13.16 -1.89 -68.00
CA ARG J 49 13.76 -0.65 -68.46
C ARG J 49 14.75 -0.10 -67.43
N VAL J 50 14.34 -0.12 -66.17
CA VAL J 50 15.18 0.37 -65.07
C VAL J 50 16.45 -0.47 -64.97
N SER J 51 16.32 -1.79 -65.12
CA SER J 51 17.47 -2.67 -65.05
C SER J 51 18.40 -2.45 -66.23
N LEU J 52 17.84 -2.23 -67.41
CA LEU J 52 18.64 -1.93 -68.59
C LEU J 52 19.43 -0.66 -68.41
N TYR J 53 18.76 0.41 -68.00
CA TYR J 53 19.46 1.67 -67.78
C TYR J 53 20.36 1.61 -66.55
N SER J 54 20.11 0.70 -65.63
CA SER J 54 20.94 0.57 -64.44
C SER J 54 22.26 -0.10 -64.78
N GLN J 55 22.20 -1.21 -65.51
CA GLN J 55 23.42 -1.86 -65.98
C GLN J 55 24.15 -0.97 -66.96
N ARG J 56 23.39 -0.25 -67.79
CA ARG J 56 23.96 0.77 -68.67
C ARG J 56 24.66 1.86 -67.87
N LEU J 57 24.08 2.25 -66.75
CA LEU J 57 24.67 3.25 -65.88
C LEU J 57 25.93 2.72 -65.23
N ASP J 58 25.96 1.42 -64.93
CA ASP J 58 27.18 0.83 -64.40
C ASP J 58 28.29 0.83 -65.45
N VAL J 59 27.93 0.56 -66.70
CA VAL J 59 28.87 0.69 -67.81
C VAL J 59 29.38 2.11 -67.91
N ILE J 60 28.49 3.08 -67.72
CA ILE J 60 28.86 4.50 -67.69
C ILE J 60 29.82 4.78 -66.54
N VAL J 61 29.60 4.13 -65.40
CA VAL J 61 30.48 4.31 -64.24
C VAL J 61 31.88 3.78 -64.53
N ARG J 62 31.95 2.60 -65.15
CA ARG J 62 33.25 2.00 -65.45
C ARG J 62 33.99 2.82 -66.51
N GLU J 63 33.27 3.29 -67.53
CA GLU J 63 33.88 4.11 -68.55
C GLU J 63 34.28 5.48 -68.01
N SER J 64 33.54 5.97 -67.02
CA SER J 64 33.90 7.22 -66.36
C SER J 64 35.19 7.05 -65.60
N LEU J 65 35.33 5.93 -64.89
CA LEU J 65 36.58 5.60 -64.21
C LEU J 65 37.73 5.46 -65.19
N SER J 66 37.44 4.92 -66.38
CA SER J 66 38.46 4.77 -67.40
C SER J 66 38.97 6.12 -67.87
N SER J 67 38.04 7.03 -68.23
CA SER J 67 38.41 8.37 -68.66
C SER J 67 39.05 9.17 -67.54
N LEU J 68 38.63 8.92 -66.30
CA LEU J 68 39.26 9.56 -65.15
C LEU J 68 40.70 9.12 -64.97
N GLN J 69 40.98 7.83 -65.18
CA GLN J 69 42.36 7.37 -65.11
C GLN J 69 43.18 7.93 -66.27
N VAL J 70 42.56 8.04 -67.45
CA VAL J 70 43.17 8.71 -68.61
C VAL J 70 43.63 10.11 -68.24
N LYS J 71 42.72 10.89 -67.67
CA LYS J 71 43.04 12.28 -67.43
C LYS J 71 43.92 12.46 -66.21
N LEU J 72 43.82 11.57 -65.22
CA LEU J 72 44.75 11.63 -64.11
C LEU J 72 46.15 11.18 -64.51
N GLU J 73 46.30 10.46 -65.61
CA GLU J 73 47.66 10.21 -66.06
C GLU J 73 48.15 11.22 -67.08
N ASN J 74 47.24 11.91 -67.77
CA ASN J 74 47.66 12.89 -68.77
C ASN J 74 47.77 14.29 -68.21
N THR J 75 46.72 14.80 -67.58
CA THR J 75 46.79 16.11 -66.95
C THR J 75 47.69 16.07 -65.73
N LEU J 76 47.35 15.25 -64.74
CA LEU J 76 48.03 15.23 -63.46
C LEU J 76 49.44 14.64 -63.58
N ALA J 77 49.56 13.44 -64.11
CA ALA J 77 50.84 12.74 -64.03
C ALA J 77 51.85 13.23 -65.06
N LEU J 78 51.41 13.68 -66.23
CA LEU J 78 52.40 14.07 -67.22
C LEU J 78 52.93 15.46 -66.87
N THR J 79 54.17 15.70 -67.26
CA THR J 79 55.02 16.78 -66.74
C THR J 79 55.15 17.94 -67.71
N TYR J 80 54.03 18.36 -68.32
CA TYR J 80 53.99 19.61 -69.09
C TYR J 80 54.46 20.80 -68.25
N PHE J 81 54.15 20.77 -66.95
CA PHE J 81 54.63 21.74 -65.98
C PHE J 81 56.15 21.85 -65.97
N THR J 82 56.86 20.73 -66.12
CA THR J 82 58.32 20.78 -66.19
C THR J 82 58.80 21.38 -67.50
N THR J 83 58.05 21.17 -68.58
CA THR J 83 58.40 21.84 -69.84
C THR J 83 58.18 23.34 -69.73
N LEU J 84 57.11 23.76 -69.04
CA LEU J 84 56.89 25.16 -68.78
C LEU J 84 58.02 25.77 -67.97
N GLU J 85 58.48 25.03 -66.96
CA GLU J 85 59.65 25.46 -66.20
C GLU J 85 60.91 25.49 -67.05
N GLU J 86 61.02 24.58 -68.02
CA GLU J 86 62.21 24.54 -68.87
C GLU J 86 62.24 25.75 -69.81
N ILE J 87 61.10 26.11 -70.39
CA ILE J 87 61.04 27.33 -71.20
C ILE J 87 61.25 28.57 -70.32
N ASP J 88 60.77 28.53 -69.07
CA ASP J 88 61.03 29.64 -68.15
C ASP J 88 62.54 29.78 -67.87
N GLU J 89 63.23 28.66 -67.70
CA GLU J 89 64.67 28.68 -67.51
C GLU J 89 65.41 29.13 -68.77
N ALA J 90 64.91 28.71 -69.93
CA ALA J 90 65.53 29.12 -71.19
C ALA J 90 65.32 30.60 -71.46
N LEU J 91 64.24 31.18 -70.92
CA LEU J 91 64.08 32.62 -71.01
C LEU J 91 64.93 33.34 -69.97
N ILE J 92 65.12 32.69 -68.80
CA ILE J 92 66.11 33.15 -67.85
C ILE J 92 67.52 33.08 -68.45
N SER J 93 67.77 32.07 -69.27
CA SER J 93 68.99 32.02 -70.07
C SER J 93 69.02 33.18 -71.06
N GLN J 94 70.11 33.94 -71.03
CA GLN J 94 70.26 35.07 -71.92
C GLN J 94 70.44 34.60 -73.36
N ASP J 95 69.82 35.32 -74.28
CA ASP J 95 69.66 34.82 -75.63
C ASP J 95 69.41 35.97 -76.60
N ILE J 96 69.79 35.75 -77.85
CA ILE J 96 69.36 36.62 -78.93
C ILE J 96 67.87 36.38 -79.12
N ASP J 97 67.05 37.37 -78.75
CA ASP J 97 65.61 37.21 -78.68
C ASP J 97 64.93 37.14 -80.04
N GLU J 98 65.69 37.31 -81.13
CA GLU J 98 65.14 37.19 -82.48
C GLU J 98 64.64 35.78 -82.73
N GLU J 99 65.54 34.81 -82.72
CA GLU J 99 65.14 33.43 -82.98
C GLU J 99 64.62 32.77 -81.70
N SER J 100 65.23 33.08 -80.57
CA SER J 100 64.93 32.34 -79.35
C SER J 100 63.59 32.73 -78.76
N LYS J 101 63.48 33.98 -78.29
CA LYS J 101 62.37 34.38 -77.43
C LYS J 101 61.05 34.42 -78.21
N SER J 102 61.12 34.69 -79.51
CA SER J 102 59.95 34.55 -80.36
C SER J 102 59.46 33.11 -80.39
N GLU J 103 60.37 32.18 -80.68
CA GLU J 103 59.98 30.78 -80.70
C GLU J 103 59.75 30.24 -79.30
N MET J 104 60.41 30.80 -78.29
CA MET J 104 60.10 30.45 -76.90
C MET J 104 58.66 30.83 -76.57
N ARG J 105 58.21 31.99 -77.05
CA ARG J 105 56.84 32.41 -76.81
C ARG J 105 55.86 31.56 -77.62
N LYS J 106 56.24 31.19 -78.85
CA LYS J 106 55.40 30.31 -79.64
C LYS J 106 55.25 28.94 -79.00
N GLU J 107 56.31 28.43 -78.38
CA GLU J 107 56.20 27.14 -77.72
C GLU J 107 55.53 27.26 -76.35
N ARG J 108 55.59 28.44 -75.73
CA ARG J 108 54.69 28.74 -74.62
C ARG J 108 53.24 28.61 -75.04
N ILE J 109 52.90 29.22 -76.17
CA ILE J 109 51.56 29.13 -76.74
C ILE J 109 51.20 27.68 -77.05
N ASN J 110 52.18 26.90 -77.50
CA ASN J 110 51.95 25.50 -77.81
C ASN J 110 51.65 24.67 -76.55
N ILE J 111 52.40 24.89 -75.48
CA ILE J 111 52.16 24.11 -74.27
C ILE J 111 50.90 24.58 -73.56
N ILE J 112 50.60 25.89 -73.62
CA ILE J 112 49.33 26.40 -73.13
C ILE J 112 48.17 25.84 -73.96
N LYS J 113 48.40 25.64 -75.25
CA LYS J 113 47.42 25.02 -76.12
C LYS J 113 47.21 23.56 -75.73
N ASN J 114 48.28 22.86 -75.38
CA ASN J 114 48.18 21.48 -74.92
C ASN J 114 47.41 21.39 -73.61
N LEU J 115 47.68 22.32 -72.70
CA LEU J 115 46.96 22.39 -71.44
C LEU J 115 45.49 22.69 -71.66
N SER J 116 45.19 23.58 -72.61
CA SER J 116 43.81 23.89 -72.93
C SER J 116 43.13 22.71 -73.60
N ASN J 117 43.88 21.90 -74.34
CA ASN J 117 43.35 20.65 -74.87
C ASN J 117 43.01 19.68 -73.74
N ASP J 118 43.83 19.69 -72.69
CA ASP J 118 43.55 18.83 -71.54
C ASP J 118 42.29 19.28 -70.82
N ILE J 119 42.15 20.60 -70.61
CA ILE J 119 40.94 21.19 -70.05
C ILE J 119 39.75 20.91 -70.96
N THR J 120 39.98 20.89 -72.26
CA THR J 120 38.93 20.61 -73.23
C THR J 120 38.46 19.18 -73.12
N GLN J 121 39.40 18.25 -72.94
CA GLN J 121 39.06 16.86 -72.68
C GLN J 121 38.23 16.72 -71.41
N LEU J 122 38.67 17.41 -70.34
CA LEU J 122 37.95 17.46 -69.07
C LEU J 122 36.50 17.90 -69.28
N LYS J 123 36.34 19.09 -69.86
CA LYS J 123 35.03 19.69 -70.09
C LYS J 123 34.15 18.80 -70.96
N GLN J 124 34.63 18.47 -72.16
CA GLN J 124 33.84 17.72 -73.14
C GLN J 124 33.42 16.36 -72.60
N LEU J 125 34.38 15.54 -72.18
CA LEU J 125 34.03 14.18 -71.81
C LEU J 125 33.29 14.13 -70.48
N PHE J 126 33.63 15.01 -69.54
CA PHE J 126 32.98 14.91 -68.24
C PHE J 126 31.60 15.52 -68.25
N ILE J 127 31.40 16.64 -68.94
CA ILE J 127 30.07 17.18 -69.13
C ILE J 127 29.22 16.22 -69.96
N GLU J 128 29.83 15.55 -70.95
CA GLU J 128 29.11 14.59 -71.76
C GLU J 128 28.63 13.40 -70.94
N LYS J 129 29.51 12.80 -70.17
CA LYS J 129 29.11 11.66 -69.36
C LYS J 129 28.24 12.09 -68.20
N THR J 130 28.37 13.32 -67.73
CA THR J 130 27.49 13.83 -66.69
C THR J 130 26.07 14.01 -67.21
N GLU J 131 25.94 14.53 -68.43
CA GLU J 131 24.61 14.62 -69.04
C GLU J 131 24.08 13.25 -69.41
N LEU J 132 24.97 12.30 -69.68
CA LEU J 132 24.52 10.93 -69.89
C LEU J 132 24.00 10.32 -68.59
N LEU J 133 24.67 10.63 -67.47
CA LEU J 133 24.16 10.30 -66.15
C LEU J 133 22.82 10.96 -65.89
N ASP J 134 22.65 12.17 -66.38
CA ASP J 134 21.38 12.86 -66.21
C ASP J 134 20.28 12.22 -67.05
N LYS J 135 20.63 11.73 -68.24
CA LYS J 135 19.69 10.97 -69.06
C LYS J 135 19.26 9.70 -68.35
N SER J 136 20.23 8.99 -67.76
CA SER J 136 19.91 7.82 -66.96
C SER J 136 19.16 8.18 -65.70
N SER J 137 19.36 9.39 -65.19
CA SER J 137 18.64 9.86 -64.02
C SER J 137 17.19 10.12 -64.36
N SER J 138 16.93 10.71 -65.53
CA SER J 138 15.56 10.87 -65.99
C SER J 138 14.95 9.52 -66.33
N ASP J 139 15.79 8.56 -66.72
CA ASP J 139 15.32 7.18 -66.78
C ASP J 139 15.01 6.66 -65.38
N LEU J 140 15.73 7.14 -64.38
CA LEU J 140 15.59 6.59 -63.04
C LEU J 140 14.64 7.43 -62.20
N HIS J 141 15.01 8.69 -61.96
CA HIS J 141 14.26 9.57 -61.08
C HIS J 141 12.98 10.08 -61.75
N ASN J 142 12.91 10.00 -63.06
CA ASN J 142 11.74 10.55 -63.73
C ASN J 142 10.92 9.49 -64.44
N VAL J 143 11.19 8.21 -64.22
CA VAL J 143 10.27 7.15 -64.62
C VAL J 143 9.98 6.37 -63.35
N VAL J 144 8.90 6.75 -62.66
CA VAL J 144 8.57 6.22 -61.34
C VAL J 144 7.11 5.78 -61.38
N ILE J 145 6.77 4.73 -60.65
CA ILE J 145 5.38 4.37 -60.45
C ILE J 145 5.09 4.32 -58.96
N ILE J 146 4.05 5.01 -58.52
CA ILE J 146 3.70 5.04 -57.10
C ILE J 146 2.22 4.75 -56.91
N GLU J 147 1.38 5.52 -57.61
CA GLU J 147 0.12 5.99 -57.04
C GLU J 147 -0.96 4.92 -56.97
N GLY J 148 -1.42 4.42 -58.13
CA GLY J 148 -2.49 3.45 -58.11
C GLY J 148 -2.03 2.08 -57.64
N THR J 149 -0.72 1.86 -57.65
CA THR J 149 -0.14 0.62 -57.15
C THR J 149 -0.42 0.44 -55.67
N ASP J 150 -0.47 1.52 -54.91
CA ASP J 150 -0.69 1.43 -53.47
C ASP J 150 -2.16 1.17 -53.18
N LYS J 151 -3.04 1.70 -54.02
CA LYS J 151 -4.46 1.38 -53.89
C LYS J 151 -4.71 -0.08 -54.21
N VAL J 152 -4.08 -0.58 -55.27
CA VAL J 152 -4.16 -2.00 -55.61
C VAL J 152 -3.57 -2.84 -54.49
N LEU J 153 -2.47 -2.39 -53.92
CA LEU J 153 -1.83 -3.01 -52.75
C LEU J 153 -2.81 -3.18 -51.61
N GLN J 154 -3.41 -2.07 -51.17
CA GLN J 154 -4.28 -2.11 -50.00
C GLN J 154 -5.55 -2.88 -50.29
N ALA J 155 -6.08 -2.76 -51.51
CA ALA J 155 -7.30 -3.48 -51.88
C ALA J 155 -7.07 -4.98 -51.89
N GLU J 156 -5.93 -5.42 -52.43
CA GLU J 156 -5.66 -6.84 -52.46
C GLU J 156 -5.27 -7.37 -51.09
N GLN J 157 -4.66 -6.54 -50.26
CA GLN J 157 -4.35 -6.95 -48.90
C GLN J 157 -5.62 -7.16 -48.09
N LEU J 158 -6.56 -6.22 -48.19
CA LEU J 158 -7.86 -6.40 -47.55
C LEU J 158 -8.61 -7.58 -48.14
N ARG J 159 -8.47 -7.77 -49.46
CA ARG J 159 -9.11 -8.88 -50.15
C ARG J 159 -8.63 -10.21 -49.62
N GLN J 160 -7.32 -10.43 -49.62
CA GLN J 160 -6.77 -11.69 -49.15
C GLN J 160 -6.90 -11.84 -47.64
N LYS J 161 -7.01 -10.73 -46.91
CA LYS J 161 -7.32 -10.81 -45.49
C LYS J 161 -8.71 -11.37 -45.28
N GLN J 162 -9.69 -10.88 -46.05
CA GLN J 162 -11.04 -11.43 -46.00
C GLN J 162 -11.07 -12.87 -46.46
N LEU J 163 -10.26 -13.20 -47.48
CA LEU J 163 -10.17 -14.57 -47.96
C LEU J 163 -9.60 -15.49 -46.89
N THR J 164 -8.58 -15.03 -46.17
CA THR J 164 -7.95 -15.83 -45.14
C THR J 164 -8.89 -16.04 -43.96
N GLU J 165 -9.58 -14.98 -43.58
CA GLU J 165 -10.60 -15.06 -42.53
C GLU J 165 -11.71 -16.02 -42.91
N ASP J 166 -12.13 -15.99 -44.18
CA ASP J 166 -13.19 -16.87 -44.65
C ASP J 166 -12.72 -18.31 -44.70
N ILE J 167 -11.45 -18.53 -45.09
CA ILE J 167 -10.90 -19.87 -45.11
C ILE J 167 -10.82 -20.45 -43.71
N ALA J 168 -10.38 -19.65 -42.74
CA ALA J 168 -10.36 -20.08 -41.36
C ALA J 168 -11.76 -20.34 -40.84
N THR J 169 -12.74 -19.56 -41.29
CA THR J 169 -14.13 -19.77 -40.93
C THR J 169 -14.65 -21.10 -41.45
N LYS J 170 -14.35 -21.39 -42.72
CA LYS J 170 -14.74 -22.67 -43.31
C LYS J 170 -14.06 -23.84 -42.63
N GLU J 171 -12.81 -23.65 -42.18
CA GLU J 171 -12.12 -24.68 -41.42
C GLU J 171 -12.81 -24.93 -40.09
N LEU J 172 -13.26 -23.86 -39.43
CA LEU J 172 -14.05 -24.01 -38.21
C LEU J 172 -15.36 -24.74 -38.50
N GLU J 173 -15.98 -24.44 -39.64
CA GLU J 173 -17.23 -25.08 -40.01
C GLU J 173 -17.06 -26.58 -40.21
N ARG J 174 -16.02 -26.97 -40.97
CA ARG J 174 -15.81 -28.39 -41.22
C ARG J 174 -15.36 -29.12 -39.96
N LYS J 175 -14.63 -28.44 -39.07
CA LYS J 175 -14.30 -29.04 -37.79
C LYS J 175 -15.56 -29.27 -36.95
N GLU J 176 -16.51 -28.34 -37.02
CA GLU J 176 -17.77 -28.53 -36.32
C GLU J 176 -18.59 -29.66 -36.93
N ILE J 177 -18.54 -29.84 -38.25
CA ILE J 177 -19.18 -30.99 -38.89
C ILE J 177 -18.52 -32.28 -38.41
N GLU J 178 -17.19 -32.27 -38.26
CA GLU J 178 -16.49 -33.42 -37.72
C GLU J 178 -16.83 -33.65 -36.25
N LYS J 179 -17.22 -32.60 -35.54
CA LYS J 179 -17.75 -32.78 -34.20
C LYS J 179 -19.16 -33.36 -34.22
N LYS J 180 -19.93 -33.08 -35.27
CA LYS J 180 -21.30 -33.57 -35.34
C LYS J 180 -21.38 -35.08 -35.50
N ARG J 181 -20.43 -35.69 -36.22
CA ARG J 181 -20.48 -37.12 -36.49
C ARG J 181 -20.16 -37.98 -35.26
N ASP J 182 -19.73 -37.35 -34.18
CA ASP J 182 -19.37 -38.08 -32.97
C ASP J 182 -20.60 -38.76 -32.37
N LYS J 183 -21.74 -38.08 -32.39
CA LYS J 183 -22.98 -38.67 -31.91
C LYS J 183 -23.39 -39.85 -32.77
N ILE J 184 -23.16 -39.76 -34.09
CA ILE J 184 -23.57 -40.81 -34.99
C ILE J 184 -22.70 -42.05 -34.81
N ILE J 185 -21.38 -41.86 -34.72
CA ILE J 185 -20.49 -43.00 -34.54
C ILE J 185 -20.70 -43.64 -33.18
N GLU J 186 -20.97 -42.84 -32.14
CA GLU J 186 -21.21 -43.43 -30.82
C GLU J 186 -22.55 -44.15 -30.77
N ALA J 187 -23.56 -43.62 -31.47
CA ALA J 187 -24.85 -44.28 -31.52
C ALA J 187 -24.75 -45.61 -32.24
N LEU J 188 -24.08 -45.64 -33.39
CA LEU J 188 -24.00 -46.90 -34.10
C LEU J 188 -22.98 -47.86 -33.49
N ASP J 189 -22.12 -47.38 -32.59
CA ASP J 189 -21.29 -48.30 -31.84
C ASP J 189 -22.06 -48.92 -30.69
N VAL J 190 -22.87 -48.13 -29.97
CA VAL J 190 -23.62 -48.70 -28.87
C VAL J 190 -24.80 -49.54 -29.37
N ILE J 191 -25.21 -49.36 -30.61
CA ILE J 191 -26.12 -50.32 -31.22
C ILE J 191 -25.36 -51.59 -31.60
N ARG J 192 -24.11 -51.43 -32.02
CA ARG J 192 -23.31 -52.58 -32.44
C ARG J 192 -22.95 -53.40 -31.21
N GLU J 193 -23.78 -54.39 -30.92
CA GLU J 193 -23.62 -55.27 -29.77
C GLU J 193 -23.91 -56.72 -30.15
N HIS J 194 -24.18 -56.96 -31.43
CA HIS J 194 -24.54 -58.29 -31.90
C HIS J 194 -23.80 -58.55 -33.20
N ASN J 195 -23.09 -59.67 -33.26
CA ASN J 195 -22.30 -59.99 -34.45
C ASN J 195 -22.17 -61.50 -34.59
N LEU J 196 -23.01 -62.11 -35.43
CA LEU J 196 -22.84 -63.44 -36.03
C LEU J 196 -22.98 -64.62 -35.07
N VAL J 197 -23.01 -64.34 -33.78
CA VAL J 197 -23.07 -65.37 -32.75
C VAL J 197 -24.27 -65.02 -31.90
N ASP J 198 -24.39 -63.72 -31.61
CA ASP J 198 -25.47 -63.18 -30.82
C ASP J 198 -26.84 -63.39 -31.43
N ALA J 199 -26.92 -63.62 -32.75
CA ALA J 199 -28.16 -64.11 -33.34
C ALA J 199 -28.53 -65.47 -32.77
N PHE J 200 -27.56 -66.38 -32.67
CA PHE J 200 -27.83 -67.67 -32.05
C PHE J 200 -28.02 -67.54 -30.55
N LYS J 201 -27.33 -66.59 -29.93
CA LYS J 201 -27.50 -66.28 -28.51
C LYS J 201 -28.78 -65.52 -28.23
N ASP J 202 -29.54 -65.20 -29.25
CA ASP J 202 -30.95 -64.84 -29.13
C ASP J 202 -31.88 -65.99 -29.48
N LEU J 203 -31.47 -66.85 -30.43
CA LEU J 203 -32.29 -68.01 -30.81
C LEU J 203 -32.40 -69.03 -29.70
N ILE J 204 -31.40 -69.12 -28.84
CA ILE J 204 -31.41 -70.08 -27.74
C ILE J 204 -32.27 -69.62 -26.55
N PRO J 205 -32.16 -68.37 -26.01
CA PRO J 205 -33.03 -68.02 -24.88
C PRO J 205 -34.50 -67.87 -25.25
N THR J 206 -34.83 -67.65 -26.52
CA THR J 206 -36.23 -67.79 -26.89
C THR J 206 -36.61 -69.26 -27.00
N GLY J 207 -35.63 -70.14 -27.20
CA GLY J 207 -35.88 -71.57 -27.10
C GLY J 207 -35.97 -72.07 -25.67
N GLU J 208 -35.54 -71.25 -24.72
CA GLU J 208 -35.66 -71.60 -23.31
C GLU J 208 -37.11 -71.62 -22.85
N ASN J 209 -37.33 -72.25 -21.69
CA ASN J 209 -38.65 -72.34 -21.06
C ASN J 209 -38.50 -72.29 -19.55
N LEU J 210 -39.64 -72.18 -18.89
CA LEU J 210 -39.69 -72.26 -17.43
C LEU J 210 -40.58 -73.39 -16.94
N SER J 211 -41.82 -73.45 -17.41
CA SER J 211 -42.80 -74.43 -16.95
C SER J 211 -43.06 -75.45 -18.04
N GLU J 212 -43.13 -76.73 -17.66
CA GLU J 212 -43.39 -77.82 -18.58
C GLU J 212 -44.36 -78.79 -17.93
N LEU J 213 -45.21 -79.40 -18.75
CA LEU J 213 -46.20 -80.35 -18.25
C LEU J 213 -46.42 -81.55 -19.15
N ASP J 214 -45.66 -81.68 -20.25
CA ASP J 214 -45.49 -82.87 -21.11
C ASP J 214 -46.71 -83.16 -21.98
N LEU J 215 -47.84 -82.51 -21.73
CA LEU J 215 -49.03 -82.70 -22.54
C LEU J 215 -49.74 -81.37 -22.69
N ALA J 216 -50.75 -81.35 -23.59
CA ALA J 216 -51.78 -80.32 -23.69
C ALA J 216 -51.30 -78.95 -24.15
N LYS J 217 -50.00 -78.75 -24.28
CA LYS J 217 -49.43 -77.61 -24.99
C LYS J 217 -48.31 -78.08 -25.91
N PRO J 218 -48.64 -78.80 -27.01
CA PRO J 218 -47.58 -79.17 -27.94
C PRO J 218 -47.14 -77.95 -28.73
N GLU J 219 -48.11 -77.14 -29.13
CA GLU J 219 -47.87 -75.93 -29.91
C GLU J 219 -48.29 -74.66 -29.17
N ILE J 220 -49.06 -74.79 -28.09
CA ILE J 220 -49.49 -73.63 -27.33
C ILE J 220 -48.30 -72.99 -26.64
N GLU J 221 -47.38 -73.81 -26.14
CA GLU J 221 -46.08 -73.31 -25.69
C GLU J 221 -45.29 -72.74 -26.86
N LEU J 222 -45.44 -73.32 -28.05
CA LEU J 222 -44.67 -72.87 -29.21
C LEU J 222 -45.17 -71.54 -29.75
N LEU J 223 -46.36 -71.10 -29.34
CA LEU J 223 -46.86 -69.78 -29.74
C LEU J 223 -45.96 -68.68 -29.21
N LYS J 224 -45.65 -68.75 -27.91
CA LYS J 224 -44.74 -67.80 -27.28
C LYS J 224 -43.35 -67.89 -27.90
N GLN J 225 -42.92 -69.12 -28.22
CA GLN J 225 -41.65 -69.36 -28.89
C GLN J 225 -41.55 -68.59 -30.20
N SER J 226 -42.51 -68.83 -31.10
CA SER J 226 -42.48 -68.20 -32.42
C SER J 226 -42.67 -66.69 -32.32
N LEU J 227 -43.51 -66.23 -31.40
CA LEU J 227 -43.74 -64.80 -31.28
C LEU J 227 -42.51 -64.08 -30.73
N GLU J 228 -41.79 -64.69 -29.79
CA GLU J 228 -40.57 -64.05 -29.31
C GLU J 228 -39.44 -64.16 -30.33
N ILE J 229 -39.45 -65.20 -31.16
CA ILE J 229 -38.55 -65.25 -32.31
C ILE J 229 -38.77 -64.06 -33.22
N THR J 230 -40.04 -63.79 -33.55
CA THR J 230 -40.37 -62.64 -34.39
C THR J 230 -40.06 -61.32 -33.69
N LYS J 231 -40.20 -61.30 -32.35
CA LYS J 231 -39.79 -60.13 -31.56
C LYS J 231 -38.30 -59.84 -31.76
N LYS J 232 -37.46 -60.86 -31.60
CA LYS J 232 -36.03 -60.64 -31.70
C LYS J 232 -35.61 -60.31 -33.13
N LEU J 233 -36.26 -60.94 -34.11
CA LEU J 233 -36.02 -60.62 -35.51
C LEU J 233 -36.34 -59.17 -35.82
N LEU J 234 -37.57 -58.74 -35.49
CA LEU J 234 -37.97 -57.37 -35.77
C LEU J 234 -37.23 -56.37 -34.89
N GLY J 235 -36.72 -56.78 -33.73
CA GLY J 235 -35.81 -55.93 -32.99
C GLY J 235 -34.51 -55.74 -33.74
N GLN J 236 -34.06 -56.76 -34.46
CA GLN J 236 -32.89 -56.59 -35.30
C GLN J 236 -33.19 -55.74 -36.53
N PHE J 237 -34.42 -55.78 -37.05
CA PHE J 237 -34.75 -55.07 -38.28
C PHE J 237 -34.74 -53.56 -38.08
N SER J 238 -35.51 -53.07 -37.10
CA SER J 238 -35.69 -51.63 -36.91
C SER J 238 -34.40 -50.96 -36.52
N GLU J 239 -33.61 -51.62 -35.68
CA GLU J 239 -32.28 -51.11 -35.37
C GLU J 239 -31.38 -51.17 -36.59
N GLY J 240 -31.55 -52.18 -37.45
CA GLY J 240 -30.83 -52.20 -38.70
C GLY J 240 -31.24 -51.05 -39.61
N LEU J 241 -32.52 -50.69 -39.59
CA LEU J 241 -32.98 -49.56 -40.39
C LEU J 241 -32.42 -48.24 -39.87
N LYS J 242 -32.38 -48.09 -38.55
CA LYS J 242 -31.77 -46.91 -37.95
C LYS J 242 -30.27 -46.86 -38.24
N TYR J 243 -29.65 -48.03 -38.30
CA TYR J 243 -28.26 -48.14 -38.71
C TYR J 243 -28.06 -47.63 -40.12
N ILE J 244 -28.94 -48.06 -41.03
CA ILE J 244 -28.93 -47.59 -42.43
C ILE J 244 -29.08 -46.08 -42.49
N ASP J 245 -30.01 -45.54 -41.70
CA ASP J 245 -30.28 -44.10 -41.70
C ASP J 245 -29.09 -43.31 -41.23
N LEU J 246 -28.43 -43.78 -40.16
CA LEU J 246 -27.30 -43.02 -39.65
C LEU J 246 -26.06 -43.20 -40.52
N THR J 247 -25.92 -44.31 -41.23
CA THR J 247 -24.84 -44.40 -42.21
C THR J 247 -25.09 -43.49 -43.40
N ASP J 248 -26.35 -43.31 -43.77
CA ASP J 248 -26.66 -42.31 -44.80
C ASP J 248 -26.37 -40.91 -44.30
N ALA J 249 -26.61 -40.66 -43.02
CA ALA J 249 -26.22 -39.40 -42.41
C ALA J 249 -24.70 -39.22 -42.41
N ARG J 250 -23.96 -40.32 -42.21
CA ARG J 250 -22.51 -40.29 -42.35
C ARG J 250 -22.09 -39.90 -43.75
N LYS J 251 -22.74 -40.49 -44.75
CA LYS J 251 -22.44 -40.14 -46.14
C LYS J 251 -22.77 -38.68 -46.43
N LYS J 252 -23.84 -38.18 -45.82
CA LYS J 252 -24.25 -36.80 -45.99
C LYS J 252 -23.23 -35.82 -45.40
N LEU J 253 -22.79 -36.09 -44.17
CA LEU J 253 -21.79 -35.22 -43.56
C LEU J 253 -20.42 -35.37 -44.21
N ASP J 254 -20.11 -36.56 -44.74
CA ASP J 254 -18.88 -36.71 -45.48
C ASP J 254 -18.92 -35.95 -46.79
N ASN J 255 -20.09 -35.90 -47.42
CA ASN J 255 -20.26 -35.06 -48.61
C ASN J 255 -20.08 -33.60 -48.25
N GLN J 256 -20.58 -33.19 -47.08
CA GLN J 256 -20.35 -31.84 -46.57
C GLN J 256 -18.87 -31.55 -46.40
N ILE J 257 -18.14 -32.49 -45.77
CA ILE J 257 -16.71 -32.36 -45.56
C ILE J 257 -15.96 -32.26 -46.89
N ASP J 258 -16.40 -33.05 -47.88
CA ASP J 258 -15.73 -33.06 -49.18
C ASP J 258 -15.95 -31.75 -49.93
N THR J 259 -17.20 -31.25 -49.92
CA THR J 259 -17.48 -29.97 -50.57
C THR J 259 -16.76 -28.83 -49.89
N ALA J 260 -16.71 -28.86 -48.56
CA ALA J 260 -15.95 -27.86 -47.82
C ALA J 260 -14.46 -27.95 -48.12
N SER J 261 -13.95 -29.17 -48.32
CA SER J 261 -12.54 -29.34 -48.64
C SER J 261 -12.23 -28.83 -50.04
N THR J 262 -13.16 -29.01 -50.98
CA THR J 262 -12.99 -28.45 -52.32
C THR J 262 -13.01 -26.93 -52.28
N ARG J 263 -13.91 -26.36 -51.48
CA ARG J 263 -13.92 -24.91 -51.28
C ARG J 263 -12.62 -24.43 -50.65
N LEU J 264 -12.12 -25.19 -49.67
CA LEU J 264 -10.81 -24.93 -49.09
C LEU J 264 -9.71 -24.93 -50.13
N THR J 265 -9.71 -25.92 -51.02
CA THR J 265 -8.66 -26.06 -52.01
C THR J 265 -8.70 -24.91 -53.02
N GLU J 266 -9.90 -24.56 -53.48
CA GLU J 266 -10.03 -23.50 -54.46
C GLU J 266 -9.70 -22.14 -53.85
N LEU J 267 -10.18 -21.89 -52.63
CA LEU J 267 -9.90 -20.61 -51.99
C LEU J 267 -8.44 -20.50 -51.56
N ASN J 268 -7.80 -21.63 -51.25
CA ASN J 268 -6.37 -21.60 -50.98
C ASN J 268 -5.56 -21.36 -52.24
N ARG J 269 -6.04 -21.89 -53.38
CA ARG J 269 -5.39 -21.60 -54.66
C ARG J 269 -5.51 -20.12 -55.00
N GLN J 270 -6.68 -19.54 -54.77
CA GLN J 270 -6.86 -18.11 -54.96
C GLN J 270 -6.02 -17.32 -53.97
N LEU J 271 -5.86 -17.84 -52.76
CA LEU J 271 -5.04 -17.21 -51.76
C LEU J 271 -3.57 -17.20 -52.17
N GLU J 272 -3.11 -18.30 -52.77
CA GLU J 272 -1.73 -18.36 -53.25
C GLU J 272 -1.53 -17.47 -54.47
N GLN J 273 -2.56 -17.36 -55.31
CA GLN J 273 -2.54 -16.40 -56.40
C GLN J 273 -2.38 -14.97 -55.87
N SER J 274 -3.14 -14.64 -54.83
CA SER J 274 -3.01 -13.33 -54.21
C SER J 274 -1.70 -13.17 -53.45
N GLU J 275 -1.13 -14.27 -52.96
CA GLU J 275 0.23 -14.23 -52.41
C GLU J 275 1.22 -13.80 -53.47
N LYS J 276 1.11 -14.40 -54.66
CA LYS J 276 1.96 -14.02 -55.79
C LYS J 276 1.77 -12.56 -56.16
N LEU J 277 0.50 -12.12 -56.17
CA LEU J 277 0.16 -10.73 -56.47
C LEU J 277 0.81 -9.77 -55.48
N ILE J 278 0.49 -9.93 -54.20
CA ILE J 278 0.96 -9.04 -53.16
C ILE J 278 2.47 -9.15 -52.96
N ALA J 279 3.05 -10.32 -53.23
CA ALA J 279 4.50 -10.47 -53.18
C ALA J 279 5.17 -9.66 -54.27
N GLY J 280 4.65 -9.73 -55.51
CA GLY J 280 5.20 -8.90 -56.57
C GLY J 280 4.99 -7.43 -56.34
N VAL J 281 3.87 -7.07 -55.72
CA VAL J 281 3.60 -5.67 -55.41
C VAL J 281 4.58 -5.16 -54.36
N ASN J 282 4.76 -5.92 -53.28
CA ASN J 282 5.72 -5.55 -52.25
C ASN J 282 7.14 -5.51 -52.80
N ALA J 283 7.44 -6.42 -53.73
CA ALA J 283 8.76 -6.46 -54.33
C ALA J 283 9.01 -5.22 -55.17
N VAL J 284 8.05 -4.81 -55.99
CA VAL J 284 8.27 -3.64 -56.82
C VAL J 284 8.22 -2.37 -55.99
N ILE J 285 7.53 -2.38 -54.85
CA ILE J 285 7.63 -1.25 -53.92
C ILE J 285 9.03 -1.18 -53.31
N LYS J 286 9.59 -2.32 -52.92
CA LYS J 286 10.95 -2.34 -52.41
C LYS J 286 11.96 -1.94 -53.47
N ILE J 287 11.70 -2.33 -54.72
CA ILE J 287 12.48 -1.86 -55.86
C ILE J 287 12.42 -0.36 -55.97
N ASP J 288 11.22 0.21 -55.86
CA ASP J 288 10.99 1.64 -55.96
C ASP J 288 11.75 2.40 -54.88
N GLN J 289 11.78 1.82 -53.68
CA GLN J 289 12.60 2.37 -52.61
C GLN J 289 14.08 2.27 -52.94
N GLU J 290 14.51 1.11 -53.45
CA GLU J 290 15.89 0.96 -53.86
C GLU J 290 16.19 1.79 -55.10
N LYS J 291 15.18 1.98 -55.96
CA LYS J 291 15.33 2.89 -57.08
C LYS J 291 15.59 4.31 -56.61
N SER J 292 14.85 4.78 -55.61
CA SER J 292 15.11 6.09 -55.03
C SER J 292 16.45 6.15 -54.34
N ALA J 293 16.91 5.03 -53.77
CA ALA J 293 18.25 4.99 -53.21
C ALA J 293 19.32 5.17 -54.28
N VAL J 294 19.12 4.55 -55.44
CA VAL J 294 20.09 4.72 -56.53
C VAL J 294 19.95 6.11 -57.13
N VAL J 295 18.76 6.72 -57.06
CA VAL J 295 18.59 8.12 -57.40
C VAL J 295 19.47 9.00 -56.52
N VAL J 296 19.44 8.75 -55.22
CA VAL J 296 20.28 9.47 -54.26
C VAL J 296 21.75 9.23 -54.57
N GLU J 297 22.10 8.00 -54.94
CA GLU J 297 23.46 7.64 -55.29
C GLU J 297 23.94 8.42 -56.52
N ALA J 298 23.10 8.48 -57.55
CA ALA J 298 23.46 9.21 -58.76
C ALA J 298 23.52 10.70 -58.52
N GLU J 299 22.71 11.22 -57.59
CA GLU J 299 22.81 12.62 -57.25
C GLU J 299 24.10 12.91 -56.50
N LYS J 300 24.52 11.98 -55.63
CA LYS J 300 25.83 12.08 -55.00
C LYS J 300 26.95 12.10 -56.03
N LEU J 301 26.82 11.26 -57.05
CA LEU J 301 27.85 11.20 -58.09
C LEU J 301 27.88 12.47 -58.93
N SER J 302 26.78 12.74 -59.62
CA SER J 302 26.73 13.86 -60.57
C SER J 302 26.82 15.21 -59.88
N ARG J 303 26.45 15.28 -58.61
CA ARG J 303 26.64 16.51 -57.84
C ARG J 303 28.12 16.83 -57.69
N ALA J 304 28.94 15.79 -57.52
CA ALA J 304 30.38 15.99 -57.48
C ALA J 304 30.94 16.39 -58.83
N TRP J 305 30.20 16.09 -59.91
CA TRP J 305 30.61 16.57 -61.22
C TRP J 305 30.17 18.01 -61.46
N HIS J 306 29.12 18.47 -60.80
CA HIS J 306 28.85 19.89 -60.82
C HIS J 306 29.81 20.63 -59.90
N ILE J 307 30.28 19.95 -58.85
CA ILE J 307 31.44 20.43 -58.10
C ILE J 307 32.64 20.52 -59.02
N PHE J 308 32.79 19.54 -59.93
CA PHE J 308 33.90 19.58 -60.86
C PHE J 308 33.74 20.69 -61.89
N ILE J 309 32.51 20.95 -62.35
CA ILE J 309 32.33 22.02 -63.32
C ILE J 309 32.48 23.37 -62.66
N HIS J 310 32.24 23.47 -61.35
CA HIS J 310 32.53 24.70 -60.64
C HIS J 310 34.04 24.82 -60.40
N GLU J 311 34.75 23.69 -60.35
CA GLU J 311 36.20 23.75 -60.32
C GLU J 311 36.75 24.27 -61.63
N ILE J 312 36.24 23.75 -62.75
CA ILE J 312 36.72 24.20 -64.05
C ILE J 312 36.12 25.57 -64.39
N THR J 313 35.07 25.99 -63.67
CA THR J 313 34.67 27.38 -63.70
C THR J 313 35.78 28.28 -63.17
N ALA J 314 36.56 27.80 -62.20
CA ALA J 314 37.69 28.52 -61.64
C ALA J 314 38.98 28.27 -62.41
N LEU J 315 38.89 27.83 -63.66
CA LEU J 315 40.07 27.62 -64.49
C LEU J 315 40.34 28.88 -65.33
N GLN J 316 41.17 28.71 -66.36
CA GLN J 316 41.66 29.77 -67.26
C GLN J 316 42.44 30.83 -66.48
N GLY J 317 43.56 30.38 -65.94
CA GLY J 317 44.66 31.26 -65.56
C GLY J 317 45.70 31.12 -66.64
N THR J 318 45.81 32.12 -67.52
CA THR J 318 46.46 31.98 -68.82
C THR J 318 47.95 31.69 -68.75
N SER J 319 48.76 32.68 -68.34
CA SER J 319 50.20 32.48 -68.27
C SER J 319 50.82 33.17 -67.08
N LEU J 320 50.08 33.38 -65.99
CA LEU J 320 50.54 34.24 -64.90
C LEU J 320 51.61 33.56 -64.07
N ASN J 321 51.25 32.47 -63.40
CA ASN J 321 52.16 31.72 -62.55
C ASN J 321 52.26 30.29 -63.05
N GLU J 322 52.91 29.44 -62.26
CA GLU J 322 52.95 28.02 -62.60
C GLU J 322 52.59 27.14 -61.39
N VAL J 323 53.01 27.52 -60.19
CA VAL J 323 52.73 26.68 -59.03
C VAL J 323 51.40 27.05 -58.38
N GLU J 324 50.32 26.67 -59.03
CA GLU J 324 49.01 26.66 -58.41
C GLU J 324 48.14 25.52 -58.92
N LEU J 325 48.66 24.67 -59.79
CA LEU J 325 47.83 24.02 -60.79
C LEU J 325 47.12 22.81 -60.22
N SER J 326 47.87 21.78 -59.84
CA SER J 326 47.31 20.46 -59.65
C SER J 326 46.80 20.21 -58.25
N LYS J 327 46.45 21.25 -57.50
CA LYS J 327 45.91 21.01 -56.16
C LYS J 327 44.49 20.43 -56.18
N PRO J 328 43.53 20.95 -56.97
CA PRO J 328 42.29 20.17 -57.12
C PRO J 328 42.48 18.88 -57.87
N LEU J 329 43.54 18.77 -58.69
CA LEU J 329 43.81 17.53 -59.40
C LEU J 329 44.25 16.44 -58.44
N ILE J 330 45.12 16.76 -57.48
CA ILE J 330 45.53 15.75 -56.51
C ILE J 330 44.41 15.52 -55.49
N LYS J 331 43.56 16.51 -55.26
CA LYS J 331 42.39 16.28 -54.39
C LYS J 331 41.43 15.29 -55.02
N GLN J 332 41.13 15.46 -56.31
CA GLN J 332 40.30 14.51 -57.01
C GLN J 332 41.02 13.19 -57.20
N GLN J 333 42.35 13.21 -57.30
CA GLN J 333 43.14 12.00 -57.39
C GLN J 333 43.01 11.14 -56.14
N ILE J 334 43.16 11.76 -54.97
CA ILE J 334 43.07 10.98 -53.75
C ILE J 334 41.62 10.60 -53.45
N TYR J 335 40.67 11.44 -53.84
CA TYR J 335 39.27 11.08 -53.66
C TYR J 335 38.86 9.94 -54.59
N LEU J 336 39.46 9.89 -55.77
CA LEU J 336 39.20 8.83 -56.71
C LEU J 336 39.90 7.55 -56.33
N GLU J 337 41.10 7.65 -55.77
CA GLU J 337 41.80 6.47 -55.30
C GLU J 337 41.07 5.85 -54.12
N SER J 338 40.50 6.70 -53.26
CA SER J 338 39.53 6.21 -52.27
C SER J 338 38.33 5.59 -52.95
N LEU J 339 37.87 6.23 -54.03
CA LEU J 339 36.74 5.72 -54.78
C LEU J 339 37.09 4.48 -55.58
N ILE J 340 38.37 4.32 -56.00
CA ILE J 340 38.82 3.05 -56.54
C ILE J 340 38.72 1.96 -55.47
N LYS J 341 39.16 2.28 -54.26
CA LYS J 341 38.98 1.37 -53.14
C LYS J 341 37.53 1.28 -52.71
N GLN J 342 36.70 2.25 -53.08
CA GLN J 342 35.26 2.18 -52.89
C GLN J 342 34.60 1.58 -54.12
N LEU J 343 35.11 0.41 -54.52
CA LEU J 343 34.67 -0.29 -55.72
C LEU J 343 35.14 -1.73 -55.61
N ILE K 44 66.02 -18.98 -22.87
CA ILE K 44 66.40 -19.76 -24.03
C ILE K 44 66.00 -21.23 -23.87
N PHE K 45 66.68 -22.10 -24.59
CA PHE K 45 66.30 -23.51 -24.63
C PHE K 45 66.65 -24.19 -23.31
N THR K 46 65.79 -25.11 -22.88
CA THR K 46 65.99 -25.79 -21.61
C THR K 46 66.11 -27.29 -21.82
N LYS K 47 66.59 -27.97 -20.78
CA LYS K 47 66.75 -29.41 -20.82
C LYS K 47 65.45 -30.15 -20.50
N GLU K 48 64.50 -29.48 -19.87
CA GLU K 48 63.25 -30.12 -19.52
C GLU K 48 62.40 -30.32 -20.76
N ASP K 49 62.64 -29.49 -21.78
CA ASP K 49 62.22 -29.78 -23.14
C ASP K 49 62.64 -31.18 -23.55
N LEU K 50 63.93 -31.49 -23.40
CA LEU K 50 64.44 -32.81 -23.78
C LEU K 50 63.91 -33.90 -22.85
N ILE K 51 63.60 -33.54 -21.61
CA ILE K 51 62.95 -34.47 -20.70
C ILE K 51 61.59 -34.87 -21.24
N ASN K 52 60.81 -33.88 -21.66
CA ASN K 52 59.51 -34.16 -22.27
C ASN K 52 59.67 -34.91 -23.59
N LEU K 53 60.76 -34.65 -24.31
CA LEU K 53 61.05 -35.40 -25.53
C LEU K 53 61.25 -36.87 -25.22
N LYS K 54 61.99 -37.18 -24.16
CA LYS K 54 62.21 -38.58 -23.82
C LYS K 54 60.97 -39.21 -23.23
N LEU K 55 60.12 -38.42 -22.60
CA LEU K 55 58.79 -38.90 -22.22
C LEU K 55 57.99 -39.30 -23.44
N TYR K 56 58.06 -38.49 -24.50
CA TYR K 56 57.43 -38.84 -25.76
C TYR K 56 58.08 -40.04 -26.42
N VAL K 57 59.39 -40.22 -26.21
CA VAL K 57 60.09 -41.39 -26.72
C VAL K 57 59.56 -42.65 -26.05
N ARG K 58 59.51 -42.63 -24.72
CA ARG K 58 58.98 -43.76 -23.97
C ARG K 58 57.52 -44.01 -24.28
N LYS K 59 56.76 -42.96 -24.57
CA LYS K 59 55.37 -43.14 -24.97
C LYS K 59 55.28 -43.79 -26.34
N GLY K 60 56.09 -43.33 -27.29
CA GLY K 60 56.01 -43.84 -28.64
C GLY K 60 56.58 -45.23 -28.79
N LEU K 61 57.59 -45.57 -28.00
CA LEU K 61 58.09 -46.93 -28.00
C LEU K 61 57.18 -47.89 -27.27
N SER K 62 56.20 -47.38 -26.52
CA SER K 62 55.21 -48.19 -25.85
C SER K 62 53.95 -48.39 -26.66
N LEU K 63 54.07 -48.47 -27.98
CA LEU K 63 52.85 -48.53 -28.75
C LEU K 63 52.67 -49.88 -29.44
N PRO K 64 51.44 -50.37 -29.54
CA PRO K 64 51.20 -51.57 -30.33
C PRO K 64 51.38 -51.29 -31.81
N THR K 65 51.91 -52.28 -32.53
CA THR K 65 52.19 -52.15 -33.94
C THR K 65 51.35 -53.07 -34.81
N ARG K 66 51.24 -54.34 -34.42
CA ARG K 66 50.50 -55.29 -35.22
C ARG K 66 49.01 -55.16 -34.95
N GLN K 67 48.22 -55.85 -35.78
CA GLN K 67 46.77 -55.70 -35.75
C GLN K 67 46.19 -56.28 -34.46
N ASP K 68 46.62 -57.49 -34.11
CA ASP K 68 46.19 -58.11 -32.86
C ASP K 68 46.69 -57.33 -31.66
N GLU K 69 47.88 -56.72 -31.78
CA GLU K 69 48.42 -55.88 -30.71
C GLU K 69 47.54 -54.67 -30.48
N VAL K 70 47.08 -54.05 -31.57
CA VAL K 70 46.16 -52.92 -31.46
C VAL K 70 44.81 -53.38 -30.92
N GLU K 71 44.32 -54.52 -31.37
CA GLU K 71 43.01 -55.02 -30.98
C GLU K 71 42.97 -55.39 -29.51
N ALA K 72 44.04 -56.00 -29.00
CA ALA K 72 44.16 -56.19 -27.57
C ALA K 72 44.33 -54.85 -26.85
N TYR K 73 45.07 -53.92 -27.47
CA TYR K 73 45.20 -52.59 -26.90
C TYR K 73 43.90 -51.81 -27.01
N LEU K 74 43.12 -52.04 -28.07
CA LEU K 74 41.77 -51.51 -28.12
C LEU K 74 40.84 -52.23 -27.16
N GLY K 75 41.07 -53.51 -26.93
CA GLY K 75 40.12 -54.32 -26.20
C GLY K 75 38.96 -54.81 -27.02
N TYR K 76 38.98 -54.63 -28.33
CA TYR K 76 37.90 -55.09 -29.19
C TYR K 76 38.45 -55.28 -30.61
N LYS K 77 37.55 -55.63 -31.52
CA LYS K 77 37.87 -55.80 -32.93
C LYS K 77 36.89 -55.10 -33.83
N LYS K 78 35.80 -54.57 -33.29
CA LYS K 78 34.72 -54.04 -34.10
C LYS K 78 34.13 -52.83 -33.41
N ILE K 79 33.97 -51.74 -34.15
CA ILE K 79 33.45 -50.50 -33.57
C ILE K 79 32.22 -49.99 -34.31
N ASP K 80 32.10 -50.33 -35.62
CA ASP K 80 31.07 -49.83 -36.52
C ASP K 80 31.01 -48.30 -36.54
N VAL K 81 32.18 -47.67 -36.47
CA VAL K 81 32.30 -46.21 -36.49
C VAL K 81 33.33 -45.84 -37.54
N ALA K 82 32.89 -45.12 -38.57
CA ALA K 82 33.79 -44.66 -39.61
C ALA K 82 34.76 -43.62 -39.06
N GLY K 83 36.00 -43.66 -39.54
CA GLY K 83 37.05 -42.83 -39.03
C GLY K 83 37.68 -43.31 -37.74
N LEU K 84 37.06 -44.28 -37.06
CA LEU K 84 37.57 -44.81 -35.81
C LEU K 84 37.65 -46.33 -35.85
N GLU K 85 37.74 -46.91 -37.06
CA GLU K 85 37.79 -48.35 -37.22
C GLU K 85 39.10 -48.89 -36.68
N PRO K 86 39.11 -50.15 -36.21
CA PRO K 86 40.33 -50.72 -35.62
C PRO K 86 41.50 -50.78 -36.57
N LYS K 87 41.25 -51.00 -37.86
CA LYS K 87 42.32 -50.91 -38.85
C LYS K 87 42.84 -49.48 -38.97
N ASP K 88 41.95 -48.49 -38.84
CA ASP K 88 42.37 -47.10 -38.92
C ASP K 88 43.20 -46.72 -37.71
N ILE K 89 42.83 -47.21 -36.54
CA ILE K 89 43.58 -46.92 -35.33
C ILE K 89 44.92 -47.66 -35.38
N LYS K 90 44.93 -48.84 -35.99
CA LYS K 90 46.18 -49.56 -36.20
C LYS K 90 47.10 -48.79 -37.14
N LEU K 91 46.54 -48.20 -38.19
CA LEU K 91 47.33 -47.37 -39.09
C LEU K 91 47.85 -46.13 -38.39
N LEU K 92 47.02 -45.53 -37.54
CA LEU K 92 47.43 -44.41 -36.71
C LEU K 92 48.60 -44.79 -35.81
N PHE K 93 48.51 -45.95 -35.18
CA PHE K 93 49.58 -46.40 -34.30
C PHE K 93 50.83 -46.75 -35.08
N ASP K 94 50.68 -47.23 -36.31
CA ASP K 94 51.82 -47.41 -37.19
C ASP K 94 52.51 -46.09 -37.46
N GLU K 95 51.73 -45.05 -37.72
CA GLU K 95 52.26 -43.71 -37.95
C GLU K 95 53.03 -43.20 -36.74
N ILE K 96 52.43 -43.31 -35.56
CA ILE K 96 53.06 -42.74 -34.37
C ILE K 96 54.24 -43.59 -33.91
N HIS K 97 54.12 -44.91 -34.00
CA HIS K 97 55.19 -45.77 -33.57
C HIS K 97 56.37 -45.70 -34.51
N ASN K 98 56.14 -45.62 -35.82
CA ASN K 98 57.22 -45.38 -36.75
C ASN K 98 57.75 -43.96 -36.64
N HIS K 99 56.94 -43.03 -36.14
CA HIS K 99 57.44 -41.69 -35.88
C HIS K 99 58.42 -41.69 -34.71
N ALA K 100 58.15 -42.51 -33.70
CA ALA K 100 59.11 -42.72 -32.63
C ALA K 100 60.33 -43.50 -33.12
N LEU K 101 60.11 -44.48 -34.00
CA LEU K 101 61.19 -45.23 -34.62
C LEU K 101 61.98 -44.40 -35.62
N ASN K 102 61.46 -43.25 -36.01
CA ASN K 102 62.27 -42.25 -36.67
C ASN K 102 63.06 -41.49 -35.63
N TRP K 103 62.37 -41.01 -34.59
CA TRP K 103 62.95 -40.01 -33.70
C TRP K 103 64.06 -40.57 -32.80
N ASN K 104 64.02 -41.85 -32.47
CA ASN K 104 65.14 -42.44 -31.74
C ASN K 104 66.45 -42.29 -32.51
N ASP K 105 66.41 -42.58 -33.80
CA ASP K 105 67.58 -42.39 -34.66
C ASP K 105 67.86 -40.92 -34.92
N VAL K 106 66.81 -40.12 -35.09
CA VAL K 106 67.02 -38.70 -35.40
C VAL K 106 67.56 -37.97 -34.19
N GLU K 107 67.13 -38.35 -32.99
CA GLU K 107 67.68 -37.83 -31.76
C GLU K 107 69.06 -38.39 -31.48
N GLN K 108 69.36 -39.58 -31.97
CA GLN K 108 70.74 -40.04 -31.98
C GLN K 108 71.60 -39.15 -32.87
N ALA K 109 71.04 -38.71 -34.00
CA ALA K 109 71.74 -37.74 -34.84
C ALA K 109 71.82 -36.37 -34.18
N VAL K 110 70.84 -36.06 -33.34
CA VAL K 110 70.90 -34.83 -32.53
C VAL K 110 72.05 -34.93 -31.55
N LEU K 111 72.26 -36.11 -30.96
CA LEU K 111 73.42 -36.34 -30.12
C LEU K 111 74.72 -36.30 -30.93
N GLN K 112 74.67 -36.75 -32.18
CA GLN K 112 75.85 -36.66 -33.03
C GLN K 112 76.21 -35.22 -33.33
N GLN K 113 75.21 -34.40 -33.67
CA GLN K 113 75.45 -32.99 -33.88
C GLN K 113 75.69 -32.25 -32.57
N SER K 114 75.28 -32.84 -31.45
CA SER K 114 75.69 -32.33 -30.16
C SER K 114 77.20 -32.44 -29.99
N LEU K 115 77.73 -33.61 -30.35
CA LEU K 115 79.18 -33.79 -30.41
C LEU K 115 79.82 -32.87 -31.44
N ASP K 116 79.14 -32.66 -32.56
CA ASP K 116 79.70 -31.86 -33.65
C ASP K 116 79.76 -30.39 -33.29
N LEU K 117 78.72 -29.87 -32.65
CA LEU K 117 78.77 -28.50 -32.16
C LEU K 117 79.71 -28.35 -30.99
N ASP K 118 79.88 -29.41 -30.19
CA ASP K 118 80.86 -29.37 -29.12
C ASP K 118 82.27 -29.21 -29.69
N ILE K 119 82.64 -30.05 -30.65
CA ILE K 119 83.96 -29.96 -31.24
C ILE K 119 84.10 -28.73 -32.13
N ALA K 120 82.99 -28.24 -32.69
CA ALA K 120 83.01 -26.99 -33.43
C ALA K 120 83.30 -25.83 -32.51
N ALA K 121 82.64 -25.82 -31.34
CA ALA K 121 82.93 -24.83 -30.30
C ALA K 121 84.38 -24.87 -29.88
N LYS K 122 84.89 -26.08 -29.61
CA LYS K 122 86.26 -26.23 -29.14
C LYS K 122 87.27 -25.76 -30.18
N ASN K 123 87.14 -26.26 -31.42
CA ASN K 123 88.11 -25.94 -32.46
C ASN K 123 88.02 -24.47 -32.87
N ILE K 124 86.81 -23.93 -33.00
CA ILE K 124 86.68 -22.56 -33.48
C ILE K 124 87.10 -21.58 -32.40
N ILE K 125 86.64 -21.79 -31.14
CA ILE K 125 87.06 -20.95 -30.02
C ILE K 125 88.57 -20.97 -29.87
N SER K 126 89.19 -22.16 -29.92
CA SER K 126 90.63 -22.28 -29.80
C SER K 126 91.36 -21.58 -30.93
N THR K 127 91.17 -22.07 -32.17
CA THR K 127 91.94 -21.60 -33.31
C THR K 127 91.64 -20.13 -33.61
N GLY K 128 90.36 -19.78 -33.70
CA GLY K 128 89.92 -18.43 -33.91
C GLY K 128 90.36 -17.46 -32.84
N ASN K 129 90.09 -17.72 -31.56
CA ASN K 129 90.42 -16.75 -30.52
C ASN K 129 91.93 -16.60 -30.36
N GLU K 130 92.68 -17.71 -30.42
CA GLU K 130 94.13 -17.66 -30.38
C GLU K 130 94.75 -16.88 -31.55
N ILE K 131 94.53 -17.33 -32.78
CA ILE K 131 95.24 -16.74 -33.91
C ILE K 131 94.68 -15.36 -34.22
N ILE K 132 93.38 -15.15 -33.99
CA ILE K 132 92.71 -13.92 -34.37
C ILE K 132 92.46 -13.14 -33.09
N ASN K 133 93.29 -13.37 -32.08
CA ASN K 133 93.54 -12.40 -31.04
C ASN K 133 95.03 -12.19 -30.81
N LEU K 134 95.88 -12.97 -31.47
CA LEU K 134 97.29 -12.63 -31.56
C LEU K 134 97.51 -11.34 -32.35
N ILE K 135 96.59 -11.03 -33.26
CA ILE K 135 96.77 -9.93 -34.19
C ILE K 135 95.94 -8.76 -33.66
N ASN K 136 95.72 -8.75 -32.34
CA ASN K 136 95.29 -7.53 -31.68
C ASN K 136 96.34 -6.43 -31.79
N GLN K 137 97.61 -6.81 -31.91
CA GLN K 137 98.71 -5.85 -31.97
C GLN K 137 98.69 -5.11 -33.30
N MET K 138 98.35 -3.83 -33.24
CA MET K 138 98.61 -2.93 -34.32
C MET K 138 98.76 -1.56 -33.69
N PRO K 139 99.98 -1.09 -33.49
CA PRO K 139 100.17 0.28 -33.02
C PRO K 139 99.92 1.30 -34.12
N ILE K 140 99.76 2.57 -33.75
CA ILE K 140 99.44 3.63 -34.71
C ILE K 140 100.60 3.91 -35.67
N THR K 141 101.84 3.53 -35.30
CA THR K 141 103.01 3.82 -36.12
C THR K 141 102.95 3.06 -37.43
N LEU K 142 102.63 1.76 -37.38
CA LEU K 142 102.39 1.03 -38.60
C LEU K 142 101.04 1.40 -39.20
N ARG K 143 100.10 1.80 -38.35
CA ARG K 143 98.73 2.03 -38.79
C ARG K 143 98.57 3.38 -39.50
N VAL K 144 99.62 4.18 -39.57
CA VAL K 144 99.60 5.38 -40.39
C VAL K 144 100.40 5.24 -41.68
N LYS K 145 101.20 4.19 -41.83
CA LYS K 145 102.16 4.16 -42.93
C LYS K 145 102.23 2.85 -43.70
N THR K 146 101.81 1.72 -43.14
CA THR K 146 102.20 0.44 -43.73
C THR K 146 101.34 0.09 -44.93
N LEU K 147 100.04 0.39 -44.85
CA LEU K 147 99.02 0.04 -45.84
C LEU K 147 99.01 -1.47 -46.09
N LEU K 148 98.60 -2.18 -45.03
CA LEU K 148 98.72 -3.63 -44.81
C LEU K 148 98.30 -4.51 -45.99
N GLY K 149 97.40 -4.02 -46.85
CA GLY K 149 97.05 -4.70 -48.08
C GLY K 149 98.19 -4.92 -49.05
N ASP K 150 99.30 -4.18 -48.87
CA ASP K 150 100.53 -4.44 -49.61
C ASP K 150 101.09 -5.82 -49.29
N ILE K 151 101.26 -6.12 -48.00
CA ILE K 151 101.97 -7.32 -47.59
C ILE K 151 101.01 -8.47 -47.33
N THR K 152 99.77 -8.33 -47.77
CA THR K 152 98.83 -9.45 -47.74
C THR K 152 99.21 -10.49 -48.78
N VAL K 168 104.76 -14.45 -44.04
CA VAL K 168 104.69 -15.24 -42.82
C VAL K 168 103.24 -15.44 -42.43
N ALA K 169 102.57 -14.32 -42.11
CA ALA K 169 101.18 -14.38 -41.68
C ALA K 169 100.22 -14.62 -42.85
N SER K 170 100.68 -14.41 -44.09
CA SER K 170 99.85 -14.68 -45.25
C SER K 170 99.54 -16.16 -45.37
N ALA K 171 100.52 -17.02 -45.11
CA ALA K 171 100.28 -18.45 -45.02
C ALA K 171 99.47 -18.79 -43.77
N LEU K 172 99.59 -17.98 -42.73
CA LEU K 172 98.78 -18.19 -41.54
C LEU K 172 97.33 -17.79 -41.79
N LYS K 173 97.10 -16.79 -42.65
CA LYS K 173 95.75 -16.47 -43.09
C LYS K 173 95.18 -17.54 -43.99
N ASP K 174 96.04 -18.29 -44.69
CA ASP K 174 95.57 -19.43 -45.48
C ASP K 174 95.05 -20.53 -44.58
N ILE K 175 95.66 -20.71 -43.41
CA ILE K 175 95.13 -21.61 -42.40
C ILE K 175 93.75 -21.13 -41.95
N LEU K 176 93.58 -19.82 -41.81
CA LEU K 176 92.29 -19.26 -41.44
C LEU K 176 91.25 -19.46 -42.53
N ASP K 177 91.67 -19.44 -43.80
CA ASP K 177 90.73 -19.69 -44.88
C ASP K 177 90.38 -21.18 -44.99
N ASP K 178 91.32 -22.05 -44.64
CA ASP K 178 91.00 -23.47 -44.53
C ASP K 178 90.00 -23.72 -43.42
N MET K 179 90.18 -23.04 -42.29
CA MET K 179 89.20 -23.11 -41.21
C MET K 179 87.88 -22.46 -41.61
N LYS K 180 87.93 -21.47 -42.50
CA LYS K 180 86.72 -20.86 -43.04
C LYS K 180 85.92 -21.86 -43.87
N GLY K 181 86.62 -22.62 -44.72
CA GLY K 181 85.96 -23.67 -45.47
C GLY K 181 85.43 -24.77 -44.56
N ASP K 182 86.17 -25.06 -43.48
CA ASP K 182 85.68 -26.00 -42.49
C ASP K 182 84.43 -25.47 -41.79
N ILE K 183 84.39 -24.17 -41.53
CA ILE K 183 83.21 -23.51 -40.99
C ILE K 183 82.03 -23.62 -41.94
N ASN K 184 82.29 -23.50 -43.23
CA ASN K 184 81.25 -23.70 -44.24
C ASN K 184 80.74 -25.14 -44.22
N ARG K 185 81.65 -26.08 -43.96
CA ARG K 185 81.24 -27.47 -43.77
C ARG K 185 80.41 -27.63 -42.50
N HIS K 186 80.76 -26.89 -41.44
CA HIS K 186 79.95 -26.91 -40.23
C HIS K 186 78.57 -26.34 -40.48
N GLN K 187 78.49 -25.31 -41.33
CA GLN K 187 77.22 -24.76 -41.77
C GLN K 187 76.39 -25.82 -42.48
N THR K 188 77.04 -26.58 -43.35
CA THR K 188 76.37 -27.64 -44.10
C THR K 188 75.79 -28.68 -43.15
N THR K 189 76.61 -29.15 -42.21
CA THR K 189 76.15 -30.16 -41.25
C THR K 189 75.05 -29.62 -40.35
N THR K 190 75.21 -28.39 -39.89
CA THR K 190 74.24 -27.79 -38.98
C THR K 190 72.92 -27.54 -39.68
N GLU K 191 72.97 -27.14 -40.95
CA GLU K 191 71.76 -26.96 -41.73
C GLU K 191 71.10 -28.30 -42.00
N ASN K 192 71.88 -29.36 -42.21
CA ASN K 192 71.32 -30.70 -42.38
C ASN K 192 70.58 -31.14 -41.13
N VAL K 193 71.18 -30.89 -39.96
CA VAL K 193 70.55 -31.33 -38.73
C VAL K 193 69.35 -30.45 -38.39
N ARG K 194 69.43 -29.16 -38.70
CA ARG K 194 68.28 -28.27 -38.53
C ARG K 194 67.15 -28.68 -39.47
N LYS K 195 67.51 -29.12 -40.67
CA LYS K 195 66.55 -29.69 -41.60
C LYS K 195 65.87 -30.91 -41.00
N LYS K 196 66.66 -31.80 -40.37
CA LYS K 196 66.12 -32.98 -39.72
C LYS K 196 65.16 -32.60 -38.62
N VAL K 197 65.55 -31.64 -37.79
CA VAL K 197 64.74 -31.23 -36.65
C VAL K 197 63.45 -30.56 -37.11
N SER K 198 63.56 -29.62 -38.04
CA SER K 198 62.39 -28.88 -38.50
C SER K 198 61.46 -29.77 -39.29
N ASP K 199 62.00 -30.69 -40.09
CA ASP K 199 61.16 -31.65 -40.80
C ASP K 199 60.50 -32.62 -39.85
N TYR K 200 61.17 -32.98 -38.76
CA TYR K 200 60.54 -33.79 -37.74
C TYR K 200 59.42 -33.03 -37.05
N ARG K 201 59.62 -31.72 -36.87
CA ARG K 201 58.59 -30.88 -36.28
C ARG K 201 57.38 -30.78 -37.18
N ILE K 202 57.61 -30.55 -38.47
CA ILE K 202 56.53 -30.49 -39.45
C ILE K 202 55.86 -31.86 -39.57
N THR K 203 56.63 -32.93 -39.39
CA THR K 203 56.09 -34.27 -39.32
C THR K 203 55.17 -34.42 -38.12
N LEU K 204 55.48 -33.71 -37.03
CA LEU K 204 54.54 -33.64 -35.93
C LEU K 204 53.47 -32.58 -36.19
N THR K 205 53.88 -31.36 -36.55
CA THR K 205 52.97 -30.23 -36.61
C THR K 205 52.24 -30.11 -37.94
N GLY K 206 52.97 -29.99 -39.04
CA GLY K 206 52.27 -29.86 -40.31
C GLY K 206 52.80 -28.79 -41.22
N GLY K 207 52.75 -29.05 -42.52
CA GLY K 207 53.20 -28.11 -43.53
C GLY K 207 54.03 -28.79 -44.58
N GLU K 208 54.67 -27.98 -45.40
CA GLU K 208 55.53 -28.51 -46.45
C GLU K 208 56.91 -28.78 -45.87
N LEU K 209 57.42 -29.98 -46.09
CA LEU K 209 58.79 -30.28 -45.70
C LEU K 209 59.76 -29.52 -46.58
N SER K 210 60.96 -29.27 -46.03
CA SER K 210 62.05 -28.72 -46.83
C SER K 210 62.51 -29.68 -47.92
N SER K 211 62.30 -30.99 -47.72
CA SER K 211 62.45 -31.96 -48.80
C SER K 211 61.41 -31.79 -49.89
N GLY K 212 60.29 -31.14 -49.60
CA GLY K 212 59.28 -30.90 -50.62
C GLY K 212 58.06 -31.79 -50.49
N ASP K 213 57.59 -32.00 -49.26
CA ASP K 213 56.40 -32.80 -49.02
C ASP K 213 55.47 -32.04 -48.10
N LYS K 214 54.27 -31.74 -48.61
CA LYS K 214 53.25 -31.05 -47.83
C LYS K 214 52.55 -32.08 -46.95
N VAL K 215 53.21 -32.47 -45.86
CA VAL K 215 52.64 -33.39 -44.91
C VAL K 215 51.65 -32.63 -44.03
N ASN K 216 50.79 -33.37 -43.34
CA ASN K 216 49.77 -32.74 -42.52
C ASN K 216 50.19 -32.62 -41.07
N GLY K 217 51.24 -33.32 -40.65
CA GLY K 217 51.65 -33.32 -39.27
C GLY K 217 50.83 -34.29 -38.45
N LEU K 218 51.50 -35.11 -37.66
CA LEU K 218 50.79 -36.17 -36.96
C LEU K 218 50.01 -35.65 -35.77
N GLU K 219 50.47 -34.57 -35.14
CA GLU K 219 49.74 -34.03 -34.00
C GLU K 219 48.35 -33.51 -34.34
N PRO K 220 48.10 -32.76 -35.43
CA PRO K 220 46.69 -32.43 -35.74
C PRO K 220 45.88 -33.61 -36.18
N GLN K 221 46.50 -34.65 -36.75
CA GLN K 221 45.75 -35.86 -37.09
C GLN K 221 45.31 -36.59 -35.83
N VAL K 222 46.20 -36.69 -34.86
CA VAL K 222 45.87 -37.25 -33.56
C VAL K 222 44.86 -36.38 -32.85
N LYS K 223 44.97 -35.06 -33.02
CA LYS K 223 44.00 -34.14 -32.43
C LYS K 223 42.64 -34.31 -33.08
N THR K 224 42.62 -34.57 -34.38
CA THR K 224 41.37 -34.78 -35.10
C THR K 224 40.70 -36.07 -34.67
N LYS K 225 41.49 -37.14 -34.54
CA LYS K 225 40.94 -38.40 -34.06
C LYS K 225 40.57 -38.31 -32.58
N TYR K 226 41.23 -37.42 -31.83
CA TYR K 226 40.80 -37.13 -30.48
C TYR K 226 39.47 -36.39 -30.48
N ASP K 227 39.26 -35.54 -31.47
CA ASP K 227 37.97 -34.86 -31.60
C ASP K 227 36.89 -35.84 -32.00
N LEU K 228 37.27 -36.86 -32.77
CA LEU K 228 36.36 -37.97 -33.04
C LEU K 228 36.02 -38.69 -31.75
N MET K 229 37.03 -39.17 -31.03
CA MET K 229 36.79 -39.83 -29.76
C MET K 229 36.27 -38.90 -28.64
N GLU K 230 36.13 -37.62 -28.91
CA GLU K 230 35.38 -36.70 -28.07
C GLU K 230 33.93 -36.59 -28.51
N LYS K 231 33.67 -36.49 -29.80
CA LYS K 231 32.32 -36.27 -30.31
C LYS K 231 31.80 -37.40 -31.18
N SER K 232 32.58 -37.83 -32.18
CA SER K 232 32.19 -38.96 -33.02
C SER K 232 32.41 -40.30 -32.33
N ASN K 233 32.93 -40.27 -31.10
CA ASN K 233 32.83 -41.41 -30.20
C ASN K 233 31.39 -41.83 -29.98
N MET K 234 30.47 -40.85 -29.97
CA MET K 234 29.03 -41.05 -29.99
C MET K 234 28.52 -41.76 -28.75
N ARG K 235 28.98 -41.29 -27.58
CA ARG K 235 28.40 -41.72 -26.31
C ARG K 235 26.92 -41.37 -26.23
N LYS K 236 26.51 -40.26 -26.85
CA LYS K 236 25.09 -39.96 -26.98
C LYS K 236 24.38 -41.00 -27.81
N SER K 237 25.06 -41.55 -28.84
CA SER K 237 24.45 -42.65 -29.58
C SER K 237 24.45 -43.93 -28.77
N ILE K 238 25.41 -44.11 -27.86
CA ILE K 238 25.33 -45.23 -26.93
C ILE K 238 24.10 -45.09 -26.03
N LYS K 239 23.83 -43.86 -25.57
CA LYS K 239 22.64 -43.56 -24.80
C LYS K 239 21.37 -43.85 -25.59
N GLU K 240 21.32 -43.35 -26.82
CA GLU K 240 20.14 -43.52 -27.66
C GLU K 240 19.96 -44.95 -28.12
N LEU K 241 21.03 -45.70 -28.29
CA LEU K 241 20.90 -47.11 -28.62
C LEU K 241 20.51 -47.94 -27.43
N ASP K 242 20.93 -47.57 -26.22
CA ASP K 242 20.38 -48.22 -25.04
C ASP K 242 18.92 -47.87 -24.86
N GLU K 243 18.54 -46.65 -25.24
CA GLU K 243 17.13 -46.28 -25.27
C GLU K 243 16.37 -47.11 -26.31
N LYS K 244 17.01 -47.37 -27.45
CA LYS K 244 16.44 -48.26 -28.45
C LYS K 244 16.27 -49.67 -27.92
N ILE K 245 17.27 -50.15 -27.17
CA ILE K 245 17.19 -51.46 -26.51
C ILE K 245 16.00 -51.52 -25.57
N LYS K 246 15.87 -50.51 -24.71
CA LYS K 246 14.81 -50.58 -23.70
C LYS K 246 13.44 -50.35 -24.31
N GLU K 247 13.35 -49.61 -25.41
CA GLU K 247 12.06 -49.44 -26.08
C GLU K 247 11.64 -50.72 -26.79
N LYS K 248 12.56 -51.33 -27.54
CA LYS K 248 12.26 -52.61 -28.18
C LYS K 248 12.00 -53.69 -27.16
N ARG K 249 12.74 -53.68 -26.05
CA ARG K 249 12.57 -54.67 -24.99
C ARG K 249 11.24 -54.48 -24.29
N GLN K 250 10.85 -53.23 -24.06
CA GLN K 250 9.54 -52.94 -23.48
C GLN K 250 8.42 -53.41 -24.38
N ARG K 251 8.55 -53.15 -25.69
CA ARG K 251 7.55 -53.60 -26.65
C ARG K 251 7.45 -55.12 -26.68
N ILE K 252 8.59 -55.80 -26.71
CA ILE K 252 8.52 -57.25 -26.83
C ILE K 252 8.17 -57.90 -25.50
N GLU K 253 8.37 -57.26 -24.37
CA GLU K 253 7.88 -57.85 -23.12
C GLU K 253 6.39 -57.58 -22.93
N GLN K 254 5.90 -56.46 -23.46
CA GLN K 254 4.46 -56.32 -23.67
C GLN K 254 3.93 -57.44 -24.54
N LEU K 255 4.69 -57.79 -25.58
CA LEU K 255 4.33 -58.92 -26.43
C LEU K 255 4.43 -60.25 -25.69
N LYS K 256 5.33 -60.36 -24.72
CA LYS K 256 5.42 -61.56 -23.89
C LYS K 256 4.16 -61.74 -23.05
N LYS K 257 3.76 -60.67 -22.36
CA LYS K 257 2.57 -60.73 -21.51
C LYS K 257 1.32 -60.95 -22.36
N ASP K 258 1.24 -60.24 -23.49
CA ASP K 258 0.20 -60.47 -24.48
C ASP K 258 0.21 -61.90 -24.95
N TYR K 259 1.38 -62.49 -25.17
CA TYR K 259 1.46 -63.84 -25.68
C TYR K 259 1.00 -64.88 -24.68
N ASP K 260 1.30 -64.66 -23.39
CA ASP K 260 0.77 -65.54 -22.36
C ASP K 260 -0.75 -65.46 -22.32
N LYS K 261 -1.29 -64.25 -22.48
CA LYS K 261 -2.73 -64.12 -22.57
C LYS K 261 -3.27 -64.70 -23.89
N PHE K 262 -2.44 -64.68 -24.95
CA PHE K 262 -2.83 -65.24 -26.24
C PHE K 262 -2.99 -66.74 -26.14
N VAL K 263 -2.01 -67.41 -25.53
CA VAL K 263 -2.12 -68.87 -25.42
C VAL K 263 -3.20 -69.25 -24.44
N GLY K 264 -3.44 -68.43 -23.40
CA GLY K 264 -4.56 -68.68 -22.52
C GLY K 264 -5.90 -68.63 -23.22
N LEU K 265 -6.14 -67.56 -23.97
CA LEU K 265 -7.42 -67.42 -24.68
C LEU K 265 -7.54 -68.39 -25.83
N SER K 266 -6.44 -68.73 -26.51
CA SER K 266 -6.49 -69.71 -27.57
C SER K 266 -6.80 -71.09 -27.02
N PHE K 267 -6.32 -71.40 -25.82
CA PHE K 267 -6.61 -72.70 -25.26
C PHE K 267 -8.04 -72.76 -24.74
N THR K 268 -8.58 -71.64 -24.27
CA THR K 268 -10.00 -71.61 -23.90
C THR K 268 -10.88 -71.77 -25.13
N GLY K 269 -10.53 -71.09 -26.22
CA GLY K 269 -11.21 -71.30 -27.48
C GLY K 269 -11.03 -72.68 -28.04
N ALA K 270 -9.95 -73.36 -27.66
CA ALA K 270 -9.78 -74.77 -28.02
C ALA K 270 -10.77 -75.64 -27.27
N ILE K 271 -10.67 -75.67 -25.95
CA ILE K 271 -11.21 -76.76 -25.15
C ILE K 271 -12.74 -76.76 -25.02
N GLY K 272 -13.41 -75.83 -25.68
CA GLY K 272 -14.86 -75.79 -25.67
C GLY K 272 -15.55 -76.98 -26.32
N GLY K 273 -15.42 -77.09 -27.64
CA GLY K 273 -16.11 -78.15 -28.35
C GLY K 273 -15.32 -78.58 -29.57
N ILE K 274 -16.00 -79.32 -30.45
CA ILE K 274 -15.35 -79.95 -31.59
C ILE K 274 -14.86 -78.91 -32.59
N ILE K 275 -15.79 -78.13 -33.14
CA ILE K 275 -15.42 -77.10 -34.09
C ILE K 275 -14.68 -75.95 -33.42
N ALA K 276 -14.83 -75.80 -32.10
CA ALA K 276 -14.03 -74.82 -31.36
C ALA K 276 -12.56 -75.20 -31.37
N MET K 277 -12.26 -76.44 -30.96
CA MET K 277 -10.94 -77.06 -31.16
C MET K 277 -10.44 -76.86 -32.57
N ALA K 278 -11.30 -77.12 -33.56
CA ALA K 278 -10.94 -77.04 -34.97
C ALA K 278 -10.45 -75.64 -35.35
N ILE K 279 -11.33 -74.63 -35.18
CA ILE K 279 -11.01 -73.30 -35.68
C ILE K 279 -9.91 -72.65 -34.85
N THR K 280 -9.91 -72.84 -33.54
CA THR K 280 -8.95 -72.12 -32.72
C THR K 280 -7.58 -72.79 -32.74
N GLY K 281 -7.53 -74.12 -32.68
CA GLY K 281 -6.26 -74.79 -32.85
C GLY K 281 -5.70 -74.70 -34.26
N GLY K 282 -6.56 -74.48 -35.26
CA GLY K 282 -6.06 -74.22 -36.58
C GLY K 282 -5.42 -72.84 -36.66
N ILE K 283 -6.13 -71.82 -36.18
CA ILE K 283 -5.62 -70.46 -36.33
C ILE K 283 -4.56 -70.18 -35.29
N PHE K 284 -4.95 -70.15 -34.03
CA PHE K 284 -4.04 -69.67 -33.00
C PHE K 284 -3.17 -70.76 -32.43
N GLY K 285 -3.49 -72.03 -32.68
CA GLY K 285 -2.54 -73.08 -32.43
C GLY K 285 -1.28 -72.92 -33.27
N ALA K 286 -1.46 -72.45 -34.51
CA ALA K 286 -0.30 -72.13 -35.33
C ALA K 286 0.26 -70.75 -35.00
N LYS K 287 -0.62 -69.78 -34.73
CA LYS K 287 -0.18 -68.42 -34.46
C LYS K 287 0.59 -68.31 -33.16
N ALA K 288 0.30 -69.17 -32.18
CA ALA K 288 1.05 -69.18 -30.94
C ALA K 288 2.50 -69.55 -31.19
N GLU K 289 2.71 -70.64 -31.94
CA GLU K 289 4.06 -71.06 -32.29
C GLU K 289 4.77 -70.04 -33.16
N ASN K 290 4.04 -69.44 -34.11
CA ASN K 290 4.66 -68.50 -35.05
C ASN K 290 5.04 -67.20 -34.36
N ALA K 291 4.09 -66.60 -33.64
CA ALA K 291 4.35 -65.38 -32.90
C ALA K 291 5.35 -65.62 -31.78
N ARG K 292 5.39 -66.83 -31.22
CA ARG K 292 6.35 -67.14 -30.17
C ARG K 292 7.76 -67.23 -30.73
N LYS K 293 7.91 -67.87 -31.88
CA LYS K 293 9.23 -67.99 -32.49
C LYS K 293 9.73 -66.64 -32.98
N GLU K 294 8.84 -65.85 -33.59
CA GLU K 294 9.19 -64.49 -33.99
C GLU K 294 9.53 -63.62 -32.78
N LYS K 295 8.76 -63.79 -31.71
CA LYS K 295 8.97 -63.03 -30.48
C LYS K 295 10.29 -63.41 -29.82
N ASN K 296 10.64 -64.69 -29.83
CA ASN K 296 11.91 -65.10 -29.25
C ASN K 296 13.07 -64.74 -30.15
N ALA K 297 12.84 -64.64 -31.44
CA ALA K 297 13.83 -64.04 -32.33
C ALA K 297 14.05 -62.57 -31.97
N LEU K 298 12.97 -61.86 -31.62
CA LEU K 298 13.12 -60.48 -31.16
C LEU K 298 13.84 -60.40 -29.83
N ILE K 299 13.58 -61.38 -28.94
CA ILE K 299 14.32 -61.52 -27.69
C ILE K 299 15.81 -61.65 -27.97
N SER K 300 16.14 -62.52 -28.93
CA SER K 300 17.54 -62.73 -29.30
C SER K 300 18.14 -61.48 -29.91
N GLU K 301 17.37 -60.73 -30.70
CA GLU K 301 17.88 -59.52 -31.32
C GLU K 301 18.18 -58.44 -30.29
N VAL K 302 17.27 -58.23 -29.35
CA VAL K 302 17.51 -57.22 -28.32
C VAL K 302 18.61 -57.69 -27.38
N ALA K 303 18.72 -59.00 -27.16
CA ALA K 303 19.83 -59.53 -26.38
C ALA K 303 21.16 -59.35 -27.10
N GLU K 304 21.16 -59.40 -28.43
CA GLU K 304 22.39 -59.13 -29.16
C GLU K 304 22.71 -57.66 -29.20
N LEU K 305 21.69 -56.80 -29.18
CA LEU K 305 21.94 -55.36 -29.08
C LEU K 305 22.54 -55.02 -27.72
N GLU K 306 22.05 -55.69 -26.68
CA GLU K 306 22.70 -55.63 -25.38
C GLU K 306 24.13 -56.15 -25.47
N SER K 307 24.31 -57.27 -26.14
CA SER K 307 25.62 -57.83 -26.44
C SER K 307 26.39 -56.98 -27.43
N LYS K 308 25.73 -56.14 -28.19
CA LYS K 308 26.53 -55.22 -28.97
C LYS K 308 26.73 -53.90 -28.26
N VAL K 309 25.66 -53.12 -28.06
CA VAL K 309 25.85 -51.73 -27.67
C VAL K 309 25.64 -51.48 -26.18
N SER K 310 24.92 -52.32 -25.43
CA SER K 310 25.11 -52.28 -24.00
C SER K 310 26.44 -52.91 -23.59
N SER K 311 27.01 -53.75 -24.46
CA SER K 311 28.42 -54.08 -24.33
C SER K 311 29.30 -52.96 -24.84
N GLN K 312 28.81 -52.19 -25.81
CA GLN K 312 29.58 -51.01 -26.18
C GLN K 312 29.39 -49.86 -25.22
N ARG K 313 28.61 -50.01 -24.16
CA ARG K 313 28.76 -49.12 -23.01
C ARG K 313 30.16 -49.25 -22.44
N ALA K 314 30.58 -50.48 -22.11
CA ALA K 314 31.91 -50.71 -21.58
C ALA K 314 32.98 -50.53 -22.65
N LEU K 315 32.67 -50.90 -23.90
CA LEU K 315 33.62 -50.64 -24.98
C LEU K 315 33.78 -49.14 -25.22
N GLN K 316 32.69 -48.38 -25.08
CA GLN K 316 32.73 -46.93 -25.14
C GLN K 316 33.55 -46.37 -24.00
N THR K 317 33.44 -46.97 -22.83
CA THR K 317 34.23 -46.54 -21.68
C THR K 317 35.73 -46.80 -21.93
N ALA K 318 36.03 -47.93 -22.57
CA ALA K 318 37.41 -48.21 -22.96
C ALA K 318 37.89 -47.22 -24.00
N LEU K 319 37.01 -46.83 -24.92
CA LEU K 319 37.33 -45.77 -25.87
C LEU K 319 37.54 -44.44 -25.19
N GLU K 320 36.82 -44.19 -24.11
CA GLU K 320 36.99 -42.96 -23.36
C GLU K 320 38.32 -42.93 -22.62
N ALA K 321 38.73 -44.08 -22.08
CA ALA K 321 40.07 -44.19 -21.50
C ALA K 321 41.14 -44.09 -22.57
N LEU K 322 40.85 -44.59 -23.77
CA LEU K 322 41.78 -44.46 -24.88
C LEU K 322 41.89 -43.01 -25.33
N SER K 323 40.79 -42.29 -25.31
CA SER K 323 40.79 -40.87 -25.63
C SER K 323 41.49 -40.08 -24.56
N LEU K 324 41.39 -40.52 -23.30
CA LEU K 324 42.20 -39.96 -22.22
C LEU K 324 43.68 -40.14 -22.49
N SER K 325 44.06 -41.36 -22.90
CA SER K 325 45.45 -41.64 -23.24
C SER K 325 45.91 -40.81 -24.43
N PHE K 326 45.03 -40.62 -25.40
CA PHE K 326 45.34 -39.82 -26.57
C PHE K 326 45.47 -38.36 -26.20
N SER K 327 44.66 -37.89 -25.25
CA SER K 327 44.78 -36.52 -24.77
C SER K 327 46.10 -36.32 -24.07
N ASP K 328 46.53 -37.33 -23.31
CA ASP K 328 47.85 -37.28 -22.69
C ASP K 328 48.95 -37.19 -23.73
N ILE K 329 48.87 -38.06 -24.74
CA ILE K 329 49.85 -38.09 -25.83
C ILE K 329 49.88 -36.75 -26.55
N GLY K 330 48.71 -36.14 -26.75
CA GLY K 330 48.65 -34.84 -27.40
C GLY K 330 49.21 -33.73 -26.56
N ILE K 331 49.01 -33.79 -25.23
CA ILE K 331 49.65 -32.84 -24.33
C ILE K 331 51.16 -32.93 -24.44
N ARG K 332 51.68 -34.16 -24.45
CA ARG K 332 53.13 -34.30 -24.54
C ARG K 332 53.64 -33.96 -25.94
N MET K 333 52.78 -34.06 -26.95
CA MET K 333 53.13 -33.55 -28.27
C MET K 333 53.20 -32.04 -28.28
N VAL K 334 52.32 -31.37 -27.54
CA VAL K 334 52.40 -29.91 -27.41
C VAL K 334 53.68 -29.53 -26.67
N ASP K 335 54.05 -30.34 -25.68
CA ASP K 335 55.30 -30.13 -24.96
C ASP K 335 56.50 -30.28 -25.89
N ALA K 336 56.48 -31.31 -26.72
CA ALA K 336 57.52 -31.50 -27.72
C ALA K 336 57.48 -30.41 -28.78
N GLU K 337 56.31 -29.83 -29.02
CA GLU K 337 56.18 -28.75 -29.97
C GLU K 337 56.88 -27.49 -29.47
N SER K 338 56.67 -27.15 -28.20
CA SER K 338 57.41 -26.05 -27.60
C SER K 338 58.89 -26.36 -27.51
N ALA K 339 59.23 -27.64 -27.27
CA ALA K 339 60.61 -28.08 -27.26
C ALA K 339 61.29 -27.81 -28.59
N LEU K 340 60.66 -28.25 -29.67
CA LEU K 340 61.18 -28.01 -31.01
C LEU K 340 61.11 -26.56 -31.40
N ASN K 341 60.19 -25.79 -30.80
CA ASN K 341 60.15 -24.34 -31.03
C ASN K 341 61.42 -23.69 -30.52
N HIS K 342 61.71 -23.86 -29.22
CA HIS K 342 62.92 -23.29 -28.64
C HIS K 342 64.17 -23.87 -29.28
N LEU K 343 64.13 -25.17 -29.60
CA LEU K 343 65.25 -25.86 -30.21
C LEU K 343 65.56 -25.33 -31.60
N ASP K 344 64.55 -25.30 -32.46
CA ASP K 344 64.75 -24.86 -33.83
C ASP K 344 65.06 -23.38 -33.89
N PHE K 345 64.57 -22.59 -32.93
CA PHE K 345 64.98 -21.19 -32.89
C PHE K 345 66.44 -21.06 -32.52
N MET K 346 66.93 -21.92 -31.61
CA MET K 346 68.36 -21.99 -31.35
C MET K 346 69.14 -22.36 -32.59
N TRP K 347 68.68 -23.38 -33.33
CA TRP K 347 69.38 -23.81 -34.54
C TRP K 347 69.40 -22.72 -35.59
N LEU K 348 68.30 -21.98 -35.69
CA LEU K 348 68.27 -20.83 -36.57
C LEU K 348 69.26 -19.78 -36.13
N SER K 349 69.39 -19.53 -34.82
CA SER K 349 70.36 -18.57 -34.32
C SER K 349 71.79 -19.02 -34.63
N VAL K 350 72.04 -20.32 -34.57
CA VAL K 350 73.34 -20.88 -34.92
C VAL K 350 73.66 -20.60 -36.39
N LEU K 351 72.73 -20.97 -37.28
CA LEU K 351 72.94 -20.75 -38.70
C LEU K 351 73.00 -19.27 -39.05
N ASN K 352 72.27 -18.45 -38.29
CA ASN K 352 72.35 -17.00 -38.40
C ASN K 352 73.76 -16.51 -38.18
N GLN K 353 74.35 -16.88 -37.05
CA GLN K 353 75.67 -16.38 -36.72
C GLN K 353 76.74 -16.96 -37.65
N ILE K 354 76.50 -18.15 -38.18
CA ILE K 354 77.37 -18.69 -39.22
C ILE K 354 77.33 -17.80 -40.46
N THR K 355 76.13 -17.42 -40.91
CA THR K 355 76.01 -16.56 -42.06
C THR K 355 76.56 -15.16 -41.79
N GLU K 356 76.41 -14.69 -40.55
CA GLU K 356 77.02 -13.43 -40.11
C GLU K 356 78.52 -13.46 -40.29
N SER K 357 79.14 -14.59 -39.95
CA SER K 357 80.56 -14.75 -40.20
C SER K 357 80.85 -14.81 -41.70
N GLN K 358 80.06 -15.58 -42.45
CA GLN K 358 80.41 -15.92 -43.83
C GLN K 358 80.26 -14.76 -44.80
N ILE K 359 79.32 -13.86 -44.55
CA ILE K 359 79.16 -12.68 -45.40
C ILE K 359 80.42 -11.81 -45.34
N GLN K 360 80.90 -11.58 -44.13
CA GLN K 360 82.13 -10.83 -43.94
C GLN K 360 83.36 -11.65 -44.30
N PHE K 361 83.24 -12.98 -44.33
CA PHE K 361 84.32 -13.82 -44.84
C PHE K 361 84.44 -13.67 -46.34
N ALA K 362 83.32 -13.45 -47.01
CA ALA K 362 83.36 -13.18 -48.44
C ALA K 362 84.02 -11.85 -48.77
N MET K 363 84.02 -10.91 -47.82
CA MET K 363 84.67 -9.62 -47.98
C MET K 363 86.19 -9.71 -47.98
N ILE K 364 86.76 -10.84 -47.54
CA ILE K 364 88.19 -10.97 -47.33
C ILE K 364 88.89 -11.09 -48.69
N ASN K 365 89.91 -10.26 -48.90
CA ASN K 365 90.66 -10.22 -50.14
C ASN K 365 92.13 -9.97 -49.81
N ASN K 366 92.91 -9.60 -50.81
CA ASN K 366 94.29 -9.16 -50.60
C ASN K 366 94.41 -7.66 -50.41
N ALA K 367 93.29 -6.96 -50.38
CA ALA K 367 93.25 -5.51 -50.11
C ALA K 367 92.93 -5.23 -48.66
N LEU K 368 93.45 -6.05 -47.75
CA LEU K 368 93.22 -5.89 -46.32
C LEU K 368 94.22 -4.88 -45.78
N ARG K 369 93.83 -3.61 -45.75
CA ARG K 369 94.70 -2.53 -45.34
C ARG K 369 94.76 -2.45 -43.82
N LEU K 370 95.28 -1.35 -43.29
CA LEU K 370 95.54 -1.22 -41.85
C LEU K 370 94.27 -1.26 -41.01
N THR K 371 93.47 -0.22 -41.06
CA THR K 371 92.26 -0.24 -40.27
C THR K 371 91.14 -0.97 -40.97
N SER K 372 91.26 -1.15 -42.29
CA SER K 372 90.37 -2.05 -43.02
C SER K 372 90.51 -3.47 -42.49
N PHE K 373 91.74 -3.90 -42.23
CA PHE K 373 91.93 -5.22 -41.66
C PHE K 373 91.66 -5.24 -40.18
N VAL K 374 91.79 -4.09 -39.48
CA VAL K 374 91.31 -4.01 -38.10
C VAL K 374 89.81 -4.25 -38.05
N ASN K 375 89.07 -3.62 -38.96
CA ASN K 375 87.63 -3.79 -39.03
C ASN K 375 87.27 -5.20 -39.48
N LYS K 376 88.08 -5.77 -40.38
CA LYS K 376 87.82 -7.13 -40.85
C LYS K 376 88.12 -8.16 -39.78
N PHE K 377 89.22 -7.95 -39.05
CA PHE K 377 89.56 -8.66 -37.82
C PHE K 377 88.38 -8.66 -36.85
N GLN K 378 87.76 -7.49 -36.65
CA GLN K 378 86.59 -7.39 -35.79
C GLN K 378 85.40 -8.15 -36.35
N GLN K 379 85.18 -8.04 -37.67
CA GLN K 379 84.11 -8.76 -38.34
C GLN K 379 84.27 -10.27 -38.20
N VAL K 380 85.52 -10.73 -38.20
CA VAL K 380 85.80 -12.14 -37.95
C VAL K 380 85.43 -12.49 -36.51
N ILE K 381 86.02 -11.78 -35.55
CA ILE K 381 85.92 -12.22 -34.16
C ILE K 381 84.56 -11.96 -33.52
N THR K 382 83.71 -11.16 -34.14
CA THR K 382 82.48 -10.78 -33.47
C THR K 382 81.42 -11.89 -33.35
N PRO K 383 81.02 -12.63 -34.40
CA PRO K 383 79.92 -13.59 -34.20
C PRO K 383 80.34 -14.81 -33.41
N TRP K 384 81.62 -15.18 -33.45
CA TRP K 384 82.03 -16.45 -32.88
C TRP K 384 82.06 -16.41 -31.37
N GLN K 385 82.09 -15.23 -30.78
CA GLN K 385 81.90 -15.10 -29.34
C GLN K 385 80.51 -15.58 -28.94
N SER K 386 79.48 -15.10 -29.63
CA SER K 386 78.12 -15.53 -29.36
C SER K 386 77.91 -16.99 -29.75
N VAL K 387 78.60 -17.44 -30.81
CA VAL K 387 78.58 -18.86 -31.19
C VAL K 387 79.08 -19.73 -30.04
N GLY K 388 80.24 -19.37 -29.48
CA GLY K 388 80.79 -20.13 -28.37
C GLY K 388 79.94 -20.06 -27.12
N ASP K 389 79.31 -18.91 -26.87
CA ASP K 389 78.45 -18.76 -25.70
C ASP K 389 77.24 -19.70 -25.79
N SER K 390 76.52 -19.62 -26.91
CA SER K 390 75.38 -20.49 -27.13
C SER K 390 75.78 -21.95 -27.17
N ALA K 391 76.99 -22.23 -27.69
CA ALA K 391 77.43 -23.61 -27.81
C ALA K 391 77.77 -24.20 -26.45
N ARG K 392 78.42 -23.43 -25.57
CA ARG K 392 78.75 -23.95 -24.24
C ARG K 392 77.50 -24.11 -23.39
N GLN K 393 76.57 -23.14 -23.49
CA GLN K 393 75.28 -23.30 -22.82
C GLN K 393 74.54 -24.51 -23.35
N LEU K 394 74.68 -24.79 -24.64
CA LEU K 394 73.98 -25.91 -25.24
C LEU K 394 74.61 -27.23 -24.82
N VAL K 395 75.94 -27.26 -24.70
CA VAL K 395 76.65 -28.43 -24.16
C VAL K 395 76.22 -28.68 -22.72
N ASP K 396 75.98 -27.62 -21.96
CA ASP K 396 75.46 -27.78 -20.61
C ASP K 396 74.05 -28.38 -20.62
N ILE K 397 73.20 -27.94 -21.55
CA ILE K 397 71.87 -28.51 -21.73
C ILE K 397 71.97 -29.99 -22.06
N PHE K 398 72.94 -30.34 -22.91
CA PHE K 398 73.21 -31.73 -23.26
C PHE K 398 73.62 -32.54 -22.04
N ASP K 399 74.47 -31.95 -21.21
CA ASP K 399 75.11 -32.70 -20.14
C ASP K 399 74.14 -32.95 -18.99
N GLU K 400 73.35 -31.93 -18.63
CA GLU K 400 72.55 -32.03 -17.41
C GLU K 400 71.36 -32.97 -17.57
N ALA K 401 70.94 -33.25 -18.80
CA ALA K 401 69.81 -34.15 -18.99
C ALA K 401 70.22 -35.61 -18.84
N ILE K 402 71.53 -35.87 -18.87
CA ILE K 402 72.03 -37.24 -18.88
C ILE K 402 71.75 -37.91 -17.54
N LYS K 403 71.89 -37.18 -16.45
CA LYS K 403 71.64 -37.77 -15.14
C LYS K 403 70.17 -37.93 -14.85
N GLU K 404 69.29 -37.28 -15.63
CA GLU K 404 67.87 -37.29 -15.37
C GLU K 404 67.25 -38.66 -15.58
N TYR K 405 67.85 -39.47 -16.46
CA TYR K 405 67.29 -40.77 -16.77
C TYR K 405 67.41 -41.73 -15.61
N LYS K 406 68.60 -41.83 -15.03
CA LYS K 406 68.82 -42.76 -13.94
C LYS K 406 68.11 -42.31 -12.67
N LYS K 407 67.90 -41.00 -12.52
CA LYS K 407 67.16 -40.50 -11.37
C LYS K 407 65.68 -40.82 -11.50
N VAL K 408 65.15 -40.76 -12.73
CA VAL K 408 63.70 -40.80 -12.88
C VAL K 408 63.25 -42.07 -13.57
N TYR K 409 63.78 -42.32 -14.76
CA TYR K 409 63.35 -43.47 -15.55
C TYR K 409 63.92 -44.75 -14.93
N LEU L 12 59.01 5.28 -34.76
CA LEU L 12 58.13 5.89 -33.77
C LEU L 12 57.77 4.89 -32.68
N SER L 13 56.49 4.88 -32.30
CA SER L 13 56.03 3.98 -31.25
C SER L 13 56.03 2.55 -31.75
N TYR L 14 56.16 1.61 -30.81
CA TYR L 14 56.15 0.17 -31.12
C TYR L 14 54.95 -0.44 -30.42
N PRO L 15 53.81 -0.54 -31.08
CA PRO L 15 52.61 -1.09 -30.44
C PRO L 15 52.73 -2.59 -30.22
N ASP L 16 51.86 -3.10 -29.35
CA ASP L 16 51.90 -4.51 -28.95
C ASP L 16 51.45 -5.38 -30.10
N ILE L 17 52.15 -6.51 -30.26
CA ILE L 17 51.84 -7.48 -31.30
C ILE L 17 51.72 -8.81 -30.57
N ASN L 18 50.50 -9.16 -30.16
CA ASN L 18 50.33 -10.26 -29.21
C ASN L 18 50.46 -11.59 -29.92
N PHE L 19 51.64 -12.19 -29.80
CA PHE L 19 51.85 -13.52 -30.38
C PHE L 19 51.17 -14.63 -29.63
N LYS L 20 50.64 -14.36 -28.44
CA LYS L 20 49.76 -15.34 -27.79
C LYS L 20 48.50 -15.53 -28.62
N ILE L 21 47.87 -14.43 -29.02
CA ILE L 21 46.71 -14.47 -29.91
C ILE L 21 47.09 -15.07 -31.25
N PHE L 22 48.30 -14.76 -31.73
CA PHE L 22 48.77 -15.25 -33.02
C PHE L 22 48.94 -16.77 -33.01
N SER L 23 49.67 -17.28 -32.04
CA SER L 23 49.87 -18.72 -31.94
C SER L 23 48.58 -19.44 -31.61
N GLN L 24 47.69 -18.77 -30.86
CA GLN L 24 46.36 -19.32 -30.62
C GLN L 24 45.58 -19.46 -31.92
N GLY L 25 45.64 -18.45 -32.78
CA GLY L 25 44.94 -18.52 -34.05
C GLY L 25 45.53 -19.54 -34.99
N VAL L 26 46.86 -19.68 -34.98
CA VAL L 26 47.52 -20.71 -35.77
C VAL L 26 47.11 -22.09 -35.30
N LYS L 27 47.07 -22.29 -33.98
CA LYS L 27 46.62 -23.55 -33.41
C LYS L 27 45.15 -23.82 -33.71
N ASN L 28 44.34 -22.77 -33.80
CA ASN L 28 42.93 -22.96 -34.13
C ASN L 28 42.75 -23.31 -35.60
N ILE L 29 43.54 -22.68 -36.47
CA ILE L 29 43.47 -22.96 -37.90
C ILE L 29 43.92 -24.38 -38.19
N SER L 30 45.08 -24.76 -37.67
CA SER L 30 45.55 -26.13 -37.77
C SER L 30 44.63 -27.10 -37.06
N HIS L 31 43.96 -26.64 -36.01
CA HIS L 31 42.99 -27.40 -35.27
C HIS L 31 41.69 -27.57 -36.03
N LEU L 32 41.26 -26.54 -36.75
CA LEU L 32 40.00 -26.64 -37.48
C LEU L 32 40.21 -26.78 -38.97
N ALA L 33 41.39 -27.21 -39.40
CA ALA L 33 41.67 -27.38 -40.81
C ALA L 33 40.81 -28.47 -41.43
N GLN L 34 41.01 -29.71 -40.98
CA GLN L 34 40.31 -30.84 -41.59
C GLN L 34 38.99 -31.12 -40.88
N PHE L 35 38.16 -30.10 -40.73
CA PHE L 35 36.94 -30.25 -39.95
C PHE L 35 35.73 -30.58 -40.81
N LYS L 36 35.37 -29.68 -41.72
CA LYS L 36 34.07 -29.71 -42.37
C LYS L 36 34.08 -30.67 -43.55
N THR L 37 33.43 -31.82 -43.41
CA THR L 37 33.25 -32.77 -44.49
C THR L 37 31.75 -32.86 -44.74
N THR L 38 31.22 -31.93 -45.54
CA THR L 38 29.77 -31.81 -45.71
C THR L 38 29.33 -31.89 -47.17
N GLY L 39 30.05 -31.23 -48.07
CA GLY L 39 29.62 -31.22 -49.45
C GLY L 39 29.90 -29.94 -50.21
N VAL L 40 30.14 -28.83 -49.50
CA VAL L 40 30.59 -27.63 -50.19
C VAL L 40 32.06 -27.76 -50.54
N GLU L 41 32.92 -27.84 -49.52
CA GLU L 41 34.27 -28.40 -49.52
C GLU L 41 35.29 -27.55 -50.26
N VAL L 42 34.83 -26.58 -51.03
CA VAL L 42 35.74 -25.63 -51.64
C VAL L 42 36.03 -24.53 -50.64
N LEU L 43 35.09 -24.32 -49.71
CA LEU L 43 35.39 -23.53 -48.53
C LEU L 43 36.48 -24.20 -47.70
N GLN L 44 36.44 -25.53 -47.59
CA GLN L 44 37.49 -26.22 -46.86
C GLN L 44 38.79 -26.20 -47.64
N GLU L 45 38.70 -26.20 -48.97
CA GLU L 45 39.87 -26.04 -49.81
C GLU L 45 40.54 -24.68 -49.59
N LYS L 46 39.72 -23.64 -49.50
CA LYS L 46 40.21 -22.32 -49.17
C LYS L 46 40.78 -22.28 -47.75
N ALA L 47 40.18 -23.02 -46.83
CA ALA L 47 40.73 -23.10 -45.48
C ALA L 47 42.07 -23.81 -45.48
N LEU L 48 42.24 -24.80 -46.35
CA LEU L 48 43.54 -25.44 -46.52
C LEU L 48 44.56 -24.47 -47.06
N ARG L 49 44.12 -23.61 -48.00
CA ARG L 49 44.99 -22.56 -48.50
C ARG L 49 45.40 -21.61 -47.39
N VAL L 50 44.44 -21.23 -46.55
CA VAL L 50 44.70 -20.33 -45.42
C VAL L 50 45.67 -20.97 -44.45
N SER L 51 45.50 -22.26 -44.19
CA SER L 51 46.39 -22.97 -43.28
C SER L 51 47.80 -23.09 -43.85
N LEU L 52 47.89 -23.33 -45.16
CA LEU L 52 49.18 -23.39 -45.83
C LEU L 52 49.91 -22.05 -45.73
N TYR L 53 49.22 -20.97 -46.09
CA TYR L 53 49.86 -19.67 -45.99
C TYR L 53 50.04 -19.23 -44.54
N SER L 54 49.29 -19.80 -43.60
CA SER L 54 49.44 -19.43 -42.21
C SER L 54 50.69 -20.06 -41.61
N GLN L 55 50.89 -21.35 -41.86
CA GLN L 55 52.11 -22.01 -41.43
C GLN L 55 53.31 -21.45 -42.19
N ARG L 56 53.10 -21.12 -43.46
CA ARG L 56 54.12 -20.42 -44.24
C ARG L 56 54.45 -19.08 -43.62
N LEU L 57 53.43 -18.38 -43.13
CA LEU L 57 53.63 -17.09 -42.48
C LEU L 57 54.37 -17.27 -41.17
N ASP L 58 54.13 -18.37 -40.47
CA ASP L 58 54.88 -18.64 -39.26
C ASP L 58 56.35 -18.90 -39.57
N VAL L 59 56.62 -19.61 -40.67
CA VAL L 59 57.98 -19.79 -41.15
C VAL L 59 58.62 -18.44 -41.47
N ILE L 60 57.83 -17.54 -42.07
CA ILE L 60 58.28 -16.18 -42.35
C ILE L 60 58.59 -15.44 -41.05
N VAL L 61 57.78 -15.68 -40.02
CA VAL L 61 58.01 -15.04 -38.72
C VAL L 61 59.33 -15.52 -38.10
N ARG L 62 59.57 -16.83 -38.16
CA ARG L 62 60.79 -17.37 -37.58
C ARG L 62 62.02 -16.91 -38.35
N GLU L 63 61.93 -16.87 -39.69
CA GLU L 63 63.03 -16.40 -40.50
C GLU L 63 63.24 -14.90 -40.33
N SER L 64 62.17 -14.17 -40.06
CA SER L 64 62.28 -12.74 -39.76
C SER L 64 63.03 -12.53 -38.47
N LEU L 65 62.71 -13.33 -37.45
CA LEU L 65 63.43 -13.29 -36.19
C LEU L 65 64.90 -13.67 -36.38
N SER L 66 65.16 -14.59 -37.30
CA SER L 66 66.53 -15.00 -37.59
C SER L 66 67.33 -13.84 -38.18
N SER L 67 66.78 -13.20 -39.21
CA SER L 67 67.44 -12.06 -39.84
C SER L 67 67.53 -10.87 -38.89
N LEU L 68 66.54 -10.72 -38.01
CA LEU L 68 66.60 -9.68 -37.00
C LEU L 68 67.73 -9.90 -36.01
N GLN L 69 67.95 -11.15 -35.61
CA GLN L 69 69.08 -11.45 -34.73
C GLN L 69 70.41 -11.24 -35.46
N VAL L 70 70.44 -11.60 -36.76
CA VAL L 70 71.59 -11.32 -37.63
C VAL L 70 71.93 -9.84 -37.58
N LYS L 71 70.95 -8.99 -37.82
CA LYS L 71 71.24 -7.57 -37.94
C LYS L 71 71.44 -6.92 -36.59
N LEU L 72 70.81 -7.43 -35.53
CA LEU L 72 71.09 -6.93 -34.20
C LEU L 72 72.46 -7.34 -33.71
N GLU L 73 73.05 -8.39 -34.28
CA GLU L 73 74.43 -8.66 -33.91
C GLU L 73 75.44 -8.02 -34.84
N ASN L 74 75.04 -7.67 -36.07
CA ASN L 74 75.97 -7.07 -37.01
C ASN L 74 75.94 -5.54 -36.97
N THR L 75 74.76 -4.96 -37.14
CA THR L 75 74.65 -3.51 -37.03
C THR L 75 74.85 -3.05 -35.60
N LEU L 76 74.00 -3.52 -34.70
CA LEU L 76 73.97 -3.04 -33.32
C LEU L 76 75.20 -3.51 -32.54
N ALA L 77 75.45 -4.81 -32.51
CA ALA L 77 76.46 -5.32 -31.59
C ALA L 77 77.89 -5.12 -32.10
N LEU L 78 78.10 -5.15 -33.41
CA LEU L 78 79.48 -5.02 -33.87
C LEU L 78 79.90 -3.56 -33.80
N THR L 79 81.20 -3.36 -33.61
CA THR L 79 81.79 -2.11 -33.13
C THR L 79 82.47 -1.33 -34.25
N TYR L 80 81.83 -1.24 -35.43
CA TYR L 80 82.27 -0.33 -36.48
C TYR L 80 82.40 1.11 -35.97
N PHE L 81 81.51 1.49 -35.06
CA PHE L 81 81.55 2.77 -34.37
C PHE L 81 82.89 3.01 -33.68
N THR L 82 83.47 1.97 -33.08
CA THR L 82 84.77 2.13 -32.44
C THR L 82 85.88 2.28 -33.48
N THR L 83 85.74 1.65 -34.64
CA THR L 83 86.69 1.88 -35.71
C THR L 83 86.60 3.30 -36.24
N LEU L 84 85.38 3.83 -36.34
CA LEU L 84 85.17 5.22 -36.72
C LEU L 84 85.83 6.16 -35.71
N GLU L 85 85.69 5.85 -34.42
CA GLU L 85 86.38 6.61 -33.39
C GLU L 85 87.89 6.45 -33.49
N GLU L 86 88.37 5.29 -33.91
CA GLU L 86 89.81 5.07 -34.02
C GLU L 86 90.41 5.88 -35.16
N ILE L 87 89.71 5.92 -36.30
CA ILE L 87 90.16 6.79 -37.39
C ILE L 87 90.04 8.26 -37.01
N ASP L 88 89.03 8.62 -36.22
CA ASP L 88 88.91 9.98 -35.71
C ASP L 88 90.10 10.34 -34.81
N GLU L 89 90.53 9.40 -33.97
CA GLU L 89 91.70 9.62 -33.12
C GLU L 89 92.98 9.67 -33.93
N ALA L 90 93.07 8.85 -34.98
CA ALA L 90 94.24 8.86 -35.84
C ALA L 90 94.33 10.13 -36.66
N LEU L 91 93.19 10.76 -36.94
CA LEU L 91 93.23 12.08 -37.57
C LEU L 91 93.54 13.16 -36.55
N ILE L 92 93.08 12.98 -35.31
CA ILE L 92 93.53 13.82 -34.21
C ILE L 92 95.03 13.67 -34.00
N SER L 93 95.56 12.46 -34.21
CA SER L 93 97.00 12.25 -34.24
C SER L 93 97.61 13.00 -35.42
N GLN L 94 98.62 13.82 -35.13
CA GLN L 94 99.29 14.59 -36.16
C GLN L 94 100.09 13.67 -37.07
N ASP L 95 100.06 13.98 -38.36
CA ASP L 95 100.52 13.04 -39.37
C ASP L 95 100.88 13.77 -40.65
N ILE L 96 101.80 13.17 -41.41
CA ILE L 96 102.01 13.58 -42.79
C ILE L 96 100.78 13.16 -43.58
N ASP L 97 99.99 14.13 -44.00
CA ASP L 97 98.68 13.90 -44.59
C ASP L 97 98.73 13.32 -46.00
N GLU L 98 99.92 13.17 -46.56
CA GLU L 98 100.09 12.54 -47.87
C GLU L 98 99.64 11.10 -47.85
N GLU L 99 100.33 10.27 -47.08
CA GLU L 99 99.97 8.87 -47.01
C GLU L 99 98.85 8.62 -46.01
N SER L 100 98.86 9.35 -44.91
CA SER L 100 97.94 9.05 -43.81
C SER L 100 96.53 9.50 -44.12
N LYS L 101 96.32 10.82 -44.21
CA LYS L 101 94.98 11.39 -44.19
C LYS L 101 94.20 11.05 -45.46
N SER L 102 94.92 10.87 -46.57
CA SER L 102 94.30 10.35 -47.78
C SER L 102 93.75 8.95 -47.55
N GLU L 103 94.58 8.05 -47.02
CA GLU L 103 94.12 6.70 -46.77
C GLU L 103 93.20 6.64 -45.55
N MET L 104 93.35 7.57 -44.61
CA MET L 104 92.37 7.69 -43.52
C MET L 104 91.00 8.04 -44.07
N ARG L 105 90.95 8.93 -45.07
CA ARG L 105 89.67 9.28 -45.67
C ARG L 105 89.12 8.13 -46.51
N LYS L 106 90.02 7.39 -47.19
CA LYS L 106 89.58 6.23 -47.95
C LYS L 106 89.01 5.14 -47.05
N GLU L 107 89.58 4.98 -45.87
CA GLU L 107 89.05 3.98 -44.94
C GLU L 107 87.83 4.50 -44.20
N ARG L 108 87.69 5.82 -44.06
CA ARG L 108 86.41 6.40 -43.70
C ARG L 108 85.33 6.01 -44.69
N ILE L 109 85.63 6.17 -45.98
CA ILE L 109 84.72 5.78 -47.06
C ILE L 109 84.43 4.28 -46.99
N ASN L 110 85.43 3.48 -46.61
CA ASN L 110 85.24 2.04 -46.51
C ASN L 110 84.30 1.67 -45.35
N ILE L 111 84.45 2.31 -44.20
CA ILE L 111 83.59 1.96 -43.07
C ILE L 111 82.20 2.54 -43.27
N ILE L 112 82.08 3.71 -43.90
CA ILE L 112 80.79 4.25 -44.29
C ILE L 112 80.13 3.35 -45.32
N LYS L 113 80.93 2.74 -46.19
CA LYS L 113 80.43 1.78 -47.15
C LYS L 113 79.92 0.53 -46.45
N ASN L 114 80.63 0.09 -45.41
CA ASN L 114 80.18 -1.06 -44.64
C ASN L 114 78.88 -0.77 -43.91
N LEU L 115 78.76 0.44 -43.35
CA LEU L 115 77.54 0.87 -42.70
C LEU L 115 76.39 0.95 -43.69
N SER L 116 76.66 1.44 -44.90
CA SER L 116 75.65 1.49 -45.94
C SER L 116 75.26 0.10 -46.40
N ASN L 117 76.20 -0.85 -46.37
CA ASN L 117 75.87 -2.23 -46.63
C ASN L 117 74.95 -2.78 -45.55
N ASP L 118 75.16 -2.36 -44.31
CA ASP L 118 74.28 -2.79 -43.23
C ASP L 118 72.87 -2.24 -43.40
N ILE L 119 72.78 -0.95 -43.74
CA ILE L 119 71.51 -0.31 -44.07
C ILE L 119 70.88 -0.98 -45.29
N THR L 120 71.71 -1.41 -46.23
CA THR L 120 71.23 -2.09 -47.42
C THR L 120 70.63 -3.45 -47.07
N GLN L 121 71.27 -4.16 -46.17
CA GLN L 121 70.72 -5.41 -45.64
C GLN L 121 69.38 -5.17 -44.97
N LEU L 122 69.32 -4.14 -44.12
CA LEU L 122 68.07 -3.72 -43.47
C LEU L 122 66.96 -3.50 -44.47
N LYS L 123 67.21 -2.60 -45.43
CA LYS L 123 66.24 -2.23 -46.44
C LYS L 123 65.80 -3.43 -47.27
N GLN L 124 66.77 -4.11 -47.90
CA GLN L 124 66.48 -5.21 -48.82
C GLN L 124 65.72 -6.33 -48.13
N LEU L 125 66.28 -6.88 -47.05
CA LEU L 125 65.67 -8.07 -46.45
C LEU L 125 64.38 -7.71 -45.73
N PHE L 126 64.31 -6.54 -45.10
CA PHE L 126 63.12 -6.26 -44.33
C PHE L 126 61.96 -5.80 -45.20
N ILE L 127 62.23 -5.01 -46.24
CA ILE L 127 61.21 -4.68 -47.20
C ILE L 127 60.78 -5.93 -47.97
N GLU L 128 61.72 -6.85 -48.23
CA GLU L 128 61.39 -8.08 -48.93
C GLU L 128 60.47 -8.97 -48.10
N LYS L 129 60.81 -9.18 -46.83
CA LYS L 129 59.96 -10.00 -45.99
C LYS L 129 58.68 -9.30 -45.62
N THR L 130 58.69 -7.96 -45.60
CA THR L 130 57.47 -7.21 -45.35
C THR L 130 56.51 -7.35 -46.51
N GLU L 131 57.02 -7.28 -47.74
CA GLU L 131 56.17 -7.52 -48.90
C GLU L 131 55.75 -8.97 -48.99
N LEU L 132 56.56 -9.88 -48.46
CA LEU L 132 56.15 -11.28 -48.39
C LEU L 132 55.02 -11.45 -47.38
N LEU L 133 55.09 -10.72 -46.26
CA LEU L 133 53.99 -10.63 -45.32
C LEU L 133 52.75 -10.04 -45.97
N ASP L 134 52.94 -9.07 -46.87
CA ASP L 134 51.81 -8.48 -47.57
C ASP L 134 51.20 -9.46 -48.56
N LYS L 135 52.04 -10.29 -49.19
CA LYS L 135 51.53 -11.37 -50.05
C LYS L 135 50.70 -12.35 -49.25
N SER L 136 51.20 -12.72 -48.07
CA SER L 136 50.43 -13.59 -47.19
C SER L 136 49.20 -12.89 -46.65
N SER L 137 49.25 -11.55 -46.55
CA SER L 137 48.10 -10.79 -46.11
C SER L 137 47.02 -10.79 -47.17
N SER L 138 47.41 -10.65 -48.43
CA SER L 138 46.45 -10.78 -49.52
C SER L 138 45.95 -12.20 -49.64
N ASP L 139 46.78 -13.17 -49.23
CA ASP L 139 46.28 -14.52 -49.03
C ASP L 139 45.28 -14.56 -47.88
N LEU L 140 45.49 -13.71 -46.87
CA LEU L 140 44.66 -13.78 -45.68
C LEU L 140 43.51 -12.79 -45.73
N HIS L 141 43.84 -11.50 -45.80
CA HIS L 141 42.84 -10.44 -45.74
C HIS L 141 42.09 -10.30 -47.06
N ASN L 142 42.65 -10.82 -48.14
CA ASN L 142 42.00 -10.64 -49.42
C ASN L 142 41.53 -11.94 -50.05
N VAL L 143 41.54 -13.04 -49.31
CA VAL L 143 40.84 -14.26 -49.71
C VAL L 143 39.89 -14.58 -48.55
N VAL L 144 38.66 -14.07 -48.64
CA VAL L 144 37.69 -14.15 -47.55
C VAL L 144 36.39 -14.70 -48.15
N ILE L 145 35.65 -15.47 -47.36
CA ILE L 145 34.30 -15.86 -47.75
C ILE L 145 33.33 -15.42 -46.66
N ILE L 146 32.27 -14.72 -47.05
CA ILE L 146 31.29 -14.24 -46.08
C ILE L 146 29.88 -14.57 -46.53
N GLU L 147 29.56 -14.17 -47.76
CA GLU L 147 28.23 -13.63 -48.06
C GLU L 147 27.16 -14.70 -48.17
N GLY L 148 27.26 -15.60 -49.16
CA GLY L 148 26.22 -16.60 -49.34
C GLY L 148 26.27 -17.67 -48.27
N THR L 149 27.40 -17.78 -47.57
CA THR L 149 27.55 -18.72 -46.47
C THR L 149 26.58 -18.42 -45.34
N ASP L 150 26.28 -17.15 -45.12
CA ASP L 150 25.38 -16.76 -44.04
C ASP L 150 23.94 -17.03 -44.42
N LYS L 151 23.62 -16.89 -45.70
CA LYS L 151 22.29 -17.27 -46.17
C LYS L 151 22.08 -18.77 -46.06
N VAL L 152 23.10 -19.54 -46.44
CA VAL L 152 23.07 -21.00 -46.28
C VAL L 152 22.95 -21.36 -44.80
N LEU L 153 23.69 -20.64 -43.95
CA LEU L 153 23.63 -20.78 -42.51
C LEU L 153 22.20 -20.63 -41.99
N GLN L 154 21.58 -19.50 -42.30
CA GLN L 154 20.26 -19.21 -41.76
C GLN L 154 19.20 -20.14 -42.34
N ALA L 155 19.34 -20.49 -43.62
CA ALA L 155 18.40 -21.39 -44.27
C ALA L 155 18.46 -22.78 -43.66
N GLU L 156 19.67 -23.28 -43.41
CA GLU L 156 19.79 -24.60 -42.82
C GLU L 156 19.43 -24.59 -41.34
N GLN L 157 19.64 -23.47 -40.66
CA GLN L 157 19.21 -23.37 -39.27
C GLN L 157 17.70 -23.41 -39.15
N LEU L 158 17.01 -22.63 -40.00
CA LEU L 158 15.55 -22.70 -40.05
C LEU L 158 15.08 -24.07 -40.49
N ARG L 159 15.80 -24.69 -41.42
CA ARG L 159 15.48 -26.01 -41.92
C ARG L 159 15.52 -27.05 -40.81
N GLN L 160 16.65 -27.13 -40.10
CA GLN L 160 16.78 -28.10 -39.03
C GLN L 160 15.92 -27.74 -37.83
N LYS L 161 15.59 -26.47 -37.66
CA LYS L 161 14.62 -26.09 -36.64
C LYS L 161 13.25 -26.66 -36.95
N GLN L 162 12.82 -26.55 -38.21
CA GLN L 162 11.56 -27.16 -38.63
C GLN L 162 11.63 -28.68 -38.52
N LEU L 163 12.79 -29.25 -38.85
CA LEU L 163 12.97 -30.69 -38.73
C LEU L 163 12.87 -31.15 -37.29
N THR L 164 13.45 -30.38 -36.37
CA THR L 164 13.43 -30.73 -34.96
C THR L 164 12.03 -30.60 -34.39
N GLU L 165 11.33 -29.53 -34.77
CA GLU L 165 9.95 -29.35 -34.38
C GLU L 165 9.07 -30.48 -34.91
N ASP L 166 9.32 -30.91 -36.14
CA ASP L 166 8.53 -31.98 -36.73
C ASP L 166 8.84 -33.32 -36.07
N ILE L 167 10.09 -33.53 -35.69
CA ILE L 167 10.47 -34.76 -35.00
C ILE L 167 9.81 -34.82 -33.62
N ALA L 168 9.81 -33.70 -32.91
CA ALA L 168 9.11 -33.63 -31.62
C ALA L 168 7.62 -33.82 -31.80
N THR L 169 7.06 -33.32 -32.90
CA THR L 169 5.65 -33.51 -33.19
C THR L 169 5.33 -34.99 -33.43
N LYS L 170 6.17 -35.67 -34.20
CA LYS L 170 5.99 -37.09 -34.44
C LYS L 170 6.15 -37.91 -33.17
N GLU L 171 7.04 -37.46 -32.27
CA GLU L 171 7.18 -38.11 -30.98
C GLU L 171 5.91 -37.95 -30.15
N LEU L 172 5.31 -36.77 -30.19
CA LEU L 172 4.02 -36.56 -29.53
C LEU L 172 2.95 -37.46 -30.14
N GLU L 173 2.98 -37.62 -31.47
CA GLU L 173 2.01 -38.45 -32.16
C GLU L 173 2.12 -39.91 -31.73
N ARG L 174 3.34 -40.44 -31.71
CA ARG L 174 3.51 -41.83 -31.34
C ARG L 174 3.24 -42.05 -29.86
N LYS L 175 3.51 -41.05 -29.02
CA LYS L 175 3.13 -41.16 -27.62
C LYS L 175 1.61 -41.19 -27.46
N GLU L 176 0.89 -40.42 -28.30
CA GLU L 176 -0.56 -40.48 -28.28
C GLU L 176 -1.10 -41.82 -28.77
N ILE L 177 -0.42 -42.41 -29.76
CA ILE L 177 -0.78 -43.77 -30.19
C ILE L 177 -0.56 -44.76 -29.06
N GLU L 178 0.52 -44.59 -28.30
CA GLU L 178 0.78 -45.42 -27.13
C GLU L 178 -0.24 -45.16 -26.03
N LYS L 179 -0.83 -43.97 -26.00
CA LYS L 179 -1.95 -43.73 -25.11
C LYS L 179 -3.23 -44.41 -25.61
N LYS L 180 -3.37 -44.56 -26.92
CA LYS L 180 -4.57 -45.16 -27.47
C LYS L 180 -4.71 -46.64 -27.12
N ARG L 181 -3.60 -47.37 -27.05
CA ARG L 181 -3.65 -48.81 -26.81
C ARG L 181 -4.03 -49.17 -25.38
N ASP L 182 -4.12 -48.17 -24.50
CA ASP L 182 -4.46 -48.42 -23.11
C ASP L 182 -5.87 -48.96 -22.98
N LYS L 183 -6.80 -48.43 -23.78
CA LYS L 183 -8.16 -48.92 -23.79
C LYS L 183 -8.22 -50.36 -24.29
N ILE L 184 -7.39 -50.69 -25.27
CA ILE L 184 -7.41 -52.03 -25.85
C ILE L 184 -6.85 -53.05 -24.86
N ILE L 185 -5.72 -52.72 -24.21
CA ILE L 185 -5.14 -53.66 -23.26
C ILE L 185 -6.04 -53.81 -22.03
N GLU L 186 -6.69 -52.73 -21.60
CA GLU L 186 -7.59 -52.86 -20.45
C GLU L 186 -8.85 -53.63 -20.80
N ALA L 187 -9.35 -53.45 -22.03
CA ALA L 187 -10.52 -54.21 -22.48
C ALA L 187 -10.20 -55.70 -22.57
N LEU L 188 -9.07 -56.05 -23.16
CA LEU L 188 -8.77 -57.47 -23.27
C LEU L 188 -8.27 -58.07 -21.97
N ASP L 189 -7.91 -57.24 -20.99
CA ASP L 189 -7.62 -57.77 -19.67
C ASP L 189 -8.92 -58.04 -18.90
N VAL L 190 -9.89 -57.12 -18.97
CA VAL L 190 -11.13 -57.35 -18.25
C VAL L 190 -11.99 -58.40 -18.94
N ILE L 191 -11.74 -58.68 -20.21
CA ILE L 191 -12.33 -59.87 -20.81
C ILE L 191 -11.61 -61.12 -20.33
N ARG L 192 -10.30 -61.02 -20.12
CA ARG L 192 -9.50 -62.16 -19.68
C ARG L 192 -9.87 -62.47 -18.24
N GLU L 193 -10.82 -63.38 -18.07
CA GLU L 193 -11.31 -63.80 -16.76
C GLU L 193 -11.51 -65.31 -16.72
N HIS L 194 -11.16 -66.00 -17.80
CA HIS L 194 -11.38 -67.43 -17.92
C HIS L 194 -10.12 -68.05 -18.51
N ASN L 195 -9.58 -69.07 -17.84
CA ASN L 195 -8.36 -69.70 -18.33
C ASN L 195 -8.32 -71.15 -17.85
N LEU L 196 -8.70 -72.08 -18.75
CA LEU L 196 -8.40 -73.51 -18.70
C LEU L 196 -9.09 -74.30 -17.60
N VAL L 197 -9.70 -73.61 -16.65
CA VAL L 197 -10.34 -74.22 -15.50
C VAL L 197 -11.76 -73.71 -15.51
N ASP L 198 -11.89 -72.40 -15.77
CA ASP L 198 -13.17 -71.72 -15.83
C ASP L 198 -14.08 -72.25 -16.93
N ALA L 199 -13.54 -72.91 -17.95
CA ALA L 199 -14.39 -73.68 -18.85
C ALA L 199 -15.12 -74.80 -18.12
N PHE L 200 -14.40 -75.53 -17.26
CA PHE L 200 -15.05 -76.56 -16.45
C PHE L 200 -15.93 -75.95 -15.37
N LYS L 201 -15.54 -74.78 -14.86
CA LYS L 201 -16.33 -74.02 -13.90
C LYS L 201 -17.51 -73.32 -14.53
N ASP L 202 -17.66 -73.43 -15.85
CA ASP L 202 -18.91 -73.18 -16.54
C ASP L 202 -19.66 -74.46 -16.88
N LEU L 203 -18.94 -75.54 -17.17
CA LEU L 203 -19.57 -76.83 -17.48
C LEU L 203 -20.29 -77.42 -16.29
N ILE L 204 -19.83 -77.12 -15.08
CA ILE L 204 -20.48 -77.65 -13.87
C ILE L 204 -21.75 -76.89 -13.47
N PRO L 205 -21.79 -75.53 -13.41
CA PRO L 205 -23.06 -74.90 -13.03
C PRO L 205 -24.15 -75.01 -14.09
N THR L 206 -23.80 -75.25 -15.36
CA THR L 206 -24.86 -75.64 -16.28
C THR L 206 -25.29 -77.08 -16.06
N GLY L 207 -24.42 -77.89 -15.44
CA GLY L 207 -24.82 -79.21 -15.00
C GLY L 207 -25.63 -79.20 -13.73
N GLU L 208 -25.63 -78.08 -13.02
CA GLU L 208 -26.45 -77.94 -11.81
C GLU L 208 -27.93 -77.93 -12.14
N ASN L 209 -28.74 -78.14 -11.10
CA ASN L 209 -30.19 -78.12 -11.20
C ASN L 209 -30.78 -77.55 -9.91
N LEU L 210 -32.09 -77.32 -9.96
CA LEU L 210 -32.85 -76.90 -8.79
C LEU L 210 -33.97 -77.87 -8.43
N SER L 211 -34.83 -78.20 -9.39
CA SER L 211 -35.99 -79.04 -9.16
C SER L 211 -35.79 -80.39 -9.82
N GLU L 212 -36.15 -81.45 -9.11
CA GLU L 212 -36.04 -82.82 -9.61
C GLU L 212 -37.29 -83.60 -9.23
N LEU L 213 -37.70 -84.52 -10.10
CA LEU L 213 -38.89 -85.32 -9.85
C LEU L 213 -38.77 -86.77 -10.28
N ASP L 214 -37.58 -87.20 -10.75
CA ASP L 214 -37.13 -88.59 -10.97
C ASP L 214 -37.81 -89.27 -12.16
N LEU L 215 -38.86 -88.67 -12.73
CA LEU L 215 -39.52 -89.23 -13.90
C LEU L 215 -39.95 -88.09 -14.81
N ALA L 216 -40.38 -88.46 -16.01
CA ALA L 216 -41.15 -87.63 -16.95
C ALA L 216 -40.37 -86.45 -17.55
N LYS L 217 -39.15 -86.20 -17.09
CA LYS L 217 -38.21 -85.32 -17.78
C LYS L 217 -36.84 -85.98 -17.83
N PRO L 218 -36.67 -87.06 -18.63
CA PRO L 218 -35.32 -87.63 -18.75
C PRO L 218 -34.45 -86.71 -19.59
N GLU L 219 -35.03 -86.18 -20.66
CA GLU L 219 -34.33 -85.29 -21.57
C GLU L 219 -34.94 -83.89 -21.61
N ILE L 220 -36.14 -83.71 -21.05
CA ILE L 220 -36.78 -82.39 -21.04
C ILE L 220 -36.00 -81.45 -20.13
N GLU L 221 -35.52 -81.97 -19.00
CA GLU L 221 -34.56 -81.24 -18.19
C GLU L 221 -33.25 -81.04 -18.95
N LEU L 222 -32.86 -82.01 -19.78
CA LEU L 222 -31.60 -81.91 -20.51
C LEU L 222 -31.65 -80.89 -21.63
N LEU L 223 -32.84 -80.44 -22.03
CA LEU L 223 -32.95 -79.39 -23.03
C LEU L 223 -32.33 -78.09 -22.53
N LYS L 224 -32.69 -77.69 -21.31
CA LYS L 224 -32.10 -76.50 -20.68
C LYS L 224 -30.60 -76.68 -20.48
N GLN L 225 -30.19 -77.90 -20.13
CA GLN L 225 -28.78 -78.25 -19.98
C GLN L 225 -27.99 -77.96 -21.24
N SER L 226 -28.42 -78.57 -22.36
CA SER L 226 -27.70 -78.44 -23.62
C SER L 226 -27.77 -77.01 -24.15
N LEU L 227 -28.91 -76.33 -23.96
CA LEU L 227 -29.03 -74.97 -24.46
C LEU L 227 -28.16 -74.00 -23.67
N GLU L 228 -28.03 -74.20 -22.35
CA GLU L 228 -27.14 -73.34 -21.58
C GLU L 228 -25.68 -73.67 -21.83
N ILE L 229 -25.38 -74.94 -22.15
CA ILE L 229 -24.05 -75.29 -22.64
C ILE L 229 -23.70 -74.50 -23.89
N THR L 230 -24.62 -74.48 -24.85
CA THR L 230 -24.39 -73.72 -26.07
C THR L 230 -24.35 -72.22 -25.80
N LYS L 231 -25.10 -71.75 -24.79
CA LYS L 231 -25.01 -70.35 -24.35
C LYS L 231 -23.61 -70.01 -23.89
N LYS L 232 -23.02 -70.85 -23.03
CA LYS L 232 -21.71 -70.55 -22.48
C LYS L 232 -20.63 -70.70 -23.55
N LEU L 233 -20.79 -71.67 -24.45
CA LEU L 233 -19.88 -71.84 -25.58
C LEU L 233 -19.87 -70.60 -26.47
N LEU L 234 -21.05 -70.19 -26.93
CA LEU L 234 -21.14 -69.03 -27.81
C LEU L 234 -20.82 -67.74 -27.09
N GLY L 235 -20.99 -67.69 -25.76
CA GLY L 235 -20.46 -66.56 -25.01
C GLY L 235 -18.95 -66.52 -25.05
N GLN L 236 -18.32 -67.69 -25.08
CA GLN L 236 -16.87 -67.71 -25.25
C GLN L 236 -16.45 -67.35 -26.68
N PHE L 237 -17.29 -67.68 -27.68
CA PHE L 237 -16.91 -67.46 -29.08
C PHE L 237 -16.86 -65.98 -29.41
N SER L 238 -17.95 -65.25 -29.16
CA SER L 238 -18.07 -63.86 -29.59
C SER L 238 -17.07 -62.98 -28.87
N GLU L 239 -16.84 -63.24 -27.59
CA GLU L 239 -15.79 -62.56 -26.86
C GLU L 239 -14.42 -62.94 -27.39
N GLY L 240 -14.26 -64.18 -27.84
CA GLY L 240 -13.03 -64.57 -28.51
C GLY L 240 -12.84 -63.85 -29.82
N LEU L 241 -13.94 -63.61 -30.54
CA LEU L 241 -13.85 -62.86 -31.79
C LEU L 241 -13.48 -61.40 -31.54
N LYS L 242 -14.06 -60.81 -30.50
CA LYS L 242 -13.71 -59.45 -30.12
C LYS L 242 -12.26 -59.36 -29.65
N TYR L 243 -11.79 -60.43 -29.01
CA TYR L 243 -10.40 -60.55 -28.63
C TYR L 243 -9.50 -60.54 -29.85
N ILE L 244 -9.87 -61.32 -30.88
CA ILE L 244 -9.14 -61.36 -32.15
C ILE L 244 -9.11 -59.98 -32.79
N ASP L 245 -10.25 -59.28 -32.78
CA ASP L 245 -10.35 -57.96 -33.39
C ASP L 245 -9.46 -56.95 -32.70
N LEU L 246 -9.44 -56.97 -31.37
CA LEU L 246 -8.63 -56.00 -30.65
C LEU L 246 -7.15 -56.34 -30.70
N THR L 247 -6.80 -57.62 -30.84
CA THR L 247 -5.39 -57.95 -31.08
C THR L 247 -4.95 -57.52 -32.47
N ASP L 248 -5.85 -57.58 -33.45
CA ASP L 248 -5.53 -57.03 -34.76
C ASP L 248 -5.38 -55.52 -34.69
N ALA L 249 -6.19 -54.87 -33.84
CA ALA L 249 -6.02 -53.45 -33.59
C ALA L 249 -4.68 -53.15 -32.93
N ARG L 250 -4.24 -54.05 -32.04
CA ARG L 250 -2.90 -53.95 -31.45
C ARG L 250 -1.83 -54.02 -32.52
N LYS L 251 -1.96 -54.97 -33.45
CA LYS L 251 -1.01 -55.08 -34.55
C LYS L 251 -1.02 -53.85 -35.43
N LYS L 252 -2.20 -53.25 -35.61
CA LYS L 252 -2.35 -52.06 -36.42
C LYS L 252 -1.64 -50.86 -35.78
N LEU L 253 -1.87 -50.65 -34.49
CA LEU L 253 -1.22 -49.54 -33.81
C LEU L 253 0.27 -49.79 -33.62
N ASP L 254 0.68 -51.05 -33.50
CA ASP L 254 2.10 -51.35 -33.44
C ASP L 254 2.77 -51.07 -34.79
N ASN L 255 2.06 -51.35 -35.89
CA ASN L 255 2.56 -50.97 -37.20
C ASN L 255 2.68 -49.47 -37.31
N GLN L 256 1.72 -48.73 -36.74
CA GLN L 256 1.81 -47.27 -36.69
C GLN L 256 3.04 -46.81 -35.93
N ILE L 257 3.28 -47.42 -34.77
CA ILE L 257 4.45 -47.10 -33.94
C ILE L 257 5.74 -47.41 -34.69
N ASP L 258 5.76 -48.51 -35.44
CA ASP L 258 6.96 -48.90 -36.17
C ASP L 258 7.25 -47.95 -37.31
N THR L 259 6.22 -47.59 -38.08
CA THR L 259 6.41 -46.64 -39.18
C THR L 259 6.81 -45.27 -38.67
N ALA L 260 6.21 -44.84 -37.54
CA ALA L 260 6.61 -43.59 -36.92
C ALA L 260 8.04 -43.66 -36.41
N SER L 261 8.48 -44.81 -35.92
CA SER L 261 9.85 -44.96 -35.45
C SER L 261 10.83 -44.94 -36.60
N THR L 262 10.45 -45.49 -37.75
CA THR L 262 11.30 -45.41 -38.93
C THR L 262 11.41 -43.98 -39.43
N ARG L 263 10.29 -43.25 -39.40
CA ARG L 263 10.33 -41.83 -39.75
C ARG L 263 11.19 -41.06 -38.78
N LEU L 264 11.10 -41.39 -37.48
CA LEU L 264 11.99 -40.83 -36.46
C LEU L 264 13.44 -41.10 -36.78
N THR L 265 13.77 -42.33 -37.15
CA THR L 265 15.15 -42.70 -37.41
C THR L 265 15.70 -41.97 -38.63
N GLU L 266 14.92 -41.90 -39.70
CA GLU L 266 15.37 -41.25 -40.92
C GLU L 266 15.49 -39.74 -40.72
N LEU L 267 14.51 -39.13 -40.05
CA LEU L 267 14.58 -37.70 -39.82
C LEU L 267 15.65 -37.33 -38.82
N ASN L 268 15.96 -38.22 -37.87
CA ASN L 268 17.08 -37.97 -36.98
C ASN L 268 18.40 -38.12 -37.70
N ARG L 269 18.49 -39.03 -38.66
CA ARG L 269 19.69 -39.15 -39.48
C ARG L 269 19.90 -37.88 -40.32
N GLN L 270 18.82 -37.38 -40.90
CA GLN L 270 18.88 -36.10 -41.61
C GLN L 270 19.22 -34.95 -40.68
N LEU L 271 18.73 -35.02 -39.44
CA LEU L 271 19.02 -34.01 -38.45
C LEU L 271 20.50 -34.03 -38.08
N GLU L 272 21.09 -35.22 -37.97
CA GLU L 272 22.52 -35.32 -37.68
C GLU L 272 23.36 -34.88 -38.87
N GLN L 273 22.87 -35.14 -40.08
CA GLN L 273 23.50 -34.61 -41.28
C GLN L 273 23.52 -33.09 -41.25
N SER L 274 22.40 -32.48 -40.88
CA SER L 274 22.33 -31.03 -40.76
C SER L 274 23.13 -30.52 -39.57
N GLU L 275 23.29 -31.33 -38.53
CA GLU L 275 24.22 -30.99 -37.45
C GLU L 275 25.62 -30.87 -37.97
N LYS L 276 26.04 -31.83 -38.79
CA LYS L 276 27.36 -31.79 -39.41
C LYS L 276 27.50 -30.57 -40.30
N LEU L 277 26.45 -30.26 -41.07
CA LEU L 277 26.43 -29.09 -41.94
C LEU L 277 26.60 -27.80 -41.15
N ILE L 278 25.69 -27.56 -40.21
CA ILE L 278 25.70 -26.32 -39.45
C ILE L 278 26.91 -26.23 -38.53
N ALA L 279 27.43 -27.36 -38.08
CA ALA L 279 28.65 -27.36 -37.28
C ALA L 279 29.84 -26.92 -38.12
N GLY L 280 29.97 -27.45 -39.34
CA GLY L 280 31.04 -26.99 -40.22
C GLY L 280 30.89 -25.55 -40.64
N VAL L 281 29.65 -25.09 -40.79
CA VAL L 281 29.39 -23.70 -41.13
C VAL L 281 29.78 -22.78 -39.99
N ASN L 282 29.37 -23.12 -38.77
CA ASN L 282 29.74 -22.33 -37.60
C ASN L 282 31.24 -22.37 -37.38
N ALA L 283 31.86 -23.50 -37.68
CA ALA L 283 33.30 -23.64 -37.52
C ALA L 283 34.05 -22.74 -38.49
N VAL L 284 33.62 -22.71 -39.76
CA VAL L 284 34.33 -21.89 -40.72
C VAL L 284 34.01 -20.40 -40.50
N ILE L 285 32.87 -20.09 -39.91
CA ILE L 285 32.61 -18.71 -39.48
C ILE L 285 33.54 -18.31 -38.34
N LYS L 286 33.73 -19.21 -37.38
CA LYS L 286 34.67 -18.94 -36.29
C LYS L 286 36.10 -18.83 -36.81
N ILE L 287 36.44 -19.65 -37.81
CA ILE L 287 37.72 -19.53 -38.52
C ILE L 287 37.85 -18.16 -39.14
N ASP L 288 36.81 -17.70 -39.82
CA ASP L 288 36.79 -16.40 -40.49
C ASP L 288 36.99 -15.27 -39.50
N GLN L 289 36.39 -15.40 -38.32
CA GLN L 289 36.65 -14.45 -37.24
C GLN L 289 38.10 -14.52 -36.78
N GLU L 290 38.60 -15.74 -36.59
CA GLU L 290 40.00 -15.91 -36.20
C GLU L 290 40.92 -15.53 -37.35
N LYS L 291 40.48 -15.74 -38.59
CA LYS L 291 41.23 -15.24 -39.73
C LYS L 291 41.37 -13.73 -39.71
N SER L 292 40.28 -13.02 -39.41
CA SER L 292 40.34 -11.57 -39.27
C SER L 292 41.20 -11.16 -38.08
N ALA L 293 41.22 -11.98 -37.02
CA ALA L 293 42.11 -11.72 -35.90
C ALA L 293 43.58 -11.82 -36.32
N VAL L 294 43.91 -12.80 -37.14
CA VAL L 294 45.28 -12.93 -37.61
C VAL L 294 45.59 -11.85 -38.64
N VAL L 295 44.57 -11.36 -39.35
CA VAL L 295 44.72 -10.17 -40.19
C VAL L 295 45.15 -8.98 -39.35
N VAL L 296 44.46 -8.77 -38.22
CA VAL L 296 44.81 -7.70 -37.29
C VAL L 296 46.22 -7.90 -36.75
N GLU L 297 46.58 -9.15 -36.47
CA GLU L 297 47.91 -9.49 -35.97
C GLU L 297 48.99 -9.13 -37.00
N ALA L 298 48.76 -9.50 -38.26
CA ALA L 298 49.72 -9.20 -39.31
C ALA L 298 49.79 -7.71 -39.59
N GLU L 299 48.69 -6.98 -39.40
CA GLU L 299 48.74 -5.54 -39.54
C GLU L 299 49.53 -4.90 -38.42
N LYS L 300 49.41 -5.45 -37.20
CA LYS L 300 50.25 -5.02 -36.10
C LYS L 300 51.72 -5.26 -36.40
N LEU L 301 52.02 -6.41 -37.01
CA LEU L 301 53.41 -6.72 -37.32
C LEU L 301 53.96 -5.82 -38.42
N SER L 302 53.36 -5.90 -39.60
CA SER L 302 53.87 -5.17 -40.77
C SER L 302 53.75 -3.66 -40.62
N ARG L 303 52.82 -3.20 -39.79
CA ARG L 303 52.74 -1.77 -39.51
C ARG L 303 53.98 -1.29 -38.77
N ALA L 304 54.52 -2.14 -37.89
CA ALA L 304 55.78 -1.81 -37.23
C ALA L 304 56.96 -1.85 -38.20
N TRP L 305 56.80 -2.56 -39.32
CA TRP L 305 57.83 -2.51 -40.33
C TRP L 305 57.70 -1.30 -41.22
N HIS L 306 56.51 -0.73 -41.36
CA HIS L 306 56.40 0.58 -41.99
C HIS L 306 56.88 1.66 -41.03
N ILE L 307 56.72 1.42 -39.73
CA ILE L 307 57.42 2.23 -38.74
C ILE L 307 58.91 2.09 -38.92
N PHE L 308 59.38 0.89 -39.25
CA PHE L 308 60.81 0.71 -39.48
C PHE L 308 61.26 1.38 -40.77
N ILE L 309 60.43 1.37 -41.82
CA ILE L 309 60.85 2.01 -43.06
C ILE L 309 60.79 3.52 -42.90
N HIS L 310 59.95 4.04 -42.00
CA HIS L 310 59.99 5.46 -41.69
C HIS L 310 61.19 5.78 -40.81
N GLU L 311 61.69 4.81 -40.04
CA GLU L 311 62.95 4.99 -39.34
C GLU L 311 64.10 5.09 -40.31
N ILE L 312 64.14 4.17 -41.29
CA ILE L 312 65.22 4.19 -42.26
C ILE L 312 65.00 5.31 -43.28
N THR L 313 63.78 5.85 -43.35
CA THR L 313 63.57 7.11 -44.05
C THR L 313 64.37 8.23 -43.39
N ALA L 314 64.53 8.17 -42.06
CA ALA L 314 65.32 9.14 -41.31
C ALA L 314 66.80 8.76 -41.23
N LEU L 315 67.27 7.90 -42.12
CA LEU L 315 68.68 7.54 -42.17
C LEU L 315 69.43 8.44 -43.13
N GLN L 316 70.64 8.02 -43.52
CA GLN L 316 71.60 8.74 -44.36
C GLN L 316 72.01 10.07 -43.72
N GLY L 317 72.68 9.93 -42.58
CA GLY L 317 73.54 10.96 -42.05
C GLY L 317 74.96 10.56 -42.37
N THR L 318 75.56 11.22 -43.37
CA THR L 318 76.74 10.70 -44.06
C THR L 318 77.99 10.58 -43.19
N SER L 319 78.59 11.70 -42.81
CA SER L 319 79.79 11.67 -41.99
C SER L 319 79.83 12.78 -40.95
N LEU L 320 78.68 13.28 -40.50
CA LEU L 320 78.64 14.50 -39.70
C LEU L 320 79.11 14.23 -38.27
N ASN L 321 78.37 13.41 -37.55
CA ASN L 321 78.68 13.07 -36.16
C ASN L 321 78.87 11.57 -36.03
N GLU L 322 78.99 11.10 -34.79
CA GLU L 322 79.05 9.66 -34.58
C GLU L 322 78.08 9.21 -33.48
N VAL L 323 77.90 10.01 -32.43
CA VAL L 323 77.02 9.60 -31.34
C VAL L 323 75.59 10.05 -31.58
N GLU L 324 74.92 9.38 -32.49
CA GLU L 324 73.47 9.47 -32.61
C GLU L 324 72.85 8.16 -33.06
N LEU L 325 73.65 7.11 -33.24
CA LEU L 325 73.34 6.08 -34.22
C LEU L 325 72.33 5.07 -33.70
N SER L 326 72.71 4.32 -32.67
CA SER L 326 72.01 3.09 -32.35
C SER L 326 70.87 3.29 -31.38
N LYS L 327 70.30 4.49 -31.29
CA LYS L 327 69.16 4.67 -30.38
C LYS L 327 67.88 4.00 -30.89
N PRO L 328 67.47 4.13 -32.17
CA PRO L 328 66.38 3.25 -32.63
C PRO L 328 66.79 1.79 -32.69
N LEU L 329 68.09 1.52 -32.81
CA LEU L 329 68.56 0.14 -32.84
C LEU L 329 68.37 -0.53 -31.48
N ILE L 330 68.71 0.17 -30.40
CA ILE L 330 68.50 -0.41 -29.08
C ILE L 330 67.03 -0.38 -28.71
N LYS L 331 66.25 0.56 -29.27
CA LYS L 331 64.80 0.55 -29.05
C LYS L 331 64.17 -0.68 -29.69
N GLN L 332 64.54 -0.98 -30.94
CA GLN L 332 64.06 -2.19 -31.59
C GLN L 332 64.66 -3.44 -30.94
N GLN L 333 65.87 -3.32 -30.39
CA GLN L 333 66.50 -4.43 -29.67
C GLN L 333 65.70 -4.82 -28.44
N ILE L 334 65.32 -3.83 -27.63
CA ILE L 334 64.58 -4.15 -26.41
C ILE L 334 63.15 -4.53 -26.75
N TYR L 335 62.57 -3.96 -27.80
CA TYR L 335 61.23 -4.35 -28.22
C TYR L 335 61.22 -5.77 -28.77
N LEU L 336 62.30 -6.16 -29.42
CA LEU L 336 62.43 -7.50 -29.95
C LEU L 336 62.73 -8.52 -28.87
N GLU L 337 63.52 -8.13 -27.88
CA GLU L 337 63.79 -9.01 -26.76
C GLU L 337 62.53 -9.25 -25.95
N SER L 338 61.70 -8.22 -25.80
CA SER L 338 60.35 -8.42 -25.31
C SER L 338 59.57 -9.33 -26.24
N LEU L 339 59.74 -9.15 -27.54
CA LEU L 339 59.06 -9.97 -28.52
C LEU L 339 59.65 -11.37 -28.58
N ILE L 340 60.94 -11.55 -28.25
CA ILE L 340 61.47 -12.89 -28.04
C ILE L 340 60.77 -13.56 -26.86
N LYS L 341 60.61 -12.81 -25.77
CA LYS L 341 59.83 -13.30 -24.65
C LYS L 341 58.34 -13.35 -24.97
N GLN L 342 57.90 -12.64 -26.00
CA GLN L 342 56.54 -12.77 -26.51
C GLN L 342 56.50 -13.81 -27.62
N LEU L 343 57.03 -15.00 -27.31
CA LEU L 343 57.15 -16.09 -28.24
C LEU L 343 57.36 -17.37 -27.45
N ILE M 44 66.81 -19.93 19.77
CA ILE M 44 67.63 -21.02 19.28
C ILE M 44 67.06 -22.37 19.70
N PHE M 45 67.94 -23.38 19.74
CA PHE M 45 67.49 -24.74 20.00
C PHE M 45 67.10 -24.91 21.46
N THR M 46 66.05 -25.71 21.70
CA THR M 46 65.55 -25.90 23.05
C THR M 46 65.62 -27.37 23.44
N LYS M 47 65.49 -27.62 24.74
CA LYS M 47 65.51 -28.97 25.27
C LYS M 47 64.17 -29.67 25.15
N GLU M 48 63.09 -28.91 24.99
CA GLU M 48 61.77 -29.50 24.87
C GLU M 48 61.61 -30.19 23.53
N ASP M 49 62.38 -29.72 22.55
CA ASP M 49 62.64 -30.48 21.33
C ASP M 49 63.07 -31.90 21.67
N LEU M 50 64.10 -32.03 22.51
CA LEU M 50 64.61 -33.34 22.90
C LEU M 50 63.61 -34.11 23.75
N ILE M 51 62.77 -33.38 24.49
CA ILE M 51 61.68 -34.00 25.23
C ILE M 51 60.71 -34.67 24.27
N ASN M 52 60.33 -33.95 23.21
CA ASN M 52 59.47 -34.54 22.19
C ASN M 52 60.17 -35.66 21.45
N LEU M 53 61.48 -35.57 21.30
CA LEU M 53 62.24 -36.66 20.71
C LEU M 53 62.15 -37.92 21.55
N LYS M 54 62.26 -37.78 22.86
CA LYS M 54 62.16 -38.96 23.71
C LYS M 54 60.73 -39.47 23.81
N LEU M 55 59.75 -38.58 23.64
CA LEU M 55 58.37 -39.03 23.47
C LEU M 55 58.23 -39.88 22.22
N TYR M 56 58.88 -39.47 21.14
CA TYR M 56 58.89 -40.27 19.92
C TYR M 56 59.67 -41.57 20.11
N VAL M 57 60.69 -41.55 20.97
CA VAL M 57 61.45 -42.76 21.28
C VAL M 57 60.55 -43.77 21.99
N ARG M 58 59.87 -43.31 23.04
CA ARG M 58 58.93 -44.16 23.77
C ARG M 58 57.79 -44.63 22.90
N LYS M 59 57.37 -43.80 21.95
CA LYS M 59 56.33 -44.23 21.02
C LYS M 59 56.84 -45.30 20.09
N GLY M 60 58.04 -45.12 19.54
CA GLY M 60 58.58 -46.05 18.58
C GLY M 60 59.02 -47.36 19.20
N LEU M 61 59.49 -47.32 20.44
CA LEU M 61 59.82 -48.56 21.13
C LEU M 61 58.57 -49.29 21.61
N SER M 62 57.42 -48.65 21.56
CA SER M 62 56.14 -49.26 21.91
C SER M 62 55.42 -49.84 20.70
N LEU M 63 56.16 -50.35 19.73
CA LEU M 63 55.45 -50.77 18.54
C LEU M 63 55.51 -52.27 18.34
N PRO M 64 54.43 -52.88 17.83
CA PRO M 64 54.49 -54.30 17.47
C PRO M 64 55.39 -54.51 16.27
N THR M 65 56.09 -55.63 16.27
CA THR M 65 57.05 -55.95 15.21
C THR M 65 56.64 -57.19 14.42
N ARG M 66 56.25 -58.25 15.10
CA ARG M 66 55.90 -59.48 14.42
C ARG M 66 54.48 -59.39 13.87
N GLN M 67 54.13 -60.39 13.05
CA GLN M 67 52.85 -60.35 12.33
C GLN M 67 51.68 -60.53 13.28
N ASP M 68 51.77 -61.51 14.19
CA ASP M 68 50.74 -61.70 15.19
C ASP M 68 50.68 -60.52 16.16
N GLU M 69 51.82 -59.89 16.43
CA GLU M 69 51.86 -58.71 17.26
C GLU M 69 51.09 -57.56 16.63
N VAL M 70 51.26 -57.39 15.32
CA VAL M 70 50.52 -56.38 14.58
C VAL M 70 49.04 -56.73 14.54
N GLU M 71 48.73 -58.01 14.31
CA GLU M 71 47.34 -58.45 14.16
C GLU M 71 46.57 -58.30 15.45
N ALA M 72 47.21 -58.62 16.59
CA ALA M 72 46.61 -58.30 17.88
C ALA M 72 46.54 -56.80 18.10
N TYR M 73 47.56 -56.07 17.63
CA TYR M 73 47.52 -54.62 17.70
C TYR M 73 46.51 -54.03 16.74
N LEU M 74 46.31 -54.67 15.59
CA LEU M 74 45.21 -54.30 14.71
C LEU M 74 43.87 -54.74 15.28
N GLY M 75 43.84 -55.85 16.01
CA GLY M 75 42.59 -56.44 16.41
C GLY M 75 41.92 -57.28 15.35
N TYR M 76 42.60 -57.55 14.23
CA TYR M 76 42.03 -58.37 13.18
C TYR M 76 43.16 -58.96 12.36
N LYS M 77 42.78 -59.68 11.30
CA LYS M 77 43.73 -60.29 10.38
C LYS M 77 43.36 -60.02 8.93
N LYS M 78 42.20 -59.43 8.67
CA LYS M 78 41.70 -59.30 7.32
C LYS M 78 40.96 -57.98 7.19
N ILE M 79 41.28 -57.21 6.15
CA ILE M 79 40.66 -55.90 5.97
C ILE M 79 40.00 -55.78 4.59
N ASP M 80 40.48 -56.54 3.60
CA ASP M 80 40.06 -56.47 2.20
C ASP M 80 40.16 -55.04 1.64
N VAL M 81 41.20 -54.33 2.05
CA VAL M 81 41.44 -52.96 1.61
C VAL M 81 42.88 -52.87 1.12
N ALA M 82 43.05 -52.57 -0.16
CA ALA M 82 44.38 -52.41 -0.72
C ALA M 82 45.06 -51.17 -0.16
N GLY M 83 46.36 -51.27 0.05
CA GLY M 83 47.12 -50.22 0.71
C GLY M 83 47.01 -50.20 2.21
N LEU M 84 46.05 -50.92 2.79
CA LEU M 84 45.84 -50.97 4.23
C LEU M 84 45.80 -52.39 4.73
N GLU M 85 46.40 -53.33 3.99
CA GLU M 85 46.39 -54.73 4.37
C GLU M 85 47.23 -54.95 5.63
N PRO M 86 46.89 -55.97 6.43
CA PRO M 86 47.63 -56.20 7.68
C PRO M 86 49.11 -56.47 7.49
N LYS M 87 49.48 -57.13 6.39
CA LYS M 87 50.89 -57.29 6.07
C LYS M 87 51.54 -55.95 5.74
N ASP M 88 50.78 -55.05 5.10
CA ASP M 88 51.31 -53.74 4.77
C ASP M 88 51.51 -52.90 6.03
N ILE M 89 50.57 -52.99 6.95
CA ILE M 89 50.68 -52.26 8.21
C ILE M 89 51.79 -52.85 9.06
N LYS M 90 51.99 -54.17 8.97
CA LYS M 90 53.11 -54.81 9.63
C LYS M 90 54.43 -54.31 9.06
N LEU M 91 54.50 -54.16 7.73
CA LEU M 91 55.71 -53.62 7.11
C LEU M 91 55.94 -52.17 7.51
N LEU M 92 54.85 -51.39 7.61
CA LEU M 92 54.91 -50.03 8.10
C LEU M 92 55.47 -49.98 9.52
N PHE M 93 54.99 -50.87 10.37
CA PHE M 93 55.46 -50.92 11.75
C PHE M 93 56.89 -51.39 11.84
N ASP M 94 57.30 -52.26 10.92
CA ASP M 94 58.71 -52.63 10.82
C ASP M 94 59.56 -51.41 10.50
N GLU M 95 59.09 -50.60 9.55
CA GLU M 95 59.79 -49.37 9.19
C GLU M 95 59.93 -48.43 10.37
N ILE M 96 58.83 -48.17 11.07
CA ILE M 96 58.86 -47.19 12.15
C ILE M 96 59.59 -47.73 13.37
N HIS M 97 59.41 -49.02 13.68
CA HIS M 97 60.06 -49.59 14.84
C HIS M 97 61.55 -49.73 14.61
N ASN M 98 61.98 -50.12 13.42
CA ASN M 98 63.39 -50.11 13.10
C ASN M 98 63.93 -48.69 12.97
N HIS M 99 63.08 -47.72 12.68
CA HIS M 99 63.50 -46.34 12.68
C HIS M 99 63.79 -45.87 14.11
N ALA M 100 62.99 -46.31 15.06
CA ALA M 100 63.30 -46.08 16.46
C ALA M 100 64.53 -46.86 16.91
N LEU M 101 64.67 -48.09 16.41
CA LEU M 101 65.84 -48.91 16.69
C LEU M 101 67.09 -48.40 15.97
N ASN M 102 66.93 -47.50 15.02
CA ASN M 102 68.04 -46.70 14.55
C ASN M 102 68.30 -45.57 15.52
N TRP M 103 67.25 -44.83 15.87
CA TRP M 103 67.41 -43.56 16.54
C TRP M 103 67.89 -43.68 17.97
N ASN M 104 67.59 -44.77 18.66
CA ASN M 104 68.16 -44.99 19.99
C ASN M 104 69.69 -45.00 19.95
N ASP M 105 70.25 -45.71 18.96
CA ASP M 105 71.70 -45.71 18.78
C ASP M 105 72.20 -44.39 18.20
N VAL M 106 71.45 -43.79 17.29
CA VAL M 106 71.90 -42.55 16.68
C VAL M 106 71.85 -41.40 17.68
N GLU M 107 70.88 -41.41 18.57
CA GLU M 107 70.81 -40.45 19.65
C GLU M 107 71.82 -40.76 20.73
N GLN M 108 72.22 -42.02 20.87
CA GLN M 108 73.38 -42.33 21.69
C GLN M 108 74.65 -41.72 21.07
N ALA M 109 74.73 -41.74 19.75
CA ALA M 109 75.84 -41.06 19.08
C ALA M 109 75.71 -39.53 19.20
N VAL M 110 74.48 -39.04 19.30
CA VAL M 110 74.26 -37.62 19.58
C VAL M 110 74.78 -37.28 20.96
N LEU M 111 74.58 -38.17 21.92
CA LEU M 111 75.18 -38.01 23.24
C LEU M 111 76.69 -38.14 23.21
N GLN M 112 77.21 -38.98 22.31
CA GLN M 112 78.65 -39.08 22.15
C GLN M 112 79.24 -37.79 21.61
N GLN M 113 78.61 -37.23 20.58
CA GLN M 113 79.05 -35.95 20.05
C GLN M 113 78.70 -34.80 20.99
N SER M 114 77.74 -35.00 21.89
CA SER M 114 77.52 -34.06 22.98
C SER M 114 78.76 -33.98 23.86
N LEU M 115 79.29 -35.14 24.22
CA LEU M 115 80.56 -35.21 24.94
C LEU M 115 81.70 -34.64 24.10
N ASP M 116 81.66 -34.88 22.79
CA ASP M 116 82.74 -34.45 21.91
C ASP M 116 82.76 -32.94 21.75
N LEU M 117 81.60 -32.32 21.58
CA LEU M 117 81.53 -30.88 21.55
C LEU M 117 81.79 -30.26 22.90
N ASP M 118 81.47 -30.97 23.97
CA ASP M 118 81.82 -30.50 25.30
C ASP M 118 83.33 -30.41 25.47
N ILE M 119 84.04 -31.50 25.14
CA ILE M 119 85.48 -31.48 25.28
C ILE M 119 86.13 -30.62 24.21
N ALA M 120 85.49 -30.45 23.05
CA ALA M 120 85.97 -29.51 22.06
C ALA M 120 85.88 -28.09 22.56
N ALA M 121 84.75 -27.74 23.18
CA ALA M 121 84.60 -26.45 23.82
C ALA M 121 85.66 -26.23 24.88
N LYS M 122 85.86 -27.22 25.75
CA LYS M 122 86.82 -27.08 26.84
C LYS M 122 88.24 -26.91 26.32
N ASN M 123 88.67 -27.79 25.43
CA ASN M 123 90.05 -27.77 24.94
C ASN M 123 90.31 -26.54 24.07
N ILE M 124 89.36 -26.17 23.20
CA ILE M 124 89.60 -25.06 22.30
C ILE M 124 89.53 -23.73 23.05
N ILE M 125 88.52 -23.55 23.92
CA ILE M 125 88.42 -22.36 24.75
C ILE M 125 89.67 -22.19 25.60
N SER M 126 90.11 -23.27 26.27
CA SER M 126 91.31 -23.22 27.10
C SER M 126 92.55 -22.88 26.29
N THR M 127 92.95 -23.77 25.36
CA THR M 127 94.20 -23.64 24.65
C THR M 127 94.22 -22.39 23.76
N GLY M 128 93.17 -22.21 22.96
CA GLY M 128 93.01 -21.04 22.12
C GLY M 128 92.97 -19.73 22.89
N ASN M 129 92.10 -19.58 23.89
CA ASN M 129 91.98 -18.29 24.56
C ASN M 129 93.24 -17.97 25.36
N GLU M 130 93.82 -18.97 26.04
CA GLU M 130 95.07 -18.78 26.76
C GLU M 130 96.24 -18.38 25.86
N ILE M 131 96.59 -19.24 24.91
CA ILE M 131 97.80 -19.01 24.12
C ILE M 131 97.59 -17.85 23.14
N ILE M 132 96.37 -17.69 22.63
CA ILE M 132 96.08 -16.73 21.59
C ILE M 132 95.30 -15.59 22.25
N ASN M 133 95.53 -15.40 23.55
CA ASN M 133 95.34 -14.11 24.19
C ASN M 133 96.54 -13.70 25.02
N LEU M 134 97.54 -14.59 25.15
CA LEU M 134 98.84 -14.18 25.64
C LEU M 134 99.53 -13.22 24.67
N ILE M 135 99.19 -13.30 23.39
CA ILE M 135 99.90 -12.57 22.35
C ILE M 135 99.02 -11.36 22.00
N ASN M 136 98.19 -10.94 22.96
CA ASN M 136 97.61 -9.61 22.89
C ASN M 136 98.68 -8.52 22.93
N GLN M 137 99.81 -8.80 23.58
CA GLN M 137 100.89 -7.84 23.73
C GLN M 137 101.59 -7.58 22.40
N MET M 138 101.37 -6.40 21.85
CA MET M 138 102.21 -5.90 20.80
C MET M 138 102.15 -4.39 20.93
N PRO M 139 103.17 -3.76 21.52
CA PRO M 139 103.23 -2.30 21.53
C PRO M 139 103.63 -1.74 20.18
N ILE M 140 103.43 -0.44 19.98
CA ILE M 140 103.72 0.21 18.70
C ILE M 140 105.21 0.25 18.38
N THR M 141 106.07 0.14 19.40
CA THR M 141 107.51 0.22 19.21
C THR M 141 108.03 -0.94 18.36
N LEU M 142 107.60 -2.16 18.69
CA LEU M 142 107.91 -3.29 17.83
C LEU M 142 107.05 -3.25 16.57
N ARG M 143 105.85 -2.68 16.67
CA ARG M 143 104.90 -2.72 15.58
C ARG M 143 105.22 -1.70 14.49
N VAL M 144 106.25 -0.89 14.66
CA VAL M 144 106.73 -0.03 13.58
C VAL M 144 108.03 -0.53 12.96
N LYS M 145 108.70 -1.50 13.58
CA LYS M 145 110.07 -1.82 13.17
C LYS M 145 110.38 -3.29 13.00
N THR M 146 109.65 -4.21 13.64
CA THR M 146 110.16 -5.57 13.78
C THR M 146 109.94 -6.37 12.50
N LEU M 147 108.80 -6.18 11.85
CA LEU M 147 108.35 -6.92 10.67
C LEU M 147 108.33 -8.42 10.97
N LEU M 148 107.39 -8.77 11.86
CA LEU M 148 107.27 -10.05 12.58
C LEU M 148 107.39 -11.30 11.72
N GLY M 149 107.06 -11.21 10.42
CA GLY M 149 107.28 -12.30 9.48
C GLY M 149 108.73 -12.72 9.32
N ASP M 150 109.67 -11.88 9.77
CA ASP M 150 111.07 -12.26 9.83
C ASP M 150 111.28 -13.40 10.82
N ILE M 151 110.79 -13.24 12.05
CA ILE M 151 111.11 -14.16 13.12
C ILE M 151 110.04 -15.23 13.26
N THR M 152 109.18 -15.36 12.26
CA THR M 152 108.24 -16.48 12.20
C THR M 152 108.97 -17.77 11.89
N VAL M 168 111.20 -19.42 19.72
CA VAL M 168 110.47 -19.76 20.93
C VAL M 168 108.99 -19.94 20.62
N ALA M 169 108.36 -18.85 20.18
CA ALA M 169 106.94 -18.89 19.89
C ALA M 169 106.64 -19.58 18.56
N SER M 170 107.65 -19.75 17.71
CA SER M 170 107.46 -20.47 16.45
C SER M 170 107.11 -21.93 16.70
N ALA M 171 107.77 -22.56 17.68
CA ALA M 171 107.38 -23.89 18.11
C ALA M 171 106.05 -23.86 18.84
N LEU M 172 105.72 -22.74 19.48
CA LEU M 172 104.42 -22.61 20.11
C LEU M 172 103.32 -22.44 19.08
N LYS M 173 103.63 -21.82 17.95
CA LYS M 173 102.68 -21.78 16.84
C LYS M 173 102.52 -23.14 16.19
N ASP M 174 103.54 -23.99 16.29
CA ASP M 174 103.40 -25.36 15.80
C ASP M 174 102.42 -26.14 16.64
N ILE M 175 102.38 -25.87 17.95
CA ILE M 175 101.33 -26.42 18.82
C ILE M 175 99.97 -25.95 18.35
N LEU M 176 99.87 -24.69 17.94
CA LEU M 176 98.61 -24.14 17.44
C LEU M 176 98.21 -24.78 16.12
N ASP M 177 99.19 -25.16 15.29
CA ASP M 177 98.87 -25.84 14.04
C ASP M 177 98.48 -27.29 14.28
N ASP M 178 99.05 -27.91 15.31
CA ASP M 178 98.60 -29.24 15.72
C ASP M 178 97.16 -29.19 16.22
N MET M 179 96.84 -28.16 17.00
CA MET M 179 95.46 -27.95 17.43
C MET M 179 94.57 -27.58 16.25
N LYS M 180 95.12 -26.95 15.22
CA LYS M 180 94.38 -26.66 13.99
C LYS M 180 94.00 -27.94 13.27
N GLY M 181 94.94 -28.88 13.17
CA GLY M 181 94.62 -30.18 12.60
C GLY M 181 93.63 -30.96 13.45
N ASP M 182 93.73 -30.80 14.77
CA ASP M 182 92.74 -31.39 15.66
C ASP M 182 91.36 -30.77 15.46
N ILE M 183 91.32 -29.46 15.20
CA ILE M 183 90.08 -28.77 14.86
C ILE M 183 89.50 -29.28 13.55
N ASN M 184 90.37 -29.59 12.59
CA ASN M 184 89.91 -30.19 11.35
C ASN M 184 89.34 -31.59 11.60
N ARG M 185 89.92 -32.30 12.56
CA ARG M 185 89.35 -33.57 12.98
C ARG M 185 88.00 -33.38 13.66
N HIS M 186 87.85 -32.31 14.44
CA HIS M 186 86.57 -31.98 15.05
C HIS M 186 85.53 -31.65 13.98
N GLN M 187 85.98 -30.97 12.92
CA GLN M 187 85.12 -30.72 11.76
C GLN M 187 84.65 -32.01 11.14
N THR M 188 85.57 -32.96 11.00
CA THR M 188 85.25 -34.27 10.43
C THR M 188 84.18 -34.99 11.26
N THR M 189 84.40 -35.04 12.58
CA THR M 189 83.46 -35.70 13.47
C THR M 189 82.11 -34.99 13.49
N THR M 190 82.14 -33.66 13.52
CA THR M 190 80.91 -32.88 13.60
C THR M 190 80.11 -32.99 12.31
N GLU M 191 80.82 -33.04 11.18
CA GLU M 191 80.14 -33.24 9.91
C GLU M 191 79.57 -34.65 9.81
N ASN M 192 80.26 -35.64 10.37
CA ASN M 192 79.73 -36.99 10.41
C ASN M 192 78.45 -37.06 11.22
N VAL M 193 78.43 -36.39 12.37
CA VAL M 193 77.25 -36.45 13.21
C VAL M 193 76.12 -35.60 12.61
N ARG M 194 76.46 -34.48 11.97
CA ARG M 194 75.46 -33.70 11.25
C ARG M 194 74.89 -34.49 10.09
N LYS M 195 75.73 -35.28 9.44
CA LYS M 195 75.29 -36.21 8.42
C LYS M 195 74.29 -37.21 8.99
N LYS M 196 74.61 -37.76 10.17
CA LYS M 196 73.71 -38.71 10.83
C LYS M 196 72.37 -38.07 11.13
N VAL M 197 72.41 -36.84 11.67
CA VAL M 197 71.19 -36.15 12.08
C VAL M 197 70.34 -35.79 10.86
N SER M 198 70.98 -35.21 9.84
CA SER M 198 70.24 -34.77 8.67
C SER M 198 69.73 -35.95 7.87
N ASP M 199 70.50 -37.04 7.79
CA ASP M 199 70.02 -38.24 7.12
C ASP M 199 68.90 -38.89 7.91
N TYR M 200 68.93 -38.80 9.23
CA TYR M 200 67.81 -39.28 10.03
C TYR M 200 66.57 -38.43 9.80
N ARG M 201 66.78 -37.13 9.59
CA ARG M 201 65.68 -36.23 9.30
C ARG M 201 65.06 -36.53 7.95
N ILE M 202 65.90 -36.73 6.94
CA ILE M 202 65.43 -37.11 5.61
C ILE M 202 64.79 -38.49 5.65
N THR M 203 65.28 -39.36 6.52
CA THR M 203 64.64 -40.65 6.76
C THR M 203 63.25 -40.45 7.35
N LEU M 204 63.07 -39.40 8.14
CA LEU M 204 61.73 -39.04 8.56
C LEU M 204 61.01 -38.24 7.47
N THR M 205 61.66 -37.18 6.98
CA THR M 205 60.99 -36.22 6.12
C THR M 205 61.00 -36.61 4.64
N GLY M 206 62.18 -36.81 4.06
CA GLY M 206 62.19 -37.17 2.65
C GLY M 206 63.20 -36.43 1.81
N GLY M 207 63.74 -37.10 0.82
CA GLY M 207 64.70 -36.52 -0.10
C GLY M 207 65.87 -37.44 -0.31
N GLU M 208 66.90 -36.90 -0.95
CA GLU M 208 68.10 -37.68 -1.20
C GLU M 208 69.01 -37.61 0.02
N LEU M 209 69.46 -38.78 0.48
CA LEU M 209 70.43 -38.81 1.56
C LEU M 209 71.77 -38.30 1.06
N SER M 210 72.57 -37.77 1.99
CA SER M 210 73.95 -37.44 1.69
C SER M 210 74.79 -38.66 1.35
N SER M 211 74.40 -39.84 1.84
CA SER M 211 74.96 -41.09 1.37
C SER M 211 74.60 -41.40 -0.08
N GLY M 212 73.53 -40.80 -0.60
CA GLY M 212 73.16 -40.99 -1.99
C GLY M 212 71.95 -41.89 -2.17
N ASP M 213 70.94 -41.70 -1.33
CA ASP M 213 69.71 -42.49 -1.45
C ASP M 213 68.53 -41.55 -1.41
N LYS M 214 67.75 -41.54 -2.48
CA LYS M 214 66.54 -40.72 -2.57
C LYS M 214 65.42 -41.44 -1.85
N VAL M 215 65.44 -41.39 -0.53
CA VAL M 215 64.40 -42.00 0.28
C VAL M 215 63.18 -41.07 0.27
N ASN M 216 62.04 -41.61 0.66
CA ASN M 216 60.81 -40.84 0.62
C ASN M 216 60.49 -40.19 1.96
N GLY M 217 61.15 -40.62 3.03
CA GLY M 217 60.83 -40.11 4.35
C GLY M 217 59.64 -40.82 4.95
N LEU M 218 59.78 -41.27 6.19
CA LEU M 218 58.72 -42.09 6.77
C LEU M 218 57.51 -41.28 7.18
N GLU M 219 57.71 -40.01 7.55
CA GLU M 219 56.57 -39.17 7.94
C GLU M 219 55.58 -38.93 6.82
N PRO M 220 55.94 -38.62 5.57
CA PRO M 220 54.90 -38.53 4.54
C PRO M 220 54.30 -39.87 4.18
N GLN M 221 55.01 -40.98 4.37
CA GLN M 221 54.41 -42.28 4.14
C GLN M 221 53.36 -42.58 5.18
N VAL M 222 53.66 -42.28 6.44
CA VAL M 222 52.70 -42.40 7.52
C VAL M 222 51.54 -41.42 7.31
N LYS M 223 51.85 -40.24 6.79
CA LYS M 223 50.81 -39.26 6.49
C LYS M 223 49.91 -39.75 5.37
N THR M 224 50.50 -40.44 4.39
CA THR M 224 49.73 -40.98 3.28
C THR M 224 48.83 -42.11 3.74
N LYS M 225 49.35 -43.00 4.58
CA LYS M 225 48.53 -44.06 5.13
C LYS M 225 47.51 -43.53 6.12
N TYR M 226 47.80 -42.38 6.75
CA TYR M 226 46.79 -41.69 7.53
C TYR M 226 45.71 -41.11 6.64
N ASP M 227 46.08 -40.66 5.46
CA ASP M 227 45.08 -40.18 4.51
C ASP M 227 44.24 -41.33 3.98
N LEU M 228 44.84 -42.51 3.89
CA LEU M 228 44.08 -43.72 3.61
C LEU M 228 43.10 -43.99 4.74
N MET M 229 43.59 -44.11 5.95
CA MET M 229 42.71 -44.33 7.10
C MET M 229 41.81 -43.14 7.44
N GLU M 230 41.93 -42.02 6.72
CA GLU M 230 40.96 -40.95 6.74
C GLU M 230 39.90 -41.11 5.66
N LYS M 231 40.32 -41.48 4.45
CA LYS M 231 39.40 -41.56 3.30
C LYS M 231 39.26 -42.96 2.73
N SER M 232 40.38 -43.63 2.44
CA SER M 232 40.35 -45.00 1.95
C SER M 232 40.09 -46.01 3.05
N ASN M 233 39.94 -45.52 4.30
CA ASN M 233 39.33 -46.30 5.35
C ASN M 233 37.92 -46.75 4.98
N MET M 234 37.21 -45.91 4.22
CA MET M 234 35.94 -46.22 3.58
C MET M 234 34.84 -46.52 4.59
N ARG M 235 34.71 -45.65 5.59
CA ARG M 235 33.57 -45.67 6.48
C ARG M 235 32.26 -45.44 5.73
N LYS M 236 32.31 -44.65 4.66
CA LYS M 236 31.16 -44.53 3.76
C LYS M 236 30.85 -45.86 3.09
N SER M 237 31.88 -46.64 2.77
CA SER M 237 31.60 -47.97 2.25
C SER M 237 31.10 -48.91 3.33
N ILE M 238 31.47 -48.69 4.59
CA ILE M 238 30.87 -49.44 5.69
C ILE M 238 29.38 -49.11 5.77
N LYS M 239 29.04 -47.83 5.61
CA LYS M 239 27.64 -47.39 5.57
C LYS M 239 26.89 -48.04 4.41
N GLU M 240 27.48 -47.99 3.22
CA GLU M 240 26.84 -48.52 2.03
C GLU M 240 26.77 -50.04 2.04
N LEU M 241 27.72 -50.71 2.67
CA LEU M 241 27.64 -52.15 2.80
C LEU M 241 26.66 -52.57 3.87
N ASP M 242 26.47 -51.78 4.92
CA ASP M 242 25.37 -52.04 5.83
C ASP M 242 24.03 -51.77 5.15
N GLU M 243 23.99 -50.80 4.25
CA GLU M 243 22.82 -50.58 3.43
C GLU M 243 22.59 -51.76 2.50
N LYS M 244 23.66 -52.35 1.98
CA LYS M 244 23.56 -53.56 1.18
C LYS M 244 23.03 -54.71 2.00
N ILE M 245 23.49 -54.83 3.25
CA ILE M 245 22.99 -55.84 4.18
C ILE M 245 21.50 -55.69 4.39
N LYS M 246 21.06 -54.47 4.70
CA LYS M 246 19.65 -54.29 5.03
C LYS M 246 18.76 -54.40 3.80
N GLU M 247 19.28 -54.07 2.61
CA GLU M 247 18.49 -54.25 1.39
C GLU M 247 18.36 -55.72 1.04
N LYS M 248 19.46 -56.47 1.09
CA LYS M 248 19.39 -57.90 0.84
C LYS M 248 18.57 -58.61 1.92
N ARG M 249 18.69 -58.15 3.16
CA ARG M 249 17.95 -58.75 4.26
C ARG M 249 16.46 -58.45 4.13
N GLN M 250 16.12 -57.23 3.71
CA GLN M 250 14.73 -56.88 3.47
C GLN M 250 14.14 -57.71 2.35
N ARG M 251 14.91 -57.91 1.27
CA ARG M 251 14.45 -58.74 0.15
C ARG M 251 14.24 -60.17 0.58
N ILE M 252 15.19 -60.72 1.34
CA ILE M 252 15.05 -62.13 1.69
C ILE M 252 14.05 -62.34 2.82
N GLU M 253 13.75 -61.32 3.62
CA GLU M 253 12.67 -61.51 4.58
C GLU M 253 11.30 -61.33 3.94
N GLN M 254 11.22 -60.49 2.90
CA GLN M 254 10.07 -60.56 2.00
C GLN M 254 9.94 -61.95 1.41
N LEU M 255 11.06 -62.56 1.04
CA LEU M 255 11.06 -63.93 0.55
C LEU M 255 10.66 -64.92 1.65
N LYS M 256 10.98 -64.63 2.91
CA LYS M 256 10.55 -65.47 4.02
C LYS M 256 9.03 -65.46 4.16
N LYS M 257 8.44 -64.26 4.18
CA LYS M 257 6.99 -64.14 4.30
C LYS M 257 6.29 -64.72 3.09
N ASP M 258 6.83 -64.45 1.90
CA ASP M 258 6.38 -65.08 0.68
C ASP M 258 6.47 -66.59 0.77
N TYR M 259 7.55 -67.11 1.36
CA TYR M 259 7.75 -68.55 1.43
C TYR M 259 6.78 -69.22 2.38
N ASP M 260 6.44 -68.56 3.48
CA ASP M 260 5.40 -69.08 4.36
C ASP M 260 4.06 -69.13 3.63
N LYS M 261 3.77 -68.08 2.84
CA LYS M 261 2.57 -68.13 2.02
C LYS M 261 2.69 -69.16 0.90
N PHE M 262 3.91 -69.41 0.42
CA PHE M 262 4.14 -70.42 -0.62
C PHE M 262 3.82 -71.81 -0.12
N VAL M 263 4.31 -72.15 1.07
CA VAL M 263 4.04 -73.48 1.59
C VAL M 263 2.59 -73.60 2.00
N GLY M 264 1.96 -72.51 2.45
CA GLY M 264 0.53 -72.54 2.71
C GLY M 264 -0.29 -72.85 1.48
N LEU M 265 -0.05 -72.11 0.39
CA LEU M 265 -0.81 -72.33 -0.83
C LEU M 265 -0.45 -73.65 -1.51
N SER M 266 0.80 -74.09 -1.41
CA SER M 266 1.18 -75.37 -1.97
C SER M 266 0.52 -76.51 -1.21
N PHE M 267 0.34 -76.36 0.10
CA PHE M 267 -0.30 -77.41 0.84
C PHE M 267 -1.81 -77.43 0.60
N THR M 268 -2.41 -76.26 0.35
CA THR M 268 -3.81 -76.23 -0.04
C THR M 268 -4.01 -76.87 -1.42
N GLY M 269 -3.11 -76.56 -2.35
CA GLY M 269 -3.13 -77.24 -3.64
C GLY M 269 -2.83 -78.71 -3.55
N ALA M 270 -2.14 -79.13 -2.49
CA ALA M 270 -1.94 -80.55 -2.23
C ALA M 270 -3.24 -81.21 -1.80
N ILE M 271 -3.79 -80.78 -0.67
CA ILE M 271 -4.75 -81.59 0.07
C ILE M 271 -6.14 -81.67 -0.55
N GLY M 272 -6.32 -81.08 -1.73
CA GLY M 272 -7.59 -81.16 -2.42
C GLY M 272 -7.98 -82.55 -2.88
N GLY M 273 -7.25 -83.09 -3.85
CA GLY M 273 -7.60 -84.39 -4.42
C GLY M 273 -6.37 -85.13 -4.88
N ILE M 274 -6.61 -86.17 -5.68
CA ILE M 274 -5.55 -87.10 -6.07
C ILE M 274 -4.55 -86.42 -6.99
N ILE M 275 -5.03 -85.94 -8.14
CA ILE M 275 -4.14 -85.26 -9.09
C ILE M 275 -3.72 -83.90 -8.57
N ALA M 276 -4.46 -83.32 -7.62
CA ALA M 276 -4.05 -82.09 -6.96
C ALA M 276 -2.79 -82.32 -6.14
N MET M 277 -2.83 -83.32 -5.24
CA MET M 277 -1.65 -83.85 -4.56
C MET M 277 -0.51 -84.09 -5.54
N ALA M 278 -0.82 -84.75 -6.66
CA ALA M 278 0.19 -85.11 -7.66
C ALA M 278 0.91 -83.89 -8.21
N ILE M 279 0.17 -82.95 -8.82
CA ILE M 279 0.80 -81.84 -9.52
C ILE M 279 1.43 -80.86 -8.54
N THR M 280 0.77 -80.60 -7.41
CA THR M 280 1.28 -79.57 -6.52
C THR M 280 2.42 -80.09 -5.65
N GLY M 281 2.33 -81.31 -5.15
CA GLY M 281 3.45 -81.89 -4.44
C GLY M 281 4.62 -82.23 -5.35
N GLY M 282 4.38 -82.43 -6.64
CA GLY M 282 5.48 -82.57 -7.57
C GLY M 282 6.20 -81.27 -7.78
N ILE M 283 5.45 -80.21 -8.08
CA ILE M 283 6.07 -78.93 -8.40
C ILE M 283 6.53 -78.23 -7.14
N PHE M 284 5.59 -77.81 -6.32
CA PHE M 284 5.94 -76.94 -5.21
C PHE M 284 6.32 -77.69 -3.97
N GLY M 285 6.03 -79.00 -3.90
CA GLY M 285 6.66 -79.82 -2.88
C GLY M 285 8.17 -79.85 -3.02
N ALA M 286 8.65 -79.84 -4.26
CA ALA M 286 10.09 -79.70 -4.48
C ALA M 286 10.54 -78.25 -4.39
N LYS M 287 9.73 -77.33 -4.93
CA LYS M 287 10.11 -75.92 -4.95
C LYS M 287 10.17 -75.31 -3.56
N ALA M 288 9.36 -75.82 -2.63
CA ALA M 288 9.43 -75.35 -1.25
C ALA M 288 10.78 -75.66 -0.63
N GLU M 289 11.22 -76.91 -0.78
CA GLU M 289 12.53 -77.31 -0.27
C GLU M 289 13.66 -76.57 -0.98
N ASN M 290 13.53 -76.40 -2.30
CA ASN M 290 14.60 -75.78 -3.08
C ASN M 290 14.73 -74.30 -2.77
N ALA M 291 13.62 -73.57 -2.84
CA ALA M 291 13.60 -72.15 -2.52
C ALA M 291 13.91 -71.92 -1.05
N ARG M 292 13.55 -72.86 -0.18
CA ARG M 292 13.87 -72.71 1.24
C ARG M 292 15.36 -72.87 1.49
N LYS M 293 15.98 -73.84 0.84
CA LYS M 293 17.41 -74.05 1.03
C LYS M 293 18.20 -72.90 0.42
N GLU M 294 17.80 -72.43 -0.76
CA GLU M 294 18.42 -71.26 -1.38
C GLU M 294 18.21 -70.02 -0.52
N LYS M 295 17.02 -69.88 0.04
CA LYS M 295 16.67 -68.75 0.88
C LYS M 295 17.47 -68.76 2.17
N ASN M 296 17.67 -69.93 2.76
CA ASN M 296 18.46 -70.02 3.98
C ASN M 296 19.94 -69.88 3.69
N ALA M 297 20.37 -70.24 2.49
CA ALA M 297 21.71 -69.89 2.05
C ALA M 297 21.87 -68.37 1.96
N LEU M 298 20.83 -67.68 1.48
CA LEU M 298 20.85 -66.22 1.47
C LEU M 298 20.85 -65.64 2.87
N ILE M 299 20.10 -66.28 3.79
CA ILE M 299 20.13 -65.93 5.21
C ILE M 299 21.56 -66.02 5.74
N SER M 300 22.23 -67.12 5.41
CA SER M 300 23.61 -67.32 5.84
C SER M 300 24.55 -66.30 5.23
N GLU M 301 24.32 -65.94 3.97
CA GLU M 301 25.17 -64.96 3.31
C GLU M 301 25.04 -63.58 3.93
N VAL M 302 23.81 -63.15 4.19
CA VAL M 302 23.62 -61.83 4.79
C VAL M 302 24.08 -61.86 6.25
N ALA M 303 23.95 -63.01 6.91
CA ALA M 303 24.50 -63.15 8.26
C ALA M 303 26.02 -63.11 8.25
N GLU M 304 26.66 -63.60 7.19
CA GLU M 304 28.11 -63.49 7.10
C GLU M 304 28.54 -62.08 6.73
N LEU M 305 27.72 -61.36 5.96
CA LEU M 305 28.02 -59.96 5.69
C LEU M 305 27.92 -59.14 6.96
N GLU M 306 26.93 -59.45 7.80
CA GLU M 306 26.88 -58.90 9.15
C GLU M 306 28.12 -59.30 9.94
N SER M 307 28.50 -60.56 9.85
CA SER M 307 29.73 -61.07 10.42
C SER M 307 30.96 -60.54 9.71
N LYS M 308 30.83 -60.06 8.49
CA LYS M 308 31.98 -59.39 7.93
C LYS M 308 31.94 -57.89 8.16
N VAL M 309 30.98 -57.20 7.56
CA VAL M 309 31.07 -55.74 7.49
C VAL M 309 30.21 -55.03 8.53
N SER M 310 29.15 -55.62 9.06
CA SER M 310 28.63 -55.10 10.31
C SER M 310 29.54 -55.44 11.48
N SER M 311 30.37 -56.46 11.33
CA SER M 311 31.51 -56.61 12.22
C SER M 311 32.63 -55.65 11.86
N GLN M 312 32.73 -55.30 10.59
CA GLN M 312 33.68 -54.24 10.26
C GLN M 312 33.17 -52.86 10.56
N ARG M 313 31.96 -52.71 11.10
CA ARG M 313 31.62 -51.48 11.81
C ARG M 313 32.56 -51.29 13.00
N ALA M 314 32.65 -52.30 13.86
CA ALA M 314 33.54 -52.22 15.01
C ALA M 314 35.00 -52.31 14.59
N LEU M 315 35.30 -53.10 13.56
CA LEU M 315 36.66 -53.14 13.05
C LEU M 315 37.06 -51.80 12.44
N GLN M 316 36.11 -51.14 11.77
CA GLN M 316 36.31 -49.80 11.25
C GLN M 316 36.53 -48.81 12.39
N THR M 317 35.82 -48.99 13.49
CA THR M 317 36.01 -48.14 14.66
C THR M 317 37.39 -48.33 15.26
N ALA M 318 37.86 -49.58 15.27
CA ALA M 318 39.22 -49.86 15.70
C ALA M 318 40.24 -49.24 14.76
N LEU M 319 39.94 -49.25 13.46
CA LEU M 319 40.78 -48.55 12.48
C LEU M 319 40.76 -47.06 12.70
N GLU M 320 39.63 -46.52 13.16
CA GLU M 320 39.53 -45.10 13.43
C GLU M 320 40.34 -44.72 14.66
N ALA M 321 40.33 -45.58 15.68
CA ALA M 321 41.21 -45.37 16.81
C ALA M 321 42.67 -45.54 16.43
N LEU M 322 42.95 -46.43 15.49
CA LEU M 322 44.30 -46.61 15.00
C LEU M 322 44.75 -45.39 14.20
N SER M 323 43.84 -44.81 13.44
CA SER M 323 44.12 -43.58 12.71
C SER M 323 44.29 -42.41 13.66
N LEU M 324 43.57 -42.42 14.77
CA LEU M 324 43.81 -41.46 15.85
C LEU M 324 45.21 -41.59 16.40
N SER M 325 45.64 -42.84 16.66
CA SER M 325 46.97 -43.10 17.15
C SER M 325 48.03 -42.67 16.13
N PHE M 326 47.73 -42.90 14.85
CA PHE M 326 48.64 -42.51 13.79
C PHE M 326 48.72 -41.00 13.66
N SER M 327 47.59 -40.32 13.89
CA SER M 327 47.60 -38.87 13.87
C SER M 327 48.42 -38.32 15.01
N ASP M 328 48.35 -38.97 16.17
CA ASP M 328 49.20 -38.61 17.31
C ASP M 328 50.67 -38.79 16.95
N ILE M 329 51.01 -39.95 16.38
CA ILE M 329 52.38 -40.25 15.98
C ILE M 329 52.87 -39.23 14.96
N GLY M 330 52.00 -38.83 14.03
CA GLY M 330 52.39 -37.84 13.04
C GLY M 330 52.57 -36.45 13.63
N ILE M 331 51.76 -36.09 14.63
CA ILE M 331 51.96 -34.84 15.34
C ILE M 331 53.32 -34.83 16.02
N ARG M 332 53.67 -35.94 16.66
CA ARG M 332 54.96 -35.98 17.33
C ARG M 332 56.11 -36.09 16.33
N MET M 333 55.84 -36.59 15.13
CA MET M 333 56.83 -36.53 14.06
C MET M 333 57.04 -35.10 13.58
N VAL M 334 55.96 -34.30 13.53
CA VAL M 334 56.10 -32.88 13.20
C VAL M 334 56.90 -32.16 14.28
N ASP M 335 56.68 -32.57 15.54
CA ASP M 335 57.45 -32.02 16.65
C ASP M 335 58.93 -32.36 16.52
N ALA M 336 59.22 -33.62 16.18
CA ALA M 336 60.58 -34.04 15.94
C ALA M 336 61.16 -33.37 14.69
N GLU M 337 60.29 -33.01 13.74
CA GLU M 337 60.75 -32.32 12.54
C GLU M 337 61.22 -30.92 12.87
N SER M 338 60.46 -30.19 13.69
CA SER M 338 60.93 -28.90 14.16
C SER M 338 62.15 -29.03 15.05
N ALA M 339 62.21 -30.12 15.82
CA ALA M 339 63.37 -30.40 16.65
C ALA M 339 64.62 -30.55 15.81
N LEU M 340 64.55 -31.37 14.78
CA LEU M 340 65.66 -31.55 13.87
C LEU M 340 65.92 -30.32 13.03
N ASN M 341 64.90 -29.48 12.81
CA ASN M 341 65.11 -28.20 12.13
C ASN M 341 66.04 -27.31 12.93
N HIS M 342 65.66 -27.01 14.18
CA HIS M 342 66.48 -26.18 15.05
C HIS M 342 67.83 -26.84 15.32
N LEU M 343 67.82 -28.16 15.47
CA LEU M 343 69.03 -28.92 15.76
C LEU M 343 70.01 -28.86 14.60
N ASP M 344 69.56 -29.19 13.40
CA ASP M 344 70.43 -29.22 12.23
C ASP M 344 70.86 -27.83 11.84
N PHE M 345 70.04 -26.81 12.12
CA PHE M 345 70.51 -25.45 11.88
C PHE M 345 71.62 -25.07 12.85
N MET M 346 71.53 -25.54 14.11
CA MET M 346 72.65 -25.38 15.03
C MET M 346 73.90 -26.09 14.52
N TRP M 347 73.74 -27.33 14.04
CA TRP M 347 74.90 -28.09 13.54
C TRP M 347 75.53 -27.41 12.33
N LEU M 348 74.68 -26.85 11.48
CA LEU M 348 75.17 -26.05 10.36
C LEU M 348 75.93 -24.84 10.85
N SER M 349 75.43 -24.17 11.88
CA SER M 349 76.14 -23.01 12.45
C SER M 349 77.49 -23.40 13.02
N VAL M 350 77.56 -24.59 13.63
CA VAL M 350 78.81 -25.11 14.15
C VAL M 350 79.81 -25.32 13.03
N LEU M 351 79.40 -26.04 11.99
CA LEU M 351 80.28 -26.30 10.85
C LEU M 351 80.64 -25.01 10.12
N ASN M 352 79.71 -24.06 10.10
CA ASN M 352 79.97 -22.73 9.56
C ASN M 352 81.14 -22.07 10.26
N GLN M 353 81.07 -21.99 11.58
CA GLN M 353 82.12 -21.29 12.32
C GLN M 353 83.44 -22.05 12.27
N ILE M 354 83.38 -23.38 12.12
CA ILE M 354 84.59 -24.15 11.87
C ILE M 354 85.23 -23.74 10.55
N THR M 355 84.42 -23.64 9.49
CA THR M 355 84.95 -23.21 8.20
C THR M 355 85.44 -21.77 8.23
N GLU M 356 84.75 -20.92 9.00
CA GLU M 356 85.19 -19.54 9.23
C GLU M 356 86.58 -19.51 9.81
N SER M 357 86.85 -20.39 10.77
CA SER M 357 88.20 -20.52 11.30
C SER M 357 89.16 -21.04 10.25
N GLN M 358 88.76 -22.09 9.52
CA GLN M 358 89.70 -22.83 8.68
C GLN M 358 90.15 -22.08 7.44
N ILE M 359 89.28 -21.23 6.88
CA ILE M 359 89.66 -20.42 5.72
C ILE M 359 90.80 -19.49 6.09
N GLN M 360 90.67 -18.82 7.22
CA GLN M 360 91.73 -17.95 7.71
C GLN M 360 92.89 -18.73 8.29
N PHE M 361 92.68 -20.00 8.65
CA PHE M 361 93.79 -20.86 9.04
C PHE M 361 94.63 -21.22 7.83
N ALA M 362 94.00 -21.33 6.66
CA ALA M 362 94.74 -21.55 5.43
C ALA M 362 95.59 -20.35 5.05
N MET M 363 95.22 -19.17 5.51
CA MET M 363 95.99 -17.95 5.26
C MET M 363 97.30 -17.90 6.02
N ILE M 364 97.48 -18.76 7.02
CA ILE M 364 98.62 -18.69 7.92
C ILE M 364 99.87 -19.20 7.21
N ASN M 365 100.93 -18.39 7.24
CA ASN M 365 102.20 -18.72 6.58
C ASN M 365 103.34 -18.24 7.49
N ASN M 366 104.54 -18.16 6.92
CA ASN M 366 105.68 -17.57 7.60
C ASN M 366 105.82 -16.08 7.31
N ALA M 367 104.90 -15.50 6.57
CA ALA M 367 104.87 -14.07 6.29
C ALA M 367 103.91 -13.35 7.22
N LEU M 368 103.86 -13.76 8.47
CA LEU M 368 102.98 -13.15 9.46
C LEU M 368 103.69 -11.94 10.05
N ARG M 369 103.45 -10.77 9.46
CA ARG M 369 104.11 -9.53 9.85
C ARG M 369 103.44 -8.96 11.09
N LEU M 370 103.73 -7.69 11.41
CA LEU M 370 103.29 -7.07 12.64
C LEU M 370 101.77 -6.94 12.74
N THR M 371 101.19 -6.04 11.96
CA THR M 371 99.76 -5.90 12.03
C THR M 371 99.05 -6.92 11.16
N SER M 372 99.77 -7.52 10.21
CA SER M 372 99.27 -8.68 9.50
C SER M 372 99.00 -9.82 10.47
N PHE M 373 99.91 -10.04 11.41
CA PHE M 373 99.69 -11.08 12.41
C PHE M 373 98.73 -10.62 13.48
N VAL M 374 98.62 -9.30 13.71
CA VAL M 374 97.54 -8.81 14.58
C VAL M 374 96.18 -9.14 13.99
N ASN M 375 96.04 -8.91 12.68
CA ASN M 375 94.80 -9.22 11.99
C ASN M 375 94.58 -10.73 11.93
N LYS M 376 95.65 -11.49 11.77
CA LYS M 376 95.54 -12.95 11.72
C LYS M 376 95.19 -13.53 13.08
N PHE M 377 95.81 -12.99 14.12
CA PHE M 377 95.45 -13.22 15.52
C PHE M 377 93.96 -13.00 15.75
N GLN M 378 93.44 -11.89 15.21
CA GLN M 378 92.01 -11.60 15.33
C GLN M 378 91.17 -12.61 14.54
N GLN M 379 91.64 -12.97 13.34
CA GLN M 379 90.94 -13.97 12.52
C GLN M 379 90.88 -15.31 13.21
N VAL M 380 91.93 -15.64 13.97
CA VAL M 380 91.92 -16.86 14.77
C VAL M 380 90.89 -16.74 15.88
N ILE M 381 91.00 -15.70 16.72
CA ILE M 381 90.20 -15.65 17.93
C ILE M 381 88.74 -15.31 17.71
N THR M 382 88.37 -14.84 16.53
CA THR M 382 87.01 -14.36 16.35
C THR M 382 85.92 -15.46 16.32
N PRO M 383 86.01 -16.54 15.52
CA PRO M 383 84.87 -17.47 15.48
C PRO M 383 84.74 -18.31 16.73
N TRP M 384 85.85 -18.57 17.43
CA TRP M 384 85.81 -19.53 18.52
C TRP M 384 85.12 -18.98 19.74
N GLN M 385 84.97 -17.67 19.84
CA GLN M 385 84.12 -17.09 20.87
C GLN M 385 82.68 -17.53 20.69
N SER M 386 82.16 -17.38 19.46
CA SER M 386 80.79 -17.83 19.17
C SER M 386 80.66 -19.34 19.25
N VAL M 387 81.73 -20.06 18.88
CA VAL M 387 81.77 -21.52 19.04
C VAL M 387 81.58 -21.90 20.49
N GLY M 388 82.35 -21.29 21.39
CA GLY M 388 82.23 -21.58 22.80
C GLY M 388 80.90 -21.16 23.38
N ASP M 389 80.33 -20.05 22.90
CA ASP M 389 79.03 -19.60 23.38
C ASP M 389 77.94 -20.60 23.04
N SER M 390 77.86 -20.98 21.76
CA SER M 390 76.87 -21.97 21.32
C SER M 390 77.12 -23.32 21.97
N ALA M 391 78.39 -23.65 22.23
CA ALA M 391 78.72 -24.94 22.80
C ALA M 391 78.31 -25.02 24.27
N ARG M 392 78.53 -23.94 25.03
CA ARG M 392 78.13 -23.96 26.44
C ARG M 392 76.61 -23.92 26.58
N GLN M 393 75.93 -23.13 25.74
CA GLN M 393 74.48 -23.17 25.71
C GLN M 393 73.97 -24.54 25.33
N LEU M 394 74.68 -25.22 24.43
CA LEU M 394 74.26 -26.53 23.99
C LEU M 394 74.49 -27.58 25.08
N VAL M 395 75.59 -27.47 25.82
CA VAL M 395 75.84 -28.31 26.99
C VAL M 395 74.76 -28.10 28.03
N ASP M 396 74.28 -26.87 28.18
CA ASP M 396 73.15 -26.61 29.08
C ASP M 396 71.88 -27.30 28.61
N ILE M 397 71.63 -27.26 27.29
CA ILE M 397 70.50 -27.98 26.70
C ILE M 397 70.61 -29.48 26.96
N PHE M 398 71.84 -30.00 26.86
CA PHE M 398 72.10 -31.40 27.16
C PHE M 398 71.81 -31.72 28.62
N ASP M 399 72.21 -30.82 29.51
CA ASP M 399 72.17 -31.11 30.94
C ASP M 399 70.76 -31.04 31.48
N GLU M 400 69.99 -30.03 31.06
CA GLU M 400 68.71 -29.79 31.69
C GLU M 400 67.66 -30.82 31.32
N ALA M 401 67.85 -31.53 30.21
CA ALA M 401 66.87 -32.53 29.80
C ALA M 401 67.02 -33.82 30.61
N ILE M 402 68.16 -33.96 31.30
CA ILE M 402 68.48 -35.21 32.00
C ILE M 402 67.52 -35.42 33.16
N LYS M 403 67.20 -34.35 33.87
CA LYS M 403 66.30 -34.49 35.01
C LYS M 403 64.86 -34.67 34.59
N GLU M 404 64.53 -34.40 33.33
CA GLU M 404 63.15 -34.43 32.85
C GLU M 404 62.60 -35.85 32.84
N TYR M 405 63.46 -36.85 32.68
CA TYR M 405 63.01 -38.23 32.59
C TYR M 405 62.47 -38.73 33.92
N LYS M 406 63.22 -38.52 35.00
CA LYS M 406 62.80 -39.01 36.29
C LYS M 406 61.62 -38.22 36.84
N LYS M 407 61.49 -36.96 36.42
CA LYS M 407 60.33 -36.18 36.83
C LYS M 407 59.07 -36.64 36.11
N VAL M 408 59.20 -37.05 34.85
CA VAL M 408 58.00 -37.26 34.04
C VAL M 408 57.83 -38.72 33.69
N TYR M 409 58.84 -39.32 33.06
CA TYR M 409 58.74 -40.69 32.60
C TYR M 409 58.82 -41.63 33.80
N LEU N 12 68.34 -1.81 -1.43
CA LEU N 12 67.16 -0.98 -1.24
C LEU N 12 66.23 -1.59 -0.19
N SER N 13 64.94 -1.58 -0.48
CA SER N 13 63.95 -2.12 0.44
C SER N 13 64.06 -3.64 0.51
N TYR N 14 63.65 -4.20 1.65
CA TYR N 14 63.67 -5.64 1.87
C TYR N 14 62.23 -6.09 2.07
N PRO N 15 61.53 -6.51 1.01
CA PRO N 15 60.13 -6.90 1.15
C PRO N 15 59.99 -8.23 1.88
N ASP N 16 58.78 -8.50 2.35
CA ASP N 16 58.50 -9.68 3.17
C ASP N 16 58.57 -10.93 2.30
N ILE N 17 59.15 -11.98 2.86
CA ILE N 17 59.29 -13.27 2.20
C ILE N 17 58.73 -14.29 3.18
N ASN N 18 57.43 -14.58 3.05
CA ASN N 18 56.72 -15.30 4.10
C ASN N 18 57.06 -16.79 4.03
N PHE N 19 57.99 -17.21 4.89
CA PHE N 19 58.34 -18.62 4.96
C PHE N 19 57.27 -19.48 5.63
N LYS N 20 56.26 -18.87 6.24
CA LYS N 20 55.11 -19.65 6.67
C LYS N 20 54.38 -20.22 5.46
N ILE N 21 54.12 -19.37 4.47
CA ILE N 21 53.52 -19.80 3.21
C ILE N 21 54.45 -20.79 2.49
N PHE N 22 55.76 -20.54 2.58
CA PHE N 22 56.74 -21.40 1.91
C PHE N 22 56.75 -22.80 2.50
N SER N 23 56.88 -22.90 3.82
CA SER N 23 56.88 -24.20 4.48
C SER N 23 55.53 -24.87 4.37
N GLN N 24 54.45 -24.09 4.33
CA GLN N 24 53.13 -24.63 4.06
C GLN N 24 53.05 -25.25 2.68
N GLY N 25 53.61 -24.59 1.68
CA GLY N 25 53.60 -25.13 0.33
C GLY N 25 54.47 -26.36 0.20
N VAL N 26 55.61 -26.38 0.88
CA VAL N 26 56.48 -27.54 0.90
C VAL N 26 55.77 -28.72 1.54
N LYS N 27 55.08 -28.47 2.66
CA LYS N 27 54.31 -29.50 3.34
C LYS N 27 53.15 -29.98 2.47
N ASN N 28 52.57 -29.09 1.66
CA ASN N 28 51.48 -29.51 0.79
C ASN N 28 52.00 -30.34 -0.38
N ILE N 29 53.15 -29.98 -0.93
CA ILE N 29 53.75 -30.72 -2.02
C ILE N 29 54.15 -32.11 -1.57
N SER N 30 54.89 -32.18 -0.46
CA SER N 30 55.23 -33.47 0.12
C SER N 30 54.00 -34.22 0.59
N HIS N 31 52.96 -33.50 0.97
CA HIS N 31 51.67 -34.05 1.36
C HIS N 31 50.90 -34.57 0.18
N LEU N 32 50.95 -33.88 -0.96
CA LEU N 32 50.20 -34.32 -2.12
C LEU N 32 51.06 -34.95 -3.18
N ALA N 33 52.27 -35.39 -2.82
CA ALA N 33 53.18 -35.99 -3.78
C ALA N 33 52.63 -37.29 -4.33
N GLN N 34 52.47 -38.29 -3.47
CA GLN N 34 52.05 -39.62 -3.91
C GLN N 34 50.53 -39.76 -3.87
N PHE N 35 49.82 -38.81 -4.49
CA PHE N 35 48.38 -38.81 -4.39
C PHE N 35 47.70 -39.51 -5.56
N LYS N 36 47.90 -39.00 -6.77
CA LYS N 36 47.06 -39.35 -7.91
C LYS N 36 47.56 -40.64 -8.56
N THR N 37 46.82 -41.73 -8.35
CA THR N 37 47.10 -43.01 -9.01
C THR N 37 45.90 -43.30 -9.90
N THR N 38 45.88 -42.74 -11.11
CA THR N 38 44.71 -42.81 -11.98
C THR N 38 45.02 -43.40 -13.36
N GLY N 39 46.15 -43.02 -13.96
CA GLY N 39 46.43 -43.51 -15.30
C GLY N 39 47.16 -42.54 -16.20
N VAL N 40 47.12 -41.25 -15.87
CA VAL N 40 47.94 -40.30 -16.62
C VAL N 40 49.38 -40.41 -16.16
N GLU N 41 49.64 -40.08 -14.89
CA GLU N 41 50.76 -40.48 -14.06
C GLU N 41 52.09 -39.84 -14.46
N VAL N 42 52.14 -39.23 -15.64
CA VAL N 42 53.31 -38.47 -16.00
C VAL N 42 53.18 -37.07 -15.42
N LEU N 43 51.94 -36.64 -15.18
CA LEU N 43 51.71 -35.48 -14.33
C LEU N 43 52.20 -35.74 -12.92
N GLN N 44 52.00 -36.96 -12.41
CA GLN N 44 52.51 -37.27 -11.09
C GLN N 44 54.02 -37.40 -11.11
N GLU N 45 54.57 -37.86 -12.23
CA GLU N 45 56.03 -37.89 -12.40
C GLU N 45 56.61 -36.49 -12.36
N LYS N 46 55.95 -35.54 -13.03
CA LYS N 46 56.34 -34.14 -12.95
C LYS N 46 56.16 -33.58 -11.55
N ALA N 47 55.14 -34.03 -10.84
CA ALA N 47 54.96 -33.61 -9.45
C ALA N 47 56.08 -34.15 -8.57
N LEU N 48 56.55 -35.36 -8.86
CA LEU N 48 57.71 -35.91 -8.17
C LEU N 48 58.95 -35.09 -8.46
N ARG N 49 59.09 -34.63 -9.71
CA ARG N 49 60.18 -33.73 -10.05
C ARG N 49 60.09 -32.44 -9.26
N VAL N 50 58.89 -31.89 -9.17
CA VAL N 50 58.65 -30.65 -8.43
C VAL N 50 58.97 -30.83 -6.96
N SER N 51 58.59 -31.98 -6.39
CA SER N 51 58.87 -32.27 -4.99
C SER N 51 60.37 -32.44 -4.75
N LEU N 52 61.05 -33.09 -5.69
CA LEU N 52 62.49 -33.27 -5.60
C LEU N 52 63.20 -31.91 -5.61
N TYR N 53 62.87 -31.08 -6.59
CA TYR N 53 63.49 -29.77 -6.64
C TYR N 53 63.00 -28.85 -5.53
N SER N 54 61.84 -29.14 -4.94
CA SER N 54 61.34 -28.32 -3.85
C SER N 54 62.09 -28.60 -2.56
N GLN N 55 62.27 -29.88 -2.24
CA GLN N 55 63.08 -30.25 -1.09
C GLN N 55 64.53 -29.88 -1.31
N ARG N 56 64.99 -30.01 -2.55
CA ARG N 56 66.31 -29.52 -2.94
C ARG N 56 66.43 -28.02 -2.73
N LEU N 57 65.37 -27.30 -3.04
CA LEU N 57 65.34 -25.85 -2.85
C LEU N 57 65.35 -25.52 -1.36
N ASP N 58 64.70 -26.34 -0.54
CA ASP N 58 64.77 -26.13 0.90
C ASP N 58 66.17 -26.35 1.43
N VAL N 59 66.86 -27.36 0.89
CA VAL N 59 68.28 -27.56 1.21
C VAL N 59 69.09 -26.35 0.81
N ILE N 60 68.79 -25.78 -0.35
CA ILE N 60 69.42 -24.55 -0.83
C ILE N 60 69.14 -23.40 0.14
N VAL N 61 67.92 -23.34 0.67
CA VAL N 61 67.56 -22.30 1.63
C VAL N 61 68.37 -22.42 2.91
N ARG N 62 68.49 -23.65 3.42
CA ARG N 62 69.24 -23.87 4.65
C ARG N 62 70.73 -23.59 4.46
N GLU N 63 71.28 -24.00 3.32
CA GLU N 63 72.68 -23.73 3.02
C GLU N 63 72.92 -22.25 2.77
N SER N 64 71.91 -21.56 2.24
CA SER N 64 72.00 -20.12 2.05
C SER N 64 72.05 -19.42 3.40
N LEU N 65 71.21 -19.86 4.33
CA LEU N 65 71.26 -19.35 5.70
C LEU N 65 72.59 -19.63 6.37
N SER N 66 73.17 -20.79 6.05
CA SER N 66 74.47 -21.15 6.61
C SER N 66 75.56 -20.19 6.12
N SER N 67 75.62 -19.98 4.80
CA SER N 67 76.60 -19.06 4.22
C SER N 67 76.33 -17.61 4.65
N LEU N 68 75.08 -17.27 4.85
CA LEU N 68 74.72 -15.94 5.35
C LEU N 68 75.22 -15.74 6.76
N GLN N 69 75.11 -16.76 7.61
CA GLN N 69 75.66 -16.65 8.96
C GLN N 69 77.18 -16.58 8.94
N VAL N 70 77.79 -17.34 8.02
CA VAL N 70 79.23 -17.27 7.76
C VAL N 70 79.66 -15.83 7.47
N LYS N 71 78.98 -15.20 6.53
CA LYS N 71 79.42 -13.89 6.10
C LYS N 71 79.00 -12.81 7.08
N LEU N 72 77.89 -12.98 7.80
CA LEU N 72 77.56 -12.05 8.85
C LEU N 72 78.48 -12.17 10.05
N GLU N 73 79.18 -13.27 10.21
CA GLU N 73 80.19 -13.29 11.27
C GLU N 73 81.57 -12.90 10.77
N ASN N 74 81.84 -13.03 9.47
CA ASN N 74 83.16 -12.69 8.95
C ASN N 74 83.25 -11.26 8.45
N THR N 75 82.34 -10.86 7.56
CA THR N 75 82.33 -9.47 7.11
C THR N 75 81.85 -8.55 8.22
N LEU N 76 80.64 -8.76 8.71
CA LEU N 76 80.00 -7.85 9.66
C LEU N 76 80.67 -7.93 11.03
N ALA N 77 80.75 -9.12 11.61
CA ALA N 77 81.15 -9.21 13.01
C ALA N 77 82.66 -9.07 13.20
N LEU N 78 83.47 -9.50 12.25
CA LEU N 78 84.90 -9.42 12.50
C LEU N 78 85.37 -7.98 12.27
N THR N 79 86.42 -7.63 12.98
CA THR N 79 86.83 -6.25 13.24
C THR N 79 88.04 -5.83 12.40
N TYR N 80 88.05 -6.19 11.11
CA TYR N 80 89.01 -5.64 10.15
C TYR N 80 89.01 -4.12 10.14
N PHE N 81 87.82 -3.53 10.33
CA PHE N 81 87.66 -2.09 10.49
C PHE N 81 88.51 -1.53 11.62
N THR N 82 88.65 -2.25 12.72
CA THR N 82 89.49 -1.78 13.81
C THR N 82 90.97 -1.89 13.46
N THR N 83 91.34 -2.88 12.65
CA THR N 83 92.71 -2.94 12.16
C THR N 83 93.00 -1.79 11.21
N LEU N 84 92.03 -1.43 10.37
CA LEU N 84 92.16 -0.26 9.50
C LEU N 84 92.33 1.01 10.32
N GLU N 85 91.56 1.14 11.41
CA GLU N 85 91.74 2.26 12.32
C GLU N 85 93.09 2.21 13.02
N GLU N 86 93.61 1.01 13.29
CA GLU N 86 94.90 0.89 13.96
C GLU N 86 96.04 1.33 13.04
N ILE N 87 95.99 0.93 11.77
CA ILE N 87 96.98 1.41 10.81
C ILE N 87 96.82 2.91 10.58
N ASP N 88 95.58 3.43 10.61
CA ASP N 88 95.37 4.86 10.53
C ASP N 88 96.01 5.60 11.70
N GLU N 89 95.89 5.04 12.90
CA GLU N 89 96.53 5.63 14.09
C GLU N 89 98.04 5.51 14.01
N ALA N 90 98.55 4.40 13.48
CA ALA N 90 99.99 4.23 13.35
C ALA N 90 100.57 5.16 12.30
N LEU N 91 99.77 5.56 11.31
CA LEU N 91 100.21 6.58 10.37
C LEU N 91 100.09 7.97 11.00
N ILE N 92 99.08 8.17 11.85
CA ILE N 92 99.03 9.37 12.68
C ILE N 92 100.23 9.42 13.62
N SER N 93 100.68 8.27 14.10
CA SER N 93 101.93 8.19 14.82
C SER N 93 103.10 8.55 13.92
N GLN N 94 103.91 9.50 14.36
CA GLN N 94 105.06 9.94 13.58
C GLN N 94 106.12 8.84 13.54
N ASP N 95 106.74 8.71 12.36
CA ASP N 95 107.52 7.52 12.09
C ASP N 95 108.51 7.80 10.97
N ILE N 96 109.62 7.07 10.99
CA ILE N 96 110.51 7.02 9.83
C ILE N 96 109.78 6.25 8.74
N ASP N 97 109.37 6.97 7.69
CA ASP N 97 108.48 6.43 6.66
C ASP N 97 109.15 5.42 5.75
N GLU N 98 110.46 5.20 5.91
CA GLU N 98 111.17 4.20 5.12
C GLU N 98 110.63 2.80 5.40
N GLU N 99 110.79 2.34 6.64
CA GLU N 99 110.33 1.00 6.99
C GLU N 99 108.84 1.01 7.34
N SER N 100 108.39 2.08 8.01
CA SER N 100 107.04 2.08 8.56
C SER N 100 105.98 2.27 7.49
N LYS N 101 105.97 3.47 6.88
CA LYS N 101 104.84 3.89 6.06
C LYS N 101 104.74 3.08 4.78
N SER N 102 105.88 2.61 4.27
CA SER N 102 105.87 1.66 3.15
C SER N 102 105.15 0.38 3.55
N GLU N 103 105.55 -0.22 4.67
CA GLU N 103 104.90 -1.44 5.12
C GLU N 103 103.51 -1.18 5.68
N MET N 104 103.28 0.03 6.21
CA MET N 104 101.92 0.42 6.58
C MET N 104 101.01 0.45 5.37
N ARG N 105 101.51 0.94 4.24
CA ARG N 105 100.72 0.96 3.02
C ARG N 105 100.54 -0.46 2.46
N LYS N 106 101.57 -1.29 2.57
CA LYS N 106 101.46 -2.68 2.14
C LYS N 106 100.43 -3.44 2.96
N GLU N 107 100.35 -3.16 4.25
CA GLU N 107 99.37 -3.83 5.08
C GLU N 107 97.98 -3.20 4.93
N ARG N 108 97.91 -1.93 4.53
CA ARG N 108 96.66 -1.37 4.02
C ARG N 108 96.17 -2.16 2.83
N ILE N 109 97.06 -2.41 1.86
CA ILE N 109 96.74 -3.22 0.69
C ILE N 109 96.32 -4.63 1.10
N ASN N 110 96.94 -5.17 2.15
CA ASN N 110 96.60 -6.50 2.62
C ASN N 110 95.20 -6.54 3.23
N ILE N 111 94.84 -5.55 4.05
CA ILE N 111 93.52 -5.58 4.66
C ILE N 111 92.44 -5.21 3.64
N ILE N 112 92.75 -4.33 2.69
CA ILE N 112 91.84 -4.07 1.57
C ILE N 112 91.68 -5.32 0.72
N LYS N 113 92.75 -6.11 0.59
CA LYS N 113 92.68 -7.37 -0.10
C LYS N 113 91.79 -8.36 0.63
N ASN N 114 91.87 -8.36 1.96
CA ASN N 114 91.01 -9.23 2.77
C ASN N 114 89.54 -8.82 2.63
N LEU N 115 89.29 -7.51 2.63
CA LEU N 115 87.95 -7.00 2.43
C LEU N 115 87.42 -7.36 1.05
N SER N 116 88.28 -7.28 0.04
CA SER N 116 87.89 -7.65 -1.31
C SER N 116 87.66 -9.15 -1.41
N ASN N 117 88.37 -9.94 -0.62
CA ASN N 117 88.09 -11.37 -0.53
C ASN N 117 86.72 -11.61 0.09
N ASP N 118 86.34 -10.77 1.06
CA ASP N 118 85.02 -10.89 1.67
C ASP N 118 83.93 -10.55 0.66
N ILE N 119 84.12 -9.46 -0.08
CA ILE N 119 83.23 -9.08 -1.17
C ILE N 119 83.19 -10.17 -2.23
N THR N 120 84.33 -10.83 -2.47
CA THR N 120 84.42 -11.89 -3.44
C THR N 120 83.61 -13.10 -2.99
N GLN N 121 83.68 -13.43 -1.70
CA GLN N 121 82.83 -14.46 -1.12
C GLN N 121 81.36 -14.13 -1.30
N LEU N 122 80.99 -12.88 -0.99
CA LEU N 122 79.64 -12.38 -1.19
C LEU N 122 79.15 -12.60 -2.61
N LYS N 123 79.91 -12.06 -3.57
CA LYS N 123 79.57 -12.13 -4.98
C LYS N 123 79.49 -13.57 -5.47
N GLN N 124 80.57 -14.33 -5.29
CA GLN N 124 80.65 -15.70 -5.81
C GLN N 124 79.57 -16.59 -5.23
N LEU N 125 79.49 -16.69 -3.90
CA LEU N 125 78.56 -17.65 -3.32
C LEU N 125 77.12 -17.20 -3.47
N PHE N 126 76.86 -15.89 -3.37
CA PHE N 126 75.47 -15.47 -3.42
C PHE N 126 74.93 -15.45 -4.82
N ILE N 127 75.73 -15.01 -5.80
CA ILE N 127 75.33 -15.13 -7.19
C ILE N 127 75.20 -16.58 -7.60
N GLU N 128 76.07 -17.45 -7.07
CA GLU N 128 76.01 -18.87 -7.38
C GLU N 128 74.72 -19.50 -6.85
N LYS N 129 74.40 -19.25 -5.58
CA LYS N 129 73.18 -19.82 -5.03
C LYS N 129 71.95 -19.14 -5.57
N THR N 130 72.07 -17.88 -5.99
CA THR N 130 70.95 -17.20 -6.62
C THR N 130 70.65 -17.80 -7.98
N GLU N 131 71.69 -18.11 -8.76
CA GLU N 131 71.48 -18.78 -10.03
C GLU N 131 71.03 -20.22 -9.82
N LEU N 132 71.40 -20.82 -8.70
CA LEU N 132 70.88 -22.14 -8.38
C LEU N 132 69.39 -22.06 -8.04
N LEU N 133 68.99 -21.00 -7.33
CA LEU N 133 67.59 -20.69 -7.13
C LEU N 133 66.87 -20.46 -8.45
N ASP N 134 67.55 -19.85 -9.41
CA ASP N 134 66.95 -19.63 -10.71
C ASP N 134 66.80 -20.92 -11.49
N LYS N 135 67.76 -21.84 -11.32
CA LYS N 135 67.63 -23.17 -11.91
C LYS N 135 66.44 -23.91 -11.32
N SER N 136 66.28 -23.83 -10.00
CA SER N 136 65.10 -24.40 -9.36
C SER N 136 63.83 -23.67 -9.75
N SER N 137 63.95 -22.38 -10.08
CA SER N 137 62.80 -21.63 -10.53
C SER N 137 62.36 -22.06 -11.91
N SER N 138 63.32 -22.32 -12.80
CA SER N 138 62.98 -22.89 -14.10
C SER N 138 62.48 -24.31 -13.96
N ASP N 139 62.92 -25.00 -12.91
CA ASP N 139 62.27 -26.25 -12.54
C ASP N 139 60.85 -25.99 -12.05
N LEU N 140 60.62 -24.83 -11.43
CA LEU N 140 59.32 -24.58 -10.83
C LEU N 140 58.43 -23.77 -11.75
N HIS N 141 58.85 -22.54 -12.08
CA HIS N 141 58.05 -21.62 -12.86
C HIS N 141 58.04 -22.00 -14.34
N ASN N 142 59.01 -22.80 -14.77
CA ASN N 142 59.05 -23.10 -16.19
C ASN N 142 58.84 -24.57 -16.49
N VAL N 143 58.39 -25.36 -15.51
CA VAL N 143 57.86 -26.70 -15.77
C VAL N 143 56.45 -26.69 -15.18
N VAL N 144 55.46 -26.35 -16.02
CA VAL N 144 54.09 -26.16 -15.56
C VAL N 144 53.19 -26.98 -16.48
N ILE N 145 52.10 -27.50 -15.95
CA ILE N 145 51.06 -28.11 -16.78
C ILE N 145 49.73 -27.43 -16.49
N ILE N 146 49.06 -26.99 -17.55
CA ILE N 146 47.78 -26.29 -17.38
C ILE N 146 46.74 -26.88 -18.32
N GLU N 147 47.08 -26.93 -19.61
CA GLU N 147 46.12 -26.65 -20.67
C GLU N 147 45.13 -27.79 -20.91
N GLY N 148 45.61 -28.94 -21.37
CA GLY N 148 44.70 -30.04 -21.67
C GLY N 148 44.13 -30.69 -20.43
N THR N 149 44.78 -30.45 -19.29
CA THR N 149 44.31 -30.96 -18.00
C THR N 149 42.94 -30.39 -17.66
N ASP N 150 42.68 -29.14 -18.04
CA ASP N 150 41.42 -28.50 -17.71
C ASP N 150 40.31 -29.01 -18.62
N LYS N 151 40.66 -29.33 -19.86
CA LYS N 151 39.69 -29.95 -20.75
C LYS N 151 39.33 -31.34 -20.27
N VAL N 152 40.32 -32.12 -19.83
CA VAL N 152 40.09 -33.42 -19.24
C VAL N 152 39.25 -33.28 -17.97
N LEU N 153 39.55 -32.26 -17.17
CA LEU N 153 38.79 -31.91 -15.97
C LEU N 153 37.32 -31.72 -16.28
N GLN N 154 37.02 -30.82 -17.21
CA GLN N 154 35.63 -30.49 -17.50
C GLN N 154 34.91 -31.64 -18.17
N ALA N 155 35.61 -32.37 -19.03
CA ALA N 155 35.01 -33.52 -19.70
C ALA N 155 34.66 -34.62 -18.71
N GLU N 156 35.54 -34.90 -17.77
CA GLU N 156 35.26 -35.93 -16.79
C GLU N 156 34.23 -35.47 -15.76
N GLN N 157 34.18 -34.16 -15.48
CA GLN N 157 33.16 -33.65 -14.58
C GLN N 157 31.78 -33.77 -15.21
N LEU N 158 31.66 -33.39 -16.48
CA LEU N 158 30.40 -33.59 -17.20
C LEU N 158 30.07 -35.07 -17.33
N ARG N 159 31.09 -35.90 -17.54
CA ARG N 159 30.93 -37.34 -17.65
C ARG N 159 30.34 -37.94 -16.38
N GLN N 160 30.98 -37.67 -15.24
CA GLN N 160 30.50 -38.22 -13.98
C GLN N 160 29.21 -37.56 -13.53
N LYS N 161 28.95 -36.33 -13.99
CA LYS N 161 27.65 -35.71 -13.74
C LYS N 161 26.55 -36.47 -14.45
N GLN N 162 26.79 -36.83 -15.71
CA GLN N 162 25.84 -37.66 -16.46
C GLN N 162 25.70 -39.03 -15.84
N LEU N 163 26.82 -39.58 -15.36
CA LEU N 163 26.80 -40.88 -14.70
C LEU N 163 25.98 -40.84 -13.42
N THR N 164 26.12 -39.77 -12.66
CA THR N 164 25.40 -39.62 -11.40
C THR N 164 23.92 -39.44 -11.64
N GLU N 165 23.58 -38.63 -12.65
CA GLU N 165 22.19 -38.44 -13.05
C GLU N 165 21.58 -39.75 -13.53
N ASP N 166 22.35 -40.54 -14.27
CA ASP N 166 21.85 -41.81 -14.77
C ASP N 166 21.68 -42.81 -13.64
N ILE N 167 22.58 -42.79 -12.66
CA ILE N 167 22.47 -43.68 -11.50
C ILE N 167 21.23 -43.33 -10.69
N ALA N 168 20.99 -42.04 -10.46
CA ALA N 168 19.77 -41.61 -9.79
C ALA N 168 18.53 -41.98 -10.58
N THR N 169 18.61 -41.92 -11.91
CA THR N 169 17.51 -42.32 -12.76
C THR N 169 17.20 -43.81 -12.61
N LYS N 170 18.25 -44.63 -12.61
CA LYS N 170 18.08 -46.07 -12.42
C LYS N 170 17.54 -46.39 -11.03
N GLU N 171 17.93 -45.61 -10.03
CA GLU N 171 17.37 -45.76 -8.70
C GLU N 171 15.89 -45.46 -8.67
N LEU N 172 15.49 -44.41 -9.39
CA LEU N 172 14.06 -44.11 -9.54
C LEU N 172 13.34 -45.24 -10.26
N GLU N 173 13.98 -45.83 -11.27
CA GLU N 173 13.39 -46.92 -12.02
C GLU N 173 13.16 -48.15 -11.13
N ARG N 174 14.17 -48.52 -10.35
CA ARG N 174 14.01 -49.71 -9.51
C ARG N 174 13.04 -49.43 -8.36
N LYS N 175 12.98 -48.19 -7.88
CA LYS N 175 11.95 -47.85 -6.89
C LYS N 175 10.56 -47.97 -7.48
N GLU N 176 10.40 -47.59 -8.74
CA GLU N 176 9.11 -47.76 -9.41
C GLU N 176 8.77 -49.23 -9.62
N ILE N 177 9.77 -50.06 -9.90
CA ILE N 177 9.54 -51.50 -9.98
C ILE N 177 9.10 -52.04 -8.63
N GLU N 178 9.71 -51.53 -7.55
CA GLU N 178 9.30 -51.90 -6.20
C GLU N 178 7.89 -51.38 -5.88
N LYS N 179 7.48 -50.31 -6.53
CA LYS N 179 6.08 -49.89 -6.42
C LYS N 179 5.15 -50.79 -7.21
N LYS N 180 5.65 -51.39 -8.29
CA LYS N 180 4.80 -52.24 -9.12
C LYS N 180 4.38 -53.52 -8.42
N ARG N 181 5.25 -54.09 -7.58
CA ARG N 181 4.97 -55.36 -6.92
C ARG N 181 3.92 -55.25 -5.84
N ASP N 182 3.51 -54.04 -5.48
CA ASP N 182 2.53 -53.83 -4.43
C ASP N 182 1.19 -54.42 -4.82
N LYS N 183 0.80 -54.26 -6.09
CA LYS N 183 -0.43 -54.85 -6.59
C LYS N 183 -0.37 -56.37 -6.55
N ILE N 184 0.80 -56.94 -6.83
CA ILE N 184 0.94 -58.39 -6.87
C ILE N 184 0.87 -58.97 -5.46
N ILE N 185 1.56 -58.35 -4.50
CA ILE N 185 1.54 -58.85 -3.13
C ILE N 185 0.15 -58.68 -2.53
N GLU N 186 -0.54 -57.57 -2.84
CA GLU N 186 -1.88 -57.39 -2.29
C GLU N 186 -2.88 -58.34 -2.93
N ALA N 187 -2.71 -58.63 -4.22
CA ALA N 187 -3.57 -59.58 -4.89
C ALA N 187 -3.40 -60.98 -4.32
N LEU N 188 -2.15 -61.42 -4.14
CA LEU N 188 -1.97 -62.76 -3.62
C LEU N 188 -2.21 -62.84 -2.12
N ASP N 189 -2.28 -61.70 -1.44
CA ASP N 189 -2.72 -61.74 -0.04
C ASP N 189 -4.23 -61.84 0.05
N VAL N 190 -4.96 -61.09 -0.77
CA VAL N 190 -6.42 -61.18 -0.71
C VAL N 190 -6.93 -62.46 -1.32
N ILE N 191 -6.14 -63.14 -2.15
CA ILE N 191 -6.47 -64.50 -2.52
C ILE N 191 -6.17 -65.45 -1.37
N ARG N 192 -5.12 -65.17 -0.61
CA ARG N 192 -4.74 -66.03 0.50
C ARG N 192 -5.77 -65.88 1.61
N GLU N 193 -6.76 -66.76 1.60
CA GLU N 193 -7.86 -66.75 2.56
C GLU N 193 -8.18 -68.18 3.00
N HIS N 194 -7.42 -69.15 2.52
CA HIS N 194 -7.69 -70.56 2.80
C HIS N 194 -6.36 -71.23 3.13
N ASN N 195 -6.30 -71.91 4.26
CA ASN N 195 -5.04 -72.57 4.66
C ASN N 195 -5.37 -73.76 5.54
N LEU N 196 -5.36 -74.96 4.95
CA LEU N 196 -5.25 -76.27 5.61
C LEU N 196 -6.45 -76.70 6.43
N VAL N 197 -7.38 -75.79 6.68
CA VAL N 197 -8.54 -76.04 7.51
C VAL N 197 -9.74 -75.68 6.65
N ASP N 198 -9.60 -74.56 5.95
CA ASP N 198 -10.63 -74.04 5.06
C ASP N 198 -10.95 -74.98 3.91
N ALA N 199 -10.06 -75.90 3.56
CA ALA N 199 -10.43 -76.99 2.67
C ALA N 199 -11.51 -77.86 3.30
N PHE N 200 -11.37 -78.20 4.58
CA PHE N 200 -12.41 -78.95 5.27
C PHE N 200 -13.63 -78.09 5.52
N LYS N 201 -13.44 -76.80 5.74
CA LYS N 201 -14.52 -75.84 5.89
C LYS N 201 -15.19 -75.48 4.57
N ASP N 202 -14.70 -76.04 3.47
CA ASP N 202 -15.43 -76.14 2.23
C ASP N 202 -16.05 -77.52 2.02
N LEU N 203 -15.37 -78.57 2.50
CA LEU N 203 -15.89 -79.94 2.36
C LEU N 203 -17.15 -80.16 3.18
N ILE N 204 -17.30 -79.44 4.28
CA ILE N 204 -18.47 -79.59 5.13
C ILE N 204 -19.71 -78.85 4.60
N PRO N 205 -19.66 -77.56 4.18
CA PRO N 205 -20.90 -76.95 3.67
C PRO N 205 -21.34 -77.49 2.33
N THR N 206 -20.47 -78.12 1.55
CA THR N 206 -20.98 -78.88 0.41
C THR N 206 -21.59 -80.19 0.88
N GLY N 207 -21.20 -80.68 2.06
CA GLY N 207 -21.87 -81.81 2.66
C GLY N 207 -23.19 -81.44 3.31
N GLU N 208 -23.43 -80.16 3.51
CA GLU N 208 -24.71 -79.69 4.06
C GLU N 208 -25.85 -79.92 3.08
N ASN N 209 -27.07 -79.84 3.60
CA ASN N 209 -28.30 -79.98 2.83
C ASN N 209 -29.37 -79.07 3.40
N LEU N 210 -30.47 -78.99 2.66
CA LEU N 210 -31.66 -78.26 3.11
C LEU N 210 -32.88 -79.15 3.18
N SER N 211 -33.21 -79.85 2.11
CA SER N 211 -34.41 -80.67 2.02
C SER N 211 -34.04 -82.14 2.02
N GLU N 212 -34.79 -82.93 2.78
CA GLU N 212 -34.58 -84.37 2.89
C GLU N 212 -35.92 -85.08 2.85
N LEU N 213 -35.95 -86.27 2.26
CA LEU N 213 -37.18 -87.04 2.17
C LEU N 213 -36.99 -88.54 2.35
N ASP N 214 -35.77 -89.00 2.67
CA ASP N 214 -35.40 -90.33 3.17
C ASP N 214 -35.48 -91.43 2.10
N LEU N 215 -36.07 -91.15 0.95
CA LEU N 215 -36.15 -92.11 -0.14
C LEU N 215 -35.99 -91.38 -1.46
N ALA N 216 -35.83 -92.17 -2.52
CA ALA N 216 -35.97 -91.77 -3.93
C ALA N 216 -34.90 -90.80 -4.44
N LYS N 217 -34.03 -90.30 -3.56
CA LYS N 217 -32.80 -89.63 -3.97
C LYS N 217 -31.64 -90.14 -3.13
N PRO N 218 -31.19 -91.41 -3.35
CA PRO N 218 -30.01 -91.87 -2.62
C PRO N 218 -28.77 -91.21 -3.19
N GLU N 219 -28.73 -91.11 -4.51
CA GLU N 219 -27.60 -90.52 -5.21
C GLU N 219 -27.98 -89.27 -6.00
N ILE N 220 -29.29 -89.02 -6.18
CA ILE N 220 -29.72 -87.83 -6.90
C ILE N 220 -29.40 -86.59 -6.10
N GLU N 221 -29.56 -86.65 -4.79
CA GLU N 221 -29.04 -85.62 -3.91
C GLU N 221 -27.52 -85.56 -3.96
N LEU N 222 -26.87 -86.72 -4.14
CA LEU N 222 -25.42 -86.75 -4.16
C LEU N 222 -24.82 -86.18 -5.43
N LEU N 223 -25.64 -85.99 -6.47
CA LEU N 223 -25.18 -85.35 -7.69
C LEU N 223 -24.75 -83.91 -7.42
N LYS N 224 -25.61 -83.15 -6.73
CA LYS N 224 -25.29 -81.79 -6.34
C LYS N 224 -24.10 -81.75 -5.40
N GLN N 225 -24.00 -82.76 -4.51
CA GLN N 225 -22.88 -82.89 -3.60
C GLN N 225 -21.56 -82.99 -4.35
N SER N 226 -21.45 -83.96 -5.25
CA SER N 226 -20.22 -84.19 -5.99
C SER N 226 -19.90 -83.04 -6.92
N LEU N 227 -20.93 -82.45 -7.54
CA LEU N 227 -20.66 -81.34 -8.44
C LEU N 227 -20.20 -80.09 -7.71
N GLU N 228 -20.73 -79.82 -6.52
CA GLU N 228 -20.25 -78.68 -5.76
C GLU N 228 -18.88 -78.95 -5.14
N ILE N 229 -18.57 -80.22 -4.85
CA ILE N 229 -17.21 -80.61 -4.47
C ILE N 229 -16.24 -80.24 -5.59
N THR N 230 -16.58 -80.62 -6.82
CA THR N 230 -15.73 -80.29 -7.97
C THR N 230 -15.69 -78.79 -8.22
N LYS N 231 -16.78 -78.08 -7.92
CA LYS N 231 -16.79 -76.62 -7.97
C LYS N 231 -15.76 -76.02 -7.05
N LYS N 232 -15.74 -76.47 -5.79
CA LYS N 232 -14.81 -75.90 -4.81
C LYS N 232 -13.38 -76.29 -5.12
N LEU N 233 -13.17 -77.52 -5.60
CA LEU N 233 -11.85 -77.98 -6.03
C LEU N 233 -11.32 -77.11 -7.15
N LEU N 234 -12.09 -76.99 -8.24
CA LEU N 234 -11.65 -76.20 -9.37
C LEU N 234 -11.59 -74.70 -9.08
N GLY N 235 -12.37 -74.24 -8.09
CA GLY N 235 -12.16 -72.89 -7.60
C GLY N 235 -10.82 -72.73 -6.93
N GLN N 236 -10.36 -73.78 -6.25
CA GLN N 236 -9.00 -73.73 -5.70
C GLN N 236 -7.94 -73.84 -6.79
N PHE N 237 -8.22 -74.54 -7.88
CA PHE N 237 -7.20 -74.76 -8.92
C PHE N 237 -6.86 -73.48 -9.66
N SER N 238 -7.88 -72.82 -10.21
CA SER N 238 -7.66 -71.66 -11.08
C SER N 238 -7.04 -70.51 -10.31
N GLU N 239 -7.47 -70.31 -9.07
CA GLU N 239 -6.83 -69.34 -8.20
C GLU N 239 -5.42 -69.76 -7.86
N GLY N 240 -5.18 -71.06 -7.72
CA GLY N 240 -3.82 -71.54 -7.55
C GLY N 240 -2.97 -71.27 -8.78
N LEU N 241 -3.56 -71.39 -9.96
CA LEU N 241 -2.82 -71.09 -11.18
C LEU N 241 -2.49 -69.61 -11.28
N LYS N 242 -3.44 -68.75 -10.92
CA LYS N 242 -3.18 -67.32 -10.90
C LYS N 242 -2.14 -66.96 -9.85
N TYR N 243 -2.14 -67.71 -8.75
CA TYR N 243 -1.10 -67.58 -7.73
C TYR N 243 0.27 -67.89 -8.30
N ILE N 244 0.36 -69.01 -9.05
CA ILE N 244 1.60 -69.40 -9.73
C ILE N 244 2.05 -68.31 -10.69
N ASP N 245 1.11 -67.75 -11.45
CA ASP N 245 1.44 -66.72 -12.44
C ASP N 245 1.97 -65.47 -11.78
N LEU N 246 1.35 -65.05 -10.68
CA LEU N 246 1.82 -63.82 -10.05
C LEU N 246 3.09 -64.03 -9.26
N THR N 247 3.36 -65.25 -8.78
CA THR N 247 4.68 -65.51 -8.20
C THR N 247 5.76 -65.55 -9.26
N ASP N 248 5.43 -66.00 -10.46
CA ASP N 248 6.39 -65.89 -11.56
C ASP N 248 6.61 -64.43 -11.94
N ALA N 249 5.56 -63.61 -11.85
CA ALA N 249 5.72 -62.18 -12.04
C ALA N 249 6.60 -61.56 -10.95
N ARG N 250 6.49 -62.08 -9.72
CA ARG N 250 7.38 -61.66 -8.64
C ARG N 250 8.83 -62.00 -8.97
N LYS N 251 9.07 -63.20 -9.48
CA LYS N 251 10.41 -63.60 -9.87
C LYS N 251 10.94 -62.74 -11.01
N LYS N 252 10.04 -62.34 -11.92
CA LYS N 252 10.41 -61.50 -13.04
C LYS N 252 10.82 -60.10 -12.58
N LEU N 253 10.02 -59.49 -11.71
CA LEU N 253 10.36 -58.17 -11.22
C LEU N 253 11.56 -58.21 -10.27
N ASP N 254 11.75 -59.32 -9.56
CA ASP N 254 12.94 -59.45 -8.73
C ASP N 254 14.19 -59.59 -9.59
N ASN N 255 14.07 -60.27 -10.74
CA ASN N 255 15.17 -60.32 -11.70
C ASN N 255 15.46 -58.93 -12.23
N GLN N 256 14.41 -58.14 -12.47
CA GLN N 256 14.58 -56.74 -12.87
C GLN N 256 15.34 -55.95 -11.81
N ILE N 257 14.95 -56.11 -10.54
CA ILE N 257 15.61 -55.43 -9.43
C ILE N 257 17.06 -55.86 -9.32
N ASP N 258 17.34 -57.14 -9.55
CA ASP N 258 18.70 -57.64 -9.43
C ASP N 258 19.59 -57.12 -10.55
N THR N 259 19.08 -57.11 -11.78
CA THR N 259 19.85 -56.57 -12.90
C THR N 259 20.09 -55.08 -12.75
N ALA N 260 19.06 -54.36 -12.26
CA ALA N 260 19.23 -52.94 -11.98
C ALA N 260 20.23 -52.71 -10.86
N SER N 261 20.28 -53.60 -9.87
CA SER N 261 21.23 -53.47 -8.79
C SER N 261 22.65 -53.74 -9.26
N THR N 262 22.81 -54.68 -10.19
CA THR N 262 24.13 -54.92 -10.77
C THR N 262 24.58 -53.73 -11.60
N ARG N 263 23.66 -53.13 -12.35
CA ARG N 263 23.98 -51.91 -13.09
C ARG N 263 24.34 -50.78 -12.14
N LEU N 264 23.62 -50.68 -11.03
CA LEU N 264 23.95 -49.74 -9.96
C LEU N 264 25.36 -49.97 -9.43
N THR N 265 25.71 -51.22 -9.17
CA THR N 265 27.02 -51.54 -8.60
C THR N 265 28.14 -51.21 -9.56
N GLU N 266 27.97 -51.57 -10.83
CA GLU N 266 29.01 -51.32 -11.83
C GLU N 266 29.15 -49.82 -12.11
N LEU N 267 28.03 -49.12 -12.23
CA LEU N 267 28.10 -47.69 -12.50
C LEU N 267 28.59 -46.92 -11.29
N ASN N 268 28.33 -47.41 -10.08
CA ASN N 268 28.91 -46.79 -8.90
C ASN N 268 30.40 -47.05 -8.80
N ARG N 269 30.86 -48.22 -9.24
CA ARG N 269 32.28 -48.49 -9.29
C ARG N 269 32.97 -47.57 -10.29
N GLN N 270 32.35 -47.37 -11.45
CA GLN N 270 32.86 -46.41 -12.42
C GLN N 270 32.81 -44.99 -11.89
N LEU N 271 31.78 -44.69 -11.09
CA LEU N 271 31.66 -43.38 -10.47
C LEU N 271 32.78 -43.15 -9.46
N GLU N 272 33.13 -44.17 -8.70
CA GLU N 272 34.24 -44.05 -7.75
C GLU N 272 35.57 -43.96 -8.46
N GLN N 273 35.70 -44.66 -9.59
CA GLN N 273 36.87 -44.50 -10.44
C GLN N 273 37.01 -43.06 -10.92
N SER N 274 35.91 -42.47 -11.35
CA SER N 274 35.92 -41.08 -11.76
C SER N 274 36.10 -40.12 -10.60
N GLU N 275 35.67 -40.53 -9.40
CA GLU N 275 35.99 -39.77 -8.19
C GLU N 275 37.48 -39.71 -7.98
N LYS N 276 38.15 -40.85 -8.12
CA LYS N 276 39.61 -40.90 -8.02
C LYS N 276 40.26 -40.04 -9.08
N LEU N 277 39.74 -40.10 -10.31
CA LEU N 277 40.24 -39.30 -11.41
C LEU N 277 40.13 -37.80 -11.13
N ILE N 278 38.90 -37.33 -10.87
CA ILE N 278 38.66 -35.92 -10.66
C ILE N 278 39.28 -35.42 -9.37
N ALA N 279 39.43 -36.29 -8.37
CA ALA N 279 40.11 -35.92 -7.14
C ALA N 279 41.59 -35.68 -7.39
N GLY N 280 42.24 -36.58 -8.15
CA GLY N 280 43.64 -36.35 -8.51
C GLY N 280 43.82 -35.14 -9.39
N VAL N 281 42.86 -34.87 -10.27
CA VAL N 281 42.93 -33.70 -11.14
C VAL N 281 42.81 -32.42 -10.32
N ASN N 282 41.82 -32.37 -9.42
CA ASN N 282 41.67 -31.21 -8.55
C ASN N 282 42.87 -31.04 -7.64
N ALA N 283 43.45 -32.15 -7.20
CA ALA N 283 44.62 -32.10 -6.35
C ALA N 283 45.81 -31.51 -7.09
N VAL N 284 46.05 -31.95 -8.32
CA VAL N 284 47.20 -31.43 -9.04
C VAL N 284 46.95 -30.00 -9.50
N ILE N 285 45.69 -29.60 -9.67
CA ILE N 285 45.39 -28.19 -9.91
C ILE N 285 45.70 -27.35 -8.67
N LYS N 286 45.33 -27.86 -7.49
CA LYS N 286 45.66 -27.15 -6.25
C LYS N 286 47.15 -27.11 -6.03
N ILE N 287 47.86 -28.18 -6.41
CA ILE N 287 49.31 -28.19 -6.41
C ILE N 287 49.86 -27.10 -7.32
N ASP N 288 49.31 -26.99 -8.52
CA ASP N 288 49.74 -26.00 -9.50
C ASP N 288 49.54 -24.59 -8.98
N GLN N 289 48.44 -24.37 -8.27
CA GLN N 289 48.24 -23.09 -7.58
C GLN N 289 49.27 -22.89 -6.49
N GLU N 290 49.51 -23.92 -5.69
CA GLU N 290 50.53 -23.83 -4.64
C GLU N 290 51.93 -23.77 -5.25
N LYS N 291 52.11 -24.42 -6.41
CA LYS N 291 53.35 -24.28 -7.15
C LYS N 291 53.60 -22.83 -7.56
N SER N 292 52.57 -22.16 -8.08
CA SER N 292 52.69 -20.74 -8.41
C SER N 292 52.90 -19.89 -7.17
N ALA N 293 52.34 -20.30 -6.03
CA ALA N 293 52.61 -19.61 -4.78
C ALA N 293 54.07 -19.72 -4.39
N VAL N 294 54.67 -20.89 -4.57
CA VAL N 294 56.09 -21.05 -4.26
C VAL N 294 56.95 -20.34 -5.31
N VAL N 295 56.43 -20.21 -6.53
CA VAL N 295 57.07 -19.36 -7.54
C VAL N 295 57.16 -17.92 -7.04
N VAL N 296 56.03 -17.41 -6.52
CA VAL N 296 56.00 -16.07 -5.95
C VAL N 296 56.95 -15.95 -4.77
N GLU N 297 57.02 -17.01 -3.96
CA GLU N 297 57.92 -17.04 -2.82
C GLU N 297 59.38 -16.96 -3.24
N ALA N 298 59.74 -17.73 -4.26
CA ALA N 298 61.11 -17.72 -4.76
C ALA N 298 61.44 -16.41 -5.45
N GLU N 299 60.46 -15.76 -6.06
CA GLU N 299 60.71 -14.45 -6.63
C GLU N 299 60.91 -13.41 -5.54
N LYS N 300 60.17 -13.53 -4.43
CA LYS N 300 60.41 -12.69 -3.27
C LYS N 300 61.82 -12.89 -2.74
N LEU N 301 62.27 -14.14 -2.71
CA LEU N 301 63.61 -14.43 -2.20
C LEU N 301 64.69 -13.89 -3.12
N SER N 302 64.73 -14.40 -4.35
CA SER N 302 65.79 -14.07 -5.29
C SER N 302 65.75 -12.62 -5.73
N ARG N 303 64.59 -11.98 -5.66
CA ARG N 303 64.51 -10.55 -5.94
C ARG N 303 65.28 -9.76 -4.91
N ALA N 304 65.26 -10.20 -3.65
CA ALA N 304 66.07 -9.57 -2.62
C ALA N 304 67.55 -9.84 -2.84
N TRP N 305 67.90 -10.88 -3.58
CA TRP N 305 69.28 -11.08 -3.94
C TRP N 305 69.71 -10.25 -5.13
N HIS N 306 68.77 -9.87 -5.99
CA HIS N 306 69.10 -8.86 -6.98
C HIS N 306 69.16 -7.48 -6.34
N ILE N 307 68.37 -7.29 -5.28
CA ILE N 307 68.58 -6.14 -4.40
C ILE N 307 69.98 -6.20 -3.80
N PHE N 308 70.43 -7.39 -3.44
CA PHE N 308 71.77 -7.52 -2.89
C PHE N 308 72.84 -7.28 -3.94
N ILE N 309 72.61 -7.71 -5.19
CA ILE N 309 73.63 -7.49 -6.21
C ILE N 309 73.63 -6.02 -6.62
N HIS N 310 72.51 -5.31 -6.45
CA HIS N 310 72.53 -3.88 -6.64
C HIS N 310 73.19 -3.16 -5.48
N GLU N 311 73.17 -3.79 -4.29
CA GLU N 311 73.95 -3.27 -3.17
C GLU N 311 75.44 -3.41 -3.45
N ILE N 312 75.86 -4.58 -3.92
CA ILE N 312 77.27 -4.79 -4.19
C ILE N 312 77.67 -4.11 -5.51
N THR N 313 76.67 -3.73 -6.32
CA THR N 313 76.93 -2.79 -7.41
C THR N 313 77.42 -1.44 -6.87
N ALA N 314 76.92 -1.04 -5.69
CA ALA N 314 77.34 0.18 -5.02
C ALA N 314 78.55 -0.02 -4.12
N LEU N 315 79.33 -1.08 -4.34
CA LEU N 315 80.54 -1.33 -3.58
C LEU N 315 81.74 -0.72 -4.30
N GLN N 316 82.95 -1.15 -3.90
CA GLN N 316 84.25 -0.67 -4.37
C GLN N 316 84.41 0.83 -4.09
N GLY N 317 84.45 1.12 -2.80
CA GLY N 317 85.04 2.35 -2.31
C GLY N 317 86.40 1.99 -1.75
N THR N 318 87.46 2.32 -2.49
CA THR N 318 88.77 1.72 -2.32
C THR N 318 89.44 2.00 -0.98
N SER N 319 89.88 3.23 -0.75
CA SER N 319 90.53 3.57 0.51
C SER N 319 90.17 4.97 1.00
N LEU N 320 89.00 5.48 0.65
CA LEU N 320 88.69 6.88 0.88
C LEU N 320 88.39 7.15 2.35
N ASN N 321 87.33 6.57 2.87
CA ASN N 321 86.92 6.74 4.24
C ASN N 321 86.88 5.38 4.94
N GLU N 322 86.35 5.37 6.16
CA GLU N 322 86.17 4.10 6.84
C GLU N 322 84.75 3.95 7.41
N VAL N 323 84.17 5.03 7.92
CA VAL N 323 82.85 4.94 8.53
C VAL N 323 81.75 5.16 7.49
N GLU N 324 81.54 4.16 6.66
CA GLU N 324 80.35 4.08 5.84
C GLU N 324 79.90 2.65 5.62
N LEU N 325 80.59 1.67 6.20
CA LEU N 325 80.70 0.36 5.59
C LEU N 325 79.47 -0.50 5.87
N SER N 326 79.24 -0.84 7.13
CA SER N 326 78.37 -1.94 7.47
C SER N 326 76.92 -1.53 7.65
N LYS N 327 76.49 -0.43 7.05
CA LYS N 327 75.09 -0.05 7.19
C LYS N 327 74.14 -0.96 6.38
N PRO N 328 74.40 -1.30 5.11
CA PRO N 328 73.60 -2.37 4.51
C PRO N 328 73.86 -3.73 5.13
N LEU N 329 75.03 -3.92 5.74
CA LEU N 329 75.33 -5.18 6.41
C LEU N 329 74.46 -5.36 7.65
N ILE N 330 74.29 -4.32 8.45
CA ILE N 330 73.43 -4.44 9.62
C ILE N 330 71.97 -4.42 9.21
N LYS N 331 71.64 -3.80 8.07
CA LYS N 331 70.28 -3.86 7.56
C LYS N 331 69.91 -5.29 7.15
N GLN N 332 70.80 -5.94 6.41
CA GLN N 332 70.59 -7.33 6.06
C GLN N 332 70.69 -8.24 7.28
N GLN N 333 71.50 -7.84 8.26
CA GLN N 333 71.61 -8.59 9.51
C GLN N 333 70.28 -8.61 10.26
N ILE N 334 69.65 -7.45 10.42
CA ILE N 334 68.41 -7.41 11.17
C ILE N 334 67.27 -8.01 10.33
N TYR N 335 67.32 -7.86 9.01
CA TYR N 335 66.31 -8.48 8.16
C TYR N 335 66.44 -10.00 8.17
N LEU N 336 67.66 -10.50 8.29
CA LEU N 336 67.91 -11.92 8.36
C LEU N 336 67.58 -12.49 9.72
N GLU N 337 67.82 -11.73 10.79
CA GLU N 337 67.45 -12.16 12.11
C GLU N 337 65.93 -12.23 12.25
N SER N 338 65.23 -11.27 11.63
CA SER N 338 63.80 -11.41 11.45
C SER N 338 63.47 -12.65 10.62
N LEU N 339 64.26 -12.89 9.58
CA LEU N 339 64.07 -14.06 8.75
C LEU N 339 64.48 -15.34 9.44
N ILE N 340 65.43 -15.28 10.38
CA ILE N 340 65.68 -16.43 11.25
C ILE N 340 64.45 -16.72 12.09
N LYS N 341 63.85 -15.67 12.66
CA LYS N 341 62.59 -15.82 13.35
C LYS N 341 61.43 -16.12 12.41
N GLN N 342 61.60 -15.82 11.13
CA GLN N 342 60.65 -16.23 10.11
C GLN N 342 61.05 -17.58 9.52
N LEU N 343 61.26 -18.54 10.43
CA LEU N 343 61.72 -19.87 10.08
C LEU N 343 61.41 -20.79 11.26
N ILE O 44 46.99 -5.98 54.93
CA ILE O 44 47.83 -7.11 55.30
C ILE O 44 47.02 -8.29 55.82
N PHE O 45 47.66 -9.14 56.60
CA PHE O 45 47.02 -10.37 57.06
C PHE O 45 45.96 -10.06 58.12
N THR O 46 44.86 -10.81 58.08
CA THR O 46 43.77 -10.58 59.00
C THR O 46 43.50 -11.82 59.85
N LYS O 47 42.74 -11.62 60.92
CA LYS O 47 42.37 -12.70 61.82
C LYS O 47 41.19 -13.52 61.31
N GLU O 48 40.41 -12.96 60.40
CA GLU O 48 39.26 -13.66 59.88
C GLU O 48 39.68 -14.76 58.95
N ASP O 49 40.87 -14.61 58.37
CA ASP O 49 41.61 -15.71 57.76
C ASP O 49 41.70 -16.88 58.72
N LEU O 50 42.18 -16.62 59.94
CA LEU O 50 42.31 -17.68 60.94
C LEU O 50 40.96 -18.18 61.41
N ILE O 51 39.94 -17.33 61.37
CA ILE O 51 38.58 -17.76 61.65
C ILE O 51 38.13 -18.79 60.63
N ASN O 52 38.36 -18.52 59.35
CA ASN O 52 38.04 -19.47 58.31
C ASN O 52 38.90 -20.73 58.42
N LEU O 53 40.14 -20.58 58.91
CA LEU O 53 40.99 -21.73 59.16
C LEU O 53 40.38 -22.64 60.21
N LYS O 54 39.86 -22.06 61.28
CA LYS O 54 39.25 -22.87 62.32
C LYS O 54 37.91 -23.44 61.89
N LEU O 55 37.23 -22.75 60.98
CA LEU O 55 36.07 -23.34 60.34
C LEU O 55 36.46 -24.58 59.55
N TYR O 56 37.57 -24.51 58.84
CA TYR O 56 38.09 -25.67 58.13
C TYR O 56 38.56 -26.76 59.10
N VAL O 57 39.04 -26.36 60.27
CA VAL O 57 39.44 -27.32 61.30
C VAL O 57 38.23 -28.09 61.78
N ARG O 58 37.17 -27.37 62.14
CA ARG O 58 35.93 -28.00 62.58
C ARG O 58 35.30 -28.83 61.49
N LYS O 59 35.46 -28.42 60.23
CA LYS O 59 34.96 -29.21 59.12
C LYS O 59 35.76 -30.51 58.98
N GLY O 60 37.08 -30.41 59.06
CA GLY O 60 37.92 -31.57 58.84
C GLY O 60 37.88 -32.55 60.00
N LEU O 61 37.71 -32.04 61.22
CA LEU O 61 37.55 -32.94 62.35
C LEU O 61 36.16 -33.57 62.40
N SER O 62 35.23 -33.08 61.58
CA SER O 62 33.90 -33.65 61.46
C SER O 62 33.80 -34.66 60.34
N LEU O 63 34.85 -35.40 60.06
CA LEU O 63 34.76 -36.27 58.90
C LEU O 63 34.76 -37.73 59.29
N PRO O 64 34.02 -38.56 58.56
CA PRO O 64 34.11 -40.01 58.77
C PRO O 64 35.44 -40.55 58.30
N THR O 65 35.96 -41.54 59.02
CA THR O 65 37.26 -42.11 58.73
C THR O 65 37.17 -43.57 58.31
N ARG O 66 36.39 -44.38 59.04
CA ARG O 66 36.30 -45.79 58.72
C ARG O 66 35.33 -46.02 57.58
N GLN O 67 35.33 -47.26 57.08
CA GLN O 67 34.57 -47.57 55.88
C GLN O 67 33.07 -47.51 56.14
N ASP O 68 32.62 -48.12 57.24
CA ASP O 68 31.22 -48.04 57.64
C ASP O 68 30.82 -46.62 57.98
N GLU O 69 31.75 -45.84 58.54
CA GLU O 69 31.49 -44.43 58.83
C GLU O 69 31.23 -43.65 57.56
N VAL O 70 32.03 -43.93 56.53
CA VAL O 70 31.82 -43.28 55.23
C VAL O 70 30.52 -43.76 54.60
N GLU O 71 30.23 -45.06 54.71
CA GLU O 71 29.05 -45.64 54.07
C GLU O 71 27.77 -45.13 54.70
N ALA O 72 27.75 -44.98 56.02
CA ALA O 72 26.65 -44.31 56.68
C ALA O 72 26.63 -42.82 56.31
N TYR O 73 27.80 -42.22 56.19
CA TYR O 73 27.88 -40.84 55.74
C TYR O 73 27.52 -40.70 54.26
N LEU O 74 27.83 -41.71 53.45
CA LEU O 74 27.31 -41.76 52.09
C LEU O 74 25.83 -42.09 52.06
N GLY O 75 25.36 -42.87 53.01
CA GLY O 75 24.02 -43.40 52.94
C GLY O 75 23.87 -44.60 52.04
N TYR O 76 24.97 -45.18 51.55
CA TYR O 76 24.89 -46.35 50.70
C TYR O 76 26.21 -47.09 50.78
N LYS O 77 26.32 -48.15 49.98
CA LYS O 77 27.53 -48.96 49.89
C LYS O 77 27.94 -49.23 48.46
N LYS O 78 27.09 -48.87 47.50
CA LYS O 78 27.32 -49.25 46.11
C LYS O 78 26.85 -48.12 45.21
N ILE O 79 27.69 -47.72 44.26
CA ILE O 79 27.37 -46.61 43.36
C ILE O 79 27.46 -47.02 41.89
N ASP O 80 28.29 -48.03 41.59
CA ASP O 80 28.60 -48.48 40.22
C ASP O 80 29.08 -47.33 39.34
N VAL O 81 29.86 -46.43 39.93
CA VAL O 81 30.41 -45.27 39.22
C VAL O 81 31.91 -45.23 39.49
N ALA O 82 32.71 -45.38 38.43
CA ALA O 82 34.15 -45.31 38.56
C ALA O 82 34.58 -43.89 38.91
N GLY O 83 35.62 -43.80 39.75
CA GLY O 83 36.06 -42.53 40.28
C GLY O 83 35.24 -42.00 41.43
N LEU O 84 34.06 -42.57 41.70
CA LEU O 84 33.19 -42.14 42.77
C LEU O 84 32.78 -43.31 43.64
N GLU O 85 33.56 -44.39 43.65
CA GLU O 85 33.25 -45.57 44.42
C GLU O 85 33.37 -45.28 45.92
N PRO O 86 32.59 -45.98 46.75
CA PRO O 86 32.62 -45.72 48.20
C PRO O 86 33.97 -45.90 48.85
N LYS O 87 34.76 -46.86 48.36
CA LYS O 87 36.13 -47.00 48.82
C LYS O 87 36.97 -45.81 48.42
N ASP O 88 36.71 -45.25 47.24
CA ASP O 88 37.45 -44.08 46.77
C ASP O 88 37.10 -42.85 47.60
N ILE O 89 35.83 -42.71 47.93
CA ILE O 89 35.40 -41.58 48.75
C ILE O 89 35.89 -41.75 50.18
N LYS O 90 36.00 -43.00 50.64
CA LYS O 90 36.60 -43.28 51.94
C LYS O 90 38.07 -42.90 51.94
N LEU O 91 38.78 -43.19 50.85
CA LEU O 91 40.19 -42.80 50.74
C LEU O 91 40.33 -41.28 50.69
N LEU O 92 39.41 -40.62 49.98
CA LEU O 92 39.35 -39.17 49.95
C LEU O 92 39.16 -38.59 51.35
N PHE O 93 38.25 -39.18 52.11
CA PHE O 93 38.00 -38.71 53.46
C PHE O 93 39.16 -39.00 54.38
N ASP O 94 39.88 -40.10 54.13
CA ASP O 94 41.12 -40.35 54.85
C ASP O 94 42.13 -39.25 54.59
N GLU O 95 42.26 -38.85 53.32
CA GLU O 95 43.16 -37.76 52.94
C GLU O 95 42.80 -36.47 53.65
N ILE O 96 41.53 -36.09 53.61
CA ILE O 96 41.13 -34.80 54.16
C ILE O 96 41.13 -34.82 55.68
N HIS O 97 40.71 -35.94 56.28
CA HIS O 97 40.67 -36.03 57.72
C HIS O 97 42.07 -36.10 58.31
N ASN O 98 42.97 -36.84 57.66
CA ASN O 98 44.36 -36.81 58.08
C ASN O 98 45.03 -35.49 57.76
N HIS O 99 44.51 -34.76 56.79
CA HIS O 99 45.01 -33.41 56.52
C HIS O 99 44.63 -32.47 57.66
N ALA O 100 43.43 -32.63 58.20
CA ALA O 100 43.05 -31.90 59.41
C ALA O 100 43.84 -32.39 60.62
N LEU O 101 44.08 -33.70 60.71
CA LEU O 101 44.90 -34.27 61.76
C LEU O 101 46.37 -33.93 61.61
N ASN O 102 46.77 -33.42 60.46
CA ASN O 102 48.05 -32.74 60.34
C ASN O 102 47.92 -31.32 60.87
N TRP O 103 46.91 -30.60 60.39
CA TRP O 103 46.84 -29.16 60.59
C TRP O 103 46.57 -28.75 62.02
N ASN O 104 45.87 -29.57 62.81
CA ASN O 104 45.72 -29.27 64.22
C ASN O 104 47.07 -29.16 64.92
N ASP O 105 47.96 -30.11 64.64
CA ASP O 105 49.32 -30.06 65.18
C ASP O 105 50.16 -28.97 64.51
N VAL O 106 49.99 -28.78 63.20
CA VAL O 106 50.80 -27.80 62.50
C VAL O 106 50.38 -26.39 62.91
N GLU O 107 49.10 -26.17 63.16
CA GLU O 107 48.61 -24.92 63.68
C GLU O 107 48.96 -24.74 65.15
N GLN O 108 49.11 -25.84 65.88
CA GLN O 108 49.72 -25.76 67.20
C GLN O 108 51.16 -25.29 67.11
N ALA O 109 51.87 -25.75 66.08
CA ALA O 109 53.23 -25.25 65.83
C ALA O 109 53.20 -23.79 65.36
N VAL O 110 52.12 -23.40 64.68
CA VAL O 110 51.93 -21.99 64.33
C VAL O 110 51.76 -21.15 65.58
N LEU O 111 51.03 -21.69 66.57
CA LEU O 111 50.93 -21.04 67.86
C LEU O 111 52.27 -21.03 68.60
N GLN O 112 53.07 -22.08 68.41
CA GLN O 112 54.40 -22.10 69.01
C GLN O 112 55.29 -21.03 68.40
N GLN O 113 55.29 -20.91 67.09
CA GLN O 113 56.04 -19.86 66.44
C GLN O 113 55.39 -18.49 66.64
N SER O 114 54.12 -18.46 66.99
CA SER O 114 53.49 -17.22 67.43
C SER O 114 54.16 -16.74 68.72
N LEU O 115 54.33 -17.67 69.66
CA LEU O 115 55.10 -17.38 70.87
C LEU O 115 56.54 -17.02 70.55
N ASP O 116 57.12 -17.70 69.55
CA ASP O 116 58.52 -17.50 69.20
C ASP O 116 58.76 -16.15 68.57
N LEU O 117 57.87 -15.72 67.68
CA LEU O 117 57.96 -14.39 67.13
C LEU O 117 57.61 -13.33 68.14
N ASP O 118 56.75 -13.65 69.10
CA ASP O 118 56.46 -12.73 70.18
C ASP O 118 57.72 -12.45 71.00
N ILE O 119 58.38 -13.52 71.45
CA ILE O 119 59.58 -13.34 72.25
C ILE O 119 60.75 -12.85 71.40
N ALA O 120 60.74 -13.13 70.09
CA ALA O 120 61.74 -12.56 69.21
C ALA O 120 61.55 -11.06 69.09
N ALA O 121 60.30 -10.62 68.93
CA ALA O 121 59.98 -9.20 68.94
C ALA O 121 60.42 -8.55 70.23
N LYS O 122 60.09 -9.16 71.37
CA LYS O 122 60.41 -8.58 72.67
C LYS O 122 61.93 -8.47 72.87
N ASN O 123 62.65 -9.57 72.65
CA ASN O 123 64.09 -9.59 72.90
C ASN O 123 64.83 -8.72 71.91
N ILE O 124 64.46 -8.75 70.63
CA ILE O 124 65.20 -7.98 69.64
C ILE O 124 64.91 -6.49 69.77
N ILE O 125 63.63 -6.13 69.92
CA ILE O 125 63.26 -4.73 70.15
C ILE O 125 63.96 -4.17 71.38
N SER O 126 63.92 -4.92 72.48
CA SER O 126 64.57 -4.49 73.72
C SER O 126 66.08 -4.35 73.54
N THR O 127 66.77 -5.46 73.28
CA THR O 127 68.24 -5.47 73.26
C THR O 127 68.79 -4.60 72.13
N GLY O 128 68.28 -4.79 70.92
CA GLY O 128 68.64 -4.00 69.77
C GLY O 128 68.37 -2.52 69.93
N ASN O 129 67.14 -2.10 70.26
CA ASN O 129 66.84 -0.68 70.32
C ASN O 129 67.59 0.00 71.46
N GLU O 130 67.66 -0.65 72.63
CA GLU O 130 68.44 -0.12 73.75
C GLU O 130 69.92 0.04 73.45
N ILE O 131 70.61 -1.06 73.14
CA ILE O 131 72.06 -1.00 73.00
C ILE O 131 72.46 -0.27 71.71
N ILE O 132 71.65 -0.41 70.66
CA ILE O 132 71.99 0.12 69.35
C ILE O 132 71.10 1.36 69.13
N ASN O 133 70.70 1.99 70.23
CA ASN O 133 70.34 3.40 70.22
C ASN O 133 71.04 4.16 71.33
N LEU O 134 71.75 3.46 72.21
CA LEU O 134 72.70 4.13 73.10
C LEU O 134 73.85 4.76 72.33
N ILE O 135 74.16 4.21 71.15
CA ILE O 135 75.34 4.61 70.40
C ILE O 135 74.85 5.54 69.28
N ASN O 136 73.73 6.20 69.52
CA ASN O 136 73.37 7.37 68.74
C ASN O 136 74.38 8.49 68.93
N GLN O 137 75.04 8.53 70.08
CA GLN O 137 75.99 9.59 70.39
C GLN O 137 77.26 9.43 69.56
N MET O 138 77.45 10.34 68.61
CA MET O 138 78.73 10.52 67.99
C MET O 138 78.76 11.98 67.56
N PRO O 139 79.42 12.85 68.31
CA PRO O 139 79.61 14.23 67.86
C PRO O 139 80.66 14.32 66.76
N ILE O 140 80.70 15.46 66.07
CA ILE O 140 81.62 15.66 64.96
C ILE O 140 83.08 15.72 65.40
N THR O 141 83.34 16.03 66.68
CA THR O 141 84.70 16.17 67.18
C THR O 141 85.44 14.84 67.13
N LEU O 142 84.80 13.77 67.60
CA LEU O 142 85.38 12.44 67.44
C LEU O 142 85.23 11.97 65.99
N ARG O 143 84.20 12.45 65.31
CA ARG O 143 83.87 11.96 63.98
C ARG O 143 84.77 12.56 62.90
N VAL O 144 85.67 13.48 63.26
CA VAL O 144 86.68 13.95 62.33
C VAL O 144 88.06 13.39 62.63
N LYS O 145 88.27 12.75 63.78
CA LYS O 145 89.63 12.42 64.20
C LYS O 145 89.84 11.01 64.71
N THR O 146 88.81 10.31 65.20
CA THR O 146 89.06 9.13 66.00
C THR O 146 89.41 7.92 65.14
N LEU O 147 88.74 7.78 64.00
CA LEU O 147 88.84 6.64 63.08
C LEU O 147 88.54 5.33 63.82
N LEU O 148 87.26 5.23 64.22
CA LEU O 148 86.69 4.28 65.16
C LEU O 148 87.09 2.82 64.95
N GLY O 149 87.43 2.44 63.70
CA GLY O 149 87.96 1.12 63.41
C GLY O 149 89.27 0.79 64.12
N ASP O 150 89.96 1.81 64.65
CA ASP O 150 91.11 1.59 65.50
C ASP O 150 90.72 0.88 66.79
N ILE O 151 89.72 1.41 67.49
CA ILE O 151 89.39 0.93 68.83
C ILE O 151 88.29 -0.12 68.79
N THR O 152 88.02 -0.65 67.61
CA THR O 152 87.12 -1.79 67.49
C THR O 152 87.78 -3.04 68.04
N VAL O 168 85.83 -1.74 76.00
CA VAL O 168 84.58 -1.71 76.75
C VAL O 168 83.42 -2.11 75.84
N ALA O 169 83.19 -1.29 74.82
CA ALA O 169 82.08 -1.54 73.90
C ALA O 169 82.39 -2.67 72.93
N SER O 170 83.67 -3.03 72.78
CA SER O 170 84.03 -4.15 71.92
C SER O 170 83.46 -5.47 72.44
N ALA O 171 83.53 -5.67 73.76
CA ALA O 171 82.84 -6.81 74.36
C ALA O 171 81.34 -6.64 74.32
N LEU O 172 80.86 -5.40 74.29
CA LEU O 172 79.42 -5.16 74.15
C LEU O 172 78.96 -5.46 72.72
N LYS O 173 79.84 -5.24 71.74
CA LYS O 173 79.55 -5.66 70.38
C LYS O 173 79.59 -7.17 70.23
N ASP O 174 80.34 -7.85 71.10
CA ASP O 174 80.34 -9.30 71.09
C ASP O 174 79.00 -9.84 71.57
N ILE O 175 78.37 -9.13 72.51
CA ILE O 175 76.99 -9.44 72.90
C ILE O 175 76.06 -9.28 71.71
N LEU O 176 76.30 -8.24 70.91
CA LEU O 176 75.49 -8.02 69.72
C LEU O 176 75.71 -9.10 68.67
N ASP O 177 76.92 -9.64 68.59
CA ASP O 177 77.17 -10.73 67.66
C ASP O 177 76.59 -12.05 68.16
N ASP O 178 76.53 -12.23 69.47
CA ASP O 178 75.81 -13.37 70.03
C ASP O 178 74.32 -13.28 69.73
N MET O 179 73.77 -12.08 69.87
CA MET O 179 72.38 -11.86 69.48
C MET O 179 72.20 -11.98 67.97
N LYS O 180 73.24 -11.70 67.19
CA LYS O 180 73.19 -11.90 65.74
C LYS O 180 73.08 -13.39 65.41
N GLY O 181 73.87 -14.22 66.10
CA GLY O 181 73.75 -15.66 65.92
C GLY O 181 72.40 -16.17 66.40
N ASP O 182 71.87 -15.57 67.46
CA ASP O 182 70.52 -15.91 67.91
C ASP O 182 69.48 -15.52 66.87
N ILE O 183 69.68 -14.37 66.20
CA ILE O 183 68.83 -13.94 65.10
C ILE O 183 68.91 -14.93 63.94
N ASN O 184 70.09 -15.47 63.67
CA ASN O 184 70.23 -16.50 62.65
C ASN O 184 69.49 -17.76 63.05
N ARG O 185 69.46 -18.06 64.35
CA ARG O 185 68.64 -19.16 64.85
C ARG O 185 67.15 -18.86 64.69
N HIS O 186 66.75 -17.60 64.88
CA HIS O 186 65.38 -17.20 64.65
C HIS O 186 65.02 -17.34 63.18
N GLN O 187 65.97 -17.03 62.30
CA GLN O 187 65.81 -17.26 60.87
C GLN O 187 65.56 -18.72 60.57
N THR O 188 66.34 -19.59 61.23
CA THR O 188 66.21 -21.02 61.06
C THR O 188 64.82 -21.50 61.46
N THR O 189 64.38 -21.09 62.64
CA THR O 189 63.06 -21.48 63.14
C THR O 189 61.94 -20.93 62.27
N THR O 190 62.07 -19.66 61.85
CA THR O 190 61.04 -19.01 61.07
C THR O 190 60.95 -19.62 59.68
N GLU O 191 62.09 -19.99 59.11
CA GLU O 191 62.10 -20.67 57.83
C GLU O 191 61.51 -22.07 57.95
N ASN O 192 61.76 -22.75 59.08
CA ASN O 192 61.14 -24.06 59.30
C ASN O 192 59.63 -23.95 59.37
N VAL O 193 59.13 -22.94 60.07
CA VAL O 193 57.70 -22.80 60.20
C VAL O 193 57.07 -22.31 58.90
N ARG O 194 57.77 -21.45 58.16
CA ARG O 194 57.31 -21.05 56.84
C ARG O 194 57.30 -22.23 55.89
N LYS O 195 58.28 -23.12 56.03
CA LYS O 195 58.29 -24.38 55.30
C LYS O 195 57.06 -25.20 55.62
N LYS O 196 56.71 -25.30 56.92
CA LYS O 196 55.53 -26.03 57.34
C LYS O 196 54.26 -25.44 56.73
N VAL O 197 54.16 -24.11 56.77
CA VAL O 197 52.98 -23.42 56.28
C VAL O 197 52.85 -23.58 54.77
N SER O 198 53.94 -23.33 54.05
CA SER O 198 53.90 -23.38 52.59
C SER O 198 53.72 -24.80 52.10
N ASP O 199 54.34 -25.77 52.77
CA ASP O 199 54.13 -27.16 52.41
C ASP O 199 52.70 -27.61 52.73
N TYR O 200 52.11 -27.07 53.78
CA TYR O 200 50.71 -27.35 54.05
C TYR O 200 49.82 -26.73 52.99
N ARG O 201 50.22 -25.57 52.49
CA ARG O 201 49.47 -24.92 51.42
C ARG O 201 49.54 -25.72 50.13
N ILE O 202 50.75 -26.17 49.78
CA ILE O 202 50.94 -27.01 48.61
C ILE O 202 50.23 -28.35 48.79
N THR O 203 50.16 -28.83 50.04
CA THR O 203 49.37 -30.00 50.35
C THR O 203 47.90 -29.74 50.10
N LEU O 204 47.46 -28.51 50.30
CA LEU O 204 46.11 -28.14 49.87
C LEU O 204 46.09 -27.82 48.38
N THR O 205 46.98 -26.95 47.93
CA THR O 205 46.90 -26.39 46.58
C THR O 205 47.58 -27.27 45.53
N GLY O 206 48.87 -27.54 45.69
CA GLY O 206 49.52 -28.36 44.68
C GLY O 206 50.86 -27.86 44.22
N GLY O 207 51.76 -28.78 43.91
CA GLY O 207 53.08 -28.47 43.43
C GLY O 207 54.13 -29.30 44.13
N GLU O 208 55.38 -28.94 43.92
CA GLU O 208 56.47 -29.64 44.56
C GLU O 208 56.70 -29.08 45.95
N LEU O 209 56.75 -29.97 46.95
CA LEU O 209 57.08 -29.56 48.29
C LEU O 209 58.55 -29.14 48.36
N SER O 210 58.84 -28.27 49.32
CA SER O 210 60.23 -27.93 49.62
C SER O 210 61.00 -29.12 50.17
N SER O 211 60.32 -30.09 50.77
CA SER O 211 60.92 -31.37 51.09
C SER O 211 61.27 -32.18 49.84
N GLY O 212 60.63 -31.89 48.70
CA GLY O 212 60.95 -32.57 47.47
C GLY O 212 59.91 -33.58 47.04
N ASP O 213 58.64 -33.21 47.17
CA ASP O 213 57.54 -34.09 46.76
C ASP O 213 56.58 -33.29 45.91
N LYS O 214 56.42 -33.72 44.66
CA LYS O 214 55.48 -33.09 43.73
C LYS O 214 54.08 -33.61 44.02
N VAL O 215 53.47 -33.12 45.09
CA VAL O 215 52.13 -33.49 45.43
C VAL O 215 51.16 -32.74 44.54
N ASN O 216 49.92 -33.20 44.49
CA ASN O 216 48.93 -32.60 43.60
C ASN O 216 48.08 -31.56 44.32
N GLY O 217 48.10 -31.55 45.64
CA GLY O 217 47.24 -30.66 46.39
C GLY O 217 45.86 -31.22 46.55
N LEU O 218 45.33 -31.20 47.77
CA LEU O 218 44.06 -31.86 48.01
C LEU O 218 42.88 -31.06 47.49
N GLU O 219 42.99 -29.73 47.45
CA GLU O 219 41.90 -28.92 46.95
C GLU O 219 41.58 -29.15 45.47
N PRO O 220 42.53 -29.25 44.53
CA PRO O 220 42.12 -29.61 43.17
C PRO O 220 41.64 -31.04 43.04
N GLN O 221 42.07 -31.94 43.91
CA GLN O 221 41.54 -33.30 43.87
C GLN O 221 40.09 -33.32 44.32
N VAL O 222 39.78 -32.57 45.38
CA VAL O 222 38.41 -32.41 45.83
C VAL O 222 37.59 -31.67 44.79
N LYS O 223 38.22 -30.70 44.11
CA LYS O 223 37.55 -29.98 43.03
C LYS O 223 37.25 -30.90 41.86
N THR O 224 38.16 -31.82 41.58
CA THR O 224 37.97 -32.78 40.49
C THR O 224 36.86 -33.76 40.82
N LYS O 225 36.84 -34.26 42.05
CA LYS O 225 35.75 -35.13 42.45
C LYS O 225 34.44 -34.38 42.60
N TYR O 226 34.50 -33.08 42.85
CA TYR O 226 33.32 -32.24 42.78
C TYR O 226 32.84 -32.10 41.34
N ASP O 227 33.78 -32.04 40.40
CA ASP O 227 33.41 -32.01 39.00
C ASP O 227 32.82 -33.33 38.56
N LEU O 228 33.28 -34.42 39.16
CA LEU O 228 32.63 -35.71 38.98
C LEU O 228 31.21 -35.67 39.51
N MET O 229 31.04 -35.32 40.77
CA MET O 229 29.71 -35.21 41.36
C MET O 229 28.86 -34.06 40.79
N GLU O 230 29.42 -33.26 39.90
CA GLU O 230 28.67 -32.32 39.09
C GLU O 230 28.25 -32.93 37.76
N LYS O 231 29.15 -33.66 37.10
CA LYS O 231 28.89 -34.19 35.77
C LYS O 231 28.91 -35.71 35.70
N SER O 232 29.96 -36.34 36.22
CA SER O 232 30.04 -37.80 36.27
C SER O 232 29.19 -38.39 37.39
N ASN O 233 28.53 -37.52 38.16
CA ASN O 233 27.40 -37.95 38.99
C ASN O 233 26.31 -38.61 38.17
N MET O 234 26.13 -38.14 36.93
CA MET O 234 25.30 -38.76 35.91
C MET O 234 23.83 -38.80 36.29
N ARG O 235 23.32 -37.65 36.75
CA ARG O 235 21.89 -37.46 36.93
C ARG O 235 21.14 -37.62 35.61
N LYS O 236 21.76 -37.23 34.50
CA LYS O 236 21.19 -37.52 33.19
C LYS O 236 21.12 -39.02 32.94
N SER O 237 22.09 -39.78 33.44
CA SER O 237 21.99 -41.22 33.34
C SER O 237 20.93 -41.78 34.28
N ILE O 238 20.69 -41.12 35.41
CA ILE O 238 19.56 -41.50 36.26
C ILE O 238 18.24 -41.29 35.51
N LYS O 239 18.15 -40.17 34.78
CA LYS O 239 16.99 -39.90 33.93
C LYS O 239 16.83 -40.95 32.84
N GLU O 240 17.92 -41.26 32.15
CA GLU O 240 17.88 -42.23 31.06
C GLU O 240 17.66 -43.65 31.55
N LEU O 241 18.13 -43.97 32.73
CA LEU O 241 17.87 -45.29 33.30
C LEU O 241 16.46 -45.41 33.83
N ASP O 242 15.87 -44.32 34.32
CA ASP O 242 14.44 -44.34 34.62
C ASP O 242 13.62 -44.44 33.35
N GLU O 243 14.11 -43.84 32.27
CA GLU O 243 13.50 -44.02 30.96
C GLU O 243 13.62 -45.47 30.50
N LYS O 244 14.77 -46.09 30.79
CA LYS O 244 14.95 -47.50 30.51
C LYS O 244 13.97 -48.36 31.31
N ILE O 245 13.77 -48.00 32.58
CA ILE O 245 12.80 -48.68 33.43
C ILE O 245 11.41 -48.58 32.84
N LYS O 246 11.00 -47.37 32.46
CA LYS O 246 9.62 -47.21 31.99
C LYS O 246 9.42 -47.81 30.61
N GLU O 247 10.48 -47.87 29.78
CA GLU O 247 10.35 -48.52 28.49
C GLU O 247 10.26 -50.03 28.62
N LYS O 248 11.14 -50.62 29.44
CA LYS O 248 11.06 -52.06 29.70
C LYS O 248 9.76 -52.41 30.41
N ARG O 249 9.31 -51.56 31.32
CA ARG O 249 8.08 -51.80 32.06
C ARG O 249 6.87 -51.69 31.15
N GLN O 250 6.89 -50.73 30.23
CA GLN O 250 5.83 -50.60 29.25
C GLN O 250 5.77 -51.81 28.34
N ARG O 251 6.93 -52.29 27.89
CA ARG O 251 6.99 -53.48 27.04
C ARG O 251 6.47 -54.71 27.79
N ILE O 252 6.88 -54.88 29.04
CA ILE O 252 6.47 -56.09 29.73
C ILE O 252 5.04 -55.99 30.24
N GLU O 253 4.48 -54.79 30.40
CA GLU O 253 3.06 -54.72 30.72
C GLU O 253 2.18 -54.89 29.49
N GLN O 254 2.70 -54.48 28.32
CA GLN O 254 2.12 -54.94 27.06
C GLN O 254 2.15 -56.45 26.99
N LEU O 255 3.25 -57.05 27.45
CA LEU O 255 3.35 -58.50 27.51
C LEU O 255 2.39 -59.10 28.54
N LYS O 256 2.09 -58.36 29.61
CA LYS O 256 1.11 -58.81 30.59
C LYS O 256 -0.29 -58.89 29.97
N LYS O 257 -0.69 -57.81 29.30
CA LYS O 257 -2.00 -57.77 28.66
C LYS O 257 -2.10 -58.80 27.54
N ASP O 258 -1.04 -58.89 26.74
CA ASP O 258 -0.91 -59.94 25.75
C ASP O 258 -1.00 -61.31 26.38
N TYR O 259 -0.39 -61.51 27.55
CA TYR O 259 -0.39 -62.82 28.19
C TYR O 259 -1.76 -63.21 28.72
N ASP O 260 -2.52 -62.24 29.22
CA ASP O 260 -3.90 -62.52 29.62
C ASP O 260 -4.72 -62.93 28.39
N LYS O 261 -4.50 -62.24 27.27
CA LYS O 261 -5.16 -62.66 26.04
C LYS O 261 -4.62 -64.00 25.54
N PHE O 262 -3.35 -64.30 25.83
CA PHE O 262 -2.73 -65.57 25.44
C PHE O 262 -3.39 -66.73 26.16
N VAL O 263 -3.55 -66.61 27.47
CA VAL O 263 -4.17 -67.69 28.21
C VAL O 263 -5.64 -67.79 27.89
N GLY O 264 -6.31 -66.67 27.58
CA GLY O 264 -7.68 -66.74 27.12
C GLY O 264 -7.84 -67.52 25.83
N LEU O 265 -7.04 -67.16 24.82
CA LEU O 265 -7.14 -67.86 23.53
C LEU O 265 -6.63 -69.29 23.60
N SER O 266 -5.62 -69.56 24.43
CA SER O 266 -5.14 -70.92 24.59
C SER O 266 -6.19 -71.79 25.27
N PHE O 267 -6.95 -71.21 26.19
CA PHE O 267 -7.98 -72.01 26.85
C PHE O 267 -9.17 -72.23 25.94
N THR O 268 -9.47 -71.27 25.05
CA THR O 268 -10.50 -71.50 24.04
C THR O 268 -10.08 -72.58 23.06
N GLY O 269 -8.82 -72.54 22.63
CA GLY O 269 -8.29 -73.61 21.80
C GLY O 269 -8.20 -74.93 22.53
N ALA O 270 -8.14 -74.90 23.85
CA ALA O 270 -8.23 -76.13 24.63
C ALA O 270 -9.63 -76.71 24.58
N ILE O 271 -10.61 -75.97 25.09
CA ILE O 271 -11.88 -76.56 25.51
C ILE O 271 -12.80 -76.96 24.37
N GLY O 272 -12.34 -76.83 23.12
CA GLY O 272 -13.13 -77.25 21.98
C GLY O 272 -13.38 -78.74 21.89
N GLY O 273 -12.33 -79.52 21.63
CA GLY O 273 -12.49 -80.95 21.44
C GLY O 273 -11.26 -81.69 21.91
N ILE O 274 -11.19 -82.96 21.50
CA ILE O 274 -10.16 -83.88 22.01
C ILE O 274 -8.78 -83.46 21.51
N ILE O 275 -8.60 -83.46 20.19
CA ILE O 275 -7.32 -83.06 19.61
C ILE O 275 -7.07 -81.56 19.78
N ALA O 276 -8.12 -80.77 19.99
CA ALA O 276 -7.96 -79.36 20.31
C ALA O 276 -7.28 -79.18 21.66
N MET O 277 -7.84 -79.83 22.70
CA MET O 277 -7.17 -79.99 24.00
C MET O 277 -5.73 -80.45 23.83
N ALA O 278 -5.53 -81.47 23.00
CA ALA O 278 -4.20 -82.06 22.80
C ALA O 278 -3.20 -81.04 22.29
N ILE O 279 -3.47 -80.44 21.13
CA ILE O 279 -2.47 -79.59 20.48
C ILE O 279 -2.30 -78.27 21.24
N THR O 280 -3.39 -77.71 21.77
CA THR O 280 -3.27 -76.39 22.37
C THR O 280 -2.74 -76.48 23.80
N GLY O 281 -3.19 -77.47 24.58
CA GLY O 281 -2.58 -77.67 25.88
C GLY O 281 -1.16 -78.19 25.83
N GLY O 282 -0.78 -78.84 24.73
CA GLY O 282 0.60 -79.21 24.56
C GLY O 282 1.46 -77.99 24.28
N ILE O 283 1.04 -77.16 23.32
CA ILE O 283 1.87 -76.03 22.93
C ILE O 283 1.73 -74.90 23.93
N PHE O 284 0.55 -74.31 24.01
CA PHE O 284 0.41 -73.09 24.77
C PHE O 284 0.08 -73.34 26.22
N GLY O 285 -0.32 -74.56 26.58
CA GLY O 285 -0.34 -74.93 27.99
C GLY O 285 1.04 -74.87 28.60
N ALA O 286 2.06 -75.24 27.83
CA ALA O 286 3.43 -75.07 28.29
C ALA O 286 3.91 -73.65 28.09
N LYS O 287 3.55 -73.03 26.96
CA LYS O 287 4.03 -71.69 26.65
C LYS O 287 3.47 -70.64 27.58
N ALA O 288 2.28 -70.87 28.14
CA ALA O 288 1.72 -69.95 29.12
C ALA O 288 2.58 -69.92 30.37
N GLU O 289 2.91 -71.10 30.89
CA GLU O 289 3.78 -71.19 32.07
C GLU O 289 5.17 -70.64 31.78
N ASN O 290 5.71 -70.94 30.59
CA ASN O 290 7.07 -70.54 30.28
C ASN O 290 7.17 -69.03 30.08
N ALA O 291 6.29 -68.47 29.24
CA ALA O 291 6.26 -67.04 29.02
C ALA O 291 5.86 -66.29 30.26
N ARG O 292 5.04 -66.90 31.12
CA ARG O 292 4.65 -66.26 32.37
C ARG O 292 5.82 -66.19 33.34
N LYS O 293 6.58 -67.27 33.45
CA LYS O 293 7.73 -67.27 34.35
C LYS O 293 8.82 -66.34 33.85
N GLU O 294 9.07 -66.34 32.54
CA GLU O 294 10.01 -65.39 31.95
C GLU O 294 9.54 -63.96 32.11
N LYS O 295 8.24 -63.74 31.95
CA LYS O 295 7.64 -62.43 32.09
C LYS O 295 7.73 -61.93 33.53
N ASN O 296 7.51 -62.82 34.49
CA ASN O 296 7.60 -62.41 35.88
C ASN O 296 9.05 -62.25 36.31
N ALA O 297 9.97 -62.97 35.67
CA ALA O 297 11.38 -62.66 35.83
C ALA O 297 11.70 -61.26 35.32
N LEU O 298 11.09 -60.87 34.21
CA LEU O 298 11.26 -59.50 33.71
C LEU O 298 10.63 -58.48 34.66
N ILE O 299 9.49 -58.83 35.26
CA ILE O 299 8.87 -58.02 36.30
C ILE O 299 9.84 -57.80 37.44
N SER O 300 10.50 -58.88 37.89
CA SER O 300 11.47 -58.81 38.96
C SER O 300 12.68 -57.98 38.56
N GLU O 301 13.11 -58.08 37.31
CA GLU O 301 14.26 -57.33 36.85
C GLU O 301 13.99 -55.83 36.82
N VAL O 302 12.82 -55.44 36.29
CA VAL O 302 12.50 -54.02 36.25
C VAL O 302 12.20 -53.51 37.66
N ALA O 303 11.65 -54.37 38.53
CA ALA O 303 11.49 -54.01 39.92
C ALA O 303 12.82 -53.83 40.63
N GLU O 304 13.84 -54.60 40.25
CA GLU O 304 15.16 -54.41 40.82
C GLU O 304 15.84 -53.17 40.27
N LEU O 305 15.56 -52.83 39.01
CA LEU O 305 16.09 -51.59 38.46
C LEU O 305 15.46 -50.39 39.16
N GLU O 306 14.17 -50.49 39.47
CA GLU O 306 13.54 -49.52 40.36
C GLU O 306 14.21 -49.51 41.72
N SER O 307 14.46 -50.70 42.25
CA SER O 307 15.22 -50.87 43.48
C SER O 307 16.68 -50.52 43.32
N LYS O 308 17.19 -50.49 42.11
CA LYS O 308 18.52 -49.95 41.98
C LYS O 308 18.51 -48.47 41.64
N VAL O 309 18.03 -48.11 40.46
CA VAL O 309 18.28 -46.76 39.96
C VAL O 309 17.10 -45.82 40.13
N SER O 310 15.86 -46.29 40.26
CA SER O 310 14.87 -45.41 40.84
C SER O 310 15.07 -45.25 42.34
N SER O 311 15.76 -46.20 42.98
CA SER O 311 16.32 -45.93 44.30
C SER O 311 17.55 -45.06 44.20
N GLN O 312 18.30 -45.15 43.11
CA GLN O 312 19.38 -44.20 42.94
C GLN O 312 18.92 -42.84 42.47
N ARG O 313 17.62 -42.62 42.28
CA ARG O 313 17.10 -41.25 42.27
C ARG O 313 17.37 -40.59 43.61
N ALA O 314 16.94 -41.24 44.70
CA ALA O 314 17.18 -40.69 46.04
C ALA O 314 18.64 -40.80 46.43
N LEU O 315 19.33 -41.87 46.00
CA LEU O 315 20.76 -41.96 46.26
C LEU O 315 21.52 -40.89 45.49
N GLN O 316 21.07 -40.57 44.28
CA GLN O 316 21.62 -39.47 43.50
C GLN O 316 21.37 -38.14 44.20
N THR O 317 20.20 -37.99 44.80
CA THR O 317 19.88 -36.79 45.55
C THR O 317 20.79 -36.65 46.77
N ALA O 318 21.08 -37.77 47.42
CA ALA O 318 22.03 -37.77 48.52
C ALA O 318 23.43 -37.42 48.03
N LEU O 319 23.79 -37.90 46.85
CA LEU O 319 25.05 -37.51 46.23
C LEU O 319 25.07 -36.03 45.88
N GLU O 320 23.92 -35.47 45.53
CA GLU O 320 23.83 -34.05 45.22
C GLU O 320 23.99 -33.22 46.48
N ALA O 321 23.42 -33.68 47.59
CA ALA O 321 23.66 -33.01 48.86
C ALA O 321 25.10 -33.17 49.31
N LEU O 322 25.71 -34.31 48.98
CA LEU O 322 27.11 -34.53 49.28
C LEU O 322 28.00 -33.62 48.45
N SER O 323 27.62 -33.40 47.20
CA SER O 323 28.33 -32.48 46.33
C SER O 323 28.14 -31.05 46.78
N LEU O 324 26.97 -30.74 47.34
CA LEU O 324 26.75 -29.46 48.00
C LEU O 324 27.70 -29.28 49.17
N SER O 325 27.83 -30.32 50.00
CA SER O 325 28.75 -30.28 51.13
C SER O 325 30.18 -30.13 50.66
N PHE O 326 30.52 -30.81 49.57
CA PHE O 326 31.86 -30.73 49.01
C PHE O 326 32.14 -29.35 48.43
N SER O 327 31.11 -28.73 47.85
CA SER O 327 31.25 -27.38 47.34
C SER O 327 31.47 -26.40 48.48
N ASP O 328 30.79 -26.63 49.60
CA ASP O 328 31.04 -25.84 50.80
C ASP O 328 32.47 -26.00 51.28
N ILE O 329 32.93 -27.24 51.37
CA ILE O 329 34.30 -27.55 51.81
C ILE O 329 35.31 -26.90 50.88
N GLY O 330 35.03 -26.91 49.57
CA GLY O 330 35.92 -26.29 48.62
C GLY O 330 35.94 -24.78 48.71
N ILE O 331 34.79 -24.17 49.01
CA ILE O 331 34.73 -22.73 49.26
C ILE O 331 35.60 -22.38 50.46
N ARG O 332 35.50 -23.17 51.52
CA ARG O 332 36.30 -22.87 52.70
C ARG O 332 37.77 -23.21 52.48
N MET O 333 38.06 -24.12 51.54
CA MET O 333 39.44 -24.33 51.13
C MET O 333 39.99 -23.14 50.35
N VAL O 334 39.15 -22.50 49.53
CA VAL O 334 39.57 -21.28 48.85
C VAL O 334 39.80 -20.17 49.87
N ASP O 335 38.98 -20.14 50.91
CA ASP O 335 39.17 -19.18 52.00
C ASP O 335 40.48 -19.42 52.71
N ALA O 336 40.78 -20.69 53.00
CA ALA O 336 42.07 -21.05 53.61
C ALA O 336 43.22 -20.80 52.65
N GLU O 337 42.96 -20.85 51.34
CA GLU O 337 43.99 -20.58 50.35
C GLU O 337 44.38 -19.11 50.37
N SER O 338 43.39 -18.23 50.42
CA SER O 338 43.69 -16.80 50.59
C SER O 338 44.32 -16.52 51.95
N ALA O 339 43.91 -17.27 52.97
CA ALA O 339 44.50 -17.16 54.29
C ALA O 339 45.97 -17.48 54.26
N LEU O 340 46.33 -18.61 53.67
CA LEU O 340 47.72 -18.99 53.53
C LEU O 340 48.46 -18.09 52.55
N ASN O 341 47.76 -17.47 51.61
CA ASN O 341 48.38 -16.49 50.73
C ASN O 341 48.89 -15.29 51.51
N HIS O 342 47.99 -14.63 52.24
CA HIS O 342 48.38 -13.48 53.05
C HIS O 342 49.36 -13.88 54.15
N LEU O 343 49.16 -15.07 54.71
CA LEU O 343 50.01 -15.58 55.78
C LEU O 343 51.42 -15.83 55.30
N ASP O 344 51.56 -16.61 54.22
CA ASP O 344 52.87 -16.95 53.71
C ASP O 344 53.58 -15.74 53.11
N PHE O 345 52.82 -14.76 52.61
CA PHE O 345 53.48 -13.54 52.18
C PHE O 345 54.02 -12.75 53.37
N MET O 346 53.30 -12.77 54.49
CA MET O 346 53.85 -12.22 55.73
C MET O 346 55.11 -12.94 56.15
N TRP O 347 55.10 -14.28 56.11
CA TRP O 347 56.27 -15.06 56.52
C TRP O 347 57.45 -14.79 55.61
N LEU O 348 57.18 -14.62 54.32
CA LEU O 348 58.21 -14.22 53.39
C LEU O 348 58.77 -12.85 53.73
N SER O 349 57.89 -11.90 54.11
CA SER O 349 58.34 -10.58 54.50
C SER O 349 59.22 -10.63 55.75
N VAL O 350 58.88 -11.53 56.68
CA VAL O 350 59.67 -11.73 57.88
C VAL O 350 61.06 -12.22 57.53
N LEU O 351 61.13 -13.29 56.73
CA LEU O 351 62.42 -13.84 56.32
C LEU O 351 63.20 -12.86 55.45
N ASN O 352 62.49 -12.04 54.68
CA ASN O 352 63.10 -10.96 53.91
C ASN O 352 63.85 -10.01 54.82
N GLN O 353 63.17 -9.48 55.83
CA GLN O 353 63.79 -8.50 56.69
C GLN O 353 64.90 -9.11 57.54
N ILE O 354 64.79 -10.41 57.84
CA ILE O 354 65.89 -11.12 58.49
C ILE O 354 67.13 -11.12 57.59
N THR O 355 66.94 -11.46 56.31
CA THR O 355 68.05 -11.46 55.36
C THR O 355 68.60 -10.05 55.14
N GLU O 356 67.72 -9.05 55.15
CA GLU O 356 68.11 -7.65 55.08
C GLU O 356 69.06 -7.30 56.20
N SER O 357 68.76 -7.78 57.40
CA SER O 357 69.66 -7.59 58.52
C SER O 357 70.97 -8.36 58.31
N GLN O 358 70.86 -9.62 57.88
CA GLN O 358 72.01 -10.53 57.90
C GLN O 358 73.06 -10.21 56.86
N ILE O 359 72.65 -9.68 55.70
CA ILE O 359 73.61 -9.27 54.67
C ILE O 359 74.52 -8.18 55.20
N GLN O 360 73.93 -7.18 55.83
CA GLN O 360 74.69 -6.11 56.44
C GLN O 360 75.37 -6.54 57.73
N PHE O 361 74.89 -7.62 58.34
CA PHE O 361 75.59 -8.21 59.48
C PHE O 361 76.87 -8.89 59.03
N ALA O 362 76.87 -9.44 57.83
CA ALA O 362 78.08 -10.01 57.25
C ALA O 362 79.12 -8.94 56.95
N MET O 363 78.70 -7.70 56.74
CA MET O 363 79.60 -6.58 56.49
C MET O 363 80.39 -6.17 57.73
N ILE O 364 79.98 -6.61 58.91
CA ILE O 364 80.56 -6.14 60.18
C ILE O 364 81.94 -6.75 60.35
N ASN O 365 82.92 -5.90 60.62
CA ASN O 365 84.31 -6.31 60.81
C ASN O 365 84.92 -5.48 61.92
N ASN O 366 86.26 -5.49 62.01
CA ASN O 366 86.97 -4.59 62.91
C ASN O 366 87.38 -3.29 62.25
N ALA O 367 86.98 -3.08 61.00
CA ALA O 367 87.23 -1.83 60.28
C ALA O 367 86.02 -0.93 60.33
N LEU O 368 85.33 -0.89 61.46
CA LEU O 368 84.15 -0.06 61.64
C LEU O 368 84.59 1.34 62.05
N ARG O 369 84.78 2.21 61.05
CA ARG O 369 85.29 3.56 61.27
C ARG O 369 84.16 4.46 61.75
N LEU O 370 84.38 5.77 61.72
CA LEU O 370 83.47 6.74 62.30
C LEU O 370 82.10 6.77 61.61
N THR O 371 82.07 7.29 60.39
CA THR O 371 80.78 7.33 59.71
C THR O 371 80.49 6.01 59.03
N SER O 372 81.51 5.20 58.80
CA SER O 372 81.30 3.82 58.37
C SER O 372 80.50 3.05 59.41
N PHE O 373 80.83 3.26 60.69
CA PHE O 373 80.06 2.60 61.73
C PHE O 373 78.75 3.32 61.99
N VAL O 374 78.66 4.62 61.69
CA VAL O 374 77.36 5.29 61.70
C VAL O 374 76.43 4.66 60.68
N ASN O 375 76.94 4.41 59.48
CA ASN O 375 76.15 3.79 58.43
C ASN O 375 75.85 2.33 58.78
N LYS O 376 76.80 1.65 59.43
CA LYS O 376 76.59 0.27 59.82
C LYS O 376 75.57 0.15 60.96
N PHE O 377 75.67 1.06 61.92
CA PHE O 377 74.67 1.29 62.95
C PHE O 377 73.28 1.46 62.35
N GLN O 378 73.18 2.27 61.29
CA GLN O 378 71.90 2.45 60.59
C GLN O 378 71.45 1.17 59.90
N GLN O 379 72.40 0.46 59.27
CA GLN O 379 72.10 -0.81 58.61
C GLN O 379 71.58 -1.85 59.60
N VAL O 380 72.11 -1.81 60.82
CA VAL O 380 71.60 -2.67 61.88
C VAL O 380 70.18 -2.27 62.24
N ILE O 381 69.97 -1.00 62.62
CA ILE O 381 68.70 -0.61 63.21
C ILE O 381 67.56 -0.49 62.21
N THR O 382 67.85 -0.49 60.92
CA THR O 382 66.79 -0.22 59.96
C THR O 382 65.76 -1.35 59.79
N PRO O 383 66.11 -2.62 59.54
CA PRO O 383 65.04 -3.60 59.28
C PRO O 383 64.26 -3.98 60.51
N TRP O 384 64.87 -3.89 61.69
CA TRP O 384 64.23 -4.42 62.89
C TRP O 384 63.08 -3.56 63.36
N GLN O 385 63.03 -2.30 62.92
CA GLN O 385 61.85 -1.48 63.16
C GLN O 385 60.63 -2.07 62.46
N SER O 386 60.77 -2.40 61.18
CA SER O 386 59.68 -3.03 60.44
C SER O 386 59.40 -4.43 60.96
N VAL O 387 60.45 -5.14 61.41
CA VAL O 387 60.26 -6.45 62.04
C VAL O 387 59.36 -6.33 63.26
N GLY O 388 59.66 -5.39 64.14
CA GLY O 388 58.85 -5.19 65.33
C GLY O 388 57.46 -4.72 65.03
N ASP O 389 57.30 -3.89 63.99
CA ASP O 389 55.97 -3.41 63.60
C ASP O 389 55.08 -4.57 63.15
N SER O 390 55.59 -5.36 62.19
CA SER O 390 54.85 -6.52 61.70
C SER O 390 54.63 -7.54 62.80
N ALA O 391 55.58 -7.66 63.73
CA ALA O 391 55.46 -8.64 64.79
C ALA O 391 54.40 -8.25 65.80
N ARG O 392 54.33 -6.96 66.17
CA ARG O 392 53.31 -6.53 67.11
C ARG O 392 51.92 -6.58 66.50
N GLN O 393 51.81 -6.18 65.22
CA GLN O 393 50.54 -6.35 64.51
C GLN O 393 50.15 -7.82 64.42
N LEU O 394 51.14 -8.69 64.27
CA LEU O 394 50.86 -10.11 64.16
C LEU O 394 50.44 -10.70 65.49
N VAL O 395 51.06 -10.24 66.58
CA VAL O 395 50.64 -10.61 67.93
C VAL O 395 49.21 -10.16 68.20
N ASP O 396 48.84 -8.99 67.67
CA ASP O 396 47.45 -8.55 67.78
C ASP O 396 46.51 -9.47 67.01
N ILE O 397 46.92 -9.90 65.81
CA ILE O 397 46.14 -10.86 65.03
C ILE O 397 45.98 -12.17 65.80
N PHE O 398 47.04 -12.58 66.49
CA PHE O 398 47.00 -13.77 67.34
C PHE O 398 46.02 -13.60 68.48
N ASP O 399 46.03 -12.41 69.09
CA ASP O 399 45.29 -12.21 70.32
C ASP O 399 43.80 -12.07 70.06
N GLU O 400 43.43 -11.34 69.01
CA GLU O 400 42.03 -11.01 68.83
C GLU O 400 41.19 -12.19 68.36
N ALA O 401 41.82 -13.22 67.81
CA ALA O 401 41.06 -14.38 67.35
C ALA O 401 40.70 -15.30 68.51
N ILE O 402 41.35 -15.10 69.66
CA ILE O 402 41.17 -16.00 70.79
C ILE O 402 39.76 -15.89 71.35
N LYS O 403 39.24 -14.67 71.41
CA LYS O 403 37.90 -14.48 71.95
C LYS O 403 36.82 -14.93 70.98
N GLU O 404 37.17 -15.13 69.70
CA GLU O 404 36.19 -15.44 68.67
C GLU O 404 35.57 -16.82 68.88
N TYR O 405 36.31 -17.74 69.51
CA TYR O 405 35.83 -19.10 69.69
C TYR O 405 34.67 -19.16 70.66
N LYS O 406 34.83 -18.53 71.82
CA LYS O 406 33.79 -18.59 72.84
C LYS O 406 32.59 -17.76 72.45
N LYS O 407 32.78 -16.75 71.62
CA LYS O 407 31.66 -15.96 71.12
C LYS O 407 30.86 -16.75 70.11
N VAL O 408 31.53 -17.55 69.28
CA VAL O 408 30.86 -18.12 68.12
C VAL O 408 30.73 -19.63 68.25
N TYR O 409 31.86 -20.31 68.42
CA TYR O 409 31.86 -21.76 68.48
C TYR O 409 31.27 -22.23 69.80
N LEU P 12 60.22 3.64 32.27
CA LEU P 12 59.17 4.38 31.58
C LEU P 12 57.81 4.09 32.20
N SER P 13 56.81 3.88 31.34
CA SER P 13 55.46 3.61 31.81
C SER P 13 55.39 2.22 32.43
N TYR P 14 54.44 2.04 33.34
CA TYR P 14 54.21 0.75 34.01
C TYR P 14 52.81 0.29 33.63
N PRO P 15 52.67 -0.52 32.58
CA PRO P 15 51.34 -0.97 32.16
C PRO P 15 50.76 -1.98 33.13
N ASP P 16 49.44 -2.17 33.03
CA ASP P 16 48.70 -3.03 33.95
C ASP P 16 49.06 -4.49 33.69
N ILE P 17 49.21 -5.23 34.79
CA ILE P 17 49.54 -6.65 34.74
C ILE P 17 48.48 -7.32 35.61
N ASN P 18 47.39 -7.76 34.98
CA ASN P 18 46.19 -8.14 35.74
C ASN P 18 46.39 -9.52 36.34
N PHE P 19 46.76 -9.57 37.62
CA PHE P 19 46.90 -10.83 38.32
C PHE P 19 45.57 -11.50 38.63
N LYS P 20 44.45 -10.81 38.46
CA LYS P 20 43.17 -11.50 38.52
C LYS P 20 43.05 -12.50 37.38
N ILE P 21 43.38 -12.06 36.16
CA ILE P 21 43.41 -12.94 35.00
C ILE P 21 44.47 -14.02 35.18
N PHE P 22 45.59 -13.65 35.79
CA PHE P 22 46.69 -14.59 36.00
C PHE P 22 46.29 -15.71 36.95
N SER P 23 45.78 -15.35 38.12
CA SER P 23 45.34 -16.35 39.09
C SER P 23 44.15 -17.13 38.58
N GLN P 24 43.30 -16.49 37.77
CA GLN P 24 42.21 -17.21 37.12
C GLN P 24 42.74 -18.27 36.17
N GLY P 25 43.78 -17.93 35.39
CA GLY P 25 44.34 -18.89 34.46
C GLY P 25 45.07 -20.02 35.18
N VAL P 26 45.74 -19.69 36.28
CA VAL P 26 46.39 -20.73 37.10
C VAL P 26 45.35 -21.68 37.68
N LYS P 27 44.25 -21.12 38.17
CA LYS P 27 43.16 -21.93 38.70
C LYS P 27 42.50 -22.76 37.61
N ASN P 28 42.46 -22.25 36.38
CA ASN P 28 41.88 -23.02 35.29
C ASN P 28 42.81 -24.15 34.87
N ILE P 29 44.12 -23.90 34.85
CA ILE P 29 45.09 -24.91 34.48
C ILE P 29 45.11 -26.03 35.50
N SER P 30 45.22 -25.67 36.78
CA SER P 30 45.12 -26.64 37.85
C SER P 30 43.75 -27.30 37.90
N HIS P 31 42.72 -26.58 37.47
CA HIS P 31 41.36 -27.08 37.36
C HIS P 31 41.20 -28.03 36.20
N LEU P 32 41.85 -27.76 35.08
CA LEU P 32 41.69 -28.62 33.92
C LEU P 32 42.90 -29.50 33.67
N ALA P 33 43.75 -29.68 34.68
CA ALA P 33 44.95 -30.49 34.53
C ALA P 33 44.60 -31.95 34.26
N GLN P 34 43.97 -32.61 35.22
CA GLN P 34 43.69 -34.04 35.11
C GLN P 34 42.33 -34.29 34.46
N PHE P 35 42.09 -33.67 33.30
CA PHE P 35 40.77 -33.75 32.70
C PHE P 35 40.67 -34.86 31.66
N LYS P 36 41.47 -34.77 30.59
CA LYS P 36 41.23 -35.55 29.38
C LYS P 36 41.85 -36.93 29.53
N THR P 37 41.02 -37.94 29.71
CA THR P 37 41.46 -39.34 29.73
C THR P 37 40.80 -40.02 28.53
N THR P 38 41.42 -39.90 27.35
CA THR P 38 40.80 -40.35 26.10
C THR P 38 41.66 -41.34 25.33
N GLY P 39 42.96 -41.09 25.24
CA GLY P 39 43.80 -41.98 24.46
C GLY P 39 44.96 -41.30 23.74
N VAL P 40 44.89 -39.98 23.56
CA VAL P 40 46.05 -39.28 23.03
C VAL P 40 47.09 -39.10 24.12
N GLU P 41 46.74 -38.36 25.17
CA GLU P 41 47.30 -38.36 26.52
C GLU P 41 48.70 -37.78 26.61
N VAL P 42 49.37 -37.60 25.47
CA VAL P 42 50.63 -36.91 25.47
C VAL P 42 50.36 -35.41 25.43
N LEU P 43 49.21 -35.02 24.88
CA LEU P 43 48.71 -33.68 25.08
C LEU P 43 48.45 -33.41 26.55
N GLN P 44 47.92 -34.40 27.27
CA GLN P 44 47.70 -34.21 28.70
C GLN P 44 49.03 -34.20 29.44
N GLU P 45 50.00 -34.96 28.94
CA GLU P 45 51.35 -34.92 29.50
C GLU P 45 51.98 -33.55 29.34
N LYS P 46 51.80 -32.94 28.17
CA LYS P 46 52.23 -31.57 27.95
C LYS P 46 51.46 -30.59 28.83
N ALA P 47 50.18 -30.85 29.06
CA ALA P 47 49.41 -30.01 29.97
C ALA P 47 49.91 -30.13 31.40
N LEU P 48 50.36 -31.33 31.79
CA LEU P 48 51.00 -31.51 33.09
C LEU P 48 52.30 -30.73 33.17
N ARG P 49 53.05 -30.71 32.07
CA ARG P 49 54.25 -29.89 32.00
C ARG P 49 53.92 -28.42 32.18
N VAL P 50 52.87 -27.97 31.49
CA VAL P 50 52.43 -26.58 31.57
C VAL P 50 51.99 -26.23 32.99
N SER P 51 51.29 -27.16 33.65
CA SER P 51 50.85 -26.93 35.01
C SER P 51 52.02 -26.88 35.98
N LEU P 52 53.01 -27.76 35.75
CA LEU P 52 54.22 -27.76 36.58
C LEU P 52 54.96 -26.45 36.45
N TYR P 53 55.20 -26.01 35.22
CA TYR P 53 55.90 -24.75 35.03
C TYR P 53 55.02 -23.56 35.41
N SER P 54 53.70 -23.72 35.44
CA SER P 54 52.82 -22.64 35.80
C SER P 54 52.84 -22.40 37.31
N GLN P 55 52.73 -23.49 38.08
CA GLN P 55 52.85 -23.38 39.52
C GLN P 55 54.27 -22.98 39.91
N ARG P 56 55.26 -23.47 39.16
CA ARG P 56 56.63 -23.05 39.32
C ARG P 56 56.77 -21.55 39.05
N LEU P 57 56.07 -21.06 38.04
CA LEU P 57 56.07 -19.64 37.71
C LEU P 57 55.41 -18.83 38.80
N ASP P 58 54.38 -19.38 39.43
CA ASP P 58 53.77 -18.70 40.56
C ASP P 58 54.73 -18.61 41.74
N VAL P 59 55.50 -19.68 41.97
CA VAL P 59 56.57 -19.65 42.97
C VAL P 59 57.59 -18.57 42.62
N ILE P 60 57.92 -18.46 41.34
CA ILE P 60 58.81 -17.41 40.85
C ILE P 60 58.21 -16.02 41.12
N VAL P 61 56.90 -15.89 40.96
CA VAL P 61 56.22 -14.62 41.21
C VAL P 61 56.31 -14.25 42.69
N ARG P 62 56.07 -15.22 43.57
CA ARG P 62 56.11 -14.95 45.01
C ARG P 62 57.53 -14.62 45.46
N GLU P 63 58.52 -15.35 44.94
CA GLU P 63 59.91 -15.07 45.27
C GLU P 63 60.37 -13.75 44.68
N SER P 64 59.81 -13.37 43.53
CA SER P 64 60.10 -12.07 42.95
C SER P 64 59.57 -10.96 43.83
N LEU P 65 58.35 -11.13 44.34
CA LEU P 65 57.79 -10.19 45.30
C LEU P 65 58.62 -10.12 46.57
N SER P 66 59.18 -11.26 46.98
CA SER P 66 60.02 -11.29 48.17
C SER P 66 61.29 -10.47 47.97
N SER P 67 61.99 -10.71 46.86
CA SER P 67 63.20 -9.96 46.54
C SER P 67 62.90 -8.49 46.29
N LEU P 68 61.73 -8.20 45.74
CA LEU P 68 61.31 -6.82 45.53
C LEU P 68 61.09 -6.11 46.85
N GLN P 69 60.50 -6.79 47.83
CA GLN P 69 60.35 -6.18 49.15
C GLN P 69 61.70 -6.01 49.84
N VAL P 70 62.60 -6.98 49.63
CA VAL P 70 64.00 -6.87 50.08
C VAL P 70 64.64 -5.58 49.58
N LYS P 71 64.55 -5.37 48.27
CA LYS P 71 65.25 -4.24 47.69
C LYS P 71 64.52 -2.94 47.93
N LEU P 72 63.19 -2.95 48.05
CA LEU P 72 62.49 -1.75 48.43
C LEU P 72 62.71 -1.38 49.88
N GLU P 73 63.15 -2.30 50.72
CA GLU P 73 63.53 -1.88 52.06
C GLU P 73 65.01 -1.57 52.19
N ASN P 74 65.85 -2.10 51.30
CA ASN P 74 67.28 -1.86 51.39
C ASN P 74 67.73 -0.66 50.56
N THR P 75 67.40 -0.66 49.26
CA THR P 75 67.72 0.48 48.43
C THR P 75 66.87 1.68 48.80
N LEU P 76 65.55 1.55 48.69
CA LEU P 76 64.63 2.66 48.85
C LEU P 76 64.55 3.11 50.31
N ALA P 77 64.24 2.19 51.23
CA ALA P 77 63.92 2.61 52.58
C ALA P 77 65.16 2.93 53.41
N LEU P 78 66.29 2.27 53.16
CA LEU P 78 67.43 2.55 54.02
C LEU P 78 68.08 3.86 53.57
N THR P 79 68.70 4.53 54.54
CA THR P 79 69.06 5.94 54.48
C THR P 79 70.54 6.15 54.23
N TYR P 80 71.13 5.39 53.30
CA TYR P 80 72.48 5.65 52.80
C TYR P 80 72.62 7.09 52.29
N PHE P 81 71.55 7.60 51.68
CA PHE P 81 71.46 8.99 51.25
C PHE P 81 71.72 9.97 52.38
N THR P 82 71.24 9.68 53.60
CA THR P 82 71.52 10.55 54.73
C THR P 82 72.97 10.46 55.16
N THR P 83 73.59 9.29 55.01
CA THR P 83 75.02 9.19 55.29
C THR P 83 75.83 9.96 54.27
N LEU P 84 75.40 9.95 53.01
CA LEU P 84 76.03 10.75 51.98
C LEU P 84 75.92 12.24 52.30
N GLU P 85 74.75 12.66 52.78
CA GLU P 85 74.57 14.02 53.24
C GLU P 85 75.41 14.33 54.46
N GLU P 86 75.63 13.34 55.33
CA GLU P 86 76.43 13.56 56.52
C GLU P 86 77.90 13.75 56.19
N ILE P 87 78.42 12.95 55.25
CA ILE P 87 79.78 13.17 54.78
C ILE P 87 79.89 14.49 54.02
N ASP P 88 78.84 14.87 53.29
CA ASP P 88 78.83 16.18 52.63
C ASP P 88 78.90 17.32 53.65
N GLU P 89 78.18 17.19 54.76
CA GLU P 89 78.23 18.18 55.83
C GLU P 89 79.58 18.18 56.53
N ALA P 90 80.17 17.00 56.71
CA ALA P 90 81.48 16.91 57.34
C ALA P 90 82.57 17.48 56.45
N LEU P 91 82.37 17.46 55.13
CA LEU P 91 83.30 18.14 54.24
C LEU P 91 83.03 19.64 54.22
N ILE P 92 81.76 20.04 54.37
CA ILE P 92 81.42 21.44 54.62
C ILE P 92 82.04 21.90 55.93
N SER P 93 82.09 21.01 56.93
CA SER P 93 82.84 21.28 58.15
C SER P 93 84.32 21.41 57.84
N GLN P 94 84.91 22.52 58.27
CA GLN P 94 86.33 22.77 58.03
C GLN P 94 87.18 21.82 58.86
N ASP P 95 88.26 21.35 58.25
CA ASP P 95 88.98 20.21 58.79
C ASP P 95 90.40 20.19 58.26
N ILE P 96 91.29 19.60 59.05
CA ILE P 96 92.62 19.23 58.54
C ILE P 96 92.42 18.09 57.57
N ASP P 97 92.63 18.37 56.28
CA ASP P 97 92.29 17.45 55.20
C ASP P 97 93.22 16.25 55.10
N GLU P 98 94.26 16.21 55.93
CA GLU P 98 95.17 15.06 55.96
C GLU P 98 94.43 13.81 56.40
N GLU P 99 93.95 13.79 57.64
CA GLU P 99 93.25 12.62 58.15
C GLU P 99 91.79 12.63 57.73
N SER P 100 91.17 13.81 57.70
CA SER P 100 89.74 13.88 57.51
C SER P 100 89.33 13.62 56.06
N LYS P 101 89.72 14.53 55.17
CA LYS P 101 89.15 14.56 53.82
C LYS P 101 89.60 13.37 53.00
N SER P 102 90.79 12.84 53.28
CA SER P 102 91.22 11.58 52.69
C SER P 102 90.29 10.45 53.09
N GLU P 103 90.06 10.30 54.39
CA GLU P 103 89.17 9.24 54.86
C GLU P 103 87.71 9.56 54.57
N MET P 104 87.36 10.85 54.49
CA MET P 104 86.03 11.23 54.02
C MET P 104 85.81 10.77 52.58
N ARG P 105 86.83 10.90 51.74
CA ARG P 105 86.72 10.44 50.37
C ARG P 105 86.70 8.92 50.29
N LYS P 106 87.48 8.25 51.16
CA LYS P 106 87.46 6.79 51.20
C LYS P 106 86.09 6.27 51.65
N GLU P 107 85.44 6.97 52.56
CA GLU P 107 84.13 6.52 52.99
C GLU P 107 83.04 6.95 52.01
N ARG P 108 83.28 8.01 51.23
CA ARG P 108 82.48 8.26 50.03
C ARG P 108 82.54 7.07 49.08
N ILE P 109 83.75 6.59 48.81
CA ILE P 109 83.96 5.41 47.97
C ILE P 109 83.27 4.19 48.57
N ASN P 110 83.27 4.09 49.90
CA ASN P 110 82.61 2.97 50.57
C ASN P 110 81.09 3.01 50.42
N ILE P 111 80.49 4.19 50.56
CA ILE P 111 79.04 4.27 50.45
C ILE P 111 78.61 4.16 48.99
N ILE P 112 79.41 4.70 48.07
CA ILE P 112 79.18 4.50 46.64
C ILE P 112 79.32 3.03 46.28
N LYS P 113 80.24 2.33 46.95
CA LYS P 113 80.40 0.90 46.77
C LYS P 113 79.18 0.14 47.28
N ASN P 114 78.61 0.60 48.40
CA ASN P 114 77.41 -0.01 48.94
C ASN P 114 76.23 0.21 48.00
N LEU P 115 76.13 1.40 47.43
CA LEU P 115 75.09 1.70 46.46
C LEU P 115 75.24 0.87 45.21
N SER P 116 76.49 0.68 44.76
CA SER P 116 76.75 -0.16 43.61
C SER P 116 76.46 -1.62 43.91
N ASN P 117 76.64 -2.04 45.17
CA ASN P 117 76.21 -3.37 45.58
C ASN P 117 74.70 -3.50 45.51
N ASP P 118 73.99 -2.43 45.84
CA ASP P 118 72.53 -2.44 45.75
C ASP P 118 72.08 -2.55 44.29
N ILE P 119 72.71 -1.76 43.41
CA ILE P 119 72.48 -1.85 41.98
C ILE P 119 72.85 -3.23 41.46
N THR P 120 73.89 -3.82 42.03
CA THR P 120 74.33 -5.15 41.64
C THR P 120 73.30 -6.20 42.01
N GLN P 121 72.72 -6.06 43.20
CA GLN P 121 71.62 -6.92 43.62
C GLN P 121 70.44 -6.79 42.67
N LEU P 122 70.08 -5.54 42.33
CA LEU P 122 69.03 -5.25 41.36
C LEU P 122 69.27 -5.98 40.05
N LYS P 123 70.43 -5.72 39.44
CA LYS P 123 70.80 -6.30 38.16
C LYS P 123 70.82 -7.81 38.20
N GLN P 124 71.62 -8.38 39.11
CA GLN P 124 71.81 -9.83 39.18
C GLN P 124 70.51 -10.56 39.43
N LEU P 125 69.80 -10.22 40.51
CA LEU P 125 68.63 -11.01 40.87
C LEU P 125 67.47 -10.75 39.92
N PHE P 126 67.32 -9.51 39.43
CA PHE P 126 66.17 -9.24 38.61
C PHE P 126 66.35 -9.73 37.18
N ILE P 127 67.56 -9.59 36.62
CA ILE P 127 67.85 -10.19 35.33
C ILE P 127 67.81 -11.72 35.43
N GLU P 128 68.24 -12.27 36.56
CA GLU P 128 68.19 -13.72 36.76
C GLU P 128 66.76 -14.24 36.79
N LYS P 129 65.91 -13.61 37.58
CA LYS P 129 64.52 -14.06 37.65
C LYS P 129 63.77 -13.71 36.38
N THR P 130 64.18 -12.66 35.68
CA THR P 130 63.56 -12.33 34.41
C THR P 130 63.90 -13.36 33.36
N GLU P 131 65.14 -13.82 33.33
CA GLU P 131 65.49 -14.90 32.42
C GLU P 131 64.88 -16.22 32.85
N LEU P 132 64.62 -16.38 34.14
CA LEU P 132 63.88 -17.55 34.60
C LEU P 132 62.42 -17.49 34.14
N LEU P 133 61.84 -16.29 34.17
CA LEU P 133 60.53 -16.06 33.56
C LEU P 133 60.56 -16.34 32.07
N ASP P 134 61.66 -16.02 31.41
CA ASP P 134 61.78 -16.30 29.99
C ASP P 134 61.90 -17.80 29.72
N LYS P 135 62.57 -18.52 30.61
CA LYS P 135 62.62 -19.97 30.53
C LYS P 135 61.23 -20.57 30.67
N SER P 136 60.47 -20.07 31.65
CA SER P 136 59.09 -20.50 31.80
C SER P 136 58.22 -20.04 30.63
N SER P 137 58.60 -18.93 29.99
CA SER P 137 57.88 -18.46 28.82
C SER P 137 58.11 -19.38 27.64
N SER P 138 59.34 -19.84 27.46
CA SER P 138 59.61 -20.83 26.43
C SER P 138 58.98 -22.16 26.79
N ASP P 139 58.80 -22.43 28.07
CA ASP P 139 57.95 -23.53 28.48
C ASP P 139 56.49 -23.24 28.11
N LEU P 140 56.10 -21.97 28.13
CA LEU P 140 54.70 -21.64 27.92
C LEU P 140 54.43 -21.25 26.47
N HIS P 141 55.08 -20.18 26.00
CA HIS P 141 54.83 -19.64 24.67
C HIS P 141 55.49 -20.49 23.59
N ASN P 142 56.46 -21.31 23.96
CA ASN P 142 57.15 -22.07 22.93
C ASN P 142 56.96 -23.57 23.07
N VAL P 143 56.04 -24.01 23.91
CA VAL P 143 55.58 -25.40 23.90
C VAL P 143 54.06 -25.32 23.71
N VAL P 144 53.62 -25.36 22.45
CA VAL P 144 52.22 -25.14 22.10
C VAL P 144 51.80 -26.29 21.21
N ILE P 145 50.54 -26.70 21.29
CA ILE P 145 49.97 -27.64 20.32
C ILE P 145 48.73 -27.01 19.69
N ILE P 146 48.68 -27.00 18.37
CA ILE P 146 47.55 -26.42 17.66
C ILE P 146 47.02 -27.36 16.60
N GLU P 147 47.93 -27.81 15.73
CA GLU P 147 47.61 -27.98 14.32
C GLU P 147 46.76 -29.21 14.03
N GLY P 148 47.29 -30.41 14.27
CA GLY P 148 46.54 -31.61 13.95
C GLY P 148 45.40 -31.86 14.92
N THR P 149 45.44 -31.19 16.07
CA THR P 149 44.37 -31.28 17.06
C THR P 149 43.06 -30.75 16.51
N ASP P 150 43.13 -29.73 15.66
CA ASP P 150 41.93 -29.12 15.11
C ASP P 150 41.35 -29.98 14.01
N LYS P 151 42.21 -30.68 13.27
CA LYS P 151 41.73 -31.65 12.29
C LYS P 151 41.05 -32.81 12.97
N VAL P 152 41.65 -33.31 14.06
CA VAL P 152 41.03 -34.36 14.87
C VAL P 152 39.72 -33.88 15.45
N LEU P 153 39.70 -32.63 15.92
CA LEU P 153 38.50 -31.96 16.41
C LEU P 153 37.37 -32.01 15.40
N GLN P 154 37.62 -31.50 14.19
CA GLN P 154 36.58 -31.39 13.19
C GLN P 154 36.16 -32.76 12.69
N ALA P 155 37.12 -33.69 12.57
CA ALA P 155 36.81 -35.03 12.12
C ALA P 155 35.93 -35.76 13.11
N GLU P 156 36.23 -35.63 14.40
CA GLU P 156 35.42 -36.30 15.40
C GLU P 156 34.08 -35.61 15.60
N GLN P 157 34.02 -34.30 15.37
CA GLN P 157 32.74 -33.60 15.45
C GLN P 157 31.82 -34.04 14.33
N LEU P 158 32.34 -34.12 13.10
CA LEU P 158 31.57 -34.66 11.98
C LEU P 158 31.21 -36.11 12.21
N ARG P 159 32.13 -36.87 12.80
CA ARG P 159 31.92 -38.27 13.12
C ARG P 159 30.74 -38.45 14.07
N GLN P 160 30.78 -37.78 15.21
CA GLN P 160 29.73 -37.91 16.19
C GLN P 160 28.44 -37.24 15.72
N LYS P 161 28.53 -36.26 14.83
CA LYS P 161 27.34 -35.71 14.20
C LYS P 161 26.63 -36.76 13.35
N GLN P 162 27.41 -37.50 12.55
CA GLN P 162 26.86 -38.60 11.77
C GLN P 162 26.33 -39.70 12.66
N LEU P 163 27.03 -39.95 13.77
CA LEU P 163 26.58 -40.96 14.73
C LEU P 163 25.26 -40.56 15.37
N THR P 164 25.11 -39.28 15.70
CA THR P 164 23.91 -38.79 16.34
C THR P 164 22.73 -38.82 15.37
N GLU P 165 22.99 -38.42 14.12
CA GLU P 165 21.98 -38.50 13.07
C GLU P 165 21.55 -39.93 12.83
N ASP P 166 22.51 -40.86 12.85
CA ASP P 166 22.19 -42.26 12.64
C ASP P 166 21.41 -42.85 13.81
N ILE P 167 21.74 -42.42 15.02
CA ILE P 167 21.01 -42.87 16.21
C ILE P 167 19.58 -42.38 16.17
N ALA P 168 19.38 -41.11 15.81
CA ALA P 168 18.02 -40.58 15.64
C ALA P 168 17.27 -41.29 14.52
N THR P 169 17.99 -41.68 13.46
CA THR P 169 17.38 -42.43 12.37
C THR P 169 16.92 -43.81 12.84
N LYS P 170 17.76 -44.49 13.61
CA LYS P 170 17.39 -45.79 14.18
C LYS P 170 16.22 -45.67 15.15
N GLU P 171 16.16 -44.57 15.89
CA GLU P 171 15.03 -44.31 16.77
C GLU P 171 13.74 -44.15 15.97
N LEU P 172 13.83 -43.44 14.85
CA LEU P 172 12.68 -43.33 13.95
C LEU P 172 12.28 -44.68 13.41
N GLU P 173 13.27 -45.52 13.09
CA GLU P 173 13.00 -46.86 12.56
C GLU P 173 12.27 -47.72 13.57
N ARG P 174 12.75 -47.74 14.81
CA ARG P 174 12.11 -48.56 15.82
C ARG P 174 10.75 -48.01 16.21
N LYS P 175 10.56 -46.69 16.15
CA LYS P 175 9.24 -46.12 16.36
C LYS P 175 8.28 -46.55 15.26
N GLU P 176 8.78 -46.63 14.01
CA GLU P 176 7.95 -47.12 12.92
C GLU P 176 7.61 -48.59 13.07
N ILE P 177 8.55 -49.39 13.60
CA ILE P 177 8.25 -50.78 13.92
C ILE P 177 7.17 -50.88 14.98
N GLU P 178 7.25 -50.00 15.98
CA GLU P 178 6.22 -49.91 17.00
C GLU P 178 4.88 -49.44 16.42
N LYS P 179 4.92 -48.68 15.34
CA LYS P 179 3.69 -48.37 14.63
C LYS P 179 3.17 -49.56 13.84
N LYS P 180 4.05 -50.44 13.39
CA LYS P 180 3.63 -51.59 12.60
C LYS P 180 2.81 -52.59 13.41
N ARG P 181 3.13 -52.77 14.69
CA ARG P 181 2.45 -53.77 15.51
C ARG P 181 1.03 -53.39 15.87
N ASP P 182 0.61 -52.16 15.55
CA ASP P 182 -0.73 -51.70 15.88
C ASP P 182 -1.77 -52.50 15.11
N LYS P 183 -1.49 -52.81 13.85
CA LYS P 183 -2.39 -53.63 13.05
C LYS P 183 -2.50 -55.04 13.62
N ILE P 184 -1.38 -55.57 14.13
CA ILE P 184 -1.38 -56.93 14.65
C ILE P 184 -2.16 -57.00 15.96
N ILE P 185 -1.95 -56.05 16.86
CA ILE P 185 -2.67 -56.07 18.13
C ILE P 185 -4.16 -55.80 17.91
N GLU P 186 -4.51 -54.94 16.95
CA GLU P 186 -5.93 -54.70 16.71
C GLU P 186 -6.58 -55.88 16.03
N ALA P 187 -5.86 -56.57 15.15
CA ALA P 187 -6.39 -57.76 14.51
C ALA P 187 -6.63 -58.87 15.53
N LEU P 188 -5.66 -59.12 16.41
CA LEU P 188 -5.87 -60.19 17.37
C LEU P 188 -6.79 -59.78 18.50
N ASP P 189 -7.08 -58.49 18.65
CA ASP P 189 -8.12 -58.10 19.59
C ASP P 189 -9.51 -58.28 18.98
N VAL P 190 -9.68 -57.91 17.71
CA VAL P 190 -11.00 -58.10 17.10
C VAL P 190 -11.28 -59.55 16.78
N ILE P 191 -10.25 -60.39 16.72
CA ILE P 191 -10.48 -61.83 16.70
C ILE P 191 -10.86 -62.31 18.10
N ARG P 192 -10.27 -61.71 19.13
CA ARG P 192 -10.54 -62.10 20.51
C ARG P 192 -11.96 -61.68 20.86
N GLU P 193 -12.90 -62.59 20.67
CA GLU P 193 -14.31 -62.36 20.93
C GLU P 193 -14.94 -63.57 21.61
N HIS P 194 -14.13 -64.58 21.91
CA HIS P 194 -14.62 -65.83 22.48
C HIS P 194 -13.68 -66.25 23.59
N ASN P 195 -14.23 -66.50 24.78
CA ASN P 195 -13.38 -66.88 25.91
C ASN P 195 -14.19 -67.72 26.88
N LEU P 196 -14.01 -69.05 26.79
CA LEU P 196 -14.33 -70.04 27.83
C LEU P 196 -15.83 -70.28 28.07
N VAL P 197 -16.67 -69.41 27.52
CA VAL P 197 -18.11 -69.46 27.73
C VAL P 197 -18.72 -69.52 26.35
N ASP P 198 -18.16 -68.69 25.47
CA ASP P 198 -18.59 -68.58 24.08
C ASP P 198 -18.42 -69.88 23.30
N ALA P 199 -17.55 -70.79 23.76
CA ALA P 199 -17.56 -72.15 23.22
C ALA P 199 -18.88 -72.84 23.49
N PHE P 200 -19.39 -72.71 24.72
CA PHE P 200 -20.69 -73.28 25.03
C PHE P 200 -21.82 -72.49 24.37
N LYS P 201 -21.62 -71.18 24.22
CA LYS P 201 -22.56 -70.32 23.49
C LYS P 201 -22.48 -70.49 22.00
N ASP P 202 -21.59 -71.34 21.52
CA ASP P 202 -21.65 -71.91 20.18
C ASP P 202 -22.21 -73.33 20.18
N LEU P 203 -21.94 -74.11 21.24
CA LEU P 203 -22.45 -75.48 21.34
C LEU P 203 -23.96 -75.51 21.49
N ILE P 204 -24.55 -74.48 22.08
CA ILE P 204 -26.00 -74.43 22.26
C ILE P 204 -26.76 -74.03 20.98
N PRO P 205 -26.41 -72.95 20.24
CA PRO P 205 -27.19 -72.65 19.03
C PRO P 205 -27.00 -73.64 17.91
N THR P 206 -25.91 -74.42 17.90
CA THR P 206 -25.89 -75.55 16.98
C THR P 206 -26.77 -76.69 17.51
N GLY P 207 -27.03 -76.71 18.81
CA GLY P 207 -28.01 -77.63 19.36
C GLY P 207 -29.44 -77.18 19.15
N GLU P 208 -29.63 -75.91 18.77
CA GLU P 208 -30.95 -75.41 18.45
C GLU P 208 -31.52 -76.05 17.18
N ASN P 209 -32.83 -75.90 17.01
CA ASN P 209 -33.54 -76.39 15.85
C ASN P 209 -34.67 -75.44 15.49
N LEU P 210 -35.29 -75.69 14.33
CA LEU P 210 -36.47 -74.97 13.90
C LEU P 210 -37.66 -75.88 13.67
N SER P 211 -37.50 -76.93 12.87
CA SER P 211 -38.59 -77.82 12.50
C SER P 211 -38.40 -79.17 13.17
N GLU P 212 -39.49 -79.73 13.69
CA GLU P 212 -39.48 -81.02 14.36
C GLU P 212 -40.70 -81.81 13.93
N LEU P 213 -40.55 -83.13 13.83
CA LEU P 213 -41.65 -83.99 13.42
C LEU P 213 -41.72 -85.32 14.17
N ASP P 214 -40.84 -85.54 15.17
CA ASP P 214 -40.87 -86.58 16.18
C ASP P 214 -40.53 -87.98 15.66
N LEU P 215 -40.48 -88.15 14.33
CA LEU P 215 -40.12 -89.42 13.74
C LEU P 215 -39.28 -89.17 12.49
N ALA P 216 -38.71 -90.26 11.96
CA ALA P 216 -38.13 -90.36 10.62
C ALA P 216 -36.87 -89.53 10.38
N LYS P 217 -36.47 -88.70 11.35
CA LYS P 217 -35.14 -88.10 11.38
C LYS P 217 -34.57 -88.20 12.79
N PRO P 218 -34.20 -89.43 13.24
CA PRO P 218 -33.55 -89.52 14.55
C PRO P 218 -32.14 -88.99 14.47
N GLU P 219 -31.45 -89.33 13.37
CA GLU P 219 -30.09 -88.92 13.13
C GLU P 219 -29.93 -88.04 11.90
N ILE P 220 -30.96 -87.97 11.05
CA ILE P 220 -30.91 -87.14 9.85
C ILE P 220 -30.88 -85.67 10.24
N GLU P 221 -31.66 -85.32 11.25
CA GLU P 221 -31.52 -84.00 11.87
C GLU P 221 -30.16 -83.84 12.53
N LEU P 222 -29.61 -84.93 13.08
CA LEU P 222 -28.33 -84.85 13.78
C LEU P 222 -27.15 -84.69 12.83
N LEU P 223 -27.36 -84.92 11.53
CA LEU P 223 -26.31 -84.69 10.54
C LEU P 223 -25.94 -83.22 10.49
N LYS P 224 -26.95 -82.35 10.39
CA LYS P 224 -26.73 -80.91 10.40
C LYS P 224 -26.12 -80.46 11.73
N GLN P 225 -26.56 -81.09 12.82
CA GLN P 225 -26.03 -80.83 14.16
C GLN P 225 -24.52 -81.05 14.19
N SER P 226 -24.09 -82.26 13.84
CA SER P 226 -22.68 -82.62 13.91
C SER P 226 -21.85 -81.82 12.92
N LEU P 227 -22.39 -81.56 11.73
CA LEU P 227 -21.64 -80.80 10.74
C LEU P 227 -21.46 -79.35 11.14
N GLU P 228 -22.47 -78.74 11.77
CA GLU P 228 -22.30 -77.37 12.25
C GLU P 228 -21.42 -77.31 13.49
N ILE P 229 -21.41 -78.38 14.29
CA ILE P 229 -20.43 -78.50 15.37
C ILE P 229 -19.02 -78.45 14.80
N THR P 230 -18.77 -79.25 13.76
CA THR P 230 -17.46 -79.25 13.13
C THR P 230 -17.16 -77.92 12.44
N LYS P 231 -18.19 -77.24 11.93
CA LYS P 231 -18.03 -75.89 11.40
C LYS P 231 -17.52 -74.93 12.45
N LYS P 232 -18.14 -74.93 13.62
CA LYS P 232 -17.75 -73.99 14.66
C LYS P 232 -16.37 -74.34 15.23
N LEU P 233 -16.09 -75.64 15.34
CA LEU P 233 -14.77 -76.09 15.78
C LEU P 233 -13.68 -75.62 14.82
N LEU P 234 -13.83 -75.92 13.53
CA LEU P 234 -12.84 -75.53 12.55
C LEU P 234 -12.80 -74.03 12.33
N GLY P 235 -13.90 -73.33 12.61
CA GLY P 235 -13.83 -71.88 12.65
C GLY P 235 -12.96 -71.39 13.79
N GLN P 236 -12.97 -72.11 14.91
CA GLN P 236 -12.04 -71.77 15.98
C GLN P 236 -10.60 -72.15 15.65
N PHE P 237 -10.39 -73.19 14.85
CA PHE P 237 -9.04 -73.67 14.57
C PHE P 237 -8.27 -72.68 13.70
N SER P 238 -8.84 -72.33 12.55
CA SER P 238 -8.12 -71.52 11.57
C SER P 238 -7.84 -70.12 12.09
N GLU P 239 -8.79 -69.56 12.83
CA GLU P 239 -8.56 -68.30 13.51
C GLU P 239 -7.52 -68.46 14.61
N GLY P 240 -7.49 -69.61 15.27
CA GLY P 240 -6.43 -69.89 16.21
C GLY P 240 -5.07 -69.99 15.54
N LEU P 241 -5.04 -70.54 14.32
CA LEU P 241 -3.79 -70.61 13.58
C LEU P 241 -3.31 -69.23 13.17
N LYS P 242 -4.24 -68.38 12.73
CA LYS P 242 -3.89 -67.00 12.39
C LYS P 242 -3.45 -66.23 13.62
N TYR P 243 -4.04 -66.56 14.76
CA TYR P 243 -3.60 -66.01 16.04
C TYR P 243 -2.15 -66.39 16.33
N ILE P 244 -1.82 -67.67 16.14
CA ILE P 244 -0.45 -68.16 16.30
C ILE P 244 0.51 -67.42 15.37
N ASP P 245 0.10 -67.23 14.13
CA ASP P 245 0.94 -66.58 13.12
C ASP P 245 1.21 -65.13 13.50
N LEU P 246 0.19 -64.42 13.96
CA LEU P 246 0.40 -63.02 14.28
C LEU P 246 1.13 -62.84 15.61
N THR P 247 1.02 -63.80 16.53
CA THR P 247 1.88 -63.75 17.71
C THR P 247 3.32 -64.03 17.38
N ASP P 248 3.56 -64.89 16.39
CA ASP P 248 4.92 -65.08 15.92
C ASP P 248 5.44 -63.82 15.24
N ALA P 249 4.55 -63.11 14.54
CA ALA P 249 4.91 -61.82 13.98
C ALA P 249 5.22 -60.81 15.07
N ARG P 250 4.49 -60.88 16.19
CA ARG P 250 4.80 -60.06 17.36
C ARG P 250 6.19 -60.36 17.89
N LYS P 251 6.53 -61.64 18.00
CA LYS P 251 7.86 -62.03 18.45
C LYS P 251 8.94 -61.56 17.48
N LYS P 252 8.63 -61.56 16.18
CA LYS P 252 9.56 -61.12 15.16
C LYS P 252 9.82 -59.62 15.26
N LEU P 253 8.77 -58.83 15.39
CA LEU P 253 8.96 -57.39 15.52
C LEU P 253 9.55 -57.01 16.87
N ASP P 254 9.28 -57.80 17.91
CA ASP P 254 9.92 -57.55 19.19
C ASP P 254 11.41 -57.86 19.13
N ASN P 255 11.77 -58.89 18.37
CA ASN P 255 13.19 -59.16 18.13
C ASN P 255 13.83 -58.01 17.36
N GLN P 256 13.10 -57.44 16.41
CA GLN P 256 13.56 -56.24 15.70
C GLN P 256 13.80 -55.08 16.66
N ILE P 257 12.84 -54.84 17.56
CA ILE P 257 12.95 -53.78 18.55
C ILE P 257 14.13 -54.01 19.48
N ASP P 258 14.36 -55.28 19.85
CA ASP P 258 15.47 -55.60 20.76
C ASP P 258 16.81 -55.40 20.10
N THR P 259 16.96 -55.85 18.84
CA THR P 259 18.22 -55.66 18.13
C THR P 259 18.47 -54.19 17.87
N ALA P 260 17.42 -53.43 17.53
CA ALA P 260 17.56 -52.00 17.37
C ALA P 260 17.93 -51.32 18.68
N SER P 261 17.42 -51.82 19.79
CA SER P 261 17.75 -51.25 21.09
C SER P 261 19.19 -51.54 21.48
N THR P 262 19.68 -52.73 21.10
CA THR P 262 21.09 -53.03 21.34
C THR P 262 22.00 -52.16 20.48
N ARG P 263 21.59 -51.93 19.23
CA ARG P 263 22.33 -51.00 18.38
C ARG P 263 22.31 -49.59 18.96
N LEU P 264 21.15 -49.18 19.47
CA LEU P 264 21.03 -47.92 20.19
C LEU P 264 21.99 -47.84 21.36
N THR P 265 22.06 -48.90 22.17
CA THR P 265 22.90 -48.89 23.36
C THR P 265 24.37 -48.81 22.99
N GLU P 266 24.80 -49.59 22.00
CA GLU P 266 26.20 -49.60 21.60
C GLU P 266 26.59 -48.28 20.94
N LEU P 267 25.73 -47.76 20.06
CA LEU P 267 26.04 -46.49 19.41
C LEU P 267 25.98 -45.33 20.37
N ASN P 268 25.13 -45.40 21.40
CA ASN P 268 25.13 -44.37 22.43
C ASN P 268 26.37 -44.46 23.30
N ARG P 269 26.86 -45.67 23.55
CA ARG P 269 28.12 -45.82 24.28
C ARG P 269 29.28 -45.24 23.48
N GLN P 270 29.31 -45.49 22.18
CA GLN P 270 30.30 -44.88 21.31
C GLN P 270 30.13 -43.36 21.25
N LEU P 271 28.88 -42.90 21.31
CA LEU P 271 28.60 -41.48 21.33
C LEU P 271 29.12 -40.83 22.59
N GLU P 272 28.97 -41.51 23.73
CA GLU P 272 29.50 -40.98 24.99
C GLU P 272 31.02 -41.02 25.02
N GLN P 273 31.61 -42.04 24.39
CA GLN P 273 33.05 -42.08 24.19
C GLN P 273 33.52 -40.87 23.40
N SER P 274 32.82 -40.57 22.31
CA SER P 274 33.16 -39.39 21.52
C SER P 274 32.83 -38.09 22.25
N GLU P 275 31.85 -38.10 23.15
CA GLU P 275 31.63 -36.96 24.03
C GLU P 275 32.85 -36.71 24.89
N LYS P 276 33.40 -37.77 25.48
CA LYS P 276 34.61 -37.66 26.27
C LYS P 276 35.78 -37.14 25.43
N LEU P 277 35.89 -37.66 24.20
CA LEU P 277 36.94 -37.24 23.27
C LEU P 277 36.83 -35.75 22.96
N ILE P 278 35.69 -35.33 22.42
CA ILE P 278 35.49 -33.95 22.00
C ILE P 278 35.47 -33.00 23.20
N ALA P 279 35.04 -33.47 24.37
CA ALA P 279 35.10 -32.64 25.57
C ALA P 279 36.54 -32.39 25.98
N GLY P 280 37.39 -33.42 25.97
CA GLY P 280 38.79 -33.22 26.26
C GLY P 280 39.49 -32.36 25.24
N VAL P 281 39.08 -32.49 23.97
CA VAL P 281 39.66 -31.68 22.91
C VAL P 281 39.29 -30.21 23.09
N ASN P 282 38.00 -29.94 23.34
CA ASN P 282 37.56 -28.57 23.58
C ASN P 282 38.19 -28.01 24.84
N ALA P 283 38.39 -28.86 25.84
CA ALA P 283 39.02 -28.42 27.08
C ALA P 283 40.47 -28.02 26.86
N VAL P 284 41.22 -28.83 26.10
CA VAL P 284 42.62 -28.48 25.90
C VAL P 284 42.75 -27.31 24.92
N ILE P 285 41.76 -27.10 24.05
CA ILE P 285 41.74 -25.88 23.24
C ILE P 285 41.49 -24.66 24.12
N LYS P 286 40.57 -24.76 25.07
CA LYS P 286 40.33 -23.67 26.00
C LYS P 286 41.54 -23.41 26.88
N ILE P 287 42.24 -24.49 27.26
CA ILE P 287 43.52 -24.39 27.96
C ILE P 287 44.52 -23.62 27.12
N ASP P 288 44.62 -23.96 25.84
CA ASP P 288 45.55 -23.33 24.91
C ASP P 288 45.26 -21.84 24.78
N GLN P 289 43.97 -21.48 24.76
CA GLN P 289 43.59 -20.07 24.80
C GLN P 289 44.00 -19.43 26.12
N GLU P 290 43.74 -20.11 27.23
CA GLU P 290 44.14 -19.59 28.52
C GLU P 290 45.66 -19.63 28.67
N LYS P 291 46.30 -20.60 28.03
CA LYS P 291 47.76 -20.61 27.97
C LYS P 291 48.30 -19.38 27.27
N SER P 292 47.71 -19.01 26.14
CA SER P 292 48.09 -17.78 25.46
C SER P 292 47.77 -16.54 26.28
N ALA P 293 46.70 -16.61 27.08
CA ALA P 293 46.41 -15.50 27.99
C ALA P 293 47.51 -15.35 29.05
N VAL P 294 48.00 -16.46 29.57
CA VAL P 294 49.09 -16.39 30.55
C VAL P 294 50.39 -16.01 29.87
N VAL P 295 50.54 -16.33 28.58
CA VAL P 295 51.65 -15.82 27.79
C VAL P 295 51.62 -14.30 27.75
N VAL P 296 50.45 -13.74 27.47
CA VAL P 296 50.25 -12.28 27.46
C VAL P 296 50.54 -11.71 28.84
N GLU P 297 50.12 -12.41 29.89
CA GLU P 297 50.36 -11.99 31.26
C GLU P 297 51.85 -11.93 31.58
N ALA P 298 52.58 -12.97 31.18
CA ALA P 298 54.01 -13.01 31.42
C ALA P 298 54.75 -11.99 30.59
N GLU P 299 54.24 -11.67 29.40
CA GLU P 299 54.84 -10.61 28.62
C GLU P 299 54.61 -9.25 29.25
N LYS P 300 53.42 -9.05 29.84
CA LYS P 300 53.16 -7.84 30.63
C LYS P 300 54.12 -7.74 31.79
N LEU P 301 54.39 -8.86 32.45
CA LEU P 301 55.30 -8.86 33.60
C LEU P 301 56.72 -8.57 33.18
N SER P 302 57.30 -9.46 32.37
CA SER P 302 58.71 -9.38 32.00
C SER P 302 59.01 -8.17 31.14
N ARG P 303 58.01 -7.63 30.43
CA ARG P 303 58.20 -6.40 29.68
C ARG P 303 58.47 -5.24 30.63
N ALA P 304 57.81 -5.24 31.80
CA ALA P 304 58.10 -4.23 32.81
C ALA P 304 59.47 -4.42 33.42
N TRP P 305 60.03 -5.63 33.32
CA TRP P 305 61.39 -5.82 33.76
C TRP P 305 62.41 -5.41 32.72
N HIS P 306 62.03 -5.42 31.44
CA HIS P 306 62.88 -4.77 30.46
C HIS P 306 62.74 -3.26 30.55
N ILE P 307 61.57 -2.79 30.98
CA ILE P 307 61.44 -1.40 31.41
C ILE P 307 62.37 -1.14 32.58
N PHE P 308 62.49 -2.09 33.49
CA PHE P 308 63.40 -1.92 34.61
C PHE P 308 64.85 -1.95 34.19
N ILE P 309 65.21 -2.80 33.21
CA ILE P 309 66.60 -2.84 32.78
C ILE P 309 66.93 -1.61 31.96
N HIS P 310 65.93 -0.97 31.33
CA HIS P 310 66.18 0.31 30.70
C HIS P 310 66.26 1.43 31.74
N GLU P 311 65.62 1.23 32.89
CA GLU P 311 65.82 2.16 34.00
C GLU P 311 67.24 2.06 34.53
N ILE P 312 67.72 0.84 34.74
CA ILE P 312 69.08 0.65 35.26
C ILE P 312 70.10 0.89 34.14
N THR P 313 69.66 0.90 32.89
CA THR P 313 70.49 1.44 31.81
C THR P 313 70.78 2.92 32.04
N ALA P 314 69.82 3.66 32.62
CA ALA P 314 69.99 5.06 32.96
C ALA P 314 70.60 5.27 34.34
N LEU P 315 71.28 4.27 34.88
CA LEU P 315 71.96 4.40 36.16
C LEU P 315 73.42 4.82 35.94
N GLN P 316 74.24 4.66 36.98
CA GLN P 316 75.64 5.07 37.06
C GLN P 316 75.80 6.57 36.87
N GLY P 317 75.24 7.29 37.84
CA GLY P 317 75.64 8.65 38.11
C GLY P 317 76.54 8.62 39.33
N THR P 318 77.84 8.78 39.12
CA THR P 318 78.86 8.36 40.09
C THR P 318 78.83 9.13 41.40
N SER P 319 79.22 10.41 41.38
CA SER P 319 79.23 11.20 42.60
C SER P 319 78.81 12.64 42.37
N LEU P 320 77.98 12.91 41.35
CA LEU P 320 77.74 14.28 40.93
C LEU P 320 76.80 15.00 41.89
N ASN P 321 75.57 14.53 42.00
CA ASN P 321 74.57 15.12 42.87
C ASN P 321 74.09 14.08 43.88
N GLU P 322 73.04 14.42 44.62
CA GLU P 322 72.45 13.44 45.51
C GLU P 322 70.92 13.39 45.36
N VAL P 323 70.27 14.53 45.13
CA VAL P 323 68.81 14.53 45.03
C VAL P 323 68.37 14.29 43.59
N GLU P 324 68.49 13.07 43.14
CA GLU P 324 67.82 12.62 41.93
C GLU P 324 67.41 11.16 42.01
N LEU P 325 67.64 10.50 43.15
CA LEU P 325 67.91 9.06 43.14
C LEU P 325 66.63 8.25 43.07
N SER P 326 65.80 8.34 44.10
CA SER P 326 64.77 7.34 44.33
C SER P 326 63.46 7.67 43.66
N LYS P 327 63.46 8.47 42.59
CA LYS P 327 62.20 8.75 41.91
C LYS P 327 61.68 7.54 41.11
N PRO P 328 62.48 6.82 40.30
CA PRO P 328 61.96 5.54 39.78
C PRO P 328 61.77 4.51 40.87
N LEU P 329 62.48 4.63 41.99
CA LEU P 329 62.31 3.70 43.09
C LEU P 329 60.95 3.86 43.76
N ILE P 330 60.52 5.10 43.98
CA ILE P 330 59.20 5.31 44.56
C ILE P 330 58.12 5.06 43.52
N LYS P 331 58.43 5.24 42.23
CA LYS P 331 57.47 4.90 41.19
C LYS P 331 57.21 3.39 41.16
N GLN P 332 58.29 2.59 41.20
CA GLN P 332 58.14 1.16 41.27
C GLN P 332 57.56 0.72 42.62
N GLN P 333 57.84 1.49 43.67
CA GLN P 333 57.28 1.22 44.99
C GLN P 333 55.76 1.34 44.98
N ILE P 334 55.24 2.43 44.42
CA ILE P 334 53.79 2.61 44.42
C ILE P 334 53.14 1.68 43.40
N TYR P 335 53.83 1.37 42.30
CA TYR P 335 53.29 0.42 41.34
C TYR P 335 53.26 -0.99 41.91
N LEU P 336 54.23 -1.31 42.76
CA LEU P 336 54.28 -2.60 43.40
C LEU P 336 53.29 -2.70 44.54
N GLU P 337 53.07 -1.61 45.27
CA GLU P 337 52.07 -1.61 46.32
C GLU P 337 50.67 -1.75 45.73
N SER P 338 50.45 -1.13 44.58
CA SER P 338 49.26 -1.43 43.79
C SER P 338 49.26 -2.90 43.38
N LEU P 339 50.42 -3.41 42.99
CA LEU P 339 50.54 -4.80 42.60
C LEU P 339 50.46 -5.74 43.79
N ILE P 340 50.85 -5.29 44.99
CA ILE P 340 50.54 -6.05 46.21
C ILE P 340 49.04 -6.14 46.40
N LYS P 341 48.35 -5.02 46.23
CA LYS P 341 46.90 -5.04 46.24
C LYS P 341 46.31 -5.73 45.02
N GLN P 342 47.09 -5.87 43.96
CA GLN P 342 46.70 -6.67 42.80
C GLN P 342 47.21 -8.11 42.98
N LEU P 343 46.87 -8.69 44.13
CA LEU P 343 47.32 -10.02 44.51
C LEU P 343 46.41 -10.50 45.63
N ILE Q 44 14.27 16.98 69.11
CA ILE Q 44 14.70 16.12 70.20
C ILE Q 44 13.63 15.14 70.61
N PHE Q 45 13.72 14.65 71.85
CA PHE Q 45 12.82 13.62 72.33
C PHE Q 45 11.42 14.16 72.55
N THR Q 46 10.41 13.36 72.24
CA THR Q 46 9.03 13.80 72.36
C THR Q 46 8.27 12.91 73.33
N LYS Q 47 7.10 13.40 73.75
CA LYS Q 47 6.24 12.65 74.66
C LYS Q 47 5.39 11.62 73.95
N GLU Q 48 5.20 11.77 72.64
CA GLU Q 48 4.39 10.83 71.90
C GLU Q 48 5.11 9.52 71.73
N ASP Q 49 6.44 9.57 71.79
CA ASP Q 49 7.26 8.39 72.04
C ASP Q 49 6.75 7.63 73.26
N LEU Q 50 6.60 8.32 74.38
CA LEU Q 50 6.12 7.69 75.62
C LEU Q 50 4.67 7.26 75.49
N ILE Q 51 3.90 7.96 74.67
CA ILE Q 51 2.52 7.54 74.38
C ILE Q 51 2.53 6.18 73.69
N ASN Q 52 3.39 6.03 72.68
CA ASN Q 52 3.53 4.74 72.01
C ASN Q 52 4.09 3.68 72.94
N LEU Q 53 4.93 4.10 73.89
CA LEU Q 53 5.45 3.18 74.90
C LEU Q 53 4.31 2.64 75.76
N LYS Q 54 3.39 3.51 76.16
CA LYS Q 54 2.29 3.04 76.98
C LYS Q 54 1.28 2.25 76.17
N LEU Q 55 1.19 2.52 74.87
CA LEU Q 55 0.44 1.65 73.97
C LEU Q 55 1.04 0.26 73.95
N TYR Q 56 2.37 0.18 73.91
CA TYR Q 56 3.04 -1.10 73.99
C TYR Q 56 2.87 -1.75 75.35
N VAL Q 57 2.76 -0.93 76.41
CA VAL Q 57 2.51 -1.45 77.75
C VAL Q 57 1.14 -2.12 77.80
N ARG Q 58 0.12 -1.41 77.34
CA ARG Q 58 -1.23 -1.94 77.29
C ARG Q 58 -1.34 -3.16 76.38
N LYS Q 59 -0.54 -3.19 75.31
CA LYS Q 59 -0.51 -4.35 74.45
C LYS Q 59 0.13 -5.54 75.16
N GLY Q 60 1.25 -5.31 75.84
CA GLY Q 60 1.96 -6.40 76.48
C GLY Q 60 1.27 -6.92 77.72
N LEU Q 61 0.58 -6.05 78.44
CA LEU Q 61 -0.21 -6.52 79.57
C LEU Q 61 -1.49 -7.21 79.15
N SER Q 62 -1.85 -7.11 77.87
CA SER Q 62 -3.01 -7.80 77.32
C SER Q 62 -2.65 -9.14 76.69
N LEU Q 63 -1.67 -9.84 77.25
CA LEU Q 63 -1.27 -11.04 76.56
C LEU Q 63 -1.60 -12.29 77.37
N PRO Q 64 -1.98 -13.38 76.71
CA PRO Q 64 -2.15 -14.65 77.41
C PRO Q 64 -0.80 -15.19 77.86
N THR Q 65 -0.81 -15.83 79.03
CA THR Q 65 0.40 -16.36 79.63
C THR Q 65 0.38 -17.88 79.73
N ARG Q 66 -0.72 -18.45 80.21
CA ARG Q 66 -0.79 -19.88 80.40
C ARG Q 66 -1.09 -20.58 79.08
N GLN Q 67 -0.98 -21.90 79.10
CA GLN Q 67 -1.09 -22.68 77.86
C GLN Q 67 -2.51 -22.65 77.32
N ASP Q 68 -3.49 -22.88 78.19
CA ASP Q 68 -4.89 -22.80 77.80
C ASP Q 68 -5.28 -21.38 77.40
N GLU Q 69 -4.65 -20.39 78.03
CA GLU Q 69 -4.89 -18.99 77.67
C GLU Q 69 -4.42 -18.72 76.25
N VAL Q 70 -3.24 -19.25 75.91
CA VAL Q 70 -2.72 -19.12 74.55
C VAL Q 70 -3.60 -19.89 73.57
N GLU Q 71 -4.02 -21.10 73.95
CA GLU Q 71 -4.79 -21.96 73.05
C GLU Q 71 -6.16 -21.38 72.76
N ALA Q 72 -6.81 -20.78 73.77
CA ALA Q 72 -8.01 -20.02 73.52
C ALA Q 72 -7.72 -18.77 72.72
N TYR Q 73 -6.57 -18.13 72.98
CA TYR Q 73 -6.15 -16.99 72.19
C TYR Q 73 -5.74 -17.39 70.79
N LEU Q 74 -5.17 -18.59 70.63
CA LEU Q 74 -4.96 -19.15 69.30
C LEU Q 74 -6.26 -19.59 68.65
N GLY Q 75 -7.21 -20.04 69.46
CA GLY Q 75 -8.39 -20.68 68.93
C GLY Q 75 -8.21 -22.12 68.53
N TYR Q 76 -7.07 -22.73 68.87
CA TYR Q 76 -6.83 -24.14 68.55
C TYR Q 76 -5.80 -24.68 69.52
N LYS Q 77 -5.42 -25.94 69.29
CA LYS Q 77 -4.41 -26.62 70.08
C LYS Q 77 -3.38 -27.33 69.21
N LYS Q 78 -3.61 -27.39 67.90
CA LYS Q 78 -2.77 -28.21 67.03
C LYS Q 78 -2.63 -27.49 65.69
N ILE Q 79 -1.39 -27.37 65.21
CA ILE Q 79 -1.13 -26.68 63.96
C ILE Q 79 -0.38 -27.56 62.96
N ASP Q 80 0.39 -28.54 63.46
CA ASP Q 80 1.28 -29.39 62.66
C ASP Q 80 2.25 -28.57 61.81
N VAL Q 81 2.72 -27.46 62.36
CA VAL Q 81 3.66 -26.58 61.67
C VAL Q 81 4.84 -26.31 62.60
N ALA Q 82 6.02 -26.74 62.18
CA ALA Q 82 7.22 -26.52 62.97
C ALA Q 82 7.56 -25.03 63.00
N GLY Q 83 8.06 -24.57 64.14
CA GLY Q 83 8.31 -23.16 64.36
C GLY Q 83 7.10 -22.34 64.71
N LEU Q 84 5.89 -22.90 64.53
CA LEU Q 84 4.65 -22.19 64.83
C LEU Q 84 3.75 -23.02 65.72
N GLU Q 85 4.33 -23.96 66.47
CA GLU Q 85 3.56 -24.83 67.33
C GLU Q 85 2.96 -24.04 68.49
N PRO Q 86 1.81 -24.49 69.03
CA PRO Q 86 1.14 -23.73 70.11
C PRO Q 86 1.99 -23.58 71.36
N LYS Q 87 2.82 -24.57 71.68
CA LYS Q 87 3.76 -24.42 72.77
C LYS Q 87 4.81 -23.36 72.45
N ASP Q 88 5.22 -23.27 71.18
CA ASP Q 88 6.20 -22.27 70.78
C ASP Q 88 5.62 -20.87 70.86
N ILE Q 89 4.36 -20.73 70.45
CA ILE Q 89 3.70 -19.43 70.52
C ILE Q 89 3.43 -19.07 71.97
N LYS Q 90 3.15 -20.07 72.81
CA LYS Q 90 3.03 -19.83 74.24
C LYS Q 90 4.34 -19.35 74.84
N LEU Q 91 5.46 -19.94 74.41
CA LEU Q 91 6.77 -19.50 74.86
C LEU Q 91 7.07 -18.08 74.38
N LEU Q 92 6.68 -17.78 73.14
CA LEU Q 92 6.79 -16.42 72.61
C LEU Q 92 6.00 -15.43 73.44
N PHE Q 93 4.78 -15.80 73.80
CA PHE Q 93 3.94 -14.91 74.60
C PHE Q 93 4.48 -14.77 76.01
N ASP Q 94 5.12 -15.82 76.53
CA ASP Q 94 5.82 -15.71 77.80
C ASP Q 94 6.93 -14.68 77.72
N GLU Q 95 7.70 -14.73 76.62
CA GLU Q 95 8.77 -13.77 76.40
C GLU Q 95 8.24 -12.34 76.35
N ILE Q 96 7.19 -12.11 75.56
CA ILE Q 96 6.71 -10.75 75.37
C ILE Q 96 5.97 -10.25 76.60
N HIS Q 97 5.20 -11.13 77.25
CA HIS Q 97 4.45 -10.73 78.43
C HIS Q 97 5.37 -10.48 79.61
N ASN Q 98 6.39 -11.30 79.78
CA ASN Q 98 7.40 -11.01 80.79
C ASN Q 98 8.27 -9.84 80.41
N HIS Q 99 8.37 -9.52 79.12
CA HIS Q 99 9.06 -8.31 78.70
C HIS Q 99 8.27 -7.08 79.11
N ALA Q 100 6.95 -7.14 79.01
CA ALA Q 100 6.11 -6.08 79.55
C ALA Q 100 6.15 -6.06 81.07
N LEU Q 101 6.20 -7.22 81.71
CA LEU Q 101 6.33 -7.32 83.15
C LEU Q 101 7.72 -6.93 83.63
N ASN Q 102 8.67 -6.82 82.73
CA ASN Q 102 9.91 -6.13 83.03
C ASN Q 102 9.68 -4.63 82.92
N TRP Q 103 9.10 -4.20 81.79
CA TRP Q 103 9.09 -2.80 81.43
C TRP Q 103 8.20 -1.94 82.32
N ASN Q 104 7.12 -2.50 82.88
CA ASN Q 104 6.33 -1.74 83.83
C ASN Q 104 7.17 -1.29 85.02
N ASP Q 105 7.99 -2.20 85.56
CA ASP Q 105 8.91 -1.84 86.63
C ASP Q 105 10.07 -0.99 86.14
N VAL Q 106 10.58 -1.26 84.95
CA VAL Q 106 11.72 -0.51 84.45
C VAL Q 106 11.31 0.91 84.09
N GLU Q 107 10.09 1.08 83.59
CA GLU Q 107 9.53 2.40 83.34
C GLU Q 107 9.14 3.09 84.64
N GLN Q 108 8.81 2.33 85.67
CA GLN Q 108 8.70 2.91 87.00
C GLN Q 108 10.05 3.44 87.47
N ALA Q 109 11.12 2.72 87.15
CA ALA Q 109 12.46 3.22 87.45
C ALA Q 109 12.81 4.41 86.55
N VAL Q 110 12.25 4.47 85.35
CA VAL Q 110 12.39 5.63 84.50
C VAL Q 110 11.71 6.83 85.14
N LEU Q 111 10.55 6.62 85.76
CA LEU Q 111 9.89 7.66 86.53
C LEU Q 111 10.70 8.03 87.77
N GLN Q 112 11.38 7.06 88.36
CA GLN Q 112 12.23 7.34 89.51
C GLN Q 112 13.41 8.21 89.10
N GLN Q 113 14.06 7.89 87.99
CA GLN Q 113 15.14 8.71 87.49
C GLN Q 113 14.61 10.00 86.87
N SER Q 114 13.34 10.04 86.51
CA SER Q 114 12.70 11.30 86.15
C SER Q 114 12.70 12.24 87.34
N LEU Q 115 12.30 11.71 88.50
CA LEU Q 115 12.40 12.47 89.75
C LEU Q 115 13.86 12.81 90.08
N ASP Q 116 14.76 11.88 89.78
CA ASP Q 116 16.17 12.07 90.12
C ASP Q 116 16.83 13.15 89.28
N LEU Q 117 16.54 13.16 87.98
CA LEU Q 117 17.02 14.23 87.12
C LEU Q 117 16.32 15.53 87.41
N ASP Q 118 15.07 15.49 87.87
CA ASP Q 118 14.39 16.71 88.28
C ASP Q 118 15.10 17.34 89.48
N ILE Q 119 15.35 16.55 90.51
CA ILE Q 119 16.02 17.10 91.68
C ILE Q 119 17.50 17.37 91.41
N ALA Q 120 18.10 16.66 90.45
CA ALA Q 120 19.45 16.97 90.03
C ALA Q 120 19.50 18.32 89.34
N ALA Q 121 18.54 18.58 88.45
CA ALA Q 121 18.39 19.87 87.82
C ALA Q 121 18.21 20.97 88.85
N LYS Q 122 17.31 20.76 89.81
CA LYS Q 122 17.02 21.76 90.82
C LYS Q 122 18.24 22.07 91.68
N ASN Q 123 18.86 21.03 92.23
CA ASN Q 123 19.98 21.21 93.15
C ASN Q 123 21.20 21.76 92.42
N ILE Q 124 21.49 21.26 91.22
CA ILE Q 124 22.70 21.70 90.53
C ILE Q 124 22.53 23.10 89.99
N ILE Q 125 21.39 23.40 89.36
CA ILE Q 125 21.08 24.76 88.88
C ILE Q 125 21.15 25.75 90.02
N SER Q 126 20.51 25.43 91.16
CA SER Q 126 20.51 26.31 92.31
C SER Q 126 21.92 26.52 92.86
N THR Q 127 22.54 25.45 93.37
CA THR Q 127 23.82 25.55 94.07
C THR Q 127 24.93 26.03 93.14
N GLY Q 128 25.06 25.38 91.98
CA GLY Q 128 26.01 25.77 90.97
C GLY Q 128 25.85 27.18 90.46
N ASN Q 129 24.66 27.59 89.99
CA ASN Q 129 24.51 28.91 89.41
C ASN Q 129 24.67 30.00 90.46
N GLU Q 130 24.11 29.79 91.66
CA GLU Q 130 24.28 30.74 92.75
C GLU Q 130 25.73 30.91 93.19
N ILE Q 131 26.38 29.84 93.64
CA ILE Q 131 27.70 29.97 94.23
C ILE Q 131 28.75 30.24 93.13
N ILE Q 132 28.54 29.70 91.94
CA ILE Q 132 29.52 29.77 90.87
C ILE Q 132 28.99 30.77 89.85
N ASN Q 133 28.16 31.71 90.32
CA ASN Q 133 28.01 32.99 89.66
C ASN Q 133 28.13 34.15 90.63
N LEU Q 134 28.26 33.86 91.93
CA LEU Q 134 28.71 34.85 92.89
C LEU Q 134 30.15 35.28 92.61
N ILE Q 135 30.94 34.39 92.00
CA ILE Q 135 32.37 34.61 91.85
C ILE Q 135 32.59 35.06 90.40
N ASN Q 136 31.55 35.65 89.81
CA ASN Q 136 31.75 36.45 88.60
C ASN Q 136 32.64 37.65 88.87
N GLN Q 137 32.66 38.15 90.11
CA GLN Q 137 33.43 39.32 90.47
C GLN Q 137 34.92 39.00 90.48
N MET Q 138 35.64 39.54 89.50
CA MET Q 138 37.07 39.61 89.57
C MET Q 138 37.45 40.83 88.74
N PRO Q 139 37.74 41.96 89.38
CA PRO Q 139 38.26 43.11 88.64
C PRO Q 139 39.72 42.91 88.25
N ILE Q 140 40.21 43.74 87.32
CA ILE Q 140 41.56 43.62 86.80
C ILE Q 140 42.63 43.96 87.86
N THR Q 141 42.25 44.70 88.91
CA THR Q 141 43.20 45.12 89.93
C THR Q 141 43.74 43.93 90.71
N LEU Q 142 42.84 43.04 91.13
CA LEU Q 142 43.30 41.78 91.73
C LEU Q 142 43.83 40.84 90.66
N ARG Q 143 43.30 40.96 89.44
CA ARG Q 143 43.63 40.02 88.37
C ARG Q 143 45.00 40.29 87.75
N VAL Q 144 45.68 41.35 88.16
CA VAL Q 144 47.06 41.55 87.75
C VAL Q 144 48.06 41.25 88.85
N LYS Q 145 47.62 41.07 90.10
CA LYS Q 145 48.56 41.03 91.21
C LYS Q 145 48.35 39.89 92.22
N THR Q 146 47.16 39.32 92.33
CA THR Q 146 46.86 38.50 93.50
C THR Q 146 47.47 37.11 93.40
N LEU Q 147 47.43 36.53 92.19
CA LEU Q 147 47.85 35.16 91.89
C LEU Q 147 47.10 34.17 92.78
N LEU Q 148 45.79 34.10 92.51
CA LEU Q 148 44.74 33.48 93.31
C LEU Q 148 45.05 32.07 93.83
N GLY Q 149 45.90 31.33 93.13
CA GLY Q 149 46.38 30.03 93.60
C GLY Q 149 47.14 30.09 94.92
N ASP Q 150 47.58 31.27 95.34
CA ASP Q 150 48.14 31.46 96.66
C ASP Q 150 47.10 31.21 97.74
N ILE Q 151 45.95 31.85 97.63
CA ILE Q 151 44.97 31.84 98.72
C ILE Q 151 43.92 30.75 98.50
N THR Q 152 44.20 29.83 97.59
CA THR Q 152 43.37 28.64 97.44
C THR Q 152 43.57 27.70 98.64
N VAL Q 168 38.11 31.47 103.63
CA VAL Q 168 36.67 31.66 103.61
C VAL Q 168 36.06 30.88 102.46
N ALA Q 169 36.43 31.28 101.23
CA ALA Q 169 35.89 30.63 100.04
C ALA Q 169 36.53 29.26 99.79
N SER Q 170 37.67 28.98 100.42
CA SER Q 170 38.30 27.67 100.28
C SER Q 170 37.43 26.58 100.87
N ALA Q 171 36.82 26.84 102.03
CA ALA Q 171 35.82 25.93 102.57
C ALA Q 171 34.55 25.93 101.73
N LEU Q 172 34.26 27.05 101.06
CA LEU Q 172 33.12 27.09 100.16
C LEU Q 172 33.39 26.30 98.90
N LYS Q 173 34.64 26.25 98.45
CA LYS Q 173 35.01 25.36 97.36
C LYS Q 173 34.98 23.90 97.78
N ASP Q 174 35.14 23.62 99.07
CA ASP Q 174 35.00 22.26 99.56
C ASP Q 174 33.55 21.80 99.47
N ILE Q 175 32.60 22.73 99.68
CA ILE Q 175 31.19 22.46 99.42
C ILE Q 175 30.98 22.12 97.94
N LEU Q 176 31.68 22.84 97.07
CA LEU Q 176 31.59 22.58 95.64
C LEU Q 176 32.18 21.23 95.27
N ASP Q 177 33.22 20.79 95.99
CA ASP Q 177 33.78 19.47 95.73
C ASP Q 177 32.90 18.36 96.28
N ASP Q 178 32.18 18.64 97.38
CA ASP Q 178 31.19 17.70 97.86
C ASP Q 178 30.05 17.55 96.86
N MET Q 179 29.62 18.68 96.29
CA MET Q 179 28.63 18.64 95.22
C MET Q 179 29.18 17.99 93.97
N LYS Q 180 30.50 18.08 93.75
CA LYS Q 180 31.15 17.38 92.64
C LYS Q 180 31.07 15.87 92.82
N GLY Q 181 31.33 15.39 94.04
CA GLY Q 181 31.17 13.98 94.33
C GLY Q 181 29.72 13.55 94.23
N ASP Q 182 28.80 14.42 94.61
CA ASP Q 182 27.38 14.14 94.42
C ASP Q 182 27.02 14.07 92.95
N ILE Q 183 27.63 14.92 92.13
CA ILE Q 183 27.48 14.88 90.68
C ILE Q 183 28.00 13.57 90.11
N ASN Q 184 29.11 13.08 90.66
CA ASN Q 184 29.63 11.77 90.26
C ASN Q 184 28.66 10.66 90.64
N ARG Q 185 27.97 10.83 91.78
CA ARG Q 185 26.92 9.89 92.14
C ARG Q 185 25.73 10.00 91.18
N HIS Q 186 25.42 11.21 90.72
CA HIS Q 186 24.37 11.38 89.72
C HIS Q 186 24.76 10.72 88.41
N GLN Q 187 26.05 10.79 88.06
CA GLN Q 187 26.59 10.07 86.91
C GLN Q 187 26.37 8.58 87.06
N THR Q 188 26.64 8.07 88.25
CA THR Q 188 26.47 6.65 88.54
C THR Q 188 25.02 6.21 88.35
N THR Q 189 24.09 6.97 88.94
CA THR Q 189 22.67 6.66 88.82
C THR Q 189 22.18 6.79 87.39
N THR Q 190 22.63 7.84 86.70
CA THR Q 190 22.18 8.09 85.34
C THR Q 190 22.72 7.04 84.39
N GLU Q 191 23.95 6.59 84.61
CA GLU Q 191 24.51 5.51 83.82
C GLU Q 191 23.81 4.21 84.10
N ASN Q 192 23.40 3.98 85.35
CA ASN Q 192 22.63 2.78 85.68
C ASN Q 192 21.29 2.77 84.96
N VAL Q 193 20.62 3.92 84.93
CA VAL Q 193 19.32 3.97 84.27
C VAL Q 193 19.47 3.92 82.76
N ARG Q 194 20.52 4.53 82.22
CA ARG Q 194 20.81 4.42 80.80
C ARG Q 194 21.13 2.99 80.43
N LYS Q 195 21.84 2.29 81.33
CA LYS Q 195 22.08 0.86 81.17
C LYS Q 195 20.77 0.09 81.11
N LYS Q 196 19.83 0.42 82.01
CA LYS Q 196 18.52 -0.23 82.02
C LYS Q 196 17.78 0.01 80.71
N VAL Q 197 17.80 1.26 80.24
CA VAL Q 197 17.08 1.64 79.02
C VAL Q 197 17.69 0.96 77.80
N SER Q 198 19.01 1.05 77.68
CA SER Q 198 19.69 0.50 76.51
C SER Q 198 19.63 -1.02 76.50
N ASP Q 199 19.74 -1.65 77.68
CA ASP Q 199 19.59 -3.09 77.75
C ASP Q 199 18.17 -3.52 77.46
N TYR Q 200 17.18 -2.70 77.84
CA TYR Q 200 15.81 -2.99 77.46
C TYR Q 200 15.61 -2.86 75.96
N ARG Q 201 16.32 -1.91 75.35
CA ARG Q 201 16.26 -1.73 73.92
C ARG Q 201 16.88 -2.91 73.19
N ILE Q 202 18.05 -3.35 73.65
CA ILE Q 202 18.70 -4.53 73.08
C ILE Q 202 17.86 -5.77 73.34
N THR Q 203 17.15 -5.80 74.46
CA THR Q 203 16.18 -6.86 74.73
C THR Q 203 15.05 -6.83 73.71
N LEU Q 204 14.70 -5.64 73.25
CA LEU Q 204 13.78 -5.57 72.12
C LEU Q 204 14.51 -5.77 70.80
N THR Q 205 15.60 -5.03 70.57
CA THR Q 205 16.24 -4.97 69.27
C THR Q 205 17.26 -6.09 69.06
N GLY Q 206 18.27 -6.19 69.91
CA GLY Q 206 19.25 -7.24 69.69
C GLY Q 206 20.69 -6.81 69.82
N GLY Q 207 21.52 -7.72 70.32
CA GLY Q 207 22.94 -7.47 70.47
C GLY Q 207 23.42 -7.93 71.82
N GLU Q 208 24.65 -7.54 72.14
CA GLU Q 208 25.22 -7.89 73.43
C GLU Q 208 24.77 -6.87 74.47
N LEU Q 209 24.25 -7.37 75.60
CA LEU Q 209 23.93 -6.49 76.70
C LEU Q 209 25.20 -5.94 77.33
N SER Q 210 25.09 -4.78 77.96
CA SER Q 210 26.18 -4.24 78.76
C SER Q 210 26.46 -5.10 79.98
N SER Q 211 25.48 -5.86 80.46
CA SER Q 211 25.71 -6.90 81.45
C SER Q 211 26.54 -8.06 80.88
N GLY Q 212 26.58 -8.23 79.56
CA GLY Q 212 27.39 -9.26 78.96
C GLY Q 212 26.59 -10.43 78.44
N ASP Q 213 25.46 -10.16 77.80
CA ASP Q 213 24.62 -11.21 77.23
C ASP Q 213 24.29 -10.84 75.80
N LYS Q 214 24.71 -11.69 74.86
CA LYS Q 214 24.41 -11.49 73.45
C LYS Q 214 23.01 -12.01 73.18
N VAL Q 215 22.01 -11.22 73.56
CA VAL Q 215 20.64 -11.57 73.32
C VAL Q 215 20.30 -11.25 71.86
N ASN Q 216 19.21 -11.81 71.37
CA ASN Q 216 18.84 -11.63 69.98
C ASN Q 216 17.86 -10.49 69.78
N GLY Q 217 17.22 -10.02 70.85
CA GLY Q 217 16.21 -9.00 70.73
C GLY Q 217 14.87 -9.59 70.37
N LEU Q 218 13.83 -9.20 71.08
CA LEU Q 218 12.54 -9.85 70.88
C LEU Q 218 11.86 -9.38 69.61
N GLU Q 219 12.09 -8.14 69.19
CA GLU Q 219 11.48 -7.65 67.97
C GLU Q 219 11.89 -8.40 66.71
N PRO Q 220 13.16 -8.73 66.45
CA PRO Q 220 13.44 -9.58 65.27
C PRO Q 220 12.94 -10.99 65.41
N GLN Q 221 12.81 -11.50 66.63
CA GLN Q 221 12.23 -12.83 66.80
C GLN Q 221 10.74 -12.82 66.45
N VAL Q 222 10.04 -11.79 66.91
CA VAL Q 222 8.65 -11.59 66.55
C VAL Q 222 8.52 -11.32 65.05
N LYS Q 223 9.49 -10.61 64.48
CA LYS Q 223 9.50 -10.35 63.06
C LYS Q 223 9.73 -11.64 62.28
N THR Q 224 10.56 -12.52 62.81
CA THR Q 224 10.83 -13.80 62.18
C THR Q 224 9.61 -14.70 62.22
N LYS Q 225 8.94 -14.75 63.36
CA LYS Q 225 7.72 -15.53 63.45
C LYS Q 225 6.58 -14.88 62.66
N TYR Q 226 6.64 -13.57 62.47
CA TYR Q 226 5.73 -12.92 61.53
C TYR Q 226 6.03 -13.32 60.10
N ASP Q 227 7.31 -13.50 59.79
CA ASP Q 227 7.67 -13.98 58.46
C ASP Q 227 7.24 -15.43 58.27
N LEU Q 228 7.24 -16.19 59.35
CA LEU Q 228 6.64 -17.52 59.33
C LEU Q 228 5.15 -17.42 59.04
N MET Q 229 4.43 -16.68 59.86
CA MET Q 229 3.00 -16.49 59.64
C MET Q 229 2.66 -15.67 58.38
N GLU Q 230 3.65 -15.18 57.66
CA GLU Q 230 3.49 -14.66 56.32
C GLU Q 230 3.72 -15.71 55.26
N LYS Q 231 4.75 -16.54 55.41
CA LYS Q 231 5.11 -17.52 54.40
C LYS Q 231 5.02 -18.95 54.87
N SER Q 232 5.60 -19.29 56.02
CA SER Q 232 5.51 -20.62 56.60
C SER Q 232 4.17 -20.86 57.27
N ASN Q 233 3.30 -19.85 57.27
CA ASN Q 233 1.89 -20.05 57.53
C ASN Q 233 1.28 -21.05 56.56
N MET Q 234 1.77 -21.06 55.31
CA MET Q 234 1.48 -22.06 54.30
C MET Q 234 0.02 -22.08 53.90
N ARG Q 235 -0.54 -20.89 53.62
CA ARG Q 235 -1.84 -20.78 53.00
C ARG Q 235 -1.87 -21.44 51.64
N LYS Q 236 -0.75 -21.41 50.92
CA LYS Q 236 -0.62 -22.18 49.68
C LYS Q 236 -0.72 -23.67 49.95
N SER Q 237 -0.20 -24.12 51.08
CA SER Q 237 -0.39 -25.52 51.44
C SER Q 237 -1.81 -25.82 51.88
N ILE Q 238 -2.51 -24.82 52.43
CA ILE Q 238 -3.94 -24.98 52.69
C ILE Q 238 -4.69 -25.15 51.38
N LYS Q 239 -4.31 -24.38 50.36
CA LYS Q 239 -4.87 -24.51 49.02
C LYS Q 239 -4.58 -25.88 48.43
N GLU Q 240 -3.34 -26.31 48.51
CA GLU Q 240 -2.94 -27.59 47.94
C GLU Q 240 -3.50 -28.77 48.71
N LEU Q 241 -3.70 -28.63 50.00
CA LEU Q 241 -4.34 -29.68 50.77
C LEU Q 241 -5.84 -29.74 50.54
N ASP Q 242 -6.47 -28.60 50.28
CA ASP Q 242 -7.86 -28.65 49.84
C ASP Q 242 -7.96 -29.25 48.44
N GLU Q 243 -6.95 -29.00 47.61
CA GLU Q 243 -6.86 -29.67 46.33
C GLU Q 243 -6.68 -31.17 46.50
N LYS Q 244 -5.89 -31.56 47.51
CA LYS Q 244 -5.73 -32.97 47.84
C LYS Q 244 -7.05 -33.58 48.30
N ILE Q 245 -7.81 -32.83 49.10
CA ILE Q 245 -9.13 -33.25 49.54
C ILE Q 245 -10.05 -33.48 48.35
N LYS Q 246 -10.10 -32.52 47.43
CA LYS Q 246 -11.04 -32.64 46.33
C LYS Q 246 -10.60 -33.70 45.32
N GLU Q 247 -9.30 -33.94 45.21
CA GLU Q 247 -8.83 -35.00 44.32
C GLU Q 247 -9.13 -36.38 44.89
N LYS Q 248 -8.83 -36.58 46.17
CA LYS Q 248 -9.17 -37.84 46.82
C LYS Q 248 -10.67 -38.04 46.89
N ARG Q 249 -11.42 -36.96 47.11
CA ARG Q 249 -12.87 -37.05 47.18
C ARG Q 249 -13.46 -37.36 45.83
N GLN Q 250 -12.90 -36.77 44.77
CA GLN Q 250 -13.34 -37.08 43.41
C GLN Q 250 -13.06 -38.53 43.07
N ARG Q 251 -11.88 -39.03 43.44
CA ARG Q 251 -11.54 -40.43 43.19
C ARG Q 251 -12.47 -41.37 43.95
N ILE Q 252 -12.75 -41.07 45.22
CA ILE Q 252 -13.56 -41.99 45.98
C ILE Q 252 -15.04 -41.84 45.65
N GLU Q 253 -15.48 -40.71 45.10
CA GLU Q 253 -16.86 -40.67 44.64
C GLU Q 253 -17.03 -41.32 43.27
N GLN Q 254 -15.98 -41.29 42.44
CA GLN Q 254 -15.91 -42.20 41.31
C GLN Q 254 -16.00 -43.64 41.78
N LEU Q 255 -15.33 -43.95 42.88
CA LEU Q 255 -15.42 -45.28 43.48
C LEU Q 255 -16.81 -45.56 44.03
N LYS Q 256 -17.52 -44.54 44.50
CA LYS Q 256 -18.90 -44.71 44.95
C LYS Q 256 -19.81 -45.11 43.80
N LYS Q 257 -19.73 -44.36 42.69
CA LYS Q 257 -20.56 -44.66 41.53
C LYS Q 257 -20.19 -46.01 40.94
N ASP Q 258 -18.88 -46.28 40.84
CA ASP Q 258 -18.40 -47.59 40.46
C ASP Q 258 -18.93 -48.66 41.39
N TYR Q 259 -18.98 -48.40 42.70
CA TYR Q 259 -19.42 -49.40 43.65
C TYR Q 259 -20.90 -49.71 43.53
N ASP Q 260 -21.71 -48.69 43.24
CA ASP Q 260 -23.12 -48.95 42.98
C ASP Q 260 -23.28 -49.80 41.73
N LYS Q 261 -22.48 -49.53 40.71
CA LYS Q 261 -22.49 -50.39 39.54
C LYS Q 261 -21.92 -51.78 39.85
N PHE Q 262 -20.98 -51.85 40.81
CA PHE Q 262 -20.38 -53.12 41.22
C PHE Q 262 -21.42 -54.02 41.87
N VAL Q 263 -22.19 -53.46 42.80
CA VAL Q 263 -23.20 -54.28 43.47
C VAL Q 263 -24.32 -54.62 42.52
N GLY Q 264 -24.64 -53.72 41.57
CA GLY Q 264 -25.61 -54.06 40.54
C GLY Q 264 -25.20 -55.24 39.70
N LEU Q 265 -23.97 -55.20 39.16
CA LEU Q 265 -23.51 -56.29 38.31
C LEU Q 265 -23.23 -57.57 39.10
N SER Q 266 -22.78 -57.45 40.35
CA SER Q 266 -22.59 -58.63 41.18
C SER Q 266 -23.91 -59.29 41.50
N PHE Q 267 -24.98 -58.51 41.67
CA PHE Q 267 -26.26 -59.11 41.97
C PHE Q 267 -26.87 -59.74 40.72
N THR Q 268 -26.61 -59.16 39.55
CA THR Q 268 -27.04 -59.81 38.31
C THR Q 268 -26.29 -61.12 38.09
N GLY Q 269 -24.98 -61.13 38.34
CA GLY Q 269 -24.22 -62.36 38.31
C GLY Q 269 -24.64 -63.34 39.38
N ALA Q 270 -25.23 -62.86 40.46
CA ALA Q 270 -25.80 -63.75 41.46
C ALA Q 270 -27.05 -64.43 40.93
N ILE Q 271 -28.08 -63.64 40.61
CA ILE Q 271 -29.44 -64.16 40.52
C ILE Q 271 -29.72 -65.01 39.29
N GLY Q 272 -28.71 -65.27 38.47
CA GLY Q 272 -28.87 -66.12 37.30
C GLY Q 272 -29.20 -67.57 37.62
N GLY Q 273 -28.24 -68.30 38.19
CA GLY Q 273 -28.43 -69.71 38.44
C GLY Q 273 -27.66 -70.15 39.67
N ILE Q 274 -27.52 -71.47 39.80
CA ILE Q 274 -26.96 -72.07 41.03
C ILE Q 274 -25.49 -71.73 41.16
N ILE Q 275 -24.68 -72.16 40.18
CA ILE Q 275 -23.26 -71.87 40.22
C ILE Q 275 -22.97 -70.40 39.97
N ALA Q 276 -23.91 -69.67 39.36
CA ALA Q 276 -23.78 -68.22 39.22
C ALA Q 276 -23.83 -67.53 40.57
N MET Q 277 -24.89 -67.83 41.36
CA MET Q 277 -24.97 -67.49 42.77
C MET Q 277 -23.67 -67.84 43.50
N ALA Q 278 -23.19 -69.07 43.28
CA ALA Q 278 -22.01 -69.58 43.97
C ALA Q 278 -20.78 -68.71 43.70
N ILE Q 279 -20.39 -68.57 42.43
CA ILE Q 279 -19.13 -67.91 42.11
C ILE Q 279 -19.23 -66.41 42.37
N THR Q 280 -20.36 -65.79 42.05
CA THR Q 280 -20.42 -64.34 42.16
C THR Q 280 -20.67 -63.89 43.60
N GLY Q 281 -21.53 -64.59 44.35
CA GLY Q 281 -21.67 -64.28 45.76
C GLY Q 281 -20.47 -64.67 46.58
N GLY Q 282 -19.66 -65.62 46.11
CA GLY Q 282 -18.41 -65.90 46.77
C GLY Q 282 -17.41 -64.78 46.55
N ILE Q 283 -17.22 -64.38 45.30
CA ILE Q 283 -16.20 -63.38 45.01
C ILE Q 283 -16.70 -61.98 45.36
N PHE Q 284 -17.70 -61.50 44.65
CA PHE Q 284 -18.08 -60.11 44.78
C PHE Q 284 -19.10 -59.88 45.86
N GLY Q 285 -19.74 -60.93 46.37
CA GLY Q 285 -20.48 -60.80 47.62
C GLY Q 285 -19.57 -60.42 48.76
N ALA Q 286 -18.34 -60.94 48.77
CA ALA Q 286 -17.36 -60.51 49.75
C ALA Q 286 -16.70 -59.20 49.35
N LYS Q 287 -16.40 -59.05 48.05
CA LYS Q 287 -15.71 -57.86 47.58
C LYS Q 287 -16.55 -56.59 47.71
N ALA Q 288 -17.87 -56.73 47.65
CA ALA Q 288 -18.75 -55.58 47.85
C ALA Q 288 -18.62 -55.05 49.27
N GLU Q 289 -18.69 -55.95 50.25
CA GLU Q 289 -18.53 -55.56 51.65
C GLU Q 289 -17.12 -55.02 51.91
N ASN Q 290 -16.10 -55.66 51.32
CA ASN Q 290 -14.72 -55.28 51.59
C ASN Q 290 -14.39 -53.93 50.98
N ALA Q 291 -14.68 -53.76 49.69
CA ALA Q 291 -14.47 -52.51 49.01
C ALA Q 291 -15.36 -51.40 49.56
N ARG Q 292 -16.55 -51.76 50.06
CA ARG Q 292 -17.42 -50.76 50.65
C ARG Q 292 -16.88 -50.27 51.98
N LYS Q 293 -16.38 -51.17 52.80
CA LYS Q 293 -15.82 -50.76 54.09
C LYS Q 293 -14.54 -49.96 53.91
N GLU Q 294 -13.69 -50.40 52.98
CA GLU Q 294 -12.49 -49.64 52.64
C GLU Q 294 -12.83 -48.28 52.06
N LYS Q 295 -13.86 -48.24 51.21
CA LYS Q 295 -14.31 -47.02 50.59
C LYS Q 295 -14.89 -46.05 51.61
N ASN Q 296 -15.64 -46.57 52.58
CA ASN Q 296 -16.20 -45.71 53.61
C ASN Q 296 -15.14 -45.28 54.61
N ALA Q 297 -14.09 -46.09 54.78
CA ALA Q 297 -12.92 -45.64 55.50
C ALA Q 297 -12.25 -44.47 54.79
N LEU Q 298 -12.21 -44.53 53.46
CA LEU Q 298 -11.68 -43.42 52.68
C LEU Q 298 -12.59 -42.18 52.78
N ILE Q 299 -13.91 -42.41 52.82
CA ILE Q 299 -14.87 -41.35 53.08
C ILE Q 299 -14.56 -40.67 54.40
N SER Q 300 -14.32 -41.48 55.43
CA SER Q 300 -13.98 -40.96 56.76
C SER Q 300 -12.66 -40.21 56.75
N GLU Q 301 -11.68 -40.70 55.99
CA GLU Q 301 -10.38 -40.05 55.93
C GLU Q 301 -10.47 -38.69 55.26
N VAL Q 302 -11.18 -38.59 54.13
CA VAL Q 302 -11.30 -37.32 53.46
C VAL Q 302 -12.19 -36.38 54.28
N ALA Q 303 -13.17 -36.93 55.00
CA ALA Q 303 -13.97 -36.13 55.91
C ALA Q 303 -13.14 -35.61 57.08
N GLU Q 304 -12.14 -36.37 57.53
CA GLU Q 304 -11.26 -35.89 58.58
C GLU Q 304 -10.28 -34.86 58.04
N LEU Q 305 -9.87 -34.99 56.78
CA LEU Q 305 -9.02 -33.97 56.17
C LEU Q 305 -9.79 -32.66 56.02
N GLU Q 306 -11.07 -32.76 55.68
CA GLU Q 306 -11.95 -31.60 55.74
C GLU Q 306 -12.04 -31.08 57.17
N SER Q 307 -12.19 -31.98 58.13
CA SER Q 307 -12.16 -31.66 59.54
C SER Q 307 -10.77 -31.26 60.01
N LYS Q 308 -9.74 -31.61 59.27
CA LYS Q 308 -8.46 -31.03 59.65
C LYS Q 308 -8.16 -29.76 58.87
N VAL Q 309 -7.97 -29.87 57.55
CA VAL Q 309 -7.37 -28.75 56.83
C VAL Q 309 -8.38 -27.91 56.07
N SER Q 310 -9.57 -28.42 55.72
CA SER Q 310 -10.63 -27.49 55.39
C SER Q 310 -11.17 -26.80 56.64
N SER Q 311 -10.97 -27.41 57.81
CA SER Q 311 -11.10 -26.66 59.06
C SER Q 311 -9.90 -25.77 59.30
N GLN Q 312 -8.73 -26.17 58.82
CA GLN Q 312 -7.62 -25.24 58.89
C GLN Q 312 -7.66 -24.17 57.83
N ARG Q 313 -8.66 -24.15 56.96
CA ARG Q 313 -8.98 -22.92 56.24
C ARG Q 313 -9.34 -21.81 57.23
N ALA Q 314 -10.30 -22.08 58.10
CA ALA Q 314 -10.69 -21.09 59.11
C ALA Q 314 -9.62 -20.94 60.18
N LEU Q 315 -8.93 -22.02 60.53
CA LEU Q 315 -7.82 -21.90 61.47
C LEU Q 315 -6.68 -21.08 60.87
N GLN Q 316 -6.44 -21.24 59.56
CA GLN Q 316 -5.48 -20.44 58.83
C GLN Q 316 -5.91 -18.98 58.82
N THR Q 317 -7.20 -18.73 58.68
CA THR Q 317 -7.73 -17.37 58.72
C THR Q 317 -7.52 -16.76 60.10
N ALA Q 318 -7.70 -17.55 61.14
CA ALA Q 318 -7.41 -17.08 62.50
C ALA Q 318 -5.92 -16.81 62.67
N LEU Q 319 -5.08 -17.63 62.05
CA LEU Q 319 -3.64 -17.37 62.04
C LEU Q 319 -3.31 -16.11 61.27
N GLU Q 320 -4.08 -15.80 60.24
CA GLU Q 320 -3.86 -14.58 59.46
C GLU Q 320 -4.25 -13.36 60.27
N ALA Q 321 -5.35 -13.46 61.03
CA ALA Q 321 -5.69 -12.38 61.95
C ALA Q 321 -4.67 -12.26 63.07
N LEU Q 322 -4.09 -13.38 63.49
CA LEU Q 322 -3.05 -13.35 64.50
C LEU Q 322 -1.79 -12.72 63.95
N SER Q 323 -1.48 -12.99 62.69
CA SER Q 323 -0.35 -12.35 62.03
C SER Q 323 -0.59 -10.88 61.81
N LEU Q 324 -1.85 -10.50 61.58
CA LEU Q 324 -2.23 -9.09 61.57
C LEU Q 324 -1.96 -8.44 62.92
N SER Q 325 -2.36 -9.11 64.00
CA SER Q 325 -2.11 -8.61 65.35
C SER Q 325 -0.61 -8.52 65.63
N PHE Q 326 0.14 -9.49 65.14
CA PHE Q 326 1.59 -9.50 65.32
C PHE Q 326 2.24 -8.38 64.52
N SER Q 327 1.69 -8.09 63.34
CA SER Q 327 2.20 -6.98 62.54
C SER Q 327 1.94 -5.66 63.24
N ASP Q 328 0.77 -5.56 63.89
CA ASP Q 328 0.48 -4.38 64.69
C ASP Q 328 1.47 -4.24 65.83
N ILE Q 329 1.71 -5.33 66.56
CA ILE Q 329 2.64 -5.34 67.68
C ILE Q 329 4.04 -4.98 67.21
N GLY Q 330 4.43 -5.46 66.03
CA GLY Q 330 5.74 -5.13 65.49
C GLY Q 330 5.85 -3.68 65.06
N ILE Q 331 4.77 -3.11 64.53
CA ILE Q 331 4.74 -1.67 64.22
C ILE Q 331 4.95 -0.86 65.49
N ARG Q 332 4.26 -1.24 66.56
CA ARG Q 332 4.41 -0.50 67.81
C ARG Q 332 5.77 -0.76 68.45
N MET Q 333 6.38 -1.91 68.15
CA MET Q 333 7.76 -2.14 68.58
C MET Q 333 8.73 -1.24 67.81
N VAL Q 334 8.47 -1.00 66.53
CA VAL Q 334 9.27 -0.05 65.77
C VAL Q 334 9.10 1.36 66.32
N ASP Q 335 7.87 1.68 66.75
CA ASP Q 335 7.61 2.96 67.39
C ASP Q 335 8.38 3.09 68.70
N ALA Q 336 8.37 2.03 69.50
CA ALA Q 336 9.15 2.01 70.73
C ALA Q 336 10.65 2.01 70.44
N GLU Q 337 11.05 1.49 69.29
CA GLU Q 337 12.45 1.51 68.90
C GLU Q 337 12.92 2.92 68.62
N SER Q 338 12.13 3.68 67.87
CA SER Q 338 12.45 5.09 67.67
C SER Q 338 12.36 5.88 68.97
N ALA Q 339 11.43 5.49 69.85
CA ALA Q 339 11.30 6.10 71.16
C ALA Q 339 12.58 5.91 71.97
N LEU Q 340 13.06 4.68 72.04
CA LEU Q 340 14.31 4.39 72.74
C LEU Q 340 15.51 4.96 72.02
N ASN Q 341 15.42 5.17 70.70
CA ASN Q 341 16.49 5.83 69.97
C ASN Q 341 16.66 7.27 70.45
N HIS Q 342 15.59 8.06 70.37
CA HIS Q 342 15.64 9.45 70.83
C HIS Q 342 15.92 9.53 72.32
N LEU Q 343 15.36 8.58 73.07
CA LEU Q 343 15.52 8.55 74.52
C LEU Q 343 16.96 8.27 74.91
N ASP Q 344 17.53 7.19 74.37
CA ASP Q 344 18.89 6.80 74.72
C ASP Q 344 19.90 7.80 74.19
N PHE Q 345 19.60 8.47 73.08
CA PHE Q 345 20.49 9.52 72.64
C PHE Q 345 20.45 10.72 73.59
N MET Q 346 19.28 11.02 74.15
CA MET Q 346 19.20 12.00 75.22
C MET Q 346 20.03 11.58 76.43
N TRP Q 347 19.90 10.31 76.84
CA TRP Q 347 20.64 9.82 78.00
C TRP Q 347 22.14 9.88 77.77
N LEU Q 348 22.55 9.56 76.53
CA LEU Q 348 23.94 9.71 76.15
C LEU Q 348 24.38 11.16 76.24
N SER Q 349 23.53 12.09 75.80
CA SER Q 349 23.87 13.51 75.89
C SER Q 349 24.01 13.96 77.34
N VAL Q 350 23.17 13.41 78.22
CA VAL Q 350 23.26 13.70 79.64
C VAL Q 350 24.59 13.23 80.21
N LEU Q 351 24.94 11.97 79.96
CA LEU Q 351 26.20 11.43 80.44
C LEU Q 351 27.40 12.12 79.80
N ASN Q 352 27.24 12.55 78.55
CA ASN Q 352 28.25 13.35 77.87
C ASN Q 352 28.55 14.61 78.65
N GLN Q 353 27.51 15.40 78.94
CA GLN Q 353 27.73 16.67 79.61
C GLN Q 353 28.22 16.48 81.05
N ILE Q 354 27.85 15.36 81.67
CA ILE Q 354 28.43 15.01 82.97
C ILE Q 354 29.94 14.80 82.85
N THR Q 355 30.36 14.04 81.84
CA THR Q 355 31.79 13.81 81.64
C THR Q 355 32.52 15.10 81.24
N GLU Q 356 31.84 15.96 80.48
CA GLU Q 356 32.36 17.28 80.14
C GLU Q 356 32.66 18.07 81.39
N SER Q 357 31.76 18.01 82.37
CA SER Q 357 32.04 18.65 83.65
C SER Q 357 33.18 17.96 84.38
N GLN Q 358 33.18 16.62 84.41
CA GLN Q 358 34.07 15.88 85.29
C GLN Q 358 35.53 15.91 84.86
N ILE Q 359 35.79 15.98 83.55
CA ILE Q 359 37.16 16.09 83.06
C ILE Q 359 37.81 17.37 83.56
N GLN Q 360 37.09 18.47 83.43
CA GLN Q 360 37.56 19.75 83.94
C GLN Q 360 37.47 19.85 85.45
N PHE Q 361 36.64 19.01 86.08
CA PHE Q 361 36.64 18.90 87.54
C PHE Q 361 37.90 18.23 88.03
N ALA Q 362 38.43 17.30 87.24
CA ALA Q 362 39.71 16.68 87.57
C ALA Q 362 40.86 17.66 87.48
N MET Q 363 40.72 18.71 86.68
CA MET Q 363 41.73 19.74 86.54
C MET Q 363 41.86 20.63 87.78
N ILE Q 364 40.88 20.58 88.68
CA ILE Q 364 40.82 21.49 89.82
C ILE Q 364 41.86 21.11 90.85
N ASN Q 365 42.67 22.07 91.26
CA ASN Q 365 43.74 21.88 92.22
C ASN Q 365 43.81 23.10 93.14
N ASN Q 366 44.93 23.23 93.86
CA ASN Q 366 45.20 24.43 94.65
C ASN Q 366 46.01 25.46 93.87
N ALA Q 367 46.29 25.19 92.59
CA ALA Q 367 46.98 26.13 91.72
C ALA Q 367 45.99 26.89 90.85
N LEU Q 368 44.84 27.26 91.42
CA LEU Q 368 43.82 28.00 90.69
C LEU Q 368 44.15 29.48 90.77
N ARG Q 369 44.88 29.98 89.76
CA ARG Q 369 45.35 31.36 89.73
C ARG Q 369 44.22 32.27 89.27
N LEU Q 370 44.56 33.51 88.91
CA LEU Q 370 43.58 34.53 88.60
C LEU Q 370 42.74 34.20 87.37
N THR Q 371 43.34 34.27 86.19
CA THR Q 371 42.57 33.96 85.00
C THR Q 371 42.52 32.47 84.76
N SER Q 372 43.44 31.72 85.36
CA SER Q 372 43.33 30.26 85.37
C SER Q 372 42.05 29.84 86.07
N PHE Q 373 41.73 30.49 87.19
CA PHE Q 373 40.49 30.17 87.88
C PHE Q 373 39.29 30.82 87.20
N VAL Q 374 39.49 31.92 86.47
CA VAL Q 374 38.43 32.45 85.62
C VAL Q 374 38.05 31.42 84.55
N ASN Q 375 39.06 30.83 83.93
CA ASN Q 375 38.83 29.82 82.91
C ASN Q 375 38.25 28.55 83.53
N LYS Q 376 38.69 28.22 84.75
CA LYS Q 376 38.18 27.03 85.43
C LYS Q 376 36.74 27.22 85.88
N PHE Q 377 36.43 28.42 86.39
CA PHE Q 377 35.09 28.90 86.65
C PHE Q 377 34.19 28.73 85.43
N GLN Q 378 34.70 29.11 84.26
CA GLN Q 378 33.95 28.94 83.02
C GLN Q 378 33.77 27.46 82.67
N GLN Q 379 34.83 26.67 82.86
CA GLN Q 379 34.77 25.23 82.61
C GLN Q 379 33.74 24.56 83.51
N VAL Q 380 33.60 25.05 84.74
CA VAL Q 380 32.56 24.57 85.62
C VAL Q 380 31.18 24.94 85.08
N ILE Q 381 30.95 26.24 84.86
CA ILE Q 381 29.60 26.70 84.58
C ILE Q 381 29.11 26.37 83.18
N THR Q 382 29.98 25.95 82.28
CA THR Q 382 29.56 25.79 80.89
C THR Q 382 28.64 24.59 80.63
N PRO Q 383 28.94 23.34 81.04
CA PRO Q 383 28.05 22.24 80.64
C PRO Q 383 26.72 22.24 81.38
N TRP Q 384 26.68 22.78 82.59
CA TRP Q 384 25.50 22.65 83.42
C TRP Q 384 24.36 23.51 82.95
N GLN Q 385 24.65 24.54 82.15
CA GLN Q 385 23.59 25.28 81.48
C GLN Q 385 22.81 24.39 80.52
N SER Q 386 23.54 23.65 79.67
CA SER Q 386 22.89 22.71 78.76
C SER Q 386 22.25 21.55 79.50
N VAL Q 387 22.86 21.14 80.62
CA VAL Q 387 22.27 20.11 81.49
C VAL Q 387 20.90 20.56 81.98
N GLY Q 388 20.83 21.77 82.52
CA GLY Q 388 19.57 22.30 83.01
C GLY Q 388 18.54 22.52 81.92
N ASP Q 389 19.00 22.93 80.72
CA ASP Q 389 18.08 23.12 79.61
C ASP Q 389 17.42 21.81 79.19
N SER Q 390 18.25 20.78 78.94
CA SER Q 390 17.73 19.48 78.58
C SER Q 390 16.90 18.87 79.71
N ALA Q 391 17.26 19.17 80.95
CA ALA Q 391 16.55 18.60 82.08
C ALA Q 391 15.18 19.23 82.24
N ARG Q 392 15.06 20.54 82.07
CA ARG Q 392 13.75 21.17 82.18
C ARG Q 392 12.85 20.80 81.02
N GLN Q 393 13.41 20.71 79.81
CA GLN Q 393 12.65 20.21 78.67
C GLN Q 393 12.19 18.78 78.91
N LEU Q 394 13.04 17.99 79.57
CA LEU Q 394 12.73 16.61 79.82
C LEU Q 394 11.64 16.48 80.89
N VAL Q 395 11.69 17.33 81.91
CA VAL Q 395 10.64 17.40 82.91
C VAL Q 395 9.32 17.80 82.28
N ASP Q 396 9.36 18.68 81.27
CA ASP Q 396 8.15 19.01 80.53
C ASP Q 396 7.61 17.81 79.75
N ILE Q 397 8.52 17.03 79.14
CA ILE Q 397 8.14 15.79 78.46
C ILE Q 397 7.48 14.83 79.45
N PHE Q 398 8.03 14.75 80.66
CA PHE Q 398 7.46 13.94 81.72
C PHE Q 398 6.07 14.41 82.10
N ASP Q 399 5.90 15.72 82.19
CA ASP Q 399 4.68 16.27 82.76
C ASP Q 399 3.52 16.19 81.77
N GLU Q 400 3.78 16.48 80.49
CA GLU Q 400 2.69 16.60 79.54
C GLU Q 400 2.07 15.27 79.16
N ALA Q 401 2.79 14.17 79.37
CA ALA Q 401 2.24 12.86 79.03
C ALA Q 401 1.28 12.37 80.09
N ILE Q 402 1.29 13.00 81.26
CA ILE Q 402 0.49 12.54 82.39
C ILE Q 402 -0.99 12.72 82.11
N LYS Q 403 -1.35 13.83 81.49
CA LYS Q 403 -2.75 14.07 81.21
C LYS Q 403 -3.27 13.23 80.05
N GLU Q 404 -2.36 12.64 79.26
CA GLU Q 404 -2.74 11.90 78.06
C GLU Q 404 -3.51 10.63 78.38
N TYR Q 405 -3.27 10.06 79.56
CA TYR Q 405 -3.91 8.80 79.93
C TYR Q 405 -5.39 8.98 80.17
N LYS Q 406 -5.75 9.97 80.97
CA LYS Q 406 -7.15 10.18 81.30
C LYS Q 406 -7.93 10.71 80.11
N LYS Q 407 -7.26 11.41 79.20
CA LYS Q 407 -7.91 11.87 77.99
C LYS Q 407 -8.18 10.72 77.04
N VAL Q 408 -7.28 9.75 76.98
CA VAL Q 408 -7.36 8.75 75.91
C VAL Q 408 -7.68 7.38 76.46
N TYR Q 409 -6.85 6.90 77.39
CA TYR Q 409 -7.02 5.55 77.93
C TYR Q 409 -8.22 5.53 78.85
N LEU R 12 37.47 19.73 53.92
CA LEU R 12 36.95 20.10 52.60
C LEU R 12 35.45 19.92 52.55
N SER R 13 34.97 19.34 51.44
CA SER R 13 33.55 19.12 51.25
C SER R 13 33.05 18.04 52.19
N TYR R 14 31.77 18.10 52.53
CA TYR R 14 31.13 17.11 53.40
C TYR R 14 30.04 16.41 52.58
N PRO R 15 30.35 15.30 51.93
CA PRO R 15 29.35 14.61 51.11
C PRO R 15 28.27 13.94 51.95
N ASP R 16 27.16 13.61 51.29
CA ASP R 16 25.99 13.06 51.98
C ASP R 16 26.30 11.65 52.44
N ILE R 17 25.82 11.33 53.64
CA ILE R 17 26.00 10.01 54.25
C ILE R 17 24.59 9.59 54.67
N ASN R 18 23.91 8.87 53.77
CA ASN R 18 22.47 8.68 53.94
C ASN R 18 22.21 7.60 54.99
N PHE R 19 21.91 8.04 56.21
CA PHE R 19 21.57 7.09 57.27
C PHE R 19 20.20 6.47 57.12
N LYS R 20 19.37 6.95 56.20
CA LYS R 20 18.17 6.21 55.86
C LYS R 20 18.52 4.88 55.23
N ILE R 21 19.43 4.91 54.25
CA ILE R 21 19.94 3.69 53.63
C ILE R 21 20.67 2.84 54.66
N PHE R 22 21.40 3.49 55.57
CA PHE R 22 22.15 2.77 56.60
C PHE R 22 21.24 2.02 57.55
N SER R 23 20.26 2.71 58.12
CA SER R 23 19.33 2.07 59.03
C SER R 23 18.45 1.05 58.31
N GLN R 24 18.17 1.30 57.03
CA GLN R 24 17.47 0.31 56.21
C GLN R 24 18.29 -0.96 56.06
N GLY R 25 19.59 -0.81 55.82
CA GLY R 25 20.44 -1.98 55.69
C GLY R 25 20.62 -2.73 56.99
N VAL R 26 20.71 -1.99 58.10
CA VAL R 26 20.78 -2.62 59.41
C VAL R 26 19.51 -3.40 59.71
N LYS R 27 18.36 -2.80 59.39
CA LYS R 27 17.08 -3.48 59.55
C LYS R 27 16.96 -4.69 58.64
N ASN R 28 17.56 -4.63 57.46
CA ASN R 28 17.51 -5.79 56.56
C ASN R 28 18.42 -6.90 57.05
N ILE R 29 19.59 -6.55 57.59
CA ILE R 29 20.52 -7.54 58.10
C ILE R 29 19.93 -8.23 59.31
N SER R 30 19.45 -7.45 60.28
CA SER R 30 18.75 -8.01 61.43
C SER R 30 17.48 -8.73 61.02
N HIS R 31 16.85 -8.29 59.94
CA HIS R 31 15.68 -8.90 59.36
C HIS R 31 16.00 -10.22 58.67
N LEU R 32 17.13 -10.29 57.99
CA LEU R 32 17.48 -11.50 57.27
C LEU R 32 18.57 -12.30 57.95
N ALA R 33 18.79 -12.05 59.25
CA ALA R 33 19.84 -12.76 59.99
C ALA R 33 19.52 -14.25 60.09
N GLN R 34 18.45 -14.59 60.78
CA GLN R 34 18.13 -15.99 61.03
C GLN R 34 17.23 -16.56 59.94
N PHE R 35 17.64 -16.40 58.68
CA PHE R 35 16.78 -16.80 57.58
C PHE R 35 17.08 -18.20 57.07
N LYS R 36 18.30 -18.41 56.58
CA LYS R 36 18.61 -19.58 55.76
C LYS R 36 18.94 -20.77 56.64
N THR R 37 18.03 -21.73 56.72
CA THR R 37 18.28 -22.98 57.42
C THR R 37 18.21 -24.09 56.37
N THR R 38 19.33 -24.31 55.68
CA THR R 38 19.36 -25.23 54.54
C THR R 38 20.39 -26.35 54.67
N GLY R 39 21.59 -26.04 55.14
CA GLY R 39 22.61 -27.05 55.22
C GLY R 39 24.03 -26.57 54.97
N VAL R 40 24.19 -25.40 54.34
CA VAL R 40 25.51 -24.82 54.23
C VAL R 40 25.91 -24.19 55.57
N GLU R 41 25.17 -23.16 55.97
CA GLU R 41 25.00 -22.66 57.33
C GLU R 41 26.25 -21.96 57.89
N VAL R 42 27.38 -22.12 57.23
CA VAL R 42 28.54 -21.36 57.61
C VAL R 42 28.48 -20.01 56.94
N LEU R 43 27.78 -19.93 55.80
CA LEU R 43 27.37 -18.65 55.26
C LEU R 43 26.45 -17.91 56.23
N GLN R 44 25.55 -18.64 56.89
CA GLN R 44 24.70 -17.98 57.87
C GLN R 44 25.49 -17.61 59.11
N GLU R 45 26.51 -18.40 59.44
CA GLU R 45 27.42 -18.07 60.53
C GLU R 45 28.17 -16.77 60.24
N LYS R 46 28.64 -16.62 59.01
CA LYS R 46 29.25 -15.37 58.57
C LYS R 46 28.26 -14.23 58.57
N ALA R 47 26.99 -14.51 58.22
CA ALA R 47 25.97 -13.47 58.30
C ALA R 47 25.71 -13.06 59.74
N LEU R 48 25.80 -14.00 60.67
CA LEU R 48 25.70 -13.67 62.09
C LEU R 48 26.87 -12.80 62.51
N ARG R 49 28.06 -13.09 61.99
CA ARG R 49 29.23 -12.24 62.24
C ARG R 49 28.99 -10.84 61.72
N VAL R 50 28.44 -10.74 60.51
CA VAL R 50 28.15 -9.45 59.88
C VAL R 50 27.13 -8.69 60.69
N SER R 51 26.11 -9.39 61.19
CA SER R 51 25.08 -8.74 62.01
C SER R 51 25.64 -8.27 63.34
N LEU R 52 26.52 -9.08 63.93
CA LEU R 52 27.18 -8.69 65.18
C LEU R 52 28.01 -7.44 64.99
N TYR R 53 28.86 -7.43 63.97
CA TYR R 53 29.67 -6.25 63.72
C TYR R 53 28.85 -5.09 63.20
N SER R 54 27.67 -5.35 62.65
CA SER R 54 26.82 -4.28 62.14
C SER R 54 26.14 -3.55 63.28
N GLN R 55 25.57 -4.31 64.22
CA GLN R 55 24.99 -3.70 65.41
C GLN R 55 26.08 -3.07 66.26
N ARG R 56 27.24 -3.70 66.30
CA ARG R 56 28.41 -3.12 66.95
C ARG R 56 28.80 -1.81 66.30
N LEU R 57 28.72 -1.76 64.97
CA LEU R 57 29.02 -0.55 64.22
C LEU R 57 27.99 0.53 64.51
N ASP R 58 26.74 0.14 64.71
CA ASP R 58 25.73 1.12 65.09
C ASP R 58 26.00 1.68 66.47
N VAL R 59 26.46 0.83 67.40
CA VAL R 59 26.91 1.30 68.71
C VAL R 59 28.06 2.27 68.56
N ILE R 60 28.99 1.97 67.64
CA ILE R 60 30.10 2.87 67.32
C ILE R 60 29.57 4.19 66.78
N VAL R 61 28.52 4.14 65.97
CA VAL R 61 27.93 5.37 65.42
C VAL R 61 27.34 6.23 66.52
N ARG R 62 26.61 5.60 67.44
CA ARG R 62 25.98 6.35 68.53
C ARG R 62 27.04 6.93 69.47
N GLU R 63 28.07 6.16 69.77
CA GLU R 63 29.15 6.66 70.62
C GLU R 63 29.97 7.72 69.92
N SER R 64 30.06 7.65 68.59
CA SER R 64 30.72 8.69 67.82
C SER R 64 29.95 9.98 67.90
N LEU R 65 28.61 9.89 67.77
CA LEU R 65 27.76 11.06 67.95
C LEU R 65 27.87 11.62 69.36
N SER R 66 28.05 10.75 70.35
CA SER R 66 28.21 11.19 71.72
C SER R 66 29.48 12.01 71.90
N SER R 67 30.61 11.46 71.42
CA SER R 67 31.89 12.16 71.50
C SER R 67 31.89 13.43 70.64
N LEU R 68 31.17 13.41 69.53
CA LEU R 68 31.02 14.59 68.70
C LEU R 68 30.26 15.70 69.42
N GLN R 69 29.21 15.33 70.16
CA GLN R 69 28.50 16.34 70.93
C GLN R 69 29.35 16.86 72.08
N VAL R 70 30.16 15.96 72.68
CA VAL R 70 31.16 16.34 73.69
C VAL R 70 32.09 17.42 73.14
N LYS R 71 32.66 17.17 71.98
CA LYS R 71 33.66 18.08 71.47
C LYS R 71 33.03 19.33 70.86
N LEU R 72 31.82 19.23 70.33
CA LEU R 72 31.13 20.44 69.88
C LEU R 72 30.66 21.30 71.04
N GLU R 73 30.55 20.75 72.24
CA GLU R 73 30.27 21.63 73.35
C GLU R 73 31.53 22.10 74.06
N ASN R 74 32.64 21.38 73.94
CA ASN R 74 33.87 21.77 74.63
C ASN R 74 34.77 22.63 73.76
N THR R 75 35.11 22.17 72.56
CA THR R 75 35.90 22.98 71.65
C THR R 75 35.10 24.16 71.13
N LEU R 76 33.99 23.88 70.44
CA LEU R 76 33.20 24.89 69.76
C LEU R 76 32.48 25.80 70.74
N ALA R 77 31.68 25.23 71.65
CA ALA R 77 30.79 26.06 72.43
C ALA R 77 31.50 26.75 73.59
N LEU R 78 32.53 26.14 74.17
CA LEU R 78 33.14 26.80 75.31
C LEU R 78 34.05 27.93 74.82
N THR R 79 34.19 28.94 75.67
CA THR R 79 34.67 30.27 75.31
C THR R 79 36.10 30.52 75.76
N TYR R 80 36.98 29.53 75.55
CA TYR R 80 38.42 29.73 75.72
C TYR R 80 38.93 30.90 74.89
N PHE R 81 38.34 31.09 73.70
CA PHE R 81 38.60 32.22 72.84
C PHE R 81 38.38 33.56 73.55
N THR R 82 37.35 33.65 74.39
CA THR R 82 37.11 34.88 75.14
C THR R 82 38.16 35.08 76.23
N THR R 83 38.67 33.98 76.80
CA THR R 83 39.77 34.11 77.75
C THR R 83 41.04 34.56 77.06
N LEU R 84 41.27 34.06 75.83
CA LEU R 84 42.40 34.54 75.03
C LEU R 84 42.29 36.02 74.74
N GLU R 85 41.07 36.47 74.41
CA GLU R 85 40.83 37.90 74.23
C GLU R 85 41.00 38.67 75.53
N GLU R 86 40.68 38.06 76.66
CA GLU R 86 40.82 38.75 77.93
C GLU R 86 42.28 38.94 78.30
N ILE R 87 43.11 37.92 78.09
CA ILE R 87 44.55 38.08 78.28
C ILE R 87 45.14 39.06 77.28
N ASP R 88 44.61 39.08 76.04
CA ASP R 88 45.03 40.08 75.07
C ASP R 88 44.71 41.49 75.53
N GLU R 89 43.53 41.69 76.12
CA GLU R 89 43.16 42.99 76.67
C GLU R 89 44.00 43.35 77.89
N ALA R 90 44.32 42.36 78.72
CA ALA R 90 45.14 42.60 79.90
C ALA R 90 46.58 42.93 79.51
N LEU R 91 47.03 42.44 78.36
CA LEU R 91 48.34 42.86 77.86
C LEU R 91 48.25 44.22 77.19
N ILE R 92 47.11 44.53 76.57
CA ILE R 92 46.83 45.89 76.14
C ILE R 92 46.77 46.84 77.34
N SER R 93 46.26 46.35 78.47
CA SER R 93 46.35 47.09 79.72
C SER R 93 47.80 47.23 80.15
N GLN R 94 48.21 48.48 80.40
CA GLN R 94 49.58 48.75 80.80
C GLN R 94 49.83 48.21 82.21
N ASP R 95 51.02 47.67 82.40
CA ASP R 95 51.28 46.85 83.57
C ASP R 95 52.77 46.77 83.83
N ILE R 96 53.11 46.57 85.11
CA ILE R 96 54.47 46.17 85.46
C ILE R 96 54.67 44.75 84.96
N ASP R 97 55.50 44.59 83.94
CA ASP R 97 55.64 43.32 83.22
C ASP R 97 56.38 42.25 84.00
N GLU R 98 56.88 42.58 85.19
CA GLU R 98 57.55 41.60 86.04
C GLU R 98 56.58 40.51 86.47
N GLU R 99 55.56 40.89 87.23
CA GLU R 99 54.59 39.91 87.70
C GLU R 99 53.52 39.64 86.65
N SER R 100 53.11 40.67 85.93
CA SER R 100 51.95 40.56 85.06
C SER R 100 52.28 39.77 83.79
N LYS R 101 53.13 40.35 82.94
CA LYS R 101 53.30 39.88 81.57
C LYS R 101 53.97 38.51 81.53
N SER R 102 54.82 38.22 82.52
CA SER R 102 55.36 36.88 82.67
C SER R 102 54.24 35.87 82.94
N GLU R 103 53.40 36.17 83.93
CA GLU R 103 52.30 35.26 84.23
C GLU R 103 51.21 35.33 83.18
N MET R 104 51.06 36.48 82.50
CA MET R 104 50.16 36.54 81.36
C MET R 104 50.62 35.62 80.25
N ARG R 105 51.92 35.53 80.02
CA ARG R 105 52.46 34.62 79.02
C ARG R 105 52.33 33.17 79.47
N LYS R 106 52.52 32.92 80.76
CA LYS R 106 52.34 31.56 81.29
C LYS R 106 50.89 31.10 81.16
N GLU R 107 49.95 32.01 81.35
CA GLU R 107 48.55 31.64 81.21
C GLU R 107 48.13 31.59 79.74
N ARG R 108 48.81 32.34 78.87
CA ARG R 108 48.72 32.09 77.43
C ARG R 108 49.11 30.66 77.10
N ILE R 109 50.26 30.23 77.63
CA ILE R 109 50.73 28.86 77.47
C ILE R 109 49.72 27.86 78.02
N ASN R 110 49.06 28.22 79.13
CA ASN R 110 48.07 27.34 79.74
C ASN R 110 46.83 27.20 78.86
N ILE R 111 46.34 28.30 78.29
CA ILE R 111 45.13 28.20 77.47
C ILE R 111 45.46 27.57 76.12
N ILE R 112 46.66 27.82 75.58
CA ILE R 112 47.11 27.13 74.39
C ILE R 112 47.28 25.64 74.67
N LYS R 113 47.69 25.30 75.89
CA LYS R 113 47.78 23.92 76.31
C LYS R 113 46.40 23.28 76.39
N ASN R 114 45.41 24.03 76.86
CA ASN R 114 44.04 23.54 76.91
C ASN R 114 43.49 23.31 75.51
N LEU R 115 43.78 24.24 74.60
CA LEU R 115 43.38 24.09 73.21
C LEU R 115 44.05 22.89 72.56
N SER R 116 45.32 22.68 72.87
CA SER R 116 46.02 21.51 72.35
C SER R 116 45.49 20.23 72.96
N ASN R 117 45.00 20.29 74.19
CA ASN R 117 44.31 19.14 74.78
C ASN R 117 43.01 18.86 74.03
N ASP R 118 42.33 19.91 73.59
CA ASP R 118 41.10 19.74 72.81
C ASP R 118 41.41 19.11 71.46
N ILE R 119 42.44 19.60 70.79
CA ILE R 119 42.92 19.00 69.54
C ILE R 119 43.38 17.57 69.77
N THR R 120 43.95 17.30 70.95
CA THR R 120 44.40 15.96 71.30
C THR R 120 43.22 15.02 71.45
N GLN R 121 42.15 15.51 72.09
CA GLN R 121 40.91 14.76 72.18
C GLN R 121 40.35 14.44 70.81
N LEU R 122 40.32 15.45 69.92
CA LEU R 122 39.90 15.30 68.54
C LEU R 122 40.68 14.20 67.84
N LYS R 123 42.01 14.33 67.83
CA LYS R 123 42.90 13.38 67.17
C LYS R 123 42.75 11.98 67.73
N GLN R 124 42.95 11.83 69.05
CA GLN R 124 42.95 10.53 69.70
C GLN R 124 41.61 9.81 69.51
N LEU R 125 40.51 10.44 69.92
CA LEU R 125 39.25 9.72 69.92
C LEU R 125 38.73 9.54 68.50
N PHE R 126 38.94 10.51 67.61
CA PHE R 126 38.36 10.37 66.29
C PHE R 126 39.17 9.44 65.41
N ILE R 127 40.50 9.49 65.49
CA ILE R 127 41.32 8.52 64.79
C ILE R 127 41.09 7.12 65.38
N GLU R 128 40.87 7.03 66.69
CA GLU R 128 40.59 5.73 67.32
C GLU R 128 39.29 5.13 66.82
N LYS R 129 38.22 5.92 66.83
CA LYS R 129 36.94 5.39 66.37
C LYS R 129 36.92 5.23 64.86
N THR R 130 37.72 6.00 64.14
CA THR R 130 37.83 5.83 62.70
C THR R 130 38.53 4.53 62.36
N GLU R 131 39.59 4.19 63.10
CA GLU R 131 40.23 2.90 62.90
C GLU R 131 39.35 1.76 63.40
N LEU R 132 38.49 2.04 64.38
CA LEU R 132 37.52 1.03 64.79
C LEU R 132 36.48 0.80 63.69
N LEU R 133 36.08 1.88 63.02
CA LEU R 133 35.25 1.78 61.82
C LEU R 133 35.96 1.01 60.73
N ASP R 134 37.28 1.18 60.62
CA ASP R 134 38.04 0.44 59.63
C ASP R 134 38.13 -1.04 59.97
N LYS R 135 38.21 -1.35 61.27
CA LYS R 135 38.15 -2.74 61.71
C LYS R 135 36.82 -3.37 61.37
N SER R 136 35.73 -2.63 61.61
CA SER R 136 34.42 -3.10 61.21
C SER R 136 34.27 -3.14 59.70
N SER R 137 35.01 -2.30 58.99
CA SER R 137 34.99 -2.33 57.54
C SER R 137 35.68 -3.56 57.01
N SER R 138 36.80 -3.96 57.61
CA SER R 138 37.44 -5.21 57.25
C SER R 138 36.59 -6.39 57.68
N ASP R 139 35.78 -6.21 58.73
CA ASP R 139 34.73 -7.17 59.02
C ASP R 139 33.68 -7.16 57.93
N LEU R 140 33.45 -6.00 57.31
CA LEU R 140 32.36 -5.88 56.35
C LEU R 140 32.87 -6.04 54.92
N HIS R 141 33.75 -5.14 54.50
CA HIS R 141 34.23 -5.12 53.11
C HIS R 141 35.24 -6.22 52.86
N ASN R 142 35.83 -6.78 53.90
CA ASN R 142 36.86 -7.78 53.66
C ASN R 142 36.48 -9.15 54.19
N VAL R 143 35.23 -9.36 54.58
CA VAL R 143 34.70 -10.70 54.81
C VAL R 143 33.49 -10.83 53.90
N VAL R 144 33.71 -11.33 52.69
CA VAL R 144 32.68 -11.37 51.65
C VAL R 144 32.64 -12.79 51.12
N ILE R 145 31.46 -13.25 50.71
CA ILE R 145 31.34 -14.51 49.98
C ILE R 145 30.62 -14.25 48.67
N ILE R 146 31.23 -14.70 47.56
CA ILE R 146 30.63 -14.49 46.25
C ILE R 146 30.60 -15.79 45.46
N GLU R 147 31.76 -16.43 45.35
CA GLU R 147 32.15 -17.10 44.11
C GLU R 147 31.43 -18.43 43.89
N GLY R 148 31.67 -19.42 44.75
CA GLY R 148 31.04 -20.72 44.54
C GLY R 148 29.57 -20.72 44.85
N THR R 149 29.10 -19.70 45.58
CA THR R 149 27.69 -19.53 45.89
C THR R 149 26.87 -19.33 44.62
N ASP R 150 27.44 -18.67 43.62
CA ASP R 150 26.71 -18.39 42.39
C ASP R 150 26.65 -19.63 41.52
N LYS R 151 27.70 -20.46 41.58
CA LYS R 151 27.66 -21.73 40.88
C LYS R 151 26.62 -22.66 41.50
N VAL R 152 26.58 -22.70 42.84
CA VAL R 152 25.56 -23.45 43.56
C VAL R 152 24.17 -22.92 43.22
N LEU R 153 24.05 -21.59 43.16
CA LEU R 153 22.83 -20.89 42.75
C LEU R 153 22.33 -21.39 41.41
N GLN R 154 23.19 -21.30 40.39
CA GLN R 154 22.76 -21.64 39.03
C GLN R 154 22.51 -23.13 38.89
N ALA R 155 23.32 -23.96 39.57
CA ALA R 155 23.14 -25.40 39.52
C ALA R 155 21.82 -25.82 40.14
N GLU R 156 21.48 -25.23 41.28
CA GLU R 156 20.22 -25.59 41.93
C GLU R 156 19.03 -24.99 41.20
N GLN R 157 19.21 -23.84 40.54
CA GLN R 157 18.13 -23.27 39.74
C GLN R 157 17.82 -24.15 38.54
N LEU R 158 18.86 -24.60 37.84
CA LEU R 158 18.67 -25.55 36.74
C LEU R 158 18.12 -26.86 37.25
N ARG R 159 18.56 -27.29 38.44
CA ARG R 159 18.08 -28.52 39.05
C ARG R 159 16.59 -28.47 39.32
N GLN R 160 16.14 -27.44 40.04
CA GLN R 160 14.73 -27.32 40.35
C GLN R 160 13.90 -26.97 39.12
N LYS R 161 14.50 -26.35 38.11
CA LYS R 161 13.81 -26.15 36.84
C LYS R 161 13.52 -27.49 36.17
N GLN R 162 14.52 -28.38 36.15
CA GLN R 162 14.31 -29.72 35.64
C GLN R 162 13.30 -30.50 36.48
N LEU R 163 13.35 -30.30 37.80
CA LEU R 163 12.40 -30.94 38.69
C LEU R 163 10.98 -30.47 38.43
N THR R 164 10.83 -29.17 38.19
CA THR R 164 9.51 -28.59 37.95
C THR R 164 8.95 -29.06 36.62
N GLU R 165 9.81 -29.09 35.60
CA GLU R 165 9.44 -29.61 34.29
C GLU R 165 9.04 -31.08 34.38
N ASP R 166 9.77 -31.86 35.18
CA ASP R 166 9.47 -33.27 35.33
C ASP R 166 8.17 -33.47 36.09
N ILE R 167 7.91 -32.64 37.09
CA ILE R 167 6.66 -32.72 37.83
C ILE R 167 5.48 -32.39 36.95
N ALA R 168 5.61 -31.35 36.12
CA ALA R 168 4.56 -31.03 35.16
C ALA R 168 4.37 -32.15 34.14
N THR R 169 5.48 -32.81 33.76
CA THR R 169 5.40 -33.94 32.85
C THR R 169 4.64 -35.10 33.47
N LYS R 170 4.93 -35.41 34.73
CA LYS R 170 4.22 -36.47 35.44
C LYS R 170 2.73 -36.12 35.63
N GLU R 171 2.44 -34.84 35.81
CA GLU R 171 1.05 -34.40 35.89
C GLU R 171 0.33 -34.63 34.57
N LEU R 172 1.01 -34.35 33.46
CA LEU R 172 0.46 -34.65 32.14
C LEU R 172 0.25 -36.15 31.97
N GLU R 173 1.19 -36.94 32.48
CA GLU R 173 1.08 -38.40 32.38
C GLU R 173 -0.14 -38.92 33.13
N ARG R 174 -0.32 -38.47 34.37
CA ARG R 174 -1.45 -38.96 35.16
C ARG R 174 -2.76 -38.43 34.62
N LYS R 175 -2.77 -37.23 34.04
CA LYS R 175 -3.97 -36.74 33.37
C LYS R 175 -4.31 -37.60 32.16
N GLU R 176 -3.29 -38.05 31.44
CA GLU R 176 -3.53 -38.96 30.32
C GLU R 176 -4.04 -40.32 30.78
N ILE R 177 -3.55 -40.80 31.93
CA ILE R 177 -4.09 -42.03 32.52
C ILE R 177 -5.55 -41.84 32.88
N GLU R 178 -5.89 -40.66 33.41
CA GLU R 178 -7.27 -40.34 33.72
C GLU R 178 -8.11 -40.20 32.45
N LYS R 179 -7.48 -39.86 31.33
CA LYS R 179 -8.18 -39.92 30.05
C LYS R 179 -8.36 -41.35 29.57
N LYS R 180 -7.46 -42.25 29.95
CA LYS R 180 -7.56 -43.63 29.49
C LYS R 180 -8.75 -44.36 30.09
N ARG R 181 -9.11 -44.06 31.33
CA ARG R 181 -10.20 -44.79 32.01
C ARG R 181 -11.57 -44.43 31.48
N ASP R 182 -11.66 -43.43 30.60
CA ASP R 182 -12.94 -43.00 30.06
C ASP R 182 -13.56 -44.10 29.21
N LYS R 183 -12.73 -44.80 28.43
CA LYS R 183 -13.21 -45.93 27.63
C LYS R 183 -13.71 -47.05 28.52
N ILE R 184 -13.04 -47.28 29.65
CA ILE R 184 -13.42 -48.37 30.55
C ILE R 184 -14.73 -48.07 31.24
N ILE R 185 -14.89 -46.84 31.74
CA ILE R 185 -16.13 -46.48 32.43
C ILE R 185 -17.29 -46.45 31.44
N GLU R 186 -17.07 -45.99 30.21
CA GLU R 186 -18.15 -45.96 29.24
C GLU R 186 -18.51 -47.37 28.77
N ALA R 187 -17.51 -48.26 28.66
CA ALA R 187 -17.78 -49.63 28.29
C ALA R 187 -18.58 -50.35 29.37
N LEU R 188 -18.19 -50.19 30.63
CA LEU R 188 -18.94 -50.88 31.67
C LEU R 188 -20.25 -50.19 32.00
N ASP R 189 -20.45 -48.95 31.53
CA ASP R 189 -21.78 -48.36 31.65
C ASP R 189 -22.71 -48.86 30.56
N VAL R 190 -22.21 -48.98 29.32
CA VAL R 190 -23.08 -49.46 28.25
C VAL R 190 -23.31 -50.96 28.37
N ILE R 191 -22.46 -51.67 29.09
CA ILE R 191 -22.80 -53.05 29.45
C ILE R 191 -23.85 -53.05 30.56
N ARG R 192 -23.77 -52.09 31.47
CA ARG R 192 -24.71 -52.01 32.58
C ARG R 192 -26.07 -51.60 32.04
N GLU R 193 -26.88 -52.62 31.74
CA GLU R 193 -28.22 -52.43 31.19
C GLU R 193 -29.21 -53.39 31.85
N HIS R 194 -28.75 -54.16 32.83
CA HIS R 194 -29.57 -55.18 33.47
C HIS R 194 -29.32 -55.10 34.97
N ASN R 195 -30.39 -54.98 35.75
CA ASN R 195 -30.25 -54.86 37.20
C ASN R 195 -31.49 -55.41 37.87
N LEU R 196 -31.43 -56.66 38.35
CA LEU R 196 -32.29 -57.26 39.35
C LEU R 196 -33.74 -57.53 38.92
N VAL R 197 -34.12 -56.98 37.77
CA VAL R 197 -35.48 -57.08 37.26
C VAL R 197 -35.35 -57.66 35.87
N ASP R 198 -34.36 -57.14 35.14
CA ASP R 198 -34.06 -57.56 33.79
C ASP R 198 -33.66 -59.02 33.68
N ALA R 199 -33.20 -59.64 34.77
CA ALA R 199 -33.07 -61.09 34.79
C ALA R 199 -34.43 -61.76 34.62
N PHE R 200 -35.45 -61.26 35.32
CA PHE R 200 -36.79 -61.81 35.13
C PHE R 200 -37.37 -61.39 33.78
N LYS R 201 -37.00 -60.20 33.30
CA LYS R 201 -37.40 -59.72 31.98
C LYS R 201 -36.62 -60.40 30.87
N ASP R 202 -35.68 -61.27 31.20
CA ASP R 202 -35.16 -62.27 30.30
C ASP R 202 -35.78 -63.64 30.51
N LEU R 203 -36.12 -63.98 31.75
CA LEU R 203 -36.75 -65.27 32.05
C LEU R 203 -38.15 -65.39 31.45
N ILE R 204 -38.84 -64.28 31.29
CA ILE R 204 -40.19 -64.30 30.71
C ILE R 204 -40.19 -64.42 29.18
N PRO R 205 -39.43 -63.64 28.39
CA PRO R 205 -39.49 -63.84 26.93
C PRO R 205 -38.87 -65.14 26.45
N THR R 206 -38.00 -65.77 27.23
CA THR R 206 -37.65 -67.14 26.90
C THR R 206 -38.78 -68.10 27.28
N GLY R 207 -39.63 -67.70 28.22
CA GLY R 207 -40.84 -68.45 28.50
C GLY R 207 -41.93 -68.23 27.49
N GLU R 208 -41.80 -67.21 26.66
CA GLU R 208 -42.75 -66.95 25.58
C GLU R 208 -42.69 -68.03 24.50
N ASN R 209 -43.73 -68.06 23.68
CA ASN R 209 -43.84 -68.99 22.57
C ASN R 209 -44.56 -68.32 21.41
N LEU R 210 -44.56 -69.01 20.27
CA LEU R 210 -45.32 -68.58 19.10
C LEU R 210 -46.32 -69.62 18.65
N SER R 211 -45.90 -70.86 18.44
CA SER R 211 -46.75 -71.91 17.92
C SER R 211 -47.04 -72.93 19.01
N GLU R 212 -48.30 -73.37 19.10
CA GLU R 212 -48.74 -74.35 20.08
C GLU R 212 -49.67 -75.34 19.40
N LEU R 213 -49.61 -76.60 19.85
CA LEU R 213 -50.45 -77.64 19.28
C LEU R 213 -51.00 -78.63 20.30
N ASP R 214 -50.74 -78.42 21.60
CA ASP R 214 -51.36 -79.05 22.77
C ASP R 214 -50.94 -80.51 22.98
N LEU R 215 -50.27 -81.12 21.99
CA LEU R 215 -49.79 -82.48 22.13
C LEU R 215 -48.43 -82.60 21.44
N ALA R 216 -47.78 -83.74 21.66
CA ALA R 216 -46.64 -84.25 20.89
C ALA R 216 -45.36 -83.44 21.03
N LYS R 217 -45.39 -82.31 21.72
CA LYS R 217 -44.20 -81.61 22.18
C LYS R 217 -44.38 -81.19 23.63
N PRO R 218 -44.40 -82.13 24.58
CA PRO R 218 -44.47 -81.71 25.99
C PRO R 218 -43.15 -81.12 26.42
N GLU R 219 -42.06 -81.76 25.98
CA GLU R 219 -40.71 -81.33 26.32
C GLU R 219 -39.90 -80.92 25.10
N ILE R 220 -40.38 -81.24 23.89
CA ILE R 220 -39.68 -80.86 22.68
C ILE R 220 -39.69 -79.36 22.50
N GLU R 221 -40.83 -78.74 22.82
CA GLU R 221 -40.89 -77.29 22.94
C GLU R 221 -40.00 -76.80 24.08
N LEU R 222 -39.90 -77.58 25.15
CA LEU R 222 -39.10 -77.15 26.30
C LEU R 222 -37.61 -77.23 26.05
N LEU R 223 -37.19 -77.91 24.98
CA LEU R 223 -35.78 -77.94 24.62
C LEU R 223 -35.28 -76.54 24.26
N LYS R 224 -36.03 -75.85 23.39
CA LYS R 224 -35.71 -74.48 23.02
C LYS R 224 -35.79 -73.56 24.22
N GLN R 225 -36.75 -73.80 25.11
CA GLN R 225 -36.90 -73.05 26.35
C GLN R 225 -35.64 -73.12 27.20
N SER R 226 -35.20 -74.33 27.52
CA SER R 226 -34.03 -74.53 28.38
C SER R 226 -32.76 -74.05 27.71
N LEU R 227 -32.64 -74.26 26.40
CA LEU R 227 -31.43 -73.82 25.71
C LEU R 227 -31.34 -72.31 25.63
N GLU R 228 -32.47 -71.61 25.44
CA GLU R 228 -32.42 -70.15 25.44
C GLU R 228 -32.24 -69.59 26.84
N ILE R 229 -32.72 -70.31 27.86
CA ILE R 229 -32.39 -69.97 29.24
C ILE R 229 -30.89 -70.00 29.46
N THR R 230 -30.24 -71.08 29.01
CA THR R 230 -28.79 -71.18 29.13
C THR R 230 -28.08 -70.14 28.27
N LYS R 231 -28.67 -69.78 27.13
CA LYS R 231 -28.15 -68.69 26.31
C LYS R 231 -28.12 -67.38 27.09
N LYS R 232 -29.22 -67.04 27.73
CA LYS R 232 -29.29 -65.76 28.44
C LYS R 232 -28.41 -65.77 29.68
N LEU R 233 -28.33 -66.93 30.36
CA LEU R 233 -27.43 -67.09 31.50
C LEU R 233 -25.98 -66.87 31.09
N LEU R 234 -25.52 -67.62 30.09
CA LEU R 234 -24.14 -67.50 29.64
C LEU R 234 -23.86 -66.16 28.97
N GLY R 235 -24.88 -65.50 28.42
CA GLY R 235 -24.71 -64.13 28.00
C GLY R 235 -24.45 -63.20 29.17
N GLN R 236 -25.06 -63.50 30.31
CA GLN R 236 -24.75 -62.73 31.51
C GLN R 236 -23.37 -63.07 32.06
N PHE R 237 -22.90 -64.31 31.88
CA PHE R 237 -21.62 -64.73 32.47
C PHE R 237 -20.45 -64.04 31.81
N SER R 238 -20.35 -64.14 30.48
CA SER R 238 -19.18 -63.67 29.75
C SER R 238 -19.05 -62.16 29.85
N GLU R 239 -20.19 -61.46 29.79
CA GLU R 239 -20.19 -60.03 30.02
C GLU R 239 -19.83 -59.71 31.46
N GLY R 240 -20.24 -60.57 32.39
CA GLY R 240 -19.79 -60.40 33.77
C GLY R 240 -18.30 -60.61 33.91
N LEU R 241 -17.73 -61.53 33.14
CA LEU R 241 -16.29 -61.74 33.17
C LEU R 241 -15.54 -60.55 32.59
N LYS R 242 -16.06 -59.99 31.50
CA LYS R 242 -15.47 -58.79 30.92
C LYS R 242 -15.59 -57.61 31.87
N TYR R 243 -16.69 -57.57 32.63
CA TYR R 243 -16.88 -56.58 33.68
C TYR R 243 -15.80 -56.71 34.74
N ILE R 244 -15.53 -57.94 35.18
CA ILE R 244 -14.47 -58.23 36.14
C ILE R 244 -13.12 -57.76 35.61
N ASP R 245 -12.85 -58.06 34.33
CA ASP R 245 -11.58 -57.71 33.72
C ASP R 245 -11.38 -56.20 33.65
N LEU R 246 -12.42 -55.47 33.29
CA LEU R 246 -12.26 -54.03 33.18
C LEU R 246 -12.26 -53.36 34.54
N THR R 247 -12.89 -53.95 35.56
CA THR R 247 -12.71 -53.41 36.91
C THR R 247 -11.31 -53.67 37.43
N ASP R 248 -10.70 -54.79 37.05
CA ASP R 248 -9.30 -55.01 37.39
C ASP R 248 -8.40 -54.02 36.65
N ALA R 249 -8.78 -53.67 35.43
CA ALA R 249 -8.08 -52.61 34.71
C ALA R 249 -8.23 -51.27 35.39
N ARG R 250 -9.42 -51.01 35.97
CA ARG R 250 -9.64 -49.82 36.78
C ARG R 250 -8.71 -49.80 37.98
N LYS R 251 -8.59 -50.93 38.67
CA LYS R 251 -7.68 -51.03 39.81
C LYS R 251 -6.23 -50.82 39.39
N LYS R 252 -5.88 -51.31 38.20
CA LYS R 252 -4.53 -51.15 37.67
C LYS R 252 -4.21 -49.69 37.37
N LEU R 253 -5.12 -49.00 36.69
CA LEU R 253 -4.88 -47.58 36.40
C LEU R 253 -4.98 -46.73 37.64
N ASP R 254 -5.80 -47.12 38.62
CA ASP R 254 -5.83 -46.40 39.88
C ASP R 254 -4.53 -46.58 40.65
N ASN R 255 -3.94 -47.77 40.56
CA ASN R 255 -2.62 -47.99 41.14
C ASN R 255 -1.58 -47.11 40.45
N GLN R 256 -1.71 -46.96 39.14
CA GLN R 256 -0.84 -46.06 38.39
C GLN R 256 -0.99 -44.61 38.87
N ILE R 257 -2.24 -44.17 39.05
CA ILE R 257 -2.53 -42.83 39.54
C ILE R 257 -1.96 -42.62 40.94
N ASP R 258 -2.06 -43.66 41.79
CA ASP R 258 -1.57 -43.55 43.16
C ASP R 258 -0.06 -43.48 43.21
N THR R 259 0.63 -44.31 42.43
CA THR R 259 2.09 -44.27 42.38
C THR R 259 2.58 -42.95 41.80
N ALA R 260 1.89 -42.46 40.76
CA ALA R 260 2.23 -41.16 40.21
C ALA R 260 1.98 -40.05 41.22
N SER R 261 0.95 -40.18 42.04
CA SER R 261 0.67 -39.16 43.04
C SER R 261 1.71 -39.19 44.16
N THR R 262 2.21 -40.37 44.51
CA THR R 262 3.29 -40.46 45.48
C THR R 262 4.57 -39.85 44.93
N ARG R 263 4.86 -40.11 43.65
CA ARG R 263 6.00 -39.46 43.01
C ARG R 263 5.83 -37.95 42.97
N LEU R 264 4.61 -37.49 42.69
CA LEU R 264 4.28 -36.07 42.78
C LEU R 264 4.55 -35.51 44.16
N THR R 265 4.13 -36.23 45.20
CA THR R 265 4.28 -35.73 46.56
C THR R 265 5.75 -35.66 46.96
N GLU R 266 6.52 -36.68 46.62
CA GLU R 266 7.94 -36.71 46.98
C GLU R 266 8.73 -35.67 46.20
N LEU R 267 8.44 -35.55 44.90
CA LEU R 267 9.16 -34.56 44.10
C LEU R 267 8.75 -33.15 44.44
N ASN R 268 7.51 -32.94 44.88
CA ASN R 268 7.10 -31.63 45.36
C ASN R 268 7.75 -31.30 46.69
N ARG R 269 7.96 -32.31 47.54
CA ARG R 269 8.68 -32.09 48.78
C ARG R 269 10.12 -31.71 48.51
N GLN R 270 10.76 -32.40 47.56
CA GLN R 270 12.10 -32.03 47.13
C GLN R 270 12.12 -30.65 46.49
N LEU R 271 11.05 -30.31 45.77
CA LEU R 271 10.94 -29.00 45.16
C LEU R 271 10.84 -27.91 46.22
N GLU R 272 10.10 -28.16 47.29
CA GLU R 272 10.00 -27.20 48.38
C GLU R 272 11.30 -27.09 49.15
N GLN R 273 12.02 -28.21 49.28
CA GLN R 273 13.36 -28.18 49.84
C GLN R 273 14.27 -27.29 49.01
N SER R 274 14.21 -27.43 47.69
CA SER R 274 15.00 -26.57 46.82
C SER R 274 14.50 -25.14 46.80
N GLU R 275 13.21 -24.92 47.06
CA GLU R 275 12.71 -23.58 47.27
C GLU R 275 13.36 -22.94 48.47
N LYS R 276 13.46 -23.68 49.57
CA LYS R 276 14.16 -23.20 50.76
C LYS R 276 15.62 -22.91 50.47
N LEU R 277 16.26 -23.80 49.71
CA LEU R 277 17.66 -23.63 49.31
C LEU R 277 17.85 -22.36 48.51
N ILE R 278 17.16 -22.24 47.38
CA ILE R 278 17.32 -21.11 46.48
C ILE R 278 16.82 -19.82 47.10
N ALA R 279 15.84 -19.89 48.01
CA ALA R 279 15.39 -18.71 48.72
C ALA R 279 16.46 -18.20 49.66
N GLY R 280 17.10 -19.10 50.42
CA GLY R 280 18.21 -18.67 51.27
C GLY R 280 19.40 -18.17 50.48
N VAL R 281 19.64 -18.76 49.31
CA VAL R 281 20.74 -18.31 48.45
C VAL R 281 20.45 -16.91 47.92
N ASN R 282 19.25 -16.69 47.40
CA ASN R 282 18.87 -15.36 46.92
C ASN R 282 18.87 -14.35 48.05
N ALA R 283 18.48 -14.78 49.25
CA ALA R 283 18.47 -13.90 50.40
C ALA R 283 19.87 -13.47 50.77
N VAL R 284 20.81 -14.41 50.82
CA VAL R 284 22.17 -14.04 51.20
C VAL R 284 22.86 -13.27 50.08
N ILE R 285 22.44 -13.46 48.83
CA ILE R 285 22.93 -12.59 47.75
C ILE R 285 22.41 -11.17 47.93
N LYS R 286 21.14 -11.03 48.28
CA LYS R 286 20.58 -9.70 48.55
C LYS R 286 21.24 -9.06 49.76
N ILE R 287 21.56 -9.86 50.77
CA ILE R 287 22.35 -9.42 51.91
C ILE R 287 23.69 -8.90 51.45
N ASP R 288 24.37 -9.65 50.59
CA ASP R 288 25.69 -9.29 50.08
C ASP R 288 25.64 -7.98 49.32
N GLN R 289 24.57 -7.77 48.56
CA GLN R 289 24.34 -6.47 47.92
C GLN R 289 24.12 -5.38 48.96
N GLU R 290 23.29 -5.66 49.96
CA GLU R 290 23.07 -4.69 51.03
C GLU R 290 24.32 -4.54 51.89
N LYS R 291 25.10 -5.62 52.03
CA LYS R 291 26.39 -5.52 52.68
C LYS R 291 27.32 -4.56 51.96
N SER R 292 27.38 -4.65 50.63
CA SER R 292 28.17 -3.70 49.86
C SER R 292 27.60 -2.30 49.94
N ALA R 293 26.28 -2.16 50.08
CA ALA R 293 25.70 -0.85 50.31
C ALA R 293 26.15 -0.25 51.64
N VAL R 294 26.22 -1.07 52.69
CA VAL R 294 26.70 -0.57 53.97
C VAL R 294 28.20 -0.32 53.92
N VAL R 295 28.92 -1.07 53.07
CA VAL R 295 30.32 -0.76 52.79
C VAL R 295 30.46 0.65 52.22
N VAL R 296 29.61 0.98 51.24
CA VAL R 296 29.60 2.31 50.65
C VAL R 296 29.24 3.35 51.70
N GLU R 297 28.29 3.01 52.58
CA GLU R 297 27.89 3.90 53.66
C GLU R 297 29.04 4.20 54.61
N ALA R 298 29.77 3.15 55.00
CA ALA R 298 30.90 3.32 55.91
C ALA R 298 32.03 4.07 55.24
N GLU R 299 32.18 3.91 53.92
CA GLU R 299 33.20 4.69 53.23
C GLU R 299 32.82 6.16 53.16
N LYS R 300 31.51 6.44 52.99
CA LYS R 300 31.02 7.81 53.09
C LYS R 300 31.31 8.39 54.46
N LEU R 301 31.12 7.58 55.50
CA LEU R 301 31.35 8.07 56.86
C LEU R 301 32.83 8.32 57.12
N SER R 302 33.63 7.26 57.05
CA SER R 302 35.04 7.34 57.40
C SER R 302 35.84 8.20 56.44
N ARG R 303 35.36 8.36 55.20
CA ARG R 303 36.01 9.28 54.28
C ARG R 303 35.89 10.71 54.78
N ALA R 304 34.75 11.05 55.39
CA ALA R 304 34.61 12.38 56.01
C ALA R 304 35.49 12.52 57.24
N TRP R 305 35.91 11.41 57.84
CA TRP R 305 36.86 11.50 58.92
C TRP R 305 38.29 11.61 58.42
N HIS R 306 38.58 11.15 57.22
CA HIS R 306 39.86 11.48 56.62
C HIS R 306 39.84 12.91 56.10
N ILE R 307 38.66 13.40 55.72
CA ILE R 307 38.47 14.83 55.53
C ILE R 307 38.73 15.57 56.83
N PHE R 308 38.32 14.98 57.95
CA PHE R 308 38.57 15.62 59.24
C PHE R 308 40.05 15.57 59.61
N ILE R 309 40.74 14.48 59.28
CA ILE R 309 42.16 14.41 59.62
C ILE R 309 42.96 15.32 58.70
N HIS R 310 42.45 15.60 57.50
CA HIS R 310 43.09 16.61 56.67
C HIS R 310 42.77 18.01 57.17
N GLU R 311 41.64 18.17 57.85
CA GLU R 311 41.37 19.44 58.53
C GLU R 311 42.34 19.65 59.68
N ILE R 312 42.54 18.62 60.50
CA ILE R 312 43.46 18.75 61.63
C ILE R 312 44.91 18.68 61.15
N THR R 313 45.13 18.22 59.92
CA THR R 313 46.42 18.43 59.26
C THR R 313 46.71 19.92 59.09
N ALA R 314 45.66 20.71 58.85
CA ALA R 314 45.77 22.16 58.72
C ALA R 314 45.66 22.88 60.05
N LEU R 315 45.89 22.19 61.16
CA LEU R 315 45.89 22.81 62.48
C LEU R 315 47.30 23.25 62.87
N GLN R 316 47.50 23.53 64.15
CA GLN R 316 48.72 24.06 64.77
C GLN R 316 49.09 25.42 64.17
N GLY R 317 48.21 26.37 64.44
CA GLY R 317 48.55 27.78 64.37
C GLY R 317 48.74 28.24 65.81
N THR R 318 49.99 28.43 66.21
CA THR R 318 50.37 28.46 67.63
C THR R 318 49.78 29.63 68.42
N SER R 319 50.26 30.85 68.16
CA SER R 319 49.74 32.01 68.87
C SER R 319 49.63 33.25 67.98
N LEU R 320 49.44 33.08 66.68
CA LEU R 320 49.55 34.19 65.75
C LEU R 320 48.34 35.11 65.83
N ASN R 321 47.17 34.61 65.48
CA ASN R 321 45.94 35.37 65.50
C ASN R 321 44.93 34.70 66.43
N GLU R 322 43.70 35.18 66.40
CA GLU R 322 42.65 34.52 67.17
C GLU R 322 41.40 34.28 66.33
N VAL R 323 41.05 35.21 65.44
CA VAL R 323 39.82 35.05 64.66
C VAL R 323 40.11 34.29 63.36
N GLU R 324 40.32 33.00 63.48
CA GLU R 324 40.27 32.10 62.33
C GLU R 324 39.74 30.74 62.69
N LEU R 325 39.33 30.53 63.94
CA LEU R 325 39.43 29.21 64.55
C LEU R 325 38.27 28.30 64.16
N SER R 326 37.06 28.67 64.56
CA SER R 326 35.96 27.73 64.59
C SER R 326 35.17 27.69 63.29
N LYS R 327 35.77 28.07 62.16
CA LYS R 327 35.03 27.99 60.91
C LYS R 327 34.84 26.55 60.43
N PRO R 328 35.86 25.66 60.41
CA PRO R 328 35.53 24.24 60.17
C PRO R 328 34.74 23.63 61.31
N LEU R 329 34.84 24.18 62.52
CA LEU R 329 34.07 23.68 63.64
C LEU R 329 32.58 23.94 63.45
N ILE R 330 32.21 25.14 63.01
CA ILE R 330 30.80 25.41 62.77
C ILE R 330 30.34 24.73 61.49
N LYS R 331 31.25 24.49 60.54
CA LYS R 331 30.88 23.72 59.35
C LYS R 331 30.54 22.28 59.71
N GLN R 332 31.37 21.65 60.53
CA GLN R 332 31.07 20.31 61.02
C GLN R 332 29.88 20.32 61.97
N GLN R 333 29.69 21.42 62.69
CA GLN R 333 28.53 21.58 63.57
C GLN R 333 27.23 21.54 62.79
N ILE R 334 27.15 22.33 61.71
CA ILE R 334 25.92 22.37 60.95
C ILE R 334 25.74 21.09 60.14
N TYR R 335 26.85 20.49 59.69
CA TYR R 335 26.75 19.22 58.97
C TYR R 335 26.32 18.09 59.90
N LEU R 336 26.72 18.17 61.16
CA LEU R 336 26.33 17.19 62.15
C LEU R 336 24.91 17.40 62.62
N GLU R 337 24.47 18.65 62.72
CA GLU R 337 23.09 18.93 63.09
C GLU R 337 22.15 18.46 61.99
N SER R 338 22.57 18.63 60.73
CA SER R 338 21.87 17.98 59.63
C SER R 338 21.94 16.46 59.80
N LEU R 339 23.09 15.95 60.23
CA LEU R 339 23.25 14.53 60.43
C LEU R 339 22.51 14.04 61.68
N ILE R 340 22.32 14.91 62.68
CA ILE R 340 21.40 14.59 63.78
C ILE R 340 19.98 14.44 63.22
N LYS R 341 19.58 15.37 62.37
CA LYS R 341 18.30 15.24 61.69
C LYS R 341 18.31 14.12 60.66
N GLN R 342 19.49 13.69 60.23
CA GLN R 342 19.64 12.51 59.39
C GLN R 342 19.85 11.28 60.25
N LEU R 343 18.96 11.10 61.22
CA LEU R 343 19.02 10.02 62.20
C LEU R 343 17.65 9.87 62.82
N ILE S 44 -19.25 40.62 56.90
CA ILE S 44 -19.45 40.24 58.28
C ILE S 44 -20.68 39.36 58.44
N PHE S 45 -21.24 39.34 59.65
CA PHE S 45 -22.34 38.45 59.96
C PHE S 45 -23.63 38.92 59.30
N THR S 46 -24.44 37.97 58.84
CA THR S 46 -25.66 38.31 58.14
C THR S 46 -26.87 37.73 58.87
N LYS S 47 -28.04 38.23 58.49
CA LYS S 47 -29.29 37.77 59.08
C LYS S 47 -29.80 36.49 58.44
N GLU S 48 -29.34 36.17 57.24
CA GLU S 48 -29.79 34.96 56.58
C GLU S 48 -29.19 33.74 57.22
N ASP S 49 -28.05 33.92 57.88
CA ASP S 49 -27.55 32.98 58.87
C ASP S 49 -28.64 32.63 59.88
N LEU S 50 -29.25 33.65 60.48
CA LEU S 50 -30.30 33.44 61.47
C LEU S 50 -31.56 32.87 60.84
N ILE S 51 -31.78 33.18 59.56
CA ILE S 51 -32.88 32.58 58.82
C ILE S 51 -32.68 31.06 58.72
N ASN S 52 -31.46 30.65 58.36
CA ASN S 52 -31.14 29.22 58.31
C ASN S 52 -31.18 28.61 59.70
N LEU S 53 -30.85 29.38 60.72
CA LEU S 53 -30.97 28.91 62.10
C LEU S 53 -32.41 28.60 62.44
N LYS S 54 -33.33 29.47 62.05
CA LYS S 54 -34.73 29.22 62.35
C LYS S 54 -35.30 28.11 61.47
N LEU S 55 -34.75 27.93 60.28
CA LEU S 55 -35.05 26.74 59.49
C LEU S 55 -34.66 25.47 60.23
N TYR S 56 -33.47 25.50 60.85
CA TYR S 56 -33.03 24.38 61.67
C TYR S 56 -33.89 24.23 62.92
N VAL S 57 -34.41 25.34 63.45
CA VAL S 57 -35.30 25.28 64.59
C VAL S 57 -36.59 24.56 64.22
N ARG S 58 -37.20 24.98 63.11
CA ARG S 58 -38.41 24.35 62.62
C ARG S 58 -38.18 22.89 62.25
N LYS S 59 -36.98 22.58 61.76
CA LYS S 59 -36.65 21.19 61.47
C LYS S 59 -36.55 20.37 62.74
N GLY S 60 -35.86 20.91 63.75
CA GLY S 60 -35.63 20.17 64.97
C GLY S 60 -36.87 20.05 65.83
N LEU S 61 -37.74 21.04 65.80
CA LEU S 61 -39.01 20.93 66.50
C LEU S 61 -39.99 20.02 65.79
N SER S 62 -39.70 19.65 64.54
CA SER S 62 -40.51 18.72 63.77
C SER S 62 -40.02 17.29 63.90
N LEU S 63 -39.50 16.90 65.05
CA LEU S 63 -38.93 15.57 65.08
C LEU S 63 -39.71 14.66 66.00
N PRO S 64 -39.83 13.38 65.65
CA PRO S 64 -40.43 12.41 66.57
C PRO S 64 -39.50 12.17 67.76
N THR S 65 -40.12 11.97 68.92
CA THR S 65 -39.39 11.77 70.17
C THR S 65 -39.60 10.39 70.76
N ARG S 66 -40.84 9.92 70.83
CA ARG S 66 -41.12 8.63 71.42
C ARG S 66 -40.83 7.51 70.44
N GLN S 67 -40.85 6.28 70.95
CA GLN S 67 -40.43 5.13 70.16
C GLN S 67 -41.42 4.85 69.04
N ASP S 68 -42.72 4.84 69.36
CA ASP S 68 -43.75 4.67 68.35
C ASP S 68 -43.77 5.83 67.37
N GLU S 69 -43.43 7.03 67.83
CA GLU S 69 -43.34 8.19 66.97
C GLU S 69 -42.23 8.01 65.94
N VAL S 70 -41.09 7.49 66.39
CA VAL S 70 -39.99 7.20 65.49
C VAL S 70 -40.36 6.07 64.53
N GLU S 71 -41.02 5.03 65.05
CA GLU S 71 -41.35 3.86 64.26
C GLU S 71 -42.36 4.18 63.16
N ALA S 72 -43.35 5.03 63.48
CA ALA S 72 -44.22 5.55 62.45
C ALA S 72 -43.46 6.48 61.51
N TYR S 73 -42.53 7.26 62.06
CA TYR S 73 -41.69 8.09 61.23
C TYR S 73 -40.70 7.28 60.41
N LEU S 74 -40.23 6.15 60.96
CA LEU S 74 -39.47 5.20 60.16
C LEU S 74 -40.35 4.46 59.18
N GLY S 75 -41.60 4.22 59.53
CA GLY S 75 -42.45 3.35 58.76
C GLY S 75 -42.23 1.87 59.02
N TYR S 76 -41.45 1.51 60.03
CA TYR S 76 -41.21 0.12 60.35
C TYR S 76 -40.81 0.02 61.81
N LYS S 77 -40.49 -1.21 62.23
CA LYS S 77 -40.03 -1.48 63.58
C LYS S 77 -38.78 -2.36 63.60
N LYS S 78 -38.37 -2.88 62.45
CA LYS S 78 -37.30 -3.86 62.41
C LYS S 78 -36.48 -3.64 61.15
N ILE S 79 -35.16 -3.59 61.30
CA ILE S 79 -34.27 -3.34 60.18
C ILE S 79 -33.22 -4.43 60.02
N ASP S 80 -32.87 -5.12 61.11
CA ASP S 80 -31.79 -6.11 61.18
C ASP S 80 -30.47 -5.55 60.66
N VAL S 81 -30.21 -4.28 60.96
CA VAL S 81 -28.98 -3.61 60.54
C VAL S 81 -28.37 -2.95 61.76
N ALA S 82 -27.17 -3.39 62.14
CA ALA S 82 -26.47 -2.81 63.26
C ALA S 82 -26.05 -1.38 62.94
N GLY S 83 -26.11 -0.51 63.95
CA GLY S 83 -25.86 0.90 63.77
C GLY S 83 -27.02 1.68 63.21
N LEU S 84 -28.04 1.01 62.68
CA LEU S 84 -29.21 1.65 62.09
C LEU S 84 -30.50 1.10 62.67
N GLU S 85 -30.43 0.53 63.88
CA GLU S 85 -31.59 -0.06 64.52
C GLU S 85 -32.60 1.03 64.90
N PRO S 86 -33.89 0.69 64.94
CA PRO S 86 -34.91 1.70 65.26
C PRO S 86 -34.75 2.35 66.62
N LYS S 87 -34.26 1.59 67.61
CA LYS S 87 -33.93 2.19 68.90
C LYS S 87 -32.76 3.16 68.77
N ASP S 88 -31.81 2.85 67.91
CA ASP S 88 -30.67 3.73 67.70
C ASP S 88 -31.09 5.02 67.01
N ILE S 89 -31.99 4.91 66.04
CA ILE S 89 -32.47 6.09 65.35
C ILE S 89 -33.37 6.90 66.27
N LYS S 90 -34.09 6.22 67.17
CA LYS S 90 -34.85 6.92 68.19
C LYS S 90 -33.95 7.69 69.14
N LEU S 91 -32.81 7.08 69.52
CA LEU S 91 -31.84 7.77 70.36
C LEU S 91 -31.23 8.96 69.63
N LEU S 92 -30.96 8.79 68.34
CA LEU S 92 -30.48 9.88 67.50
C LEU S 92 -31.47 11.02 67.46
N PHE S 93 -32.75 10.70 67.29
CA PHE S 93 -33.78 11.73 67.26
C PHE S 93 -33.96 12.39 68.61
N ASP S 94 -33.74 11.64 69.69
CA ASP S 94 -33.72 12.23 71.02
C ASP S 94 -32.61 13.26 71.13
N GLU S 95 -31.43 12.91 70.61
CA GLU S 95 -30.29 13.82 70.61
C GLU S 95 -30.60 15.10 69.84
N ILE S 96 -31.13 14.95 68.63
CA ILE S 96 -31.34 16.14 67.79
C ILE S 96 -32.53 16.95 68.27
N HIS S 97 -33.58 16.28 68.74
CA HIS S 97 -34.76 17.00 69.20
C HIS S 97 -34.49 17.71 70.51
N ASN S 98 -33.74 17.08 71.42
CA ASN S 98 -33.31 17.78 72.62
C ASN S 98 -32.26 18.83 72.31
N HIS S 99 -31.54 18.69 71.21
CA HIS S 99 -30.63 19.74 70.78
C HIS S 99 -31.40 20.97 70.33
N ALA S 100 -32.52 20.77 69.65
CA ALA S 100 -33.41 21.87 69.33
C ALA S 100 -34.09 22.42 70.57
N LEU S 101 -34.46 21.53 71.51
CA LEU S 101 -35.03 21.94 72.79
C LEU S 101 -34.01 22.59 73.70
N ASN S 102 -32.74 22.47 73.38
CA ASN S 102 -31.73 23.34 73.97
C ASN S 102 -31.73 24.68 73.26
N TRP S 103 -31.68 24.65 71.93
CA TRP S 103 -31.39 25.84 71.16
C TRP S 103 -32.51 26.86 71.16
N ASN S 104 -33.76 26.44 71.30
CA ASN S 104 -34.85 27.41 71.44
C ASN S 104 -34.63 28.31 72.67
N ASP S 105 -34.24 27.71 73.79
CA ASP S 105 -33.92 28.48 74.99
C ASP S 105 -32.59 29.22 74.84
N VAL S 106 -31.60 28.59 74.21
CA VAL S 106 -30.29 29.22 74.09
C VAL S 106 -30.37 30.41 73.12
N GLU S 107 -31.18 30.29 72.08
CA GLU S 107 -31.44 31.39 71.17
C GLU S 107 -32.33 32.44 71.80
N GLN S 108 -33.18 32.05 72.75
CA GLN S 108 -33.85 33.04 73.57
C GLN S 108 -32.84 33.80 74.42
N ALA S 109 -31.81 33.12 74.91
CA ALA S 109 -30.73 33.80 75.61
C ALA S 109 -29.89 34.65 74.65
N VAL S 110 -29.82 34.24 73.39
CA VAL S 110 -29.17 35.06 72.36
C VAL S 110 -29.97 36.34 72.16
N LEU S 111 -31.29 36.24 72.19
CA LEU S 111 -32.14 37.44 72.16
C LEU S 111 -31.99 38.27 73.42
N GLN S 112 -31.76 37.62 74.56
CA GLN S 112 -31.52 38.35 75.79
C GLN S 112 -30.22 39.13 75.72
N GLN S 113 -29.16 38.50 75.24
CA GLN S 113 -27.91 39.19 75.05
C GLN S 113 -27.95 40.15 73.87
N SER S 114 -28.90 39.95 72.96
CA SER S 114 -29.18 40.95 71.94
C SER S 114 -29.65 42.24 72.59
N LEU S 115 -30.59 42.11 73.53
CA LEU S 115 -31.02 43.24 74.34
C LEU S 115 -29.87 43.79 75.17
N ASP S 116 -29.02 42.91 75.68
CA ASP S 116 -27.94 43.33 76.56
C ASP S 116 -26.86 44.09 75.80
N LEU S 117 -26.51 43.64 74.62
CA LEU S 117 -25.59 44.39 73.79
C LEU S 117 -26.21 45.66 73.25
N ASP S 118 -27.52 45.67 73.05
CA ASP S 118 -28.21 46.89 72.65
C ASP S 118 -28.10 47.95 73.74
N ILE S 119 -28.43 47.58 74.98
CA ILE S 119 -28.34 48.55 76.05
C ILE S 119 -26.90 48.84 76.44
N ALA S 120 -25.98 47.90 76.19
CA ALA S 120 -24.57 48.16 76.38
C ALA S 120 -24.08 49.19 75.38
N ALA S 121 -24.49 49.05 74.12
CA ALA S 121 -24.19 50.03 73.09
C ALA S 121 -24.75 51.40 73.48
N LYS S 122 -26.01 51.44 73.90
CA LYS S 122 -26.64 52.71 74.25
C LYS S 122 -25.95 53.39 75.42
N ASN S 123 -25.75 52.65 76.52
CA ASN S 123 -25.19 53.24 77.73
C ASN S 123 -23.73 53.62 77.53
N ILE S 124 -22.95 52.76 76.86
CA ILE S 124 -21.52 53.03 76.73
C ILE S 124 -21.28 54.16 75.73
N ILE S 125 -21.98 54.11 74.57
CA ILE S 125 -21.89 55.20 73.59
C ILE S 125 -22.28 56.54 74.21
N SER S 126 -23.41 56.56 74.93
CA SER S 126 -23.87 57.78 75.58
C SER S 126 -22.88 58.27 76.62
N THR S 127 -22.67 57.50 77.69
CA THR S 127 -21.87 57.94 78.84
C THR S 127 -20.41 58.17 78.44
N GLY S 128 -19.81 57.19 77.77
CA GLY S 128 -18.46 57.28 77.26
C GLY S 128 -18.24 58.42 76.29
N ASN S 129 -19.02 58.54 75.22
CA ASN S 129 -18.76 59.57 74.23
C ASN S 129 -19.02 60.96 74.79
N GLU S 130 -20.09 61.12 75.57
CA GLU S 130 -20.37 62.40 76.23
C GLU S 130 -19.28 62.83 77.21
N ILE S 131 -19.04 62.03 78.24
CA ILE S 131 -18.13 62.47 79.31
C ILE S 131 -16.68 62.45 78.82
N ILE S 132 -16.35 61.51 77.93
CA ILE S 132 -14.97 61.30 77.50
C ILE S 132 -14.87 61.84 76.08
N ASN S 133 -15.73 62.81 75.76
CA ASN S 133 -15.44 63.77 74.71
C ASN S 133 -15.68 65.20 75.17
N LEU S 134 -16.21 65.37 76.39
CA LEU S 134 -16.18 66.69 77.04
C LEU S 134 -14.74 67.11 77.35
N ILE S 135 -13.85 66.13 77.52
CA ILE S 135 -12.49 66.41 78.00
C ILE S 135 -11.59 66.35 76.78
N ASN S 136 -12.16 66.63 75.60
CA ASN S 136 -11.35 66.98 74.46
C ASN S 136 -10.58 68.27 74.69
N GLN S 137 -11.11 69.16 75.52
CA GLN S 137 -10.49 70.45 75.79
C GLN S 137 -9.22 70.28 76.61
N MET S 138 -8.07 70.51 75.97
CA MET S 138 -6.85 70.72 76.68
C MET S 138 -6.01 71.62 75.78
N PRO S 139 -5.96 72.91 76.05
CA PRO S 139 -5.05 73.78 75.31
C PRO S 139 -3.60 73.59 75.74
N ILE S 140 -2.66 74.09 74.94
CA ILE S 140 -1.23 73.93 75.20
C ILE S 140 -0.78 74.69 76.46
N THR S 141 -1.53 75.72 76.87
CA THR S 141 -1.14 76.53 78.01
C THR S 141 -1.15 75.73 79.30
N LEU S 142 -2.22 74.96 79.53
CA LEU S 142 -2.21 74.03 80.65
C LEU S 142 -1.33 72.83 80.35
N ARG S 143 -1.20 72.48 79.06
CA ARG S 143 -0.50 71.26 78.67
C ARG S 143 1.02 71.43 78.71
N VAL S 144 1.52 72.61 79.02
CA VAL S 144 2.95 72.79 79.27
C VAL S 144 3.27 72.96 80.74
N LYS S 145 2.28 73.17 81.61
CA LYS S 145 2.58 73.59 82.98
C LYS S 145 1.83 72.85 84.07
N THR S 146 0.67 72.25 83.79
CA THR S 146 -0.22 71.85 84.89
C THR S 146 0.23 70.57 85.55
N LEU S 147 0.72 69.62 84.74
CA LEU S 147 1.11 68.27 85.17
C LEU S 147 -0.06 67.58 85.88
N LEU S 148 -1.08 67.30 85.06
CA LEU S 148 -2.44 66.90 85.42
C LEU S 148 -2.55 65.78 86.46
N GLY S 149 -1.53 64.92 86.55
CA GLY S 149 -1.45 63.92 87.60
C GLY S 149 -1.41 64.47 89.01
N ASP S 150 -1.11 65.77 89.16
CA ASP S 150 -1.22 66.44 90.44
C ASP S 150 -2.67 66.48 90.91
N ILE S 151 -3.58 66.95 90.05
CA ILE S 151 -4.94 67.22 90.48
C ILE S 151 -5.85 66.04 90.17
N THR S 152 -5.26 64.88 89.89
CA THR S 152 -6.03 63.65 89.78
C THR S 152 -6.51 63.19 91.15
N VAL S 168 -13.30 67.96 91.36
CA VAL S 168 -14.55 68.00 90.60
C VAL S 168 -14.60 66.83 89.64
N ALA S 169 -13.66 66.81 88.69
CA ALA S 169 -13.63 65.76 87.68
C ALA S 169 -13.08 64.45 88.24
N SER S 170 -12.41 64.50 89.39
CA SER S 170 -11.90 63.27 90.02
C SER S 170 -13.05 62.38 90.46
N ALA S 171 -14.11 62.97 91.02
CA ALA S 171 -15.31 62.20 91.29
C ALA S 171 -16.03 61.82 90.01
N LEU S 172 -15.87 62.61 88.95
CA LEU S 172 -16.45 62.25 87.66
C LEU S 172 -15.68 61.10 87.03
N LYS S 173 -14.37 61.01 87.29
CA LYS S 173 -13.61 59.84 86.87
C LYS S 173 -13.97 58.61 87.68
N ASP S 174 -14.47 58.80 88.90
CA ASP S 174 -14.96 57.67 89.69
C ASP S 174 -16.22 57.10 89.09
N ILE S 175 -17.07 57.95 88.50
CA ILE S 175 -18.21 57.49 87.71
C ILE S 175 -17.72 56.66 86.53
N LEU S 176 -16.63 57.09 85.91
CA LEU S 176 -16.06 56.35 84.78
C LEU S 176 -15.49 55.01 85.23
N ASP S 177 -14.96 54.94 86.43
CA ASP S 177 -14.46 53.67 86.94
C ASP S 177 -15.60 52.73 87.35
N ASP S 178 -16.71 53.30 87.82
CA ASP S 178 -17.91 52.51 88.05
C ASP S 178 -18.44 51.94 86.75
N MET S 179 -18.45 52.76 85.70
CA MET S 179 -18.82 52.27 84.38
C MET S 179 -17.80 51.28 83.84
N LYS S 180 -16.54 51.40 84.25
CA LYS S 180 -15.51 50.44 83.89
C LYS S 180 -15.80 49.07 84.51
N GLY S 181 -16.18 49.06 85.79
CA GLY S 181 -16.59 47.82 86.42
C GLY S 181 -17.85 47.24 85.80
N ASP S 182 -18.77 48.12 85.39
CA ASP S 182 -19.95 47.68 84.66
C ASP S 182 -19.57 47.08 83.31
N ILE S 183 -18.56 47.66 82.63
CA ILE S 183 -18.03 47.11 81.40
C ILE S 183 -17.40 45.73 81.63
N ASN S 184 -16.75 45.55 82.77
CA ASN S 184 -16.22 44.24 83.13
C ASN S 184 -17.36 43.24 83.36
N ARG S 185 -18.47 43.72 83.90
CA ARG S 185 -19.66 42.89 84.01
C ARG S 185 -20.23 42.56 82.64
N HIS S 186 -20.18 43.51 81.70
CA HIS S 186 -20.62 43.24 80.34
C HIS S 186 -19.72 42.21 79.68
N GLN S 187 -18.42 42.27 79.99
CA GLN S 187 -17.47 41.25 79.54
C GLN S 187 -17.87 39.89 80.06
N THR S 188 -18.23 39.83 81.34
CA THR S 188 -18.64 38.58 81.97
C THR S 188 -19.86 38.00 81.26
N THR S 189 -20.89 38.82 81.06
CA THR S 189 -22.11 38.36 80.40
C THR S 189 -21.85 37.96 78.96
N THR S 190 -21.04 38.75 78.25
CA THR S 190 -20.77 38.48 76.84
C THR S 190 -19.95 37.22 76.68
N GLU S 191 -19.01 36.99 77.59
CA GLU S 191 -18.24 35.76 77.58
C GLU S 191 -19.11 34.56 77.92
N ASN S 192 -20.08 34.74 78.82
CA ASN S 192 -21.01 33.66 79.13
C ASN S 192 -21.84 33.30 77.91
N VAL S 193 -22.32 34.30 77.19
CA VAL S 193 -23.15 34.02 76.02
C VAL S 193 -22.31 33.47 74.87
N ARG S 194 -21.07 33.95 74.73
CA ARG S 194 -20.16 33.39 73.74
C ARG S 194 -19.83 31.94 74.09
N LYS S 195 -19.70 31.66 75.38
CA LYS S 195 -19.55 30.29 75.84
C LYS S 195 -20.74 29.44 75.44
N LYS S 196 -21.95 29.96 75.61
CA LYS S 196 -23.16 29.25 75.22
C LYS S 196 -23.18 28.97 73.73
N VAL S 197 -22.82 29.98 72.93
CA VAL S 197 -22.84 29.86 71.48
C VAL S 197 -21.79 28.87 71.00
N SER S 198 -20.56 29.01 71.50
CA SER S 198 -19.48 28.16 71.04
C SER S 198 -19.66 26.73 71.53
N ASP S 199 -20.18 26.55 72.75
CA ASP S 199 -20.47 25.22 73.22
C ASP S 199 -21.63 24.59 72.46
N TYR S 200 -22.60 25.40 72.03
CA TYR S 200 -23.64 24.88 71.17
C TYR S 200 -23.09 24.49 69.80
N ARG S 201 -22.10 25.24 69.33
CA ARG S 201 -21.47 24.91 68.07
C ARG S 201 -20.68 23.61 68.17
N ILE S 202 -19.92 23.44 69.24
CA ILE S 202 -19.18 22.21 69.49
C ILE S 202 -20.15 21.06 69.72
N THR S 203 -21.31 21.35 70.31
CA THR S 203 -22.37 20.37 70.44
C THR S 203 -22.89 19.96 69.06
N LEU S 204 -22.87 20.88 68.10
CA LEU S 204 -23.13 20.49 66.73
C LEU S 204 -21.89 19.91 66.07
N THR S 205 -20.77 20.62 66.15
CA THR S 205 -19.58 20.28 65.37
C THR S 205 -18.69 19.25 66.06
N GLY S 206 -18.21 19.54 67.26
CA GLY S 206 -17.35 18.56 67.90
C GLY S 206 -16.11 19.12 68.55
N GLY S 207 -15.69 18.53 69.65
CA GLY S 207 -14.50 18.92 70.37
C GLY S 207 -14.76 19.00 71.84
N GLU S 208 -13.80 19.58 72.55
CA GLU S 208 -13.94 19.74 73.99
C GLU S 208 -14.72 21.00 74.29
N LEU S 209 -15.75 20.88 75.12
CA LEU S 209 -16.48 22.04 75.57
C LEU S 209 -15.61 22.88 76.50
N SER S 210 -15.91 24.18 76.56
CA SER S 210 -15.28 25.04 77.55
C SER S 210 -15.68 24.67 78.97
N SER S 211 -16.83 24.04 79.15
CA SER S 211 -17.19 23.42 80.41
C SER S 211 -16.31 22.22 80.73
N GLY S 212 -15.66 21.62 79.73
CA GLY S 212 -14.75 20.51 79.98
C GLY S 212 -15.32 19.17 79.58
N ASP S 213 -15.99 19.11 78.43
CA ASP S 213 -16.55 17.87 77.93
C ASP S 213 -16.14 17.70 76.47
N LYS S 214 -15.40 16.63 76.20
CA LYS S 214 -14.97 16.30 74.84
C LYS S 214 -16.12 15.61 74.12
N VAL S 215 -17.11 16.38 73.71
CA VAL S 215 -18.23 15.86 72.97
C VAL S 215 -17.81 15.63 71.52
N ASN S 216 -18.58 14.84 70.81
CA ASN S 216 -18.24 14.51 69.43
C ASN S 216 -18.90 15.43 68.42
N GLY S 217 -19.92 16.18 68.83
CA GLY S 217 -20.65 17.01 67.91
C GLY S 217 -21.71 16.21 67.17
N LEU S 218 -22.94 16.73 67.14
CA LEU S 218 -24.03 15.94 66.58
C LEU S 218 -23.99 15.90 65.06
N GLU S 219 -23.46 16.94 64.42
CA GLU S 219 -23.39 16.94 62.96
C GLU S 219 -22.50 15.84 62.39
N PRO S 220 -21.29 15.55 62.90
CA PRO S 220 -20.57 14.38 62.35
C PRO S 220 -21.20 13.06 62.72
N GLN S 221 -21.94 12.98 63.81
CA GLN S 221 -22.65 11.75 64.12
C GLN S 221 -23.78 11.51 63.14
N VAL S 222 -24.52 12.57 62.83
CA VAL S 222 -25.55 12.51 61.80
C VAL S 222 -24.93 12.24 60.44
N LYS S 223 -23.75 12.81 60.20
CA LYS S 223 -23.05 12.56 58.95
C LYS S 223 -22.60 11.11 58.85
N THR S 224 -22.19 10.53 59.98
CA THR S 224 -21.77 9.15 60.02
C THR S 224 -22.95 8.22 59.78
N LYS S 225 -24.08 8.50 60.42
CA LYS S 225 -25.26 7.69 60.18
C LYS S 225 -25.83 7.93 58.79
N TYR S 226 -25.57 9.10 58.20
CA TYR S 226 -25.87 9.32 56.79
C TYR S 226 -24.96 8.49 55.91
N ASP S 227 -23.71 8.31 56.32
CA ASP S 227 -22.81 7.45 55.57
C ASP S 227 -23.23 6.00 55.69
N LEU S 228 -23.81 5.64 56.84
CA LEU S 228 -24.45 4.34 56.99
C LEU S 228 -25.60 4.20 56.02
N MET S 229 -26.55 5.12 56.09
CA MET S 229 -27.69 5.10 55.17
C MET S 229 -27.32 5.40 53.71
N GLU S 230 -26.06 5.71 53.42
CA GLU S 230 -25.53 5.74 52.08
C GLU S 230 -24.93 4.39 51.67
N LYS S 231 -24.17 3.77 52.56
CA LYS S 231 -23.46 2.53 52.25
C LYS S 231 -23.89 1.34 53.08
N SER S 232 -23.95 1.47 54.40
CA SER S 232 -24.43 0.41 55.27
C SER S 232 -25.94 0.30 55.26
N ASN S 233 -26.61 1.18 54.51
CA ASN S 233 -28.00 0.95 54.13
C ASN S 233 -28.17 -0.37 53.38
N MET S 234 -27.15 -0.75 52.60
CA MET S 234 -27.01 -2.06 51.98
C MET S 234 -28.11 -2.34 50.97
N ARG S 235 -28.36 -1.37 50.09
CA ARG S 235 -29.20 -1.58 48.93
C ARG S 235 -28.64 -2.67 48.02
N LYS S 236 -27.31 -2.79 47.95
CA LYS S 236 -26.69 -3.91 47.27
C LYS S 236 -27.04 -5.23 47.95
N SER S 237 -27.15 -5.23 49.28
CA SER S 237 -27.62 -6.44 49.94
C SER S 237 -29.10 -6.68 49.73
N ILE S 238 -29.88 -5.62 49.51
CA ILE S 238 -31.27 -5.82 49.10
C ILE S 238 -31.32 -6.49 47.74
N LYS S 239 -30.44 -6.05 46.83
CA LYS S 239 -30.31 -6.69 45.51
C LYS S 239 -29.91 -8.15 45.63
N GLU S 240 -28.89 -8.42 46.44
CA GLU S 240 -28.38 -9.78 46.59
C GLU S 240 -29.35 -10.67 47.34
N LEU S 241 -30.13 -10.11 48.26
CA LEU S 241 -31.13 -10.90 48.94
C LEU S 241 -32.35 -11.15 48.06
N ASP S 242 -32.69 -10.24 47.17
CA ASP S 242 -33.70 -10.55 46.16
C ASP S 242 -33.18 -11.59 45.18
N GLU S 243 -31.88 -11.56 44.91
CA GLU S 243 -31.26 -12.62 44.12
C GLU S 243 -31.31 -13.95 44.87
N LYS S 244 -31.13 -13.90 46.18
CA LYS S 244 -31.28 -15.10 47.01
C LYS S 244 -32.70 -15.62 46.96
N ILE S 245 -33.68 -14.70 47.00
CA ILE S 245 -35.09 -15.07 46.88
C ILE S 245 -35.34 -15.77 45.55
N LYS S 246 -34.87 -15.18 44.45
CA LYS S 246 -35.19 -15.75 43.15
C LYS S 246 -34.43 -17.04 42.89
N GLU S 247 -33.24 -17.21 43.50
CA GLU S 247 -32.52 -18.45 43.35
C GLU S 247 -33.17 -19.57 44.14
N LYS S 248 -33.53 -19.30 45.41
CA LYS S 248 -34.25 -20.28 46.20
C LYS S 248 -35.62 -20.59 45.61
N ARG S 249 -36.29 -19.56 45.07
CA ARG S 249 -37.59 -19.74 44.47
C ARG S 249 -37.49 -20.55 43.19
N GLN S 250 -36.46 -20.31 42.40
CA GLN S 250 -36.23 -21.09 41.20
C GLN S 250 -35.95 -22.54 41.54
N ARG S 251 -35.14 -22.79 42.57
CA ARG S 251 -34.85 -24.15 43.00
C ARG S 251 -36.11 -24.86 43.48
N ILE S 252 -36.92 -24.17 44.29
CA ILE S 252 -38.08 -24.84 44.83
C ILE S 252 -39.21 -24.95 43.82
N GLU S 253 -39.24 -24.11 42.78
CA GLU S 253 -40.22 -24.34 41.74
C GLU S 253 -39.79 -25.44 40.77
N GLN S 254 -38.47 -25.59 40.57
CA GLN S 254 -37.96 -26.83 39.99
C GLN S 254 -38.39 -28.02 40.82
N LEU S 255 -38.35 -27.88 42.14
CA LEU S 255 -38.83 -28.93 43.04
C LEU S 255 -40.34 -29.13 42.92
N LYS S 256 -41.09 -28.07 42.62
CA LYS S 256 -42.53 -28.19 42.40
C LYS S 256 -42.82 -29.03 41.16
N LYS S 257 -42.16 -28.70 40.05
CA LYS S 257 -42.36 -29.45 38.80
C LYS S 257 -41.88 -30.89 38.96
N ASP S 258 -40.71 -31.05 39.59
CA ASP S 258 -40.23 -32.38 39.96
C ASP S 258 -41.23 -33.11 40.82
N TYR S 259 -41.86 -32.43 41.76
CA TYR S 259 -42.80 -33.08 42.68
C TYR S 259 -44.07 -33.53 41.97
N ASP S 260 -44.56 -32.75 41.02
CA ASP S 260 -45.69 -33.19 40.22
C ASP S 260 -45.32 -34.44 39.43
N LYS S 261 -44.10 -34.45 38.88
CA LYS S 261 -43.64 -35.67 38.20
C LYS S 261 -43.40 -36.81 39.20
N PHE S 262 -43.05 -36.47 40.46
CA PHE S 262 -42.83 -37.47 41.50
C PHE S 262 -44.12 -38.17 41.84
N VAL S 263 -45.19 -37.41 42.05
CA VAL S 263 -46.46 -38.03 42.40
C VAL S 263 -47.03 -38.76 41.20
N GLY S 264 -46.78 -38.27 39.98
CA GLY S 264 -47.19 -39.03 38.79
C GLY S 264 -46.53 -40.38 38.70
N LEU S 265 -45.19 -40.42 38.82
CA LEU S 265 -44.48 -41.69 38.73
C LEU S 265 -44.73 -42.60 39.92
N SER S 266 -44.92 -42.02 41.12
CA SER S 266 -45.24 -42.83 42.28
C SER S 266 -46.62 -43.46 42.14
N PHE S 267 -47.56 -42.75 41.52
CA PHE S 267 -48.88 -43.33 41.36
C PHE S 267 -48.89 -44.38 40.26
N THR S 268 -48.04 -44.23 39.23
CA THR S 268 -47.89 -45.29 38.24
C THR S 268 -47.26 -46.53 38.86
N GLY S 269 -46.23 -46.34 39.68
CA GLY S 269 -45.66 -47.44 40.43
C GLY S 269 -46.61 -48.04 41.44
N ALA S 270 -47.60 -47.26 41.88
CA ALA S 270 -48.66 -47.80 42.72
C ALA S 270 -49.56 -48.73 41.93
N ILE S 271 -50.23 -48.20 40.91
CA ILE S 271 -51.45 -48.82 40.38
C ILE S 271 -51.19 -50.06 39.53
N GLY S 272 -49.93 -50.50 39.42
CA GLY S 272 -49.60 -51.70 38.69
C GLY S 272 -50.17 -52.98 39.29
N GLY S 273 -49.66 -53.38 40.44
CA GLY S 273 -50.07 -54.64 41.03
C GLY S 273 -50.02 -54.56 42.55
N ILE S 274 -50.09 -55.74 43.17
CA ILE S 274 -50.23 -55.84 44.63
C ILE S 274 -48.96 -55.36 45.32
N ILE S 275 -47.83 -56.02 45.05
CA ILE S 275 -46.57 -55.62 45.66
C ILE S 275 -46.07 -54.30 45.10
N ALA S 276 -46.54 -53.90 43.91
CA ALA S 276 -46.24 -52.59 43.36
C ALA S 276 -46.85 -51.49 44.21
N MET S 277 -48.17 -51.59 44.45
CA MET S 277 -48.88 -50.80 45.45
C MET S 277 -48.12 -50.78 46.77
N ALA S 278 -47.71 -51.95 47.24
CA ALA S 278 -47.03 -52.09 48.53
C ALA S 278 -45.76 -51.27 48.60
N ILE S 279 -44.80 -51.54 47.70
CA ILE S 279 -43.49 -50.92 47.82
C ILE S 279 -43.55 -49.43 47.47
N THR S 280 -44.35 -49.05 46.47
CA THR S 280 -44.33 -47.66 46.03
C THR S 280 -45.17 -46.78 46.94
N GLY S 281 -46.35 -47.25 47.38
CA GLY S 281 -47.11 -46.50 48.35
C GLY S 281 -46.47 -46.48 49.73
N GLY S 282 -45.63 -47.45 50.04
CA GLY S 282 -44.87 -47.39 51.26
C GLY S 282 -43.80 -46.33 51.18
N ILE S 283 -43.00 -46.36 50.11
CA ILE S 283 -41.88 -45.43 50.02
C ILE S 283 -42.35 -44.05 49.61
N PHE S 284 -42.85 -43.93 48.38
CA PHE S 284 -43.12 -42.61 47.84
C PHE S 284 -44.51 -42.12 48.17
N GLY S 285 -45.41 -42.99 48.63
CA GLY S 285 -46.62 -42.50 49.25
C GLY S 285 -46.34 -41.67 50.49
N ALA S 286 -45.31 -42.06 51.25
CA ALA S 286 -44.87 -41.23 52.36
C ALA S 286 -43.98 -40.10 51.90
N LYS S 287 -43.10 -40.36 50.94
CA LYS S 287 -42.15 -39.35 50.48
C LYS S 287 -42.85 -38.19 49.77
N ALA S 288 -43.98 -38.45 49.13
CA ALA S 288 -44.74 -37.39 48.50
C ALA S 288 -45.25 -36.40 49.53
N GLU S 289 -45.86 -36.90 50.60
CA GLU S 289 -46.33 -36.05 51.68
C GLU S 289 -45.19 -35.35 52.38
N ASN S 290 -44.08 -36.06 52.60
CA ASN S 290 -42.96 -35.48 53.34
C ASN S 290 -42.25 -34.40 52.55
N ALA S 291 -41.89 -34.71 51.30
CA ALA S 291 -41.26 -33.74 50.43
C ALA S 291 -42.20 -32.60 50.07
N ARG S 292 -43.51 -32.86 50.05
CA ARG S 292 -44.46 -31.82 49.77
C ARG S 292 -44.57 -30.85 50.94
N LYS S 293 -44.60 -31.37 52.16
CA LYS S 293 -44.68 -30.51 53.33
C LYS S 293 -43.40 -29.71 53.52
N GLU S 294 -42.26 -30.36 53.31
CA GLU S 294 -40.98 -29.66 53.35
C GLU S 294 -40.88 -28.61 52.26
N LYS S 295 -41.37 -28.95 51.07
CA LYS S 295 -41.37 -28.05 49.93
C LYS S 295 -42.28 -26.85 50.17
N ASN S 296 -43.43 -27.07 50.78
CA ASN S 296 -44.33 -25.96 51.06
C ASN S 296 -43.83 -25.13 52.23
N ALA S 297 -43.07 -25.75 53.13
CA ALA S 297 -42.34 -24.97 54.12
C ALA S 297 -41.31 -24.08 53.46
N LEU S 298 -40.65 -24.58 52.41
CA LEU S 298 -39.72 -23.74 51.65
C LEU S 298 -40.45 -22.64 50.90
N ILE S 299 -41.64 -22.95 50.38
CA ILE S 299 -42.52 -21.94 49.78
C ILE S 299 -42.81 -20.83 50.78
N SER S 300 -43.16 -21.21 52.00
CA SER S 300 -43.44 -20.25 53.06
C SER S 300 -42.21 -19.44 53.43
N GLU S 301 -41.04 -20.08 53.44
CA GLU S 301 -39.81 -19.38 53.78
C GLU S 301 -39.45 -18.33 52.73
N VAL S 302 -39.54 -18.70 51.46
CA VAL S 302 -39.21 -17.72 50.42
C VAL S 302 -40.29 -16.66 50.34
N ALA S 303 -41.54 -17.01 50.65
CA ALA S 303 -42.59 -16.01 50.75
C ALA S 303 -42.37 -15.07 51.91
N GLU S 304 -41.78 -15.54 53.01
CA GLU S 304 -41.45 -14.65 54.11
C GLU S 304 -40.24 -13.79 53.80
N LEU S 305 -39.30 -14.31 53.01
CA LEU S 305 -38.19 -13.49 52.57
C LEU S 305 -38.66 -12.38 51.65
N GLU S 306 -39.64 -12.69 50.79
CA GLU S 306 -40.34 -11.66 50.04
C GLU S 306 -41.03 -10.69 50.99
N SER S 307 -41.71 -11.23 51.99
CA SER S 307 -42.31 -10.45 53.04
C SER S 307 -41.28 -9.79 53.95
N LYS S 308 -40.06 -10.28 53.96
CA LYS S 308 -39.06 -9.50 54.66
C LYS S 308 -38.31 -8.56 53.75
N VAL S 309 -37.54 -9.08 52.81
CA VAL S 309 -36.57 -8.23 52.12
C VAL S 309 -37.02 -7.79 50.74
N SER S 310 -37.94 -8.48 50.07
CA SER S 310 -38.65 -7.81 48.98
C SER S 310 -39.64 -6.79 49.52
N SER S 311 -40.08 -6.94 50.77
CA SER S 311 -40.72 -5.84 51.46
C SER S 311 -39.69 -4.82 51.93
N GLN S 312 -38.46 -5.25 52.21
CA GLN S 312 -37.45 -4.26 52.50
C GLN S 312 -36.88 -3.63 51.25
N ARG S 313 -37.35 -3.98 50.06
CA ARG S 313 -37.18 -3.10 48.92
C ARG S 313 -37.85 -1.76 49.17
N ALA S 314 -39.14 -1.80 49.51
CA ALA S 314 -39.86 -0.57 49.82
C ALA S 314 -39.42 0.04 51.14
N LEU S 315 -39.07 -0.80 52.13
CA LEU S 315 -38.53 -0.27 53.37
C LEU S 315 -37.17 0.38 53.15
N GLN S 316 -36.36 -0.19 52.25
CA GLN S 316 -35.11 0.41 51.84
C GLN S 316 -35.34 1.73 51.13
N THR S 317 -36.39 1.79 50.32
CA THR S 317 -36.74 3.03 49.65
C THR S 317 -37.15 4.11 50.66
N ALA S 318 -37.88 3.70 51.70
CA ALA S 318 -38.22 4.62 52.78
C ALA S 318 -36.97 5.06 53.53
N LEU S 319 -36.01 4.15 53.70
CA LEU S 319 -34.73 4.52 54.27
C LEU S 319 -33.96 5.47 53.38
N GLU S 320 -34.12 5.34 52.07
CA GLU S 320 -33.46 6.24 51.14
C GLU S 320 -34.07 7.62 51.19
N ALA S 321 -35.39 7.69 51.33
CA ALA S 321 -36.03 8.99 51.56
C ALA S 321 -35.66 9.56 52.91
N LEU S 322 -35.45 8.70 53.90
CA LEU S 322 -35.01 9.16 55.21
C LEU S 322 -33.58 9.68 55.14
N SER S 323 -32.74 9.03 54.35
CA SER S 323 -31.38 9.49 54.14
C SER S 323 -31.36 10.79 53.34
N LEU S 324 -32.32 10.96 52.43
CA LEU S 324 -32.52 12.24 51.77
C LEU S 324 -32.86 13.33 52.77
N SER S 325 -33.78 13.03 53.69
CA SER S 325 -34.16 13.97 54.74
C SER S 325 -32.96 14.29 55.64
N PHE S 326 -32.16 13.27 55.92
CA PHE S 326 -30.97 13.45 56.76
C PHE S 326 -29.93 14.28 56.04
N SER S 327 -29.82 14.11 54.73
CA SER S 327 -28.90 14.91 53.94
C SER S 327 -29.34 16.37 53.94
N ASP S 328 -30.66 16.59 53.88
CA ASP S 328 -31.19 17.94 54.00
C ASP S 328 -30.85 18.55 55.35
N ILE S 329 -31.08 17.79 56.42
CA ILE S 329 -30.79 18.24 57.78
C ILE S 329 -29.31 18.54 57.93
N GLY S 330 -28.45 17.73 57.32
CA GLY S 330 -27.02 17.97 57.38
C GLY S 330 -26.58 19.18 56.60
N ILE S 331 -27.24 19.44 55.46
CA ILE S 331 -26.99 20.68 54.72
C ILE S 331 -27.33 21.89 55.57
N ARG S 332 -28.47 21.83 56.25
CA ARG S 332 -28.86 22.97 57.08
C ARG S 332 -28.00 23.05 58.34
N MET S 333 -27.42 21.93 58.77
CA MET S 333 -26.43 21.98 59.84
C MET S 333 -25.15 22.64 59.38
N VAL S 334 -24.75 22.42 58.13
CA VAL S 334 -23.59 23.12 57.57
C VAL S 334 -23.88 24.61 57.46
N ASP S 335 -25.12 24.95 57.12
CA ASP S 335 -25.55 26.34 57.08
C ASP S 335 -25.47 26.98 58.46
N ALA S 336 -25.96 26.26 59.47
CA ALA S 336 -25.85 26.71 60.85
C ALA S 336 -24.40 26.75 61.32
N GLU S 337 -23.56 25.91 60.74
CA GLU S 337 -22.14 25.91 61.10
C GLU S 337 -21.47 27.17 60.61
N SER S 338 -21.74 27.57 59.36
CA SER S 338 -21.24 28.85 58.88
C SER S 338 -21.85 30.01 59.63
N ALA S 339 -23.12 29.86 60.03
CA ALA S 339 -23.81 30.88 60.84
C ALA S 339 -23.08 31.09 62.16
N LEU S 340 -22.80 29.99 62.87
CA LEU S 340 -22.07 30.07 64.12
C LEU S 340 -20.62 30.47 63.91
N ASN S 341 -20.06 30.20 62.73
CA ASN S 341 -18.72 30.67 62.41
C ASN S 341 -18.65 32.19 62.40
N HIS S 342 -19.49 32.81 61.55
CA HIS S 342 -19.53 34.27 61.48
C HIS S 342 -19.98 34.87 62.81
N LEU S 343 -20.93 34.20 63.47
CA LEU S 343 -21.46 34.67 64.73
C LEU S 343 -20.41 34.67 65.83
N ASP S 344 -19.75 33.53 66.03
CA ASP S 344 -18.77 33.39 67.09
C ASP S 344 -17.53 34.22 66.79
N PHE S 345 -17.22 34.46 65.52
CA PHE S 345 -16.13 35.38 65.22
C PHE S 345 -16.50 36.81 65.58
N MET S 346 -17.77 37.19 65.38
CA MET S 346 -18.25 38.47 65.88
C MET S 346 -18.14 38.55 67.40
N TRP S 347 -18.55 37.49 68.10
CA TRP S 347 -18.49 37.49 69.56
C TRP S 347 -17.07 37.58 70.05
N LEU S 348 -16.16 36.91 69.36
CA LEU S 348 -14.74 37.03 69.66
C LEU S 348 -14.26 38.46 69.44
N SER S 349 -14.71 39.11 68.37
CA SER S 349 -14.34 40.50 68.13
C SER S 349 -14.85 41.43 69.22
N VAL S 350 -16.05 41.14 69.73
CA VAL S 350 -16.63 41.90 70.83
C VAL S 350 -15.76 41.77 72.07
N LEU S 351 -15.46 40.53 72.46
CA LEU S 351 -14.63 40.29 73.64
C LEU S 351 -13.21 40.82 73.45
N ASN S 352 -12.72 40.79 72.21
CA ASN S 352 -11.45 41.40 71.86
C ASN S 352 -11.43 42.87 72.21
N GLN S 353 -12.41 43.62 71.70
CA GLN S 353 -12.42 45.06 71.91
C GLN S 353 -12.68 45.40 73.37
N ILE S 354 -13.40 44.53 74.09
CA ILE S 354 -13.54 44.70 75.54
C ILE S 354 -12.18 44.59 76.22
N THR S 355 -11.40 43.57 75.86
CA THR S 355 -10.08 43.41 76.45
C THR S 355 -9.13 44.54 76.03
N GLU S 356 -9.29 45.03 74.80
CA GLU S 356 -8.56 46.20 74.32
C GLU S 356 -8.81 47.40 75.22
N SER S 357 -10.06 47.59 75.61
CA SER S 357 -10.38 48.64 76.56
C SER S 357 -9.77 48.34 77.93
N GLN S 358 -9.91 47.11 78.41
CA GLN S 358 -9.60 46.79 79.80
C GLN S 358 -8.12 46.79 80.12
N ILE S 359 -7.27 46.44 79.16
CA ILE S 359 -5.83 46.48 79.37
C ILE S 359 -5.39 47.92 79.66
N GLN S 360 -5.86 48.84 78.84
CA GLN S 360 -5.57 50.25 79.04
C GLN S 360 -6.35 50.85 80.19
N PHE S 361 -7.44 50.19 80.60
CA PHE S 361 -8.14 50.60 81.82
C PHE S 361 -7.33 50.24 83.05
N ALA S 362 -6.57 49.15 82.97
CA ALA S 362 -5.67 48.78 84.05
C ALA S 362 -4.52 49.77 84.19
N MET S 363 -4.18 50.47 83.12
CA MET S 363 -3.14 51.48 83.14
C MET S 363 -3.53 52.74 83.89
N ILE S 364 -4.81 52.92 84.20
CA ILE S 364 -5.32 54.15 84.77
C ILE S 364 -4.92 54.23 86.24
N ASN S 365 -4.31 55.35 86.63
CA ASN S 365 -3.85 55.58 88.00
C ASN S 365 -4.11 57.04 88.36
N ASN S 366 -3.46 57.51 89.42
CA ASN S 366 -3.49 58.92 89.78
C ASN S 366 -2.31 59.69 89.19
N ALA S 367 -1.49 59.03 88.37
CA ALA S 367 -0.39 59.67 87.67
C ALA S 367 -0.78 60.02 86.24
N LEU S 368 -2.02 60.44 86.03
CA LEU S 368 -2.51 60.81 84.71
C LEU S 368 -2.12 62.25 84.42
N ARG S 369 -0.97 62.43 83.78
CA ARG S 369 -0.42 63.76 83.52
C ARG S 369 -1.10 64.36 82.29
N LEU S 370 -0.52 65.42 81.75
CA LEU S 370 -1.14 66.19 80.68
C LEU S 370 -1.33 65.39 79.39
N THR S 371 -0.23 65.12 78.70
CA THR S 371 -0.38 64.36 77.47
C THR S 371 -0.44 62.87 77.75
N SER S 372 0.01 62.45 78.93
CA SER S 372 -0.22 61.08 79.37
C SER S 372 -1.71 60.81 79.48
N PHE S 373 -2.46 61.77 80.02
CA PHE S 373 -3.90 61.60 80.10
C PHE S 373 -4.57 61.87 78.77
N VAL S 374 -3.96 62.68 77.90
CA VAL S 374 -4.45 62.79 76.52
C VAL S 374 -4.36 61.44 75.82
N ASN S 375 -3.23 60.75 75.99
CA ASN S 375 -3.06 59.44 75.40
C ASN S 375 -3.97 58.42 76.06
N LYS S 376 -4.19 58.55 77.37
CA LYS S 376 -5.07 57.63 78.08
C LYS S 376 -6.52 57.85 77.70
N PHE S 377 -6.92 59.11 77.58
CA PHE S 377 -8.18 59.53 76.99
C PHE S 377 -8.41 58.88 75.63
N GLN S 378 -7.37 58.89 74.79
CA GLN S 378 -7.46 58.24 73.48
C GLN S 378 -7.58 56.72 73.61
N GLN S 379 -6.82 56.13 74.53
CA GLN S 379 -6.89 54.70 74.79
C GLN S 379 -8.28 54.28 75.26
N VAL S 380 -8.93 55.15 76.02
CA VAL S 380 -10.31 54.91 76.42
C VAL S 380 -11.23 54.96 75.21
N ILE S 381 -11.21 56.08 74.48
CA ILE S 381 -12.22 56.30 73.44
C ILE S 381 -12.02 55.47 72.20
N THR S 382 -10.87 54.85 72.02
CA THR S 382 -10.60 54.19 70.74
C THR S 382 -11.39 52.89 70.50
N PRO S 383 -11.44 51.89 71.39
CA PRO S 383 -12.13 50.65 71.02
C PRO S 383 -13.63 50.79 70.99
N TRP S 384 -14.19 51.70 71.78
CA TRP S 384 -15.63 51.75 71.94
C TRP S 384 -16.34 52.31 70.72
N GLN S 385 -15.60 53.02 69.86
CA GLN S 385 -16.15 53.40 68.57
C GLN S 385 -16.46 52.17 67.73
N SER S 386 -15.49 51.25 67.62
CA SER S 386 -15.72 50.01 66.88
C SER S 386 -16.74 49.12 67.58
N VAL S 387 -16.76 49.17 68.91
CA VAL S 387 -17.78 48.45 69.68
C VAL S 387 -19.17 48.92 69.29
N GLY S 388 -19.38 50.24 69.30
CA GLY S 388 -20.67 50.78 68.92
C GLY S 388 -21.03 50.53 67.47
N ASP S 389 -20.04 50.54 66.58
CA ASP S 389 -20.30 50.27 65.16
C ASP S 389 -20.80 48.85 64.96
N SER S 390 -20.05 47.87 65.49
CA SER S 390 -20.45 46.48 65.40
C SER S 390 -21.76 46.22 66.12
N ALA S 391 -22.01 46.95 67.21
CA ALA S 391 -23.22 46.74 67.99
C ALA S 391 -24.44 47.26 67.26
N ARG S 392 -24.33 48.42 66.61
CA ARG S 392 -25.48 48.95 65.88
C ARG S 392 -25.76 48.12 64.62
N GLN S 393 -24.70 47.69 63.94
CA GLN S 393 -24.89 46.77 62.82
C GLN S 393 -25.52 45.46 63.29
N LEU S 394 -25.16 45.02 64.48
CA LEU S 394 -25.68 43.78 65.01
C LEU S 394 -27.14 43.93 65.41
N VAL S 395 -27.51 45.08 65.97
CA VAL S 395 -28.91 45.40 66.27
C VAL S 395 -29.73 45.45 64.99
N ASP S 396 -29.14 45.93 63.90
CA ASP S 396 -29.81 45.89 62.61
C ASP S 396 -30.02 44.45 62.13
N ILE S 397 -29.02 43.58 62.33
CA ILE S 397 -29.15 42.16 62.01
C ILE S 397 -30.27 41.54 62.83
N PHE S 398 -30.37 41.93 64.09
CA PHE S 398 -31.44 41.47 64.97
C PHE S 398 -32.79 41.92 64.46
N ASP S 399 -32.87 43.17 64.01
CA ASP S 399 -34.16 43.77 63.71
C ASP S 399 -34.71 43.26 62.39
N GLU S 400 -33.86 43.12 61.37
CA GLU S 400 -34.36 42.83 60.04
C GLU S 400 -34.84 41.39 59.89
N ALA S 401 -34.41 40.49 60.77
CA ALA S 401 -34.84 39.11 60.67
C ALA S 401 -36.24 38.93 61.24
N ILE S 402 -36.72 39.91 61.99
CA ILE S 402 -38.00 39.79 62.70
C ILE S 402 -39.15 39.74 61.71
N LYS S 403 -39.07 40.54 60.65
CA LYS S 403 -40.15 40.54 59.67
C LYS S 403 -40.12 39.32 58.77
N GLU S 404 -39.02 38.58 58.77
CA GLU S 404 -38.85 37.46 57.86
C GLU S 404 -39.78 36.31 58.19
N TYR S 405 -40.18 36.19 59.46
CA TYR S 405 -41.02 35.08 59.88
C TYR S 405 -42.43 35.20 59.32
N LYS S 406 -43.04 36.38 59.45
CA LYS S 406 -44.41 36.56 58.99
C LYS S 406 -44.47 36.58 57.47
N LYS S 407 -43.39 36.99 56.82
CA LYS S 407 -43.35 36.95 55.37
C LYS S 407 -43.25 35.53 54.85
N VAL S 408 -42.51 34.68 55.56
CA VAL S 408 -42.17 33.37 54.98
C VAL S 408 -42.84 32.25 55.75
N TYR S 409 -42.58 32.18 57.06
CA TYR S 409 -43.11 31.09 57.86
C TYR S 409 -44.61 31.28 58.06
N LEU T 12 8.67 40.00 54.91
CA LEU T 12 8.89 39.86 53.48
C LEU T 12 7.58 39.54 52.77
N SER T 13 7.63 38.59 51.84
CA SER T 13 6.46 38.20 51.08
C SER T 13 5.48 37.45 51.97
N TYR T 14 4.20 37.51 51.60
CA TYR T 14 3.13 36.81 52.33
C TYR T 14 2.52 35.80 51.39
N PRO T 15 2.99 34.56 51.38
CA PRO T 15 2.45 33.55 50.46
C PRO T 15 1.04 33.12 50.86
N ASP T 16 0.36 32.50 49.91
CA ASP T 16 -1.04 32.11 50.08
C ASP T 16 -1.13 30.97 51.07
N ILE T 17 -2.14 31.04 51.93
CA ILE T 17 -2.41 30.02 52.95
C ILE T 17 -3.87 29.65 52.75
N ASN T 18 -4.12 28.62 51.95
CA ASN T 18 -5.47 28.36 51.46
C ASN T 18 -6.30 27.69 52.55
N PHE T 19 -7.10 28.49 53.26
CA PHE T 19 -7.99 27.93 54.26
C PHE T 19 -9.17 27.17 53.70
N LYS T 20 -9.41 27.24 52.39
CA LYS T 20 -10.37 26.33 51.78
C LYS T 20 -9.88 24.90 51.88
N ILE T 21 -8.61 24.68 51.52
CA ILE T 21 -7.99 23.37 51.67
C ILE T 21 -7.92 22.98 53.14
N PHE T 22 -7.66 23.96 54.01
CA PHE T 22 -7.55 23.70 55.44
C PHE T 22 -8.88 23.24 56.04
N SER T 23 -9.95 23.99 55.79
CA SER T 23 -11.26 23.63 56.30
C SER T 23 -11.76 22.36 55.64
N GLN T 24 -11.38 22.12 54.39
CA GLN T 24 -11.69 20.86 53.72
C GLN T 24 -11.02 19.69 54.42
N GLY T 25 -9.75 19.86 54.79
CA GLY T 25 -9.06 18.79 55.48
C GLY T 25 -9.59 18.55 56.88
N VAL T 26 -9.97 19.62 57.57
CA VAL T 26 -10.60 19.49 58.89
C VAL T 26 -11.93 18.75 58.78
N LYS T 27 -12.73 19.10 57.76
CA LYS T 27 -13.99 18.41 57.51
C LYS T 27 -13.76 16.96 57.13
N ASN T 28 -12.67 16.66 56.44
CA ASN T 28 -12.39 15.27 56.07
C ASN T 28 -11.93 14.47 57.28
N ILE T 29 -11.14 15.07 58.15
CA ILE T 29 -10.66 14.40 59.36
C ILE T 29 -11.82 14.11 60.28
N SER T 30 -12.63 15.13 60.57
CA SER T 30 -13.84 14.94 61.36
C SER T 30 -14.83 14.01 60.66
N HIS T 31 -14.82 14.01 59.33
CA HIS T 31 -15.62 13.14 58.51
C HIS T 31 -15.12 11.70 58.55
N LEU T 32 -13.82 11.50 58.56
CA LEU T 32 -13.29 10.15 58.55
C LEU T 32 -12.74 9.73 59.90
N ALA T 33 -13.13 10.42 60.97
CA ALA T 33 -12.64 10.09 62.31
C ALA T 33 -13.10 8.71 62.74
N GLN T 34 -14.41 8.53 62.90
CA GLN T 34 -14.94 7.27 63.42
C GLN T 34 -15.24 6.30 62.31
N PHE T 35 -14.28 6.05 61.42
CA PHE T 35 -14.53 5.23 60.25
C PHE T 35 -14.15 3.78 60.46
N LYS T 36 -12.88 3.51 60.71
CA LYS T 36 -12.32 2.16 60.59
C LYS T 36 -12.56 1.38 61.87
N THR T 37 -13.48 0.43 61.82
CA THR T 37 -13.73 -0.49 62.92
C THR T 37 -13.37 -1.89 62.42
N THR T 38 -12.09 -2.24 62.46
CA THR T 38 -11.61 -3.48 61.85
C THR T 38 -10.88 -4.40 62.82
N GLY T 39 -10.03 -3.84 63.69
CA GLY T 39 -9.26 -4.68 64.57
C GLY T 39 -7.86 -4.19 64.89
N VAL T 40 -7.32 -3.29 64.06
CA VAL T 40 -6.05 -2.67 64.42
C VAL T 40 -6.28 -1.60 65.47
N GLU T 41 -7.03 -0.55 65.11
CA GLU T 41 -7.78 0.36 65.96
C GLU T 41 -6.90 1.31 66.77
N VAL T 42 -5.61 1.04 66.83
CA VAL T 42 -4.70 1.97 67.45
C VAL T 42 -4.30 3.01 66.41
N LEU T 43 -4.37 2.64 65.14
CA LEU T 43 -4.35 3.62 64.07
C LEU T 43 -5.54 4.56 64.17
N GLN T 44 -6.71 4.02 64.51
CA GLN T 44 -7.86 4.89 64.68
C GLN T 44 -7.74 5.72 65.94
N GLU T 45 -7.07 5.19 66.97
CA GLU T 45 -6.78 5.95 68.17
C GLU T 45 -5.86 7.13 67.85
N LYS T 46 -4.84 6.89 67.02
CA LYS T 46 -3.98 7.97 66.55
C LYS T 46 -4.75 8.96 65.68
N ALA T 47 -5.70 8.47 64.90
CA ALA T 47 -6.54 9.37 64.12
C ALA T 47 -7.41 10.23 65.02
N LEU T 48 -7.88 9.66 66.14
CA LEU T 48 -8.60 10.45 67.13
C LEU T 48 -7.71 11.51 67.74
N ARG T 49 -6.45 11.16 67.99
CA ARG T 49 -5.47 12.14 68.46
C ARG T 49 -5.30 13.26 67.45
N VAL T 50 -5.19 12.90 66.17
CA VAL T 50 -5.03 13.87 65.10
C VAL T 50 -6.24 14.77 65.01
N SER T 51 -7.43 14.21 65.16
CA SER T 51 -8.66 15.00 65.11
C SER T 51 -8.76 15.93 66.30
N LEU T 52 -8.35 15.45 67.47
CA LEU T 52 -8.34 16.29 68.67
C LEU T 52 -7.40 17.47 68.49
N TYR T 53 -6.17 17.21 68.08
CA TYR T 53 -5.23 18.30 67.86
C TYR T 53 -5.60 19.14 66.65
N SER T 54 -6.38 18.61 65.72
CA SER T 54 -6.78 19.36 64.55
C SER T 54 -7.86 20.38 64.91
N GLN T 55 -8.87 19.94 65.64
CA GLN T 55 -9.89 20.86 66.13
C GLN T 55 -9.30 21.83 67.13
N ARG T 56 -8.36 21.35 67.93
CA ARG T 56 -7.59 22.21 68.82
C ARG T 56 -6.81 23.26 68.04
N LEU T 57 -6.25 22.84 66.91
CA LEU T 57 -5.52 23.75 66.04
C LEU T 57 -6.45 24.78 65.42
N ASP T 58 -7.68 24.37 65.12
CA ASP T 58 -8.65 25.32 64.60
C ASP T 58 -9.01 26.35 65.67
N VAL T 59 -9.14 25.91 66.92
CA VAL T 59 -9.33 26.82 68.05
C VAL T 59 -8.16 27.79 68.14
N ILE T 60 -6.95 27.26 67.95
CA ILE T 60 -5.74 28.09 67.93
C ILE T 60 -5.81 29.12 66.79
N VAL T 61 -6.35 28.71 65.64
CA VAL T 61 -6.49 29.61 64.49
C VAL T 61 -7.45 30.74 64.82
N ARG T 62 -8.59 30.40 65.43
CA ARG T 62 -9.59 31.42 65.76
C ARG T 62 -9.07 32.38 66.82
N GLU T 63 -8.37 31.83 67.82
CA GLU T 63 -7.79 32.68 68.86
C GLU T 63 -6.65 33.51 68.33
N SER T 64 -5.94 33.01 67.33
CA SER T 64 -4.90 33.77 66.67
C SER T 64 -5.50 34.94 65.92
N LEU T 65 -6.60 34.71 65.22
CA LEU T 65 -7.34 35.78 64.56
C LEU T 65 -7.85 36.80 65.56
N SER T 66 -8.25 36.33 66.74
CA SER T 66 -8.73 37.23 67.78
C SER T 66 -7.63 38.15 68.26
N SER T 67 -6.47 37.58 68.60
CA SER T 67 -5.32 38.37 69.04
C SER T 67 -4.79 39.27 67.92
N LEU T 68 -4.89 38.81 66.68
CA LEU T 68 -4.50 39.63 65.54
C LEU T 68 -5.41 40.83 65.38
N GLN T 69 -6.72 40.66 65.60
CA GLN T 69 -7.61 41.81 65.55
C GLN T 69 -7.36 42.75 66.72
N VAL T 70 -7.04 42.18 67.89
CA VAL T 70 -6.61 42.96 69.05
C VAL T 70 -5.45 43.87 68.70
N LYS T 71 -4.41 43.29 68.11
CA LYS T 71 -3.21 44.07 67.87
C LYS T 71 -3.35 44.97 66.66
N LEU T 72 -4.16 44.60 65.68
CA LEU T 72 -4.44 45.51 64.58
C LEU T 72 -5.31 46.67 65.00
N GLU T 73 -6.04 46.55 66.10
CA GLU T 73 -6.74 47.74 66.58
C GLU T 73 -5.93 48.53 67.61
N ASN T 74 -4.97 47.90 68.28
CA ASN T 74 -4.19 48.61 69.29
C ASN T 74 -2.91 49.20 68.73
N THR T 75 -2.08 48.38 68.08
CA THR T 75 -0.88 48.91 67.44
C THR T 75 -1.23 49.76 66.23
N LEU T 76 -1.89 49.18 65.25
CA LEU T 76 -2.15 49.83 63.97
C LEU T 76 -3.17 50.95 64.12
N ALA T 77 -4.35 50.65 64.66
CA ALA T 77 -5.43 51.62 64.60
C ALA T 77 -5.30 52.72 65.64
N LEU T 78 -4.73 52.43 66.80
CA LEU T 78 -4.68 53.49 67.80
C LEU T 78 -3.56 54.46 67.46
N THR T 79 -3.74 55.71 67.88
CA THR T 79 -3.03 56.87 67.38
C THR T 79 -1.98 57.38 68.34
N TYR T 80 -1.19 56.46 68.93
CA TYR T 80 0.01 56.83 69.69
C TYR T 80 0.95 57.69 68.85
N PHE T 81 1.02 57.40 67.55
CA PHE T 81 1.77 58.20 66.59
C PHE T 81 1.36 59.68 66.62
N THR T 82 0.06 59.96 66.77
CA THR T 82 -0.38 61.34 66.86
C THR T 82 0.04 61.98 68.17
N THR T 83 0.09 61.19 69.25
CA THR T 83 0.61 61.72 70.50
C THR T 83 2.09 62.02 70.40
N LEU T 84 2.84 61.17 69.69
CA LEU T 84 4.25 61.43 69.43
C LEU T 84 4.42 62.72 68.63
N GLU T 85 3.57 62.92 67.62
CA GLU T 85 3.58 64.18 66.88
C GLU T 85 3.18 65.36 67.75
N GLU T 86 2.29 65.15 68.73
CA GLU T 86 1.87 66.24 69.59
C GLU T 86 2.99 66.66 70.53
N ILE T 87 3.73 65.70 71.09
CA ILE T 87 4.90 66.04 71.90
C ILE T 87 5.99 66.66 71.03
N ASP T 88 6.11 66.23 69.77
CA ASP T 88 7.05 66.86 68.85
C ASP T 88 6.68 68.32 68.60
N GLU T 89 5.38 68.61 68.44
CA GLU T 89 4.92 69.98 68.26
C GLU T 89 5.10 70.80 69.53
N ALA T 90 4.89 70.17 70.70
CA ALA T 90 5.08 70.87 71.96
C ALA T 90 6.54 71.18 72.22
N LEU T 91 7.44 70.37 71.67
CA LEU T 91 8.85 70.70 71.76
C LEU T 91 9.22 71.75 70.72
N ILE T 92 8.55 71.73 69.56
CA ILE T 92 8.64 72.84 68.61
C ILE T 92 8.10 74.12 69.24
N SER T 93 7.07 74.01 70.08
CA SER T 93 6.62 75.13 70.88
C SER T 93 7.71 75.53 71.88
N GLN T 94 8.05 76.81 71.86
CA GLN T 94 9.08 77.33 72.76
C GLN T 94 8.58 77.32 74.20
N ASP T 95 9.48 76.98 75.11
CA ASP T 95 9.06 76.62 76.46
C ASP T 95 10.24 76.77 77.42
N ILE T 96 9.91 77.04 78.68
CA ILE T 96 10.88 76.91 79.75
C ILE T 96 11.16 75.41 79.92
N ASP T 97 12.36 74.99 79.53
CA ASP T 97 12.71 73.58 79.44
C ASP T 97 12.88 72.90 80.79
N GLU T 98 12.79 73.65 81.89
CA GLU T 98 12.87 73.08 83.23
C GLU T 98 11.72 72.12 83.48
N GLU T 99 10.49 72.64 83.48
CA GLU T 99 9.33 71.80 83.73
C GLU T 99 8.88 71.10 82.45
N SER T 100 8.96 71.79 81.33
CA SER T 100 8.36 71.28 80.10
C SER T 100 9.17 70.16 79.49
N LYS T 101 10.38 70.49 79.02
CA LYS T 101 11.13 69.59 78.15
C LYS T 101 11.61 68.35 78.90
N SER T 102 11.86 68.48 80.20
CA SER T 102 12.14 67.32 81.04
C SER T 102 10.93 66.38 81.06
N GLU T 103 9.76 66.91 81.35
CA GLU T 103 8.57 66.08 81.38
C GLU T 103 8.12 65.69 79.98
N MET T 104 8.42 66.52 78.98
CA MET T 104 8.19 66.13 77.59
C MET T 104 9.03 64.92 77.22
N ARG T 105 10.28 64.88 77.70
CA ARG T 105 11.13 63.73 77.44
C ARG T 105 10.68 62.50 78.23
N LYS T 106 10.20 62.72 79.46
CA LYS T 106 9.66 61.61 80.25
C LYS T 106 8.42 61.02 79.61
N GLU T 107 7.59 61.85 79.01
CA GLU T 107 6.40 61.33 78.35
C GLU T 107 6.72 60.76 76.97
N ARG T 108 7.82 61.23 76.34
CA ARG T 108 8.40 60.50 75.22
C ARG T 108 8.76 59.09 75.62
N ILE T 109 9.47 58.95 76.74
CA ILE T 109 9.84 57.65 77.29
C ILE T 109 8.59 56.82 77.60
N ASN T 110 7.53 57.47 78.06
CA ASN T 110 6.29 56.76 78.37
C ASN T 110 5.61 56.23 77.11
N ILE T 111 5.55 57.03 76.05
CA ILE T 111 4.89 56.55 74.83
C ILE T 111 5.76 55.54 74.10
N ILE T 112 7.09 55.70 74.16
CA ILE T 112 7.99 54.67 73.64
C ILE T 112 7.86 53.39 74.45
N LYS T 113 7.61 53.52 75.75
CA LYS T 113 7.36 52.37 76.60
C LYS T 113 6.05 51.69 76.22
N ASN T 114 5.04 52.47 75.88
CA ASN T 114 3.77 51.91 75.43
C ASN T 114 3.93 51.17 74.10
N LEU T 115 4.72 51.75 73.20
CA LEU T 115 5.01 51.11 71.92
C LEU T 115 5.79 49.83 72.13
N SER T 116 6.74 49.84 73.06
CA SER T 116 7.49 48.63 73.36
C SER T 116 6.62 47.59 74.03
N ASN T 117 5.60 48.02 74.78
CA ASN T 117 4.62 47.08 75.30
C ASN T 117 3.81 46.46 74.17
N ASP T 118 3.53 47.24 73.13
CA ASP T 118 2.81 46.71 71.97
C ASP T 118 3.66 45.68 71.24
N ILE T 119 4.94 46.01 71.01
CA ILE T 119 5.90 45.07 70.44
C ILE T 119 6.05 43.84 71.33
N THR T 120 5.96 44.04 72.64
CA THR T 120 6.07 42.94 73.59
C THR T 120 4.87 42.01 73.47
N GLN T 121 3.68 42.58 73.31
CA GLN T 121 2.48 41.80 73.05
C GLN T 121 2.62 40.99 71.76
N LEU T 122 3.11 41.65 70.70
CA LEU T 122 3.40 41.01 69.42
C LEU T 122 4.30 39.79 69.60
N LYS T 123 5.48 40.03 70.19
CA LYS T 123 6.49 39.01 70.40
C LYS T 123 5.96 37.87 71.25
N GLN T 124 5.49 38.18 72.46
CA GLN T 124 5.06 37.18 73.42
C GLN T 124 3.92 36.32 72.88
N LEU T 125 2.81 36.96 72.48
CA LEU T 125 1.65 36.18 72.10
C LEU T 125 1.85 35.48 70.76
N PHE T 126 2.56 36.12 69.82
CA PHE T 126 2.66 35.49 68.52
C PHE T 126 3.70 34.39 68.51
N ILE T 127 4.84 34.57 69.19
CA ILE T 127 5.79 33.50 69.35
C ILE T 127 5.19 32.36 70.18
N GLU T 128 4.35 32.70 71.17
CA GLU T 128 3.70 31.68 71.98
C GLU T 128 2.74 30.84 71.16
N LYS T 129 1.87 31.48 70.38
CA LYS T 129 0.93 30.73 69.58
C LYS T 129 1.61 30.06 68.40
N THR T 130 2.73 30.62 67.94
CA THR T 130 3.50 29.98 66.88
C THR T 130 4.15 28.70 67.38
N GLU T 131 4.69 28.72 68.60
CA GLU T 131 5.23 27.51 69.18
C GLU T 131 4.12 26.53 69.55
N LEU T 132 2.92 27.04 69.83
CA LEU T 132 1.78 26.15 70.03
C LEU T 132 1.38 25.47 68.73
N LEU T 133 1.45 26.23 67.63
CA LEU T 133 1.29 25.66 66.30
C LEU T 133 2.36 24.63 66.01
N ASP T 134 3.58 24.86 66.51
CA ASP T 134 4.65 23.90 66.30
C ASP T 134 4.42 22.64 67.12
N LYS T 135 3.85 22.78 68.32
CA LYS T 135 3.46 21.64 69.13
C LYS T 135 2.40 20.82 68.41
N SER T 136 1.41 21.50 67.84
CA SER T 136 0.40 20.81 67.05
C SER T 136 0.99 20.24 65.76
N SER T 137 2.06 20.85 65.27
CA SER T 137 2.73 20.34 64.08
C SER T 137 3.48 19.06 64.39
N SER T 138 4.11 18.99 65.55
CA SER T 138 4.73 17.75 65.99
C SER T 138 3.68 16.72 66.33
N ASP T 139 2.49 17.17 66.72
CA ASP T 139 1.35 16.27 66.79
C ASP T 139 0.96 15.82 65.39
N LEU T 140 1.15 16.68 64.39
CA LEU T 140 0.67 16.38 63.05
C LEU T 140 1.79 15.79 62.19
N HIS T 141 2.84 16.56 61.96
CA HIS T 141 3.92 16.16 61.07
C HIS T 141 4.83 15.12 61.72
N ASN T 142 4.80 15.01 63.03
CA ASN T 142 5.71 14.08 63.67
C ASN T 142 5.00 12.94 64.38
N VAL T 143 3.71 12.77 64.17
CA VAL T 143 3.01 11.55 64.55
C VAL T 143 2.37 11.01 63.26
N VAL T 144 3.10 10.15 62.57
CA VAL T 144 2.69 9.67 61.24
C VAL T 144 2.78 8.16 61.26
N ILE T 145 1.89 7.49 60.53
CA ILE T 145 2.02 6.05 60.30
C ILE T 145 2.06 5.79 58.80
N ILE T 146 3.06 5.05 58.36
CA ILE T 146 3.19 4.75 56.93
C ILE T 146 3.42 3.27 56.71
N GLU T 147 4.43 2.72 57.40
CA GLU T 147 5.30 1.71 56.80
C GLU T 147 4.65 0.34 56.73
N GLY T 148 4.35 -0.28 57.87
CA GLY T 148 3.79 -1.63 57.84
C GLY T 148 2.36 -1.64 57.37
N THR T 149 1.70 -0.49 57.41
CA THR T 149 0.34 -0.35 56.92
C THR T 149 0.24 -0.66 55.44
N ASP T 150 1.28 -0.32 54.68
CA ASP T 150 1.25 -0.54 53.24
C ASP T 150 1.51 -2.00 52.92
N LYS T 151 2.31 -2.67 53.75
CA LYS T 151 2.49 -4.11 53.59
C LYS T 151 1.20 -4.85 53.91
N VAL T 152 0.52 -4.44 54.98
CA VAL T 152 -0.78 -4.99 55.32
C VAL T 152 -1.78 -4.72 54.21
N LEU T 153 -1.74 -3.52 53.65
CA LEU T 153 -2.54 -3.11 52.51
C LEU T 153 -2.38 -4.08 51.34
N GLN T 154 -1.15 -4.26 50.89
CA GLN T 154 -0.89 -5.07 49.72
C GLN T 154 -1.18 -6.54 49.98
N ALA T 155 -0.88 -7.00 51.19
CA ALA T 155 -1.14 -8.39 51.54
C ALA T 155 -2.63 -8.69 51.56
N GLU T 156 -3.42 -7.79 52.12
CA GLU T 156 -4.85 -8.00 52.17
C GLU T 156 -5.49 -7.78 50.81
N GLN T 157 -4.92 -6.93 49.97
CA GLN T 157 -5.43 -6.75 48.62
C GLN T 157 -5.20 -8.01 47.79
N LEU T 158 -4.00 -8.58 47.86
CA LEU T 158 -3.73 -9.85 47.21
C LEU T 158 -4.59 -10.96 47.79
N ARG T 159 -4.80 -10.92 49.11
CA ARG T 159 -5.63 -11.91 49.80
C ARG T 159 -7.05 -11.89 49.28
N GLN T 160 -7.69 -10.73 49.29
CA GLN T 160 -9.06 -10.63 48.84
C GLN T 160 -9.17 -10.79 47.33
N LYS T 161 -8.10 -10.50 46.59
CA LYS T 161 -8.07 -10.80 45.16
C LYS T 161 -8.13 -12.31 44.93
N GLN T 162 -7.35 -13.06 45.69
CA GLN T 162 -7.40 -14.52 45.62
C GLN T 162 -8.75 -15.04 46.08
N LEU T 163 -9.32 -14.40 47.11
CA LEU T 163 -10.64 -14.78 47.60
C LEU T 163 -11.70 -14.55 46.55
N THR T 164 -11.62 -13.43 45.83
CA THR T 164 -12.60 -13.09 44.81
C THR T 164 -12.49 -14.02 43.63
N GLU T 165 -11.26 -14.32 43.22
CA GLU T 165 -11.00 -15.29 42.17
C GLU T 165 -11.52 -16.66 42.53
N ASP T 166 -11.34 -17.05 43.79
CA ASP T 166 -11.80 -18.36 44.24
C ASP T 166 -13.32 -18.40 44.31
N ILE T 167 -13.95 -17.30 44.71
CA ILE T 167 -15.40 -17.23 44.76
C ILE T 167 -15.98 -17.33 43.34
N ALA T 168 -15.38 -16.62 42.39
CA ALA T 168 -15.81 -16.74 41.00
C ALA T 168 -15.58 -18.14 40.46
N THR T 169 -14.50 -18.79 40.91
CA THR T 169 -14.24 -20.17 40.51
C THR T 169 -15.30 -21.12 41.03
N LYS T 170 -15.69 -20.95 42.30
CA LYS T 170 -16.75 -21.76 42.89
C LYS T 170 -18.09 -21.51 42.22
N GLU T 171 -18.32 -20.27 41.80
CA GLU T 171 -19.53 -19.95 41.04
C GLU T 171 -19.56 -20.67 39.70
N LEU T 172 -18.40 -20.72 39.04
CA LEU T 172 -18.28 -21.49 37.81
C LEU T 172 -18.52 -22.97 38.06
N GLU T 173 -18.02 -23.48 39.20
CA GLU T 173 -18.20 -24.88 39.55
C GLU T 173 -19.66 -25.22 39.76
N ARG T 174 -20.38 -24.39 40.52
CA ARG T 174 -21.79 -24.68 40.78
C ARG T 174 -22.64 -24.48 39.54
N LYS T 175 -22.25 -23.55 38.67
CA LYS T 175 -22.93 -23.42 37.38
C LYS T 175 -22.72 -24.67 36.53
N GLU T 176 -21.53 -25.25 36.59
CA GLU T 176 -21.29 -26.50 35.87
C GLU T 176 -22.08 -27.66 36.45
N ILE T 177 -22.25 -27.68 37.78
CA ILE T 177 -23.11 -28.68 38.40
C ILE T 177 -24.56 -28.50 37.94
N GLU T 178 -24.99 -27.25 37.82
CA GLU T 178 -26.31 -26.95 37.28
C GLU T 178 -26.43 -27.34 35.82
N LYS T 179 -25.31 -27.34 35.10
CA LYS T 179 -25.31 -27.89 33.75
C LYS T 179 -25.38 -29.41 33.75
N LYS T 180 -24.85 -30.05 34.79
CA LYS T 180 -24.85 -31.50 34.83
C LYS T 180 -26.24 -32.09 34.98
N ARG T 181 -27.13 -31.42 35.73
CA ARG T 181 -28.46 -31.95 36.00
C ARG T 181 -29.38 -31.92 34.78
N ASP T 182 -28.94 -31.29 33.69
CA ASP T 182 -29.76 -31.18 32.49
C ASP T 182 -30.00 -32.55 31.89
N LYS T 183 -28.97 -33.40 31.89
CA LYS T 183 -29.10 -34.76 31.39
C LYS T 183 -30.07 -35.56 32.25
N ILE T 184 -30.05 -35.33 33.55
CA ILE T 184 -30.91 -36.09 34.47
C ILE T 184 -32.36 -35.67 34.31
N ILE T 185 -32.62 -34.36 34.22
CA ILE T 185 -34.00 -33.92 34.06
C ILE T 185 -34.54 -34.31 32.69
N GLU T 186 -33.71 -34.28 31.65
CA GLU T 186 -34.19 -34.69 30.33
C GLU T 186 -34.42 -36.18 30.26
N ALA T 187 -33.57 -36.97 30.94
CA ALA T 187 -33.75 -38.41 30.97
C ALA T 187 -35.05 -38.78 31.70
N LEU T 188 -35.29 -38.17 32.86
CA LEU T 188 -36.50 -38.53 33.58
C LEU T 188 -37.74 -37.89 32.98
N ASP T 189 -37.58 -36.91 32.10
CA ASP T 189 -38.74 -36.42 31.36
C ASP T 189 -39.07 -37.34 30.19
N VAL T 190 -38.05 -37.82 29.46
CA VAL T 190 -38.35 -38.72 28.35
C VAL T 190 -38.74 -40.10 28.84
N ILE T 191 -38.42 -40.46 30.08
CA ILE T 191 -39.01 -41.64 30.67
C ILE T 191 -40.45 -41.37 31.06
N ARG T 192 -40.73 -40.14 31.50
CA ARG T 192 -42.08 -39.77 31.94
C ARG T 192 -42.98 -39.70 30.71
N GLU T 193 -43.63 -40.82 30.41
CA GLU T 193 -44.52 -40.94 29.27
C GLU T 193 -45.79 -41.70 29.64
N HIS T 194 -45.92 -42.06 30.92
CA HIS T 194 -47.04 -42.86 31.39
C HIS T 194 -47.53 -42.26 32.69
N ASN T 195 -48.84 -41.97 32.77
CA ASN T 195 -49.38 -41.36 33.98
C ASN T 195 -50.85 -41.75 34.11
N LEU T 196 -51.13 -42.75 34.95
CA LEU T 196 -52.43 -43.06 35.55
C LEU T 196 -53.50 -43.58 34.60
N VAL T 197 -53.25 -43.49 33.30
CA VAL T 197 -54.19 -43.87 32.26
C VAL T 197 -53.46 -44.87 31.39
N ASP T 198 -52.21 -44.55 31.11
CA ASP T 198 -51.33 -45.37 30.29
C ASP T 198 -51.07 -46.74 30.89
N ALA T 199 -51.25 -46.91 32.20
CA ALA T 199 -51.28 -48.25 32.78
C ALA T 199 -52.44 -49.06 32.20
N PHE T 200 -53.63 -48.44 32.12
CA PHE T 200 -54.76 -49.13 31.50
C PHE T 200 -54.59 -49.24 29.99
N LYS T 201 -53.93 -48.26 29.38
CA LYS T 201 -53.58 -48.30 27.96
C LYS T 201 -52.44 -49.24 27.64
N ASP T 202 -51.86 -49.86 28.67
CA ASP T 202 -51.06 -51.06 28.52
C ASP T 202 -51.84 -52.33 28.86
N LEU T 203 -52.76 -52.25 29.81
CA LEU T 203 -53.57 -53.41 30.19
C LEU T 203 -54.51 -53.85 29.07
N ILE T 204 -54.94 -52.92 28.23
CA ILE T 204 -55.84 -53.25 27.13
C ILE T 204 -55.13 -53.88 25.92
N PRO T 205 -54.01 -53.35 25.39
CA PRO T 205 -53.39 -54.04 24.24
C PRO T 205 -52.74 -55.37 24.59
N THR T 206 -52.41 -55.62 25.85
CA THR T 206 -52.06 -56.99 26.21
C THR T 206 -53.32 -57.85 26.31
N GLY T 207 -54.48 -57.23 26.52
CA GLY T 207 -55.74 -57.95 26.42
C GLY T 207 -56.19 -58.18 25.00
N GLU T 208 -55.58 -57.49 24.04
CA GLU T 208 -55.88 -57.69 22.63
C GLU T 208 -55.41 -59.06 22.15
N ASN T 209 -55.92 -59.46 20.99
CA ASN T 209 -55.57 -60.72 20.34
C ASN T 209 -55.59 -60.54 18.84
N LEU T 210 -55.10 -61.58 18.14
CA LEU T 210 -55.16 -61.63 16.69
C LEU T 210 -55.93 -62.84 16.20
N SER T 211 -55.57 -64.04 16.65
CA SER T 211 -56.16 -65.27 16.17
C SER T 211 -57.04 -65.88 17.26
N GLU T 212 -58.21 -66.36 16.87
CA GLU T 212 -59.15 -67.00 17.79
C GLU T 212 -59.73 -68.24 17.13
N LEU T 213 -60.02 -69.26 17.94
CA LEU T 213 -60.58 -70.50 17.42
C LEU T 213 -61.63 -71.12 18.33
N ASP T 214 -62.01 -70.47 19.44
CA ASP T 214 -63.17 -70.72 20.29
C ASP T 214 -63.04 -71.98 21.16
N LEU T 215 -62.04 -72.82 20.89
CA LEU T 215 -61.80 -74.02 21.68
C LEU T 215 -60.30 -74.24 21.81
N ALA T 216 -59.94 -75.19 22.69
CA ALA T 216 -58.63 -75.82 22.78
C ALA T 216 -57.50 -74.91 23.23
N LYS T 217 -57.76 -73.61 23.40
CA LYS T 217 -56.86 -72.71 24.11
C LYS T 217 -57.68 -71.83 25.04
N PRO T 218 -58.24 -72.40 26.14
CA PRO T 218 -58.94 -71.53 27.10
C PRO T 218 -57.93 -70.72 27.89
N GLU T 219 -56.83 -71.37 28.27
CA GLU T 219 -55.77 -70.74 29.04
C GLU T 219 -54.45 -70.71 28.31
N ILE T 220 -54.32 -71.45 27.20
CA ILE T 220 -53.09 -71.46 26.43
C ILE T 220 -52.88 -70.11 25.77
N GLU T 221 -53.97 -69.51 25.28
CA GLU T 221 -53.94 -68.12 24.85
C GLU T 221 -53.66 -67.19 26.04
N LEU T 222 -54.16 -67.55 27.23
CA LEU T 222 -53.98 -66.70 28.40
C LEU T 222 -52.56 -66.72 28.93
N LEU T 223 -51.74 -67.69 28.50
CA LEU T 223 -50.33 -67.71 28.89
C LEU T 223 -49.61 -66.49 28.36
N LYS T 224 -49.78 -66.20 27.06
CA LYS T 224 -49.20 -65.01 26.46
C LYS T 224 -49.75 -63.75 27.09
N GLN T 225 -51.04 -63.76 27.43
CA GLN T 225 -51.70 -62.65 28.12
C GLN T 225 -51.00 -62.32 29.43
N SER T 226 -50.90 -63.31 30.31
CA SER T 226 -50.31 -63.10 31.63
C SER T 226 -48.82 -62.76 31.54
N LEU T 227 -48.11 -63.39 30.60
CA LEU T 227 -46.68 -63.11 30.48
C LEU T 227 -46.42 -61.71 29.94
N GLU T 228 -47.25 -61.22 29.02
CA GLU T 228 -47.07 -59.85 28.55
C GLU T 228 -47.54 -58.84 29.58
N ILE T 229 -48.51 -59.22 30.42
CA ILE T 229 -48.86 -58.40 31.58
C ILE T 229 -47.65 -58.22 32.48
N THR T 230 -46.97 -59.33 32.80
CA THR T 230 -45.77 -59.26 33.63
C THR T 230 -44.65 -58.52 32.92
N LYS T 231 -44.58 -58.61 31.59
CA LYS T 231 -43.63 -57.83 30.81
C LYS T 231 -43.85 -56.33 31.02
N LYS T 232 -45.09 -55.88 30.89
CA LYS T 232 -45.38 -54.46 31.00
C LYS T 232 -45.19 -53.97 32.44
N LEU T 233 -45.56 -54.82 33.41
CA LEU T 233 -45.33 -54.50 34.81
C LEU T 233 -43.86 -54.32 35.11
N LEU T 234 -43.04 -55.32 34.77
CA LEU T 234 -41.61 -55.24 35.03
C LEU T 234 -40.92 -54.18 34.17
N GLY T 235 -41.49 -53.84 33.02
CA GLY T 235 -41.01 -52.69 32.29
C GLY T 235 -41.26 -51.40 33.06
N GLN T 236 -42.37 -51.34 33.78
CA GLN T 236 -42.60 -50.19 34.64
C GLN T 236 -41.69 -50.20 35.87
N PHE T 237 -41.30 -51.38 36.36
CA PHE T 237 -40.51 -51.47 37.59
C PHE T 237 -39.10 -50.95 37.39
N SER T 238 -38.39 -51.49 36.40
CA SER T 238 -36.97 -51.18 36.21
C SER T 238 -36.78 -49.72 35.83
N GLU T 239 -37.67 -49.19 35.01
CA GLU T 239 -37.65 -47.77 34.72
C GLU T 239 -38.00 -46.95 35.95
N GLY T 240 -38.87 -47.47 36.80
CA GLY T 240 -39.13 -46.82 38.08
C GLY T 240 -37.91 -46.83 38.98
N LEU T 241 -37.14 -47.91 38.93
CA LEU T 241 -35.91 -47.97 39.72
C LEU T 241 -34.87 -46.99 39.20
N LYS T 242 -34.74 -46.87 37.89
CA LYS T 242 -33.84 -45.89 37.30
C LYS T 242 -34.30 -44.48 37.61
N TYR T 243 -35.61 -44.29 37.68
CA TYR T 243 -36.19 -43.02 38.11
C TYR T 243 -35.76 -42.69 39.53
N ILE T 244 -35.86 -43.67 40.44
CA ILE T 244 -35.42 -43.53 41.82
C ILE T 244 -33.94 -43.15 41.88
N ASP T 245 -33.12 -43.83 41.07
CA ASP T 245 -31.68 -43.61 41.07
C ASP T 245 -31.34 -42.21 40.60
N LEU T 246 -32.01 -41.73 39.56
CA LEU T 246 -31.68 -40.40 39.06
C LEU T 246 -32.26 -39.30 39.94
N THR T 247 -33.36 -39.57 40.67
CA THR T 247 -33.80 -38.60 41.66
C THR T 247 -32.85 -38.54 42.85
N ASP T 248 -32.25 -39.68 43.20
CA ASP T 248 -31.20 -39.64 44.22
C ASP T 248 -29.98 -38.88 43.73
N ALA T 249 -29.68 -39.01 42.44
CA ALA T 249 -28.62 -38.20 41.83
C ALA T 249 -28.97 -36.72 41.86
N ARG T 250 -30.25 -36.39 41.68
CA ARG T 250 -30.72 -35.02 41.83
C ARG T 250 -30.48 -34.51 43.24
N LYS T 251 -30.81 -35.33 44.24
CA LYS T 251 -30.57 -34.95 45.62
C LYS T 251 -29.08 -34.78 45.91
N LYS T 252 -28.26 -35.60 45.27
CA LYS T 252 -26.81 -35.52 45.45
C LYS T 252 -26.25 -34.23 44.87
N LEU T 253 -26.66 -33.88 43.65
CA LEU T 253 -26.17 -32.64 43.04
C LEU T 253 -26.78 -31.42 43.71
N ASP T 254 -27.99 -31.54 44.25
CA ASP T 254 -28.56 -30.43 45.01
C ASP T 254 -27.81 -30.23 46.32
N ASN T 255 -27.36 -31.33 46.94
CA ASN T 255 -26.51 -31.22 48.12
C ASN T 255 -25.19 -30.55 47.76
N GLN T 256 -24.65 -30.87 46.58
CA GLN T 256 -23.47 -30.19 46.08
C GLN T 256 -23.70 -28.69 45.92
N ILE T 257 -24.83 -28.32 45.31
CA ILE T 257 -25.18 -26.92 45.12
C ILE T 257 -25.34 -26.20 46.46
N ASP T 258 -25.92 -26.90 47.45
CA ASP T 258 -26.14 -26.29 48.76
C ASP T 258 -24.84 -26.07 49.50
N THR T 259 -23.95 -27.07 49.48
CA THR T 259 -22.65 -26.91 50.12
C THR T 259 -21.81 -25.84 49.44
N ALA T 260 -21.88 -25.78 48.12
CA ALA T 260 -21.19 -24.71 47.38
C ALA T 260 -21.79 -23.35 47.71
N SER T 261 -23.09 -23.29 47.92
CA SER T 261 -23.73 -22.03 48.27
C SER T 261 -23.35 -21.58 49.67
N THR T 262 -23.19 -22.53 50.58
CA THR T 262 -22.72 -22.19 51.93
C THR T 262 -21.28 -21.71 51.90
N ARG T 263 -20.44 -22.34 51.07
CA ARG T 263 -19.08 -21.86 50.88
C ARG T 263 -19.07 -20.48 50.26
N LEU T 264 -19.96 -20.23 49.30
CA LEU T 264 -20.17 -18.91 48.73
C LEU T 264 -20.53 -17.89 49.80
N THR T 265 -21.46 -18.25 50.69
CA THR T 265 -21.93 -17.31 51.69
C THR T 265 -20.83 -16.98 52.70
N GLU T 266 -20.09 -17.99 53.14
CA GLU T 266 -19.03 -17.78 54.11
C GLU T 266 -17.88 -17.00 53.50
N LEU T 267 -17.49 -17.34 52.28
CA LEU T 267 -16.39 -16.64 51.64
C LEU T 267 -16.78 -15.22 51.24
N ASN T 268 -18.06 -14.99 50.93
CA ASN T 268 -18.51 -13.63 50.69
C ASN T 268 -18.56 -12.81 51.97
N ARG T 269 -18.89 -13.46 53.10
CA ARG T 269 -18.82 -12.76 54.38
C ARG T 269 -17.39 -12.38 54.73
N GLN T 270 -16.46 -13.30 54.48
CA GLN T 270 -15.04 -12.97 54.66
C GLN T 270 -14.59 -11.90 53.68
N LEU T 271 -15.15 -11.92 52.47
CA LEU T 271 -14.83 -10.90 51.48
C LEU T 271 -15.32 -9.53 51.93
N GLU T 272 -16.50 -9.48 52.53
CA GLU T 272 -17.01 -8.21 53.03
C GLU T 272 -16.24 -7.73 54.25
N GLN T 273 -15.77 -8.68 55.07
CA GLN T 273 -14.86 -8.35 56.16
C GLN T 273 -13.59 -7.71 55.62
N SER T 274 -13.03 -8.30 54.57
CA SER T 274 -11.85 -7.72 53.95
C SER T 274 -12.14 -6.43 53.23
N GLU T 275 -13.38 -6.25 52.74
CA GLU T 275 -13.79 -4.96 52.22
C GLU T 275 -13.73 -3.89 53.29
N LYS T 276 -14.23 -4.22 54.48
CA LYS T 276 -14.16 -3.30 55.62
C LYS T 276 -12.72 -3.00 55.98
N LEU T 277 -11.88 -4.04 55.97
CA LEU T 277 -10.46 -3.88 56.27
C LEU T 277 -9.77 -2.95 55.28
N ILE T 278 -9.83 -3.29 53.99
CA ILE T 278 -9.15 -2.52 52.96
C ILE T 278 -9.77 -1.14 52.79
N ALA T 279 -11.07 -0.99 53.08
CA ALA T 279 -11.69 0.32 53.04
C ALA T 279 -11.16 1.21 54.15
N GLY T 280 -11.04 0.68 55.37
CA GLY T 280 -10.45 1.46 56.44
C GLY T 280 -8.98 1.77 56.21
N VAL T 281 -8.27 0.84 55.56
CA VAL T 281 -6.87 1.07 55.25
C VAL T 281 -6.72 2.17 54.22
N ASN T 282 -7.51 2.11 53.15
CA ASN T 282 -7.48 3.15 52.13
C ASN T 282 -7.93 4.48 52.70
N ALA T 283 -8.88 4.45 53.63
CA ALA T 283 -9.35 5.67 54.26
C ALA T 283 -8.27 6.32 55.09
N VAL T 284 -7.55 5.52 55.90
CA VAL T 284 -6.53 6.13 56.74
C VAL T 284 -5.31 6.53 55.90
N ILE T 285 -5.10 5.89 54.75
CA ILE T 285 -4.08 6.37 53.81
C ILE T 285 -4.49 7.72 53.23
N LYS T 286 -5.75 7.87 52.86
CA LYS T 286 -6.23 9.16 52.36
C LYS T 286 -6.18 10.22 53.44
N ILE T 287 -6.46 9.83 54.68
CA ILE T 287 -6.27 10.70 55.84
C ILE T 287 -4.83 11.16 55.95
N ASP T 288 -3.90 10.21 55.81
CA ASP T 288 -2.47 10.49 55.91
C ASP T 288 -2.03 11.46 54.84
N GLN T 289 -2.59 11.31 53.64
CA GLN T 289 -2.35 12.30 52.58
C GLN T 289 -2.94 13.65 52.94
N GLU T 290 -4.17 13.65 53.45
CA GLU T 290 -4.78 14.90 53.88
C GLU T 290 -4.10 15.44 55.14
N LYS T 291 -3.58 14.55 55.98
CA LYS T 291 -2.76 14.97 57.10
C LYS T 291 -1.52 15.70 56.62
N SER T 292 -0.83 15.18 55.62
CA SER T 292 0.32 15.87 55.05
C SER T 292 -0.09 17.17 54.37
N ALA T 293 -1.30 17.23 53.81
CA ALA T 293 -1.80 18.48 53.27
C ALA T 293 -1.98 19.53 54.36
N VAL T 294 -2.49 19.13 55.51
CA VAL T 294 -2.65 20.08 56.62
C VAL T 294 -1.29 20.41 57.22
N VAL T 295 -0.32 19.49 57.12
CA VAL T 295 1.07 19.81 57.46
C VAL T 295 1.59 20.94 56.59
N VAL T 296 1.36 20.84 55.28
CA VAL T 296 1.74 21.90 54.35
C VAL T 296 1.03 23.20 54.68
N GLU T 297 -0.25 23.10 55.05
CA GLU T 297 -1.04 24.26 55.43
C GLU T 297 -0.47 24.95 56.67
N ALA T 298 -0.12 24.17 57.68
CA ALA T 298 0.45 24.74 58.89
C ALA T 298 1.84 25.30 58.65
N GLU T 299 2.59 24.72 57.71
CA GLU T 299 3.88 25.30 57.37
C GLU T 299 3.71 26.62 56.63
N LYS T 300 2.68 26.72 55.78
CA LYS T 300 2.33 27.99 55.17
C LYS T 300 1.98 29.03 56.22
N LEU T 301 1.23 28.62 57.24
CA LEU T 301 0.84 29.55 58.29
C LEU T 301 2.03 29.99 59.13
N SER T 302 2.67 29.04 59.81
CA SER T 302 3.73 29.35 60.74
C SER T 302 4.97 29.91 60.05
N ARG T 303 5.16 29.61 58.77
CA ARG T 303 6.25 30.20 58.02
C ARG T 303 6.04 31.71 57.88
N ALA T 304 4.78 32.14 57.73
CA ALA T 304 4.49 33.56 57.71
C ALA T 304 4.69 34.19 59.08
N TRP T 305 4.66 33.40 60.14
CA TRP T 305 4.99 33.92 61.45
C TRP T 305 6.49 33.99 61.69
N HIS T 306 7.27 33.16 61.01
CA HIS T 306 8.70 33.38 61.02
C HIS T 306 9.06 34.55 60.12
N ILE T 307 8.26 34.77 59.08
CA ILE T 307 8.32 36.04 58.35
C ILE T 307 7.99 37.20 59.29
N PHE T 308 7.03 36.99 60.19
CA PHE T 308 6.70 38.03 61.14
C PHE T 308 7.81 38.24 62.17
N ILE T 309 8.47 37.17 62.60
CA ILE T 309 9.54 37.34 63.58
C ILE T 309 10.76 37.95 62.92
N HIS T 310 10.92 37.77 61.60
CA HIS T 310 11.98 38.49 60.90
C HIS T 310 11.59 39.94 60.67
N GLU T 311 10.29 40.23 60.63
CA GLU T 311 9.84 41.62 60.63
C GLU T 311 10.16 42.29 61.95
N ILE T 312 9.85 41.63 63.06
CA ILE T 312 10.12 42.20 64.37
C ILE T 312 11.61 42.10 64.70
N THR T 313 12.35 41.26 63.96
CA THR T 313 13.81 41.35 63.98
C THR T 313 14.28 42.71 63.47
N ALA T 314 13.55 43.29 62.51
CA ALA T 314 13.85 44.60 61.98
C ALA T 314 13.18 45.73 62.76
N LEU T 315 12.80 45.48 64.01
CA LEU T 315 12.21 46.50 64.87
C LEU T 315 13.30 47.17 65.70
N GLN T 316 12.88 47.89 66.74
CA GLN T 316 13.71 48.69 67.65
C GLN T 316 14.45 49.80 66.88
N GLY T 317 13.63 50.70 66.35
CA GLY T 317 14.08 52.03 66.00
C GLY T 317 13.61 52.96 67.10
N THR T 318 14.53 53.38 67.97
CA THR T 318 14.19 53.93 69.28
C THR T 318 13.41 55.24 69.24
N SER T 319 14.07 56.33 68.85
CA SER T 319 13.38 57.62 68.79
C SER T 319 13.81 58.46 67.60
N LEU T 320 14.26 57.84 66.51
CA LEU T 320 14.90 58.59 65.43
C LEU T 320 13.90 59.38 64.61
N ASN T 321 12.99 58.68 63.94
CA ASN T 321 11.98 59.30 63.11
C ASN T 321 10.59 58.89 63.62
N GLU T 322 9.58 59.23 62.83
CA GLU T 322 8.22 58.79 63.17
C GLU T 322 7.52 58.17 61.97
N VAL T 323 7.72 58.71 60.77
CA VAL T 323 7.01 58.18 59.60
C VAL T 323 7.81 57.07 58.94
N GLU T 324 7.82 55.91 59.57
CA GLU T 324 8.24 54.68 58.92
C GLU T 324 7.48 53.48 59.41
N LEU T 325 6.51 53.67 60.31
CA LEU T 325 6.17 52.65 61.29
C LEU T 325 5.27 51.57 60.72
N SER T 326 4.06 51.94 60.34
CA SER T 326 2.99 50.97 60.15
C SER T 326 2.92 50.43 58.74
N LYS T 327 4.02 50.46 57.99
CA LYS T 327 3.96 49.89 56.63
C LYS T 327 3.90 48.36 56.64
N PRO T 328 4.71 47.61 57.41
CA PRO T 328 4.41 46.17 57.54
C PRO T 328 3.12 45.91 58.29
N LEU T 329 2.68 46.86 59.13
CA LEU T 329 1.41 46.69 59.84
C LEU T 329 0.23 46.75 58.89
N ILE T 330 0.23 47.69 57.94
CA ILE T 330 -0.86 47.75 56.99
C ILE T 330 -0.71 46.63 55.95
N LYS T 331 0.51 46.16 55.71
CA LYS T 331 0.69 45.02 54.82
C LYS T 331 0.08 43.76 55.44
N GLN T 332 0.36 43.52 56.72
CA GLN T 332 -0.26 42.39 57.41
C GLN T 332 -1.75 42.62 57.61
N GLN T 333 -2.16 43.88 57.73
CA GLN T 333 -3.58 44.22 57.84
C GLN T 333 -4.35 43.82 56.59
N ILE T 334 -3.84 44.19 55.42
CA ILE T 334 -4.54 43.87 54.19
C ILE T 334 -4.42 42.37 53.87
N TYR T 335 -3.29 41.75 54.25
CA TYR T 335 -3.16 40.32 54.04
C TYR T 335 -4.08 39.54 54.97
N LEU T 336 -4.32 40.06 56.15
CA LEU T 336 -5.23 39.45 57.10
C LEU T 336 -6.67 39.67 56.73
N GLU T 337 -6.99 40.85 56.19
CA GLU T 337 -8.35 41.12 55.73
C GLU T 337 -8.69 40.24 54.54
N SER T 338 -7.71 40.01 53.67
CA SER T 338 -7.85 38.95 52.67
C SER T 338 -8.01 37.59 53.33
N LEU T 339 -7.25 37.36 54.40
CA LEU T 339 -7.35 36.11 55.13
C LEU T 339 -8.63 36.02 55.94
N ILE T 340 -9.19 37.15 56.37
CA ILE T 340 -10.55 37.13 56.92
C ILE T 340 -11.54 36.69 55.87
N LYS T 341 -11.41 37.24 54.65
CA LYS T 341 -12.21 36.77 53.54
C LYS T 341 -11.80 35.39 53.08
N GLN T 342 -10.61 34.93 53.44
CA GLN T 342 -10.19 33.55 53.22
C GLN T 342 -10.53 32.71 54.45
N LEU T 343 -11.79 32.79 54.86
CA LEU T 343 -12.29 32.13 56.04
C LEU T 343 -13.82 32.08 55.95
#